data_7RLJ
#
_entry.id   7RLJ
#
_cell.length_a   1.00
_cell.length_b   1.00
_cell.length_c   1.00
_cell.angle_alpha   90.00
_cell.angle_beta   90.00
_cell.angle_gamma   90.00
#
_symmetry.space_group_name_H-M   'P 1'
#
loop_
_entity.id
_entity.type
_entity.pdbx_description
1 polymer 'Transitional endoplasmic reticulum ATPase'
2 non-polymer 'PHOSPHOTHIOPHOSPHORIC ACID-ADENYLATE ESTER'
3 non-polymer 'MAGNESIUM ION'
4 non-polymer 1-[4-(benzylamino)-7,8-dihydro-5H-pyrano[4,3-d]pyrimidin-2-yl]-2-methyl-1H-indole-4-carboxamide
#
_entity_poly.entity_id   1
_entity_poly.type   'polypeptide(L)'
_entity_poly.pdbx_seq_one_letter_code
;NRPNRLIVDEAINEDNSVVSLSQPKMDELQLFRGDTVLLKGKKRREAVCIVLSDDTCSDEKIRMNRVVRNNLRVRLGDVI
SIQPCPDVKYGKRIHVLPIDDTVEGITGNLFEVYLKPYFLEAYRPIRKGDIFLVRGGMRAVEFKVVETDPSPYCIVAPDT
VIHCEGEPIKREDEEESLNEVGYDDIGGCRKQLAQIKEMVELPLRHPALFKAIGVKPPRGILLYGPPGTGKTLIARAVAN
ETGAFFFLINGPEIMSKLAGESESNLRKAFEEAEKNAPAIIFIDELDAIAPKREKTHGEVERRIVSQLLTLMDGLKQRAH
VIVMAATNRPNSIDPALRRFGRFDREVDIGIPDATGRLEILQIHTKNMKLADDVDLEQVANETHGHVGADLAALCSEAAL
QAIRKKMDLIDLEDETIDAEVMNSLAVTMDDFRWALSQSNPSALRETVVEVPQVTWEDIGGLEDVKRELQELVQYPVEHP
DKFLKFGMTPSKGVLFYGPPGCGKTLLAKAIANECQANFISIKGPELLTMWFGESEANVREIFDKARQAAPCVLFFDELD
SIAKARGGNIGDGGGAADRVINQILTEMDGMSTKKNVFIIGATNRPDIIDPAILRPGRLDQLIYIPLPDEKSRVAILKAN
LRKSPVAKDVDLEFLAKMTNGFSGADLTEICQRACKLAIRESIESEIRRERERQTNPSAMEVEEDDPVPEIRRDHFEEAM
RFARRSVSDNDIRKYEMFAQTLQQSRGFGSFRFPS
;
_entity_poly.pdbx_strand_id   A,B,C,D,E,F,L,G,H,I,J,K
#
loop_
_chem_comp.id
_chem_comp.type
_chem_comp.name
_chem_comp.formula
AGS non-polymer 'PHOSPHOTHIOPHOSPHORIC ACID-ADENYLATE ESTER' 'C10 H16 N5 O12 P3 S'
JDP non-polymer 1-[4-(benzylamino)-7,8-dihydro-5H-pyrano[4,3-d]pyrimidin-2-yl]-2-methyl-1H-indole-4-carboxamide 'C24 H23 N5 O2'
MG non-polymer 'MAGNESIUM ION' 'Mg 2'
#
# COMPACT_ATOMS: atom_id res chain seq x y z
N ASN A 1 91.90 -8.10 25.06
CA ASN A 1 90.94 -7.66 26.07
C ASN A 1 90.51 -8.83 26.95
N ARG A 2 91.34 -9.87 26.97
CA ARG A 2 91.09 -11.09 27.74
C ARG A 2 89.70 -11.65 27.41
N PRO A 3 89.52 -12.25 26.23
CA PRO A 3 88.18 -12.72 25.84
C PRO A 3 87.69 -13.88 26.69
N ASN A 4 87.41 -13.61 27.96
CA ASN A 4 86.87 -14.62 28.87
C ASN A 4 85.70 -14.07 29.68
N ARG A 5 85.42 -12.78 29.60
CA ARG A 5 84.31 -12.19 30.34
C ARG A 5 82.99 -12.60 29.71
N LEU A 6 82.03 -12.97 30.55
CA LEU A 6 80.71 -13.38 30.10
C LEU A 6 79.65 -12.56 30.81
N ILE A 7 78.56 -12.28 30.10
CA ILE A 7 77.46 -11.51 30.67
C ILE A 7 76.53 -12.44 31.42
N VAL A 8 76.11 -12.02 32.61
CA VAL A 8 75.26 -12.82 33.48
C VAL A 8 73.83 -12.78 32.96
N ASP A 9 73.19 -13.96 32.92
CA ASP A 9 71.81 -14.06 32.51
C ASP A 9 71.17 -15.22 33.27
N GLU A 10 69.85 -15.13 33.46
CA GLU A 10 69.13 -16.16 34.18
C GLU A 10 69.08 -17.45 33.37
N ALA A 11 69.03 -18.57 34.08
CA ALA A 11 68.98 -19.90 33.48
C ALA A 11 67.53 -20.36 33.32
N ILE A 12 67.31 -21.25 32.35
CA ILE A 12 65.99 -21.78 32.08
C ILE A 12 65.76 -23.16 32.68
N ASN A 13 66.82 -23.84 33.12
CA ASN A 13 66.68 -25.17 33.70
C ASN A 13 66.16 -25.06 35.13
N GLU A 14 65.15 -25.87 35.44
CA GLU A 14 64.54 -25.89 36.77
C GLU A 14 65.18 -26.99 37.61
N ASP A 15 66.41 -26.73 38.04
CA ASP A 15 67.17 -27.73 38.79
C ASP A 15 68.15 -27.08 39.75
N ASN A 16 69.12 -27.86 40.23
CA ASN A 16 70.15 -27.41 41.15
C ASN A 16 71.23 -26.66 40.37
N SER A 17 72.39 -26.46 40.97
CA SER A 17 73.44 -25.61 40.40
C SER A 17 74.00 -26.28 39.15
N VAL A 18 73.44 -25.91 38.01
CA VAL A 18 73.93 -26.32 36.69
C VAL A 18 73.93 -25.10 35.79
N VAL A 19 75.08 -24.80 35.18
CA VAL A 19 75.24 -23.64 34.32
C VAL A 19 75.39 -24.13 32.88
N SER A 20 74.59 -23.57 31.98
CA SER A 20 74.60 -23.94 30.57
C SER A 20 75.42 -22.95 29.76
N LEU A 21 76.07 -23.44 28.72
CA LEU A 21 76.88 -22.60 27.84
C LEU A 21 76.60 -22.93 26.38
N SER A 22 77.43 -22.40 25.48
CA SER A 22 77.26 -22.62 24.04
C SER A 22 78.37 -23.53 23.53
N GLN A 23 78.38 -23.77 22.23
CA GLN A 23 79.31 -24.70 21.58
C GLN A 23 80.69 -24.10 21.34
N PRO A 24 80.82 -22.88 20.78
CA PRO A 24 82.17 -22.33 20.61
C PRO A 24 82.94 -22.15 21.92
N LYS A 25 82.26 -21.75 22.99
CA LYS A 25 82.89 -21.66 24.30
C LYS A 25 83.33 -23.02 24.82
N MET A 26 82.68 -24.09 24.37
CA MET A 26 83.04 -25.45 24.74
C MET A 26 84.47 -25.78 24.31
N ASP A 27 84.80 -25.52 23.05
CA ASP A 27 86.13 -25.79 22.53
C ASP A 27 87.12 -24.66 22.77
N GLU A 28 86.64 -23.45 23.10
CA GLU A 28 87.56 -22.35 23.35
C GLU A 28 88.36 -22.57 24.64
N LEU A 29 87.74 -23.14 25.65
CA LEU A 29 88.37 -23.34 26.95
C LEU A 29 88.76 -24.79 27.20
N GLN A 30 88.86 -25.59 26.14
CA GLN A 30 89.28 -26.99 26.15
C GLN A 30 88.75 -27.78 27.36
N LEU A 31 87.46 -27.66 27.64
CA LEU A 31 86.83 -28.36 28.74
C LEU A 31 85.85 -29.40 28.20
N PHE A 32 85.76 -30.53 28.90
CA PHE A 32 84.97 -31.66 28.45
C PHE A 32 83.53 -31.55 28.95
N ARG A 33 82.71 -32.57 28.65
CA ARG A 33 81.30 -32.54 29.02
C ARG A 33 81.11 -32.55 30.53
N GLY A 34 81.62 -33.58 31.21
CA GLY A 34 81.58 -33.63 32.65
C GLY A 34 82.93 -33.33 33.27
N ASP A 35 83.11 -32.13 33.78
CA ASP A 35 84.36 -31.69 34.38
C ASP A 35 84.07 -30.69 35.48
N THR A 36 85.05 -30.51 36.36
CA THR A 36 84.95 -29.55 37.45
C THR A 36 85.42 -28.19 36.96
N VAL A 37 84.51 -27.23 36.93
CA VAL A 37 84.81 -25.88 36.46
C VAL A 37 84.98 -24.95 37.65
N LEU A 38 85.74 -23.88 37.46
CA LEU A 38 86.04 -22.92 38.51
C LEU A 38 85.44 -21.57 38.15
N LEU A 39 84.74 -20.96 39.11
CA LEU A 39 84.13 -19.66 38.94
C LEU A 39 84.72 -18.67 39.94
N LYS A 40 85.06 -17.48 39.45
CA LYS A 40 85.62 -16.42 40.28
C LYS A 40 84.72 -15.20 40.23
N GLY A 41 84.51 -14.59 41.39
CA GLY A 41 83.69 -13.39 41.48
C GLY A 41 84.33 -12.31 42.33
N LYS A 42 83.50 -11.39 42.81
CA LYS A 42 84.00 -10.30 43.65
C LYS A 42 83.86 -10.66 45.13
N LYS A 43 84.31 -9.76 45.99
CA LYS A 43 84.37 -9.94 47.44
C LYS A 43 85.27 -11.09 47.87
N ARG A 44 86.10 -11.61 46.96
CA ARG A 44 87.06 -12.68 47.25
C ARG A 44 86.35 -13.90 47.83
N ARG A 45 85.52 -14.50 46.98
CA ARG A 45 84.80 -15.72 47.32
C ARG A 45 84.92 -16.71 46.18
N GLU A 46 84.84 -17.99 46.51
CA GLU A 46 85.00 -19.08 45.54
C GLU A 46 83.72 -19.91 45.50
N ALA A 47 83.25 -20.21 44.28
CA ALA A 47 82.07 -21.03 44.08
C ALA A 47 82.33 -22.01 42.95
N VAL A 48 81.74 -23.20 43.05
CA VAL A 48 81.91 -24.25 42.06
C VAL A 48 80.55 -24.60 41.48
N CYS A 49 80.56 -25.12 40.25
CA CYS A 49 79.34 -25.54 39.57
C CYS A 49 79.73 -26.52 38.47
N ILE A 50 78.76 -26.84 37.61
CA ILE A 50 78.95 -27.79 36.53
C ILE A 50 78.50 -27.14 35.23
N VAL A 51 79.34 -27.25 34.20
CA VAL A 51 79.05 -26.68 32.88
C VAL A 51 78.22 -27.67 32.08
N LEU A 52 77.10 -27.19 31.53
CA LEU A 52 76.22 -27.99 30.71
C LEU A 52 76.29 -27.51 29.26
N SER A 53 76.20 -28.45 28.33
CA SER A 53 76.32 -28.15 26.91
C SER A 53 74.95 -27.91 26.28
N ASP A 54 74.86 -26.90 25.43
CA ASP A 54 73.62 -26.55 24.76
C ASP A 54 73.93 -26.04 23.36
N ASP A 55 73.06 -26.37 22.41
CA ASP A 55 73.18 -25.92 21.03
C ASP A 55 72.03 -25.04 20.60
N THR A 56 70.79 -25.43 20.88
CA THR A 56 69.62 -24.60 20.59
C THR A 56 69.56 -23.50 21.64
N CYS A 57 70.27 -22.40 21.38
CA CYS A 57 70.41 -21.33 22.36
C CYS A 57 70.60 -19.98 21.69
N SER A 58 71.06 -18.99 22.45
CA SER A 58 71.35 -17.68 21.89
C SER A 58 72.79 -17.62 21.39
N ASP A 59 73.22 -16.45 20.91
CA ASP A 59 74.52 -16.34 20.26
C ASP A 59 75.68 -16.43 21.25
N GLU A 60 75.70 -15.57 22.26
CA GLU A 60 76.82 -15.54 23.21
C GLU A 60 76.39 -15.00 24.57
N LYS A 61 76.12 -15.90 25.51
CA LYS A 61 75.77 -15.53 26.87
C LYS A 61 75.82 -16.77 27.73
N ILE A 62 75.93 -16.56 29.05
CA ILE A 62 75.95 -17.64 30.01
C ILE A 62 74.61 -17.71 30.71
N ARG A 63 74.30 -18.87 31.28
CA ARG A 63 73.01 -19.14 31.92
C ARG A 63 73.29 -19.35 33.41
N MET A 64 73.06 -18.30 34.19
CA MET A 64 73.52 -18.21 35.57
C MET A 64 72.32 -18.42 36.50
N ASN A 65 72.33 -19.53 37.23
CA ASN A 65 71.18 -19.89 38.05
C ASN A 65 71.20 -19.14 39.38
N ARG A 66 70.00 -19.02 39.98
CA ARG A 66 69.83 -18.26 41.21
C ARG A 66 70.39 -18.97 42.43
N VAL A 67 70.61 -20.29 42.37
CA VAL A 67 71.07 -21.01 43.55
C VAL A 67 72.48 -20.58 43.94
N VAL A 68 73.35 -20.39 42.94
CA VAL A 68 74.71 -19.91 43.21
C VAL A 68 74.89 -18.44 42.88
N ARG A 69 73.86 -17.78 42.36
CA ARG A 69 73.90 -16.32 42.22
C ARG A 69 74.03 -15.67 43.60
N ASN A 70 73.28 -16.16 44.58
CA ASN A 70 73.43 -15.70 45.96
C ASN A 70 74.74 -16.18 46.58
N ASN A 71 75.30 -17.29 46.10
CA ASN A 71 76.58 -17.76 46.62
C ASN A 71 77.72 -16.84 46.21
N LEU A 72 77.74 -16.43 44.95
CA LEU A 72 78.80 -15.56 44.44
C LEU A 72 78.46 -14.08 44.52
N ARG A 73 77.28 -13.74 45.04
CA ARG A 73 76.83 -12.34 45.16
C ARG A 73 76.88 -11.62 43.81
N VAL A 74 76.46 -12.31 42.76
CA VAL A 74 76.41 -11.76 41.41
C VAL A 74 74.96 -11.69 40.96
N ARG A 75 74.54 -10.52 40.50
CA ARG A 75 73.18 -10.29 40.05
C ARG A 75 73.14 -10.20 38.54
N LEU A 76 71.95 -9.95 37.99
CA LEU A 76 71.77 -9.85 36.56
C LEU A 76 72.38 -8.56 36.04
N GLY A 77 73.13 -8.65 34.94
CA GLY A 77 73.78 -7.51 34.35
C GLY A 77 75.22 -7.29 34.74
N ASP A 78 75.77 -8.14 35.59
CA ASP A 78 77.15 -8.03 36.02
C ASP A 78 78.04 -8.85 35.08
N VAL A 79 79.30 -9.05 35.47
CA VAL A 79 80.24 -9.83 34.68
C VAL A 79 80.68 -11.04 35.48
N ILE A 80 80.93 -12.15 34.78
CA ILE A 80 81.36 -13.40 35.40
C ILE A 80 82.59 -13.91 34.67
N SER A 81 83.57 -14.36 35.43
CA SER A 81 84.80 -14.93 34.87
C SER A 81 84.79 -16.44 35.07
N ILE A 82 85.08 -17.18 34.00
CA ILE A 82 85.08 -18.63 34.02
C ILE A 82 86.43 -19.13 33.54
N GLN A 83 86.87 -20.25 34.10
CA GLN A 83 88.13 -20.87 33.72
C GLN A 83 88.09 -22.33 34.11
N PRO A 84 88.69 -23.22 33.31
CA PRO A 84 88.69 -24.65 33.65
C PRO A 84 89.59 -24.94 34.85
N CYS A 85 89.28 -26.04 35.52
CA CYS A 85 90.06 -26.49 36.68
C CYS A 85 90.07 -28.01 36.70
N PRO A 86 90.97 -28.63 35.93
CA PRO A 86 91.04 -30.10 35.88
C PRO A 86 91.78 -30.67 37.08
N ASP A 87 91.15 -30.56 38.25
CA ASP A 87 91.69 -31.05 39.50
C ASP A 87 90.84 -32.21 40.00
N VAL A 88 91.50 -33.33 40.30
CA VAL A 88 90.80 -34.52 40.78
C VAL A 88 90.49 -34.34 42.26
N LYS A 89 89.20 -34.38 42.61
CA LYS A 89 88.75 -34.23 43.98
C LYS A 89 87.88 -35.42 44.38
N TYR A 90 87.98 -35.79 45.65
CA TYR A 90 87.22 -36.91 46.19
C TYR A 90 86.66 -36.51 47.55
N GLY A 91 85.38 -36.79 47.77
CA GLY A 91 84.74 -36.43 49.03
C GLY A 91 84.73 -37.59 50.01
N LYS A 92 85.10 -37.29 51.25
CA LYS A 92 85.10 -38.30 52.32
C LYS A 92 84.27 -37.86 53.51
N ARG A 93 84.37 -36.58 53.88
CA ARG A 93 83.71 -36.07 55.08
C ARG A 93 83.11 -34.70 54.80
N ILE A 94 81.82 -34.57 55.06
CA ILE A 94 81.10 -33.31 54.91
C ILE A 94 80.22 -33.10 56.14
N HIS A 95 80.23 -31.89 56.68
CA HIS A 95 79.45 -31.54 57.85
C HIS A 95 78.53 -30.38 57.53
N VAL A 96 77.24 -30.55 57.79
CA VAL A 96 76.23 -29.52 57.54
C VAL A 96 75.32 -29.42 58.75
N LEU A 97 74.88 -28.20 59.03
CA LEU A 97 73.98 -27.93 60.15
C LEU A 97 72.99 -26.85 59.74
N PRO A 98 71.70 -27.00 60.03
CA PRO A 98 70.71 -25.99 59.68
C PRO A 98 70.76 -24.82 60.66
N ILE A 99 69.90 -23.84 60.41
CA ILE A 99 69.80 -22.64 61.24
C ILE A 99 68.43 -22.65 61.90
N ASP A 100 68.39 -22.21 63.17
CA ASP A 100 67.18 -22.28 63.97
C ASP A 100 66.19 -21.16 63.67
N ASP A 101 66.34 -20.48 62.53
CA ASP A 101 65.41 -19.42 62.14
C ASP A 101 64.28 -19.91 61.26
N THR A 102 64.40 -21.11 60.66
CA THR A 102 63.36 -21.60 59.77
C THR A 102 63.07 -23.09 59.96
N VAL A 103 63.49 -23.69 61.07
CA VAL A 103 63.25 -25.10 61.33
C VAL A 103 62.10 -25.32 62.31
N GLU A 104 61.25 -24.31 62.49
CA GLU A 104 60.12 -24.44 63.40
C GLU A 104 59.07 -25.39 62.82
N GLY A 105 58.46 -26.18 63.70
CA GLY A 105 57.42 -27.10 63.28
C GLY A 105 57.92 -28.35 62.60
N ILE A 106 59.23 -28.60 62.59
CA ILE A 106 59.81 -29.77 61.95
C ILE A 106 60.49 -30.60 63.04
N THR A 107 60.09 -31.87 63.15
CA THR A 107 60.63 -32.80 64.13
C THR A 107 61.01 -34.10 63.44
N GLY A 108 61.63 -34.99 64.20
CA GLY A 108 62.05 -36.27 63.66
C GLY A 108 63.34 -36.16 62.85
N ASN A 109 63.69 -37.28 62.21
CA ASN A 109 64.88 -37.34 61.39
C ASN A 109 64.63 -36.64 60.06
N LEU A 110 65.52 -35.71 59.71
CA LEU A 110 65.42 -34.94 58.48
C LEU A 110 66.60 -35.14 57.55
N PHE A 111 67.47 -36.11 57.84
CA PHE A 111 68.65 -36.37 57.02
C PHE A 111 68.48 -37.56 56.08
N GLU A 112 67.57 -38.48 56.39
CA GLU A 112 67.36 -39.66 55.55
C GLU A 112 66.36 -39.43 54.43
N VAL A 113 65.65 -38.30 54.44
CA VAL A 113 64.65 -38.02 53.42
C VAL A 113 64.94 -36.74 52.64
N TYR A 114 65.65 -35.77 53.23
CA TYR A 114 65.99 -34.54 52.53
C TYR A 114 67.40 -34.54 51.95
N LEU A 115 68.27 -35.45 52.39
CA LEU A 115 69.65 -35.49 51.93
C LEU A 115 69.97 -36.69 51.08
N LYS A 116 69.21 -37.78 51.18
CA LYS A 116 69.50 -38.97 50.40
C LYS A 116 69.07 -38.82 48.94
N PRO A 117 67.82 -38.46 48.63
CA PRO A 117 67.46 -38.26 47.21
C PRO A 117 68.15 -37.07 46.57
N TYR A 118 68.57 -36.09 47.36
CA TYR A 118 69.22 -34.90 46.82
C TYR A 118 70.66 -35.17 46.37
N PHE A 119 71.32 -36.18 46.95
CA PHE A 119 72.72 -36.45 46.67
C PHE A 119 72.91 -37.44 45.52
N LEU A 120 72.02 -38.42 45.40
CA LEU A 120 72.17 -39.44 44.37
C LEU A 120 71.96 -38.86 42.99
N GLU A 121 72.75 -39.36 42.02
CA GLU A 121 72.67 -38.94 40.62
C GLU A 121 72.92 -37.44 40.46
N ALA A 122 73.72 -36.90 41.39
CA ALA A 122 74.06 -35.48 41.33
C ALA A 122 75.55 -35.27 41.08
N TYR A 123 76.39 -35.84 41.95
CA TYR A 123 77.85 -35.65 41.87
C TYR A 123 78.22 -34.18 41.79
N ARG A 124 77.53 -33.35 42.58
CA ARG A 124 77.77 -31.92 42.56
C ARG A 124 78.75 -31.54 43.66
N PRO A 125 79.90 -30.97 43.33
CA PRO A 125 80.87 -30.58 44.36
C PRO A 125 80.38 -29.41 45.17
N ILE A 126 80.99 -29.24 46.35
CA ILE A 126 80.63 -28.16 47.27
C ILE A 126 81.90 -27.42 47.66
N ARG A 127 81.72 -26.18 48.11
CA ARG A 127 82.81 -25.32 48.53
C ARG A 127 82.56 -24.86 49.96
N LYS A 128 83.50 -24.07 50.48
CA LYS A 128 83.34 -23.49 51.80
C LYS A 128 82.51 -22.20 51.70
N GLY A 129 81.36 -22.19 52.36
CA GLY A 129 80.48 -21.04 52.33
C GLY A 129 79.40 -21.07 51.27
N ASP A 130 79.19 -22.20 50.60
CA ASP A 130 78.15 -22.30 49.58
C ASP A 130 76.78 -22.23 50.22
N ILE A 131 75.86 -21.51 49.57
CA ILE A 131 74.48 -21.41 50.02
C ILE A 131 73.57 -22.06 48.99
N PHE A 132 73.25 -23.33 49.19
CA PHE A 132 72.41 -24.08 48.27
C PHE A 132 71.06 -24.35 48.93
N LEU A 133 70.00 -24.27 48.13
CA LEU A 133 68.63 -24.44 48.61
C LEU A 133 68.10 -25.78 48.14
N VAL A 134 67.56 -26.55 49.07
CA VAL A 134 66.95 -27.84 48.77
C VAL A 134 65.43 -27.71 48.89
N ARG A 135 64.72 -28.70 48.36
CA ARG A 135 63.27 -28.68 48.34
C ARG A 135 62.73 -29.99 48.88
N GLY A 136 61.56 -29.92 49.53
CA GLY A 136 60.94 -31.08 50.11
C GLY A 136 60.13 -30.75 51.35
N GLY A 137 59.02 -31.45 51.54
CA GLY A 137 58.17 -31.22 52.70
C GLY A 137 57.44 -29.90 52.70
N MET A 138 56.89 -29.50 51.54
CA MET A 138 56.05 -28.30 51.44
C MET A 138 56.78 -27.03 51.82
N ARG A 139 58.11 -27.02 51.67
CA ARG A 139 58.91 -25.88 52.07
C ARG A 139 60.32 -26.03 51.50
N ALA A 140 61.09 -24.94 51.58
CA ALA A 140 62.48 -24.92 51.15
C ALA A 140 63.35 -24.40 52.28
N VAL A 141 64.42 -25.13 52.57
CA VAL A 141 65.35 -24.78 53.64
C VAL A 141 66.76 -24.82 53.08
N GLU A 142 67.55 -23.81 53.38
CA GLU A 142 68.92 -23.72 52.92
C GLU A 142 69.89 -24.20 54.00
N PHE A 143 71.05 -24.67 53.57
CA PHE A 143 72.09 -25.19 54.45
C PHE A 143 73.30 -24.26 54.44
N LYS A 144 74.13 -24.40 55.47
CA LYS A 144 75.38 -23.65 55.53
C LYS A 144 76.40 -24.48 56.29
N VAL A 145 77.64 -24.47 55.82
CA VAL A 145 78.74 -25.22 56.43
C VAL A 145 79.59 -24.26 57.25
N VAL A 146 80.04 -24.74 58.42
CA VAL A 146 80.88 -23.92 59.31
C VAL A 146 82.26 -24.55 59.43
N GLU A 147 82.33 -25.88 59.50
CA GLU A 147 83.60 -26.58 59.65
C GLU A 147 83.49 -27.94 58.96
N THR A 148 84.44 -28.24 58.09
CA THR A 148 84.45 -29.50 57.37
C THR A 148 85.88 -29.77 56.91
N ASP A 149 86.05 -30.71 55.98
CA ASP A 149 87.37 -30.97 55.42
C ASP A 149 87.87 -29.75 54.66
N PRO A 150 89.20 -29.57 54.59
CA PRO A 150 89.75 -28.38 53.90
C PRO A 150 89.29 -28.32 52.45
N SER A 151 88.71 -27.17 52.10
CA SER A 151 88.21 -26.98 50.74
C SER A 151 89.37 -26.93 49.75
N PRO A 152 89.21 -27.48 48.54
CA PRO A 152 88.00 -28.19 48.08
C PRO A 152 87.99 -29.67 48.45
N TYR A 153 88.28 -30.54 47.49
CA TYR A 153 88.36 -31.99 47.72
C TYR A 153 87.04 -32.52 48.29
N CYS A 154 85.93 -32.08 47.68
CA CYS A 154 84.59 -32.47 48.10
C CYS A 154 83.79 -32.92 46.89
N ILE A 155 83.46 -34.20 46.84
CA ILE A 155 82.66 -34.79 45.77
C ILE A 155 81.62 -35.71 46.40
N VAL A 156 80.38 -35.61 45.93
CA VAL A 156 79.29 -36.44 46.46
C VAL A 156 79.53 -37.88 46.04
N ALA A 157 79.72 -38.76 47.01
CA ALA A 157 79.93 -40.18 46.78
C ALA A 157 79.23 -40.98 47.86
N PRO A 158 78.79 -42.20 47.55
CA PRO A 158 78.08 -43.01 48.55
C PRO A 158 78.91 -43.39 49.76
N ASP A 159 80.25 -43.35 49.66
CA ASP A 159 81.11 -43.76 50.76
C ASP A 159 81.30 -42.69 51.82
N THR A 160 80.48 -41.63 51.81
CA THR A 160 80.58 -40.56 52.78
C THR A 160 79.54 -40.76 53.88
N VAL A 161 80.00 -40.87 55.12
CA VAL A 161 79.12 -41.06 56.26
C VAL A 161 78.71 -39.71 56.81
N ILE A 162 77.60 -39.69 57.56
CA ILE A 162 77.09 -38.47 58.17
C ILE A 162 76.68 -38.77 59.61
N HIS A 163 76.63 -37.72 60.43
CA HIS A 163 76.22 -37.86 61.81
C HIS A 163 75.76 -36.50 62.31
N CYS A 164 74.57 -36.45 62.91
CA CYS A 164 74.00 -35.22 63.41
C CYS A 164 74.39 -35.01 64.88
N GLU A 165 74.36 -33.75 65.29
CA GLU A 165 74.68 -33.36 66.66
C GLU A 165 73.47 -32.87 67.43
N GLY A 166 72.67 -31.99 66.84
CA GLY A 166 71.48 -31.48 67.51
C GLY A 166 71.67 -30.12 68.12
N GLU A 167 72.41 -29.25 67.43
CA GLU A 167 72.67 -27.89 67.92
C GLU A 167 72.86 -26.98 66.71
N PRO A 168 71.84 -26.22 66.34
CA PRO A 168 71.97 -25.31 65.19
C PRO A 168 72.84 -24.10 65.55
N ILE A 169 73.27 -23.40 64.51
CA ILE A 169 74.11 -22.23 64.66
C ILE A 169 73.33 -21.00 64.21
N LYS A 170 73.69 -19.85 64.78
CA LYS A 170 73.04 -18.59 64.46
C LYS A 170 73.48 -18.09 63.10
N ARG A 171 72.52 -17.61 62.31
CA ARG A 171 72.82 -17.06 60.99
C ARG A 171 73.43 -15.68 61.12
N GLU A 172 74.49 -15.42 60.35
CA GLU A 172 75.14 -14.13 60.35
C GLU A 172 74.52 -13.25 59.26
N ASP A 173 75.11 -12.06 59.08
CA ASP A 173 74.64 -11.09 58.10
C ASP A 173 75.40 -11.15 56.79
N GLU A 174 76.25 -12.16 56.61
CA GLU A 174 77.04 -12.29 55.39
C GLU A 174 76.21 -12.76 54.20
N GLU A 175 75.17 -13.56 54.45
CA GLU A 175 74.31 -14.08 53.39
C GLU A 175 72.87 -13.69 53.65
N GLU A 176 72.05 -13.83 52.61
CA GLU A 176 70.63 -13.50 52.67
C GLU A 176 69.80 -14.74 52.35
N SER A 177 68.58 -14.75 52.86
CA SER A 177 67.66 -15.86 52.63
C SER A 177 67.19 -15.87 51.18
N LEU A 178 66.92 -17.08 50.67
CA LEU A 178 66.45 -17.27 49.31
C LEU A 178 64.93 -17.30 49.22
N ASN A 179 64.23 -17.10 50.34
CA ASN A 179 62.77 -17.14 50.33
C ASN A 179 62.14 -15.94 49.64
N GLU A 180 62.92 -14.90 49.36
CA GLU A 180 62.38 -13.74 48.68
C GLU A 180 62.16 -14.05 47.19
N VAL A 181 61.42 -13.16 46.53
CA VAL A 181 61.13 -13.32 45.11
C VAL A 181 62.40 -13.07 44.30
N GLY A 182 62.62 -13.92 43.30
CA GLY A 182 63.74 -13.73 42.39
C GLY A 182 63.27 -13.62 40.95
N TYR A 183 64.21 -13.58 40.02
CA TYR A 183 63.86 -13.49 38.60
C TYR A 183 63.26 -14.78 38.07
N ASP A 184 63.42 -15.89 38.78
CA ASP A 184 62.91 -17.19 38.35
C ASP A 184 61.59 -17.55 39.02
N ASP A 185 60.98 -16.62 39.76
CA ASP A 185 59.73 -16.88 40.45
C ASP A 185 58.52 -16.34 39.69
N ILE A 186 58.70 -15.90 38.45
CA ILE A 186 57.62 -15.35 37.63
C ILE A 186 57.52 -16.18 36.37
N GLY A 187 56.30 -16.62 36.04
CA GLY A 187 56.07 -17.37 34.83
C GLY A 187 54.75 -16.98 34.19
N GLY A 188 54.65 -17.25 32.90
CA GLY A 188 53.44 -16.96 32.16
C GLY A 188 53.58 -15.77 31.24
N CYS A 189 54.26 -14.73 31.71
CA CYS A 189 54.52 -13.54 30.90
C CYS A 189 55.98 -13.58 30.47
N ARG A 190 56.22 -14.02 29.24
CA ARG A 190 57.58 -14.15 28.73
C ARG A 190 57.98 -12.99 27.83
N LYS A 191 57.13 -12.60 26.88
CA LYS A 191 57.46 -11.43 26.06
C LYS A 191 57.47 -10.16 26.87
N GLN A 192 56.55 -10.00 27.82
CA GLN A 192 56.47 -8.78 28.60
C GLN A 192 57.67 -8.62 29.51
N LEU A 193 58.30 -9.72 29.93
CA LEU A 193 59.43 -9.62 30.83
C LEU A 193 60.71 -9.18 30.16
N ALA A 194 60.99 -9.65 28.94
CA ALA A 194 62.29 -9.39 28.33
C ALA A 194 62.46 -7.91 28.00
N GLN A 195 61.39 -7.26 27.56
CA GLN A 195 61.44 -5.84 27.23
C GLN A 195 61.50 -4.96 28.48
N ILE A 196 61.06 -5.46 29.64
CA ILE A 196 61.45 -4.82 30.90
C ILE A 196 62.92 -5.05 31.19
N LYS A 197 63.41 -6.25 30.91
CA LYS A 197 64.83 -6.55 31.04
C LYS A 197 65.67 -5.65 30.13
N GLU A 198 65.04 -5.05 29.11
CA GLU A 198 65.71 -4.16 28.18
C GLU A 198 65.72 -2.71 28.63
N MET A 199 64.84 -2.33 29.56
CA MET A 199 64.74 -0.93 29.98
C MET A 199 65.01 -0.72 31.46
N VAL A 200 65.28 -1.77 32.23
CA VAL A 200 65.54 -1.55 33.66
C VAL A 200 67.01 -1.76 33.99
N GLU A 201 67.56 -2.94 33.69
CA GLU A 201 68.92 -3.22 34.09
C GLU A 201 69.95 -2.53 33.21
N LEU A 202 69.59 -2.15 31.99
CA LEU A 202 70.55 -1.46 31.14
C LEU A 202 70.89 -0.07 31.71
N PRO A 203 69.92 0.77 32.07
CA PRO A 203 70.24 2.08 32.65
C PRO A 203 70.57 2.05 34.13
N LEU A 204 70.68 0.89 34.76
CA LEU A 204 71.03 0.79 36.17
C LEU A 204 72.41 0.21 36.41
N ARG A 205 72.78 -0.85 35.70
CA ARG A 205 74.07 -1.48 35.90
C ARG A 205 75.22 -0.64 35.38
N HIS A 206 74.94 0.38 34.57
CA HIS A 206 75.94 1.25 33.97
C HIS A 206 75.55 2.70 34.24
N PRO A 207 75.74 3.19 35.47
CA PRO A 207 75.34 4.57 35.76
C PRO A 207 76.20 5.61 35.07
N ALA A 208 77.52 5.44 35.10
CA ALA A 208 78.42 6.41 34.48
C ALA A 208 78.41 6.35 32.96
N LEU A 209 77.97 5.22 32.38
CA LEU A 209 77.88 5.13 30.93
C LEU A 209 76.85 6.11 30.37
N PHE A 210 75.72 6.25 31.05
CA PHE A 210 74.68 7.17 30.61
C PHE A 210 75.06 8.63 30.86
N LYS A 211 75.97 8.90 31.80
CA LYS A 211 76.35 10.28 32.07
C LYS A 211 77.15 10.89 30.92
N ALA A 212 77.91 10.07 30.19
CA ALA A 212 78.69 10.57 29.07
C ALA A 212 77.90 10.63 27.77
N ILE A 213 77.03 9.65 27.54
CA ILE A 213 76.23 9.61 26.32
C ILE A 213 75.02 10.52 26.47
N GLY A 214 74.42 10.89 25.34
CA GLY A 214 73.26 11.76 25.32
C GLY A 214 71.92 11.07 25.35
N VAL A 215 71.89 9.75 25.58
CA VAL A 215 70.64 9.00 25.60
C VAL A 215 69.96 9.23 26.94
N LYS A 216 68.71 9.69 26.90
CA LYS A 216 67.98 9.95 28.13
C LYS A 216 67.46 8.65 28.72
N PRO A 217 67.83 8.31 29.95
CA PRO A 217 67.40 7.03 30.53
C PRO A 217 65.92 7.05 30.83
N PRO A 218 65.31 5.89 31.04
CA PRO A 218 63.90 5.84 31.46
C PRO A 218 63.69 6.50 32.81
N ARG A 219 62.50 7.10 32.96
CA ARG A 219 62.06 7.62 34.25
C ARG A 219 60.78 6.96 34.73
N GLY A 220 59.71 7.00 33.94
CA GLY A 220 58.42 6.46 34.36
C GLY A 220 58.00 5.27 33.52
N ILE A 221 57.56 4.21 34.19
CA ILE A 221 57.07 3.00 33.56
C ILE A 221 55.69 2.69 34.12
N LEU A 222 54.70 2.58 33.24
CA LEU A 222 53.34 2.29 33.67
C LEU A 222 52.98 0.85 33.36
N LEU A 223 52.38 0.17 34.33
CA LEU A 223 52.00 -1.23 34.21
C LEU A 223 50.51 -1.35 33.94
N TYR A 224 50.12 -2.49 33.37
CA TYR A 224 48.73 -2.78 33.07
C TYR A 224 48.44 -4.23 33.44
N GLY A 225 47.24 -4.68 33.11
CA GLY A 225 46.82 -6.03 33.38
C GLY A 225 45.69 -6.09 34.38
N PRO A 226 44.87 -7.14 34.28
CA PRO A 226 43.80 -7.34 35.25
C PRO A 226 44.37 -7.64 36.63
N PRO A 227 43.60 -7.39 37.70
CA PRO A 227 44.13 -7.62 39.05
C PRO A 227 44.52 -9.08 39.24
N GLY A 228 45.65 -9.28 39.93
CA GLY A 228 46.20 -10.60 40.13
C GLY A 228 47.15 -11.06 39.05
N THR A 229 47.48 -10.20 38.07
CA THR A 229 48.37 -10.61 37.00
C THR A 229 49.80 -10.75 37.50
N GLY A 230 50.18 -9.95 38.50
CA GLY A 230 51.54 -10.00 39.02
C GLY A 230 52.24 -8.66 38.97
N LYS A 231 51.46 -7.58 38.98
CA LYS A 231 52.02 -6.24 38.90
C LYS A 231 52.96 -5.92 40.06
N THR A 232 52.79 -6.57 41.20
CA THR A 232 53.67 -6.39 42.35
C THR A 232 54.82 -7.36 42.39
N LEU A 233 54.59 -8.62 42.00
CA LEU A 233 55.62 -9.64 42.10
C LEU A 233 56.82 -9.32 41.21
N ILE A 234 56.55 -8.96 39.94
CA ILE A 234 57.63 -8.66 39.02
C ILE A 234 58.36 -7.39 39.42
N ALA A 235 57.64 -6.39 39.92
CA ALA A 235 58.29 -5.17 40.38
C ALA A 235 59.20 -5.46 41.56
N ARG A 236 58.74 -6.25 42.53
CA ARG A 236 59.60 -6.60 43.66
C ARG A 236 60.81 -7.40 43.21
N ALA A 237 60.64 -8.32 42.28
CA ALA A 237 61.78 -9.10 41.79
C ALA A 237 62.81 -8.21 41.11
N VAL A 238 62.37 -7.34 40.18
CA VAL A 238 63.30 -6.49 39.45
C VAL A 238 63.86 -5.37 40.31
N ALA A 239 63.25 -5.09 41.46
CA ALA A 239 63.81 -4.11 42.39
C ALA A 239 64.74 -4.73 43.43
N ASN A 240 64.58 -6.02 43.73
CA ASN A 240 65.40 -6.67 44.73
C ASN A 240 66.57 -7.43 44.15
N GLU A 241 66.50 -7.81 42.87
CA GLU A 241 67.58 -8.58 42.25
C GLU A 241 68.54 -7.70 41.45
N THR A 242 68.61 -6.41 41.74
CA THR A 242 69.55 -5.52 41.07
C THR A 242 70.54 -4.85 42.01
N GLY A 243 70.32 -4.91 43.32
CA GLY A 243 71.21 -4.31 44.28
C GLY A 243 70.92 -2.85 44.60
N ALA A 244 70.10 -2.19 43.79
CA ALA A 244 69.74 -0.81 44.04
C ALA A 244 68.66 -0.73 45.13
N PHE A 245 68.55 0.44 45.74
CA PHE A 245 67.55 0.64 46.78
C PHE A 245 66.15 0.62 46.18
N PHE A 246 65.21 0.07 46.96
CA PHE A 246 63.81 -0.02 46.54
C PHE A 246 62.94 0.45 47.69
N PHE A 247 62.00 1.35 47.39
CA PHE A 247 61.10 1.92 48.39
C PHE A 247 59.67 1.66 47.93
N LEU A 248 58.81 1.25 48.86
CA LEU A 248 57.46 0.81 48.54
C LEU A 248 56.41 1.72 49.18
N ILE A 249 55.48 2.20 48.36
CA ILE A 249 54.31 2.95 48.80
C ILE A 249 53.17 2.57 47.88
N ASN A 250 52.13 1.93 48.41
CA ASN A 250 51.22 1.32 47.44
C ASN A 250 50.22 2.33 46.88
N GLY A 251 49.10 2.54 47.56
CA GLY A 251 48.33 3.75 47.45
C GLY A 251 47.62 4.26 48.70
N PRO A 252 47.08 3.36 49.53
CA PRO A 252 46.08 3.81 50.52
C PRO A 252 46.68 4.44 51.76
N GLU A 253 47.90 4.06 52.14
CA GLU A 253 48.53 4.68 53.29
C GLU A 253 48.69 6.18 53.11
N ILE A 254 48.69 6.67 51.86
CA ILE A 254 48.72 8.10 51.62
C ILE A 254 47.42 8.75 52.04
N MET A 255 46.28 8.16 51.65
CA MET A 255 44.98 8.74 51.96
C MET A 255 44.44 8.32 53.32
N SER A 256 45.12 7.41 54.01
CA SER A 256 44.65 6.96 55.32
C SER A 256 45.01 7.93 56.44
N LYS A 257 46.11 8.67 56.30
CA LYS A 257 46.54 9.57 57.35
C LYS A 257 45.76 10.89 57.28
N LEU A 258 46.03 11.77 58.24
CA LEU A 258 45.37 13.06 58.31
C LEU A 258 45.85 13.96 57.17
N ALA A 259 45.06 15.00 56.91
CA ALA A 259 45.40 15.94 55.85
C ALA A 259 46.58 16.81 56.28
N GLY A 260 47.52 17.00 55.36
CA GLY A 260 48.67 17.85 55.62
C GLY A 260 49.99 17.11 55.65
N GLU A 261 50.01 15.93 56.26
CA GLU A 261 51.23 15.13 56.32
C GLU A 261 51.29 14.08 55.21
N SER A 262 50.18 13.80 54.54
CA SER A 262 50.20 12.86 53.44
C SER A 262 51.09 13.36 52.31
N GLU A 263 51.00 14.64 51.97
CA GLU A 263 51.87 15.21 50.97
C GLU A 263 53.32 15.24 51.43
N SER A 264 53.56 15.51 52.71
CA SER A 264 54.92 15.52 53.24
C SER A 264 55.56 14.14 53.16
N ASN A 265 54.79 13.09 53.44
CA ASN A 265 55.34 11.73 53.34
C ASN A 265 55.77 11.43 51.92
N LEU A 266 54.94 11.76 50.93
CA LEU A 266 55.30 11.53 49.54
C LEU A 266 56.50 12.38 49.13
N ARG A 267 56.56 13.62 49.60
CA ARG A 267 57.70 14.49 49.27
C ARG A 267 58.99 13.93 49.84
N LYS A 268 58.97 13.45 51.08
CA LYS A 268 60.18 12.91 51.69
C LYS A 268 60.55 11.54 51.09
N ALA A 269 59.57 10.78 50.62
CA ALA A 269 59.86 9.51 49.97
C ALA A 269 60.65 9.68 48.67
N PHE A 270 60.61 10.87 48.07
CA PHE A 270 61.39 11.12 46.87
C PHE A 270 62.79 11.64 47.19
N GLU A 271 62.93 12.47 48.21
CA GLU A 271 64.26 12.97 48.56
C GLU A 271 65.09 11.91 49.25
N GLU A 272 64.46 10.95 49.92
CA GLU A 272 65.23 9.86 50.53
C GLU A 272 65.86 8.97 49.46
N ALA A 273 65.25 8.90 48.27
CA ALA A 273 65.80 8.08 47.20
C ALA A 273 66.94 8.78 46.46
N GLU A 274 66.99 10.11 46.50
CA GLU A 274 68.03 10.83 45.76
C GLU A 274 69.41 10.60 46.38
N LYS A 275 69.52 10.69 47.70
CA LYS A 275 70.83 10.60 48.33
C LYS A 275 71.47 9.24 48.14
N ASN A 276 70.69 8.16 48.25
CA ASN A 276 71.21 6.80 48.11
C ASN A 276 71.05 6.27 46.68
N ALA A 277 71.56 7.05 45.73
CA ALA A 277 71.52 6.64 44.34
C ALA A 277 72.54 5.51 44.10
N PRO A 278 72.21 4.55 43.21
CA PRO A 278 70.96 4.46 42.47
C PRO A 278 69.82 3.91 43.31
N ALA A 279 68.60 4.34 43.01
CA ALA A 279 67.41 3.89 43.73
C ALA A 279 66.29 3.68 42.72
N ILE A 280 65.18 3.11 43.20
CA ILE A 280 64.00 2.87 42.38
C ILE A 280 62.76 3.11 43.22
N ILE A 281 61.69 3.52 42.55
CA ILE A 281 60.42 3.83 43.20
C ILE A 281 59.33 3.04 42.50
N PHE A 282 58.48 2.37 43.27
CA PHE A 282 57.39 1.57 42.74
C PHE A 282 56.10 1.92 43.46
N ILE A 283 55.02 2.07 42.70
CA ILE A 283 53.70 2.38 43.21
C ILE A 283 52.77 1.23 42.86
N ASP A 284 52.10 0.67 43.87
CA ASP A 284 51.33 -0.55 43.65
C ASP A 284 50.04 -0.26 42.88
N GLU A 285 49.13 0.52 43.45
CA GLU A 285 47.92 0.89 42.73
C GLU A 285 47.96 2.40 42.52
N LEU A 286 47.51 2.84 41.33
CA LEU A 286 47.49 4.24 40.97
C LEU A 286 46.10 4.73 40.62
N ASP A 287 45.17 3.83 40.30
CA ASP A 287 43.83 4.24 39.91
C ASP A 287 43.11 4.98 41.04
N ALA A 288 43.45 4.67 42.29
CA ALA A 288 42.83 5.31 43.44
C ALA A 288 43.67 6.46 43.99
N ILE A 289 44.73 6.85 43.28
CA ILE A 289 45.60 7.95 43.70
C ILE A 289 45.26 9.23 42.95
N ALA A 290 45.09 9.15 41.63
CA ALA A 290 44.86 10.31 40.77
C ALA A 290 43.60 10.08 39.94
N PRO A 291 42.41 10.24 40.53
CA PRO A 291 41.17 10.14 39.76
C PRO A 291 40.72 11.47 39.19
N LYS A 292 41.59 12.13 38.43
CA LYS A 292 41.28 13.44 37.87
C LYS A 292 40.43 13.25 36.60
N ARG A 293 39.17 12.89 36.82
CA ARG A 293 38.19 12.60 35.79
C ARG A 293 36.83 13.05 36.30
N GLU A 294 35.75 12.52 35.74
CA GLU A 294 34.40 12.94 36.09
C GLU A 294 34.12 12.90 37.59
N LYS A 295 35.03 12.34 38.39
CA LYS A 295 34.82 12.28 39.84
C LYS A 295 35.08 13.65 40.47
N THR A 296 36.34 14.09 40.45
CA THR A 296 36.76 15.40 40.98
C THR A 296 36.04 15.77 42.27
N HIS A 297 36.06 14.84 43.23
CA HIS A 297 35.53 15.09 44.56
C HIS A 297 36.68 15.21 45.56
N GLY A 298 36.51 16.09 46.54
CA GLY A 298 37.50 16.25 47.59
C GLY A 298 38.62 17.21 47.22
N GLU A 299 38.96 18.10 48.16
CA GLU A 299 40.00 19.08 47.91
C GLU A 299 41.39 18.49 48.09
N VAL A 300 41.58 17.67 49.13
CA VAL A 300 42.92 17.21 49.49
C VAL A 300 43.44 16.14 48.53
N GLU A 301 42.56 15.50 47.76
CA GLU A 301 43.01 14.36 46.96
C GLU A 301 43.57 14.79 45.61
N ARG A 302 43.09 15.90 45.06
CA ARG A 302 43.79 16.47 43.92
C ARG A 302 45.07 17.18 44.34
N ARG A 303 45.20 17.51 45.63
CA ARG A 303 46.45 18.06 46.14
C ARG A 303 47.60 17.09 45.97
N ILE A 304 47.39 15.81 46.28
CA ILE A 304 48.47 14.84 46.14
C ILE A 304 48.74 14.56 44.67
N VAL A 305 47.71 14.66 43.83
CA VAL A 305 47.92 14.53 42.38
C VAL A 305 48.85 15.63 41.89
N SER A 306 48.56 16.87 42.28
CA SER A 306 49.44 17.98 41.92
C SER A 306 50.83 17.81 42.53
N GLN A 307 50.91 17.28 43.75
CA GLN A 307 52.21 17.05 44.38
C GLN A 307 53.04 16.04 43.60
N LEU A 308 52.44 14.93 43.18
CA LEU A 308 53.17 13.93 42.43
C LEU A 308 53.54 14.45 41.05
N LEU A 309 52.65 15.22 40.42
CA LEU A 309 52.99 15.85 39.15
C LEU A 309 54.17 16.80 39.31
N THR A 310 54.21 17.56 40.40
CA THR A 310 55.35 18.44 40.66
C THR A 310 56.63 17.63 40.88
N LEU A 311 56.54 16.55 41.65
CA LEU A 311 57.71 15.75 41.97
C LEU A 311 58.25 14.96 40.80
N MET A 312 57.42 14.71 39.79
CA MET A 312 57.90 14.06 38.57
C MET A 312 58.28 15.04 37.47
N ASP A 313 57.63 16.20 37.41
CA ASP A 313 57.93 17.18 36.38
C ASP A 313 59.33 17.75 36.54
N GLY A 314 59.76 17.94 37.78
CA GLY A 314 61.07 18.49 38.06
C GLY A 314 62.20 17.50 38.03
N LEU A 315 61.93 16.23 37.72
CA LEU A 315 62.97 15.22 37.70
C LEU A 315 63.87 15.38 36.48
N LYS A 316 64.94 16.16 36.62
CA LYS A 316 65.96 16.21 35.59
C LYS A 316 66.87 15.00 35.74
N GLN A 317 67.97 14.96 34.99
CA GLN A 317 68.85 13.79 35.05
C GLN A 317 69.40 13.57 36.45
N ARG A 318 70.28 14.47 36.89
CA ARG A 318 70.90 14.38 38.21
C ARG A 318 71.40 12.97 38.52
N ALA A 319 70.60 12.20 39.25
CA ALA A 319 70.91 10.85 39.66
C ALA A 319 70.29 9.84 38.67
N HIS A 320 70.28 8.56 39.04
CA HIS A 320 69.65 7.52 38.24
C HIS A 320 68.49 6.93 39.04
N VAL A 321 67.30 7.52 38.88
CA VAL A 321 66.11 7.09 39.59
C VAL A 321 65.00 6.82 38.58
N ILE A 322 64.21 5.78 38.85
CA ILE A 322 63.08 5.40 38.01
C ILE A 322 61.87 5.18 38.90
N VAL A 323 60.75 5.78 38.53
CA VAL A 323 59.47 5.55 39.20
C VAL A 323 58.64 4.62 38.34
N MET A 324 57.91 3.71 39.00
CA MET A 324 57.03 2.78 38.31
C MET A 324 55.70 2.72 39.02
N ALA A 325 54.63 2.56 38.24
CA ALA A 325 53.28 2.51 38.79
C ALA A 325 52.51 1.40 38.08
N ALA A 326 51.48 0.90 38.76
CA ALA A 326 50.65 -0.16 38.23
C ALA A 326 49.19 0.20 38.41
N THR A 327 48.36 -0.36 37.54
CA THR A 327 46.92 -0.11 37.55
C THR A 327 46.21 -1.35 37.02
N ASN A 328 44.88 -1.27 36.94
CA ASN A 328 44.08 -2.40 36.54
C ASN A 328 43.31 -2.18 35.24
N ARG A 329 43.00 -0.93 34.90
CA ARG A 329 42.25 -0.64 33.69
C ARG A 329 42.82 0.60 33.03
N PRO A 330 42.68 0.75 31.71
CA PRO A 330 43.26 1.91 31.03
C PRO A 330 42.56 3.21 31.36
N ASN A 331 41.24 3.21 31.54
CA ASN A 331 40.49 4.44 31.80
C ASN A 331 40.45 4.75 33.30
N SER A 332 41.63 4.73 33.90
CA SER A 332 41.75 5.07 35.32
C SER A 332 42.97 5.92 35.64
N ILE A 333 43.75 6.34 34.64
CA ILE A 333 44.95 7.14 34.87
C ILE A 333 44.65 8.56 34.40
N ASP A 334 45.12 9.53 35.17
CA ASP A 334 44.99 10.93 34.81
C ASP A 334 45.67 11.16 33.47
N PRO A 335 44.98 11.72 32.47
CA PRO A 335 45.63 11.97 31.17
C PRO A 335 46.82 12.90 31.28
N ALA A 336 46.87 13.76 32.30
CA ALA A 336 48.02 14.64 32.47
C ALA A 336 49.29 13.87 32.84
N LEU A 337 49.16 12.64 33.32
CA LEU A 337 50.32 11.84 33.66
C LEU A 337 50.84 11.01 32.49
N ARG A 338 50.04 10.81 31.45
CA ARG A 338 50.44 10.02 30.30
C ARG A 338 51.18 10.85 29.25
N ARG A 339 51.59 12.07 29.58
CA ARG A 339 52.31 12.92 28.65
C ARG A 339 53.73 12.41 28.45
N PHE A 340 54.43 13.00 27.49
CA PHE A 340 55.82 12.64 27.24
C PHE A 340 56.69 13.09 28.41
N GLY A 341 57.55 12.21 28.88
CA GLY A 341 58.43 12.50 29.99
C GLY A 341 57.97 11.99 31.34
N ARG A 342 56.68 11.66 31.49
CA ARG A 342 56.18 11.10 32.73
C ARG A 342 55.72 9.66 32.55
N PHE A 343 54.78 9.39 31.64
CA PHE A 343 54.37 8.04 31.31
C PHE A 343 54.13 7.98 29.79
N ASP A 344 55.18 7.65 29.06
CA ASP A 344 55.09 7.54 27.60
C ASP A 344 55.28 6.11 27.11
N ARG A 345 55.73 5.22 27.99
CA ARG A 345 56.01 3.83 27.66
C ARG A 345 55.14 2.94 28.54
N GLU A 346 54.33 2.10 27.91
CA GLU A 346 53.37 1.27 28.62
C GLU A 346 53.50 -0.17 28.13
N VAL A 347 53.25 -1.10 29.05
CA VAL A 347 53.28 -2.52 28.72
C VAL A 347 51.95 -3.13 29.15
N ASP A 348 51.39 -3.97 28.28
CA ASP A 348 50.12 -4.64 28.53
C ASP A 348 50.41 -6.11 28.81
N ILE A 349 50.03 -6.58 29.99
CA ILE A 349 50.22 -7.97 30.38
C ILE A 349 48.84 -8.61 30.47
N GLY A 350 48.56 -9.53 29.54
CA GLY A 350 47.26 -10.16 29.46
C GLY A 350 47.21 -11.46 30.23
N ILE A 351 46.09 -12.15 30.08
CA ILE A 351 45.89 -13.45 30.74
C ILE A 351 46.74 -14.49 30.02
N PRO A 352 47.58 -15.24 30.74
CA PRO A 352 48.41 -16.25 30.07
C PRO A 352 47.56 -17.35 29.44
N ASP A 353 48.07 -17.91 28.34
CA ASP A 353 47.39 -19.00 27.66
C ASP A 353 47.75 -20.33 28.32
N ALA A 354 47.40 -21.44 27.69
CA ALA A 354 47.65 -22.74 28.29
C ALA A 354 49.14 -22.97 28.54
N THR A 355 49.97 -22.79 27.51
CA THR A 355 51.40 -22.95 27.70
C THR A 355 51.99 -21.88 28.61
N GLY A 356 51.36 -20.72 28.69
CA GLY A 356 51.76 -19.71 29.65
C GLY A 356 51.37 -20.12 31.06
N ARG A 357 50.20 -20.75 31.20
CA ARG A 357 49.75 -21.18 32.51
C ARG A 357 50.45 -22.44 33.00
N LEU A 358 51.14 -23.17 32.12
CA LEU A 358 51.82 -24.39 32.55
C LEU A 358 52.88 -24.10 33.60
N GLU A 359 53.71 -23.07 33.39
CA GLU A 359 54.83 -22.82 34.30
C GLU A 359 54.37 -22.30 35.65
N ILE A 360 53.23 -21.61 35.71
CA ILE A 360 52.73 -21.06 36.96
C ILE A 360 52.42 -22.15 37.97
N LEU A 361 51.97 -23.32 37.50
CA LEU A 361 51.69 -24.42 38.42
C LEU A 361 52.95 -24.87 39.14
N GLN A 362 54.01 -25.15 38.39
CA GLN A 362 55.23 -25.66 39.02
C GLN A 362 55.99 -24.59 39.78
N ILE A 363 55.97 -23.32 39.34
CA ILE A 363 56.71 -22.32 40.10
C ILE A 363 56.13 -22.10 41.49
N HIS A 364 54.94 -22.64 41.76
CA HIS A 364 54.39 -22.62 43.11
C HIS A 364 54.27 -23.99 43.75
N THR A 365 54.30 -25.08 42.98
CA THR A 365 54.22 -26.42 43.54
C THR A 365 55.57 -27.14 43.49
N LYS A 366 56.66 -26.39 43.28
CA LYS A 366 57.98 -27.01 43.27
C LYS A 366 58.34 -27.63 44.61
N ASN A 367 57.90 -27.04 45.72
CA ASN A 367 58.11 -27.65 47.03
C ASN A 367 57.13 -28.76 47.31
N MET A 368 56.12 -28.94 46.46
CA MET A 368 55.12 -29.99 46.60
C MET A 368 55.53 -31.12 45.66
N LYS A 369 56.15 -32.15 46.21
CA LYS A 369 56.52 -33.29 45.38
C LYS A 369 55.29 -34.10 45.00
N LEU A 370 55.20 -34.41 43.72
CA LEU A 370 54.02 -35.03 43.13
C LEU A 370 54.30 -36.51 42.83
N ALA A 371 53.23 -37.30 42.80
CA ALA A 371 53.32 -38.73 42.60
C ALA A 371 53.61 -39.04 41.13
N ASP A 372 53.57 -40.33 40.79
CA ASP A 372 53.88 -40.76 39.43
C ASP A 372 52.69 -40.58 38.48
N ASP A 373 51.48 -40.87 38.94
CA ASP A 373 50.30 -40.81 38.09
C ASP A 373 49.80 -39.38 37.87
N VAL A 374 50.39 -38.40 38.54
CA VAL A 374 49.94 -37.02 38.46
C VAL A 374 50.82 -36.23 37.49
N ASP A 375 50.16 -35.42 36.66
CA ASP A 375 50.83 -34.49 35.77
C ASP A 375 50.06 -33.19 35.74
N LEU A 376 50.76 -32.08 35.48
CA LEU A 376 50.14 -30.77 35.43
C LEU A 376 49.78 -30.34 34.01
N GLU A 377 49.97 -31.22 33.03
CA GLU A 377 49.69 -30.88 31.64
C GLU A 377 48.20 -30.81 31.34
N GLN A 378 47.46 -31.89 31.60
CA GLN A 378 46.05 -31.94 31.27
C GLN A 378 45.22 -30.96 32.10
N VAL A 379 45.64 -30.67 33.33
CA VAL A 379 44.87 -29.80 34.21
C VAL A 379 44.93 -28.33 33.79
N ALA A 380 45.95 -27.94 33.03
CA ALA A 380 46.08 -26.57 32.56
C ALA A 380 45.61 -26.40 31.13
N ASN A 381 44.78 -27.32 30.64
CA ASN A 381 44.27 -27.27 29.28
C ASN A 381 42.79 -26.96 29.20
N GLU A 382 42.01 -27.30 30.23
CA GLU A 382 40.58 -27.02 30.22
C GLU A 382 40.24 -25.61 30.68
N THR A 383 41.21 -24.85 31.20
CA THR A 383 40.99 -23.48 31.62
C THR A 383 41.59 -22.52 30.61
N HIS A 384 40.98 -21.33 30.52
CA HIS A 384 41.44 -20.34 29.55
C HIS A 384 41.44 -18.92 30.08
N GLY A 385 41.10 -18.69 31.35
CA GLY A 385 41.04 -17.33 31.87
C GLY A 385 41.62 -17.16 33.26
N HIS A 386 42.66 -17.93 33.58
CA HIS A 386 43.24 -17.92 34.92
C HIS A 386 44.56 -17.16 34.91
N VAL A 387 44.82 -16.44 36.00
CA VAL A 387 46.06 -15.70 36.19
C VAL A 387 46.81 -16.32 37.35
N GLY A 388 47.99 -15.78 37.66
CA GLY A 388 48.83 -16.36 38.70
C GLY A 388 48.15 -16.45 40.05
N ALA A 389 47.42 -15.40 40.44
CA ALA A 389 46.70 -15.43 41.71
C ALA A 389 45.63 -16.50 41.76
N ASP A 390 44.87 -16.66 40.66
CA ASP A 390 43.85 -17.70 40.62
C ASP A 390 44.46 -19.09 40.81
N LEU A 391 45.55 -19.37 40.09
CA LEU A 391 46.20 -20.67 40.21
C LEU A 391 46.81 -20.87 41.59
N ALA A 392 47.38 -19.82 42.18
CA ALA A 392 47.93 -19.95 43.53
C ALA A 392 46.82 -20.28 44.53
N ALA A 393 45.70 -19.58 44.46
CA ALA A 393 44.58 -19.90 45.34
C ALA A 393 44.05 -21.31 45.11
N LEU A 394 43.93 -21.72 43.85
CA LEU A 394 43.45 -23.05 43.52
C LEU A 394 44.36 -24.12 44.11
N CYS A 395 45.68 -23.98 43.93
CA CYS A 395 46.60 -24.96 44.48
C CYS A 395 46.59 -24.95 46.00
N SER A 396 46.48 -23.77 46.62
CA SER A 396 46.42 -23.72 48.09
C SER A 396 45.21 -24.47 48.62
N GLU A 397 44.02 -24.23 48.04
CA GLU A 397 42.84 -24.93 48.53
C GLU A 397 42.85 -26.41 48.16
N ALA A 398 43.45 -26.78 47.03
CA ALA A 398 43.60 -28.20 46.71
C ALA A 398 44.48 -28.90 47.73
N ALA A 399 45.57 -28.25 48.15
CA ALA A 399 46.40 -28.80 49.21
C ALA A 399 45.67 -28.89 50.54
N LEU A 400 44.83 -27.89 50.86
CA LEU A 400 44.02 -27.97 52.07
C LEU A 400 43.07 -29.16 52.02
N GLN A 401 42.49 -29.43 50.86
CA GLN A 401 41.61 -30.59 50.71
C GLN A 401 42.38 -31.89 50.99
N ALA A 402 43.60 -32.00 50.46
CA ALA A 402 44.42 -33.17 50.75
C ALA A 402 44.78 -33.28 52.22
N ILE A 403 45.03 -32.15 52.89
CA ILE A 403 45.32 -32.17 54.32
C ILE A 403 44.12 -32.71 55.10
N ARG A 404 42.93 -32.18 54.82
CA ARG A 404 41.76 -32.62 55.56
C ARG A 404 41.37 -34.05 55.24
N LYS A 405 41.66 -34.53 54.03
CA LYS A 405 41.33 -35.91 53.68
C LYS A 405 42.06 -36.93 54.56
N LYS A 406 43.17 -36.55 55.18
CA LYS A 406 43.82 -37.42 56.15
C LYS A 406 43.65 -36.97 57.60
N MET A 407 43.39 -35.69 57.86
CA MET A 407 43.11 -35.24 59.23
C MET A 407 41.73 -35.68 59.71
N ASP A 408 40.83 -36.11 58.81
CA ASP A 408 39.52 -36.54 59.26
C ASP A 408 39.54 -37.91 59.91
N LEU A 409 40.47 -38.79 59.51
CA LEU A 409 40.55 -40.11 60.10
C LEU A 409 41.79 -40.32 60.96
N ILE A 410 42.89 -39.62 60.70
CA ILE A 410 44.10 -39.81 61.50
C ILE A 410 43.93 -39.28 62.91
N ASP A 411 43.41 -38.06 63.05
CA ASP A 411 43.12 -37.44 64.34
C ASP A 411 44.38 -37.37 65.22
N LEU A 412 45.36 -36.62 64.72
CA LEU A 412 46.64 -36.42 65.41
C LEU A 412 46.62 -35.01 66.02
N GLU A 413 46.26 -34.93 67.29
CA GLU A 413 46.18 -33.66 68.02
C GLU A 413 47.51 -33.44 68.73
N ASP A 414 48.36 -32.60 68.16
CA ASP A 414 49.64 -32.28 68.76
C ASP A 414 50.07 -30.89 68.30
N GLU A 415 50.98 -30.29 69.07
CA GLU A 415 51.47 -28.95 68.76
C GLU A 415 52.37 -28.98 67.53
N THR A 416 53.48 -29.71 67.61
CA THR A 416 54.38 -29.83 66.47
C THR A 416 54.05 -31.06 65.66
N ILE A 417 54.33 -30.98 64.36
CA ILE A 417 54.04 -32.07 63.43
C ILE A 417 55.36 -32.71 63.01
N ASP A 418 55.31 -34.02 62.78
CA ASP A 418 56.49 -34.79 62.42
C ASP A 418 56.64 -34.87 60.90
N ALA A 419 57.88 -35.04 60.45
CA ALA A 419 58.17 -35.13 59.03
C ALA A 419 57.95 -36.53 58.47
N GLU A 420 57.69 -37.52 59.33
CA GLU A 420 57.46 -38.89 58.85
C GLU A 420 56.15 -39.01 58.09
N VAL A 421 55.21 -38.10 58.28
CA VAL A 421 53.96 -38.10 57.53
C VAL A 421 53.90 -36.99 56.49
N MET A 422 54.71 -35.93 56.63
CA MET A 422 54.74 -34.87 55.63
C MET A 422 55.22 -35.39 54.28
N ASN A 423 56.26 -36.22 54.27
CA ASN A 423 56.78 -36.73 53.00
C ASN A 423 55.81 -37.71 52.34
N SER A 424 55.09 -38.51 53.14
CA SER A 424 54.18 -39.49 52.58
C SER A 424 52.98 -38.87 51.88
N LEU A 425 52.62 -37.63 52.23
CA LEU A 425 51.47 -36.97 51.63
C LEU A 425 51.77 -36.58 50.19
N ALA A 426 50.79 -36.79 49.31
CA ALA A 426 50.90 -36.39 47.91
C ALA A 426 49.50 -36.18 47.36
N VAL A 427 49.33 -35.11 46.57
CA VAL A 427 48.04 -34.81 45.98
C VAL A 427 47.74 -35.79 44.86
N THR A 428 46.46 -36.08 44.65
CA THR A 428 46.04 -37.10 43.72
C THR A 428 45.22 -36.50 42.58
N MET A 429 44.67 -37.38 41.73
CA MET A 429 43.86 -36.94 40.60
C MET A 429 42.60 -36.22 41.06
N ASP A 430 41.84 -36.85 41.96
CA ASP A 430 40.56 -36.30 42.39
C ASP A 430 40.68 -34.93 43.04
N ASP A 431 41.84 -34.61 43.62
CA ASP A 431 42.01 -33.29 44.22
C ASP A 431 41.98 -32.18 43.19
N PHE A 432 42.77 -32.31 42.12
CA PHE A 432 42.74 -31.31 41.07
C PHE A 432 41.41 -31.31 40.32
N ARG A 433 40.75 -32.46 40.25
CA ARG A 433 39.43 -32.50 39.64
C ARG A 433 38.42 -31.72 40.46
N TRP A 434 38.39 -31.94 41.77
CA TRP A 434 37.43 -31.29 42.65
C TRP A 434 37.77 -29.82 42.87
N ALA A 435 39.04 -29.44 42.68
CA ALA A 435 39.42 -28.04 42.85
C ALA A 435 38.75 -27.14 41.82
N LEU A 436 38.71 -27.56 40.55
CA LEU A 436 38.14 -26.74 39.50
C LEU A 436 36.61 -26.78 39.48
N SER A 437 36.01 -27.84 40.01
CA SER A 437 34.55 -27.95 40.06
C SER A 437 33.94 -27.09 41.15
N GLN A 438 34.77 -26.42 41.94
CA GLN A 438 34.29 -25.50 42.97
C GLN A 438 34.12 -24.11 42.37
N SER A 439 33.95 -23.07 43.19
CA SER A 439 33.65 -21.74 42.69
C SER A 439 34.87 -20.87 42.45
N ASN A 440 36.08 -21.38 42.68
CA ASN A 440 37.26 -20.55 42.45
C ASN A 440 37.57 -20.19 40.99
N PRO A 441 37.13 -20.94 39.96
CA PRO A 441 37.36 -20.45 38.58
C PRO A 441 36.47 -19.28 38.22
N SER A 442 35.50 -18.92 39.06
CA SER A 442 34.58 -17.84 38.75
C SER A 442 35.33 -16.51 38.82
N ALA A 443 35.72 -16.01 37.66
CA ALA A 443 36.49 -14.78 37.57
C ALA A 443 36.01 -13.95 36.39
N LEU A 444 36.80 -12.94 36.01
CA LEU A 444 36.44 -12.03 34.94
C LEU A 444 37.10 -12.48 33.65
N ARG A 445 36.34 -12.45 32.55
CA ARG A 445 36.80 -12.88 31.25
C ARG A 445 36.89 -11.70 30.29
N GLU A 446 38.03 -11.56 29.63
CA GLU A 446 38.23 -10.53 28.61
C GLU A 446 39.08 -11.07 27.47
N THR A 447 39.58 -10.17 26.63
CA THR A 447 40.39 -10.53 25.48
C THR A 447 41.64 -11.27 25.95
N VAL A 448 41.77 -12.53 25.55
CA VAL A 448 42.90 -13.36 25.92
C VAL A 448 43.84 -13.45 24.73
N VAL A 449 45.14 -13.48 25.00
CA VAL A 449 46.16 -13.52 23.97
C VAL A 449 46.78 -14.90 23.96
N GLU A 450 46.43 -15.70 22.96
CA GLU A 450 46.92 -17.06 22.82
C GLU A 450 47.52 -17.28 21.44
N VAL A 451 48.27 -18.36 21.31
CA VAL A 451 48.91 -18.74 20.05
C VAL A 451 48.20 -19.97 19.50
N PRO A 452 47.77 -19.98 18.24
CA PRO A 452 47.08 -21.15 17.70
C PRO A 452 48.02 -22.32 17.54
N GLN A 453 47.42 -23.51 17.37
CA GLN A 453 48.18 -24.74 17.23
C GLN A 453 47.70 -25.55 16.04
N VAL A 454 47.22 -24.88 14.99
CA VAL A 454 46.73 -25.54 13.79
C VAL A 454 47.58 -25.09 12.60
N THR A 455 48.12 -26.07 11.87
CA THR A 455 49.02 -25.79 10.76
C THR A 455 48.52 -26.44 9.48
N TRP A 456 49.33 -26.44 8.43
CA TRP A 456 48.84 -26.88 7.13
C TRP A 456 48.50 -28.37 7.12
N GLU A 457 49.34 -29.22 7.70
CA GLU A 457 49.02 -30.65 7.72
C GLU A 457 47.83 -30.93 8.62
N ASP A 458 47.59 -30.08 9.62
CA ASP A 458 46.48 -30.31 10.55
C ASP A 458 45.14 -30.19 9.85
N ILE A 459 45.05 -29.40 8.78
CA ILE A 459 43.82 -29.26 8.03
C ILE A 459 44.04 -29.84 6.64
N GLY A 460 42.98 -29.86 5.82
CA GLY A 460 43.09 -30.40 4.48
C GLY A 460 42.15 -29.68 3.55
N GLY A 461 42.33 -29.94 2.26
CA GLY A 461 41.48 -29.36 1.25
C GLY A 461 41.67 -27.85 1.14
N LEU A 462 40.80 -27.24 0.34
CA LEU A 462 40.80 -25.80 0.12
C LEU A 462 42.16 -25.33 -0.37
N GLU A 463 42.73 -26.06 -1.33
CA GLU A 463 43.98 -25.67 -1.95
C GLU A 463 43.86 -24.36 -2.71
N ASP A 464 42.66 -23.95 -3.08
CA ASP A 464 42.48 -22.71 -3.82
C ASP A 464 42.54 -21.47 -2.93
N VAL A 465 42.32 -21.62 -1.63
CA VAL A 465 42.43 -20.49 -0.70
C VAL A 465 43.61 -20.62 0.24
N LYS A 466 44.12 -21.83 0.48
CA LYS A 466 45.41 -21.95 1.14
C LYS A 466 46.51 -21.35 0.29
N ARG A 467 46.43 -21.53 -1.03
CA ARG A 467 47.43 -21.03 -1.95
C ARG A 467 47.45 -19.50 -1.91
N GLU A 468 46.31 -18.88 -1.61
CA GLU A 468 46.12 -17.44 -1.71
C GLU A 468 46.30 -16.71 -0.39
N LEU A 469 45.87 -17.29 0.73
CA LEU A 469 46.06 -16.62 2.02
C LEU A 469 47.53 -16.41 2.32
N GLN A 470 48.37 -17.40 2.00
CA GLN A 470 49.79 -17.25 2.19
C GLN A 470 50.35 -16.10 1.37
N GLU A 471 49.89 -15.92 0.13
CA GLU A 471 50.38 -14.86 -0.75
C GLU A 471 50.20 -13.47 -0.16
N LEU A 472 49.23 -13.28 0.75
CA LEU A 472 48.99 -11.98 1.32
C LEU A 472 49.25 -11.89 2.82
N VAL A 473 49.59 -13.00 3.48
CA VAL A 473 49.99 -12.99 4.89
C VAL A 473 51.44 -13.43 5.07
N GLN A 474 51.77 -14.64 4.61
CA GLN A 474 53.02 -15.28 5.00
C GLN A 474 54.23 -14.52 4.46
N TYR A 475 54.24 -14.23 3.16
CA TYR A 475 55.42 -13.61 2.56
C TYR A 475 55.70 -12.22 3.12
N PRO A 476 54.73 -11.30 3.23
CA PRO A 476 55.05 -10.00 3.85
C PRO A 476 55.02 -10.08 5.37
N VAL A 477 55.50 -11.19 5.92
CA VAL A 477 55.82 -11.32 7.32
C VAL A 477 57.21 -11.92 7.42
N GLU A 478 57.42 -13.04 6.73
CA GLU A 478 58.65 -13.81 6.78
C GLU A 478 59.69 -13.33 5.77
N HIS A 479 59.36 -12.36 4.91
CA HIS A 479 60.28 -11.86 3.89
C HIS A 479 60.36 -10.35 4.03
N PRO A 480 61.09 -9.85 5.03
CA PRO A 480 61.22 -8.39 5.18
C PRO A 480 61.89 -7.71 3.99
N ASP A 481 62.77 -8.41 3.28
CA ASP A 481 63.49 -7.80 2.17
C ASP A 481 62.58 -7.45 1.00
N LYS A 482 61.46 -8.16 0.85
CA LYS A 482 60.55 -7.90 -0.25
C LYS A 482 59.58 -6.78 0.10
N PHE A 483 58.68 -6.48 -0.84
CA PHE A 483 57.56 -5.56 -0.65
C PHE A 483 58.00 -4.11 -0.52
N LEU A 484 59.27 -3.81 -0.70
CA LEU A 484 59.67 -2.43 -0.84
C LEU A 484 60.61 -2.21 -2.02
N LYS A 485 61.32 -3.26 -2.46
CA LYS A 485 62.09 -3.15 -3.69
C LYS A 485 61.18 -2.95 -4.89
N PHE A 486 60.06 -3.64 -4.92
CA PHE A 486 59.06 -3.49 -5.98
C PHE A 486 58.07 -2.37 -5.69
N GLY A 487 58.27 -1.63 -4.62
CA GLY A 487 57.37 -0.53 -4.30
C GLY A 487 56.18 -1.04 -3.54
N MET A 488 54.99 -0.66 -4.02
CA MET A 488 53.69 -1.12 -3.53
C MET A 488 53.58 -1.05 -2.00
N THR A 489 52.67 -1.82 -1.41
CA THR A 489 52.46 -1.80 0.03
C THR A 489 51.58 -2.98 0.42
N PRO A 490 51.85 -3.65 1.54
CA PRO A 490 51.00 -4.77 1.95
C PRO A 490 49.66 -4.29 2.45
N SER A 491 48.71 -5.23 2.50
CA SER A 491 47.35 -4.94 2.94
C SER A 491 47.28 -5.00 4.46
N LYS A 492 46.13 -4.63 5.02
CA LYS A 492 45.92 -4.75 6.46
C LYS A 492 44.70 -5.59 6.77
N GLY A 493 43.70 -5.56 5.89
CA GLY A 493 42.40 -6.13 6.20
C GLY A 493 41.95 -7.18 5.21
N VAL A 494 41.32 -8.22 5.74
CA VAL A 494 40.72 -9.30 4.95
C VAL A 494 39.34 -9.57 5.50
N LEU A 495 38.34 -9.60 4.62
CA LEU A 495 36.96 -9.87 5.01
C LEU A 495 36.58 -11.27 4.54
N PHE A 496 36.14 -12.09 5.49
CA PHE A 496 35.71 -13.46 5.19
C PHE A 496 34.18 -13.52 5.15
N TYR A 497 33.68 -14.26 4.17
CA TYR A 497 32.26 -14.29 3.88
C TYR A 497 31.90 -15.63 3.26
N GLY A 498 30.64 -16.01 3.40
CA GLY A 498 30.19 -17.28 2.87
C GLY A 498 29.14 -17.92 3.76
N PRO A 499 28.87 -19.20 3.53
CA PRO A 499 27.86 -19.91 4.32
C PRO A 499 28.27 -19.98 5.78
N PRO A 500 27.32 -19.87 6.71
CA PRO A 500 27.65 -20.00 8.12
C PRO A 500 28.11 -21.42 8.45
N GLY A 501 28.98 -21.53 9.44
CA GLY A 501 29.49 -22.82 9.86
C GLY A 501 30.62 -23.37 9.01
N CYS A 502 31.27 -22.52 8.21
CA CYS A 502 32.35 -22.99 7.35
C CYS A 502 33.70 -23.02 8.06
N GLY A 503 33.75 -22.61 9.33
CA GLY A 503 34.99 -22.64 10.08
C GLY A 503 35.90 -21.47 9.80
N LYS A 504 35.34 -20.28 9.62
CA LYS A 504 36.14 -19.10 9.32
C LYS A 504 37.09 -18.73 10.46
N THR A 505 36.64 -18.86 11.71
CA THR A 505 37.53 -18.56 12.83
C THR A 505 38.75 -19.47 12.83
N LEU A 506 38.53 -20.77 12.63
CA LEU A 506 39.64 -21.70 12.56
C LEU A 506 40.53 -21.46 11.34
N LEU A 507 39.94 -21.11 10.21
CA LEU A 507 40.74 -20.80 9.03
C LEU A 507 41.63 -19.58 9.28
N ALA A 508 41.11 -18.58 9.99
CA ALA A 508 41.91 -17.42 10.35
C ALA A 508 43.00 -17.75 11.37
N LYS A 509 42.73 -18.65 12.31
CA LYS A 509 43.75 -19.07 13.26
C LYS A 509 44.86 -19.87 12.58
N ALA A 510 44.52 -20.67 11.57
CA ALA A 510 45.49 -21.54 10.93
C ALA A 510 46.64 -20.77 10.28
N ILE A 511 46.38 -19.55 9.79
CA ILE A 511 47.43 -18.76 9.16
C ILE A 511 48.21 -17.93 10.17
N ALA A 512 47.61 -17.58 11.30
CA ALA A 512 48.27 -16.73 12.29
C ALA A 512 49.36 -17.43 13.07
N ASN A 513 49.26 -18.75 13.28
CA ASN A 513 50.28 -19.43 14.07
C ASN A 513 51.54 -19.73 13.28
N GLU A 514 51.46 -19.86 11.96
CA GLU A 514 52.62 -20.16 11.15
C GLU A 514 53.47 -18.94 10.82
N CYS A 515 52.99 -17.73 11.12
CA CYS A 515 53.77 -16.52 10.91
C CYS A 515 54.39 -16.02 12.22
N GLN A 516 54.40 -16.85 13.27
CA GLN A 516 54.96 -16.50 14.56
C GLN A 516 54.33 -15.22 15.12
N ALA A 517 53.01 -15.27 15.23
CA ALA A 517 52.23 -14.15 15.75
C ALA A 517 51.20 -14.68 16.72
N ASN A 518 50.81 -13.80 17.66
CA ASN A 518 49.77 -14.15 18.61
C ASN A 518 48.40 -13.97 17.96
N PHE A 519 47.34 -14.25 18.70
CA PHE A 519 45.99 -14.21 18.15
C PHE A 519 45.03 -13.77 19.24
N ILE A 520 44.16 -12.82 18.91
CA ILE A 520 43.08 -12.40 19.80
C ILE A 520 41.77 -12.60 19.05
N SER A 521 40.83 -13.31 19.69
CA SER A 521 39.56 -13.63 19.06
C SER A 521 38.49 -12.66 19.56
N ILE A 522 37.86 -11.95 18.64
CA ILE A 522 36.79 -11.02 18.96
C ILE A 522 35.53 -11.53 18.27
N LYS A 523 34.69 -12.23 19.00
CA LYS A 523 33.43 -12.70 18.45
C LYS A 523 32.39 -11.58 18.50
N GLY A 524 31.32 -11.77 17.74
CA GLY A 524 30.32 -10.74 17.55
C GLY A 524 29.65 -10.22 18.81
N PRO A 525 28.90 -11.07 19.52
CA PRO A 525 28.05 -10.56 20.61
C PRO A 525 28.82 -9.94 21.76
N GLU A 526 30.10 -10.26 21.94
CA GLU A 526 30.83 -9.68 23.07
C GLU A 526 31.16 -8.21 22.80
N LEU A 527 31.37 -7.84 21.55
CA LEU A 527 31.53 -6.42 21.23
C LEU A 527 30.19 -5.68 21.22
N LEU A 528 29.08 -6.41 21.29
CA LEU A 528 27.77 -5.79 21.40
C LEU A 528 27.32 -5.62 22.84
N THR A 529 27.68 -6.57 23.72
CA THR A 529 27.32 -6.45 25.13
C THR A 529 28.16 -5.39 25.83
N MET A 530 29.33 -5.06 25.29
CA MET A 530 30.17 -4.00 25.81
C MET A 530 29.82 -2.63 25.24
N TRP A 531 28.76 -2.55 24.42
CA TRP A 531 28.34 -1.31 23.81
C TRP A 531 27.46 -0.46 24.74
N PHE A 532 26.57 -1.10 25.50
CA PHE A 532 25.60 -0.42 26.35
C PHE A 532 24.77 0.51 25.45
N GLY A 533 24.39 1.69 25.96
CA GLY A 533 23.66 2.65 25.15
C GLY A 533 24.21 4.06 25.27
N GLU A 534 24.66 4.60 24.14
CA GLU A 534 25.15 5.97 24.04
C GLU A 534 26.42 6.20 24.86
N SER A 535 27.06 5.14 25.33
CA SER A 535 28.30 5.27 26.08
C SER A 535 29.05 3.95 26.04
N GLU A 536 30.17 3.92 25.32
CA GLU A 536 31.06 2.77 25.35
C GLU A 536 32.45 3.15 25.86
N ALA A 537 33.09 4.13 25.20
CA ALA A 537 34.39 4.68 25.60
C ALA A 537 35.44 3.59 25.82
N ASN A 538 35.29 2.46 25.14
CA ASN A 538 36.24 1.36 25.31
C ASN A 538 36.59 0.72 23.96
N VAL A 539 36.97 1.54 22.98
CA VAL A 539 37.40 1.03 21.69
C VAL A 539 38.90 1.25 21.49
N ARG A 540 39.39 2.44 21.88
CA ARG A 540 40.78 2.79 21.58
C ARG A 540 41.77 1.85 22.23
N GLU A 541 41.42 1.25 23.36
CA GLU A 541 42.35 0.41 24.09
C GLU A 541 42.35 -1.05 23.63
N ILE A 542 41.38 -1.45 22.81
CA ILE A 542 41.35 -2.85 22.36
C ILE A 542 42.23 -3.08 21.15
N PHE A 543 42.79 -2.02 20.55
CA PHE A 543 43.68 -2.15 19.42
C PHE A 543 45.15 -2.08 19.80
N ASP A 544 45.47 -1.44 20.93
CA ASP A 544 46.87 -1.31 21.34
C ASP A 544 47.44 -2.63 21.81
N LYS A 545 46.61 -3.52 22.37
CA LYS A 545 47.10 -4.82 22.80
C LYS A 545 47.63 -5.63 21.64
N ALA A 546 47.02 -5.50 20.47
CA ALA A 546 47.53 -6.13 19.26
C ALA A 546 48.77 -5.43 18.71
N ARG A 547 49.05 -4.21 19.15
CA ARG A 547 50.21 -3.47 18.72
C ARG A 547 51.44 -3.74 19.58
N GLN A 548 51.28 -3.78 20.90
CA GLN A 548 52.41 -4.13 21.75
C GLN A 548 52.83 -5.57 21.57
N ALA A 549 51.89 -6.46 21.25
CA ALA A 549 52.18 -7.87 21.05
C ALA A 549 52.50 -8.18 19.58
N ALA A 550 53.43 -7.44 19.01
CA ALA A 550 53.82 -7.67 17.63
C ALA A 550 54.77 -8.86 17.54
N PRO A 551 54.63 -9.72 16.51
CA PRO A 551 53.54 -9.68 15.52
C PRO A 551 52.23 -10.19 16.08
N CYS A 552 51.11 -9.71 15.55
CA CYS A 552 49.80 -10.16 16.00
C CYS A 552 48.83 -10.11 14.83
N VAL A 553 47.89 -11.05 14.84
CA VAL A 553 46.85 -11.14 13.82
C VAL A 553 45.51 -10.96 14.52
N LEU A 554 44.81 -9.88 14.21
CA LEU A 554 43.53 -9.60 14.82
C LEU A 554 42.39 -10.18 13.99
N PHE A 555 41.36 -10.65 14.67
CA PHE A 555 40.23 -11.30 14.00
C PHE A 555 38.92 -10.76 14.56
N PHE A 556 38.01 -10.41 13.65
CA PHE A 556 36.65 -9.99 14.00
C PHE A 556 35.71 -11.10 13.55
N ASP A 557 35.26 -11.91 14.50
CA ASP A 557 34.37 -13.01 14.19
C ASP A 557 32.94 -12.50 14.16
N GLU A 558 32.28 -12.71 13.02
CA GLU A 558 30.88 -12.36 12.91
C GLU A 558 30.71 -10.88 13.19
N LEU A 559 31.38 -10.06 12.38
CA LEU A 559 31.17 -8.62 12.34
C LEU A 559 29.72 -8.24 12.03
N ASP A 560 28.92 -9.18 11.51
CA ASP A 560 27.56 -8.88 11.08
C ASP A 560 26.62 -8.58 12.24
N SER A 561 27.05 -8.87 13.47
CA SER A 561 26.32 -8.55 14.69
C SER A 561 26.03 -7.06 14.84
N ILE A 562 26.97 -6.17 14.48
CA ILE A 562 26.71 -4.74 14.59
C ILE A 562 25.57 -4.34 13.65
N ALA A 563 25.58 -4.85 12.42
CA ALA A 563 24.48 -4.58 11.51
C ALA A 563 23.16 -5.16 12.02
N LYS A 564 23.23 -6.30 12.73
CA LYS A 564 22.02 -6.86 13.34
C LYS A 564 21.29 -5.83 14.20
N ALA A 565 22.02 -5.14 15.07
CA ALA A 565 21.38 -4.20 15.99
C ALA A 565 20.85 -2.95 15.29
N ARG A 566 21.57 -2.41 14.32
CA ARG A 566 21.11 -1.22 13.62
C ARG A 566 19.92 -1.51 12.72
N GLY A 567 20.03 -2.52 11.86
CA GLY A 567 18.92 -2.91 11.04
C GLY A 567 19.19 -4.21 10.31
N GLY A 568 18.28 -5.17 10.43
CA GLY A 568 18.44 -6.47 9.82
C GLY A 568 17.23 -6.86 8.98
N ASN A 569 17.42 -7.92 8.20
CA ASN A 569 16.37 -8.44 7.33
C ASN A 569 15.88 -7.36 6.38
N ILE A 570 14.84 -6.63 6.79
CA ILE A 570 14.33 -5.54 5.98
C ILE A 570 15.27 -4.34 6.05
N GLY A 571 15.65 -3.93 7.25
CA GLY A 571 16.53 -2.79 7.43
C GLY A 571 15.76 -1.50 7.66
N ASP A 572 16.51 -0.46 8.01
CA ASP A 572 15.94 0.86 8.26
C ASP A 572 15.79 1.60 6.93
N GLY A 573 15.40 2.88 7.01
CA GLY A 573 15.23 3.68 5.80
C GLY A 573 16.53 4.10 5.16
N GLY A 574 17.63 4.11 5.93
CA GLY A 574 18.92 4.50 5.41
C GLY A 574 19.96 3.40 5.53
N GLY A 575 21.23 3.79 5.52
CA GLY A 575 22.31 2.83 5.66
C GLY A 575 22.42 2.27 7.06
N ALA A 576 23.08 1.12 7.16
CA ALA A 576 23.27 0.43 8.44
C ALA A 576 24.62 0.83 9.04
N ALA A 577 24.79 2.14 9.22
CA ALA A 577 26.00 2.71 9.78
C ALA A 577 25.82 2.91 11.28
N ASP A 578 26.95 3.04 11.99
CA ASP A 578 26.90 3.20 13.44
C ASP A 578 28.11 3.99 13.92
N ARG A 579 27.92 4.61 15.09
CA ARG A 579 29.00 5.34 15.76
C ARG A 579 30.06 4.41 16.32
N VAL A 580 29.80 3.11 16.34
CA VAL A 580 30.84 2.15 16.69
C VAL A 580 31.56 1.61 15.46
N ILE A 581 30.96 1.76 14.28
CA ILE A 581 31.62 1.34 13.05
C ILE A 581 32.51 2.45 12.51
N ASN A 582 32.01 3.69 12.52
CA ASN A 582 32.82 4.78 11.99
C ASN A 582 34.08 4.99 12.83
N GLN A 583 33.98 4.86 14.15
CA GLN A 583 35.13 5.08 15.02
C GLN A 583 36.21 4.01 14.86
N ILE A 584 35.85 2.78 14.50
CA ILE A 584 36.85 1.76 14.27
C ILE A 584 37.44 1.87 12.86
N LEU A 585 36.61 2.22 11.86
CA LEU A 585 37.15 2.36 10.52
C LEU A 585 38.03 3.59 10.41
N THR A 586 37.80 4.61 11.23
CA THR A 586 38.72 5.74 11.29
C THR A 586 39.98 5.38 12.06
N GLU A 587 39.85 4.57 13.12
CA GLU A 587 41.02 4.19 13.90
C GLU A 587 41.98 3.32 13.12
N MET A 588 41.47 2.44 12.26
CA MET A 588 42.36 1.54 11.53
C MET A 588 43.10 2.26 10.40
N ASP A 589 42.77 3.52 10.11
CA ASP A 589 43.46 4.27 9.08
C ASP A 589 44.63 5.10 9.61
N GLY A 590 44.74 5.28 10.93
CA GLY A 590 45.82 6.08 11.47
C GLY A 590 47.14 5.35 11.51
N MET A 591 47.11 4.03 11.47
CA MET A 591 48.30 3.21 11.57
C MET A 591 49.11 3.30 10.29
N SER A 592 50.44 3.22 10.45
CA SER A 592 51.36 3.24 9.33
C SER A 592 51.35 1.88 8.65
N THR A 593 51.70 1.88 7.36
CA THR A 593 51.66 0.65 6.59
C THR A 593 52.76 -0.33 7.01
N LYS A 594 53.78 0.11 7.72
CA LYS A 594 54.91 -0.74 8.03
C LYS A 594 54.71 -1.54 9.31
N LYS A 595 53.66 -1.24 10.09
CA LYS A 595 53.31 -2.10 11.21
C LYS A 595 52.88 -3.47 10.72
N ASN A 596 53.11 -4.48 11.56
CA ASN A 596 52.80 -5.86 11.22
C ASN A 596 51.45 -6.31 11.74
N VAL A 597 50.64 -5.39 12.25
CA VAL A 597 49.30 -5.71 12.73
C VAL A 597 48.41 -6.04 11.54
N PHE A 598 47.67 -7.14 11.64
CA PHE A 598 46.78 -7.59 10.57
C PHE A 598 45.39 -7.80 11.15
N ILE A 599 44.40 -7.11 10.60
CA ILE A 599 43.02 -7.22 11.04
C ILE A 599 42.25 -8.05 10.01
N ILE A 600 41.45 -8.98 10.50
CA ILE A 600 40.68 -9.88 9.65
C ILE A 600 39.22 -9.84 10.08
N GLY A 601 38.33 -9.59 9.13
CA GLY A 601 36.92 -9.56 9.39
C GLY A 601 36.22 -10.80 8.86
N ALA A 602 35.09 -11.13 9.50
CA ALA A 602 34.31 -12.28 9.10
C ALA A 602 32.83 -11.94 9.18
N THR A 603 32.07 -12.39 8.19
CA THR A 603 30.64 -12.13 8.14
C THR A 603 29.97 -13.31 7.44
N ASN A 604 28.64 -13.29 7.43
CA ASN A 604 27.86 -14.36 6.80
C ASN A 604 26.83 -13.83 5.81
N ARG A 605 26.56 -12.53 5.82
CA ARG A 605 25.57 -11.93 4.93
C ARG A 605 26.16 -10.67 4.30
N PRO A 606 27.11 -10.83 3.36
CA PRO A 606 27.87 -9.68 2.84
C PRO A 606 27.12 -8.87 1.79
N ASP A 607 25.93 -8.38 2.17
CA ASP A 607 25.17 -7.51 1.29
C ASP A 607 24.61 -6.32 2.06
N ILE A 608 24.68 -6.37 3.38
CA ILE A 608 24.13 -5.31 4.23
C ILE A 608 25.21 -4.51 4.95
N ILE A 609 26.48 -4.92 4.86
CA ILE A 609 27.55 -4.17 5.48
C ILE A 609 27.86 -2.94 4.64
N ASP A 610 28.18 -1.84 5.31
CA ASP A 610 28.47 -0.59 4.61
C ASP A 610 29.72 -0.75 3.75
N PRO A 611 29.76 -0.14 2.56
CA PRO A 611 31.00 -0.17 1.77
C PRO A 611 32.05 0.76 2.34
N ALA A 612 31.68 1.48 3.40
CA ALA A 612 32.63 2.41 4.03
C ALA A 612 33.86 1.70 4.53
N ILE A 613 33.70 0.55 5.18
CA ILE A 613 34.86 -0.25 5.56
C ILE A 613 35.41 -1.06 4.38
N LEU A 614 34.60 -1.27 3.35
CA LEU A 614 35.05 -1.93 2.13
C LEU A 614 35.76 -0.97 1.17
N ARG A 615 36.13 0.21 1.65
CA ARG A 615 36.81 1.17 0.80
C ARG A 615 38.18 0.64 0.38
N PRO A 616 38.68 1.03 -0.78
CA PRO A 616 40.00 0.54 -1.23
C PRO A 616 41.14 1.11 -0.43
N GLY A 617 41.48 0.44 0.67
CA GLY A 617 42.50 0.93 1.59
C GLY A 617 42.25 0.52 3.02
N ARG A 618 41.05 -0.02 3.29
CA ARG A 618 40.77 -0.67 4.57
C ARG A 618 40.50 -2.15 4.39
N LEU A 619 39.53 -2.53 3.57
CA LEU A 619 39.25 -3.93 3.25
C LEU A 619 39.33 -4.09 1.73
N ASP A 620 40.53 -4.34 1.24
CA ASP A 620 40.77 -4.40 -0.20
C ASP A 620 40.48 -5.81 -0.74
N GLN A 621 41.18 -6.81 -0.21
CA GLN A 621 41.02 -8.17 -0.69
C GLN A 621 39.77 -8.81 -0.09
N LEU A 622 38.98 -9.44 -0.96
CA LEU A 622 37.78 -10.17 -0.55
C LEU A 622 38.00 -11.64 -0.84
N ILE A 623 37.85 -12.48 0.18
CA ILE A 623 38.14 -13.91 0.08
C ILE A 623 36.88 -14.69 0.44
N TYR A 624 36.53 -15.66 -0.40
CA TYR A 624 35.33 -16.44 -0.23
C TYR A 624 35.67 -17.80 0.35
N ILE A 625 34.88 -18.26 1.31
CA ILE A 625 35.07 -19.57 1.90
C ILE A 625 34.00 -20.51 1.37
N PRO A 626 34.35 -21.43 0.46
CA PRO A 626 33.34 -22.33 -0.08
C PRO A 626 33.04 -23.49 0.85
N LEU A 627 32.17 -24.40 0.42
CA LEU A 627 31.86 -25.57 1.21
C LEU A 627 33.08 -26.48 1.27
N PRO A 628 33.27 -27.18 2.39
CA PRO A 628 34.42 -28.09 2.52
C PRO A 628 34.38 -29.20 1.47
N ASP A 629 35.54 -29.53 0.93
CA ASP A 629 35.66 -30.57 -0.09
C ASP A 629 35.98 -31.90 0.58
N GLU A 630 36.33 -32.91 -0.23
CA GLU A 630 36.61 -34.24 0.30
C GLU A 630 37.80 -34.24 1.26
N LYS A 631 38.89 -33.55 0.89
CA LYS A 631 40.10 -33.59 1.71
C LYS A 631 39.89 -32.95 3.06
N SER A 632 39.03 -31.93 3.14
CA SER A 632 38.72 -31.32 4.42
C SER A 632 37.66 -32.10 5.19
N ARG A 633 36.71 -32.72 4.48
CA ARG A 633 35.70 -33.52 5.15
C ARG A 633 36.32 -34.71 5.87
N VAL A 634 37.29 -35.39 5.24
CA VAL A 634 37.96 -36.49 5.92
C VAL A 634 38.77 -35.98 7.11
N ALA A 635 39.36 -34.80 6.98
CA ALA A 635 40.21 -34.26 8.05
C ALA A 635 39.41 -33.85 9.28
N ILE A 636 38.24 -33.24 9.10
CA ILE A 636 37.43 -32.82 10.25
C ILE A 636 37.04 -34.03 11.09
N LEU A 637 36.71 -35.14 10.45
CA LEU A 637 36.37 -36.36 11.19
C LEU A 637 37.56 -36.94 11.93
N LYS A 638 38.76 -36.92 11.34
CA LYS A 638 39.96 -37.38 12.03
C LYS A 638 40.40 -36.42 13.13
N ALA A 639 39.81 -35.22 13.19
CA ALA A 639 40.18 -34.22 14.17
C ALA A 639 39.21 -34.11 15.34
N ASN A 640 37.91 -34.28 15.10
CA ASN A 640 36.95 -34.05 16.18
C ASN A 640 36.78 -35.26 17.09
N LEU A 641 37.44 -36.38 16.77
CA LEU A 641 37.41 -37.57 17.61
C LEU A 641 38.81 -38.03 18.01
N ARG A 642 39.77 -37.09 18.03
CA ARG A 642 41.16 -37.43 18.29
C ARG A 642 41.37 -38.03 19.68
N LYS A 643 40.46 -37.80 20.62
CA LYS A 643 40.59 -38.30 21.99
C LYS A 643 39.59 -39.39 22.31
N SER A 644 39.12 -40.12 21.30
CA SER A 644 38.16 -41.18 21.51
C SER A 644 38.73 -42.51 21.01
N PRO A 645 38.47 -43.61 21.72
CA PRO A 645 38.97 -44.93 21.27
C PRO A 645 38.11 -45.52 20.17
N VAL A 646 38.22 -44.94 18.97
CA VAL A 646 37.44 -45.40 17.83
C VAL A 646 38.11 -46.64 17.24
N ALA A 647 37.32 -47.69 17.04
CA ALA A 647 37.85 -48.92 16.49
C ALA A 647 38.22 -48.75 15.02
N LYS A 648 39.03 -49.69 14.53
CA LYS A 648 39.50 -49.65 13.15
C LYS A 648 38.51 -50.24 12.17
N ASP A 649 37.38 -50.78 12.65
CA ASP A 649 36.40 -51.36 11.75
C ASP A 649 35.75 -50.30 10.86
N VAL A 650 35.68 -49.06 11.32
CA VAL A 650 35.07 -47.98 10.56
C VAL A 650 36.07 -47.48 9.52
N ASP A 651 35.57 -46.72 8.54
CA ASP A 651 36.40 -46.16 7.49
C ASP A 651 36.19 -44.65 7.47
N LEU A 652 37.30 -43.90 7.53
CA LEU A 652 37.20 -42.44 7.58
C LEU A 652 36.83 -41.86 6.23
N GLU A 653 37.43 -42.35 5.15
CA GLU A 653 37.13 -41.85 3.82
C GLU A 653 35.71 -42.17 3.38
N PHE A 654 35.16 -43.29 3.84
CA PHE A 654 33.83 -43.71 3.44
C PHE A 654 32.77 -42.70 3.85
N LEU A 655 32.85 -42.20 5.09
CA LEU A 655 31.91 -41.18 5.54
C LEU A 655 31.94 -39.93 4.67
N ALA A 656 33.14 -39.42 4.37
CA ALA A 656 33.24 -38.29 3.46
C ALA A 656 32.76 -38.63 2.06
N LYS A 657 32.79 -39.91 1.69
CA LYS A 657 32.27 -40.30 0.38
C LYS A 657 30.76 -40.09 0.28
N MET A 658 29.99 -40.49 1.30
CA MET A 658 28.57 -40.14 1.24
C MET A 658 28.35 -38.65 1.46
N THR A 659 29.04 -38.05 2.43
CA THR A 659 28.78 -36.67 2.80
C THR A 659 29.32 -35.74 1.73
N ASN A 660 28.41 -35.07 1.02
CA ASN A 660 28.82 -34.14 -0.03
C ASN A 660 28.29 -32.74 0.23
N GLY A 661 27.00 -32.61 0.55
CA GLY A 661 26.38 -31.31 0.72
C GLY A 661 26.15 -30.92 2.16
N PHE A 662 27.12 -31.20 3.03
CA PHE A 662 27.02 -30.89 4.44
C PHE A 662 28.14 -29.92 4.83
N SER A 663 27.85 -29.07 5.81
CA SER A 663 28.81 -28.08 6.27
C SER A 663 29.49 -28.58 7.54
N GLY A 664 30.44 -27.80 8.06
CA GLY A 664 31.22 -28.22 9.21
C GLY A 664 30.38 -28.50 10.43
N ALA A 665 29.33 -27.71 10.66
CA ALA A 665 28.43 -27.97 11.77
C ALA A 665 27.76 -29.33 11.64
N ASP A 666 27.28 -29.67 10.44
CA ASP A 666 26.69 -30.99 10.22
C ASP A 666 27.71 -32.10 10.43
N LEU A 667 28.92 -31.95 9.87
CA LEU A 667 29.93 -32.97 10.03
C LEU A 667 30.29 -33.19 11.50
N THR A 668 30.32 -32.12 12.29
CA THR A 668 30.59 -32.26 13.71
C THR A 668 29.43 -32.90 14.46
N GLU A 669 28.20 -32.48 14.15
CA GLU A 669 27.06 -32.99 14.91
C GLU A 669 26.78 -34.44 14.59
N ILE A 670 27.16 -34.92 13.40
CA ILE A 670 27.08 -36.35 13.12
C ILE A 670 27.93 -37.14 14.11
N CYS A 671 29.19 -36.73 14.27
CA CYS A 671 30.07 -37.42 15.21
C CYS A 671 29.58 -37.26 16.64
N GLN A 672 29.03 -36.08 16.97
CA GLN A 672 28.46 -35.88 18.29
C GLN A 672 27.33 -36.87 18.56
N ARG A 673 26.43 -37.05 17.61
CA ARG A 673 25.34 -38.00 17.77
C ARG A 673 25.85 -39.43 17.88
N ALA A 674 26.82 -39.81 17.04
CA ALA A 674 27.36 -41.15 17.11
C ALA A 674 28.00 -41.44 18.47
N CYS A 675 28.81 -40.51 18.97
CA CYS A 675 29.40 -40.67 20.29
C CYS A 675 28.34 -40.69 21.38
N LYS A 676 27.30 -39.86 21.25
CA LYS A 676 26.26 -39.82 22.26
C LYS A 676 25.49 -41.12 22.34
N LEU A 677 25.21 -41.76 21.19
CA LEU A 677 24.52 -43.05 21.25
C LEU A 677 25.44 -44.15 21.73
N ALA A 678 26.73 -44.12 21.34
CA ALA A 678 27.66 -45.14 21.82
C ALA A 678 27.84 -45.07 23.33
N ILE A 679 27.97 -43.86 23.88
CA ILE A 679 28.15 -43.71 25.33
C ILE A 679 26.93 -44.17 26.11
N ARG A 680 25.75 -44.19 25.50
CA ARG A 680 24.58 -44.68 26.22
C ARG A 680 24.57 -46.21 26.29
N GLU A 681 24.82 -46.88 25.18
CA GLU A 681 24.89 -48.34 25.22
C GLU A 681 26.06 -48.83 26.05
N SER A 682 27.14 -48.05 26.14
CA SER A 682 28.25 -48.44 27.02
C SER A 682 27.80 -48.55 28.46
N ILE A 683 27.02 -47.58 28.94
CA ILE A 683 26.50 -47.65 30.30
C ILE A 683 25.40 -48.70 30.41
N GLU A 684 24.56 -48.83 29.37
CA GLU A 684 23.45 -49.77 29.43
C GLU A 684 23.94 -51.21 29.52
N SER A 685 25.09 -51.52 28.92
CA SER A 685 25.63 -52.87 28.99
C SER A 685 26.10 -53.24 30.38
N GLU A 686 26.20 -52.28 31.31
CA GLU A 686 26.69 -52.58 32.65
C GLU A 686 25.65 -53.30 33.50
N ILE A 687 24.38 -53.24 33.13
CA ILE A 687 23.33 -53.88 33.92
C ILE A 687 23.34 -55.39 33.69
N VAL A 708 35.32 -53.67 24.91
CA VAL A 708 33.89 -53.43 24.80
C VAL A 708 33.55 -51.95 24.60
N PRO A 709 34.12 -51.03 25.42
CA PRO A 709 33.82 -49.60 25.21
C PRO A 709 34.52 -49.04 23.99
N GLU A 710 33.96 -49.30 22.80
CA GLU A 710 34.52 -48.79 21.56
C GLU A 710 33.39 -48.46 20.60
N ILE A 711 33.68 -47.57 19.66
CA ILE A 711 32.70 -47.14 18.67
C ILE A 711 32.76 -48.08 17.48
N ARG A 712 31.61 -48.65 17.11
CA ARG A 712 31.53 -49.59 16.00
C ARG A 712 30.99 -48.88 14.76
N ARG A 713 30.87 -49.62 13.66
CA ARG A 713 30.35 -49.06 12.42
C ARG A 713 28.88 -48.66 12.53
N ASP A 714 28.06 -49.50 13.17
CA ASP A 714 26.64 -49.17 13.31
C ASP A 714 26.43 -47.87 14.07
N HIS A 715 27.34 -47.52 14.99
CA HIS A 715 27.22 -46.27 15.73
C HIS A 715 27.23 -45.07 14.80
N PHE A 716 28.14 -45.06 13.82
CA PHE A 716 28.11 -44.03 12.79
C PHE A 716 26.92 -44.21 11.85
N GLU A 717 26.50 -45.46 11.63
CA GLU A 717 25.38 -45.70 10.72
C GLU A 717 24.08 -45.06 11.21
N GLU A 718 23.79 -45.16 12.52
CA GLU A 718 22.58 -44.49 13.00
C GLU A 718 22.67 -42.98 12.82
N ALA A 719 23.83 -42.40 13.14
CA ALA A 719 24.02 -40.97 12.96
C ALA A 719 23.92 -40.55 11.50
N MET A 720 24.21 -41.45 10.56
CA MET A 720 24.10 -41.13 9.15
C MET A 720 22.67 -40.78 8.75
N ARG A 721 21.70 -41.55 9.25
CA ARG A 721 20.32 -41.38 8.79
C ARG A 721 19.67 -40.14 9.39
N PHE A 722 20.05 -39.75 10.60
CA PHE A 722 19.48 -38.57 11.24
C PHE A 722 20.19 -37.29 10.83
N ALA A 723 20.91 -37.29 9.71
CA ALA A 723 21.62 -36.12 9.25
C ALA A 723 20.66 -35.08 8.69
N ARG A 724 20.96 -33.82 8.94
CA ARG A 724 20.22 -32.69 8.38
C ARG A 724 21.19 -31.77 7.63
N ARG A 725 20.63 -30.76 6.98
CA ARG A 725 21.40 -29.79 6.21
C ARG A 725 21.36 -28.46 6.94
N SER A 726 22.53 -27.97 7.35
CA SER A 726 22.59 -26.69 8.06
C SER A 726 22.16 -25.54 7.15
N VAL A 727 22.59 -25.57 5.88
CA VAL A 727 22.26 -24.52 4.93
C VAL A 727 21.32 -25.09 3.87
N SER A 728 20.53 -24.20 3.29
CA SER A 728 19.63 -24.57 2.19
C SER A 728 20.38 -24.53 0.87
N ASP A 729 19.64 -24.60 -0.24
CA ASP A 729 20.24 -24.50 -1.56
C ASP A 729 20.20 -23.10 -2.16
N ASN A 730 19.11 -22.36 -1.97
CA ASN A 730 18.99 -21.05 -2.61
C ASN A 730 20.05 -20.08 -2.11
N ASP A 731 20.39 -20.12 -0.83
CA ASP A 731 21.44 -19.25 -0.30
C ASP A 731 22.81 -19.60 -0.84
N ILE A 732 23.02 -20.83 -1.29
CA ILE A 732 24.33 -21.19 -1.85
C ILE A 732 24.61 -20.36 -3.10
N ARG A 733 23.80 -20.54 -4.15
CA ARG A 733 24.00 -19.74 -5.36
C ARG A 733 23.99 -18.26 -5.07
N LYS A 734 23.27 -17.82 -4.03
CA LYS A 734 23.43 -16.45 -3.57
C LYS A 734 24.86 -16.16 -3.14
N TYR A 735 25.50 -17.09 -2.43
CA TYR A 735 26.88 -16.87 -2.01
C TYR A 735 27.87 -16.90 -3.17
N GLU A 736 27.76 -17.85 -4.10
CA GLU A 736 28.75 -17.81 -5.19
C GLU A 736 28.29 -16.94 -6.36
N MET A 737 27.24 -16.14 -6.21
CA MET A 737 27.03 -15.10 -7.21
C MET A 737 27.68 -13.78 -6.78
N PHE A 738 27.99 -13.62 -5.49
CA PHE A 738 28.78 -12.48 -5.03
C PHE A 738 30.28 -12.70 -5.21
N ALA A 739 30.72 -13.93 -5.44
CA ALA A 739 32.14 -14.23 -5.51
C ALA A 739 32.79 -13.71 -6.78
N GLN A 740 32.16 -13.92 -7.94
CA GLN A 740 32.77 -13.53 -9.20
C GLN A 740 32.51 -12.06 -9.51
N THR A 741 31.36 -11.54 -9.09
CA THR A 741 30.99 -10.15 -9.30
C THR A 741 30.84 -9.47 -7.94
N LEU A 742 31.93 -8.91 -7.45
CA LEU A 742 31.92 -8.20 -6.17
C LEU A 742 32.47 -6.79 -6.25
N GLN A 743 33.37 -6.51 -7.18
CA GLN A 743 33.91 -5.16 -7.32
C GLN A 743 32.85 -4.17 -7.77
N GLN A 744 31.75 -4.64 -8.35
CA GLN A 744 30.67 -3.76 -8.78
C GLN A 744 29.92 -3.15 -7.60
N SER A 745 29.91 -3.82 -6.45
CA SER A 745 29.21 -3.30 -5.27
C SER A 745 30.00 -2.23 -4.54
N ARG A 746 31.26 -2.02 -4.89
CA ARG A 746 32.08 -1.00 -4.23
C ARG A 746 31.70 0.39 -4.76
N GLY A 747 31.29 1.28 -3.87
CA GLY A 747 30.89 2.62 -4.22
C GLY A 747 29.40 2.79 -4.43
N PHE A 748 28.66 1.70 -4.62
CA PHE A 748 27.22 1.77 -4.82
C PHE A 748 26.53 0.52 -4.27
N ASN B 1 75.07 58.77 8.48
CA ASN B 1 74.68 57.96 9.63
C ASN B 1 75.55 56.71 9.71
N ARG B 2 76.72 56.76 9.06
CA ARG B 2 77.67 55.65 9.02
C ARG B 2 76.98 54.38 8.54
N PRO B 3 76.65 54.27 7.25
CA PRO B 3 75.90 53.10 6.78
C PRO B 3 76.72 51.82 6.84
N ASN B 4 77.00 51.36 8.06
CA ASN B 4 77.70 50.10 8.27
C ASN B 4 77.03 49.24 9.34
N ARG B 5 76.02 49.76 10.03
CA ARG B 5 75.33 49.00 11.06
C ARG B 5 74.44 47.95 10.42
N LEU B 6 74.47 46.74 10.96
CA LEU B 6 73.67 45.63 10.47
C LEU B 6 72.85 45.04 11.61
N ILE B 7 71.65 44.58 11.28
CA ILE B 7 70.77 43.98 12.27
C ILE B 7 71.11 42.51 12.42
N VAL B 8 71.17 42.05 13.67
CA VAL B 8 71.54 40.68 13.99
C VAL B 8 70.37 39.76 13.70
N ASP B 9 70.66 38.64 13.05
CA ASP B 9 69.65 37.62 12.77
C ASP B 9 70.32 36.25 12.77
N GLU B 10 69.53 35.23 13.09
CA GLU B 10 70.05 33.87 13.15
C GLU B 10 70.41 33.38 11.75
N ALA B 11 71.41 32.49 11.70
CA ALA B 11 71.87 31.91 10.44
C ALA B 11 71.17 30.59 10.17
N ILE B 12 71.10 30.23 8.89
CA ILE B 12 70.46 29.00 8.47
C ILE B 12 71.45 27.88 8.20
N ASN B 13 72.74 28.18 8.08
CA ASN B 13 73.74 27.16 7.80
C ASN B 13 74.04 26.36 9.07
N GLU B 14 74.05 25.04 8.94
CA GLU B 14 74.32 24.14 10.07
C GLU B 14 75.80 23.77 10.08
N ASP B 15 76.62 24.73 10.47
CA ASP B 15 78.07 24.54 10.46
C ASP B 15 78.77 25.35 11.54
N ASN B 16 80.08 25.51 11.40
CA ASN B 16 80.89 26.28 12.33
C ASN B 16 80.74 27.77 12.03
N SER B 17 81.65 28.60 12.54
CA SER B 17 81.51 30.05 12.49
C SER B 17 81.67 30.49 11.04
N VAL B 18 80.53 30.63 10.36
CA VAL B 18 80.46 31.19 9.01
C VAL B 18 79.28 32.15 8.97
N VAL B 19 79.52 33.38 8.54
CA VAL B 19 78.50 34.42 8.49
C VAL B 19 78.19 34.70 7.03
N SER B 20 76.91 34.68 6.68
CA SER B 20 76.45 34.92 5.31
C SER B 20 75.98 36.36 5.16
N LEU B 21 76.19 36.92 3.97
CA LEU B 21 75.75 38.28 3.67
C LEU B 21 75.07 38.33 2.30
N SER B 22 74.83 39.55 1.80
CA SER B 22 74.16 39.74 0.53
C SER B 22 75.16 40.25 -0.51
N GLN B 23 74.68 40.54 -1.71
CA GLN B 23 75.52 40.93 -2.83
C GLN B 23 75.91 42.42 -2.81
N PRO B 24 74.97 43.36 -2.57
CA PRO B 24 75.40 44.77 -2.51
C PRO B 24 76.41 45.05 -1.41
N LYS B 25 76.27 44.41 -0.24
CA LYS B 25 77.24 44.54 0.83
C LYS B 25 78.59 43.96 0.45
N MET B 26 78.62 43.01 -0.49
CA MET B 26 79.85 42.43 -0.98
C MET B 26 80.74 43.49 -1.64
N ASP B 27 80.18 44.27 -2.54
CA ASP B 27 80.93 45.31 -3.23
C ASP B 27 80.98 46.63 -2.47
N GLU B 28 80.10 46.83 -1.48
CA GLU B 28 80.14 48.07 -0.71
C GLU B 28 81.40 48.17 0.15
N LEU B 29 81.85 47.04 0.70
CA LEU B 29 83.00 47.02 1.60
C LEU B 29 84.25 46.44 0.94
N GLN B 30 84.27 46.41 -0.40
CA GLN B 30 85.40 45.96 -1.22
C GLN B 30 86.12 44.74 -0.63
N LEU B 31 85.38 43.72 -0.24
CA LEU B 31 85.95 42.50 0.31
C LEU B 31 85.70 41.34 -0.66
N PHE B 32 86.67 40.42 -0.71
CA PHE B 32 86.63 39.33 -1.66
C PHE B 32 85.90 38.12 -1.08
N ARG B 33 85.86 37.02 -1.83
CA ARG B 33 85.14 35.83 -1.40
C ARG B 33 85.76 35.21 -0.16
N GLY B 34 87.03 34.82 -0.24
CA GLY B 34 87.73 34.32 0.92
C GLY B 34 88.71 35.33 1.48
N ASP B 35 88.33 35.97 2.57
CA ASP B 35 89.15 37.00 3.21
C ASP B 35 88.89 36.99 4.71
N THR B 36 89.83 37.56 5.46
CA THR B 36 89.72 37.68 6.90
C THR B 36 88.95 38.95 7.24
N VAL B 37 87.78 38.79 7.84
CA VAL B 37 86.92 39.91 8.19
C VAL B 37 87.04 40.18 9.69
N LEU B 38 86.78 41.42 10.07
CA LEU B 38 86.89 41.85 11.47
C LEU B 38 85.53 42.26 11.99
N LEU B 39 85.19 41.76 13.17
CA LEU B 39 83.92 42.06 13.83
C LEU B 39 84.18 42.75 15.16
N LYS B 40 83.44 43.81 15.42
CA LYS B 40 83.56 44.58 16.65
C LYS B 40 82.22 44.58 17.39
N GLY B 41 82.28 44.39 18.70
CA GLY B 41 81.09 44.38 19.51
C GLY B 41 81.24 45.20 20.77
N LYS B 42 80.40 44.94 21.77
CA LYS B 42 80.45 45.66 23.03
C LYS B 42 81.31 44.90 24.04
N LYS B 43 81.47 45.47 25.23
CA LYS B 43 82.32 44.98 26.31
C LYS B 43 83.79 44.90 25.93
N ARG B 44 84.18 45.54 24.82
CA ARG B 44 85.57 45.59 24.37
C ARG B 44 86.15 44.19 24.20
N ARG B 45 85.58 43.48 23.23
CA ARG B 45 86.04 42.14 22.87
C ARG B 45 86.15 42.04 21.36
N GLU B 46 87.03 41.17 20.90
CA GLU B 46 87.33 40.99 19.48
C GLU B 46 87.00 39.56 19.08
N ALA B 47 86.31 39.41 17.96
CA ALA B 47 85.97 38.10 17.41
C ALA B 47 86.16 38.12 15.90
N VAL B 48 86.57 36.97 15.36
CA VAL B 48 86.83 36.83 13.93
C VAL B 48 85.90 35.76 13.37
N CYS B 49 85.63 35.87 12.07
CA CYS B 49 84.79 34.91 11.36
C CYS B 49 85.08 35.01 9.88
N ILE B 50 84.26 34.35 9.07
CA ILE B 50 84.42 34.30 7.62
C ILE B 50 83.12 34.73 6.97
N VAL B 51 83.21 35.64 6.00
CA VAL B 51 82.04 36.14 5.28
C VAL B 51 81.73 35.19 4.13
N LEU B 52 80.47 34.77 4.04
CA LEU B 52 80.00 33.89 2.98
C LEU B 52 79.05 34.67 2.07
N SER B 53 79.11 34.36 0.78
CA SER B 53 78.31 35.06 -0.22
C SER B 53 76.99 34.33 -0.48
N ASP B 54 75.91 35.09 -0.59
CA ASP B 54 74.60 34.54 -0.85
C ASP B 54 73.81 35.49 -1.73
N ASP B 55 72.99 34.92 -2.61
CA ASP B 55 72.13 35.70 -3.50
C ASP B 55 70.65 35.44 -3.25
N THR B 56 70.25 34.17 -3.15
CA THR B 56 68.88 33.81 -2.82
C THR B 56 68.68 34.06 -1.33
N CYS B 57 68.33 35.29 -0.98
CA CYS B 57 68.26 35.68 0.43
C CYS B 57 67.22 36.78 0.64
N SER B 58 67.28 37.45 1.79
CA SER B 58 66.39 38.58 2.06
C SER B 58 67.02 39.88 1.57
N ASP B 59 66.36 41.01 1.80
CA ASP B 59 66.79 42.27 1.24
C ASP B 59 68.06 42.80 1.91
N GLU B 60 68.03 43.00 3.22
CA GLU B 60 69.18 43.57 3.91
C GLU B 60 69.24 43.12 5.37
N LYS B 61 70.08 42.12 5.65
CA LYS B 61 70.29 41.63 7.00
C LYS B 61 71.50 40.71 6.99
N ILE B 62 72.07 40.51 8.18
CA ILE B 62 73.22 39.63 8.34
C ILE B 62 72.75 38.33 8.99
N ARG B 63 73.54 37.27 8.81
CA ARG B 63 73.21 35.94 9.28
C ARG B 63 74.23 35.56 10.35
N MET B 64 73.82 35.72 11.61
CA MET B 64 74.73 35.70 12.76
C MET B 64 74.55 34.37 13.49
N ASN B 65 75.59 33.54 13.46
CA ASN B 65 75.48 32.20 14.01
C ASN B 65 75.67 32.20 15.53
N ARG B 66 75.15 31.16 16.17
CA ARG B 66 75.18 31.07 17.62
C ARG B 66 76.56 30.73 18.18
N VAL B 67 77.46 30.19 17.36
CA VAL B 67 78.77 29.78 17.86
C VAL B 67 79.58 30.99 18.32
N VAL B 68 79.53 32.08 17.54
CA VAL B 68 80.23 33.31 17.93
C VAL B 68 79.28 34.36 18.49
N ARG B 69 77.97 34.10 18.52
CA ARG B 69 77.06 34.97 19.25
C ARG B 69 77.41 35.01 20.73
N ASN B 70 77.71 33.85 21.31
CA ASN B 70 78.21 33.80 22.68
C ASN B 70 79.61 34.35 22.81
N ASN B 71 80.41 34.31 21.74
CA ASN B 71 81.76 34.87 21.79
C ASN B 71 81.72 36.40 21.89
N LEU B 72 80.87 37.03 21.09
CA LEU B 72 80.77 38.49 21.09
C LEU B 72 79.69 39.02 22.03
N ARG B 73 78.98 38.14 22.74
CA ARG B 73 77.93 38.52 23.67
C ARG B 73 76.86 39.37 22.99
N VAL B 74 76.50 39.00 21.77
CA VAL B 74 75.48 39.69 20.98
C VAL B 74 74.31 38.74 20.77
N ARG B 75 73.11 39.21 21.09
CA ARG B 75 71.89 38.42 20.97
C ARG B 75 71.08 38.92 19.78
N LEU B 76 69.92 38.31 19.57
CA LEU B 76 69.04 38.67 18.48
C LEU B 76 68.39 40.02 18.75
N GLY B 77 68.39 40.88 17.73
CA GLY B 77 67.80 42.20 17.86
C GLY B 77 68.77 43.31 18.18
N ASP B 78 70.05 43.01 18.35
CA ASP B 78 71.06 44.01 18.65
C ASP B 78 71.66 44.53 17.34
N VAL B 79 72.77 45.27 17.44
CA VAL B 79 73.45 45.81 16.27
C VAL B 79 74.85 45.22 16.21
N ILE B 80 75.34 45.03 14.98
CA ILE B 80 76.67 44.47 14.74
C ILE B 80 77.39 45.36 13.75
N SER B 81 78.66 45.64 14.02
CA SER B 81 79.51 46.45 13.16
C SER B 81 80.51 45.55 12.46
N ILE B 82 80.62 45.70 11.14
CA ILE B 82 81.51 44.88 10.33
C ILE B 82 82.43 45.81 9.53
N GLN B 83 83.66 45.35 9.32
CA GLN B 83 84.65 46.11 8.56
C GLN B 83 85.70 45.14 8.03
N PRO B 84 86.22 45.36 6.83
CA PRO B 84 87.25 44.46 6.30
C PRO B 84 88.57 44.63 7.03
N CYS B 85 89.37 43.57 6.98
CA CYS B 85 90.70 43.56 7.60
C CYS B 85 91.64 42.73 6.75
N PRO B 86 92.20 43.32 5.69
CA PRO B 86 93.12 42.58 4.80
C PRO B 86 94.52 42.45 5.40
N ASP B 87 94.61 41.67 6.48
CA ASP B 87 95.87 41.43 7.18
C ASP B 87 96.28 39.97 6.99
N VAL B 88 97.51 39.77 6.54
CA VAL B 88 98.02 38.42 6.31
C VAL B 88 98.44 37.82 7.65
N LYS B 89 97.83 36.69 8.01
CA LYS B 89 98.11 35.99 9.25
C LYS B 89 98.48 34.55 8.96
N TYR B 90 99.39 34.02 9.78
CA TYR B 90 99.85 32.65 9.64
C TYR B 90 99.92 32.01 11.02
N GLY B 91 99.40 30.80 11.16
CA GLY B 91 99.39 30.11 12.44
C GLY B 91 100.56 29.15 12.58
N LYS B 92 101.22 29.23 13.73
CA LYS B 92 102.34 28.34 14.02
C LYS B 92 102.13 27.57 15.32
N ARG B 93 101.59 28.24 16.35
CA ARG B 93 101.46 27.65 17.67
C ARG B 93 100.11 28.02 18.26
N ILE B 94 99.34 27.01 18.66
CA ILE B 94 98.06 27.20 19.32
C ILE B 94 97.98 26.25 20.50
N HIS B 95 97.51 26.76 21.64
CA HIS B 95 97.38 25.99 22.87
C HIS B 95 95.94 26.02 23.34
N VAL B 96 95.35 24.83 23.55
CA VAL B 96 93.98 24.71 24.02
C VAL B 96 93.93 23.69 25.14
N LEU B 97 93.04 23.93 26.11
CA LEU B 97 92.86 23.03 27.25
C LEU B 97 91.37 23.01 27.60
N PRO B 98 90.81 21.83 27.85
CA PRO B 98 89.40 21.73 28.23
C PRO B 98 89.20 22.11 29.69
N ILE B 99 87.94 22.07 30.11
CA ILE B 99 87.55 22.39 31.49
C ILE B 99 87.02 21.13 32.14
N ASP B 100 87.33 20.94 33.42
CA ASP B 100 87.01 19.72 34.14
C ASP B 100 85.56 19.66 34.61
N ASP B 101 84.69 20.51 34.05
CA ASP B 101 83.28 20.50 34.42
C ASP B 101 82.43 19.63 33.50
N THR B 102 82.94 19.25 32.32
CA THR B 102 82.15 18.45 31.40
C THR B 102 82.97 17.35 30.72
N VAL B 103 84.13 16.99 31.27
CA VAL B 103 84.96 15.94 30.68
C VAL B 103 84.84 14.63 31.45
N GLU B 104 83.79 14.47 32.25
CA GLU B 104 83.59 13.24 33.00
C GLU B 104 83.23 12.09 32.07
N GLY B 105 83.74 10.91 32.38
CA GLY B 105 83.46 9.73 31.59
C GLY B 105 84.20 9.63 30.28
N ILE B 106 85.16 10.51 30.03
CA ILE B 106 85.94 10.51 28.80
C ILE B 106 87.39 10.23 29.15
N THR B 107 87.96 9.19 28.55
CA THR B 107 89.34 8.80 28.78
C THR B 107 90.03 8.57 27.44
N GLY B 108 91.33 8.34 27.49
CA GLY B 108 92.12 8.12 26.31
C GLY B 108 92.46 9.42 25.59
N ASN B 109 93.05 9.27 24.41
CA ASN B 109 93.44 10.41 23.60
C ASN B 109 92.21 11.03 22.94
N LEU B 110 92.04 12.34 23.12
CA LEU B 110 90.90 13.06 22.56
C LEU B 110 91.32 14.15 21.59
N PHE B 111 92.61 14.20 21.21
CA PHE B 111 93.10 15.22 20.29
C PHE B 111 93.25 14.72 18.86
N GLU B 112 93.40 13.41 18.66
CA GLU B 112 93.57 12.86 17.32
C GLU B 112 92.25 12.57 16.62
N VAL B 113 91.13 12.63 17.32
CA VAL B 113 89.83 12.35 16.72
C VAL B 113 88.86 13.52 16.80
N TYR B 114 89.01 14.42 17.77
CA TYR B 114 88.13 15.58 17.88
C TYR B 114 88.74 16.84 17.29
N LEU B 115 90.06 16.88 17.07
CA LEU B 115 90.72 18.07 16.56
C LEU B 115 91.24 17.92 15.14
N LYS B 116 91.47 16.69 14.67
CA LYS B 116 92.00 16.50 13.32
C LYS B 116 90.92 16.72 12.26
N PRO B 117 89.76 16.04 12.31
CA PRO B 117 88.74 16.31 11.29
C PRO B 117 88.14 17.70 11.40
N TYR B 118 88.18 18.33 12.57
CA TYR B 118 87.62 19.66 12.75
C TYR B 118 88.47 20.75 12.12
N PHE B 119 89.76 20.52 11.95
CA PHE B 119 90.68 21.55 11.45
C PHE B 119 90.85 21.50 9.95
N LEU B 120 90.82 20.31 9.36
CA LEU B 120 91.04 20.18 7.92
C LEU B 120 89.88 20.77 7.14
N GLU B 121 90.20 21.41 6.01
CA GLU B 121 89.22 22.01 5.10
C GLU B 121 88.39 23.08 5.82
N ALA B 122 89.01 23.72 6.80
CA ALA B 122 88.35 24.77 7.55
C ALA B 122 89.04 26.12 7.34
N TYR B 123 90.33 26.19 7.66
CA TYR B 123 91.10 27.44 7.59
C TYR B 123 90.39 28.57 8.34
N ARG B 124 89.84 28.25 9.51
CA ARG B 124 89.11 29.23 10.30
C ARG B 124 90.04 29.86 11.32
N PRO B 125 90.25 31.17 11.29
CA PRO B 125 91.13 31.80 12.28
C PRO B 125 90.50 31.83 13.65
N ILE B 126 91.35 32.02 14.66
CA ILE B 126 90.93 32.06 16.05
C ILE B 126 91.47 33.33 16.70
N ARG B 127 90.82 33.74 17.78
CA ARG B 127 91.19 34.92 18.53
C ARG B 127 91.44 34.54 19.98
N LYS B 128 91.81 35.54 20.78
CA LYS B 128 91.99 35.33 22.21
C LYS B 128 90.65 35.43 22.92
N GLY B 129 90.23 34.34 23.56
CA GLY B 129 88.97 34.31 24.27
C GLY B 129 87.80 33.77 23.48
N ASP B 130 88.03 33.20 22.30
CA ASP B 130 86.93 32.66 21.50
C ASP B 130 86.33 31.44 22.16
N ILE B 131 85.01 31.34 22.11
CA ILE B 131 84.30 30.19 22.66
C ILE B 131 83.62 29.44 21.51
N PHE B 132 84.29 28.43 20.97
CA PHE B 132 83.76 27.64 19.87
C PHE B 132 83.40 26.24 20.35
N LEU B 133 82.29 25.73 19.84
CA LEU B 133 81.77 24.43 20.24
C LEU B 133 82.01 23.41 19.13
N VAL B 134 82.60 22.27 19.49
CA VAL B 134 82.84 21.19 18.56
C VAL B 134 81.87 20.06 18.85
N ARG B 135 81.76 19.13 17.92
CA ARG B 135 80.84 18.01 18.02
C ARG B 135 81.55 16.71 17.76
N GLY B 136 81.09 15.65 18.43
CA GLY B 136 81.68 14.33 18.29
C GLY B 136 81.57 13.51 19.55
N GLY B 137 81.39 12.20 19.40
CA GLY B 137 81.28 11.32 20.54
C GLY B 137 80.02 11.48 21.35
N MET B 138 78.87 11.64 20.69
CA MET B 138 77.56 11.67 21.35
C MET B 138 77.44 12.84 22.34
N ARG B 139 78.20 13.91 22.10
CA ARG B 139 78.20 15.04 23.02
C ARG B 139 78.90 16.22 22.36
N ALA B 140 78.77 17.39 22.98
CA ALA B 140 79.42 18.61 22.53
C ALA B 140 80.20 19.22 23.68
N VAL B 141 81.46 19.55 23.41
CA VAL B 141 82.35 20.13 24.41
C VAL B 141 83.00 21.37 23.82
N GLU B 142 83.02 22.46 24.59
CA GLU B 142 83.61 23.71 24.14
C GLU B 142 85.04 23.84 24.68
N PHE B 143 85.84 24.62 23.97
CA PHE B 143 87.23 24.86 24.29
C PHE B 143 87.43 26.31 24.72
N LYS B 144 88.54 26.56 25.42
CA LYS B 144 88.90 27.92 25.81
C LYS B 144 90.42 28.02 25.87
N VAL B 145 90.96 29.14 25.39
CA VAL B 145 92.40 29.38 25.38
C VAL B 145 92.76 30.31 26.53
N VAL B 146 93.90 30.03 27.17
CA VAL B 146 94.36 30.84 28.29
C VAL B 146 95.68 31.53 27.92
N GLU B 147 96.55 30.82 27.21
CA GLU B 147 97.84 31.37 26.83
C GLU B 147 98.27 30.75 25.51
N THR B 148 98.62 31.59 24.54
CA THR B 148 99.05 31.14 23.22
C THR B 148 99.89 32.24 22.59
N ASP B 149 100.12 32.14 21.28
CA ASP B 149 100.83 33.17 20.57
C ASP B 149 100.05 34.47 20.60
N PRO B 150 100.73 35.62 20.54
CA PRO B 150 100.02 36.92 20.62
C PRO B 150 98.99 37.06 19.51
N SER B 151 97.75 37.34 19.91
CA SER B 151 96.67 37.48 18.96
C SER B 151 96.89 38.72 18.08
N PRO B 152 96.52 38.67 16.79
CA PRO B 152 95.97 37.49 16.11
C PRO B 152 97.05 36.54 15.58
N TYR B 153 97.29 36.58 14.27
CA TYR B 153 98.33 35.78 13.62
C TYR B 153 98.09 34.29 13.89
N CYS B 154 96.84 33.86 13.72
CA CYS B 154 96.43 32.47 13.96
C CYS B 154 95.61 31.98 12.77
N ILE B 155 96.16 31.03 12.03
CA ILE B 155 95.49 30.42 10.89
C ILE B 155 95.70 28.92 10.95
N VAL B 156 94.63 28.15 10.73
CA VAL B 156 94.72 26.70 10.77
C VAL B 156 95.53 26.22 9.58
N ALA B 157 96.66 25.57 9.86
CA ALA B 157 97.54 25.03 8.84
C ALA B 157 98.10 23.70 9.33
N PRO B 158 98.41 22.78 8.41
CA PRO B 158 98.94 21.47 8.83
C PRO B 158 100.29 21.53 9.53
N ASP B 159 101.05 22.61 9.36
CA ASP B 159 102.39 22.71 9.95
C ASP B 159 102.37 23.11 11.42
N THR B 160 101.21 23.07 12.08
CA THR B 160 101.08 23.45 13.48
C THR B 160 101.10 22.19 14.33
N VAL B 161 102.06 22.10 15.25
CA VAL B 161 102.18 20.96 16.14
C VAL B 161 101.36 21.22 17.40
N ILE B 162 101.01 20.14 18.12
CA ILE B 162 100.25 20.24 19.35
C ILE B 162 100.86 19.31 20.38
N HIS B 163 100.61 19.58 21.66
CA HIS B 163 101.09 18.76 22.75
C HIS B 163 100.23 18.99 23.97
N CYS B 164 99.74 17.92 24.57
CA CYS B 164 98.88 18.00 25.74
C CYS B 164 99.70 17.97 27.02
N GLU B 165 99.12 18.51 28.09
CA GLU B 165 99.75 18.56 29.39
C GLU B 165 99.07 17.65 30.42
N GLY B 166 97.75 17.70 30.50
CA GLY B 166 97.02 16.85 31.42
C GLY B 166 96.61 17.56 32.69
N GLU B 167 96.20 18.83 32.57
CA GLU B 167 95.78 19.63 33.71
C GLU B 167 94.77 20.65 33.23
N PRO B 168 93.47 20.41 33.44
CA PRO B 168 92.45 21.37 33.03
C PRO B 168 92.44 22.58 33.93
N ILE B 169 91.79 23.63 33.44
CA ILE B 169 91.68 24.89 34.18
C ILE B 169 90.22 25.11 34.57
N LYS B 170 90.03 25.85 35.67
CA LYS B 170 88.70 26.12 36.17
C LYS B 170 88.01 27.18 35.31
N ARG B 171 86.73 26.94 35.02
CA ARG B 171 85.94 27.88 34.23
C ARG B 171 85.55 29.09 35.08
N GLU B 172 85.70 30.28 34.51
CA GLU B 172 85.32 31.50 35.20
C GLU B 172 83.87 31.86 34.87
N ASP B 173 83.43 33.03 35.34
CA ASP B 173 82.07 33.50 35.14
C ASP B 173 81.95 34.47 33.96
N GLU B 174 83.01 34.62 33.19
CA GLU B 174 82.99 35.53 32.05
C GLU B 174 82.17 34.99 30.88
N GLU B 175 82.12 33.69 30.70
CA GLU B 175 81.39 33.06 29.60
C GLU B 175 80.37 32.07 30.16
N GLU B 176 79.43 31.69 29.30
CA GLU B 176 78.37 30.76 29.65
C GLU B 176 78.44 29.53 28.75
N SER B 177 77.93 28.41 29.25
CA SER B 177 77.91 27.17 28.51
C SER B 177 76.92 27.25 27.35
N LEU B 178 77.24 26.54 26.27
CA LEU B 178 76.40 26.48 25.09
C LEU B 178 75.41 25.32 25.11
N ASN B 179 75.39 24.54 26.19
CA ASN B 179 74.49 23.39 26.28
C ASN B 179 73.04 23.78 26.46
N GLU B 180 72.75 25.05 26.76
CA GLU B 180 71.37 25.49 26.91
C GLU B 180 70.70 25.61 25.54
N VAL B 181 69.38 25.74 25.56
CA VAL B 181 68.61 25.86 24.34
C VAL B 181 68.86 27.23 23.72
N GLY B 182 69.02 27.26 22.40
CA GLY B 182 69.17 28.50 21.67
C GLY B 182 68.11 28.65 20.60
N TYR B 183 68.22 29.69 19.77
CA TYR B 183 67.27 29.90 18.71
C TYR B 183 67.40 28.89 17.58
N ASP B 184 68.53 28.18 17.51
CA ASP B 184 68.79 27.21 16.46
C ASP B 184 68.50 25.78 16.90
N ASP B 185 67.91 25.59 18.08
CA ASP B 185 67.61 24.26 18.60
C ASP B 185 66.16 23.86 18.39
N ILE B 186 65.41 24.63 17.61
CA ILE B 186 64.00 24.35 17.35
C ILE B 186 63.81 24.22 15.85
N GLY B 187 63.16 23.14 15.43
CA GLY B 187 62.88 22.91 14.03
C GLY B 187 61.51 22.30 13.84
N GLY B 188 60.98 22.47 12.64
CA GLY B 188 59.68 21.93 12.30
C GLY B 188 58.60 22.99 12.21
N CYS B 189 58.62 23.94 13.13
CA CYS B 189 57.67 25.05 13.14
C CYS B 189 58.40 26.30 12.65
N ARG B 190 58.23 26.61 11.37
CA ARG B 190 58.91 27.76 10.77
C ARG B 190 58.02 29.00 10.67
N LYS B 191 56.79 28.85 10.18
CA LYS B 191 55.89 29.99 10.14
C LYS B 191 55.52 30.46 11.54
N GLN B 192 55.30 29.52 12.47
CA GLN B 192 54.90 29.91 13.82
C GLN B 192 56.00 30.65 14.56
N LEU B 193 57.26 30.39 14.21
CA LEU B 193 58.35 31.04 14.93
C LEU B 193 58.57 32.49 14.51
N ALA B 194 58.44 32.82 13.23
CA ALA B 194 58.80 34.15 12.79
C ALA B 194 57.85 35.21 13.34
N GLN B 195 56.56 34.87 13.45
CA GLN B 195 55.58 35.80 13.98
C GLN B 195 55.68 35.94 15.50
N ILE B 196 56.27 34.97 16.19
CA ILE B 196 56.74 35.23 17.56
C ILE B 196 57.95 36.15 17.56
N LYS B 197 58.85 35.95 16.59
CA LYS B 197 59.99 36.85 16.41
C LYS B 197 59.52 38.27 16.11
N GLU B 198 58.27 38.44 15.68
CA GLU B 198 57.70 39.73 15.37
C GLU B 198 57.04 40.41 16.57
N MET B 199 56.72 39.64 17.62
CA MET B 199 56.01 40.21 18.76
C MET B 199 56.77 40.08 20.07
N VAL B 200 57.95 39.46 20.08
CA VAL B 200 58.67 39.35 21.35
C VAL B 200 59.89 40.26 21.39
N GLU B 201 60.80 40.12 20.42
CA GLU B 201 62.04 40.89 20.48
C GLU B 201 61.83 42.35 20.06
N LEU B 202 60.78 42.66 19.32
CA LEU B 202 60.56 44.06 18.95
C LEU B 202 60.20 44.90 20.17
N PRO B 203 59.26 44.50 21.04
CA PRO B 203 58.95 45.30 22.22
C PRO B 203 59.88 45.07 23.40
N LEU B 204 60.97 44.33 23.23
CA LEU B 204 61.94 44.11 24.30
C LEU B 204 63.27 44.78 24.05
N ARG B 205 63.80 44.68 22.84
CA ARG B 205 65.10 45.28 22.55
C ARG B 205 65.06 46.80 22.50
N HIS B 206 63.87 47.39 22.45
CA HIS B 206 63.68 48.83 22.38
C HIS B 206 62.67 49.25 23.45
N PRO B 207 63.10 49.29 24.72
CA PRO B 207 62.15 49.65 25.78
C PRO B 207 61.73 51.11 25.74
N ALA B 208 62.68 52.02 25.56
CA ALA B 208 62.35 53.45 25.54
C ALA B 208 61.64 53.87 24.26
N LEU B 209 61.78 53.10 23.19
CA LEU B 209 61.07 53.42 21.95
C LEU B 209 59.56 53.34 22.14
N PHE B 210 59.09 52.33 22.87
CA PHE B 210 57.67 52.18 23.12
C PHE B 210 57.13 53.20 24.11
N LYS B 211 58.00 53.76 24.96
CA LYS B 211 57.54 54.74 25.95
C LYS B 211 57.11 56.05 25.29
N ALA B 212 57.73 56.41 24.17
CA ALA B 212 57.38 57.64 23.48
C ALA B 212 56.21 57.46 22.51
N ILE B 213 56.14 56.32 21.83
CA ILE B 213 55.07 56.07 20.87
C ILE B 213 53.83 55.59 21.62
N GLY B 214 52.68 55.67 20.96
CA GLY B 214 51.41 55.26 21.53
C GLY B 214 51.01 53.83 21.27
N VAL B 215 51.89 53.02 20.71
CA VAL B 215 51.56 51.63 20.39
C VAL B 215 51.66 50.81 21.67
N LYS B 216 50.58 50.11 22.00
CA LYS B 216 50.55 49.31 23.22
C LYS B 216 51.30 48.00 23.00
N PRO B 217 52.34 47.72 23.77
CA PRO B 217 53.12 46.50 23.55
C PRO B 217 52.33 45.27 23.93
N PRO B 218 52.75 44.09 23.48
CA PRO B 218 52.10 42.85 23.91
C PRO B 218 52.22 42.62 25.40
N ARG B 219 51.19 41.99 25.97
CA ARG B 219 51.21 41.54 27.35
C ARG B 219 51.04 40.04 27.47
N GLY B 220 49.97 39.47 26.93
CA GLY B 220 49.68 38.05 27.08
C GLY B 220 49.73 37.34 25.74
N ILE B 221 50.42 36.19 25.72
CA ILE B 221 50.54 35.35 24.54
C ILE B 221 50.13 33.94 24.94
N LEU B 222 49.15 33.37 24.24
CA LEU B 222 48.67 32.04 24.54
C LEU B 222 49.17 31.05 23.48
N LEU B 223 49.67 29.91 23.94
CA LEU B 223 50.23 28.89 23.07
C LEU B 223 49.23 27.75 22.91
N TYR B 224 49.41 27.00 21.82
CA TYR B 224 48.56 25.86 21.51
C TYR B 224 49.44 24.72 21.01
N GLY B 225 48.79 23.64 20.59
CA GLY B 225 49.48 22.48 20.07
C GLY B 225 49.29 21.26 20.93
N PRO B 226 49.37 20.08 20.32
CA PRO B 226 49.28 18.84 21.10
C PRO B 226 50.49 18.69 21.99
N PRO B 227 50.37 17.90 23.07
CA PRO B 227 51.50 17.75 24.00
C PRO B 227 52.73 17.20 23.29
N GLY B 228 53.89 17.74 23.66
CA GLY B 228 55.15 17.38 23.02
C GLY B 228 55.49 18.20 21.79
N THR B 229 54.70 19.23 21.47
CA THR B 229 54.98 20.03 20.29
C THR B 229 56.22 20.90 20.50
N GLY B 230 56.46 21.32 21.74
CA GLY B 230 57.60 22.18 22.03
C GLY B 230 57.20 23.48 22.69
N LYS B 231 56.06 23.48 23.38
CA LYS B 231 55.56 24.67 24.04
C LYS B 231 56.52 25.22 25.09
N THR B 232 57.37 24.36 25.66
CA THR B 232 58.36 24.78 26.64
C THR B 232 59.70 25.13 26.02
N LEU B 233 60.12 24.38 25.00
CA LEU B 233 61.44 24.58 24.42
C LEU B 233 61.56 25.96 23.78
N ILE B 234 60.57 26.34 22.98
CA ILE B 234 60.61 27.63 22.30
C ILE B 234 60.51 28.77 23.29
N ALA B 235 59.68 28.61 24.33
CA ALA B 235 59.58 29.64 25.35
C ALA B 235 60.90 29.83 26.09
N ARG B 236 61.56 28.74 26.46
CA ARG B 236 62.86 28.84 27.11
C ARG B 236 63.89 29.49 26.19
N ALA B 237 63.89 29.13 24.91
CA ALA B 237 64.84 29.74 23.98
C ALA B 237 64.62 31.23 23.85
N VAL B 238 63.36 31.66 23.62
CA VAL B 238 63.08 33.08 23.44
C VAL B 238 63.17 33.86 24.74
N ALA B 239 63.17 33.20 25.89
CA ALA B 239 63.39 33.88 27.15
C ALA B 239 64.84 33.92 27.57
N ASN B 240 65.67 32.99 27.10
CA ASN B 240 67.07 32.95 27.49
C ASN B 240 67.99 33.63 26.48
N GLU B 241 67.56 33.76 25.21
CA GLU B 241 68.40 34.37 24.19
C GLU B 241 68.09 35.84 23.96
N THR B 242 67.49 36.51 24.93
CA THR B 242 67.20 37.94 24.82
C THR B 242 67.88 38.79 25.89
N GLY B 243 68.42 38.18 26.94
CA GLY B 243 69.07 38.90 28.00
C GLY B 243 68.17 39.38 29.11
N ALA B 244 66.86 39.37 28.90
CA ALA B 244 65.92 39.77 29.92
C ALA B 244 65.72 38.64 30.94
N PHE B 245 65.23 39.01 32.11
CA PHE B 245 64.99 38.03 33.15
C PHE B 245 63.83 37.11 32.78
N PHE B 246 63.95 35.85 33.16
CA PHE B 246 62.93 34.85 32.88
C PHE B 246 62.64 34.08 34.17
N PHE B 247 61.36 33.94 34.51
CA PHE B 247 60.94 33.24 35.71
C PHE B 247 59.97 32.14 35.33
N LEU B 248 60.13 30.97 35.91
CA LEU B 248 59.39 29.78 35.50
C LEU B 248 58.50 29.27 36.63
N ILE B 249 57.21 29.07 36.31
CA ILE B 249 56.24 28.45 37.19
C ILE B 249 55.31 27.64 36.31
N ASN B 250 55.30 26.31 36.47
CA ASN B 250 54.62 25.58 35.41
C ASN B 250 53.11 25.53 35.60
N GLY B 251 52.61 24.57 36.37
CA GLY B 251 51.33 24.69 37.03
C GLY B 251 51.18 24.03 38.40
N PRO B 252 51.80 22.85 38.59
CA PRO B 252 51.37 22.03 39.74
C PRO B 252 51.97 22.45 41.07
N GLU B 253 53.15 23.06 41.07
CA GLU B 253 53.73 23.54 42.31
C GLU B 253 52.84 24.55 43.01
N ILE B 254 51.94 25.20 42.28
CA ILE B 254 50.97 26.09 42.89
C ILE B 254 49.96 25.31 43.71
N MET B 255 49.41 24.23 43.14
CA MET B 255 48.39 23.45 43.83
C MET B 255 48.97 22.38 44.74
N SER B 256 50.28 22.19 44.74
CA SER B 256 50.89 21.17 45.57
C SER B 256 51.07 21.63 47.02
N LYS B 257 51.25 22.93 47.24
CA LYS B 257 51.49 23.44 48.58
C LYS B 257 50.17 23.59 49.34
N LEU B 258 50.28 23.99 50.60
CA LEU B 258 49.11 24.17 51.44
C LEU B 258 48.31 25.39 51.00
N ALA B 259 47.05 25.44 51.43
CA ALA B 259 46.18 26.55 51.08
C ALA B 259 46.60 27.80 51.84
N GLY B 260 46.64 28.93 51.13
CA GLY B 260 46.97 30.20 51.73
C GLY B 260 48.26 30.81 51.22
N GLU B 261 49.29 29.98 51.05
CA GLU B 261 50.57 30.46 50.53
C GLU B 261 50.70 30.27 49.04
N SER B 262 49.84 29.46 48.41
CA SER B 262 49.89 29.30 46.97
C SER B 262 49.61 30.61 46.26
N GLU B 263 48.60 31.35 46.73
CA GLU B 263 48.32 32.67 46.16
C GLU B 263 49.45 33.66 46.44
N SER B 264 50.05 33.59 47.63
CA SER B 264 51.16 34.48 47.95
C SER B 264 52.36 34.24 47.05
N ASN B 265 52.65 32.98 46.73
CA ASN B 265 53.76 32.69 45.84
C ASN B 265 53.53 33.29 44.46
N LEU B 266 52.32 33.13 43.92
CA LEU B 266 52.01 33.73 42.62
C LEU B 266 52.06 35.24 42.67
N ARG B 267 51.57 35.84 43.77
CA ARG B 267 51.60 37.30 43.90
C ARG B 267 53.03 37.81 43.94
N LYS B 268 53.91 37.14 44.68
CA LYS B 268 55.30 37.58 44.76
C LYS B 268 56.06 37.32 43.48
N ALA B 269 55.69 36.28 42.72
CA ALA B 269 56.32 36.00 41.45
C ALA B 269 56.08 37.10 40.43
N PHE B 270 55.05 37.91 40.62
CA PHE B 270 54.80 39.03 39.72
C PHE B 270 55.53 40.30 40.16
N GLU B 271 55.60 40.56 41.46
CA GLU B 271 56.30 41.75 41.93
C GLU B 271 57.81 41.60 41.82
N GLU B 272 58.32 40.36 41.86
CA GLU B 272 59.75 40.17 41.68
C GLU B 272 60.18 40.49 40.25
N ALA B 273 59.27 40.35 39.29
CA ALA B 273 59.58 40.66 37.90
C ALA B 273 59.52 42.15 37.61
N GLU B 274 58.76 42.92 38.39
CA GLU B 274 58.62 44.35 38.12
C GLU B 274 59.93 45.11 38.37
N LYS B 275 60.59 44.82 39.50
CA LYS B 275 61.78 45.58 39.86
C LYS B 275 62.91 45.38 38.87
N ASN B 276 63.12 44.15 38.41
CA ASN B 276 64.20 43.84 37.48
C ASN B 276 63.73 43.88 36.02
N ALA B 277 63.11 45.00 35.64
CA ALA B 277 62.67 45.18 34.27
C ALA B 277 63.87 45.40 33.35
N PRO B 278 63.83 44.91 32.11
CA PRO B 278 62.72 44.11 31.55
C PRO B 278 62.75 42.67 32.02
N ALA B 279 61.58 42.05 32.11
CA ALA B 279 61.45 40.67 32.53
C ALA B 279 60.38 39.99 31.69
N ILE B 280 60.26 38.68 31.83
CA ILE B 280 59.27 37.88 31.12
C ILE B 280 58.75 36.80 32.05
N ILE B 281 57.50 36.41 31.83
CA ILE B 281 56.83 35.40 32.63
C ILE B 281 56.28 34.33 31.69
N PHE B 282 56.53 33.06 32.02
CA PHE B 282 56.07 31.95 31.20
C PHE B 282 55.39 30.92 32.10
N ILE B 283 54.26 30.40 31.64
CA ILE B 283 53.48 29.39 32.36
C ILE B 283 53.43 28.15 31.48
N ASP B 284 53.83 27.01 32.04
CA ASP B 284 53.98 25.81 31.23
C ASP B 284 52.63 25.21 30.87
N GLU B 285 51.85 24.76 31.85
CA GLU B 285 50.51 24.25 31.57
C GLU B 285 49.51 25.18 32.25
N LEU B 286 48.40 25.44 31.58
CA LEU B 286 47.36 26.32 32.09
C LEU B 286 46.01 25.64 32.18
N ASP B 287 45.82 24.51 31.49
CA ASP B 287 44.53 23.82 31.51
C ASP B 287 44.18 23.33 32.91
N ALA B 288 45.19 23.03 33.73
CA ALA B 288 44.98 22.54 35.08
C ALA B 288 45.07 23.66 36.12
N ILE B 289 45.16 24.91 35.69
CA ILE B 289 45.25 26.06 36.58
C ILE B 289 43.89 26.74 36.73
N ALA B 290 43.19 26.97 35.61
CA ALA B 290 41.92 27.70 35.60
C ALA B 290 40.87 26.87 34.89
N PRO B 291 40.31 25.85 35.56
CA PRO B 291 39.22 25.08 34.96
C PRO B 291 37.85 25.64 35.30
N LYS B 292 37.63 26.92 34.98
CA LYS B 292 36.35 27.58 35.30
C LYS B 292 35.34 27.21 34.23
N ARG B 293 34.87 25.97 34.31
CA ARG B 293 33.92 25.37 33.38
C ARG B 293 33.03 24.41 34.16
N GLU B 294 32.40 23.46 33.48
CA GLU B 294 31.47 22.53 34.11
C GLU B 294 32.05 21.82 35.34
N LYS B 295 33.35 21.97 35.60
CA LYS B 295 33.96 21.34 36.76
C LYS B 295 33.60 22.09 38.04
N THR B 296 34.11 23.32 38.18
CA THR B 296 33.84 24.20 39.32
C THR B 296 33.80 23.43 40.65
N HIS B 297 34.83 22.64 40.91
CA HIS B 297 35.00 21.96 42.18
C HIS B 297 36.13 22.60 42.96
N GLY B 298 35.97 22.65 44.28
CA GLY B 298 37.00 23.19 45.14
C GLY B 298 36.95 24.69 45.31
N GLU B 299 37.08 25.15 46.55
CA GLU B 299 37.02 26.58 46.82
C GLU B 299 38.35 27.28 46.53
N VAL B 300 39.47 26.64 46.89
CA VAL B 300 40.76 27.30 46.81
C VAL B 300 41.26 27.42 45.38
N GLU B 301 40.73 26.63 44.45
CA GLU B 301 41.31 26.59 43.11
C GLU B 301 40.76 27.68 42.22
N ARG B 302 39.51 28.09 42.44
CA ARG B 302 39.05 29.31 41.78
C ARG B 302 39.63 30.56 42.42
N ARG B 303 40.13 30.44 43.65
CA ARG B 303 40.84 31.55 44.29
C ARG B 303 42.07 31.97 43.49
N ILE B 304 42.86 30.99 43.03
CA ILE B 304 44.06 31.34 42.28
C ILE B 304 43.69 31.84 40.89
N VAL B 305 42.56 31.36 40.35
CA VAL B 305 42.08 31.90 39.08
C VAL B 305 41.75 33.39 39.22
N SER B 306 41.01 33.73 40.28
CA SER B 306 40.72 35.14 40.55
C SER B 306 41.99 35.92 40.83
N GLN B 307 42.95 35.31 41.52
CA GLN B 307 44.22 35.99 41.80
C GLN B 307 44.97 36.32 40.52
N LEU B 308 45.06 35.36 39.60
CA LEU B 308 45.77 35.61 38.35
C LEU B 308 45.02 36.62 37.49
N LEU B 309 43.68 36.55 37.49
CA LEU B 309 42.90 37.56 36.79
C LEU B 309 43.13 38.95 37.37
N THR B 310 43.24 39.06 38.69
CA THR B 310 43.55 40.34 39.30
C THR B 310 44.94 40.81 38.93
N LEU B 311 45.92 39.91 38.94
CA LEU B 311 47.31 40.27 38.67
C LEU B 311 47.55 40.62 37.21
N MET B 312 46.69 40.15 36.30
CA MET B 312 46.79 40.55 34.89
C MET B 312 45.90 41.73 34.53
N ASP B 313 44.76 41.87 35.20
CA ASP B 313 43.85 42.98 34.88
C ASP B 313 44.47 44.31 35.23
N GLY B 314 45.23 44.38 36.33
CA GLY B 314 45.86 45.60 36.77
C GLY B 314 47.15 45.94 36.08
N LEU B 315 47.60 45.12 35.12
CA LEU B 315 48.86 45.38 34.44
C LEU B 315 48.74 46.53 33.47
N LYS B 316 49.01 47.76 33.94
CA LYS B 316 49.12 48.90 33.05
C LYS B 316 50.49 48.88 32.40
N GLN B 317 50.85 49.94 31.68
CA GLN B 317 52.13 49.95 30.99
C GLN B 317 53.29 49.82 31.97
N ARG B 318 53.52 50.87 32.76
CA ARG B 318 54.60 50.89 33.75
C ARG B 318 55.93 50.39 33.15
N ALA B 319 56.24 49.12 33.37
CA ALA B 319 57.46 48.48 32.90
C ALA B 319 57.20 47.76 31.58
N HIS B 320 58.14 46.92 31.15
CA HIS B 320 57.98 46.11 29.95
C HIS B 320 58.00 44.64 30.36
N VAL B 321 56.83 44.10 30.65
CA VAL B 321 56.67 42.72 31.09
C VAL B 321 55.66 42.03 30.20
N ILE B 322 55.92 40.75 29.90
CA ILE B 322 55.03 39.94 29.08
C ILE B 322 54.84 38.60 29.77
N VAL B 323 53.58 38.18 29.91
CA VAL B 323 53.24 36.86 30.43
C VAL B 323 52.87 35.96 29.26
N MET B 324 53.28 34.70 29.33
CA MET B 324 52.96 33.72 28.30
C MET B 324 52.50 32.43 28.96
N ALA B 325 51.54 31.76 28.33
CA ALA B 325 50.99 30.52 28.85
C ALA B 325 50.83 29.53 27.69
N ALA B 326 50.82 28.25 28.05
CA ALA B 326 50.68 27.18 27.08
C ALA B 326 49.64 26.19 27.55
N THR B 327 49.02 25.51 26.59
CA THR B 327 47.98 24.53 26.85
C THR B 327 48.03 23.47 25.77
N ASN B 328 47.11 22.51 25.86
CA ASN B 328 47.08 21.39 24.94
C ASN B 328 45.83 21.32 24.07
N ARG B 329 44.72 21.88 24.52
CA ARG B 329 43.48 21.83 23.76
C ARG B 329 42.77 23.17 23.89
N PRO B 330 41.94 23.55 22.90
CA PRO B 330 41.27 24.86 22.97
C PRO B 330 40.20 24.93 24.05
N ASN B 331 39.47 23.85 24.29
CA ASN B 331 38.38 23.87 25.27
C ASN B 331 38.90 23.55 26.67
N SER B 332 39.95 24.26 27.06
CA SER B 332 40.50 24.11 28.40
C SER B 332 40.91 25.42 29.05
N ILE B 333 40.65 26.56 28.42
CA ILE B 333 41.02 27.85 28.96
C ILE B 333 39.76 28.56 29.41
N ASP B 334 39.84 29.22 30.56
CA ASP B 334 38.73 30.01 31.07
C ASP B 334 38.37 31.09 30.05
N PRO B 335 37.11 31.16 29.61
CA PRO B 335 36.73 32.20 28.65
C PRO B 335 36.97 33.61 29.17
N ALA B 336 36.98 33.80 30.48
CA ALA B 336 37.26 35.12 31.05
C ALA B 336 38.70 35.56 30.80
N LEU B 337 39.60 34.63 30.49
CA LEU B 337 40.98 34.99 30.22
C LEU B 337 41.24 35.30 28.76
N ARG B 338 40.35 34.89 27.86
CA ARG B 338 40.52 35.12 26.43
C ARG B 338 39.98 36.48 25.99
N ARG B 339 39.66 37.37 26.93
CA ARG B 339 39.14 38.67 26.59
C ARG B 339 40.25 39.55 26.02
N PHE B 340 39.87 40.72 25.52
CA PHE B 340 40.84 41.66 25.00
C PHE B 340 41.67 42.23 26.15
N GLY B 341 42.99 42.26 25.96
CA GLY B 341 43.90 42.76 26.96
C GLY B 341 44.57 41.70 27.80
N ARG B 342 44.03 40.48 27.84
CA ARG B 342 44.65 39.39 28.58
C ARG B 342 45.16 38.30 27.64
N PHE B 343 44.29 37.71 26.82
CA PHE B 343 44.69 36.74 25.80
C PHE B 343 43.83 36.99 24.56
N ASP B 344 44.34 37.86 23.68
CA ASP B 344 43.64 38.18 22.44
C ASP B 344 44.39 37.69 21.21
N ARG B 345 45.63 37.27 21.38
CA ARG B 345 46.50 36.81 20.29
C ARG B 345 46.92 35.39 20.57
N GLU B 346 46.61 34.49 19.64
CA GLU B 346 46.86 33.07 19.82
C GLU B 346 47.56 32.52 18.59
N VAL B 347 48.43 31.52 18.82
CA VAL B 347 49.15 30.87 17.74
C VAL B 347 48.90 29.36 17.85
N ASP B 348 48.63 28.74 16.72
CA ASP B 348 48.36 27.32 16.64
C ASP B 348 49.57 26.64 16.00
N ILE B 349 50.18 25.71 16.72
CA ILE B 349 51.33 24.97 16.24
C ILE B 349 50.89 23.53 16.06
N GLY B 350 50.82 23.08 14.80
CA GLY B 350 50.36 21.76 14.48
C GLY B 350 51.49 20.75 14.35
N ILE B 351 51.12 19.56 13.94
CA ILE B 351 52.11 18.48 13.74
C ILE B 351 52.92 18.80 12.50
N PRO B 352 54.25 18.80 12.59
CA PRO B 352 55.07 19.08 11.40
C PRO B 352 54.89 18.02 10.32
N ASP B 353 55.02 18.45 9.07
CA ASP B 353 54.92 17.52 7.95
C ASP B 353 56.28 16.87 7.70
N ALA B 354 56.43 16.18 6.57
CA ALA B 354 57.67 15.47 6.29
C ALA B 354 58.86 16.41 6.25
N THR B 355 58.77 17.47 5.45
CA THR B 355 59.87 18.43 5.39
C THR B 355 60.02 19.20 6.69
N GLY B 356 58.96 19.33 7.48
CA GLY B 356 59.07 19.89 8.81
C GLY B 356 59.75 18.93 9.76
N ARG B 357 59.47 17.64 9.60
CA ARG B 357 60.08 16.64 10.46
C ARG B 357 61.53 16.33 10.09
N LEU B 358 61.97 16.74 8.90
CA LEU B 358 63.35 16.46 8.50
C LEU B 358 64.36 17.11 9.43
N GLU B 359 64.15 18.38 9.79
CA GLU B 359 65.14 19.10 10.58
C GLU B 359 65.19 18.62 12.02
N ILE B 360 64.08 18.10 12.55
CA ILE B 360 64.05 17.63 13.93
C ILE B 360 65.00 16.46 14.15
N LEU B 361 65.21 15.62 13.15
CA LEU B 361 66.13 14.51 13.28
C LEU B 361 67.56 15.01 13.51
N GLN B 362 68.04 15.91 12.65
CA GLN B 362 69.40 16.37 12.78
C GLN B 362 69.61 17.32 13.95
N ILE B 363 68.62 18.13 14.32
CA ILE B 363 68.84 19.04 15.45
C ILE B 363 69.01 18.27 16.76
N HIS B 364 68.73 16.96 16.77
CA HIS B 364 69.03 16.13 17.93
C HIS B 364 70.09 15.08 17.67
N THR B 365 70.40 14.75 16.42
CA THR B 365 71.44 13.77 16.12
C THR B 365 72.69 14.43 15.56
N LYS B 366 72.83 15.75 15.73
CA LYS B 366 74.03 16.44 15.26
C LYS B 366 75.28 15.94 15.97
N ASN B 367 75.18 15.60 17.25
CA ASN B 367 76.32 15.02 17.96
C ASN B 367 76.53 13.55 17.63
N MET B 368 75.57 12.93 16.92
CA MET B 368 75.65 11.54 16.51
C MET B 368 76.14 11.52 15.06
N LYS B 369 77.42 11.26 14.86
CA LYS B 369 77.95 11.17 13.51
C LYS B 369 77.48 9.89 12.84
N LEU B 370 76.98 10.04 11.63
CA LEU B 370 76.33 8.98 10.88
C LEU B 370 77.25 8.47 9.77
N ALA B 371 77.05 7.21 9.39
CA ALA B 371 77.87 6.57 8.40
C ALA B 371 77.53 7.07 6.98
N ASP B 372 78.12 6.43 5.98
CA ASP B 372 77.91 6.85 4.59
C ASP B 372 76.59 6.32 4.02
N ASP B 373 76.24 5.08 4.33
CA ASP B 373 75.04 4.48 3.76
C ASP B 373 73.75 4.95 4.44
N VAL B 374 73.86 5.74 5.50
CA VAL B 374 72.69 6.18 6.25
C VAL B 374 72.30 7.60 5.84
N ASP B 375 71.00 7.79 5.69
CA ASP B 375 70.42 9.11 5.42
C ASP B 375 69.13 9.24 6.22
N LEU B 376 68.78 10.47 6.58
CA LEU B 376 67.56 10.73 7.34
C LEU B 376 66.39 11.14 6.45
N GLU B 377 66.56 11.09 5.13
CA GLU B 377 65.50 11.50 4.21
C GLU B 377 64.38 10.48 4.13
N GLN B 378 64.71 9.23 3.79
CA GLN B 378 63.67 8.22 3.61
C GLN B 378 62.97 7.87 4.90
N VAL B 379 63.66 7.96 6.04
CA VAL B 379 63.06 7.57 7.32
C VAL B 379 62.01 8.56 7.81
N ALA B 380 62.04 9.80 7.33
CA ALA B 380 61.08 10.81 7.72
C ALA B 380 59.97 10.98 6.68
N ASN B 381 59.78 9.99 5.82
CA ASN B 381 58.76 10.04 4.78
C ASN B 381 57.60 9.10 5.02
N GLU B 382 57.81 7.99 5.73
CA GLU B 382 56.73 7.04 6.00
C GLU B 382 55.89 7.41 7.20
N THR B 383 56.30 8.41 7.97
CA THR B 383 55.54 8.87 9.12
C THR B 383 54.83 10.19 8.81
N HIS B 384 53.69 10.40 9.46
CA HIS B 384 52.91 11.60 9.19
C HIS B 384 52.31 12.22 10.45
N GLY B 385 52.57 11.69 11.63
CA GLY B 385 51.96 12.23 12.83
C GLY B 385 52.90 12.35 14.02
N HIS B 386 54.17 12.63 13.76
CA HIS B 386 55.17 12.66 14.81
C HIS B 386 55.54 14.11 15.14
N VAL B 387 55.79 14.36 16.42
CA VAL B 387 56.22 15.67 16.89
C VAL B 387 57.64 15.55 17.43
N GLY B 388 58.21 16.67 17.90
CA GLY B 388 59.58 16.68 18.35
C GLY B 388 59.87 15.67 19.46
N ALA B 389 58.96 15.56 20.43
CA ALA B 389 59.15 14.61 21.52
C ALA B 389 59.14 13.16 21.02
N ASP B 390 58.24 12.83 20.09
CA ASP B 390 58.21 11.48 19.55
C ASP B 390 59.51 11.13 18.86
N LEU B 391 60.02 12.04 18.03
CA LEU B 391 61.28 11.78 17.33
C LEU B 391 62.46 11.71 18.29
N ALA B 392 62.47 12.55 19.33
CA ALA B 392 63.54 12.49 20.32
C ALA B 392 63.54 11.14 21.03
N ALA B 393 62.37 10.67 21.46
CA ALA B 393 62.29 9.36 22.10
C ALA B 393 62.70 8.24 21.14
N LEU B 394 62.26 8.32 19.88
CA LEU B 394 62.60 7.31 18.90
C LEU B 394 64.10 7.24 18.68
N CYS B 395 64.77 8.39 18.52
CA CYS B 395 66.22 8.39 18.33
C CYS B 395 66.94 7.92 19.58
N SER B 396 66.45 8.28 20.78
CA SER B 396 67.09 7.81 22.00
C SER B 396 67.05 6.30 22.11
N GLU B 397 65.88 5.69 21.87
CA GLU B 397 65.80 4.25 21.96
C GLU B 397 66.52 3.55 20.81
N ALA B 398 66.57 4.15 19.62
CA ALA B 398 67.36 3.59 18.54
C ALA B 398 68.84 3.57 18.91
N ALA B 399 69.34 4.64 19.54
CA ALA B 399 70.72 4.64 20.02
C ALA B 399 70.94 3.61 21.11
N LEU B 400 69.98 3.42 22.01
CA LEU B 400 70.10 2.38 23.02
C LEU B 400 70.20 0.99 22.38
N GLN B 401 69.42 0.76 21.32
CA GLN B 401 69.52 -0.52 20.61
C GLN B 401 70.92 -0.73 20.03
N ALA B 402 71.50 0.32 19.44
CA ALA B 402 72.86 0.22 18.94
C ALA B 402 73.86 -0.03 20.05
N ILE B 403 73.67 0.59 21.22
CA ILE B 403 74.56 0.36 22.35
C ILE B 403 74.51 -1.11 22.78
N ARG B 404 73.30 -1.65 22.95
CA ARG B 404 73.19 -3.03 23.40
C ARG B 404 73.66 -4.03 22.34
N LYS B 405 73.55 -3.68 21.06
CA LYS B 405 74.01 -4.60 20.00
C LYS B 405 75.51 -4.87 20.09
N LYS B 406 76.27 -4.00 20.73
CA LYS B 406 77.68 -4.28 20.97
C LYS B 406 78.01 -4.62 22.43
N MET B 407 77.20 -4.18 23.39
CA MET B 407 77.42 -4.58 24.78
C MET B 407 77.04 -6.04 25.04
N ASP B 408 76.31 -6.69 24.13
CA ASP B 408 75.96 -8.09 24.36
C ASP B 408 77.13 -9.03 24.10
N LEU B 409 78.04 -8.67 23.21
CA LEU B 409 79.19 -9.52 22.92
C LEU B 409 80.51 -8.95 23.41
N ILE B 410 80.65 -7.63 23.51
CA ILE B 410 81.91 -7.05 23.95
C ILE B 410 82.17 -7.32 25.42
N ASP B 411 81.17 -7.09 26.27
CA ASP B 411 81.24 -7.37 27.70
C ASP B 411 82.41 -6.64 28.35
N LEU B 412 82.34 -5.31 28.30
CA LEU B 412 83.35 -4.43 28.88
C LEU B 412 82.78 -3.86 30.17
N GLU B 413 83.13 -4.48 31.30
CA GLU B 413 82.65 -4.06 32.62
C GLU B 413 83.71 -3.14 33.23
N ASP B 414 83.45 -1.83 33.17
CA ASP B 414 84.36 -0.85 33.74
C ASP B 414 83.57 0.39 34.12
N GLU B 415 84.15 1.18 35.02
CA GLU B 415 83.50 2.40 35.49
C GLU B 415 83.48 3.46 34.40
N THR B 416 84.65 3.88 33.95
CA THR B 416 84.75 4.88 32.90
C THR B 416 84.89 4.19 31.54
N ILE B 417 84.38 4.85 30.51
CA ILE B 417 84.41 4.32 29.16
C ILE B 417 85.43 5.11 28.34
N ASP B 418 86.08 4.43 27.41
CA ASP B 418 87.11 5.03 26.57
C ASP B 418 86.52 5.56 25.28
N ALA B 419 87.18 6.57 24.72
CA ALA B 419 86.73 7.18 23.48
C ALA B 419 87.17 6.41 22.24
N GLU B 420 88.02 5.40 22.39
CA GLU B 420 88.47 4.61 21.25
C GLU B 420 87.35 3.77 20.65
N VAL B 421 86.30 3.48 21.41
CA VAL B 421 85.15 2.75 20.90
C VAL B 421 83.94 3.65 20.68
N MET B 422 83.87 4.81 21.34
CA MET B 422 82.76 5.74 21.13
C MET B 422 82.71 6.24 19.69
N ASN B 423 83.87 6.59 19.12
CA ASN B 423 83.89 7.10 17.75
C ASN B 423 83.56 6.01 16.74
N SER B 424 83.97 4.78 16.99
CA SER B 424 83.72 3.70 16.04
C SER B 424 82.25 3.33 15.93
N LEU B 425 81.46 3.64 16.95
CA LEU B 425 80.04 3.30 16.92
C LEU B 425 79.29 4.19 15.94
N ALA B 426 78.37 3.59 15.19
CA ALA B 426 77.52 4.33 14.27
C ALA B 426 76.24 3.54 14.04
N VAL B 427 75.10 4.25 14.02
CA VAL B 427 73.82 3.59 13.82
C VAL B 427 73.68 3.17 12.36
N THR B 428 72.95 2.08 12.13
CA THR B 428 72.85 1.49 10.81
C THR B 428 71.41 1.53 10.30
N MET B 429 71.19 0.88 9.15
CA MET B 429 69.85 0.86 8.54
C MET B 429 68.86 0.14 9.43
N ASP B 430 69.20 -1.08 9.87
CA ASP B 430 68.27 -1.89 10.63
C ASP B 430 67.83 -1.24 11.93
N ASP B 431 68.64 -0.35 12.50
CA ASP B 431 68.24 0.32 13.73
C ASP B 431 67.05 1.23 13.52
N PHE B 432 67.11 2.10 12.51
CA PHE B 432 65.97 2.96 12.24
C PHE B 432 64.78 2.17 11.73
N ARG B 433 65.02 1.04 11.05
CA ARG B 433 63.91 0.19 10.64
C ARG B 433 63.20 -0.42 11.84
N TRP B 434 63.96 -0.97 12.79
CA TRP B 434 63.39 -1.63 13.96
C TRP B 434 62.82 -0.62 14.94
N ALA B 435 63.29 0.63 14.91
CA ALA B 435 62.77 1.64 15.81
C ALA B 435 61.31 1.94 15.54
N LEU B 436 60.91 2.08 14.28
CA LEU B 436 59.54 2.42 13.93
C LEU B 436 58.60 1.22 14.01
N SER B 437 59.12 0.00 13.89
CA SER B 437 58.29 -1.20 13.98
C SER B 437 57.91 -1.53 15.42
N GLN B 438 58.41 -0.76 16.38
CA GLN B 438 58.07 -0.94 17.78
C GLN B 438 56.82 -0.13 18.09
N SER B 439 56.47 0.06 19.37
CA SER B 439 55.23 0.72 19.74
C SER B 439 55.36 2.22 19.95
N ASN B 440 56.54 2.80 19.75
CA ASN B 440 56.68 4.25 19.94
C ASN B 440 55.94 5.14 18.93
N PRO B 441 55.61 4.70 17.70
CA PRO B 441 54.79 5.57 16.84
C PRO B 441 53.35 5.65 17.28
N SER B 442 52.94 4.84 18.25
CA SER B 442 51.55 4.82 18.69
C SER B 442 51.25 6.11 19.44
N ALA B 443 50.61 7.06 18.75
CA ALA B 443 50.31 8.36 19.33
C ALA B 443 48.94 8.82 18.87
N LEU B 444 48.64 10.10 19.07
CA LEU B 444 47.33 10.66 18.74
C LEU B 444 47.40 11.32 17.37
N ARG B 445 46.37 11.09 16.57
CA ARG B 445 46.29 11.62 15.21
C ARG B 445 45.16 12.63 15.10
N GLU B 446 45.48 13.80 14.54
CA GLU B 446 44.48 14.84 14.29
C GLU B 446 44.78 15.56 12.98
N THR B 447 44.14 16.70 12.77
CA THR B 447 44.32 17.48 11.56
C THR B 447 45.78 17.90 11.42
N VAL B 448 46.44 17.42 10.37
CA VAL B 448 47.83 17.72 10.10
C VAL B 448 47.90 18.77 9.00
N VAL B 449 48.87 19.67 9.10
CA VAL B 449 49.02 20.77 8.16
C VAL B 449 50.26 20.47 7.30
N GLU B 450 50.03 20.07 6.06
CA GLU B 450 51.10 19.74 5.13
C GLU B 450 50.92 20.52 3.84
N VAL B 451 51.99 20.54 3.04
CA VAL B 451 52.01 21.22 1.75
C VAL B 451 52.05 20.16 0.67
N PRO B 452 51.17 20.21 -0.34
CA PRO B 452 51.19 19.20 -1.40
C PRO B 452 52.41 19.32 -2.28
N GLN B 453 52.67 18.26 -3.03
CA GLN B 453 53.83 18.21 -3.92
C GLN B 453 53.44 17.76 -5.33
N VAL B 454 52.21 18.09 -5.76
CA VAL B 454 51.72 17.72 -7.07
C VAL B 454 51.42 18.99 -7.85
N THR B 455 51.99 19.11 -9.05
CA THR B 455 51.85 20.30 -9.88
C THR B 455 51.30 19.94 -11.25
N TRP B 456 51.30 20.90 -12.18
CA TRP B 456 50.64 20.68 -13.46
C TRP B 456 51.32 19.59 -14.28
N GLU B 457 52.65 19.59 -14.36
CA GLU B 457 53.31 18.56 -15.13
C GLU B 457 53.17 17.19 -14.47
N ASP B 458 53.00 17.17 -13.14
CA ASP B 458 52.89 15.89 -12.43
C ASP B 458 51.63 15.14 -12.81
N ILE B 459 50.58 15.85 -13.24
CA ILE B 459 49.35 15.21 -13.68
C ILE B 459 49.17 15.48 -15.15
N GLY B 460 48.12 14.91 -15.75
CA GLY B 460 47.86 15.11 -17.16
C GLY B 460 46.38 15.07 -17.44
N GLY B 461 46.02 15.48 -18.65
CA GLY B 461 44.64 15.45 -19.08
C GLY B 461 43.80 16.47 -18.33
N LEU B 462 42.49 16.38 -18.56
CA LEU B 462 41.51 17.24 -17.91
C LEU B 462 41.85 18.72 -18.15
N GLU B 463 42.17 19.03 -19.40
CA GLU B 463 42.43 20.42 -19.78
C GLU B 463 41.20 21.30 -19.65
N ASP B 464 40.00 20.69 -19.62
CA ASP B 464 38.78 21.48 -19.50
C ASP B 464 38.50 21.93 -18.07
N VAL B 465 39.08 21.28 -17.08
CA VAL B 465 38.91 21.70 -15.69
C VAL B 465 40.19 22.25 -15.08
N LYS B 466 41.37 21.90 -15.61
CA LYS B 466 42.57 22.62 -15.25
C LYS B 466 42.49 24.07 -15.69
N ARG B 467 41.90 24.31 -16.86
CA ARG B 467 41.78 25.66 -17.41
C ARG B 467 40.88 26.50 -16.51
N GLU B 468 39.94 25.86 -15.82
CA GLU B 468 38.91 26.55 -15.06
C GLU B 468 39.22 26.68 -13.57
N LEU B 469 39.84 25.67 -12.95
CA LEU B 469 40.17 25.79 -11.54
C LEU B 469 41.12 26.95 -11.29
N GLN B 470 42.09 27.15 -12.18
CA GLN B 470 42.99 28.28 -12.06
C GLN B 470 42.25 29.61 -12.12
N GLU B 471 41.25 29.73 -13.00
CA GLU B 471 40.49 30.97 -13.14
C GLU B 471 39.81 31.41 -11.85
N LEU B 472 39.54 30.48 -10.92
CA LEU B 472 38.87 30.84 -9.68
C LEU B 472 39.71 30.62 -8.44
N VAL B 473 40.93 30.07 -8.56
CA VAL B 473 41.84 29.95 -7.43
C VAL B 473 43.11 30.77 -7.66
N GLN B 474 43.83 30.50 -8.75
CA GLN B 474 45.20 30.99 -8.89
C GLN B 474 45.24 32.51 -9.00
N TYR B 475 44.43 33.08 -9.90
CA TYR B 475 44.51 34.52 -10.12
C TYR B 475 44.12 35.33 -8.89
N PRO B 476 42.99 35.06 -8.20
CA PRO B 476 42.72 35.84 -6.99
C PRO B 476 43.48 35.29 -5.78
N VAL B 477 44.72 34.89 -6.01
CA VAL B 477 45.69 34.62 -4.97
C VAL B 477 46.97 35.34 -5.34
N GLU B 478 47.45 35.08 -6.56
CA GLU B 478 48.71 35.60 -7.05
C GLU B 478 48.59 36.98 -7.69
N HIS B 479 47.38 37.53 -7.81
CA HIS B 479 47.15 38.84 -8.43
C HIS B 479 46.35 39.70 -7.45
N PRO B 480 46.99 40.23 -6.41
CA PRO B 480 46.26 41.09 -5.47
C PRO B 480 45.70 42.34 -6.10
N ASP B 481 46.34 42.87 -7.16
CA ASP B 481 45.88 44.10 -7.77
C ASP B 481 44.52 43.95 -8.45
N LYS B 482 44.17 42.75 -8.90
CA LYS B 482 42.91 42.53 -9.57
C LYS B 482 41.79 42.27 -8.57
N PHE B 483 40.58 42.05 -9.08
CA PHE B 483 39.41 41.63 -8.32
C PHE B 483 38.87 42.73 -7.42
N LEU B 484 39.40 43.93 -7.50
CA LEU B 484 38.75 45.06 -6.86
C LEU B 484 38.64 46.27 -7.77
N LYS B 485 39.51 46.37 -8.78
CA LYS B 485 39.33 47.41 -9.79
C LYS B 485 38.04 47.20 -10.58
N PHE B 486 37.74 45.94 -10.91
CA PHE B 486 36.51 45.60 -11.61
C PHE B 486 35.35 45.37 -10.66
N GLY B 487 35.54 45.60 -9.37
CA GLY B 487 34.47 45.41 -8.41
C GLY B 487 34.39 43.96 -7.99
N MET B 488 33.18 43.40 -8.06
CA MET B 488 32.88 41.99 -7.82
C MET B 488 33.51 41.48 -6.52
N THR B 489 33.69 40.16 -6.41
CA THR B 489 34.26 39.55 -5.21
C THR B 489 34.60 38.10 -5.49
N PRO B 490 35.73 37.60 -4.99
CA PRO B 490 36.07 36.19 -5.22
C PRO B 490 35.17 35.25 -4.43
N SER B 491 35.18 33.99 -4.85
CA SER B 491 34.37 32.97 -4.21
C SER B 491 35.09 32.41 -2.99
N LYS B 492 34.42 31.55 -2.23
CA LYS B 492 35.05 30.88 -1.11
C LYS B 492 34.94 29.36 -1.25
N GLY B 493 33.87 28.88 -1.87
CA GLY B 493 33.54 27.48 -1.84
C GLY B 493 33.42 26.85 -3.21
N VAL B 494 33.92 25.62 -3.32
CA VAL B 494 33.80 24.82 -4.53
C VAL B 494 33.36 23.42 -4.13
N LEU B 495 32.33 22.90 -4.78
CA LEU B 495 31.81 21.57 -4.51
C LEU B 495 32.19 20.64 -5.66
N PHE B 496 32.88 19.55 -5.33
CA PHE B 496 33.29 18.55 -6.31
C PHE B 496 32.35 17.35 -6.26
N TYR B 497 32.00 16.86 -7.44
CA TYR B 497 30.98 15.84 -7.58
C TYR B 497 31.28 15.01 -8.82
N GLY B 498 30.78 13.78 -8.83
CA GLY B 498 31.01 12.89 -9.95
C GLY B 498 31.17 11.45 -9.50
N PRO B 499 31.66 10.61 -10.40
CA PRO B 499 31.84 9.19 -10.07
C PRO B 499 32.85 9.02 -8.95
N PRO B 500 32.62 8.06 -8.06
CA PRO B 500 33.61 7.80 -7.01
C PRO B 500 34.91 7.27 -7.59
N GLY B 501 36.01 7.57 -6.91
CA GLY B 501 37.31 7.13 -7.34
C GLY B 501 37.95 7.96 -8.44
N CYS B 502 37.45 9.18 -8.68
CA CYS B 502 38.01 10.02 -9.73
C CYS B 502 39.21 10.83 -9.27
N GLY B 503 39.62 10.69 -8.01
CA GLY B 503 40.77 11.40 -7.49
C GLY B 503 40.50 12.85 -7.15
N LYS B 504 39.34 13.12 -6.55
CA LYS B 504 38.98 14.48 -6.19
C LYS B 504 39.91 15.07 -5.13
N THR B 505 40.32 14.27 -4.14
CA THR B 505 41.24 14.76 -3.13
C THR B 505 42.56 15.21 -3.75
N LEU B 506 43.11 14.38 -4.64
CA LEU B 506 44.35 14.75 -5.32
C LEU B 506 44.17 15.94 -6.24
N LEU B 507 43.03 16.03 -6.93
CA LEU B 507 42.77 17.19 -7.77
C LEU B 507 42.72 18.47 -6.94
N ALA B 508 42.12 18.40 -5.75
CA ALA B 508 42.10 19.55 -4.85
C ALA B 508 43.48 19.90 -4.32
N LYS B 509 44.31 18.90 -4.02
CA LYS B 509 45.67 19.17 -3.58
C LYS B 509 46.53 19.80 -4.67
N ALA B 510 46.31 19.39 -5.93
CA ALA B 510 47.13 19.87 -7.03
C ALA B 510 47.07 21.38 -7.20
N ILE B 511 45.93 22.00 -6.89
CA ILE B 511 45.82 23.45 -7.04
C ILE B 511 46.29 24.19 -5.81
N ALA B 512 46.26 23.57 -4.63
CA ALA B 512 46.62 24.25 -3.39
C ALA B 512 48.12 24.46 -3.24
N ASN B 513 48.95 23.59 -3.81
CA ASN B 513 50.39 23.75 -3.64
C ASN B 513 50.99 24.81 -4.55
N GLU B 514 50.37 25.08 -5.71
CA GLU B 514 50.89 26.08 -6.63
C GLU B 514 50.52 27.51 -6.27
N CYS B 515 49.64 27.71 -5.30
CA CYS B 515 49.29 29.04 -4.83
C CYS B 515 50.01 29.39 -3.54
N GLN B 516 51.03 28.61 -3.15
CA GLN B 516 51.81 28.84 -1.94
C GLN B 516 50.90 28.89 -0.70
N ALA B 517 50.16 27.80 -0.53
CA ALA B 517 49.24 27.67 0.59
C ALA B 517 49.38 26.27 1.17
N ASN B 518 49.06 26.16 2.45
CA ASN B 518 49.08 24.86 3.13
C ASN B 518 47.78 24.12 2.81
N PHE B 519 47.65 22.91 3.33
CA PHE B 519 46.50 22.06 3.02
C PHE B 519 46.17 21.22 4.24
N ILE B 520 44.88 21.18 4.59
CA ILE B 520 44.38 20.29 5.63
C ILE B 520 43.32 19.40 5.01
N SER B 521 43.46 18.10 5.21
CA SER B 521 42.55 17.13 4.61
C SER B 521 41.54 16.68 5.66
N ILE B 522 40.26 16.86 5.36
CA ILE B 522 39.17 16.46 6.25
C ILE B 522 38.35 15.42 5.48
N LYS B 523 38.61 14.15 5.76
CA LYS B 523 37.84 13.09 5.13
C LYS B 523 36.53 12.89 5.90
N GLY B 524 35.60 12.19 5.26
CA GLY B 524 34.25 12.05 5.77
C GLY B 524 34.13 11.43 7.15
N PRO B 525 34.51 10.16 7.30
CA PRO B 525 34.20 9.44 8.55
C PRO B 525 34.87 10.03 9.78
N GLU B 526 35.96 10.78 9.66
CA GLU B 526 36.61 11.32 10.84
C GLU B 526 35.80 12.46 11.44
N LEU B 527 35.10 13.23 10.61
CA LEU B 527 34.18 14.23 11.14
C LEU B 527 32.89 13.61 11.66
N LEU B 528 32.66 12.32 11.40
CA LEU B 528 31.51 11.62 11.95
C LEU B 528 31.83 10.92 13.26
N THR B 529 33.05 10.40 13.40
CA THR B 529 33.43 9.75 14.65
C THR B 529 33.68 10.76 15.76
N MET B 530 33.94 12.02 15.41
CA MET B 530 34.08 13.09 16.38
C MET B 530 32.75 13.76 16.72
N TRP B 531 31.65 13.23 16.19
CA TRP B 531 30.33 13.79 16.44
C TRP B 531 29.71 13.29 17.74
N PHE B 532 29.91 12.01 18.06
CA PHE B 532 29.29 11.37 19.23
C PHE B 532 27.78 11.53 19.10
N GLY B 533 27.07 11.73 20.20
CA GLY B 533 25.63 11.94 20.17
C GLY B 533 25.19 13.11 21.01
N GLU B 534 24.59 14.12 20.37
CA GLU B 534 24.02 15.29 21.04
C GLU B 534 25.08 16.13 21.73
N SER B 535 26.36 15.89 21.45
CA SER B 535 27.43 16.69 22.05
C SER B 535 28.68 16.55 21.21
N GLU B 536 29.05 17.62 20.50
CA GLU B 536 30.32 17.66 19.80
C GLU B 536 31.21 18.80 20.31
N ALA B 537 30.69 20.03 20.29
CA ALA B 537 31.38 21.21 20.83
C ALA B 537 32.81 21.36 20.31
N ASN B 538 33.07 20.84 19.11
CA ASN B 538 34.42 20.90 18.55
C ASN B 538 34.38 21.24 17.06
N VAL B 539 33.63 22.30 16.70
CA VAL B 539 33.59 22.76 15.31
C VAL B 539 34.29 24.09 15.16
N ARG B 540 34.08 25.00 16.10
CA ARG B 540 34.58 26.36 15.95
C ARG B 540 36.10 26.41 15.87
N GLU B 541 36.80 25.45 16.48
CA GLU B 541 38.25 25.48 16.52
C GLU B 541 38.90 24.82 15.31
N ILE B 542 38.14 24.10 14.48
CA ILE B 542 38.74 23.45 13.32
C ILE B 542 38.86 24.38 12.12
N PHE B 543 38.28 25.58 12.21
CA PHE B 543 38.37 26.55 11.13
C PHE B 543 39.43 27.60 11.37
N ASP B 544 39.80 27.85 12.63
CA ASP B 544 40.79 28.88 12.93
C ASP B 544 42.19 28.44 12.52
N LYS B 545 42.46 27.14 12.52
CA LYS B 545 43.78 26.66 12.09
C LYS B 545 44.05 26.98 10.64
N ALA B 546 43.00 26.95 9.80
CA ALA B 546 43.12 27.37 8.42
C ALA B 546 43.21 28.89 8.26
N ARG B 547 42.85 29.64 9.31
CA ARG B 547 42.93 31.09 9.29
C ARG B 547 44.29 31.61 9.72
N GLN B 548 44.85 31.06 10.79
CA GLN B 548 46.19 31.48 11.21
C GLN B 548 47.25 31.06 10.19
N ALA B 549 47.03 29.94 9.51
CA ALA B 549 47.98 29.45 8.50
C ALA B 549 47.64 29.97 7.11
N ALA B 550 47.51 31.29 7.00
CA ALA B 550 47.22 31.88 5.70
C ALA B 550 48.51 31.99 4.87
N PRO B 551 48.43 31.73 3.56
CA PRO B 551 47.23 31.22 2.86
C PRO B 551 47.00 29.74 3.12
N CYS B 552 45.74 29.31 3.06
CA CYS B 552 45.41 27.91 3.26
C CYS B 552 44.21 27.55 2.41
N VAL B 553 44.18 26.30 1.96
CA VAL B 553 43.08 25.77 1.17
C VAL B 553 42.48 24.61 1.96
N LEU B 554 41.23 24.77 2.36
CA LEU B 554 40.54 23.74 3.13
C LEU B 554 39.78 22.80 2.21
N PHE B 555 39.75 21.53 2.57
CA PHE B 555 39.11 20.50 1.75
C PHE B 555 38.23 19.61 2.62
N PHE B 556 37.00 19.39 2.16
CA PHE B 556 36.06 18.47 2.79
C PHE B 556 35.92 17.26 1.86
N ASP B 557 36.58 16.18 2.22
CA ASP B 557 36.55 14.96 1.40
C ASP B 557 35.33 14.16 1.78
N GLU B 558 34.49 13.88 0.79
CA GLU B 558 33.33 13.03 1.00
C GLU B 558 32.46 13.64 2.09
N LEU B 559 32.00 14.85 1.84
CA LEU B 559 30.98 15.50 2.66
C LEU B 559 29.69 14.69 2.73
N ASP B 560 29.49 13.71 1.84
CA ASP B 560 28.24 12.96 1.76
C ASP B 560 28.03 12.04 2.97
N SER B 561 29.08 11.82 3.77
CA SER B 561 29.02 11.07 5.01
C SER B 561 28.01 11.62 6.01
N ILE B 562 27.88 12.95 6.14
CA ILE B 562 26.91 13.49 7.07
C ILE B 562 25.49 13.13 6.63
N ALA B 563 25.20 13.24 5.32
CA ALA B 563 23.90 12.82 4.83
C ALA B 563 23.68 11.32 5.01
N LYS B 564 24.75 10.52 4.94
CA LYS B 564 24.62 9.10 5.21
C LYS B 564 23.96 8.83 6.56
N ALA B 565 24.42 9.50 7.61
CA ALA B 565 23.90 9.24 8.95
C ALA B 565 22.47 9.74 9.13
N ARG B 566 22.12 10.91 8.59
CA ARG B 566 20.77 11.43 8.74
C ARG B 566 19.77 10.62 7.93
N GLY B 567 20.03 10.41 6.64
CA GLY B 567 19.16 9.59 5.83
C GLY B 567 19.77 9.31 4.48
N GLY B 568 19.83 8.04 4.10
CA GLY B 568 20.43 7.63 2.85
C GLY B 568 19.50 6.75 2.04
N ASN B 569 19.88 6.54 0.78
CA ASN B 569 19.12 5.72 -0.15
C ASN B 569 17.69 6.24 -0.26
N ILE B 570 16.79 5.70 0.57
CA ILE B 570 15.41 6.17 0.57
C ILE B 570 15.30 7.54 1.23
N GLY B 571 15.88 7.69 2.42
CA GLY B 571 15.84 8.93 3.16
C GLY B 571 14.68 8.98 4.13
N ASP B 572 14.69 10.02 4.95
CA ASP B 572 13.65 10.24 5.95
C ASP B 572 12.46 10.95 5.31
N GLY B 573 11.48 11.33 6.13
CA GLY B 573 10.31 12.02 5.62
C GLY B 573 10.56 13.45 5.23
N GLY B 574 11.61 14.07 5.77
CA GLY B 574 11.94 15.45 5.46
C GLY B 574 13.32 15.60 4.86
N GLY B 575 13.88 16.80 4.98
CA GLY B 575 15.20 17.06 4.45
C GLY B 575 16.30 16.40 5.27
N ALA B 576 17.46 16.26 4.63
CA ALA B 576 18.61 15.62 5.28
C ALA B 576 19.52 16.69 5.89
N ALA B 577 18.91 17.49 6.77
CA ALA B 577 19.61 18.57 7.45
C ALA B 577 20.10 18.08 8.81
N ASP B 578 21.06 18.80 9.37
CA ASP B 578 21.65 18.40 10.64
C ASP B 578 22.17 19.61 11.40
N ARG B 579 22.24 19.46 12.72
CA ARG B 579 22.80 20.48 13.59
C ARG B 579 24.30 20.61 13.44
N VAL B 580 24.94 19.68 12.73
CA VAL B 580 26.35 19.85 12.39
C VAL B 580 26.53 20.49 11.02
N ILE B 581 25.48 20.48 10.18
CA ILE B 581 25.56 21.14 8.89
C ILE B 581 25.18 22.61 9.01
N ASN B 582 24.12 22.90 9.77
CA ASN B 582 23.71 24.31 9.91
C ASN B 582 24.78 25.13 10.60
N GLN B 583 25.45 24.56 11.62
CA GLN B 583 26.46 25.30 12.35
C GLN B 583 27.71 25.60 11.53
N ILE B 584 28.05 24.75 10.56
CA ILE B 584 29.18 25.03 9.70
C ILE B 584 28.81 25.98 8.57
N LEU B 585 27.59 25.84 8.03
CA LEU B 585 27.19 26.76 6.97
C LEU B 585 26.95 28.16 7.50
N THR B 586 26.57 28.28 8.78
CA THR B 586 26.51 29.60 9.40
C THR B 586 27.90 30.14 9.73
N GLU B 587 28.82 29.26 10.14
CA GLU B 587 30.16 29.71 10.47
C GLU B 587 30.91 30.23 9.25
N MET B 588 30.70 29.60 8.08
CA MET B 588 31.45 30.01 6.91
C MET B 588 30.94 31.34 6.33
N ASP B 589 29.83 31.87 6.84
CA ASP B 589 29.31 33.15 6.38
C ASP B 589 29.80 34.34 7.19
N GLY B 590 30.40 34.10 8.36
CA GLY B 590 30.86 35.22 9.17
C GLY B 590 32.15 35.83 8.69
N MET B 591 32.91 35.08 7.90
CA MET B 591 34.20 35.52 7.42
C MET B 591 34.04 36.60 6.36
N SER B 592 35.00 37.52 6.34
CA SER B 592 35.03 38.60 5.36
C SER B 592 35.51 38.06 4.02
N THR B 593 35.10 38.73 2.94
CA THR B 593 35.45 38.26 1.62
C THR B 593 36.94 38.42 1.31
N LYS B 594 37.66 39.25 2.06
CA LYS B 594 39.04 39.55 1.75
C LYS B 594 40.02 38.56 2.35
N LYS B 595 39.56 37.67 3.23
CA LYS B 595 40.41 36.57 3.69
C LYS B 595 40.73 35.64 2.54
N ASN B 596 41.90 34.98 2.63
CA ASN B 596 42.37 34.09 1.58
C ASN B 596 42.04 32.63 1.86
N VAL B 597 41.22 32.37 2.87
CA VAL B 597 40.82 31.01 3.18
C VAL B 597 39.87 30.51 2.09
N PHE B 598 40.11 29.29 1.61
CA PHE B 598 39.32 28.68 0.56
C PHE B 598 38.85 27.31 1.02
N ILE B 599 37.54 27.11 1.04
CA ILE B 599 36.94 25.84 1.44
C ILE B 599 36.48 25.11 0.19
N ILE B 600 36.77 23.81 0.12
CA ILE B 600 36.42 22.98 -1.03
C ILE B 600 35.68 21.75 -0.53
N GLY B 601 34.50 21.51 -1.10
CA GLY B 601 33.72 20.34 -0.75
C GLY B 601 33.78 19.28 -1.83
N ALA B 602 33.58 18.03 -1.41
CA ALA B 602 33.60 16.90 -2.33
C ALA B 602 32.49 15.94 -1.95
N THR B 603 31.80 15.41 -2.96
CA THR B 603 30.73 14.45 -2.75
C THR B 603 30.69 13.50 -3.93
N ASN B 604 29.82 12.50 -3.82
CA ASN B 604 29.68 11.50 -4.88
C ASN B 604 28.23 11.30 -5.30
N ARG B 605 27.27 11.81 -4.52
CA ARG B 605 25.85 11.65 -4.84
C ARG B 605 25.16 13.00 -4.68
N PRO B 606 25.38 13.93 -5.61
CA PRO B 606 24.92 15.32 -5.43
C PRO B 606 23.45 15.51 -5.77
N ASP B 607 22.60 14.75 -5.08
CA ASP B 607 21.16 14.91 -5.26
C ASP B 607 20.44 14.89 -3.90
N ILE B 608 21.17 14.52 -2.84
CA ILE B 608 20.60 14.41 -1.51
C ILE B 608 21.14 15.46 -0.55
N ILE B 609 22.14 16.24 -0.96
CA ILE B 609 22.66 17.30 -0.10
C ILE B 609 21.70 18.48 -0.11
N ASP B 610 21.56 19.13 1.04
CA ASP B 610 20.65 20.26 1.14
C ASP B 610 21.11 21.40 0.25
N PRO B 611 20.19 22.14 -0.37
CA PRO B 611 20.59 23.33 -1.14
C PRO B 611 20.97 24.48 -0.22
N ALA B 612 20.82 24.27 1.09
CA ALA B 612 21.15 25.31 2.05
C ALA B 612 22.62 25.72 1.96
N ILE B 613 23.52 24.75 1.84
CA ILE B 613 24.92 25.09 1.60
C ILE B 613 25.18 25.43 0.14
N LEU B 614 24.31 25.02 -0.76
CA LEU B 614 24.39 25.38 -2.17
C LEU B 614 23.80 26.75 -2.46
N ARG B 615 23.55 27.55 -1.43
CA ARG B 615 22.98 28.86 -1.63
C ARG B 615 23.96 29.75 -2.38
N PRO B 616 23.47 30.73 -3.15
CA PRO B 616 24.37 31.61 -3.90
C PRO B 616 25.15 32.57 -3.00
N GLY B 617 26.29 32.11 -2.51
CA GLY B 617 27.09 32.89 -1.58
C GLY B 617 27.87 32.01 -0.62
N ARG B 618 27.57 30.71 -0.61
CA ARG B 618 28.42 29.74 0.10
C ARG B 618 29.06 28.76 -0.89
N LEU B 619 28.28 28.06 -1.70
CA LEU B 619 28.79 27.17 -2.73
C LEU B 619 28.20 27.61 -4.06
N ASP B 620 28.89 28.56 -4.71
CA ASP B 620 28.36 29.15 -5.95
C ASP B 620 28.78 28.33 -7.17
N GLN B 621 30.08 28.14 -7.36
CA GLN B 621 30.56 27.42 -8.52
C GLN B 621 30.45 25.91 -8.29
N LEU B 622 29.92 25.21 -9.29
CA LEU B 622 29.81 23.76 -9.28
C LEU B 622 30.70 23.22 -10.38
N ILE B 623 31.60 22.31 -10.02
CA ILE B 623 32.61 21.78 -10.94
C ILE B 623 32.47 20.27 -10.98
N TYR B 624 32.42 19.72 -12.20
CA TYR B 624 32.23 18.29 -12.41
C TYR B 624 33.55 17.63 -12.74
N ILE B 625 33.79 16.47 -12.15
CA ILE B 625 35.00 15.70 -12.43
C ILE B 625 34.63 14.53 -13.33
N PRO B 626 34.96 14.57 -14.61
CA PRO B 626 34.61 13.46 -15.50
C PRO B 626 35.57 12.29 -15.38
N LEU B 627 35.37 11.26 -16.18
CA LEU B 627 36.28 10.12 -16.17
C LEU B 627 37.64 10.54 -16.74
N PRO B 628 38.72 9.95 -16.24
CA PRO B 628 40.05 10.30 -16.76
C PRO B 628 40.18 9.97 -18.24
N ASP B 629 40.86 10.87 -18.96
CA ASP B 629 41.06 10.70 -20.39
C ASP B 629 42.40 10.00 -20.64
N GLU B 630 42.84 9.96 -21.90
CA GLU B 630 44.08 9.29 -22.26
C GLU B 630 45.29 9.90 -21.56
N LYS B 631 45.39 11.24 -21.57
CA LYS B 631 46.56 11.91 -21.01
C LYS B 631 46.71 11.67 -19.52
N SER B 632 45.59 11.55 -18.80
CA SER B 632 45.64 11.24 -17.39
C SER B 632 45.82 9.76 -17.12
N ARG B 633 45.26 8.90 -17.98
CA ARG B 633 45.43 7.47 -17.81
C ARG B 633 46.89 7.06 -17.96
N VAL B 634 47.60 7.64 -18.93
CA VAL B 634 49.02 7.32 -19.05
C VAL B 634 49.81 7.87 -17.87
N ALA B 635 49.40 9.03 -17.33
CA ALA B 635 50.12 9.64 -16.22
C ALA B 635 49.97 8.87 -14.92
N ILE B 636 48.77 8.37 -14.62
CA ILE B 636 48.57 7.61 -13.38
C ILE B 636 49.46 6.38 -13.35
N LEU B 637 49.63 5.70 -14.49
CA LEU B 637 50.50 4.55 -14.55
C LEU B 637 51.97 4.91 -14.37
N LYS B 638 52.43 6.03 -14.93
CA LYS B 638 53.79 6.48 -14.73
C LYS B 638 54.02 7.01 -13.32
N ALA B 639 52.95 7.21 -12.55
CA ALA B 639 53.05 7.74 -11.20
C ALA B 639 52.95 6.68 -10.11
N ASN B 640 52.11 5.66 -10.29
CA ASN B 640 51.89 4.70 -9.20
C ASN B 640 52.97 3.63 -9.14
N LEU B 641 53.91 3.62 -10.09
CA LEU B 641 55.01 2.67 -10.08
C LEU B 641 56.37 3.38 -10.13
N ARG B 642 56.42 4.63 -9.66
CA ARG B 642 57.62 5.44 -9.74
C ARG B 642 58.80 4.84 -8.98
N LYS B 643 58.53 3.96 -8.00
CA LYS B 643 59.59 3.37 -7.18
C LYS B 643 59.78 1.89 -7.46
N SER B 644 59.42 1.44 -8.67
CA SER B 644 59.58 0.04 -9.03
C SER B 644 60.49 -0.10 -10.24
N PRO B 645 61.34 -1.12 -10.27
CA PRO B 645 62.24 -1.32 -11.42
C PRO B 645 61.52 -1.97 -12.60
N VAL B 646 60.65 -1.21 -13.24
CA VAL B 646 59.88 -1.70 -14.38
C VAL B 646 60.77 -1.69 -15.62
N ALA B 647 60.82 -2.81 -16.32
CA ALA B 647 61.64 -2.92 -17.51
C ALA B 647 61.05 -2.08 -18.65
N LYS B 648 61.89 -1.81 -19.66
CA LYS B 648 61.49 -1.00 -20.80
C LYS B 648 60.74 -1.80 -21.85
N ASP B 649 60.59 -3.11 -21.67
CA ASP B 649 59.89 -3.92 -22.66
C ASP B 649 58.41 -3.56 -22.74
N VAL B 650 57.84 -3.06 -21.64
CA VAL B 650 56.43 -2.69 -21.61
C VAL B 650 56.24 -1.33 -22.24
N ASP B 651 54.99 -0.99 -22.58
CA ASP B 651 54.66 0.30 -23.18
C ASP B 651 53.61 0.98 -22.32
N LEU B 652 53.88 2.22 -21.92
CA LEU B 652 52.96 2.93 -21.04
C LEU B 652 51.71 3.39 -21.78
N GLU B 653 51.87 3.92 -23.00
CA GLU B 653 50.72 4.39 -23.77
C GLU B 653 49.81 3.24 -24.19
N PHE B 654 50.37 2.05 -24.42
CA PHE B 654 49.60 0.92 -24.88
C PHE B 654 48.51 0.54 -23.88
N LEU B 655 48.86 0.49 -22.59
CA LEU B 655 47.87 0.18 -21.55
C LEU B 655 46.71 1.17 -21.57
N ALA B 656 47.01 2.46 -21.61
CA ALA B 656 45.95 3.45 -21.71
C ALA B 656 45.18 3.33 -23.01
N LYS B 657 45.78 2.76 -24.06
CA LYS B 657 45.06 2.56 -25.30
C LYS B 657 43.94 1.53 -25.15
N MET B 658 44.19 0.40 -24.48
CA MET B 658 43.06 -0.49 -24.22
C MET B 658 42.12 0.10 -23.17
N THR B 659 42.66 0.66 -22.09
CA THR B 659 41.84 1.11 -20.97
C THR B 659 41.09 2.38 -21.35
N ASN B 660 39.76 2.26 -21.48
CA ASN B 660 38.95 3.41 -21.84
C ASN B 660 37.89 3.71 -20.77
N GLY B 661 37.17 2.68 -20.36
CA GLY B 661 36.07 2.87 -19.42
C GLY B 661 36.39 2.46 -18.00
N PHE B 662 37.58 2.77 -17.54
CA PHE B 662 38.02 2.44 -16.19
C PHE B 662 38.32 3.72 -15.41
N SER B 663 38.10 3.66 -14.10
CA SER B 663 38.34 4.80 -13.23
C SER B 663 39.69 4.66 -12.53
N GLY B 664 40.06 5.67 -11.74
CA GLY B 664 41.36 5.67 -11.10
C GLY B 664 41.60 4.49 -10.20
N ALA B 665 40.56 4.04 -9.48
CA ALA B 665 40.71 2.85 -8.65
C ALA B 665 41.04 1.63 -9.48
N ASP B 666 40.37 1.44 -10.62
CA ASP B 666 40.69 0.33 -11.49
C ASP B 666 42.10 0.43 -12.05
N LEU B 667 42.49 1.63 -12.51
CA LEU B 667 43.84 1.79 -13.05
C LEU B 667 44.90 1.49 -12.00
N THR B 668 44.66 1.86 -10.74
CA THR B 668 45.61 1.56 -9.68
C THR B 668 45.62 0.07 -9.35
N GLU B 669 44.45 -0.56 -9.26
CA GLU B 669 44.40 -1.95 -8.84
C GLU B 669 44.96 -2.88 -9.91
N ILE B 670 44.91 -2.47 -11.18
CA ILE B 670 45.59 -3.25 -12.23
C ILE B 670 47.08 -3.33 -11.93
N CYS B 671 47.71 -2.17 -11.68
CA CYS B 671 49.13 -2.17 -11.37
C CYS B 671 49.42 -2.90 -10.07
N GLN B 672 48.52 -2.79 -9.08
CA GLN B 672 48.69 -3.53 -7.84
C GLN B 672 48.72 -5.02 -8.10
N ARG B 673 47.78 -5.53 -8.91
CA ARG B 673 47.75 -6.95 -9.23
C ARG B 673 49.00 -7.38 -10.00
N ALA B 674 49.43 -6.57 -10.97
CA ALA B 674 50.63 -6.92 -11.73
C ALA B 674 51.86 -7.01 -10.83
N CYS B 675 52.04 -6.03 -9.96
CA CYS B 675 53.15 -6.07 -9.02
C CYS B 675 53.03 -7.24 -8.05
N LYS B 676 51.81 -7.54 -7.60
CA LYS B 676 51.61 -8.64 -6.68
C LYS B 676 51.95 -9.98 -7.30
N LEU B 677 51.60 -10.19 -8.57
CA LEU B 677 51.99 -11.45 -9.20
C LEU B 677 53.47 -11.50 -9.52
N ALA B 678 54.07 -10.37 -9.91
CA ALA B 678 55.51 -10.37 -10.18
C ALA B 678 56.32 -10.65 -8.93
N ILE B 679 55.94 -10.05 -7.79
CA ILE B 679 56.66 -10.28 -6.54
C ILE B 679 56.54 -11.71 -6.06
N ARG B 680 55.52 -12.45 -6.49
CA ARG B 680 55.44 -13.85 -6.08
C ARG B 680 56.39 -14.73 -6.89
N GLU B 681 56.42 -14.56 -8.21
CA GLU B 681 57.36 -15.33 -9.02
C GLU B 681 58.80 -14.95 -8.72
N SER B 682 59.05 -13.71 -8.28
CA SER B 682 60.41 -13.34 -7.88
C SER B 682 60.89 -14.20 -6.72
N ILE B 683 60.04 -14.41 -5.71
CA ILE B 683 60.42 -15.28 -4.60
C ILE B 683 60.41 -16.75 -5.03
N GLU B 684 59.47 -17.14 -5.88
CA GLU B 684 59.37 -18.54 -6.28
C GLU B 684 60.59 -18.99 -7.08
N SER B 685 61.21 -18.08 -7.83
CA SER B 685 62.41 -18.44 -8.59
C SER B 685 63.61 -18.71 -7.69
N GLU B 686 63.53 -18.39 -6.40
CA GLU B 686 64.67 -18.60 -5.51
C GLU B 686 64.87 -20.06 -5.15
N ILE B 687 63.86 -20.89 -5.31
CA ILE B 687 63.96 -22.30 -4.95
C ILE B 687 64.78 -23.05 -6.00
N VAL B 708 67.00 -10.12 -13.15
CA VAL B 708 65.91 -11.06 -13.00
C VAL B 708 64.69 -10.43 -12.28
N PRO B 709 64.90 -9.74 -11.13
CA PRO B 709 63.75 -9.12 -10.46
C PRO B 709 63.25 -7.89 -11.20
N GLU B 710 62.47 -8.10 -12.26
CA GLU B 710 61.92 -6.99 -13.04
C GLU B 710 60.54 -7.38 -13.54
N ILE B 711 59.73 -6.38 -13.82
CA ILE B 711 58.36 -6.60 -14.30
C ILE B 711 58.40 -6.70 -15.82
N ARG B 712 57.84 -7.78 -16.35
CA ARG B 712 57.82 -8.01 -17.79
C ARG B 712 56.44 -7.67 -18.36
N ARG B 713 56.28 -7.82 -19.67
CA ARG B 713 55.01 -7.52 -20.33
C ARG B 713 53.90 -8.47 -19.89
N ASP B 714 54.20 -9.77 -19.77
CA ASP B 714 53.18 -10.73 -19.36
C ASP B 714 52.63 -10.41 -17.97
N HIS B 715 53.43 -9.80 -17.10
CA HIS B 715 52.95 -9.43 -15.78
C HIS B 715 51.78 -8.47 -15.85
N PHE B 716 51.88 -7.46 -16.72
CA PHE B 716 50.74 -6.59 -16.96
C PHE B 716 49.64 -7.31 -17.74
N GLU B 717 50.02 -8.26 -18.60
CA GLU B 717 49.02 -8.98 -19.39
C GLU B 717 48.07 -9.77 -18.52
N GLU B 718 48.56 -10.46 -17.48
CA GLU B 718 47.63 -11.18 -16.61
C GLU B 718 46.69 -10.22 -15.90
N ALA B 719 47.22 -9.10 -15.40
CA ALA B 719 46.39 -8.10 -14.75
C ALA B 719 45.36 -7.50 -15.69
N MET B 720 45.63 -7.49 -17.00
CA MET B 720 44.68 -6.94 -17.96
C MET B 720 43.38 -7.74 -17.97
N ARG B 721 43.48 -9.07 -17.93
CA ARG B 721 42.29 -9.90 -18.09
C ARG B 721 41.41 -9.90 -16.85
N PHE B 722 42.00 -9.77 -15.66
CA PHE B 722 41.24 -9.75 -14.42
C PHE B 722 40.71 -8.36 -14.08
N ALA B 723 40.62 -7.47 -15.05
CA ALA B 723 40.13 -6.13 -14.82
C ALA B 723 38.63 -6.13 -14.60
N ARG B 724 38.16 -5.26 -13.71
CA ARG B 724 36.75 -5.03 -13.45
C ARG B 724 36.43 -3.56 -13.62
N ARG B 725 35.16 -3.22 -13.53
CA ARG B 725 34.69 -1.85 -13.67
C ARG B 725 34.20 -1.37 -12.31
N SER B 726 34.84 -0.32 -11.78
CA SER B 726 34.45 0.22 -10.49
C SER B 726 33.04 0.79 -10.54
N VAL B 727 32.71 1.50 -11.62
CA VAL B 727 31.41 2.12 -11.77
C VAL B 727 30.65 1.42 -12.88
N SER B 728 29.32 1.48 -12.79
CA SER B 728 28.45 0.91 -13.82
C SER B 728 28.26 1.93 -14.94
N ASP B 729 27.29 1.67 -15.82
CA ASP B 729 26.97 2.60 -16.89
C ASP B 729 25.80 3.53 -16.58
N ASN B 730 24.76 3.03 -15.91
CA ASN B 730 23.57 3.86 -15.68
C ASN B 730 23.89 5.07 -14.81
N ASP B 731 24.76 4.91 -13.81
CA ASP B 731 25.15 6.02 -12.96
C ASP B 731 25.96 7.07 -13.71
N ILE B 732 26.62 6.69 -14.81
CA ILE B 732 27.39 7.68 -15.57
C ILE B 732 26.45 8.74 -16.14
N ARG B 733 25.55 8.35 -17.04
CA ARG B 733 24.60 9.31 -17.58
C ARG B 733 23.82 10.04 -16.49
N LYS B 734 23.62 9.40 -15.34
CA LYS B 734 23.11 10.14 -14.18
C LYS B 734 24.05 11.27 -13.79
N TYR B 735 25.36 11.03 -13.79
CA TYR B 735 26.30 12.09 -13.44
C TYR B 735 26.37 13.20 -14.48
N GLU B 736 26.43 12.87 -15.77
CA GLU B 736 26.50 14.00 -16.72
C GLU B 736 25.13 14.50 -17.14
N MET B 737 24.05 14.06 -16.48
CA MET B 737 22.80 14.81 -16.68
C MET B 737 22.62 15.90 -15.64
N PHE B 738 23.34 15.83 -14.51
CA PHE B 738 23.36 16.92 -13.56
C PHE B 738 24.35 18.02 -13.94
N ALA B 739 25.26 17.75 -14.87
CA ALA B 739 26.31 18.70 -15.21
C ALA B 739 25.79 19.89 -16.00
N GLN B 740 24.95 19.65 -17.01
CA GLN B 740 24.48 20.73 -17.87
C GLN B 740 23.28 21.43 -17.26
N THR B 741 22.44 20.70 -16.53
CA THR B 741 21.26 21.25 -15.88
C THR B 741 21.43 21.08 -14.37
N LEU B 742 22.01 22.08 -13.73
CA LEU B 742 22.20 22.07 -12.29
C LEU B 742 21.65 23.30 -11.58
N GLN B 743 21.58 24.45 -12.26
CA GLN B 743 21.04 25.64 -11.64
C GLN B 743 19.55 25.52 -11.36
N GLN B 744 18.87 24.58 -12.02
CA GLN B 744 17.45 24.37 -11.77
C GLN B 744 17.18 23.76 -10.40
N SER B 745 18.14 23.03 -9.83
CA SER B 745 17.96 22.40 -8.54
C SER B 745 18.15 23.39 -7.38
N ARG B 746 18.65 24.59 -7.65
CA ARG B 746 18.86 25.58 -6.59
C ARG B 746 17.53 26.21 -6.22
N GLY B 747 17.18 26.12 -4.94
CA GLY B 747 15.94 26.65 -4.42
C GLY B 747 14.80 25.66 -4.37
N PHE B 748 14.90 24.55 -5.09
CA PHE B 748 13.85 23.53 -5.11
C PHE B 748 14.43 22.14 -5.31
N ASN C 1 15.79 87.63 34.65
CA ASN C 1 16.58 86.52 35.16
C ASN C 1 17.93 86.46 34.44
N ARG C 2 18.33 87.60 33.85
CA ARG C 2 19.58 87.73 33.11
C ARG C 2 19.69 86.64 32.05
N PRO C 3 18.93 86.74 30.95
CA PRO C 3 18.93 85.66 29.95
C PRO C 3 20.25 85.55 29.21
N ASN C 4 21.30 85.13 29.92
CA ASN C 4 22.60 84.92 29.32
C ASN C 4 23.21 83.59 29.75
N ARG C 5 22.60 82.88 30.70
CA ARG C 5 23.11 81.61 31.16
C ARG C 5 22.88 80.53 30.11
N LEU C 6 23.90 79.72 29.85
CA LEU C 6 23.82 78.64 28.88
C LEU C 6 24.20 77.33 29.54
N ILE C 7 23.57 76.25 29.10
CA ILE C 7 23.85 74.92 29.63
C ILE C 7 25.05 74.32 28.89
N VAL C 8 25.95 73.72 29.65
CA VAL C 8 27.18 73.15 29.10
C VAL C 8 26.85 71.83 28.42
N ASP C 9 27.40 71.63 27.22
CA ASP C 9 27.24 70.38 26.49
C ASP C 9 28.49 70.14 25.66
N GLU C 10 28.77 68.87 25.40
CA GLU C 10 29.95 68.49 24.63
C GLU C 10 29.80 68.94 23.17
N ALA C 11 30.94 69.23 22.56
CA ALA C 11 30.98 69.66 21.17
C ALA C 11 31.21 68.47 20.24
N ILE C 12 30.76 68.62 18.99
CA ILE C 12 30.91 67.57 17.99
C ILE C 12 32.07 67.80 17.05
N ASN C 13 32.65 69.00 17.03
CA ASN C 13 33.76 69.30 16.14
C ASN C 13 35.05 68.69 16.70
N GLU C 14 35.79 68.00 15.84
CA GLU C 14 37.05 67.36 16.23
C GLU C 14 38.22 68.29 15.90
N ASP C 15 38.34 69.34 16.71
CA ASP C 15 39.37 70.35 16.47
C ASP C 15 39.85 71.00 17.77
N ASN C 16 40.51 72.15 17.65
CA ASN C 16 41.01 72.91 18.79
C ASN C 16 39.86 73.70 19.40
N SER C 17 40.18 74.70 20.23
CA SER C 17 39.19 75.42 21.02
C SER C 17 38.31 76.24 20.08
N VAL C 18 37.18 75.65 19.69
CA VAL C 18 36.15 76.33 18.92
C VAL C 18 34.81 75.96 19.52
N VAL C 19 34.01 76.97 19.86
CA VAL C 19 32.70 76.77 20.48
C VAL C 19 31.63 77.15 19.47
N SER C 20 30.66 76.26 19.28
CA SER C 20 29.58 76.48 18.33
C SER C 20 28.33 76.95 19.07
N LEU C 21 27.54 77.80 18.40
CA LEU C 21 26.31 78.31 18.95
C LEU C 21 25.18 78.24 17.93
N SER C 22 24.05 78.89 18.23
CA SER C 22 22.89 78.87 17.35
C SER C 22 22.72 80.26 16.72
N GLN C 23 21.65 80.43 15.94
CA GLN C 23 21.40 81.64 15.19
C GLN C 23 20.76 82.76 16.03
N PRO C 24 19.72 82.49 16.83
CA PRO C 24 19.17 83.58 17.65
C PRO C 24 20.18 84.17 18.63
N LYS C 25 21.02 83.33 19.22
CA LYS C 25 22.08 83.83 20.10
C LYS C 25 23.11 84.66 19.36
N MET C 26 23.23 84.45 18.05
CA MET C 26 24.14 85.23 17.21
C MET C 26 23.75 86.70 17.21
N ASP C 27 22.48 87.00 16.97
CA ASP C 27 21.99 88.37 16.93
C ASP C 27 21.58 88.90 18.31
N GLU C 28 21.39 88.02 19.30
CA GLU C 28 21.03 88.50 20.63
C GLU C 28 22.18 89.24 21.29
N LEU C 29 23.42 88.80 21.07
CA LEU C 29 24.59 89.39 21.70
C LEU C 29 25.41 90.24 20.74
N GLN C 30 24.81 90.66 19.63
CA GLN C 30 25.40 91.54 18.61
C GLN C 30 26.87 91.24 18.33
N LEU C 31 27.21 89.97 18.13
CA LEU C 31 28.58 89.56 17.83
C LEU C 31 28.65 89.03 16.41
N PHE C 32 29.79 89.29 15.75
CA PHE C 32 29.97 88.95 14.35
C PHE C 32 30.53 87.54 14.21
N ARG C 33 30.80 87.13 12.96
CA ARG C 33 31.27 85.78 12.69
C ARG C 33 32.64 85.53 13.31
N GLY C 34 33.64 86.32 12.92
CA GLY C 34 34.95 86.21 13.52
C GLY C 34 35.22 87.35 14.48
N ASP C 35 35.13 87.07 15.78
CA ASP C 35 35.33 88.07 16.82
C ASP C 35 35.90 87.40 18.06
N THR C 36 36.51 88.20 18.92
CA THR C 36 37.06 87.73 20.18
C THR C 36 35.96 87.73 21.24
N VAL C 37 35.62 86.55 21.73
CA VAL C 37 34.56 86.41 22.73
C VAL C 37 35.20 86.18 24.09
N LEU C 38 34.46 86.53 25.14
CA LEU C 38 34.95 86.44 26.51
C LEU C 38 34.09 85.43 27.28
N LEU C 39 34.76 84.52 27.98
CA LEU C 39 34.09 83.51 28.80
C LEU C 39 34.48 83.67 30.25
N LYS C 40 33.49 83.61 31.13
CA LYS C 40 33.69 83.74 32.57
C LYS C 40 33.21 82.48 33.27
N GLY C 41 33.99 82.01 34.23
CA GLY C 41 33.64 80.82 34.99
C GLY C 41 33.84 81.01 36.47
N LYS C 42 33.96 79.90 37.21
CA LYS C 42 34.16 79.93 38.64
C LYS C 42 35.66 79.86 38.96
N LYS C 43 35.98 79.93 40.25
CA LYS C 43 37.34 79.96 40.79
C LYS C 43 38.13 81.18 40.31
N ARG C 44 37.46 82.18 39.73
CA ARG C 44 38.09 83.43 39.30
C ARG C 44 39.22 83.16 38.31
N ARG C 45 38.82 82.62 37.16
CA ARG C 45 39.75 82.35 36.07
C ARG C 45 39.15 82.84 34.76
N GLU C 46 40.02 83.20 33.82
CA GLU C 46 39.62 83.76 32.54
C GLU C 46 40.08 82.85 31.41
N ALA C 47 39.19 82.58 30.46
CA ALA C 47 39.50 81.77 29.30
C ALA C 47 38.90 82.40 28.06
N VAL C 48 39.58 82.24 26.92
CA VAL C 48 39.14 82.81 25.67
C VAL C 48 38.93 81.69 24.66
N CYS C 49 38.07 81.95 23.68
CA CYS C 49 37.78 80.99 22.63
C CYS C 49 37.18 81.74 21.45
N ILE C 50 36.67 80.98 20.47
CA ILE C 50 36.10 81.54 19.26
C ILE C 50 34.70 80.98 19.06
N VAL C 51 33.75 81.86 18.79
CA VAL C 51 32.36 81.47 18.56
C VAL C 51 32.18 81.06 17.11
N LEU C 52 31.59 79.89 16.89
CA LEU C 52 31.31 79.37 15.56
C LEU C 52 29.81 79.35 15.34
N SER C 53 29.40 79.64 14.10
CA SER C 53 27.99 79.72 13.75
C SER C 53 27.48 78.39 13.22
N ASP C 54 26.28 78.01 13.64
CA ASP C 54 25.67 76.77 13.21
C ASP C 54 24.16 76.96 13.11
N ASP C 55 23.55 76.30 12.12
CA ASP C 55 22.11 76.34 11.91
C ASP C 55 21.46 74.97 12.07
N THR C 56 22.02 73.93 11.47
CA THR C 56 21.53 72.58 11.64
C THR C 56 21.98 72.08 13.01
N CYS C 57 21.18 72.39 14.04
CA CYS C 57 21.57 72.10 15.41
C CYS C 57 20.35 71.85 16.29
N SER C 58 20.54 71.91 17.61
CA SER C 58 19.43 71.77 18.54
C SER C 58 18.80 73.12 18.83
N ASP C 59 17.82 73.16 19.72
CA ASP C 59 17.05 74.38 19.95
C ASP C 59 17.85 75.45 20.70
N GLU C 60 18.36 75.11 21.89
CA GLU C 60 19.07 76.10 22.69
C GLU C 60 20.08 75.44 23.62
N LYS C 61 21.35 75.44 23.21
CA LYS C 61 22.43 74.91 24.03
C LYS C 61 23.75 75.34 23.40
N ILE C 62 24.81 75.28 24.20
CA ILE C 62 26.14 75.64 23.75
C ILE C 62 26.95 74.35 23.57
N ARG C 63 28.00 74.43 22.76
CA ARG C 63 28.83 73.28 22.41
C ARG C 63 30.21 73.53 22.99
N MET C 64 30.47 72.92 24.15
CA MET C 64 31.61 73.24 24.99
C MET C 64 32.66 72.13 24.85
N ASN C 65 33.80 72.48 24.27
CA ASN C 65 34.81 71.49 23.95
C ASN C 65 35.66 71.15 25.19
N ARG C 66 36.27 69.97 25.17
CA ARG C 66 37.06 69.48 26.30
C ARG C 66 38.40 70.19 26.45
N VAL C 67 38.90 70.84 25.40
CA VAL C 67 40.22 71.47 25.48
C VAL C 67 40.22 72.62 26.47
N VAL C 68 39.15 73.42 26.46
CA VAL C 68 39.03 74.52 27.42
C VAL C 68 38.07 74.21 28.56
N ARG C 69 37.42 73.04 28.54
CA ARG C 69 36.66 72.59 29.70
C ARG C 69 37.57 72.42 30.91
N ASN C 70 38.76 71.83 30.69
CA ASN C 70 39.76 71.75 31.74
C ASN C 70 40.38 73.10 32.06
N ASN C 71 40.38 74.03 31.11
CA ASN C 71 40.92 75.35 31.36
C ASN C 71 40.03 76.14 32.31
N LEU C 72 38.71 76.08 32.10
CA LEU C 72 37.77 76.82 32.92
C LEU C 72 37.22 75.98 34.08
N ARG C 73 37.65 74.73 34.22
CA ARG C 73 37.20 73.84 35.28
C ARG C 73 35.67 73.70 35.29
N VAL C 74 35.08 73.60 34.11
CA VAL C 74 33.64 73.44 33.94
C VAL C 74 33.37 72.08 33.32
N ARG C 75 32.49 71.31 33.94
CA ARG C 75 32.14 69.98 33.47
C ARG C 75 30.74 69.99 32.85
N LEU C 76 30.29 68.82 32.43
CA LEU C 76 28.98 68.69 31.80
C LEU C 76 27.88 68.86 32.85
N GLY C 77 26.87 69.64 32.51
CA GLY C 77 25.75 69.89 33.41
C GLY C 77 25.85 71.16 34.24
N ASP C 78 26.93 71.92 34.10
CA ASP C 78 27.12 73.16 34.83
C ASP C 78 26.55 74.32 34.02
N VAL C 79 26.84 75.55 34.43
CA VAL C 79 26.37 76.75 33.74
C VAL C 79 27.59 77.52 33.24
N ILE C 80 27.42 78.17 32.09
CA ILE C 80 28.48 78.96 31.47
C ILE C 80 27.92 80.33 31.12
N SER C 81 28.69 81.37 31.41
CA SER C 81 28.31 82.75 31.09
C SER C 81 29.15 83.24 29.92
N ILE C 82 28.50 83.83 28.92
CA ILE C 82 29.16 84.32 27.73
C ILE C 82 28.80 85.79 27.53
N GLN C 83 29.75 86.55 27.00
CA GLN C 83 29.55 87.97 26.75
C GLN C 83 30.55 88.41 25.68
N PRO C 84 30.17 89.31 24.79
CA PRO C 84 31.10 89.78 23.76
C PRO C 84 32.20 90.65 24.35
N CYS C 85 33.32 90.71 23.64
CA CYS C 85 34.46 91.52 24.04
C CYS C 85 35.14 92.05 22.79
N PRO C 86 34.63 93.15 22.22
CA PRO C 86 35.23 93.73 21.01
C PRO C 86 36.48 94.53 21.31
N ASP C 87 37.53 93.84 21.72
CA ASP C 87 38.81 94.46 22.07
C ASP C 87 39.86 94.03 21.06
N VAL C 88 40.55 95.00 20.48
CA VAL C 88 41.58 94.73 19.48
C VAL C 88 42.86 94.30 20.20
N LYS C 89 43.32 93.08 19.89
CA LYS C 89 44.53 92.53 20.49
C LYS C 89 45.49 92.10 19.40
N TYR C 90 46.78 92.25 19.69
CA TYR C 90 47.84 91.88 18.77
C TYR C 90 48.94 91.15 19.53
N GLY C 91 49.41 90.04 18.98
CA GLY C 91 50.43 89.24 19.63
C GLY C 91 51.82 89.58 19.11
N LYS C 92 52.76 89.76 20.05
CA LYS C 92 54.14 90.04 19.69
C LYS C 92 55.10 89.05 20.33
N ARG C 93 54.86 88.68 21.59
CA ARG C 93 55.77 87.83 22.34
C ARG C 93 54.98 86.82 23.14
N ILE C 94 55.29 85.54 22.95
CA ILE C 94 54.68 84.45 23.70
C ILE C 94 55.78 83.49 24.13
N HIS C 95 55.72 83.04 25.39
CA HIS C 95 56.70 82.13 25.95
C HIS C 95 55.99 80.89 26.47
N VAL C 96 56.45 79.73 26.03
CA VAL C 96 55.88 78.45 26.43
C VAL C 96 57.01 77.49 26.77
N LEU C 97 56.77 76.64 27.77
CA LEU C 97 57.74 75.63 28.20
C LEU C 97 57.00 74.37 28.58
N PRO C 98 57.47 73.21 28.17
CA PRO C 98 56.82 71.94 28.52
C PRO C 98 57.17 71.54 29.95
N ILE C 99 56.60 70.41 30.37
CA ILE C 99 56.83 69.86 31.71
C ILE C 99 57.57 68.54 31.56
N ASP C 100 58.50 68.28 32.47
CA ASP C 100 59.39 67.13 32.39
C ASP C 100 58.73 65.83 32.85
N ASP C 101 57.40 65.81 32.95
CA ASP C 101 56.69 64.60 33.35
C ASP C 101 56.23 63.75 32.17
N THR C 102 56.22 64.30 30.95
CA THR C 102 55.76 63.54 29.80
C THR C 102 56.62 63.77 28.56
N VAL C 103 57.83 64.30 28.71
CA VAL C 103 58.70 64.55 27.57
C VAL C 103 59.79 63.49 27.45
N GLU C 104 59.61 62.34 28.09
CA GLU C 104 60.59 61.27 28.03
C GLU C 104 60.62 60.64 26.63
N GLY C 105 61.81 60.28 26.17
CA GLY C 105 61.96 59.65 24.88
C GLY C 105 61.86 60.58 23.69
N ILE C 106 61.82 61.89 23.92
CA ILE C 106 61.70 62.88 22.85
C ILE C 106 62.97 63.74 22.87
N THR C 107 63.66 63.78 21.73
CA THR C 107 64.89 64.56 21.60
C THR C 107 64.81 65.39 20.32
N GLY C 108 65.80 66.24 20.13
CA GLY C 108 65.85 67.10 18.97
C GLY C 108 64.94 68.31 19.11
N ASN C 109 64.83 69.05 18.00
CA ASN C 109 63.99 70.24 17.97
C ASN C 109 62.53 69.84 17.87
N LEU C 110 61.71 70.38 18.78
CA LEU C 110 60.29 70.08 18.82
C LEU C 110 59.42 71.32 18.62
N PHE C 111 60.01 72.44 18.24
CA PHE C 111 59.26 73.68 18.03
C PHE C 111 58.97 73.98 16.57
N GLU C 112 59.76 73.43 15.65
CA GLU C 112 59.56 73.67 14.22
C GLU C 112 58.56 72.72 13.58
N VAL C 113 58.15 71.67 14.28
CA VAL C 113 57.23 70.69 13.73
C VAL C 113 55.94 70.57 14.53
N TYR C 114 55.95 70.88 15.83
CA TYR C 114 54.75 70.81 16.65
C TYR C 114 54.08 72.17 16.85
N LEU C 115 54.79 73.26 16.59
CA LEU C 115 54.24 74.60 16.80
C LEU C 115 53.97 75.37 15.51
N LYS C 116 54.63 75.01 14.41
CA LYS C 116 54.44 75.73 13.16
C LYS C 116 53.11 75.35 12.49
N PRO C 117 52.81 74.07 12.24
CA PRO C 117 51.50 73.75 11.64
C PRO C 117 50.33 74.03 12.56
N TYR C 118 50.56 74.05 13.87
CA TYR C 118 49.47 74.28 14.82
C TYR C 118 49.04 75.74 14.88
N PHE C 119 49.93 76.67 14.51
CA PHE C 119 49.64 78.10 14.62
C PHE C 119 49.05 78.67 13.34
N LEU C 120 49.46 78.18 12.17
CA LEU C 120 48.98 78.74 10.91
C LEU C 120 47.51 78.40 10.70
N GLU C 121 46.79 79.36 10.11
CA GLU C 121 45.36 79.23 9.80
C GLU C 121 44.54 78.96 11.06
N ALA C 122 45.02 79.48 12.18
CA ALA C 122 44.33 79.32 13.44
C ALA C 122 43.84 80.66 14.00
N TYR C 123 44.77 81.60 14.19
CA TYR C 123 44.46 82.91 14.79
C TYR C 123 43.70 82.75 16.10
N ARG C 124 44.11 81.78 16.92
CA ARG C 124 43.44 81.51 18.17
C ARG C 124 44.14 82.26 19.31
N PRO C 125 43.46 83.16 20.01
CA PRO C 125 44.11 83.87 21.11
C PRO C 125 44.36 82.96 22.30
N ILE C 126 45.27 83.41 23.17
CA ILE C 126 45.65 82.67 24.35
C ILE C 126 45.53 83.59 25.56
N ARG C 127 45.40 82.97 26.74
CA ARG C 127 45.28 83.67 28.00
C ARG C 127 46.37 83.20 28.95
N LYS C 128 46.39 83.79 30.14
CA LYS C 128 47.32 83.36 31.17
C LYS C 128 46.76 82.16 31.92
N GLY C 129 47.46 81.04 31.86
CA GLY C 129 47.02 79.82 32.51
C GLY C 129 46.22 78.87 31.65
N ASP C 130 46.15 79.11 30.33
CA ASP C 130 45.39 78.23 29.46
C ASP C 130 46.07 76.86 29.35
N ILE C 131 45.27 75.80 29.35
CA ILE C 131 45.79 74.45 29.19
C ILE C 131 45.26 73.87 27.89
N PHE C 132 46.03 73.99 26.82
CA PHE C 132 45.64 73.50 25.50
C PHE C 132 46.49 72.29 25.14
N LEU C 133 45.86 71.31 24.50
CA LEU C 133 46.50 70.06 24.12
C LEU C 133 46.74 70.04 22.62
N VAL C 134 47.97 69.75 22.23
CA VAL C 134 48.33 69.63 20.82
C VAL C 134 48.54 68.16 20.49
N ARG C 135 48.60 67.85 19.20
CA ARG C 135 48.72 66.48 18.73
C ARG C 135 49.85 66.40 17.70
N GLY C 136 50.51 65.25 17.67
CA GLY C 136 51.63 65.03 16.78
C GLY C 136 52.66 64.08 17.34
N GLY C 137 53.27 63.26 16.48
CA GLY C 137 54.28 62.33 16.92
C GLY C 137 53.77 61.19 17.77
N MET C 138 52.63 60.60 17.41
CA MET C 138 52.11 59.41 18.08
C MET C 138 51.80 59.65 19.56
N ARG C 139 51.52 60.90 19.92
CA ARG C 139 51.28 61.24 21.31
C ARG C 139 50.69 62.65 21.39
N ALA C 140 50.20 62.99 22.58
CA ALA C 140 49.65 64.31 22.86
C ALA C 140 50.33 64.89 24.08
N VAL C 141 50.80 66.13 23.95
CA VAL C 141 51.49 66.83 25.04
C VAL C 141 50.86 68.20 25.21
N GLU C 142 50.59 68.57 26.46
CA GLU C 142 50.00 69.86 26.76
C GLU C 142 51.07 70.86 27.17
N PHE C 143 50.76 72.14 26.96
CA PHE C 143 51.66 73.24 27.27
C PHE C 143 51.11 74.07 28.43
N LYS C 144 51.99 74.83 29.06
CA LYS C 144 51.59 75.75 30.12
C LYS C 144 52.53 76.95 30.11
N VAL C 145 51.96 78.14 30.32
CA VAL C 145 52.71 79.39 30.33
C VAL C 145 52.93 79.82 31.77
N VAL C 146 54.12 80.35 32.05
CA VAL C 146 54.47 80.80 33.39
C VAL C 146 54.70 82.31 33.39
N GLU C 147 55.34 82.81 32.33
CA GLU C 147 55.65 84.23 32.22
C GLU C 147 55.66 84.63 30.76
N THR C 148 54.90 85.67 30.43
CA THR C 148 54.82 86.16 29.06
C THR C 148 54.36 87.62 29.11
N ASP C 149 53.95 88.16 27.96
CA ASP C 149 53.42 89.50 27.91
C ASP C 149 52.15 89.61 28.75
N PRO C 150 51.86 90.78 29.31
CA PRO C 150 50.67 90.94 30.15
C PRO C 150 49.39 90.56 29.42
N SER C 151 48.63 89.65 29.99
CA SER C 151 47.40 89.19 29.38
C SER C 151 46.36 90.32 29.36
N PRO C 152 45.54 90.41 28.31
CA PRO C 152 45.58 89.56 27.11
C PRO C 152 46.57 90.02 26.05
N TYR C 153 46.07 90.64 24.99
CA TYR C 153 46.90 91.19 23.91
C TYR C 153 47.78 90.11 23.30
N CYS C 154 47.17 88.96 23.02
CA CYS C 154 47.87 87.80 22.46
C CYS C 154 47.07 87.28 21.27
N ILE C 155 47.65 87.40 20.07
CA ILE C 155 47.03 86.90 18.85
C ILE C 155 48.11 86.21 18.02
N VAL C 156 47.78 85.03 17.49
CA VAL C 156 48.74 84.28 16.68
C VAL C 156 48.98 85.01 15.37
N ALA C 157 50.21 85.44 15.15
CA ALA C 157 50.60 86.14 13.94
C ALA C 157 52.00 85.68 13.53
N PRO C 158 52.31 85.70 12.23
CA PRO C 158 53.64 85.25 11.78
C PRO C 158 54.79 86.11 12.29
N ASP C 159 54.55 87.35 12.71
CA ASP C 159 55.61 88.24 13.14
C ASP C 159 56.06 87.99 14.58
N THR C 160 55.68 86.87 15.18
CA THR C 160 56.04 86.53 16.55
C THR C 160 57.22 85.58 16.52
N VAL C 161 58.32 85.99 17.16
CA VAL C 161 59.53 85.16 17.22
C VAL C 161 59.47 84.28 18.45
N ILE C 162 60.24 83.19 18.45
CA ILE C 162 60.30 82.26 19.59
C ILE C 162 61.75 81.90 19.83
N HIS C 163 62.02 81.46 21.06
CA HIS C 163 63.37 81.04 21.45
C HIS C 163 63.27 80.12 22.64
N CYS C 164 63.91 78.95 22.56
CA CYS C 164 63.87 77.97 23.63
C CYS C 164 65.03 78.19 24.59
N GLU C 165 64.85 77.70 25.82
CA GLU C 165 65.86 77.80 26.86
C GLU C 165 66.46 76.45 27.22
N GLY C 166 65.64 75.43 27.43
CA GLY C 166 66.14 74.11 27.76
C GLY C 166 66.06 73.79 29.23
N GLU C 167 64.98 74.22 29.88
CA GLU C 167 64.78 73.97 31.32
C GLU C 167 63.29 73.91 31.58
N PRO C 168 62.72 72.72 31.71
CA PRO C 168 61.29 72.59 32.00
C PRO C 168 60.98 72.97 33.45
N ILE C 169 59.69 73.21 33.70
CA ILE C 169 59.22 73.58 35.02
C ILE C 169 58.35 72.46 35.57
N LYS C 170 58.33 72.38 36.90
CA LYS C 170 57.55 71.34 37.58
C LYS C 170 56.06 71.66 37.53
N ARG C 171 55.26 70.64 37.26
CA ARG C 171 53.82 70.81 37.21
C ARG C 171 53.25 70.89 38.62
N GLU C 172 52.34 71.85 38.82
CA GLU C 172 51.70 72.02 40.12
C GLU C 172 50.40 71.21 40.16
N ASP C 173 49.65 71.37 41.25
CA ASP C 173 48.41 70.64 41.46
C ASP C 173 47.17 71.45 41.06
N GLU C 174 47.37 72.61 40.43
CA GLU C 174 46.26 73.45 40.02
C GLU C 174 45.50 72.88 38.83
N GLU C 175 46.18 72.17 37.93
CA GLU C 175 45.56 71.61 36.75
C GLU C 175 45.78 70.11 36.71
N GLU C 176 45.00 69.44 35.86
CA GLU C 176 45.06 68.00 35.69
C GLU C 176 45.42 67.65 34.24
N SER C 177 46.02 66.47 34.07
CA SER C 177 46.40 66.02 32.75
C SER C 177 45.16 65.66 31.93
N LEU C 178 45.28 65.84 30.61
CA LEU C 178 44.20 65.54 29.68
C LEU C 178 44.30 64.13 29.11
N ASN C 179 45.27 63.33 29.55
CA ASN C 179 45.45 61.98 29.04
C ASN C 179 44.37 61.02 29.52
N GLU C 180 43.58 61.41 30.50
CA GLU C 180 42.51 60.54 30.99
C GLU C 180 41.35 60.52 29.99
N VAL C 181 40.45 59.57 30.19
CA VAL C 181 39.29 59.44 29.31
C VAL C 181 38.33 60.58 29.57
N GLY C 182 37.77 61.13 28.49
CA GLY C 182 36.76 62.16 28.59
C GLY C 182 35.49 61.77 27.88
N TYR C 183 34.53 62.69 27.80
CA TYR C 183 33.27 62.40 27.12
C TYR C 183 33.44 62.30 25.61
N ASP C 184 34.55 62.80 25.06
CA ASP C 184 34.79 62.78 23.63
C ASP C 184 35.68 61.63 23.20
N ASP C 185 35.99 60.70 24.10
CA ASP C 185 36.87 59.57 23.79
C ASP C 185 36.08 58.31 23.51
N ILE C 186 34.77 58.39 23.36
CA ILE C 186 33.92 57.23 23.11
C ILE C 186 33.16 57.49 21.81
N GLY C 187 33.20 56.52 20.90
CA GLY C 187 32.48 56.61 19.65
C GLY C 187 31.89 55.28 19.25
N GLY C 188 30.87 55.35 18.40
CA GLY C 188 30.22 54.15 17.92
C GLY C 188 28.84 53.93 18.53
N CYS C 189 28.73 54.18 19.83
CA CYS C 189 27.46 54.07 20.54
C CYS C 189 26.93 55.47 20.80
N ARG C 190 26.01 55.92 19.94
CA ARG C 190 25.46 57.26 20.05
C ARG C 190 24.10 57.30 20.75
N LYS C 191 23.17 56.43 20.36
CA LYS C 191 21.89 56.36 21.05
C LYS C 191 22.05 55.90 22.49
N GLN C 192 22.93 54.93 22.74
CA GLN C 192 23.09 54.41 24.09
C GLN C 192 23.70 55.44 25.03
N LEU C 193 24.48 56.37 24.50
CA LEU C 193 25.13 57.35 25.37
C LEU C 193 24.19 58.44 25.85
N ALA C 194 23.29 58.92 25.00
CA ALA C 194 22.48 60.08 25.37
C ALA C 194 21.52 59.77 26.49
N GLN C 195 20.97 58.56 26.49
CA GLN C 195 20.03 58.14 27.53
C GLN C 195 20.75 57.83 28.85
N ILE C 196 22.05 57.53 28.82
CA ILE C 196 22.84 57.59 30.04
C ILE C 196 23.05 59.05 30.47
N LYS C 197 23.27 59.93 29.50
CA LYS C 197 23.35 61.36 29.77
C LYS C 197 22.07 61.88 30.38
N GLU C 198 20.97 61.14 30.22
CA GLU C 198 19.66 61.53 30.74
C GLU C 198 19.42 61.01 32.16
N MET C 199 20.19 60.02 32.62
CA MET C 199 19.95 59.42 33.92
C MET C 199 21.14 59.52 34.86
N VAL C 200 22.26 60.08 34.43
CA VAL C 200 23.40 60.17 35.33
C VAL C 200 23.64 61.61 35.80
N GLU C 201 23.83 62.54 34.86
CA GLU C 201 24.17 63.90 35.26
C GLU C 201 22.96 64.69 35.76
N LEU C 202 21.74 64.27 35.41
CA LEU C 202 20.58 64.99 35.92
C LEU C 202 20.43 64.80 37.44
N PRO C 203 20.50 63.58 37.98
CA PRO C 203 20.39 63.42 39.43
C PRO C 203 21.69 63.64 40.19
N LEU C 204 22.75 64.12 39.55
CA LEU C 204 24.01 64.40 40.22
C LEU C 204 24.32 65.89 40.29
N ARG C 205 24.14 66.63 39.21
CA ARG C 205 24.45 68.04 39.21
C ARG C 205 23.48 68.86 40.05
N HIS C 206 22.35 68.29 40.43
CA HIS C 206 21.32 68.97 41.22
C HIS C 206 20.96 68.09 42.41
N PRO C 207 21.81 68.04 43.43
CA PRO C 207 21.51 67.17 44.58
C PRO C 207 20.34 67.67 45.41
N ALA C 208 20.29 68.97 45.71
CA ALA C 208 19.22 69.51 46.53
C ALA C 208 17.89 69.60 45.79
N LEU C 209 17.92 69.61 44.45
CA LEU C 209 16.67 69.64 43.69
C LEU C 209 15.87 68.37 43.92
N PHE C 210 16.54 67.21 43.96
CA PHE C 210 15.85 65.96 44.19
C PHE C 210 15.37 65.80 45.63
N LYS C 211 15.99 66.50 46.58
CA LYS C 211 15.58 66.39 47.98
C LYS C 211 14.21 66.99 48.22
N ALA C 212 13.83 68.02 47.47
CA ALA C 212 12.53 68.65 47.64
C ALA C 212 11.44 67.95 46.84
N ILE C 213 11.76 67.48 45.62
CA ILE C 213 10.77 66.81 44.78
C ILE C 213 10.63 65.36 45.22
N GLY C 214 9.53 64.73 44.80
CA GLY C 214 9.26 63.34 45.14
C GLY C 214 9.74 62.32 44.14
N VAL C 215 10.52 62.73 43.14
CA VAL C 215 11.01 61.81 42.12
C VAL C 215 12.18 61.02 42.69
N LYS C 216 12.08 59.70 42.65
CA LYS C 216 13.14 58.86 43.19
C LYS C 216 14.29 58.78 42.20
N PRO C 217 15.50 59.17 42.59
CA PRO C 217 16.62 59.17 41.65
C PRO C 217 17.05 57.76 41.33
N PRO C 218 17.82 57.57 40.25
CA PRO C 218 18.36 56.25 39.94
C PRO C 218 19.30 55.74 41.03
N ARG C 219 19.29 54.42 41.20
CA ARG C 219 20.26 53.76 42.07
C ARG C 219 21.12 52.76 41.33
N GLY C 220 20.52 51.77 40.65
CA GLY C 220 21.27 50.73 39.98
C GLY C 220 21.09 50.79 38.48
N ILE C 221 22.20 50.69 37.75
CA ILE C 221 22.22 50.69 36.30
C ILE C 221 23.01 49.48 35.85
N LEU C 222 22.40 48.63 35.03
CA LEU C 222 23.05 47.42 34.55
C LEU C 222 23.45 47.60 33.09
N LEU C 223 24.68 47.20 32.77
CA LEU C 223 25.23 47.33 31.43
C LEU C 223 25.21 45.99 30.71
N TYR C 224 25.24 46.05 29.39
CA TYR C 224 25.25 44.86 28.55
C TYR C 224 26.26 45.06 27.42
N GLY C 225 26.29 44.10 26.51
CA GLY C 225 27.18 44.15 25.38
C GLY C 225 28.23 43.06 25.40
N PRO C 226 28.69 42.65 24.22
CA PRO C 226 29.76 41.65 24.14
C PRO C 226 31.05 42.22 24.70
N PRO C 227 31.97 41.36 25.15
CA PRO C 227 33.23 41.85 25.72
C PRO C 227 33.99 42.73 24.74
N GLY C 228 34.58 43.80 25.26
CA GLY C 228 35.28 44.76 24.43
C GLY C 228 34.41 45.86 23.87
N THR C 229 33.13 45.93 24.25
CA THR C 229 32.26 46.97 23.72
C THR C 229 32.61 48.34 24.30
N GLY C 230 33.11 48.37 25.54
CA GLY C 230 33.44 49.62 26.17
C GLY C 230 32.72 49.83 27.49
N LYS C 231 32.35 48.73 28.14
CA LYS C 231 31.62 48.80 29.40
C LYS C 231 32.40 49.51 30.49
N THR C 232 33.74 49.52 30.40
CA THR C 232 34.58 50.20 31.38
C THR C 232 34.92 51.62 30.96
N LEU C 233 35.15 51.85 29.67
CA LEU C 233 35.58 53.17 29.19
C LEU C 233 34.51 54.22 29.46
N ILE C 234 33.27 53.92 29.10
CA ILE C 234 32.18 54.89 29.27
C ILE C 234 31.91 55.12 30.75
N ALA C 235 31.98 54.07 31.56
CA ALA C 235 31.78 54.24 33.00
C ALA C 235 32.86 55.13 33.61
N ARG C 236 34.13 54.92 33.23
CA ARG C 236 35.20 55.77 33.72
C ARG C 236 35.02 57.21 33.26
N ALA C 237 34.61 57.42 32.01
CA ALA C 237 34.39 58.77 31.52
C ALA C 237 33.28 59.48 32.29
N VAL C 238 32.12 58.82 32.45
CA VAL C 238 30.99 59.44 33.13
C VAL C 238 31.21 59.54 34.63
N ALA C 239 32.16 58.81 35.19
CA ALA C 239 32.50 58.96 36.60
C ALA C 239 33.60 59.98 36.85
N ASN C 240 34.45 60.25 35.87
CA ASN C 240 35.55 61.18 36.06
C ASN C 240 35.23 62.58 35.54
N GLU C 241 34.28 62.72 34.63
CA GLU C 241 33.95 64.03 34.06
C GLU C 241 32.74 64.67 34.74
N THR C 242 32.41 64.28 35.97
CA THR C 242 31.32 64.89 36.71
C THR C 242 31.76 65.54 38.01
N GLY C 243 32.98 65.29 38.49
CA GLY C 243 33.46 65.86 39.71
C GLY C 243 33.14 65.08 40.97
N ALA C 244 32.21 64.13 40.88
CA ALA C 244 31.87 63.31 42.03
C ALA C 244 32.91 62.21 42.23
N PHE C 245 32.95 61.67 43.44
CA PHE C 245 33.90 60.61 43.74
C PHE C 245 33.54 59.33 43.00
N PHE C 246 34.57 58.59 42.59
CA PHE C 246 34.39 57.34 41.86
C PHE C 246 35.29 56.29 42.50
N PHE C 247 34.74 55.12 42.80
CA PHE C 247 35.47 54.03 43.42
C PHE C 247 35.33 52.79 42.54
N LEU C 248 36.44 52.08 42.35
CA LEU C 248 36.48 50.98 41.39
C LEU C 248 36.78 49.66 42.08
N ILE C 249 35.94 48.67 41.82
CA ILE C 249 36.12 47.28 42.25
C ILE C 249 35.59 46.39 41.13
N ASN C 250 36.46 45.60 40.51
CA ASN C 250 35.96 45.00 39.28
C ASN C 250 35.14 43.76 39.52
N GLY C 251 35.77 42.60 39.64
CA GLY C 251 35.22 41.47 40.35
C GLY C 251 36.18 40.57 41.10
N PRO C 252 37.38 40.32 40.54
CA PRO C 252 38.16 39.18 41.05
C PRO C 252 38.93 39.46 42.32
N GLU C 253 39.30 40.70 42.58
CA GLU C 253 39.98 41.03 43.83
C GLU C 253 39.14 40.67 45.03
N ILE C 254 37.82 40.58 44.88
CA ILE C 254 36.97 40.13 45.98
C ILE C 254 37.19 38.66 46.27
N MET C 255 37.23 37.81 45.24
CA MET C 255 37.38 36.38 45.42
C MET C 255 38.84 35.94 45.52
N SER C 256 39.79 36.86 45.30
CA SER C 256 41.20 36.50 45.36
C SER C 256 41.73 36.44 46.79
N LYS C 257 41.16 37.22 47.69
CA LYS C 257 41.65 37.27 49.07
C LYS C 257 41.09 36.10 49.88
N LEU C 258 41.54 36.01 51.13
CA LEU C 258 41.09 34.93 52.00
C LEU C 258 39.62 35.14 52.40
N ALA C 259 39.02 34.06 52.87
CA ALA C 259 37.63 34.11 53.30
C ALA C 259 37.48 34.89 54.60
N GLY C 260 36.49 35.78 54.64
CA GLY C 260 36.22 36.54 55.85
C GLY C 260 36.42 38.03 55.67
N GLU C 261 37.49 38.42 54.98
CA GLU C 261 37.77 39.83 54.74
C GLU C 261 37.24 40.31 53.40
N SER C 262 36.89 39.39 52.49
CA SER C 262 36.32 39.79 51.21
C SER C 262 35.00 40.53 51.41
N GLU C 263 34.14 40.02 52.29
CA GLU C 263 32.89 40.70 52.60
C GLU C 263 33.14 42.03 53.31
N SER C 264 34.13 42.09 54.19
CA SER C 264 34.45 43.33 54.88
C SER C 264 34.92 44.41 53.92
N ASN C 265 35.72 44.04 52.91
CA ASN C 265 36.16 45.01 51.93
C ASN C 265 34.98 45.60 51.16
N LEU C 266 34.05 44.75 50.72
CA LEU C 266 32.87 45.24 50.03
C LEU C 266 32.01 46.10 50.94
N ARG C 267 31.86 45.71 52.21
CA ARG C 267 31.07 46.51 53.14
C ARG C 267 31.68 47.88 53.37
N LYS C 268 33.00 47.95 53.51
CA LYS C 268 33.65 49.24 53.73
C LYS C 268 33.67 50.09 52.46
N ALA C 269 33.71 49.45 51.29
CA ALA C 269 33.65 50.20 50.04
C ALA C 269 32.34 50.94 49.85
N PHE C 270 31.28 50.54 50.55
CA PHE C 270 30.01 51.24 50.48
C PHE C 270 29.92 52.37 51.50
N GLU C 271 30.44 52.15 52.71
CA GLU C 271 30.39 53.22 53.71
C GLU C 271 31.39 54.32 53.42
N GLU C 272 32.48 54.02 52.71
CA GLU C 272 33.41 55.08 52.33
C GLU C 272 32.79 56.03 51.32
N ALA C 273 31.83 55.55 50.52
CA ALA C 273 31.17 56.40 49.55
C ALA C 273 30.08 57.28 50.16
N GLU C 274 29.53 56.88 51.31
CA GLU C 274 28.44 57.64 51.90
C GLU C 274 28.93 58.98 52.45
N LYS C 275 30.07 58.98 53.15
CA LYS C 275 30.53 60.20 53.79
C LYS C 275 30.89 61.29 52.78
N ASN C 276 31.55 60.91 51.69
CA ASN C 276 31.96 61.86 50.65
C ASN C 276 30.94 61.98 49.53
N ALA C 277 29.69 62.25 49.90
CA ALA C 277 28.64 62.43 48.92
C ALA C 277 28.81 63.77 48.21
N PRO C 278 28.49 63.85 46.90
CA PRO C 278 28.01 62.74 46.09
C PRO C 278 29.12 61.81 45.64
N ALA C 279 28.80 60.54 45.46
CA ALA C 279 29.77 59.54 45.02
C ALA C 279 29.09 58.60 44.03
N ILE C 280 29.88 57.74 43.40
CA ILE C 280 29.39 56.77 42.44
C ILE C 280 30.16 55.47 42.62
N ILE C 281 29.50 54.35 42.31
CA ILE C 281 30.08 53.03 42.45
C ILE C 281 29.92 52.30 41.12
N PHE C 282 31.00 51.69 40.63
CA PHE C 282 31.00 50.97 39.37
C PHE C 282 31.62 49.60 39.57
N ILE C 283 30.99 48.59 38.98
CA ILE C 283 31.47 47.20 39.05
C ILE C 283 31.77 46.75 37.63
N ASP C 284 32.98 46.25 37.41
CA ASP C 284 33.41 45.95 36.04
C ASP C 284 32.74 44.70 35.51
N GLU C 285 33.00 43.54 36.12
CA GLU C 285 32.32 42.31 35.71
C GLU C 285 31.45 41.85 36.87
N LEU C 286 30.28 41.34 36.55
CA LEU C 286 29.33 40.87 37.55
C LEU C 286 28.94 39.42 37.34
N ASP C 287 29.16 38.86 36.15
CA ASP C 287 28.78 37.48 35.87
C ASP C 287 29.53 36.51 36.76
N ALA C 288 30.74 36.85 37.18
CA ALA C 288 31.55 35.99 38.03
C ALA C 288 31.44 36.36 39.50
N ILE C 289 30.53 37.26 39.85
CA ILE C 289 30.32 37.67 41.23
C ILE C 289 29.12 36.96 41.85
N ALA C 290 28.00 36.90 41.13
CA ALA C 290 26.75 36.34 41.63
C ALA C 290 26.24 35.28 40.65
N PRO C 291 26.83 34.09 40.66
CA PRO C 291 26.32 32.99 39.82
C PRO C 291 25.28 32.14 40.53
N LYS C 292 24.22 32.78 41.02
CA LYS C 292 23.16 32.07 41.74
C LYS C 292 22.23 31.42 40.74
N ARG C 293 22.71 30.34 40.12
CA ARG C 293 22.02 29.57 39.10
C ARG C 293 22.42 28.11 39.26
N GLU C 294 22.28 27.32 38.21
CA GLU C 294 22.56 25.89 38.28
C GLU C 294 23.94 25.55 38.82
N LYS C 295 24.80 26.54 39.02
CA LYS C 295 26.13 26.30 39.56
C LYS C 295 26.07 26.04 41.06
N THR C 296 25.71 27.08 41.84
CA THR C 296 25.57 27.00 43.30
C THR C 296 26.64 26.13 43.95
N HIS C 297 27.89 26.41 43.63
CA HIS C 297 29.02 25.75 44.26
C HIS C 297 29.74 26.73 45.18
N GLY C 298 30.24 26.22 46.31
CA GLY C 298 30.99 27.04 47.23
C GLY C 298 30.12 27.79 48.23
N GLU C 299 30.52 27.74 49.51
CA GLU C 299 29.75 28.41 50.55
C GLU C 299 30.02 29.91 50.60
N VAL C 300 31.29 30.31 50.45
CA VAL C 300 31.67 31.69 50.65
C VAL C 300 31.23 32.59 49.51
N GLU C 301 30.92 32.04 48.34
CA GLU C 301 30.66 32.89 47.18
C GLU C 301 29.22 33.35 47.11
N ARG C 302 28.29 32.55 47.63
CA ARG C 302 26.94 33.07 47.82
C ARG C 302 26.86 34.00 49.02
N ARG C 303 27.85 33.94 49.92
CA ARG C 303 27.93 34.90 51.01
C ARG C 303 28.07 36.32 50.50
N ILE C 304 28.94 36.54 49.52
CA ILE C 304 29.12 37.90 49.00
C ILE C 304 27.91 38.32 48.18
N VAL C 305 27.23 37.37 47.55
CA VAL C 305 25.98 37.69 46.86
C VAL C 305 24.95 38.21 47.86
N SER C 306 24.78 37.50 48.97
CA SER C 306 23.87 37.98 50.01
C SER C 306 24.34 39.30 50.60
N GLN C 307 25.66 39.49 50.73
CA GLN C 307 26.18 40.75 51.26
C GLN C 307 25.84 41.92 50.34
N LEU C 308 26.03 41.75 49.04
CA LEU C 308 25.72 42.83 48.10
C LEU C 308 24.21 43.07 48.03
N LEU C 309 23.42 42.00 48.10
CA LEU C 309 21.97 42.17 48.16
C LEU C 309 21.55 42.95 49.40
N THR C 310 22.19 42.67 50.55
CA THR C 310 21.92 43.43 51.76
C THR C 310 22.33 44.89 51.60
N LEU C 311 23.50 45.13 51.02
CA LEU C 311 24.02 46.49 50.90
C LEU C 311 23.26 47.32 49.88
N MET C 312 22.55 46.69 48.94
CA MET C 312 21.71 47.43 48.02
C MET C 312 20.26 47.51 48.46
N ASP C 313 19.76 46.50 49.18
CA ASP C 313 18.37 46.51 49.62
C ASP C 313 18.11 47.62 50.62
N GLY C 314 19.08 47.89 51.49
CA GLY C 314 18.96 48.92 52.50
C GLY C 314 19.25 50.33 52.03
N LEU C 315 19.56 50.51 50.76
CA LEU C 315 19.87 51.84 50.24
C LEU C 315 18.62 52.69 50.12
N LYS C 316 18.29 53.43 51.18
CA LYS C 316 17.23 54.43 51.10
C LYS C 316 17.79 55.68 50.44
N GLN C 317 17.03 56.77 50.44
CA GLN C 317 17.50 57.98 49.78
C GLN C 317 18.79 58.50 50.41
N ARG C 318 18.69 59.00 51.65
CA ARG C 318 19.83 59.54 52.38
C ARG C 318 20.67 60.48 51.52
N ALA C 319 21.75 59.93 50.94
CA ALA C 319 22.69 60.67 50.10
C ALA C 319 22.32 60.48 48.62
N HIS C 320 23.21 60.89 47.72
CA HIS C 320 23.02 60.69 46.29
C HIS C 320 24.13 59.76 45.78
N VAL C 321 23.85 58.47 45.80
CA VAL C 321 24.81 57.45 45.38
C VAL C 321 24.14 56.56 44.34
N ILE C 322 24.93 56.15 43.35
CA ILE C 322 24.48 55.27 42.28
C ILE C 322 25.50 54.16 42.09
N VAL C 323 25.02 52.92 42.06
CA VAL C 323 25.86 51.76 41.76
C VAL C 323 25.60 51.34 40.32
N MET C 324 26.67 50.93 39.62
CA MET C 324 26.56 50.47 38.25
C MET C 324 27.37 49.19 38.09
N ALA C 325 26.86 48.29 37.26
CA ALA C 325 27.51 47.02 37.01
C ALA C 325 27.45 46.70 35.52
N ALA C 326 28.39 45.87 35.09
CA ALA C 326 28.49 45.48 33.69
C ALA C 326 28.65 43.97 33.59
N THR C 327 28.20 43.43 32.47
CA THR C 327 28.27 42.00 32.20
C THR C 327 28.42 41.79 30.70
N ASN C 328 28.46 40.52 30.30
CA ASN C 328 28.68 40.17 28.91
C ASN C 328 27.52 39.44 28.25
N ARG C 329 26.69 38.74 29.03
CA ARG C 329 25.57 38.00 28.48
C ARG C 329 24.37 38.15 29.41
N PRO C 330 23.15 38.04 28.88
CA PRO C 330 21.96 38.23 29.74
C PRO C 330 21.75 37.11 30.74
N ASN C 331 22.07 35.86 30.38
CA ASN C 331 21.84 34.73 31.28
C ASN C 331 23.04 34.50 32.20
N SER C 332 23.46 35.59 32.84
CA SER C 332 24.55 35.50 33.80
C SER C 332 24.32 36.35 35.04
N ILE C 333 23.17 36.99 35.21
CA ILE C 333 22.88 37.82 36.36
C ILE C 333 21.87 37.08 37.23
N ASP C 334 22.07 37.16 38.53
CA ASP C 334 21.15 36.57 39.49
C ASP C 334 19.78 37.21 39.30
N PRO C 335 18.71 36.42 39.08
CA PRO C 335 17.38 37.02 38.93
C PRO C 335 16.93 37.82 40.13
N ALA C 336 17.45 37.52 41.31
CA ALA C 336 17.11 38.29 42.50
C ALA C 336 17.63 39.72 42.45
N LEU C 337 18.62 39.99 41.59
CA LEU C 337 19.15 41.34 41.47
C LEU C 337 18.42 42.17 40.43
N ARG C 338 17.66 41.54 39.53
CA ARG C 338 16.93 42.25 38.48
C ARG C 338 15.56 42.72 38.94
N ARG C 339 15.28 42.67 40.24
CA ARG C 339 13.99 43.10 40.76
C ARG C 339 13.89 44.63 40.72
N PHE C 340 12.70 45.13 40.99
CA PHE C 340 12.48 46.57 41.03
C PHE C 340 13.22 47.17 42.23
N GLY C 341 13.95 48.26 41.98
CA GLY C 341 14.71 48.92 43.02
C GLY C 341 16.18 48.59 43.04
N ARG C 342 16.60 47.49 42.42
CA ARG C 342 18.01 47.13 42.36
C ARG C 342 18.54 47.20 40.93
N PHE C 343 17.95 46.47 39.98
CA PHE C 343 18.29 46.55 38.57
C PHE C 343 17.00 46.43 37.76
N ASP C 344 16.37 47.57 37.50
CA ASP C 344 15.14 47.60 36.72
C ASP C 344 15.31 48.30 35.38
N ARG C 345 16.44 48.97 35.19
CA ARG C 345 16.73 49.72 33.98
C ARG C 345 17.99 49.16 33.35
N GLU C 346 17.89 48.73 32.10
CA GLU C 346 18.99 48.07 31.42
C GLU C 346 19.19 48.70 30.05
N VAL C 347 20.44 48.74 29.60
CA VAL C 347 20.77 49.27 28.28
C VAL C 347 21.58 48.21 27.54
N ASP C 348 21.23 48.02 26.28
CA ASP C 348 21.89 47.05 25.41
C ASP C 348 22.75 47.79 24.41
N ILE C 349 24.06 47.54 24.43
CA ILE C 349 25.00 48.16 23.52
C ILE C 349 25.50 47.08 22.58
N GLY C 350 25.12 47.18 21.31
CA GLY C 350 25.48 46.18 20.32
C GLY C 350 26.74 46.54 19.56
N ILE C 351 27.03 45.72 18.57
CA ILE C 351 28.21 45.94 17.72
C ILE C 351 27.93 47.14 16.81
N PRO C 352 28.82 48.14 16.78
CA PRO C 352 28.59 49.30 15.92
C PRO C 352 28.61 48.91 14.44
N ASP C 353 27.81 49.64 13.65
CA ASP C 353 27.77 49.42 12.21
C ASP C 353 28.90 50.17 11.53
N ALA C 354 28.87 50.26 10.20
CA ALA C 354 29.95 50.90 9.47
C ALA C 354 30.11 52.36 9.90
N THR C 355 29.02 53.14 9.85
CA THR C 355 29.10 54.53 10.26
C THR C 355 29.38 54.66 11.76
N GLY C 356 29.01 53.67 12.55
CA GLY C 356 29.38 53.64 13.95
C GLY C 356 30.85 53.35 14.13
N ARG C 357 31.38 52.46 13.29
CA ARG C 357 32.79 52.10 13.36
C ARG C 357 33.70 53.16 12.77
N LEU C 358 33.16 54.12 12.00
CA LEU C 358 34.01 55.14 11.39
C LEU C 358 34.71 55.98 12.46
N GLU C 359 33.98 56.42 13.49
CA GLU C 359 34.55 57.33 14.47
C GLU C 359 35.57 56.65 15.37
N ILE C 360 35.44 55.35 15.60
CA ILE C 360 36.37 54.63 16.46
C ILE C 360 37.79 54.64 15.91
N LEU C 361 37.94 54.65 14.58
CA LEU C 361 39.27 54.70 13.98
C LEU C 361 39.97 56.01 14.35
N GLN C 362 39.31 57.14 14.12
CA GLN C 362 39.97 58.41 14.39
C GLN C 362 40.09 58.73 15.87
N ILE C 363 39.14 58.30 16.71
CA ILE C 363 39.29 58.62 18.13
C ILE C 363 40.48 57.91 18.75
N HIS C 364 41.11 56.97 18.05
CA HIS C 364 42.36 56.38 18.48
C HIS C 364 43.55 56.69 17.59
N THR C 365 43.33 57.13 16.36
CA THR C 365 44.43 57.50 15.47
C THR C 365 44.56 59.00 15.30
N LYS C 366 43.93 59.78 16.17
CA LYS C 366 44.04 61.23 16.09
C LYS C 366 45.49 61.71 16.29
N ASN C 367 46.25 61.03 17.15
CA ASN C 367 47.66 61.37 17.31
C ASN C 367 48.51 60.81 16.18
N MET C 368 47.95 59.96 15.32
CA MET C 368 48.65 59.38 14.19
C MET C 368 48.26 60.20 12.96
N LYS C 369 49.14 61.11 12.55
CA LYS C 369 48.87 61.89 11.35
C LYS C 369 49.02 61.02 10.11
N LEU C 370 48.03 61.12 9.24
CA LEU C 370 47.90 60.26 8.08
C LEU C 370 48.25 61.04 6.81
N ALA C 371 48.70 60.30 5.79
CA ALA C 371 49.14 60.89 4.54
C ALA C 371 47.94 61.34 3.71
N ASP C 372 48.21 61.76 2.48
CA ASP C 372 47.16 62.27 1.60
C ASP C 372 46.36 61.15 0.93
N ASP C 373 47.04 60.09 0.51
CA ASP C 373 46.37 59.00 -0.22
C ASP C 373 45.60 58.07 0.70
N VAL C 374 45.71 58.24 2.02
CA VAL C 374 45.06 57.35 2.98
C VAL C 374 43.76 57.96 3.48
N ASP C 375 42.74 57.12 3.57
CA ASP C 375 41.46 57.49 4.15
C ASP C 375 40.94 56.32 4.97
N LEU C 376 40.14 56.61 5.99
CA LEU C 376 39.58 55.59 6.86
C LEU C 376 38.17 55.18 6.45
N GLU C 377 37.66 55.70 5.35
CA GLU C 377 36.31 55.41 4.91
C GLU C 377 36.18 54.00 4.34
N GLN C 378 36.97 53.66 3.32
CA GLN C 378 36.84 52.36 2.68
C GLN C 378 37.23 51.22 3.59
N VAL C 379 38.17 51.44 4.52
CA VAL C 379 38.65 50.37 5.39
C VAL C 379 37.61 49.95 6.43
N ALA C 380 36.65 50.81 6.75
CA ALA C 380 35.61 50.50 7.72
C ALA C 380 34.32 50.07 7.05
N ASN C 381 34.38 49.64 5.79
CA ASN C 381 33.20 49.21 5.06
C ASN C 381 33.15 47.72 4.80
N GLU C 382 34.30 47.05 4.73
CA GLU C 382 34.32 45.61 4.49
C GLU C 382 34.15 44.79 5.75
N THR C 383 34.17 45.42 6.92
CA THR C 383 33.96 44.72 8.19
C THR C 383 32.58 45.01 8.73
N HIS C 384 32.03 44.04 9.48
CA HIS C 384 30.69 44.19 10.01
C HIS C 384 30.53 43.67 11.43
N GLY C 385 31.59 43.20 12.08
CA GLY C 385 31.46 42.65 13.42
C GLY C 385 32.56 43.07 14.38
N HIS C 386 33.07 44.29 14.23
CA HIS C 386 34.19 44.76 15.03
C HIS C 386 33.71 45.74 16.09
N VAL C 387 34.33 45.67 17.27
CA VAL C 387 34.03 46.58 18.37
C VAL C 387 35.27 47.44 18.63
N GLY C 388 35.18 48.33 19.61
CA GLY C 388 36.26 49.26 19.86
C GLY C 388 37.57 48.58 20.18
N ALA C 389 37.55 47.51 20.99
CA ALA C 389 38.76 46.79 21.31
C ALA C 389 39.39 46.14 20.08
N ASP C 390 38.59 45.55 19.20
CA ASP C 390 39.11 44.94 17.99
C ASP C 390 39.82 45.97 17.13
N LEU C 391 39.19 47.14 16.93
CA LEU C 391 39.79 48.18 16.12
C LEU C 391 41.05 48.74 16.77
N ALA C 392 41.06 48.89 18.09
CA ALA C 392 42.25 49.37 18.77
C ALA C 392 43.41 48.40 18.60
N ALA C 393 43.16 47.11 18.77
CA ALA C 393 44.21 46.12 18.54
C ALA C 393 44.68 46.11 17.09
N LEU C 394 43.74 46.22 16.15
CA LEU C 394 44.10 46.24 14.73
C LEU C 394 44.99 47.42 14.40
N CYS C 395 44.63 48.62 14.87
CA CYS C 395 45.46 49.79 14.61
C CYS C 395 46.81 49.70 15.31
N SER C 396 46.85 49.14 16.52
CA SER C 396 48.14 49.00 17.21
C SER C 396 49.08 48.08 16.44
N GLU C 397 48.58 46.92 15.99
CA GLU C 397 49.46 46.03 15.24
C GLU C 397 49.78 46.56 13.85
N ALA C 398 48.87 47.31 13.22
CA ALA C 398 49.19 47.96 11.95
C ALA C 398 50.32 48.96 12.13
N ALA C 399 50.29 49.74 13.21
CA ALA C 399 51.39 50.65 13.50
C ALA C 399 52.69 49.91 13.79
N LEU C 400 52.62 48.78 14.48
CA LEU C 400 53.83 47.98 14.70
C LEU C 400 54.42 47.49 13.38
N GLN C 401 53.56 47.10 12.44
CA GLN C 401 54.05 46.69 11.13
C GLN C 401 54.77 47.82 10.43
N ALA C 402 54.23 49.04 10.49
CA ALA C 402 54.90 50.20 9.92
C ALA C 402 56.23 50.48 10.62
N ILE C 403 56.29 50.30 11.94
CA ILE C 403 57.54 50.50 12.66
C ILE C 403 58.60 49.52 12.18
N ARG C 404 58.25 48.24 12.10
CA ARG C 404 59.24 47.25 11.69
C ARG C 404 59.63 47.39 10.22
N LYS C 405 58.73 47.90 9.38
CA LYS C 405 59.07 48.08 7.96
C LYS C 405 60.22 49.05 7.75
N LYS C 406 60.48 49.93 8.72
CA LYS C 406 61.66 50.78 8.65
C LYS C 406 62.78 50.39 9.61
N MET C 407 62.46 49.71 10.72
CA MET C 407 63.52 49.21 11.60
C MET C 407 64.29 48.03 11.01
N ASP C 408 63.78 47.39 9.96
CA ASP C 408 64.51 46.27 9.37
C ASP C 408 65.70 46.73 8.54
N LEU C 409 65.62 47.92 7.93
CA LEU C 409 66.73 48.42 7.13
C LEU C 409 67.45 49.60 7.75
N ILE C 410 66.79 50.40 8.58
CA ILE C 410 67.45 51.58 9.17
C ILE C 410 68.50 51.16 10.19
N ASP C 411 68.13 50.25 11.10
CA ASP C 411 69.03 49.70 12.11
C ASP C 411 69.64 50.81 12.96
N LEU C 412 68.77 51.49 13.68
CA LEU C 412 69.16 52.58 14.58
C LEU C 412 69.08 52.05 16.02
N GLU C 413 70.22 51.62 16.54
CA GLU C 413 70.30 51.08 17.90
C GLU C 413 70.70 52.20 18.85
N ASP C 414 69.72 52.75 19.56
CA ASP C 414 69.98 53.81 20.52
C ASP C 414 68.90 53.76 21.60
N GLU C 415 69.23 54.38 22.75
CA GLU C 415 68.31 54.40 23.88
C GLU C 415 67.13 55.31 23.58
N THR C 416 67.40 56.59 23.38
CA THR C 416 66.34 57.56 23.07
C THR C 416 66.19 57.71 21.56
N ILE C 417 64.97 58.01 21.13
CA ILE C 417 64.66 58.16 19.72
C ILE C 417 64.43 59.64 19.43
N ASP C 418 64.81 60.06 18.22
CA ASP C 418 64.69 61.44 17.81
C ASP C 418 63.36 61.69 17.10
N ALA C 419 62.90 62.93 17.17
CA ALA C 419 61.64 63.32 16.54
C ALA C 419 61.79 63.62 15.05
N GLU C 420 63.02 63.67 14.54
CA GLU C 420 63.23 63.93 13.11
C GLU C 420 62.75 62.79 12.23
N VAL C 421 62.62 61.59 12.77
CA VAL C 421 62.09 60.46 12.02
C VAL C 421 60.67 60.09 12.45
N MET C 422 60.25 60.47 13.66
CA MET C 422 58.88 60.19 14.10
C MET C 422 57.85 60.89 13.22
N ASN C 423 58.09 62.15 12.86
CA ASN C 423 57.14 62.89 12.03
C ASN C 423 57.09 62.34 10.61
N SER C 424 58.23 61.90 10.07
CA SER C 424 58.27 61.41 8.70
C SER C 424 57.51 60.11 8.52
N LEU C 425 57.31 59.33 9.58
CA LEU C 425 56.60 58.07 9.49
C LEU C 425 55.11 58.29 9.25
N ALA C 426 54.53 57.49 8.36
CA ALA C 426 53.10 57.53 8.09
C ALA C 426 52.67 56.17 7.55
N VAL C 427 51.51 55.70 8.03
CA VAL C 427 51.00 54.41 7.59
C VAL C 427 50.46 54.53 6.17
N THR C 428 50.55 53.44 5.42
CA THR C 428 50.20 53.44 4.00
C THR C 428 49.01 52.52 3.72
N MET C 429 48.71 52.35 2.43
CA MET C 429 47.60 51.51 2.03
C MET C 429 47.83 50.06 2.42
N ASP C 430 48.99 49.50 2.05
CA ASP C 430 49.26 48.10 2.28
C ASP C 430 49.22 47.71 3.76
N ASP C 431 49.48 48.65 4.66
CA ASP C 431 49.42 48.32 6.09
C ASP C 431 48.00 47.98 6.52
N PHE C 432 47.03 48.82 6.20
CA PHE C 432 45.65 48.51 6.54
C PHE C 432 45.13 47.31 5.77
N ARG C 433 45.65 47.08 4.55
CA ARG C 433 45.25 45.88 3.82
C ARG C 433 45.76 44.62 4.51
N TRP C 434 47.03 44.61 4.91
CA TRP C 434 47.63 43.44 5.53
C TRP C 434 47.13 43.24 6.96
N ALA C 435 46.66 44.31 7.60
CA ALA C 435 46.14 44.19 8.96
C ALA C 435 44.91 43.30 9.02
N LEU C 436 43.97 43.48 8.10
CA LEU C 436 42.73 42.72 8.11
C LEU C 436 42.90 41.31 7.57
N SER C 437 43.91 41.07 6.73
CA SER C 437 44.15 39.74 6.19
C SER C 437 44.81 38.81 7.20
N GLN C 438 45.13 39.32 8.39
CA GLN C 438 45.69 38.50 9.46
C GLN C 438 44.56 37.89 10.28
N SER C 439 44.85 37.35 11.46
CA SER C 439 43.84 36.63 12.23
C SER C 439 43.11 37.49 13.25
N ASN C 440 43.41 38.80 13.33
CA ASN C 440 42.71 39.63 14.30
C ASN C 440 41.22 39.87 14.04
N PRO C 441 40.68 39.77 12.80
CA PRO C 441 39.22 39.90 12.67
C PRO C 441 38.48 38.69 13.19
N SER C 442 39.18 37.61 13.54
CA SER C 442 38.52 36.39 14.00
C SER C 442 37.91 36.64 15.37
N ALA C 443 36.61 36.90 15.40
CA ALA C 443 35.91 37.20 16.62
C ALA C 443 34.54 36.54 16.63
N LEU C 444 33.67 36.96 17.55
CA LEU C 444 32.35 36.36 17.70
C LEU C 444 31.33 37.22 16.96
N ARG C 445 30.42 36.54 16.24
CA ARG C 445 29.40 37.20 15.45
C ARG C 445 28.02 36.92 16.02
N GLU C 446 27.25 37.99 16.21
CA GLU C 446 25.86 37.87 16.67
C GLU C 446 24.99 38.92 15.99
N THR C 447 23.78 39.13 16.52
CA THR C 447 22.84 40.08 15.95
C THR C 447 23.45 41.47 15.97
N VAL C 448 23.63 42.05 14.79
CA VAL C 448 24.21 43.38 14.64
C VAL C 448 23.08 44.36 14.33
N VAL C 449 23.20 45.57 14.85
CA VAL C 449 22.17 46.59 14.69
C VAL C 449 22.72 47.65 13.74
N GLU C 450 22.22 47.64 12.50
CA GLU C 450 22.65 48.58 11.47
C GLU C 450 21.45 49.28 10.86
N VAL C 451 21.72 50.36 10.16
CA VAL C 451 20.70 51.16 9.48
C VAL C 451 20.84 50.95 7.98
N PRO C 452 19.77 50.62 7.27
CA PRO C 452 19.88 50.39 5.83
C PRO C 452 20.15 51.69 5.08
N GLN C 453 20.61 51.54 3.83
CA GLN C 453 20.93 52.68 2.98
C GLN C 453 20.27 52.56 1.62
N VAL C 454 19.10 51.94 1.55
CA VAL C 454 18.37 51.77 0.30
C VAL C 454 17.03 52.48 0.41
N THR C 455 16.75 53.36 -0.55
CA THR C 455 15.54 54.18 -0.52
C THR C 455 14.75 53.99 -1.81
N TRP C 456 13.72 54.81 -2.02
CA TRP C 456 12.81 54.58 -3.14
C TRP C 456 13.50 54.76 -4.49
N GLU C 457 14.30 55.81 -4.65
CA GLU C 457 14.98 56.00 -5.94
C GLU C 457 16.03 54.92 -6.16
N ASP C 458 16.59 54.36 -5.08
CA ASP C 458 17.63 53.35 -5.22
C ASP C 458 17.11 52.07 -5.86
N ILE C 459 15.81 51.79 -5.72
CA ILE C 459 15.21 50.62 -6.35
C ILE C 459 14.21 51.10 -7.39
N GLY C 460 13.61 50.16 -8.11
CA GLY C 460 12.64 50.52 -9.13
C GLY C 460 11.59 49.44 -9.27
N GLY C 461 10.54 49.77 -10.01
CA GLY C 461 9.47 48.83 -10.26
C GLY C 461 8.68 48.51 -9.00
N LEU C 462 7.80 47.52 -9.14
CA LEU C 462 6.97 47.05 -8.04
C LEU C 462 6.18 48.19 -7.42
N GLU C 463 5.59 49.02 -8.28
CA GLU C 463 4.72 50.10 -7.83
C GLU C 463 3.48 49.59 -7.12
N ASP C 464 3.10 48.33 -7.35
CA ASP C 464 1.91 47.78 -6.71
C ASP C 464 2.15 47.36 -5.26
N VAL C 465 3.40 47.14 -4.87
CA VAL C 465 3.71 46.81 -3.47
C VAL C 465 4.47 47.91 -2.77
N LYS C 466 5.17 48.79 -3.50
CA LYS C 466 5.67 50.00 -2.87
C LYS C 466 4.52 50.87 -2.40
N ARG C 467 3.44 50.93 -3.18
CA ARG C 467 2.29 51.76 -2.84
C ARG C 467 1.65 51.25 -1.56
N GLU C 468 1.77 49.95 -1.28
CA GLU C 468 1.06 49.29 -0.20
C GLU C 468 1.90 49.14 1.07
N LEU C 469 3.20 48.86 0.95
CA LEU C 469 4.03 48.75 2.15
C LEU C 469 4.04 50.04 2.95
N GLN C 470 4.11 51.17 2.26
CA GLN C 470 4.05 52.46 2.94
C GLN C 470 2.74 52.64 3.70
N GLU C 471 1.61 52.21 3.13
CA GLU C 471 0.32 52.36 3.78
C GLU C 471 0.25 51.68 5.14
N LEU C 472 1.08 50.67 5.39
CA LEU C 472 1.04 49.95 6.66
C LEU C 472 2.31 50.09 7.49
N VAL C 473 3.35 50.76 6.97
CA VAL C 473 4.54 51.05 7.76
C VAL C 473 4.75 52.55 7.94
N GLN C 474 4.83 53.29 6.84
CA GLN C 474 5.33 54.66 6.90
C GLN C 474 4.39 55.58 7.67
N TYR C 475 3.10 55.55 7.33
CA TYR C 475 2.16 56.48 7.97
C TYR C 475 2.02 56.24 9.47
N PRO C 476 1.80 55.01 9.96
CA PRO C 476 1.75 54.83 11.41
C PRO C 476 3.14 54.74 12.03
N VAL C 477 4.07 55.55 11.51
CA VAL C 477 5.35 55.81 12.14
C VAL C 477 5.54 57.32 12.14
N GLU C 478 5.41 57.93 10.97
CA GLU C 478 5.65 59.36 10.77
C GLU C 478 4.42 60.22 11.04
N HIS C 479 3.27 59.63 11.35
CA HIS C 479 2.04 60.37 11.61
C HIS C 479 1.48 59.92 12.95
N PRO C 480 2.07 60.39 14.05
CA PRO C 480 1.55 60.01 15.38
C PRO C 480 0.13 60.47 15.62
N ASP C 481 -0.30 61.57 15.01
CA ASP C 481 -1.64 62.10 15.25
C ASP C 481 -2.73 61.19 14.71
N LYS C 482 -2.44 60.39 13.69
CA LYS C 482 -3.43 59.51 13.10
C LYS C 482 -3.50 58.19 13.88
N PHE C 483 -4.38 57.30 13.41
CA PHE C 483 -4.49 55.92 13.89
C PHE C 483 -5.06 55.83 15.30
N LEU C 484 -5.49 56.94 15.87
CA LEU C 484 -6.28 56.86 17.10
C LEU C 484 -7.53 57.72 17.04
N LYS C 485 -7.54 58.77 16.22
CA LYS C 485 -8.76 59.52 16.00
C LYS C 485 -9.83 58.66 15.33
N PHE C 486 -9.42 57.84 14.36
CA PHE C 486 -10.32 56.92 13.69
C PHE C 486 -10.45 55.59 14.43
N GLY C 487 -9.84 55.47 15.60
CA GLY C 487 -9.95 54.23 16.36
C GLY C 487 -8.92 53.24 15.88
N MET C 488 -9.38 52.01 15.60
CA MET C 488 -8.59 50.92 15.01
C MET C 488 -7.27 50.72 15.72
N THR C 489 -6.29 50.10 15.05
CA THR C 489 -4.98 49.82 15.65
C THR C 489 -4.03 49.37 14.56
N PRO C 490 -2.77 49.80 14.60
CA PRO C 490 -1.81 49.36 13.57
C PRO C 490 -1.44 47.90 13.76
N SER C 491 -0.87 47.33 12.69
CA SER C 491 -0.46 45.94 12.68
C SER C 491 0.94 45.81 13.30
N LYS C 492 1.39 44.57 13.49
CA LYS C 492 2.75 44.33 13.98
C LYS C 492 3.53 43.46 13.01
N GLY C 493 2.83 42.56 12.31
CA GLY C 493 3.50 41.51 11.56
C GLY C 493 3.14 41.50 10.09
N VAL C 494 4.14 41.24 9.25
CA VAL C 494 3.97 41.10 7.82
C VAL C 494 4.74 39.85 7.39
N LEU C 495 4.08 38.98 6.63
CA LEU C 495 4.69 37.75 6.14
C LEU C 495 4.94 37.89 4.64
N PHE C 496 6.19 37.71 4.23
CA PHE C 496 6.57 37.78 2.83
C PHE C 496 6.74 36.38 2.25
N TYR C 497 6.24 36.21 1.03
CA TYR C 497 6.14 34.90 0.41
C TYR C 497 6.25 35.06 -1.10
N GLY C 498 6.66 34.00 -1.77
CA GLY C 498 6.81 34.03 -3.21
C GLY C 498 8.00 33.22 -3.67
N PRO C 499 8.39 33.41 -4.93
CA PRO C 499 9.51 32.66 -5.48
C PRO C 499 10.80 32.99 -4.75
N PRO C 500 11.67 32.01 -4.55
CA PRO C 500 12.96 32.29 -3.92
C PRO C 500 13.82 33.18 -4.80
N GLY C 501 14.67 33.98 -4.14
CA GLY C 501 15.55 34.88 -4.86
C GLY C 501 14.92 36.17 -5.33
N CYS C 502 13.75 36.54 -4.79
CA CYS C 502 13.08 37.77 -5.21
C CYS C 502 13.58 39.00 -4.46
N GLY C 503 14.52 38.83 -3.54
CA GLY C 503 15.07 39.96 -2.81
C GLY C 503 14.20 40.45 -1.68
N LYS C 504 13.58 39.51 -0.95
CA LYS C 504 12.71 39.89 0.16
C LYS C 504 13.45 40.59 1.28
N THR C 505 14.67 40.15 1.60
CA THR C 505 15.44 40.82 2.65
C THR C 505 15.71 42.27 2.29
N LEU C 506 16.12 42.52 1.05
CA LEU C 506 16.35 43.88 0.61
C LEU C 506 15.08 44.70 0.55
N LEU C 507 13.97 44.09 0.13
CA LEU C 507 12.69 44.80 0.12
C LEU C 507 12.29 45.21 1.54
N ALA C 508 12.53 44.34 2.51
CA ALA C 508 12.25 44.68 3.91
C ALA C 508 13.18 45.75 4.44
N LYS C 509 14.45 45.75 4.03
CA LYS C 509 15.36 46.80 4.46
C LYS C 509 14.99 48.15 3.85
N ALA C 510 14.49 48.16 2.62
CA ALA C 510 14.20 49.41 1.91
C ALA C 510 13.15 50.25 2.64
N ILE C 511 12.22 49.62 3.34
CA ILE C 511 11.19 50.38 4.06
C ILE C 511 11.63 50.78 5.46
N ALA C 512 12.55 50.03 6.06
CA ALA C 512 12.98 50.30 7.43
C ALA C 512 13.86 51.53 7.56
N ASN C 513 14.64 51.86 6.53
CA ASN C 513 15.54 53.01 6.65
C ASN C 513 14.83 54.34 6.47
N GLU C 514 13.72 54.38 5.73
CA GLU C 514 13.00 55.62 5.49
C GLU C 514 12.08 56.01 6.64
N CYS C 515 11.87 55.13 7.62
CA CYS C 515 11.06 55.47 8.79
C CYS C 515 11.93 55.81 9.99
N GLN C 516 13.23 56.04 9.78
CA GLN C 516 14.18 56.38 10.84
C GLN C 516 14.16 55.32 11.95
N ALA C 517 14.43 54.09 11.52
CA ALA C 517 14.48 52.96 12.43
C ALA C 517 15.70 52.11 12.10
N ASN C 518 16.18 51.39 13.11
CA ASN C 518 17.30 50.48 12.92
C ASN C 518 16.78 49.17 12.33
N PHE C 519 17.68 48.24 12.08
CA PHE C 519 17.33 46.99 11.43
C PHE C 519 18.20 45.87 11.97
N ILE C 520 17.59 44.75 12.33
CA ILE C 520 18.31 43.55 12.72
C ILE C 520 17.88 42.42 11.78
N SER C 521 18.85 41.75 11.18
CA SER C 521 18.58 40.70 10.22
C SER C 521 18.72 39.34 10.89
N ILE C 522 17.65 38.55 10.86
CA ILE C 522 17.64 37.21 11.43
C ILE C 522 17.38 36.25 10.28
N LYS C 523 18.45 35.65 9.76
CA LYS C 523 18.30 34.67 8.70
C LYS C 523 17.96 33.31 9.31
N GLY C 524 17.48 32.41 8.47
CA GLY C 524 16.97 31.13 8.91
C GLY C 524 17.93 30.26 9.69
N PRO C 525 19.01 29.80 9.05
CA PRO C 525 19.86 28.78 9.69
C PRO C 525 20.52 29.22 10.98
N GLU C 526 20.70 30.53 11.22
CA GLU C 526 21.35 30.94 12.45
C GLU C 526 20.44 30.77 13.66
N LEU C 527 19.12 30.91 13.47
CA LEU C 527 18.19 30.59 14.54
C LEU C 527 18.01 29.09 14.72
N LEU C 528 18.51 28.29 13.79
CA LEU C 528 18.48 26.84 13.92
C LEU C 528 19.74 26.29 14.57
N THR C 529 20.89 26.89 14.29
CA THR C 529 22.14 26.43 14.91
C THR C 529 22.21 26.83 16.39
N MET C 530 21.44 27.84 16.79
CA MET C 530 21.35 28.24 18.19
C MET C 530 20.28 27.48 18.95
N TRP C 531 19.64 26.51 18.30
CA TRP C 531 18.59 25.71 18.92
C TRP C 531 19.13 24.55 19.74
N PHE C 532 20.18 23.89 19.27
CA PHE C 532 20.75 22.69 19.91
C PHE C 532 19.63 21.66 20.00
N GLY C 533 19.59 20.87 21.07
CA GLY C 533 18.54 19.90 21.28
C GLY C 533 17.96 19.94 22.67
N GLU C 534 16.66 20.23 22.76
CA GLU C 534 15.91 20.23 24.02
C GLU C 534 16.40 21.30 24.99
N SER C 535 17.23 22.24 24.52
CA SER C 535 17.71 23.31 25.40
C SER C 535 18.17 24.47 24.53
N GLU C 536 17.41 25.57 24.53
CA GLU C 536 17.86 26.79 23.88
C GLU C 536 17.98 27.95 24.88
N ALA C 537 16.90 28.24 25.60
CA ALA C 537 16.88 29.25 26.67
C ALA C 537 17.43 30.60 26.22
N ASN C 538 17.34 30.89 24.92
CA ASN C 538 17.88 32.14 24.39
C ASN C 538 16.93 32.77 23.37
N VAL C 539 15.64 32.89 23.73
CA VAL C 539 14.67 33.55 22.86
C VAL C 539 14.24 34.88 23.45
N ARG C 540 14.00 34.91 24.77
CA ARG C 540 13.42 36.11 25.38
C ARG C 540 14.32 37.33 25.22
N GLU C 541 15.63 37.15 25.12
CA GLU C 541 16.55 38.27 25.05
C GLU C 541 16.79 38.79 23.63
N ILE C 542 16.34 38.06 22.61
CA ILE C 542 16.55 38.53 21.24
C ILE C 542 15.48 39.51 20.78
N PHE C 543 14.43 39.70 21.58
CA PHE C 543 13.37 40.64 21.26
C PHE C 543 13.53 41.98 21.96
N ASP C 544 14.22 42.00 23.11
CA ASP C 544 14.37 43.24 23.86
C ASP C 544 15.31 44.21 23.16
N LYS C 545 16.28 43.69 22.41
CA LYS C 545 17.20 44.57 21.69
C LYS C 545 16.46 45.42 20.65
N ALA C 546 15.42 44.86 20.03
CA ALA C 546 14.57 45.62 19.14
C ALA C 546 13.64 46.58 19.87
N ARG C 547 13.46 46.39 21.17
CA ARG C 547 12.62 47.26 21.98
C ARG C 547 13.37 48.46 22.54
N GLN C 548 14.59 48.25 23.05
CA GLN C 548 15.38 49.38 23.52
C GLN C 548 15.81 50.28 22.37
N ALA C 549 16.01 49.72 21.19
CA ALA C 549 16.44 50.49 20.02
C ALA C 549 15.23 50.96 19.21
N ALA C 550 14.30 51.62 19.87
CA ALA C 550 13.12 52.14 19.18
C ALA C 550 13.46 53.44 18.46
N PRO C 551 12.95 53.65 17.24
CA PRO C 551 12.16 52.67 16.48
C PRO C 551 13.03 51.59 15.86
N CYS C 552 12.47 50.40 15.66
CA CYS C 552 13.21 49.30 15.06
C CYS C 552 12.25 48.44 14.25
N VAL C 553 12.78 47.87 13.17
CA VAL C 553 12.02 46.98 12.30
C VAL C 553 12.72 45.63 12.33
N LEU C 554 12.02 44.61 12.85
CA LEU C 554 12.59 43.28 12.94
C LEU C 554 12.23 42.46 11.71
N PHE C 555 13.16 41.62 11.28
CA PHE C 555 12.98 40.82 10.08
C PHE C 555 13.37 39.38 10.34
N PHE C 556 12.51 38.45 9.94
CA PHE C 556 12.79 37.01 10.00
C PHE C 556 12.98 36.53 8.56
N ASP C 557 14.23 36.33 8.18
CA ASP C 557 14.54 35.89 6.83
C ASP C 557 14.44 34.37 6.77
N GLU C 558 13.59 33.89 5.87
CA GLU C 558 13.49 32.45 5.64
C GLU C 558 13.10 31.77 6.95
N LEU C 559 11.94 32.17 7.48
CA LEU C 559 11.31 31.49 8.59
C LEU C 559 11.01 30.02 8.29
N ASP C 560 11.05 29.61 7.01
CA ASP C 560 10.68 28.25 6.62
C ASP C 560 11.68 27.21 7.10
N SER C 561 12.86 27.65 7.53
CA SER C 561 13.88 26.78 8.12
C SER C 561 13.40 26.00 9.34
N ILE C 562 12.57 26.60 10.21
CA ILE C 562 12.06 25.85 11.36
C ILE C 562 11.18 24.70 10.90
N ALA C 563 10.31 24.95 9.92
CA ALA C 563 9.51 23.87 9.37
C ALA C 563 10.35 22.81 8.68
N LYS C 564 11.48 23.21 8.09
CA LYS C 564 12.40 22.24 7.51
C LYS C 564 12.80 21.17 8.51
N ALA C 565 13.18 21.56 9.72
CA ALA C 565 13.66 20.60 10.70
C ALA C 565 12.55 19.71 11.24
N ARG C 566 11.36 20.26 11.50
CA ARG C 566 10.25 19.46 12.02
C ARG C 566 9.72 18.49 10.97
N GLY C 567 9.39 18.99 9.79
CA GLY C 567 8.95 18.11 8.73
C GLY C 567 8.85 18.85 7.41
N GLY C 568 9.47 18.31 6.36
CA GLY C 568 9.49 18.94 5.07
C GLY C 568 9.04 17.99 3.97
N ASN C 569 8.81 18.57 2.79
CA ASN C 569 8.37 17.81 1.63
C ASN C 569 7.10 17.03 1.94
N ILE C 570 7.25 15.78 2.37
CA ILE C 570 6.10 14.97 2.76
C ILE C 570 5.53 15.44 4.09
N GLY C 571 6.38 15.61 5.09
CA GLY C 571 5.96 16.03 6.41
C GLY C 571 5.66 14.85 7.33
N ASP C 572 5.43 15.18 8.60
CA ASP C 572 5.13 14.18 9.62
C ASP C 572 3.63 13.86 9.58
N GLY C 573 3.18 13.06 10.55
CA GLY C 573 1.78 12.70 10.61
C GLY C 573 0.88 13.81 11.10
N GLY C 574 1.43 14.79 11.82
CA GLY C 574 0.66 15.91 12.33
C GLY C 574 1.14 17.24 11.80
N GLY C 575 0.83 18.30 12.55
CA GLY C 575 1.25 19.63 12.16
C GLY C 575 2.74 19.85 12.37
N ALA C 576 3.26 20.86 11.69
CA ALA C 576 4.68 21.20 11.76
C ALA C 576 4.90 22.29 12.79
N ALA C 577 4.46 22.00 14.02
CA ALA C 577 4.58 22.92 15.14
C ALA C 577 5.84 22.60 15.93
N ASP C 578 6.28 23.57 16.73
CA ASP C 578 7.51 23.39 17.49
C ASP C 578 7.47 24.24 18.76
N ARG C 579 8.25 23.78 19.74
CA ARG C 579 8.40 24.51 21.00
C ARG C 579 9.20 25.79 20.83
N VAL C 580 9.82 25.99 19.67
CA VAL C 580 10.45 27.27 19.38
C VAL C 580 9.51 28.20 18.62
N ILE C 581 8.46 27.65 18.01
CA ILE C 581 7.48 28.48 17.32
C ILE C 581 6.40 28.97 18.28
N ASN C 582 5.92 28.07 19.16
CA ASN C 582 4.88 28.49 20.10
C ASN C 582 5.40 29.55 21.05
N GLN C 583 6.64 29.43 21.51
CA GLN C 583 7.20 30.39 22.46
C GLN C 583 7.41 31.77 21.85
N ILE C 584 7.67 31.88 20.55
CA ILE C 584 7.80 33.18 19.93
C ILE C 584 6.44 33.77 19.57
N LEU C 585 5.49 32.92 19.14
CA LEU C 585 4.17 33.45 18.83
C LEU C 585 3.43 33.88 20.08
N THR C 586 3.74 33.26 21.23
CA THR C 586 3.20 33.74 22.50
C THR C 586 3.90 35.00 22.96
N GLU C 587 5.21 35.10 22.73
CA GLU C 587 5.96 36.28 23.15
C GLU C 587 5.53 37.52 22.38
N MET C 588 5.22 37.38 21.09
CA MET C 588 4.87 38.57 20.32
C MET C 588 3.47 39.08 20.64
N ASP C 589 2.68 38.37 21.44
CA ASP C 589 1.35 38.81 21.84
C ASP C 589 1.33 39.60 23.15
N GLY C 590 2.42 39.57 23.92
CA GLY C 590 2.44 40.27 25.19
C GLY C 590 2.64 41.76 25.04
N MET C 591 3.20 42.19 23.91
CA MET C 591 3.51 43.57 23.66
C MET C 591 2.25 44.38 23.44
N SER C 592 2.28 45.64 23.87
CA SER C 592 1.17 46.56 23.67
C SER C 592 1.16 47.05 22.24
N THR C 593 -0.01 47.45 21.77
CA THR C 593 -0.15 47.88 20.39
C THR C 593 0.54 49.21 20.11
N LYS C 594 0.86 49.98 21.15
CA LYS C 594 1.39 51.32 20.96
C LYS C 594 2.92 51.34 20.80
N LYS C 595 3.59 50.21 21.05
CA LYS C 595 5.00 50.11 20.73
C LYS C 595 5.21 50.20 19.23
N ASN C 596 6.39 50.71 18.85
CA ASN C 596 6.73 50.92 17.45
C ASN C 596 7.54 49.76 16.86
N VAL C 597 7.67 48.66 17.60
CA VAL C 597 8.39 47.49 17.11
C VAL C 597 7.57 46.83 16.00
N PHE C 598 8.23 46.50 14.90
CA PHE C 598 7.57 45.89 13.75
C PHE C 598 8.34 44.62 13.39
N ILE C 599 7.64 43.49 13.39
CA ILE C 599 8.23 42.20 13.04
C ILE C 599 7.77 41.83 11.63
N ILE C 600 8.70 41.35 10.81
CA ILE C 600 8.43 40.99 9.43
C ILE C 600 8.95 39.59 9.19
N GLY C 601 8.08 38.72 8.68
CA GLY C 601 8.46 37.36 8.35
C GLY C 601 8.63 37.16 6.86
N ALA C 602 9.44 36.17 6.50
CA ALA C 602 9.69 35.86 5.11
C ALA C 602 9.78 34.35 4.95
N THR C 603 9.17 33.84 3.88
CA THR C 603 9.16 32.42 3.60
C THR C 603 9.14 32.22 2.09
N ASN C 604 9.26 30.97 1.66
CA ASN C 604 9.27 30.64 0.24
C ASN C 604 8.27 29.55 -0.10
N ARG C 605 7.72 28.84 0.89
CA ARG C 605 6.77 27.76 0.66
C ARG C 605 5.60 27.93 1.62
N PRO C 606 4.72 28.91 1.36
CA PRO C 606 3.67 29.27 2.34
C PRO C 606 2.46 28.34 2.29
N ASP C 607 2.71 27.05 2.48
CA ASP C 607 1.63 26.08 2.55
C ASP C 607 1.84 25.10 3.69
N ILE C 608 3.04 25.11 4.29
CA ILE C 608 3.38 24.20 5.36
C ILE C 608 3.55 24.90 6.69
N ILE C 609 3.52 26.23 6.74
CA ILE C 609 3.62 26.95 8.00
C ILE C 609 2.29 26.87 8.74
N ASP C 610 2.36 26.75 10.06
CA ASP C 610 1.16 26.64 10.87
C ASP C 610 0.33 27.91 10.75
N PRO C 611 -1.00 27.81 10.73
CA PRO C 611 -1.84 29.02 10.76
C PRO C 611 -1.85 29.66 12.14
N ALA C 612 -1.18 29.02 13.10
CA ALA C 612 -1.15 29.55 14.46
C ALA C 612 -0.51 30.93 14.51
N ILE C 613 0.60 31.13 13.78
CA ILE C 613 1.16 32.47 13.67
C ILE C 613 0.41 33.32 12.66
N LEU C 614 -0.33 32.69 11.74
CA LEU C 614 -1.17 33.41 10.79
C LEU C 614 -2.52 33.80 11.39
N ARG C 615 -2.67 33.72 12.70
CA ARG C 615 -3.92 34.08 13.34
C ARG C 615 -4.20 35.57 13.15
N PRO C 616 -5.47 35.96 13.12
CA PRO C 616 -5.80 37.39 12.93
C PRO C 616 -5.45 38.22 14.16
N GLY C 617 -4.22 38.71 14.20
CA GLY C 617 -3.74 39.46 15.35
C GLY C 617 -2.25 39.27 15.58
N ARG C 618 -1.64 38.33 14.86
CA ARG C 618 -0.18 38.22 14.82
C ARG C 618 0.34 38.47 13.41
N LEU C 619 -0.12 37.74 12.41
CA LEU C 619 0.25 37.98 11.01
C LEU C 619 -1.04 38.17 10.23
N ASP C 620 -1.50 39.43 10.18
CA ASP C 620 -2.77 39.75 9.55
C ASP C 620 -2.60 39.98 8.05
N GLN C 621 -1.76 40.95 7.69
CA GLN C 621 -1.58 41.29 6.29
C GLN C 621 -0.62 40.30 5.62
N LEU C 622 -1.02 39.81 4.45
CA LEU C 622 -0.21 38.92 3.64
C LEU C 622 0.15 39.66 2.36
N ILE C 623 1.45 39.73 2.07
CA ILE C 623 1.96 40.50 0.94
C ILE C 623 2.77 39.56 0.04
N TYR C 624 2.48 39.61 -1.25
CA TYR C 624 3.11 38.73 -2.23
C TYR C 624 4.20 39.49 -2.98
N ILE C 625 5.34 38.85 -3.18
CA ILE C 625 6.43 39.45 -3.94
C ILE C 625 6.48 38.79 -5.31
N PRO C 626 6.04 39.48 -6.37
CA PRO C 626 6.07 38.86 -7.70
C PRO C 626 7.44 38.93 -8.33
N LEU C 627 7.54 38.45 -9.57
CA LEU C 627 8.81 38.52 -10.28
C LEU C 627 9.14 39.97 -10.61
N PRO C 628 10.42 40.32 -10.63
CA PRO C 628 10.81 41.71 -10.95
C PRO C 628 10.37 42.09 -12.35
N ASP C 629 9.91 43.34 -12.49
CA ASP C 629 9.46 43.86 -13.77
C ASP C 629 10.60 44.57 -14.48
N GLU C 630 10.29 45.28 -15.56
CA GLU C 630 11.32 45.98 -16.34
C GLU C 630 12.03 47.04 -15.51
N LYS C 631 11.29 47.85 -14.76
CA LYS C 631 11.89 48.96 -14.02
C LYS C 631 12.85 48.46 -12.95
N SER C 632 12.56 47.31 -12.34
CA SER C 632 13.47 46.73 -11.36
C SER C 632 14.61 45.97 -12.00
N ARG C 633 14.36 45.33 -13.15
CA ARG C 633 15.41 44.61 -13.84
C ARG C 633 16.51 45.57 -14.31
N VAL C 634 16.15 46.73 -14.83
CA VAL C 634 17.18 47.69 -15.22
C VAL C 634 17.91 48.23 -14.00
N ALA C 635 17.21 48.39 -12.87
CA ALA C 635 17.83 48.94 -11.67
C ALA C 635 18.83 47.98 -11.04
N ILE C 636 18.52 46.68 -10.99
CA ILE C 636 19.46 45.72 -10.39
C ILE C 636 20.78 45.72 -11.14
N LEU C 637 20.74 45.83 -12.47
CA LEU C 637 21.97 45.88 -13.24
C LEU C 637 22.76 47.16 -13.00
N LYS C 638 22.10 48.31 -12.85
CA LYS C 638 22.79 49.55 -12.53
C LYS C 638 23.29 49.57 -11.09
N ALA C 639 22.87 48.62 -10.27
CA ALA C 639 23.27 48.56 -8.87
C ALA C 639 24.36 47.56 -8.58
N ASN C 640 24.37 46.40 -9.25
CA ASN C 640 25.33 45.36 -8.89
C ASN C 640 26.69 45.58 -9.54
N LEU C 641 26.84 46.59 -10.39
CA LEU C 641 28.12 46.91 -11.01
C LEU C 641 28.52 48.37 -10.74
N ARG C 642 28.02 48.94 -9.65
CA ARG C 642 28.26 50.36 -9.36
C ARG C 642 29.73 50.68 -9.16
N LYS C 643 30.56 49.69 -8.84
CA LYS C 643 31.98 49.92 -8.59
C LYS C 643 32.86 49.33 -9.68
N SER C 644 32.34 49.19 -10.89
CA SER C 644 33.10 48.64 -12.00
C SER C 644 33.17 49.65 -13.15
N PRO C 645 34.32 49.74 -13.82
CA PRO C 645 34.45 50.69 -14.94
C PRO C 645 33.83 50.14 -16.22
N VAL C 646 32.50 50.10 -16.24
CA VAL C 646 31.76 49.60 -17.39
C VAL C 646 31.72 50.68 -18.47
N ALA C 647 32.09 50.31 -19.69
CA ALA C 647 32.09 51.26 -20.79
C ALA C 647 30.66 51.63 -21.19
N LYS C 648 30.55 52.73 -21.92
CA LYS C 648 29.26 53.24 -22.36
C LYS C 648 28.75 52.55 -23.62
N ASP C 649 29.55 51.66 -24.22
CA ASP C 649 29.11 50.98 -25.43
C ASP C 649 27.92 50.07 -25.18
N VAL C 650 27.79 49.55 -23.95
CA VAL C 650 26.69 48.65 -23.60
C VAL C 650 25.44 49.47 -23.32
N ASP C 651 24.29 48.80 -23.31
CA ASP C 651 23.01 49.44 -23.04
C ASP C 651 22.35 48.74 -21.87
N LEU C 652 21.95 49.51 -20.85
CA LEU C 652 21.36 48.92 -19.66
C LEU C 652 19.94 48.45 -19.90
N GLU C 653 19.13 49.25 -20.60
CA GLU C 653 17.75 48.86 -20.88
C GLU C 653 17.66 47.66 -21.81
N PHE C 654 18.63 47.51 -22.72
CA PHE C 654 18.59 46.42 -23.68
C PHE C 654 18.64 45.06 -22.99
N LEU C 655 19.51 44.89 -22.00
CA LEU C 655 19.56 43.63 -21.26
C LEU C 655 18.22 43.29 -20.61
N ALA C 656 17.61 44.26 -19.93
CA ALA C 656 16.30 44.02 -19.37
C ALA C 656 15.25 43.76 -20.44
N LYS C 657 15.48 44.25 -21.66
CA LYS C 657 14.54 43.96 -22.74
C LYS C 657 14.52 42.48 -23.12
N MET C 658 15.69 41.84 -23.24
CA MET C 658 15.64 40.39 -23.43
C MET C 658 15.19 39.66 -22.17
N THR C 659 15.72 40.05 -21.01
CA THR C 659 15.48 39.31 -19.78
C THR C 659 14.05 39.56 -19.31
N ASN C 660 13.22 38.52 -19.38
CA ASN C 660 11.83 38.64 -18.96
C ASN C 660 11.49 37.65 -17.84
N GLY C 661 11.87 36.39 -18.02
CA GLY C 661 11.51 35.36 -17.06
C GLY C 661 12.64 34.92 -16.17
N PHE C 662 13.44 35.88 -15.68
CA PHE C 662 14.56 35.60 -14.81
C PHE C 662 14.36 36.30 -13.47
N SER C 663 14.88 35.69 -12.42
CA SER C 663 14.76 36.24 -11.08
C SER C 663 16.04 36.98 -10.69
N GLY C 664 16.05 37.57 -9.49
CA GLY C 664 17.18 38.38 -9.08
C GLY C 664 18.48 37.62 -9.03
N ALA C 665 18.45 36.35 -8.61
CA ALA C 665 19.65 35.53 -8.62
C ALA C 665 20.21 35.37 -10.03
N ASP C 666 19.34 35.12 -11.01
CA ASP C 666 19.79 35.02 -12.39
C ASP C 666 20.36 36.34 -12.90
N LEU C 667 19.66 37.45 -12.62
CA LEU C 667 20.14 38.76 -13.07
C LEU C 667 21.51 39.07 -12.47
N THR C 668 21.73 38.69 -11.21
CA THR C 668 23.03 38.92 -10.59
C THR C 668 24.11 38.01 -11.17
N GLU C 669 23.79 36.73 -11.36
CA GLU C 669 24.80 35.78 -11.81
C GLU C 669 25.21 36.03 -13.26
N ILE C 670 24.31 36.62 -14.07
CA ILE C 670 24.70 37.05 -15.41
C ILE C 670 25.83 38.06 -15.34
N CYS C 671 25.66 39.10 -14.52
CA CYS C 671 26.70 40.11 -14.37
C CYS C 671 27.96 39.51 -13.75
N GLN C 672 27.79 38.57 -12.81
CA GLN C 672 28.95 37.90 -12.22
C GLN C 672 29.75 37.17 -13.29
N ARG C 673 29.07 36.43 -14.17
CA ARG C 673 29.77 35.73 -15.25
C ARG C 673 30.44 36.68 -16.21
N ALA C 674 29.75 37.77 -16.58
CA ALA C 674 30.35 38.73 -17.49
C ALA C 674 31.61 39.35 -16.91
N CYS C 675 31.56 39.77 -15.64
CA CYS C 675 32.74 40.30 -14.98
C CYS C 675 33.84 39.26 -14.86
N LYS C 676 33.47 38.01 -14.57
CA LYS C 676 34.47 36.95 -14.42
C LYS C 676 35.19 36.68 -15.72
N LEU C 677 34.48 36.69 -16.85
CA LEU C 677 35.18 36.49 -18.12
C LEU C 677 36.00 37.71 -18.52
N ALA C 678 35.49 38.92 -18.25
CA ALA C 678 36.28 40.10 -18.58
C ALA C 678 37.57 40.18 -17.78
N ILE C 679 37.51 39.86 -16.48
CA ILE C 679 38.70 39.89 -15.64
C ILE C 679 39.74 38.87 -16.06
N ARG C 680 39.34 37.80 -16.75
CA ARG C 680 40.33 36.84 -17.21
C ARG C 680 41.06 37.33 -18.44
N GLU C 681 40.34 37.86 -19.43
CA GLU C 681 41.01 38.42 -20.60
C GLU C 681 41.84 39.64 -20.25
N SER C 682 41.46 40.38 -19.20
CA SER C 682 42.28 41.50 -18.77
C SER C 682 43.67 41.04 -18.35
N ILE C 683 43.76 39.95 -17.58
CA ILE C 683 45.05 39.42 -17.20
C ILE C 683 45.73 38.73 -18.38
N GLU C 684 44.97 38.06 -19.24
CA GLU C 684 45.56 37.33 -20.36
C GLU C 684 46.21 38.27 -21.35
N SER C 685 45.69 39.49 -21.50
CA SER C 685 46.29 40.45 -22.40
C SER C 685 47.66 40.95 -21.93
N GLU C 686 48.03 40.66 -20.69
CA GLU C 686 49.31 41.15 -20.17
C GLU C 686 50.50 40.38 -20.72
N ILE C 687 50.28 39.18 -21.26
CA ILE C 687 51.38 38.37 -21.78
C ILE C 687 51.84 38.90 -23.12
N VAL C 708 41.96 50.05 -21.75
CA VAL C 708 41.91 48.63 -22.07
C VAL C 708 41.11 47.81 -21.04
N PRO C 709 41.38 47.98 -19.72
CA PRO C 709 40.59 47.23 -18.73
C PRO C 709 39.18 47.76 -18.59
N GLU C 710 38.30 47.38 -19.52
CA GLU C 710 36.91 47.81 -19.47
C GLU C 710 36.03 46.70 -20.01
N ILE C 711 34.77 46.71 -19.60
CA ILE C 711 33.80 45.69 -20.01
C ILE C 711 33.15 46.14 -21.31
N ARG C 712 33.20 45.28 -22.33
CA ARG C 712 32.63 45.58 -23.62
C ARG C 712 31.28 44.89 -23.79
N ARG C 713 30.64 45.09 -24.94
CA ARG C 713 29.34 44.49 -25.20
C ARG C 713 29.42 42.96 -25.30
N ASP C 714 30.44 42.45 -25.97
CA ASP C 714 30.59 41.00 -26.10
C ASP C 714 30.71 40.31 -24.74
N HIS C 715 31.27 41.00 -23.75
CA HIS C 715 31.39 40.41 -22.42
C HIS C 715 30.04 40.08 -21.83
N PHE C 716 29.06 40.98 -21.98
CA PHE C 716 27.70 40.65 -21.59
C PHE C 716 27.06 39.65 -22.55
N GLU C 717 27.46 39.69 -23.83
CA GLU C 717 26.89 38.77 -24.81
C GLU C 717 27.18 37.32 -24.47
N GLU C 718 28.41 36.99 -24.06
CA GLU C 718 28.69 35.60 -23.69
C GLU C 718 27.85 35.19 -22.48
N ALA C 719 27.75 36.06 -21.48
CA ALA C 719 26.93 35.77 -20.31
C ALA C 719 25.45 35.60 -20.66
N MET C 720 24.99 36.24 -21.74
CA MET C 720 23.60 36.10 -22.14
C MET C 720 23.25 34.66 -22.50
N ARG C 721 24.14 33.98 -23.23
CA ARG C 721 23.82 32.65 -23.74
C ARG C 721 23.86 31.59 -22.66
N PHE C 722 24.72 31.75 -21.67
CA PHE C 722 24.84 30.78 -20.58
C PHE C 722 23.83 31.03 -19.47
N ALA C 723 22.76 31.77 -19.74
CA ALA C 723 21.74 32.06 -18.75
C ALA C 723 20.90 30.83 -18.45
N ARG C 724 20.51 30.67 -17.19
CA ARG C 724 19.61 29.63 -16.75
C ARG C 724 18.43 30.26 -16.02
N ARG C 725 17.46 29.43 -15.66
CA ARG C 725 16.26 29.86 -14.95
C ARG C 725 16.33 29.34 -13.52
N SER C 726 16.35 30.24 -12.55
CA SER C 726 16.40 29.83 -11.15
C SER C 726 15.14 29.08 -10.75
N VAL C 727 13.98 29.56 -11.21
CA VAL C 727 12.70 28.94 -10.87
C VAL C 727 12.11 28.32 -12.13
N SER C 728 11.28 27.30 -11.91
CA SER C 728 10.58 26.64 -13.00
C SER C 728 9.30 27.40 -13.34
N ASP C 729 8.42 26.79 -14.12
CA ASP C 729 7.13 27.40 -14.45
C ASP C 729 5.99 26.92 -13.58
N ASN C 730 5.95 25.62 -13.23
CA ASN C 730 4.82 25.10 -12.47
C ASN C 730 4.70 25.74 -11.09
N ASP C 731 5.83 26.01 -10.44
CA ASP C 731 5.81 26.66 -9.14
C ASP C 731 5.33 28.10 -9.22
N ILE C 732 5.45 28.75 -10.37
CA ILE C 732 4.96 30.11 -10.50
C ILE C 732 3.46 30.17 -10.28
N ARG C 733 2.69 29.53 -11.18
CA ARG C 733 1.24 29.50 -10.99
C ARG C 733 0.85 28.98 -9.62
N LYS C 734 1.65 28.10 -9.02
CA LYS C 734 1.44 27.75 -7.62
C LYS C 734 1.53 28.98 -6.74
N TYR C 735 2.52 29.85 -6.97
CA TYR C 735 2.63 31.05 -6.15
C TYR C 735 1.51 32.06 -6.38
N GLU C 736 1.12 32.32 -7.62
CA GLU C 736 0.02 33.29 -7.76
C GLU C 736 -1.36 32.65 -7.72
N MET C 737 -1.46 31.36 -7.33
CA MET C 737 -2.79 30.88 -6.98
C MET C 737 -3.05 31.01 -5.48
N PHE C 738 -2.02 31.18 -4.67
CA PHE C 738 -2.20 31.51 -3.25
C PHE C 738 -2.43 32.99 -3.02
N ALA C 739 -2.14 33.84 -4.00
CA ALA C 739 -2.22 35.28 -3.83
C ALA C 739 -3.65 35.80 -3.76
N GLN C 740 -4.52 35.32 -4.66
CA GLN C 740 -5.89 35.84 -4.69
C GLN C 740 -6.79 35.11 -3.71
N THR C 741 -6.50 33.83 -3.46
CA THR C 741 -7.28 33.01 -2.53
C THR C 741 -6.34 32.57 -1.41
N LEU C 742 -6.27 33.38 -0.35
CA LEU C 742 -5.45 33.06 0.81
C LEU C 742 -6.21 33.09 2.12
N GLN C 743 -7.26 33.89 2.23
CA GLN C 743 -8.03 33.94 3.47
C GLN C 743 -8.77 32.64 3.74
N GLN C 744 -8.94 31.80 2.72
CA GLN C 744 -9.59 30.52 2.90
C GLN C 744 -8.74 29.53 3.70
N SER C 745 -7.42 29.70 3.66
CA SER C 745 -6.52 28.81 4.39
C SER C 745 -6.43 29.12 5.87
N ARG C 746 -6.97 30.27 6.31
CA ARG C 746 -6.93 30.64 7.72
C ARG C 746 -7.97 29.85 8.49
N GLY C 747 -7.52 29.12 9.51
CA GLY C 747 -8.38 28.29 10.33
C GLY C 747 -8.48 26.85 9.89
N PHE C 748 -8.09 26.54 8.66
CA PHE C 748 -8.14 25.17 8.15
C PHE C 748 -7.03 24.92 7.14
N ASN D 1 -26.40 49.89 77.10
CA ASN D 1 -24.98 49.74 76.81
C ASN D 1 -24.44 50.96 76.09
N ARG D 2 -25.15 52.08 76.22
CA ARG D 2 -24.80 53.35 75.59
C ARG D 2 -24.59 53.16 74.10
N PRO D 3 -25.66 52.97 73.32
CA PRO D 3 -25.49 52.68 71.88
C PRO D 3 -24.95 53.89 71.11
N ASN D 4 -23.68 54.23 71.37
CA ASN D 4 -23.01 55.30 70.65
C ASN D 4 -21.62 54.90 70.19
N ARG D 5 -21.12 53.73 70.62
CA ARG D 5 -19.80 53.28 70.23
C ARG D 5 -19.82 52.83 68.78
N LEU D 6 -18.79 53.24 68.02
CA LEU D 6 -18.66 52.88 66.61
C LEU D 6 -17.31 52.24 66.37
N ILE D 7 -17.26 51.30 65.45
CA ILE D 7 -16.03 50.61 65.11
C ILE D 7 -15.27 51.42 64.07
N VAL D 8 -13.97 51.55 64.27
CA VAL D 8 -13.11 52.35 63.40
C VAL D 8 -12.84 51.57 62.12
N ASP D 9 -12.96 52.26 60.98
CA ASP D 9 -12.66 51.68 59.68
C ASP D 9 -12.11 52.76 58.77
N GLU D 10 -11.30 52.34 57.80
CA GLU D 10 -10.70 53.29 56.87
C GLU D 10 -11.76 53.88 55.94
N ALA D 11 -11.51 55.11 55.51
CA ALA D 11 -12.42 55.82 54.62
C ALA D 11 -12.01 55.63 53.17
N ILE D 12 -12.98 55.76 52.27
CA ILE D 12 -12.74 55.59 50.83
C ILE D 12 -12.59 56.92 50.11
N ASN D 13 -12.97 58.03 50.72
CA ASN D 13 -12.85 59.33 50.08
C ASN D 13 -11.41 59.81 50.09
N GLU D 14 -10.95 60.27 48.93
CA GLU D 14 -9.58 60.75 48.79
C GLU D 14 -9.55 62.28 48.95
N ASP D 15 -9.71 62.70 50.21
CA ASP D 15 -9.79 64.13 50.51
C ASP D 15 -9.26 64.45 51.90
N ASN D 16 -9.59 65.64 52.40
CA ASN D 16 -9.18 66.09 53.73
C ASN D 16 -10.10 65.45 54.77
N SER D 17 -10.09 65.99 55.99
CA SER D 17 -10.77 65.39 57.13
C SER D 17 -12.29 65.47 56.90
N VAL D 18 -12.83 64.40 56.33
CA VAL D 18 -14.26 64.22 56.16
C VAL D 18 -14.60 62.79 56.56
N VAL D 19 -15.56 62.63 57.47
CA VAL D 19 -15.96 61.31 57.98
C VAL D 19 -17.36 61.01 57.45
N SER D 20 -17.53 59.84 56.86
CA SER D 20 -18.80 59.42 56.30
C SER D 20 -19.52 58.49 57.26
N LEU D 21 -20.86 58.57 57.26
CA LEU D 21 -21.68 57.72 58.12
C LEU D 21 -22.85 57.13 57.32
N SER D 22 -23.81 56.53 58.03
CA SER D 22 -24.96 55.91 57.40
C SER D 22 -26.21 56.74 57.68
N GLN D 23 -27.36 56.26 57.22
CA GLN D 23 -28.62 56.98 57.32
C GLN D 23 -29.29 56.85 58.69
N PRO D 24 -29.41 55.64 59.28
CA PRO D 24 -30.02 55.56 60.62
C PRO D 24 -29.27 56.36 61.67
N LYS D 25 -27.94 56.37 61.62
CA LYS D 25 -27.14 57.17 62.54
C LYS D 25 -27.36 58.66 62.31
N MET D 26 -27.78 59.05 61.11
CA MET D 26 -28.09 60.45 60.81
C MET D 26 -29.22 60.96 61.67
N ASP D 27 -30.33 60.22 61.74
CA ASP D 27 -31.48 60.62 62.54
C ASP D 27 -31.39 60.18 63.99
N GLU D 28 -30.50 59.23 64.32
CA GLU D 28 -30.37 58.80 65.71
C GLU D 28 -29.78 59.89 66.59
N LEU D 29 -28.83 60.67 66.05
CA LEU D 29 -28.14 61.70 66.81
C LEU D 29 -28.60 63.11 66.45
N GLN D 30 -29.78 63.23 65.82
CA GLN D 30 -30.43 64.48 65.43
C GLN D 30 -29.45 65.54 64.93
N LEU D 31 -28.56 65.15 64.01
CA LEU D 31 -27.60 66.08 63.43
C LEU D 31 -27.91 66.29 61.95
N PHE D 32 -27.66 67.50 61.48
CA PHE D 32 -28.02 67.90 60.13
C PHE D 32 -26.88 67.58 59.16
N ARG D 33 -27.07 67.96 57.88
CA ARG D 33 -26.09 67.66 56.85
C ARG D 33 -24.77 68.38 57.10
N GLY D 34 -24.80 69.70 57.15
CA GLY D 34 -23.60 70.47 57.49
C GLY D 34 -23.66 71.02 58.89
N ASP D 35 -22.94 70.38 59.80
CA ASP D 35 -22.90 70.77 61.20
C ASP D 35 -21.53 70.44 61.80
N THR D 36 -21.22 71.09 62.91
CA THR D 36 -19.98 70.85 63.62
C THR D 36 -20.16 69.68 64.58
N VAL D 37 -19.43 68.60 64.34
CA VAL D 37 -19.53 67.40 65.15
C VAL D 37 -18.32 67.34 66.09
N LEU D 38 -18.50 66.64 67.22
CA LEU D 38 -17.47 66.53 68.23
C LEU D 38 -17.04 65.08 68.36
N LEU D 39 -15.73 64.86 68.37
CA LEU D 39 -15.14 63.53 68.50
C LEU D 39 -14.29 63.47 69.76
N LYS D 40 -14.46 62.39 70.52
CA LYS D 40 -13.71 62.17 71.75
C LYS D 40 -12.92 60.88 71.64
N GLY D 41 -11.67 60.92 72.09
CA GLY D 41 -10.82 59.75 72.08
C GLY D 41 -10.08 59.54 73.38
N LYS D 42 -8.98 58.79 73.33
CA LYS D 42 -8.19 58.52 74.51
C LYS D 42 -7.04 59.52 74.61
N LYS D 43 -6.26 59.41 75.68
CA LYS D 43 -5.16 60.30 76.03
C LYS D 43 -5.61 61.74 76.27
N ARG D 44 -6.92 61.96 76.42
CA ARG D 44 -7.49 63.27 76.74
C ARG D 44 -7.09 64.30 75.67
N ARG D 45 -7.58 64.06 74.46
CA ARG D 45 -7.34 64.97 73.34
C ARG D 45 -8.66 65.18 72.60
N GLU D 46 -8.78 66.34 71.97
CA GLU D 46 -9.98 66.75 71.27
C GLU D 46 -9.68 66.96 69.80
N ALA D 47 -10.55 66.42 68.94
CA ALA D 47 -10.42 66.57 67.49
C ALA D 47 -11.79 66.85 66.90
N VAL D 48 -11.80 67.64 65.82
CA VAL D 48 -13.04 68.01 65.15
C VAL D 48 -12.98 67.53 63.70
N CYS D 49 -14.15 67.32 63.12
CA CYS D 49 -14.26 66.90 61.73
C CYS D 49 -15.67 67.22 61.24
N ILE D 50 -16.01 66.72 60.06
CA ILE D 50 -17.29 66.97 59.42
C ILE D 50 -17.93 65.64 59.05
N VAL D 51 -19.20 65.48 59.40
CA VAL D 51 -19.95 64.26 59.11
C VAL D 51 -20.52 64.35 57.71
N LEU D 52 -20.28 63.31 56.91
CA LEU D 52 -20.79 63.22 55.54
C LEU D 52 -21.84 62.13 55.46
N SER D 53 -22.87 62.36 54.65
CA SER D 53 -23.98 61.43 54.52
C SER D 53 -23.76 60.47 53.37
N ASP D 54 -24.08 59.19 53.60
CA ASP D 54 -23.92 58.16 52.59
C ASP D 54 -25.05 57.15 52.74
N ASP D 55 -25.50 56.62 51.60
CA ASP D 55 -26.55 55.61 51.56
C ASP D 55 -26.06 54.28 50.97
N THR D 56 -25.37 54.33 49.83
CA THR D 56 -24.77 53.14 49.24
C THR D 56 -23.53 52.78 50.04
N CYS D 57 -23.72 52.02 51.13
CA CYS D 57 -22.64 51.74 52.06
C CYS D 57 -22.84 50.38 52.72
N SER D 58 -22.11 50.14 53.82
CA SER D 58 -22.28 48.92 54.59
C SER D 58 -23.36 49.10 55.65
N ASP D 59 -23.57 48.07 56.48
CA ASP D 59 -24.68 48.09 57.42
C ASP D 59 -24.45 49.06 58.58
N GLU D 60 -23.36 48.90 59.32
CA GLU D 60 -23.12 49.75 60.49
C GLU D 60 -21.63 49.87 60.78
N LYS D 61 -21.03 50.98 60.35
CA LYS D 61 -19.63 51.27 60.63
C LYS D 61 -19.36 52.71 60.25
N ILE D 62 -18.26 53.24 60.79
CA ILE D 62 -17.85 54.61 60.53
C ILE D 62 -16.65 54.57 59.58
N ARG D 63 -16.43 55.68 58.88
CA ARG D 63 -15.38 55.78 57.86
C ARG D 63 -14.36 56.80 58.38
N MET D 64 -13.27 56.30 58.95
CA MET D 64 -12.34 57.09 59.74
C MET D 64 -11.08 57.33 58.91
N ASN D 65 -10.85 58.59 58.53
CA ASN D 65 -9.75 58.91 57.63
C ASN D 65 -8.43 58.99 58.39
N ARG D 66 -7.33 58.82 57.65
CA ARG D 66 -5.99 58.79 58.22
C ARG D 66 -5.50 60.17 58.65
N VAL D 67 -6.08 61.25 58.12
CA VAL D 67 -5.58 62.59 58.44
C VAL D 67 -5.80 62.92 59.91
N VAL D 68 -6.97 62.55 60.45
CA VAL D 68 -7.25 62.77 61.87
C VAL D 68 -7.11 61.49 62.69
N ARG D 69 -6.83 60.35 62.06
CA ARG D 69 -6.48 59.15 62.81
C ARG D 69 -5.21 59.38 63.63
N ASN D 70 -4.21 60.03 63.03
CA ASN D 70 -3.01 60.42 63.76
C ASN D 70 -3.29 61.55 64.74
N ASN D 71 -4.31 62.38 64.49
CA ASN D 71 -4.65 63.45 65.42
C ASN D 71 -5.23 62.89 66.71
N LEU D 72 -6.13 61.93 66.61
CA LEU D 72 -6.77 61.34 67.78
C LEU D 72 -6.06 60.10 68.29
N ARG D 73 -4.97 59.68 67.64
CA ARG D 73 -4.19 58.51 68.04
C ARG D 73 -5.07 57.26 68.10
N VAL D 74 -5.96 57.11 67.12
CA VAL D 74 -6.85 55.97 67.01
C VAL D 74 -6.50 55.21 65.74
N ARG D 75 -6.29 53.91 65.89
CA ARG D 75 -5.93 53.03 64.78
C ARG D 75 -7.13 52.17 64.39
N LEU D 76 -6.91 51.30 63.41
CA LEU D 76 -7.97 50.41 62.92
C LEU D 76 -8.26 49.33 63.97
N GLY D 77 -9.54 49.09 64.22
CA GLY D 77 -9.96 48.10 65.18
C GLY D 77 -10.26 48.61 66.56
N ASP D 78 -10.11 49.91 66.80
CA ASP D 78 -10.38 50.51 68.10
C ASP D 78 -11.84 50.98 68.14
N VAL D 79 -12.20 51.76 69.15
CA VAL D 79 -13.55 52.28 69.30
C VAL D 79 -13.49 53.79 69.24
N ILE D 80 -14.55 54.39 68.69
CA ILE D 80 -14.65 55.84 68.55
C ILE D 80 -16.01 56.28 69.08
N SER D 81 -16.02 57.37 69.86
CA SER D 81 -17.24 57.93 70.41
C SER D 81 -17.57 59.23 69.68
N ILE D 82 -18.81 59.35 69.24
CA ILE D 82 -19.27 60.52 68.48
C ILE D 82 -20.48 61.11 69.19
N GLN D 83 -20.59 62.44 69.12
CA GLN D 83 -21.71 63.15 69.72
C GLN D 83 -21.86 64.49 69.03
N PRO D 84 -23.07 64.98 68.84
CA PRO D 84 -23.26 66.28 68.19
C PRO D 84 -22.82 67.43 69.09
N CYS D 85 -22.48 68.54 68.44
CA CYS D 85 -22.06 69.75 69.15
C CYS D 85 -22.55 70.96 68.38
N PRO D 86 -23.81 71.36 68.58
CA PRO D 86 -24.37 72.53 67.86
C PRO D 86 -23.92 73.84 68.48
N ASP D 87 -22.63 74.14 68.34
CA ASP D 87 -22.03 75.36 68.86
C ASP D 87 -21.59 76.24 67.71
N VAL D 88 -22.02 77.50 67.73
CA VAL D 88 -21.69 78.45 66.68
C VAL D 88 -20.27 78.96 66.91
N LYS D 89 -19.40 78.74 65.94
CA LYS D 89 -18.01 79.17 66.02
C LYS D 89 -17.66 80.02 64.81
N TYR D 90 -16.79 81.01 65.03
CA TYR D 90 -16.35 81.91 63.98
C TYR D 90 -14.85 82.11 64.10
N GLY D 91 -14.14 82.02 62.98
CA GLY D 91 -12.70 82.16 62.98
C GLY D 91 -12.26 83.58 62.63
N LYS D 92 -11.34 84.11 63.43
CA LYS D 92 -10.80 85.44 63.19
C LYS D 92 -9.28 85.44 63.07
N ARG D 93 -8.61 84.64 63.90
CA ARG D 93 -7.16 84.65 63.97
C ARG D 93 -6.65 83.22 64.11
N ILE D 94 -5.77 82.81 63.19
CA ILE D 94 -5.14 81.49 63.23
C ILE D 94 -3.65 81.68 62.96
N HIS D 95 -2.82 80.99 63.74
CA HIS D 95 -1.37 81.06 63.60
C HIS D 95 -0.82 79.66 63.37
N VAL D 96 -0.04 79.50 62.30
CA VAL D 96 0.57 78.22 61.95
C VAL D 96 2.03 78.45 61.59
N LEU D 97 2.87 77.49 61.94
CA LEU D 97 4.30 77.55 61.65
C LEU D 97 4.79 76.14 61.29
N PRO D 98 5.59 76.00 60.25
CA PRO D 98 6.11 74.68 59.88
C PRO D 98 7.27 74.28 60.80
N ILE D 99 7.80 73.08 60.54
CA ILE D 99 8.92 72.53 61.30
C ILE D 99 10.11 72.41 60.37
N ASP D 100 11.30 72.70 60.90
CA ASP D 100 12.51 72.77 60.10
C ASP D 100 13.10 71.40 59.79
N ASP D 101 12.33 70.33 59.96
CA ASP D 101 12.80 68.99 59.66
C ASP D 101 12.46 68.53 58.24
N THR D 102 11.52 69.21 57.56
CA THR D 102 11.13 68.80 56.22
C THR D 102 10.94 69.97 55.27
N VAL D 103 11.46 71.15 55.59
CA VAL D 103 11.32 72.32 54.73
C VAL D 103 12.59 72.60 53.94
N GLU D 104 13.48 71.61 53.83
CA GLU D 104 14.72 71.81 53.10
C GLU D 104 14.44 71.90 51.59
N GLY D 105 15.19 72.77 50.92
CA GLY D 105 15.04 72.94 49.49
C GLY D 105 13.84 73.75 49.05
N ILE D 106 13.13 74.38 49.99
CA ILE D 106 11.95 75.18 49.69
C ILE D 106 12.23 76.62 50.09
N THR D 107 12.11 77.53 49.13
CA THR D 107 12.34 78.94 49.36
C THR D 107 11.17 79.75 48.80
N GLY D 108 11.20 81.05 49.05
CA GLY D 108 10.14 81.92 48.59
C GLY D 108 8.91 81.86 49.46
N ASN D 109 7.86 82.52 49.00
CA ASN D 109 6.59 82.55 49.71
C ASN D 109 5.85 81.24 49.52
N LEU D 110 5.44 80.63 50.63
CA LEU D 110 4.74 79.35 50.61
C LEU D 110 3.36 79.43 51.22
N PHE D 111 2.86 80.64 51.50
CA PHE D 111 1.54 80.80 52.10
C PHE D 111 0.47 81.21 51.10
N GLU D 112 0.86 81.79 49.96
CA GLU D 112 -0.11 82.22 48.96
C GLU D 112 -0.48 81.13 47.97
N VAL D 113 0.24 80.01 47.97
CA VAL D 113 -0.02 78.93 47.04
C VAL D 113 -0.38 77.61 47.74
N TYR D 114 0.08 77.39 48.97
CA TYR D 114 -0.25 76.17 49.69
C TYR D 114 -1.39 76.35 50.68
N LEU D 115 -1.74 77.59 51.04
CA LEU D 115 -2.79 77.84 52.01
C LEU D 115 -4.04 78.46 51.41
N LYS D 116 -3.95 79.12 50.26
CA LYS D 116 -5.11 79.75 49.66
C LYS D 116 -6.04 78.74 49.01
N PRO D 117 -5.58 77.87 48.10
CA PRO D 117 -6.50 76.87 47.53
C PRO D 117 -6.96 75.83 48.53
N TYR D 118 -6.20 75.60 49.60
CA TYR D 118 -6.57 74.61 50.60
C TYR D 118 -7.70 75.07 51.50
N PHE D 119 -7.88 76.38 51.66
CA PHE D 119 -8.88 76.92 52.59
C PHE D 119 -10.22 77.18 51.92
N LEU D 120 -10.21 77.60 50.66
CA LEU D 120 -11.46 77.92 49.98
C LEU D 120 -12.30 76.67 49.73
N GLU D 121 -13.62 76.84 49.86
CA GLU D 121 -14.59 75.77 49.63
C GLU D 121 -14.34 74.58 50.57
N ALA D 122 -13.80 74.91 51.75
CA ALA D 122 -13.54 73.88 52.74
C ALA D 122 -14.39 74.08 54.00
N TYR D 123 -14.28 75.25 54.62
CA TYR D 123 -14.98 75.56 55.87
C TYR D 123 -14.74 74.47 56.92
N ARG D 124 -13.50 73.99 57.01
CA ARG D 124 -13.15 72.93 57.94
C ARG D 124 -12.61 73.54 59.23
N PRO D 125 -13.24 73.29 60.37
CA PRO D 125 -12.74 73.85 61.63
C PRO D 125 -11.45 73.17 62.06
N ILE D 126 -10.73 73.84 62.96
CA ILE D 126 -9.46 73.35 63.48
C ILE D 126 -9.51 73.39 65.00
N ARG D 127 -8.65 72.57 65.61
CA ARG D 127 -8.54 72.48 67.06
C ARG D 127 -7.12 72.76 67.47
N LYS D 128 -6.88 72.73 68.78
CA LYS D 128 -5.54 72.89 69.31
C LYS D 128 -4.80 71.55 69.29
N GLY D 129 -3.71 71.49 68.53
CA GLY D 129 -2.94 70.27 68.40
C GLY D 129 -3.28 69.40 67.23
N ASP D 130 -4.10 69.87 66.30
CA ASP D 130 -4.47 69.08 65.13
C ASP D 130 -3.27 68.88 64.22
N ILE D 131 -3.14 67.67 63.68
CA ILE D 131 -2.07 67.37 62.74
C ILE D 131 -2.68 67.04 61.38
N PHE D 132 -2.79 68.05 60.52
CA PHE D 132 -3.36 67.88 59.19
C PHE D 132 -2.28 67.98 58.13
N LEU D 133 -2.39 67.15 57.10
CA LEU D 133 -1.42 67.06 56.03
C LEU D 133 -1.97 67.71 54.77
N VAL D 134 -1.20 68.61 54.19
CA VAL D 134 -1.58 69.27 52.95
C VAL D 134 -0.71 68.71 51.82
N ARG D 135 -1.13 68.99 50.58
CA ARG D 135 -0.44 68.48 49.40
C ARG D 135 -0.17 69.62 48.43
N GLY D 136 0.93 69.50 47.70
CA GLY D 136 1.33 70.50 46.75
C GLY D 136 2.83 70.60 46.59
N GLY D 137 3.29 70.89 45.38
CA GLY D 137 4.72 71.01 45.12
C GLY D 137 5.50 69.72 45.20
N MET D 138 4.95 68.62 44.66
CA MET D 138 5.67 67.34 44.58
C MET D 138 6.03 66.78 45.94
N ARG D 139 5.28 67.14 46.97
CA ARG D 139 5.59 66.71 48.33
C ARG D 139 4.41 67.02 49.24
N ALA D 140 4.46 66.46 50.44
CA ALA D 140 3.45 66.69 51.46
C ALA D 140 4.12 67.15 52.75
N VAL D 141 3.61 68.24 53.31
CA VAL D 141 4.15 68.82 54.54
C VAL D 141 3.00 69.04 55.51
N GLU D 142 3.20 68.65 56.77
CA GLU D 142 2.20 68.81 57.80
C GLU D 142 2.47 70.08 58.62
N PHE D 143 1.40 70.61 59.20
CA PHE D 143 1.44 71.82 60.01
C PHE D 143 1.17 71.49 61.46
N LYS D 144 1.56 72.41 62.35
CA LYS D 144 1.26 72.27 63.77
C LYS D 144 1.12 73.66 64.38
N VAL D 145 0.15 73.82 65.27
CA VAL D 145 -0.12 75.09 65.93
C VAL D 145 0.46 75.05 67.34
N VAL D 146 1.03 76.18 67.77
CA VAL D 146 1.62 76.28 69.10
C VAL D 146 0.85 77.29 69.94
N GLU D 147 0.45 78.40 69.31
CA GLU D 147 -0.28 79.45 70.02
C GLU D 147 -1.22 80.15 69.04
N THR D 148 -2.49 80.24 69.42
CA THR D 148 -3.50 80.87 68.59
C THR D 148 -4.64 81.34 69.49
N ASP D 149 -5.78 81.66 68.88
CA ASP D 149 -6.96 82.02 69.66
C ASP D 149 -7.42 80.83 70.51
N PRO D 150 -8.06 81.10 71.65
CA PRO D 150 -8.49 80.00 72.53
C PRO D 150 -9.43 79.04 71.81
N SER D 151 -9.07 77.76 71.83
CA SER D 151 -9.87 76.74 71.16
C SER D 151 -11.21 76.59 71.87
N PRO D 152 -12.31 76.34 71.13
CA PRO D 152 -12.34 76.26 69.66
C PRO D 152 -12.50 77.62 68.97
N TYR D 153 -13.72 77.91 68.50
CA TYR D 153 -14.04 79.19 67.87
C TYR D 153 -13.12 79.45 66.68
N CYS D 154 -12.95 78.43 65.84
CA CYS D 154 -12.09 78.50 64.67
C CYS D 154 -12.84 77.97 63.46
N ILE D 155 -13.13 78.86 62.51
CA ILE D 155 -13.81 78.49 61.27
C ILE D 155 -13.10 79.20 60.12
N VAL D 156 -12.86 78.46 59.03
CA VAL D 156 -12.19 79.02 57.88
C VAL D 156 -13.11 80.02 57.20
N ALA D 157 -12.70 81.28 57.17
CA ALA D 157 -13.46 82.35 56.54
C ALA D 157 -12.50 83.30 55.84
N PRO D 158 -12.94 83.96 54.75
CA PRO D 158 -12.04 84.87 54.03
C PRO D 158 -11.58 86.07 54.83
N ASP D 159 -12.29 86.44 55.91
CA ASP D 159 -11.94 87.62 56.69
C ASP D 159 -10.81 87.38 57.68
N THR D 160 -10.09 86.27 57.56
CA THR D 160 -8.99 85.95 58.47
C THR D 160 -7.67 86.33 57.81
N VAL D 161 -6.92 87.20 58.47
CA VAL D 161 -5.63 87.65 57.95
C VAL D 161 -4.53 86.72 58.47
N ILE D 162 -3.39 86.72 57.79
CA ILE D 162 -2.25 85.89 58.18
C ILE D 162 -0.98 86.73 58.07
N HIS D 163 0.05 86.32 58.78
CA HIS D 163 1.33 86.99 58.75
C HIS D 163 2.41 86.03 59.22
N CYS D 164 3.47 85.90 58.44
CA CYS D 164 4.57 84.99 58.75
C CYS D 164 5.64 85.70 59.57
N GLU D 165 6.40 84.91 60.32
CA GLU D 165 7.49 85.41 61.15
C GLU D 165 8.86 85.02 60.62
N GLY D 166 9.06 83.75 60.27
CA GLY D 166 10.33 83.30 59.75
C GLY D 166 11.18 82.59 60.78
N GLU D 167 10.55 81.80 61.64
CA GLU D 167 11.27 81.07 62.69
C GLU D 167 10.49 79.79 62.99
N PRO D 168 10.92 78.65 62.47
CA PRO D 168 10.23 77.40 62.74
C PRO D 168 10.50 76.91 64.16
N ILE D 169 9.67 75.97 64.59
CA ILE D 169 9.77 75.41 65.94
C ILE D 169 10.19 73.95 65.82
N LYS D 170 10.85 73.45 66.86
CA LYS D 170 11.32 72.08 66.89
C LYS D 170 10.15 71.12 67.15
N ARG D 171 10.13 70.02 66.41
CA ARG D 171 9.09 69.01 66.57
C ARG D 171 9.36 68.19 67.83
N GLU D 172 8.30 67.95 68.61
CA GLU D 172 8.42 67.14 69.82
C GLU D 172 8.12 65.68 69.49
N ASP D 173 8.07 64.85 70.53
CA ASP D 173 7.82 63.42 70.39
C ASP D 173 6.36 63.06 70.63
N GLU D 174 5.48 64.05 70.75
CA GLU D 174 4.06 63.79 70.98
C GLU D 174 3.35 63.26 69.75
N GLU D 175 3.77 63.67 68.56
CA GLU D 175 3.16 63.26 67.31
C GLU D 175 4.18 62.60 66.41
N GLU D 176 3.69 61.90 65.39
CA GLU D 176 4.52 61.19 64.43
C GLU D 176 4.26 61.73 63.03
N SER D 177 5.25 61.59 62.16
CA SER D 177 5.14 62.03 60.78
C SER D 177 4.17 61.15 60.01
N LEU D 178 3.50 61.74 59.03
CA LEU D 178 2.55 61.04 58.18
C LEU D 178 3.19 60.50 56.91
N ASN D 179 4.51 60.68 56.74
CA ASN D 179 5.19 60.23 55.53
C ASN D 179 5.32 58.71 55.46
N GLU D 180 5.05 58.00 56.55
CA GLU D 180 5.13 56.54 56.54
C GLU D 180 3.94 55.96 55.80
N VAL D 181 4.03 54.67 55.50
CA VAL D 181 2.96 53.97 54.79
C VAL D 181 1.77 53.79 55.73
N GLY D 182 0.57 54.02 55.21
CA GLY D 182 -0.63 53.77 55.96
C GLY D 182 -1.55 52.79 55.25
N TYR D 183 -2.76 52.59 55.79
CA TYR D 183 -3.71 51.68 55.17
C TYR D 183 -4.27 52.22 53.87
N ASP D 184 -4.13 53.52 53.61
CA ASP D 184 -4.66 54.15 52.41
C ASP D 184 -3.61 54.34 51.33
N ASP D 185 -2.42 53.78 51.51
CA ASP D 185 -1.33 53.91 50.55
C ASP D 185 -1.19 52.70 49.65
N ILE D 186 -2.15 51.77 49.69
CA ILE D 186 -2.11 50.56 48.89
C ILE D 186 -3.37 50.52 48.03
N GLY D 187 -3.20 50.30 46.73
CA GLY D 187 -4.32 50.19 45.82
C GLY D 187 -4.07 49.11 44.79
N GLY D 188 -5.17 48.63 44.22
CA GLY D 188 -5.10 47.61 43.19
C GLY D 188 -5.54 46.25 43.67
N CYS D 189 -5.12 45.89 44.89
CA CYS D 189 -5.53 44.62 45.50
C CYS D 189 -6.58 44.92 46.55
N ARG D 190 -7.85 44.72 46.19
CA ARG D 190 -8.96 45.01 47.08
C ARG D 190 -9.50 43.77 47.78
N LYS D 191 -9.75 42.70 47.03
CA LYS D 191 -10.19 41.45 47.67
C LYS D 191 -9.11 40.87 48.58
N GLN D 192 -7.85 40.93 48.16
CA GLN D 192 -6.78 40.35 48.95
C GLN D 192 -6.56 41.09 50.24
N LEU D 193 -6.88 42.38 50.29
CA LEU D 193 -6.65 43.15 51.51
C LEU D 193 -7.67 42.89 52.59
N ALA D 194 -8.95 42.73 52.25
CA ALA D 194 -9.98 42.64 53.28
C ALA D 194 -9.86 41.37 54.09
N GLN D 195 -9.47 40.27 53.44
CA GLN D 195 -9.31 38.99 54.13
C GLN D 195 -8.03 38.96 54.98
N ILE D 196 -7.05 39.80 54.67
CA ILE D 196 -5.99 40.07 55.65
C ILE D 196 -6.53 40.90 56.80
N LYS D 197 -7.40 41.86 56.50
CA LYS D 197 -8.07 42.64 57.54
C LYS D 197 -8.91 41.74 58.43
N GLU D 198 -9.24 40.54 57.96
CA GLU D 198 -10.04 39.58 58.71
C GLU D 198 -9.20 38.67 59.60
N MET D 199 -7.90 38.56 59.34
CA MET D 199 -7.05 37.63 60.09
C MET D 199 -5.90 38.31 60.83
N VAL D 200 -5.74 39.63 60.69
CA VAL D 200 -4.64 40.27 61.41
C VAL D 200 -5.13 41.11 62.58
N GLU D 201 -6.03 42.06 62.33
CA GLU D 201 -6.45 42.96 63.40
C GLU D 201 -7.43 42.31 64.36
N LEU D 202 -8.13 41.25 63.94
CA LEU D 202 -9.05 40.60 64.86
C LEU D 202 -8.30 39.91 65.99
N PRO D 203 -7.26 39.10 65.74
CA PRO D 203 -6.53 38.48 66.84
C PRO D 203 -5.48 39.36 67.49
N LEU D 204 -5.40 40.65 67.15
CA LEU D 204 -4.46 41.56 67.76
C LEU D 204 -5.11 42.61 68.64
N ARG D 205 -6.21 43.22 68.18
CA ARG D 205 -6.86 44.25 68.97
C ARG D 205 -7.57 43.69 70.20
N HIS D 206 -7.76 42.38 70.28
CA HIS D 206 -8.44 41.72 71.39
C HIS D 206 -7.56 40.59 71.90
N PRO D 207 -6.50 40.89 72.64
CA PRO D 207 -5.62 39.82 73.10
C PRO D 207 -6.25 38.93 74.16
N ALA D 208 -6.92 39.52 75.15
CA ALA D 208 -7.53 38.75 76.22
C ALA D 208 -8.79 38.01 75.76
N LEU D 209 -9.41 38.46 74.68
CA LEU D 209 -10.58 37.75 74.16
C LEU D 209 -10.23 36.35 73.69
N PHE D 210 -9.07 36.20 73.02
CA PHE D 210 -8.64 34.90 72.55
C PHE D 210 -8.15 33.99 73.67
N LYS D 211 -7.73 34.57 74.80
CA LYS D 211 -7.24 33.76 75.91
C LYS D 211 -8.36 32.96 76.56
N ALA D 212 -9.58 33.48 76.55
CA ALA D 212 -10.71 32.77 77.16
C ALA D 212 -11.36 31.79 76.19
N ILE D 213 -11.46 32.16 74.91
CA ILE D 213 -12.09 31.29 73.92
C ILE D 213 -11.09 30.24 73.45
N GLY D 214 -11.60 29.17 72.84
CA GLY D 214 -10.77 28.08 72.36
C GLY D 214 -10.34 28.20 70.91
N VAL D 215 -10.57 29.34 70.27
CA VAL D 215 -10.20 29.52 68.87
C VAL D 215 -8.71 29.80 68.79
N LYS D 216 -7.99 29.00 68.01
CA LYS D 216 -6.55 29.17 67.89
C LYS D 216 -6.25 30.33 66.95
N PRO D 217 -5.53 31.36 67.40
CA PRO D 217 -5.28 32.52 66.54
C PRO D 217 -4.31 32.16 65.43
N PRO D 218 -4.23 32.99 64.39
CA PRO D 218 -3.23 32.76 63.34
C PRO D 218 -1.81 32.87 63.86
N ARG D 219 -0.92 32.08 63.25
CA ARG D 219 0.50 32.18 63.51
C ARG D 219 1.30 32.52 62.26
N GLY D 220 1.18 31.72 61.19
CA GLY D 220 1.96 31.93 59.99
C GLY D 220 1.09 32.29 58.81
N ILE D 221 1.50 33.33 58.07
CA ILE D 221 0.81 33.79 56.88
C ILE D 221 1.84 33.86 55.76
N LEU D 222 1.56 33.17 54.66
CA LEU D 222 2.47 33.15 53.51
C LEU D 222 1.91 34.01 52.39
N LEU D 223 2.78 34.84 51.81
CA LEU D 223 2.40 35.76 50.75
C LEU D 223 2.86 35.22 49.40
N TYR D 224 2.19 35.69 48.35
CA TYR D 224 2.52 35.31 46.98
C TYR D 224 2.49 36.54 46.09
N GLY D 225 2.66 36.31 44.80
CA GLY D 225 2.63 37.38 43.83
C GLY D 225 3.97 37.57 43.14
N PRO D 226 3.94 38.07 41.91
CA PRO D 226 5.18 38.36 41.20
C PRO D 226 5.93 39.50 41.87
N PRO D 227 7.25 39.59 41.66
CA PRO D 227 8.02 40.66 42.32
C PRO D 227 7.50 42.03 41.95
N GLY D 228 7.48 42.92 42.93
CA GLY D 228 6.93 44.26 42.76
C GLY D 228 5.45 44.38 43.00
N THR D 229 4.78 43.31 43.44
CA THR D 229 3.35 43.37 43.68
C THR D 229 3.02 44.24 44.90
N GLY D 230 3.91 44.24 45.89
CA GLY D 230 3.68 45.00 47.10
C GLY D 230 3.73 44.15 48.35
N LYS D 231 4.47 43.04 48.29
CA LYS D 231 4.58 42.13 49.42
C LYS D 231 5.18 42.79 50.65
N THR D 232 5.97 43.85 50.48
CA THR D 232 6.55 44.57 51.59
C THR D 232 5.71 45.76 52.04
N LEU D 233 5.10 46.47 51.09
CA LEU D 233 4.35 47.67 51.42
C LEU D 233 3.16 47.36 52.31
N ILE D 234 2.37 46.34 51.95
CA ILE D 234 1.19 45.99 52.73
C ILE D 234 1.59 45.45 54.10
N ALA D 235 2.67 44.67 54.16
CA ALA D 235 3.13 44.16 55.45
C ALA D 235 3.56 45.30 56.37
N ARG D 236 4.31 46.26 55.84
CA ARG D 236 4.71 47.40 56.65
C ARG D 236 3.50 48.22 57.10
N ALA D 237 2.52 48.41 56.22
CA ALA D 237 1.32 49.15 56.62
C ALA D 237 0.57 48.44 57.74
N VAL D 238 0.30 47.14 57.57
CA VAL D 238 -0.46 46.40 58.59
C VAL D 238 0.34 46.15 59.85
N ALA D 239 1.66 46.30 59.82
CA ALA D 239 2.47 46.21 61.02
C ALA D 239 2.66 47.54 61.72
N ASN D 240 2.58 48.66 61.00
CA ASN D 240 2.79 49.96 61.61
C ASN D 240 1.49 50.66 62.01
N GLU D 241 0.36 50.28 61.41
CA GLU D 241 -0.90 50.93 61.72
C GLU D 241 -1.74 50.15 62.73
N THR D 242 -1.11 49.30 63.54
CA THR D 242 -1.81 48.56 64.59
C THR D 242 -1.30 48.85 65.99
N GLY D 243 -0.15 49.50 66.13
CA GLY D 243 0.40 49.82 67.43
C GLY D 243 1.28 48.73 68.03
N ALA D 244 1.23 47.52 67.49
CA ALA D 244 2.06 46.44 67.99
C ALA D 244 3.48 46.58 67.44
N PHE D 245 4.41 45.92 68.13
CA PHE D 245 5.81 45.97 67.69
C PHE D 245 5.99 45.20 66.40
N PHE D 246 6.88 45.72 65.54
CA PHE D 246 7.19 45.11 64.26
C PHE D 246 8.70 45.03 64.11
N PHE D 247 9.20 43.85 63.73
CA PHE D 247 10.63 43.62 63.56
C PHE D 247 10.85 43.10 62.14
N LEU D 248 11.90 43.62 61.49
CA LEU D 248 12.13 43.34 60.07
C LEU D 248 13.45 42.61 59.87
N ILE D 249 13.38 41.49 59.15
CA ILE D 249 14.55 40.74 58.70
C ILE D 249 14.22 40.17 57.32
N ASN D 250 14.94 40.60 56.29
CA ASN D 250 14.39 40.28 54.98
C ASN D 250 14.74 38.87 54.54
N GLY D 251 15.90 38.67 53.92
CA GLY D 251 16.57 37.40 53.90
C GLY D 251 18.09 37.40 53.92
N PRO D 252 18.74 38.36 53.23
CA PRO D 252 20.16 38.18 52.94
C PRO D 252 21.09 38.51 54.08
N GLU D 253 20.70 39.42 54.97
CA GLU D 253 21.54 39.73 56.12
C GLU D 253 21.81 38.51 56.98
N ILE D 254 20.95 37.48 56.89
CA ILE D 254 21.21 36.25 57.61
C ILE D 254 22.39 35.50 56.99
N MET D 255 22.42 35.38 55.66
CA MET D 255 23.48 34.65 54.99
C MET D 255 24.71 35.50 54.70
N SER D 256 24.65 36.81 54.95
CA SER D 256 25.79 37.67 54.69
C SER D 256 26.86 37.60 55.78
N LYS D 257 26.46 37.32 57.02
CA LYS D 257 27.40 37.29 58.14
C LYS D 257 28.14 35.95 58.17
N LEU D 258 29.08 35.85 59.10
CA LEU D 258 29.88 34.63 59.24
C LEU D 258 29.02 33.50 59.80
N ALA D 259 29.51 32.28 59.63
CA ALA D 259 28.80 31.11 60.11
C ALA D 259 28.87 31.03 61.63
N GLY D 260 27.73 30.74 62.26
CA GLY D 260 27.68 30.58 63.69
C GLY D 260 26.82 31.61 64.38
N GLU D 261 26.93 32.88 63.96
CA GLU D 261 26.13 33.94 64.54
C GLU D 261 24.86 34.23 63.75
N SER D 262 24.76 33.73 62.52
CA SER D 262 23.53 33.91 61.75
C SER D 262 22.34 33.24 62.44
N GLU D 263 22.54 32.02 62.93
CA GLU D 263 21.49 31.34 63.68
C GLU D 263 21.18 32.05 64.98
N SER D 264 22.21 32.58 65.67
CA SER D 264 21.98 33.29 66.91
C SER D 264 21.16 34.56 66.70
N ASN D 265 21.41 35.28 65.60
CA ASN D 265 20.62 36.47 65.32
C ASN D 265 19.16 36.13 65.12
N LEU D 266 18.86 35.08 64.36
CA LEU D 266 17.48 34.66 64.16
C LEU D 266 16.86 34.19 65.46
N ARG D 267 17.61 33.47 66.29
CA ARG D 267 17.08 33.01 67.56
C ARG D 267 16.75 34.17 68.48
N LYS D 268 17.61 35.18 68.54
CA LYS D 268 17.34 36.33 69.40
C LYS D 268 16.23 37.21 68.85
N ALA D 269 16.07 37.26 67.52
CA ALA D 269 14.99 38.02 66.93
C ALA D 269 13.61 37.48 67.30
N PHE D 270 13.53 36.23 67.73
CA PHE D 270 12.26 35.66 68.18
C PHE D 270 12.02 35.89 69.65
N GLU D 271 13.05 35.80 70.49
CA GLU D 271 12.87 36.04 71.91
C GLU D 271 12.69 37.52 72.23
N GLU D 272 13.22 38.41 71.39
CA GLU D 272 12.99 39.83 71.61
C GLU D 272 11.53 40.20 71.37
N ALA D 273 10.83 39.44 70.53
CA ALA D 273 9.43 39.72 70.26
C ALA D 273 8.51 39.17 71.35
N GLU D 274 8.95 38.16 72.09
CA GLU D 274 8.09 37.56 73.11
C GLU D 274 7.84 38.51 74.28
N LYS D 275 8.90 39.17 74.76
CA LYS D 275 8.77 40.00 75.95
C LYS D 275 7.86 41.20 75.71
N ASN D 276 7.97 41.84 74.55
CA ASN D 276 7.16 43.01 74.22
C ASN D 276 5.90 42.65 73.45
N ALA D 277 5.13 41.71 74.00
CA ALA D 277 3.88 41.31 73.38
C ALA D 277 2.83 42.41 73.55
N PRO D 278 1.95 42.61 72.57
CA PRO D 278 1.92 41.88 71.29
C PRO D 278 2.97 42.37 70.31
N ALA D 279 3.45 41.46 69.45
CA ALA D 279 4.45 41.80 68.46
C ALA D 279 4.11 41.05 67.17
N ILE D 280 4.84 41.38 66.10
CA ILE D 280 4.64 40.76 64.80
C ILE D 280 6.01 40.58 64.14
N ILE D 281 6.11 39.55 63.30
CA ILE D 281 7.35 39.21 62.62
C ILE D 281 7.04 39.10 61.12
N PHE D 282 7.86 39.75 60.31
CA PHE D 282 7.68 39.75 58.86
C PHE D 282 9.00 39.40 58.19
N ILE D 283 8.94 38.53 57.18
CA ILE D 283 10.10 38.10 56.42
C ILE D 283 9.89 38.52 54.97
N ASP D 284 10.85 39.26 54.40
CA ASP D 284 10.64 39.84 53.08
C ASP D 284 10.72 38.80 51.99
N GLU D 285 11.88 38.15 51.80
CA GLU D 285 11.99 37.09 50.82
C GLU D 285 12.28 35.80 51.57
N LEU D 286 11.69 34.71 51.12
CA LEU D 286 11.85 33.40 51.73
C LEU D 286 12.39 32.36 50.77
N ASP D 287 12.29 32.60 49.46
CA ASP D 287 12.75 31.62 48.49
C ASP D 287 14.25 31.38 48.59
N ALA D 288 15.01 32.37 49.03
CA ALA D 288 16.45 32.26 49.17
C ALA D 288 16.86 31.91 50.60
N ILE D 289 15.92 31.60 51.48
CA ILE D 289 16.20 31.23 52.85
C ILE D 289 16.16 29.73 53.05
N ALA D 290 15.14 29.06 52.51
CA ALA D 290 14.93 27.63 52.70
C ALA D 290 14.78 26.95 51.34
N PRO D 291 15.89 26.74 50.62
CA PRO D 291 15.82 26.00 49.34
C PRO D 291 16.01 24.50 49.52
N LYS D 292 15.18 23.88 50.38
CA LYS D 292 15.30 22.46 50.64
C LYS D 292 14.61 21.68 49.53
N ARG D 293 15.29 21.64 48.38
CA ARG D 293 14.82 21.01 47.16
C ARG D 293 16.03 20.46 46.42
N GLU D 294 15.91 20.23 45.11
CA GLU D 294 16.98 19.63 44.34
C GLU D 294 18.32 20.34 44.48
N LYS D 295 18.37 21.49 45.14
CA LYS D 295 19.61 22.22 45.34
C LYS D 295 20.46 21.54 46.42
N THR D 296 19.99 21.60 47.67
CA THR D 296 20.64 20.99 48.84
C THR D 296 22.16 21.13 48.78
N HIS D 297 22.63 22.35 48.58
CA HIS D 297 24.05 22.67 48.64
C HIS D 297 24.35 23.47 49.89
N GLY D 298 25.52 23.22 50.48
CA GLY D 298 25.95 23.96 51.65
C GLY D 298 25.43 23.40 52.96
N GLU D 299 26.32 23.28 53.94
CA GLU D 299 25.94 22.74 55.24
C GLU D 299 25.23 23.77 56.11
N VAL D 300 25.73 25.00 56.12
CA VAL D 300 25.22 26.00 57.05
C VAL D 300 23.84 26.53 56.66
N GLU D 301 23.42 26.35 55.41
CA GLU D 301 22.19 26.98 54.96
C GLU D 301 20.96 26.14 55.28
N ARG D 302 21.10 24.82 55.32
CA ARG D 302 20.02 24.01 55.88
C ARG D 302 19.99 24.10 57.40
N ARG D 303 21.08 24.54 58.03
CA ARG D 303 21.09 24.80 59.46
C ARG D 303 20.07 25.86 59.84
N ILE D 304 20.00 26.97 59.10
CA ILE D 304 19.06 28.01 59.43
C ILE D 304 17.64 27.58 59.09
N VAL D 305 17.48 26.71 58.09
CA VAL D 305 16.16 26.15 57.81
C VAL D 305 15.67 25.33 59.00
N SER D 306 16.53 24.46 59.52
CA SER D 306 16.17 23.70 60.72
C SER D 306 15.95 24.62 61.92
N GLN D 307 16.73 25.68 62.03
CA GLN D 307 16.56 26.62 63.13
C GLN D 307 15.19 27.30 63.08
N LEU D 308 14.79 27.77 61.90
CA LEU D 308 13.48 28.41 61.77
C LEU D 308 12.35 27.41 61.97
N LEU D 309 12.52 26.18 61.48
CA LEU D 309 11.53 25.14 61.75
C LEU D 309 11.41 24.87 63.24
N THR D 310 12.52 24.86 63.97
CA THR D 310 12.48 24.67 65.41
C THR D 310 11.79 25.85 66.08
N LEU D 311 12.10 27.07 65.65
CA LEU D 311 11.54 28.27 66.29
C LEU D 311 10.06 28.47 65.99
N MET D 312 9.55 27.87 64.92
CA MET D 312 8.12 27.92 64.64
C MET D 312 7.36 26.70 65.17
N ASP D 313 8.01 25.54 65.23
CA ASP D 313 7.34 24.33 65.70
C ASP D 313 6.99 24.44 67.17
N GLY D 314 7.86 25.07 67.96
CA GLY D 314 7.64 25.22 69.38
C GLY D 314 6.75 26.37 69.77
N LEU D 315 6.22 27.12 68.82
CA LEU D 315 5.37 28.25 69.12
C LEU D 315 4.00 27.81 69.61
N LYS D 316 3.85 27.62 70.93
CA LYS D 316 2.54 27.40 71.51
C LYS D 316 1.82 28.73 71.64
N GLN D 317 0.68 28.75 72.33
CA GLN D 317 -0.07 30.00 72.44
C GLN D 317 0.74 31.07 73.15
N ARG D 318 0.96 30.89 74.45
CA ARG D 318 1.71 31.84 75.27
C ARG D 318 1.26 33.28 75.02
N ALA D 319 1.99 33.99 74.16
CA ALA D 319 1.73 35.38 73.82
C ALA D 319 0.91 35.45 72.53
N HIS D 320 0.79 36.66 71.95
CA HIS D 320 0.09 36.85 70.68
C HIS D 320 1.11 37.34 69.65
N VAL D 321 1.74 36.40 68.95
CA VAL D 321 2.75 36.69 67.96
C VAL D 321 2.37 36.02 66.64
N ILE D 322 2.64 36.71 65.54
CA ILE D 322 2.36 36.20 64.20
C ILE D 322 3.59 36.43 63.34
N VAL D 323 4.03 35.39 62.64
CA VAL D 323 5.11 35.47 61.66
C VAL D 323 4.51 35.50 60.27
N MET D 324 5.09 36.30 59.38
CA MET D 324 4.64 36.40 58.02
C MET D 324 5.85 36.36 57.08
N ALA D 325 5.67 35.72 55.93
CA ALA D 325 6.74 35.59 54.95
C ALA D 325 6.17 35.85 53.56
N ALA D 326 7.06 36.24 52.65
CA ALA D 326 6.67 36.53 51.28
C ALA D 326 7.64 35.85 50.33
N THR D 327 7.14 35.56 49.13
CA THR D 327 7.92 34.89 48.10
C THR D 327 7.42 35.36 46.74
N ASN D 328 8.02 34.80 45.68
CA ASN D 328 7.71 35.22 44.33
C ASN D 328 7.09 34.12 43.48
N ARG D 329 7.35 32.85 43.78
CA ARG D 329 6.83 31.75 42.99
C ARG D 329 6.43 30.62 43.93
N PRO D 330 5.46 29.78 43.54
CA PRO D 330 5.02 28.71 44.43
C PRO D 330 6.04 27.62 44.63
N ASN D 331 6.82 27.28 43.60
CA ASN D 331 7.79 26.18 43.71
C ASN D 331 9.14 26.69 44.25
N SER D 332 9.06 27.42 45.35
CA SER D 332 10.27 27.92 46.00
C SER D 332 10.21 27.81 47.52
N ILE D 333 9.18 27.24 48.10
CA ILE D 333 9.05 27.11 49.55
C ILE D 333 9.26 25.66 49.91
N ASP D 334 9.99 25.44 51.01
CA ASP D 334 10.21 24.12 51.53
C ASP D 334 8.86 23.46 51.85
N PRO D 335 8.57 22.28 51.31
CA PRO D 335 7.28 21.63 51.62
C PRO D 335 7.10 21.35 53.09
N ALA D 336 8.18 21.22 53.86
CA ALA D 336 8.07 21.01 55.29
C ALA D 336 7.52 22.22 56.02
N LEU D 337 7.56 23.40 55.41
CA LEU D 337 7.01 24.61 56.02
C LEU D 337 5.55 24.82 55.70
N ARG D 338 5.02 24.18 54.67
CA ARG D 338 3.63 24.34 54.28
C ARG D 338 2.69 23.40 55.03
N ARG D 339 3.17 22.75 56.08
CA ARG D 339 2.35 21.83 56.86
C ARG D 339 1.34 22.62 57.70
N PHE D 340 0.41 21.89 58.31
CA PHE D 340 -0.57 22.53 59.18
C PHE D 340 0.11 23.05 60.44
N GLY D 341 -0.21 24.29 60.80
CA GLY D 341 0.37 24.92 61.97
C GLY D 341 1.51 25.86 61.68
N ARG D 342 2.15 25.76 60.52
CA ARG D 342 3.23 26.66 60.13
C ARG D 342 2.83 27.57 58.98
N PHE D 343 2.44 27.00 57.83
CA PHE D 343 1.93 27.75 56.70
C PHE D 343 0.79 26.94 56.07
N ASP D 344 -0.43 27.17 56.56
CA ASP D 344 -1.60 26.48 56.03
C ASP D 344 -2.55 27.42 55.31
N ARG D 345 -2.35 28.72 55.46
CA ARG D 345 -3.20 29.75 54.87
C ARG D 345 -2.37 30.60 53.94
N GLU D 346 -2.77 30.68 52.68
CA GLU D 346 -2.00 31.37 51.66
C GLU D 346 -2.92 32.30 50.87
N VAL D 347 -2.36 33.42 50.44
CA VAL D 347 -3.11 34.39 49.63
C VAL D 347 -2.33 34.66 48.36
N ASP D 348 -3.04 34.68 47.23
CA ASP D 348 -2.44 34.91 45.93
C ASP D 348 -2.84 36.30 45.47
N ILE D 349 -1.85 37.16 45.23
CA ILE D 349 -2.06 38.52 44.77
C ILE D 349 -1.55 38.60 43.35
N GLY D 350 -2.46 38.75 42.38
CA GLY D 350 -2.11 38.78 40.98
C GLY D 350 -1.90 40.19 40.47
N ILE D 351 -1.70 40.27 39.16
CA ILE D 351 -1.50 41.57 38.50
C ILE D 351 -2.84 42.31 38.46
N PRO D 352 -2.90 43.56 38.93
CA PRO D 352 -4.16 44.30 38.91
C PRO D 352 -4.63 44.55 37.48
N ASP D 353 -5.94 44.59 37.31
CA ASP D 353 -6.53 44.88 36.01
C ASP D 353 -6.61 46.39 35.80
N ALA D 354 -7.32 46.82 34.76
CA ALA D 354 -7.37 48.25 34.45
C ALA D 354 -7.95 49.05 35.61
N THR D 355 -9.13 48.65 36.10
CA THR D 355 -9.72 49.36 37.22
C THR D 355 -8.91 49.19 38.50
N GLY D 356 -8.16 48.09 38.62
CA GLY D 356 -7.24 47.94 39.72
C GLY D 356 -6.04 48.84 39.58
N ARG D 357 -5.57 49.03 38.34
CA ARG D 357 -4.42 49.89 38.08
C ARG D 357 -4.78 51.37 38.13
N LEU D 358 -6.07 51.71 38.09
CA LEU D 358 -6.44 53.12 38.12
C LEU D 358 -6.00 53.80 39.41
N GLU D 359 -6.22 53.16 40.56
CA GLU D 359 -5.94 53.80 41.84
C GLU D 359 -4.45 53.93 42.11
N ILE D 360 -3.63 53.03 41.55
CA ILE D 360 -2.19 53.08 41.77
C ILE D 360 -1.57 54.35 41.22
N LEU D 361 -2.12 54.88 40.12
CA LEU D 361 -1.60 56.13 39.56
C LEU D 361 -1.77 57.27 40.55
N GLN D 362 -2.98 57.47 41.06
CA GLN D 362 -3.20 58.60 41.95
C GLN D 362 -2.60 58.40 43.34
N ILE D 363 -2.54 57.18 43.86
CA ILE D 363 -1.95 57.02 45.19
C ILE D 363 -0.46 57.36 45.19
N HIS D 364 0.16 57.53 44.02
CA HIS D 364 1.52 58.02 43.95
C HIS D 364 1.65 59.39 43.31
N THR D 365 0.65 59.87 42.57
CA THR D 365 0.70 61.18 41.96
C THR D 365 -0.21 62.19 42.66
N LYS D 366 -0.66 61.85 43.88
CA LYS D 366 -1.50 62.77 44.63
C LYS D 366 -0.78 64.08 44.94
N ASN D 367 0.52 64.03 45.21
CA ASN D 367 1.29 65.25 45.41
C ASN D 367 1.63 65.95 44.11
N MET D 368 1.36 65.31 42.97
CA MET D 368 1.61 65.88 41.65
C MET D 368 0.28 66.42 41.14
N LYS D 369 0.08 67.74 41.26
CA LYS D 369 -1.13 68.34 40.75
C LYS D 369 -1.12 68.35 39.23
N LEU D 370 -2.22 67.92 38.64
CA LEU D 370 -2.34 67.71 37.21
C LEU D 370 -3.21 68.80 36.59
N ALA D 371 -2.97 69.06 35.30
CA ALA D 371 -3.65 70.12 34.58
C ALA D 371 -5.08 69.70 34.25
N ASP D 372 -5.77 70.53 33.46
CA ASP D 372 -7.16 70.27 33.12
C ASP D 372 -7.31 69.25 32.00
N ASP D 373 -6.44 69.31 30.99
CA ASP D 373 -6.56 68.43 29.84
C ASP D 373 -6.03 67.02 30.12
N VAL D 374 -5.44 66.79 31.28
CA VAL D 374 -4.85 65.50 31.61
C VAL D 374 -5.80 64.68 32.47
N ASP D 375 -5.90 63.39 32.14
CA ASP D 375 -6.65 62.43 32.93
C ASP D 375 -5.87 61.13 32.97
N LEU D 376 -6.05 60.36 34.04
CA LEU D 376 -5.38 59.08 34.22
C LEU D 376 -6.21 57.90 33.76
N GLU D 377 -7.39 58.15 33.20
CA GLU D 377 -8.28 57.08 32.78
C GLU D 377 -7.79 56.37 31.52
N GLN D 378 -7.58 57.11 30.43
CA GLN D 378 -7.18 56.49 29.17
C GLN D 378 -5.80 55.87 29.23
N VAL D 379 -4.90 56.42 30.05
CA VAL D 379 -3.51 55.92 30.11
C VAL D 379 -3.42 54.57 30.81
N ALA D 380 -4.40 54.21 31.64
CA ALA D 380 -4.40 52.93 32.33
C ALA D 380 -5.27 51.90 31.65
N ASN D 381 -5.59 52.11 30.37
CA ASN D 381 -6.43 51.19 29.61
C ASN D 381 -5.68 50.40 28.55
N GLU D 382 -4.58 50.93 28.03
CA GLU D 382 -3.81 50.23 27.00
C GLU D 382 -2.81 49.23 27.59
N THR D 383 -2.61 49.23 28.90
CA THR D 383 -1.72 48.30 29.55
C THR D 383 -2.51 47.22 30.27
N HIS D 384 -1.90 46.04 30.37
CA HIS D 384 -2.59 44.91 31.00
C HIS D 384 -1.69 44.06 31.88
N GLY D 385 -0.42 44.41 32.06
CA GLY D 385 0.48 43.59 32.85
C GLY D 385 1.38 44.37 33.79
N HIS D 386 0.90 45.49 34.32
CA HIS D 386 1.71 46.36 35.15
C HIS D 386 1.32 46.20 36.62
N VAL D 387 2.33 46.27 37.49
CA VAL D 387 2.13 46.20 38.93
C VAL D 387 2.51 47.55 39.54
N GLY D 388 2.37 47.67 40.86
CA GLY D 388 2.63 48.94 41.52
C GLY D 388 4.03 49.48 41.27
N ALA D 389 5.04 48.61 41.33
CA ALA D 389 6.41 49.04 41.08
C ALA D 389 6.61 49.55 39.66
N ASP D 390 6.03 48.88 38.67
CA ASP D 390 6.14 49.32 37.29
C ASP D 390 5.54 50.72 37.11
N LEU D 391 4.35 50.94 37.66
CA LEU D 391 3.71 52.24 37.54
C LEU D 391 4.48 53.31 38.30
N ALA D 392 5.03 52.98 39.47
CA ALA D 392 5.83 53.95 40.21
C ALA D 392 7.06 54.37 39.41
N ALA D 393 7.78 53.40 38.84
CA ALA D 393 8.93 53.73 38.00
C ALA D 393 8.53 54.54 36.78
N LEU D 394 7.41 54.17 36.14
CA LEU D 394 6.95 54.90 34.96
C LEU D 394 6.64 56.35 35.30
N CYS D 395 5.92 56.58 36.39
CA CYS D 395 5.60 57.96 36.78
C CYS D 395 6.85 58.73 37.19
N SER D 396 7.79 58.08 37.87
CA SER D 396 9.03 58.77 38.24
C SER D 396 9.80 59.23 37.01
N GLU D 397 9.98 58.34 36.03
CA GLU D 397 10.71 58.75 34.84
C GLU D 397 9.92 59.74 33.97
N ALA D 398 8.58 59.64 33.96
CA ALA D 398 7.79 60.65 33.26
C ALA D 398 7.98 62.02 33.89
N ALA D 399 8.01 62.09 35.22
CA ALA D 399 8.29 63.36 35.89
C ALA D 399 9.70 63.86 35.61
N LEU D 400 10.69 62.95 35.53
CA LEU D 400 12.04 63.37 35.16
C LEU D 400 12.07 63.96 33.76
N GLN D 401 11.30 63.38 32.83
CA GLN D 401 11.22 63.93 31.48
C GLN D 401 10.66 65.35 31.50
N ALA D 402 9.61 65.58 32.29
CA ALA D 402 9.06 66.92 32.43
C ALA D 402 10.07 67.88 33.05
N ILE D 403 10.86 67.43 34.03
CA ILE D 403 11.87 68.28 34.64
C ILE D 403 12.90 68.69 33.60
N ARG D 404 13.42 67.73 32.83
CA ARG D 404 14.45 68.06 31.85
C ARG D 404 13.91 68.90 30.70
N LYS D 405 12.62 68.76 30.36
CA LYS D 405 12.03 69.56 29.29
C LYS D 405 12.08 71.06 29.57
N LYS D 406 12.18 71.45 30.85
CA LYS D 406 12.38 72.86 31.18
C LYS D 406 13.78 73.19 31.65
N MET D 407 14.54 72.23 32.20
CA MET D 407 15.93 72.48 32.56
C MET D 407 16.85 72.61 31.34
N ASP D 408 16.40 72.18 30.15
CA ASP D 408 17.25 72.31 28.98
C ASP D 408 17.33 73.74 28.46
N LEU D 409 16.27 74.54 28.65
CA LEU D 409 16.28 75.92 28.18
C LEU D 409 16.32 76.94 29.31
N ILE D 410 15.81 76.62 30.51
CA ILE D 410 15.81 77.59 31.60
C ILE D 410 17.22 77.84 32.12
N ASP D 411 17.98 76.77 32.37
CA ASP D 411 19.38 76.84 32.81
C ASP D 411 19.51 77.66 34.09
N LEU D 412 18.87 77.15 35.14
CA LEU D 412 18.90 77.77 36.47
C LEU D 412 19.86 76.96 37.34
N GLU D 413 21.10 77.44 37.44
CA GLU D 413 22.14 76.77 38.24
C GLU D 413 22.16 77.41 39.61
N ASP D 414 21.56 76.73 40.59
CA ASP D 414 21.54 77.23 41.96
C ASP D 414 21.41 76.04 42.91
N GLU D 415 21.81 76.26 44.16
CA GLU D 415 21.76 75.22 45.17
C GLU D 415 20.31 74.90 45.56
N THR D 416 19.60 75.90 46.09
CA THR D 416 18.22 75.71 46.46
C THR D 416 17.29 76.16 45.33
N ILE D 417 16.13 75.51 45.25
CA ILE D 417 15.16 75.80 44.21
C ILE D 417 13.97 76.54 44.83
N ASP D 418 13.39 77.44 44.05
CA ASP D 418 12.27 78.26 44.52
C ASP D 418 10.94 77.58 44.18
N ALA D 419 9.93 77.91 44.97
CA ALA D 419 8.59 77.35 44.78
C ALA D 419 7.79 78.09 43.73
N GLU D 420 8.29 79.22 43.23
CA GLU D 420 7.57 79.98 42.21
C GLU D 420 7.53 79.25 40.87
N VAL D 421 8.44 78.30 40.64
CA VAL D 421 8.42 77.51 39.43
C VAL D 421 7.96 76.08 39.68
N MET D 422 8.04 75.58 40.92
CA MET D 422 7.55 74.25 41.22
C MET D 422 6.06 74.12 40.98
N ASN D 423 5.27 75.12 41.39
CA ASN D 423 3.83 75.04 41.21
C ASN D 423 3.44 75.15 39.74
N SER D 424 4.16 75.95 38.95
CA SER D 424 3.82 76.14 37.55
C SER D 424 4.04 74.88 36.72
N LEU D 425 4.90 73.97 37.17
CA LEU D 425 5.17 72.75 36.42
C LEU D 425 3.98 71.80 36.47
N ALA D 426 3.66 71.19 35.33
CA ALA D 426 2.61 70.19 35.26
C ALA D 426 2.90 69.27 34.08
N VAL D 427 2.68 67.96 34.29
CA VAL D 427 2.92 66.99 33.24
C VAL D 427 1.82 67.08 32.18
N THR D 428 2.18 66.78 30.94
CA THR D 428 1.27 66.96 29.81
C THR D 428 0.94 65.62 29.15
N MET D 429 0.22 65.70 28.02
CA MET D 429 -0.16 64.50 27.29
C MET D 429 1.05 63.75 26.77
N ASP D 430 1.95 64.45 26.08
CA ASP D 430 3.08 63.80 25.43
C ASP D 430 3.99 63.09 26.41
N ASP D 431 4.03 63.54 27.68
CA ASP D 431 4.86 62.85 28.66
C ASP D 431 4.39 61.44 28.94
N PHE D 432 3.10 61.26 29.22
CA PHE D 432 2.60 59.91 29.44
C PHE D 432 2.62 59.09 28.15
N ARG D 433 2.50 59.74 27.00
CA ARG D 433 2.62 59.00 25.74
C ARG D 433 4.03 58.48 25.56
N TRP D 434 5.04 59.32 25.76
CA TRP D 434 6.42 58.94 25.56
C TRP D 434 6.92 58.00 26.66
N ALA D 435 6.29 58.03 27.84
CA ALA D 435 6.70 57.14 28.92
C ALA D 435 6.48 55.67 28.56
N LEU D 436 5.32 55.34 27.98
CA LEU D 436 5.01 53.95 27.65
C LEU D 436 5.72 53.47 26.40
N SER D 437 6.09 54.37 25.50
CA SER D 437 6.79 54.00 24.27
C SER D 437 8.25 53.67 24.52
N GLN D 438 8.72 53.83 25.75
CA GLN D 438 10.08 53.48 26.12
C GLN D 438 10.13 52.01 26.53
N SER D 439 11.22 51.56 27.15
CA SER D 439 11.38 50.15 27.46
C SER D 439 10.90 49.75 28.85
N ASN D 440 10.34 50.67 29.63
CA ASN D 440 9.85 50.29 30.96
C ASN D 440 8.63 49.37 31.00
N PRO D 441 7.76 49.28 29.98
CA PRO D 441 6.70 48.27 30.05
C PRO D 441 7.21 46.85 29.84
N SER D 442 8.47 46.69 29.46
CA SER D 442 9.01 45.36 29.20
C SER D 442 9.14 44.60 30.51
N ALA D 443 8.17 43.73 30.78
CA ALA D 443 8.14 42.97 32.02
C ALA D 443 7.67 41.55 31.75
N LEU D 444 7.31 40.82 32.81
CA LEU D 444 6.91 39.44 32.70
C LEU D 444 5.39 39.35 32.66
N ARG D 445 4.88 38.50 31.76
CA ARG D 445 3.45 38.33 31.57
C ARG D 445 3.02 36.94 31.98
N GLU D 446 1.97 36.87 32.81
CA GLU D 446 1.38 35.60 33.23
C GLU D 446 -0.13 35.72 33.34
N THR D 447 -0.75 34.74 33.99
CA THR D 447 -2.21 34.72 34.15
C THR D 447 -2.65 35.96 34.91
N VAL D 448 -3.45 36.80 34.26
CA VAL D 448 -3.96 38.02 34.84
C VAL D 448 -5.42 37.79 35.24
N VAL D 449 -5.83 38.40 36.35
CA VAL D 449 -7.17 38.23 36.88
C VAL D 449 -7.92 39.54 36.66
N GLU D 450 -8.83 39.53 35.68
CA GLU D 450 -9.63 40.70 35.34
C GLU D 450 -11.11 40.36 35.34
N VAL D 451 -11.93 41.39 35.36
CA VAL D 451 -13.38 41.26 35.34
C VAL D 451 -13.89 41.73 33.98
N PRO D 452 -14.71 40.94 33.29
CA PRO D 452 -15.20 41.35 31.97
C PRO D 452 -16.18 42.52 32.08
N GLN D 453 -16.41 43.16 30.94
CA GLN D 453 -17.29 44.32 30.87
C GLN D 453 -18.30 44.17 29.74
N VAL D 454 -18.71 42.95 29.42
CA VAL D 454 -19.67 42.68 28.36
C VAL D 454 -20.89 42.02 28.97
N THR D 455 -22.06 42.59 28.70
CA THR D 455 -23.31 42.11 29.28
C THR D 455 -24.32 41.78 28.18
N TRP D 456 -25.57 41.52 28.56
CA TRP D 456 -26.54 41.04 27.59
C TRP D 456 -26.86 42.09 26.53
N GLU D 457 -27.08 43.35 26.94
CA GLU D 457 -27.37 44.37 25.94
C GLU D 457 -26.16 44.66 25.06
N ASP D 458 -24.96 44.43 25.58
CA ASP D 458 -23.75 44.71 24.81
C ASP D 458 -23.62 43.80 23.59
N ILE D 459 -24.21 42.60 23.65
CA ILE D 459 -24.19 41.69 22.52
C ILE D 459 -25.61 41.51 22.02
N GLY D 460 -25.77 40.75 20.94
CA GLY D 460 -27.09 40.52 20.39
C GLY D 460 -27.17 39.16 19.75
N GLY D 461 -28.39 38.76 19.42
CA GLY D 461 -28.62 37.49 18.76
C GLY D 461 -28.32 36.32 19.66
N LEU D 462 -28.34 35.14 19.06
CA LEU D 462 -28.05 33.88 19.75
C LEU D 462 -28.95 33.71 20.98
N GLU D 463 -30.24 33.99 20.79
CA GLU D 463 -31.22 33.79 21.85
C GLU D 463 -31.36 32.32 22.23
N ASP D 464 -30.94 31.40 21.36
CA ASP D 464 -31.06 29.98 21.66
C ASP D 464 -29.96 29.48 22.59
N VAL D 465 -28.84 30.19 22.70
CA VAL D 465 -27.78 29.82 23.61
C VAL D 465 -27.62 30.79 24.76
N LYS D 466 -28.05 32.04 24.61
CA LYS D 466 -28.16 32.91 25.77
C LYS D 466 -29.20 32.36 26.74
N ARG D 467 -30.29 31.81 26.22
CA ARG D 467 -31.35 31.28 27.05
C ARG D 467 -30.83 30.10 27.87
N GLU D 468 -29.84 29.38 27.35
CA GLU D 468 -29.36 28.13 27.92
C GLU D 468 -28.13 28.29 28.80
N LEU D 469 -27.20 29.18 28.44
CA LEU D 469 -26.03 29.38 29.30
C LEU D 469 -26.41 29.85 30.68
N GLN D 470 -27.39 30.76 30.76
CA GLN D 470 -27.88 31.22 32.04
C GLN D 470 -28.44 30.07 32.87
N GLU D 471 -29.18 29.14 32.26
CA GLU D 471 -29.77 28.02 32.98
C GLU D 471 -28.75 27.17 33.71
N LEU D 472 -27.49 27.16 33.27
CA LEU D 472 -26.47 26.34 33.90
C LEU D 472 -25.35 27.13 34.56
N VAL D 473 -25.33 28.46 34.43
CA VAL D 473 -24.38 29.30 35.15
C VAL D 473 -25.07 30.24 36.14
N GLN D 474 -26.00 31.07 35.65
CA GLN D 474 -26.48 32.20 36.44
C GLN D 474 -27.25 31.73 37.67
N TYR D 475 -28.23 30.82 37.48
CA TYR D 475 -29.07 30.43 38.60
C TYR D 475 -28.30 29.72 39.70
N PRO D 476 -27.44 28.71 39.42
CA PRO D 476 -26.67 28.12 40.52
C PRO D 476 -25.44 28.94 40.85
N VAL D 477 -25.60 30.26 40.82
CA VAL D 477 -24.64 31.21 41.39
C VAL D 477 -25.42 32.19 42.24
N GLU D 478 -26.45 32.78 41.62
CA GLU D 478 -27.25 33.83 42.25
C GLU D 478 -28.42 33.29 43.07
N HIS D 479 -28.64 31.98 43.08
CA HIS D 479 -29.75 31.37 43.81
C HIS D 479 -29.17 30.26 44.70
N PRO D 480 -28.55 30.62 45.82
CA PRO D 480 -28.02 29.59 46.73
C PRO D 480 -29.08 28.68 47.31
N ASP D 481 -30.31 29.16 47.46
CA ASP D 481 -31.36 28.34 48.06
C ASP D 481 -31.76 27.17 47.19
N LYS D 482 -31.59 27.27 45.88
CA LYS D 482 -31.97 26.19 44.98
C LYS D 482 -30.84 25.17 44.86
N PHE D 483 -31.08 24.14 44.04
CA PHE D 483 -30.09 23.14 43.65
C PHE D 483 -29.72 22.20 44.80
N LEU D 484 -30.38 22.31 45.93
CA LEU D 484 -30.23 21.28 46.95
C LEU D 484 -31.57 20.82 47.50
N LYS D 485 -32.61 21.65 47.42
CA LYS D 485 -33.95 21.20 47.77
C LYS D 485 -34.43 20.11 46.82
N PHE D 486 -34.14 20.26 45.53
CA PHE D 486 -34.47 19.27 44.53
C PHE D 486 -33.40 18.20 44.38
N GLY D 487 -32.38 18.23 45.22
CA GLY D 487 -31.33 17.23 45.15
C GLY D 487 -30.30 17.61 44.11
N MET D 488 -30.00 16.67 43.21
CA MET D 488 -29.13 16.85 42.05
C MET D 488 -27.81 17.54 42.42
N THR D 489 -27.15 18.16 41.43
CA THR D 489 -25.86 18.82 41.66
C THR D 489 -25.50 19.63 40.43
N PRO D 490 -24.96 20.83 40.60
CA PRO D 490 -24.58 21.65 39.45
C PRO D 490 -23.36 21.07 38.73
N SER D 491 -23.18 21.52 37.50
CA SER D 491 -22.07 21.07 36.67
C SER D 491 -20.81 21.87 36.99
N LYS D 492 -19.69 21.48 36.39
CA LYS D 492 -18.45 22.24 36.55
C LYS D 492 -17.90 22.65 35.19
N GLY D 493 -18.13 21.84 34.17
CA GLY D 493 -17.44 22.01 32.91
C GLY D 493 -18.36 22.18 31.73
N VAL D 494 -17.98 23.07 30.82
CA VAL D 494 -18.69 23.31 29.57
C VAL D 494 -17.67 23.33 28.44
N LEU D 495 -17.92 22.58 27.38
CA LEU D 495 -17.03 22.53 26.23
C LEU D 495 -17.68 23.27 25.07
N PHE D 496 -16.97 24.25 24.53
CA PHE D 496 -17.45 25.03 23.40
C PHE D 496 -16.78 24.55 22.11
N TYR D 497 -17.58 24.46 21.05
CA TYR D 497 -17.14 23.85 19.80
C TYR D 497 -17.91 24.48 18.66
N GLY D 498 -17.32 24.43 17.47
CA GLY D 498 -17.94 25.00 16.31
C GLY D 498 -16.93 25.62 15.36
N PRO D 499 -17.41 26.42 14.41
CA PRO D 499 -16.51 27.04 13.45
C PRO D 499 -15.54 27.99 14.13
N PRO D 500 -14.30 28.05 13.66
CA PRO D 500 -13.34 28.99 14.24
C PRO D 500 -13.75 30.44 13.97
N GLY D 501 -13.40 31.33 14.88
CA GLY D 501 -13.73 32.73 14.75
C GLY D 501 -15.14 33.10 15.14
N CYS D 502 -15.83 32.25 15.89
CA CYS D 502 -17.20 32.54 16.29
C CYS D 502 -17.27 33.38 17.56
N GLY D 503 -16.14 33.73 18.15
CA GLY D 503 -16.11 34.55 19.34
C GLY D 503 -16.41 33.79 20.62
N LYS D 504 -15.88 32.57 20.73
CA LYS D 504 -16.13 31.76 21.92
C LYS D 504 -15.54 32.37 23.18
N THR D 505 -14.35 32.96 23.10
CA THR D 505 -13.76 33.60 24.27
C THR D 505 -14.65 34.72 24.79
N LEU D 506 -15.13 35.58 23.88
CA LEU D 506 -16.02 36.64 24.28
C LEU D 506 -17.35 36.13 24.80
N LEU D 507 -17.89 35.07 24.19
CA LEU D 507 -19.13 34.49 24.70
C LEU D 507 -18.95 33.96 26.11
N ALA D 508 -17.79 33.36 26.39
CA ALA D 508 -17.51 32.89 27.75
C ALA D 508 -17.31 34.05 28.73
N LYS D 509 -16.70 35.15 28.29
CA LYS D 509 -16.57 36.31 29.16
C LYS D 509 -17.90 36.96 29.47
N ALA D 510 -18.82 36.96 28.50
CA ALA D 510 -20.10 37.65 28.66
C ALA D 510 -20.92 37.09 29.83
N ILE D 511 -20.80 35.80 30.12
CA ILE D 511 -21.56 35.20 31.21
C ILE D 511 -20.84 35.33 32.55
N ALA D 512 -19.51 35.43 32.55
CA ALA D 512 -18.75 35.48 33.78
C ALA D 512 -18.86 36.80 34.52
N ASN D 513 -19.07 37.92 33.81
CA ASN D 513 -19.14 39.21 34.48
C ASN D 513 -20.49 39.46 35.15
N GLU D 514 -21.56 38.85 34.65
CA GLU D 514 -22.88 39.07 35.22
C GLU D 514 -23.15 38.22 36.47
N CYS D 515 -22.28 37.26 36.78
CA CYS D 515 -22.42 36.46 37.99
C CYS D 515 -21.50 36.94 39.10
N GLN D 516 -20.92 38.13 38.95
CA GLN D 516 -20.02 38.72 39.94
C GLN D 516 -18.85 37.78 40.24
N ALA D 517 -18.14 37.43 39.17
CA ALA D 517 -16.99 36.56 39.27
C ALA D 517 -15.86 37.12 38.42
N ASN D 518 -14.63 36.79 38.80
CA ASN D 518 -13.47 37.19 38.04
C ASN D 518 -13.29 36.26 36.84
N PHE D 519 -12.26 36.50 36.04
CA PHE D 519 -12.05 35.74 34.82
C PHE D 519 -10.56 35.62 34.55
N ILE D 520 -10.10 34.42 34.26
CA ILE D 520 -8.73 34.17 33.83
C ILE D 520 -8.78 33.52 32.47
N SER D 521 -8.04 34.07 31.52
CA SER D 521 -8.05 33.58 30.14
C SER D 521 -6.81 32.72 29.92
N ILE D 522 -7.02 31.48 29.52
CA ILE D 522 -5.95 30.54 29.23
C ILE D 522 -6.08 30.16 27.76
N LYS D 523 -5.30 30.82 26.91
CA LYS D 523 -5.31 30.48 25.49
C LYS D 523 -4.41 29.28 25.25
N GLY D 524 -4.57 28.67 24.08
CA GLY D 524 -3.90 27.43 23.74
C GLY D 524 -2.39 27.44 23.81
N PRO D 525 -1.74 28.22 22.94
CA PRO D 525 -0.28 28.10 22.82
C PRO D 525 0.50 28.46 24.08
N GLU D 526 -0.07 29.24 25.00
CA GLU D 526 0.68 29.60 26.19
C GLU D 526 0.80 28.41 27.15
N LEU D 527 -0.21 27.54 27.18
CA LEU D 527 -0.09 26.31 27.96
C LEU D 527 0.79 25.28 27.26
N LEU D 528 1.14 25.51 26.00
CA LEU D 528 2.07 24.64 25.28
C LEU D 528 3.50 25.09 25.40
N THR D 529 3.74 26.41 25.43
CA THR D 529 5.10 26.92 25.58
C THR D 529 5.62 26.74 26.99
N MET D 530 4.73 26.57 27.97
CA MET D 530 5.10 26.30 29.35
C MET D 530 5.24 24.81 29.61
N TRP D 531 5.11 23.98 28.59
CA TRP D 531 5.22 22.53 28.72
C TRP D 531 6.67 22.05 28.69
N PHE D 532 7.51 22.64 27.84
CA PHE D 532 8.90 22.21 27.63
C PHE D 532 8.86 20.74 27.22
N GLY D 533 9.84 19.93 27.65
CA GLY D 533 9.85 18.52 27.34
C GLY D 533 10.13 17.66 28.55
N GLU D 534 9.18 16.80 28.89
CA GLU D 534 9.31 15.82 29.98
C GLU D 534 9.45 16.50 31.35
N SER D 535 9.18 17.79 31.44
CA SER D 535 9.24 18.49 32.72
C SER D 535 8.42 19.77 32.63
N GLU D 536 7.28 19.80 33.33
CA GLU D 536 6.51 21.02 33.45
C GLU D 536 6.37 21.45 34.92
N ALA D 537 5.86 20.55 35.77
CA ALA D 537 5.75 20.76 37.21
C ALA D 537 5.07 22.08 37.57
N ASN D 538 4.20 22.57 36.68
CA ASN D 538 3.54 23.85 36.91
C ASN D 538 2.06 23.78 36.51
N VAL D 539 1.35 22.76 36.98
CA VAL D 539 -0.08 22.65 36.72
C VAL D 539 -0.89 22.87 38.00
N ARG D 540 -0.41 22.29 39.11
CA ARG D 540 -1.21 22.32 40.34
C ARG D 540 -1.46 23.74 40.84
N GLU D 541 -0.57 24.67 40.54
CA GLU D 541 -0.69 26.03 41.05
C GLU D 541 -1.54 26.94 40.17
N ILE D 542 -1.88 26.52 38.96
CA ILE D 542 -2.69 27.36 38.09
C ILE D 542 -4.18 27.22 38.36
N PHE D 543 -4.58 26.27 39.20
CA PHE D 543 -5.98 26.09 39.55
C PHE D 543 -6.34 26.73 40.88
N ASP D 544 -5.36 26.91 41.77
CA ASP D 544 -5.65 27.49 43.09
C ASP D 544 -5.98 28.97 42.99
N LYS D 545 -5.42 29.67 42.00
CA LYS D 545 -5.73 31.09 41.84
C LYS D 545 -7.20 31.31 41.54
N ALA D 546 -7.82 30.40 40.80
CA ALA D 546 -9.25 30.45 40.56
C ALA D 546 -10.06 30.04 41.78
N ARG D 547 -9.43 29.39 42.76
CA ARG D 547 -10.11 28.97 43.98
C ARG D 547 -10.09 30.03 45.06
N GLN D 548 -8.94 30.70 45.26
CA GLN D 548 -8.90 31.79 46.23
C GLN D 548 -9.72 32.98 45.77
N ALA D 549 -9.83 33.19 44.46
CA ALA D 549 -10.59 34.31 43.90
C ALA D 549 -12.03 33.90 43.61
N ALA D 550 -12.70 33.33 44.61
CA ALA D 550 -14.09 32.94 44.42
C ALA D 550 -15.02 34.15 44.56
N PRO D 551 -16.06 34.26 43.71
CA PRO D 551 -16.33 33.35 42.60
C PRO D 551 -15.42 33.61 41.41
N CYS D 552 -15.15 32.57 40.61
CA CYS D 552 -14.31 32.72 39.44
C CYS D 552 -14.78 31.76 38.36
N VAL D 553 -14.64 32.18 37.11
CA VAL D 553 -15.00 31.37 35.94
C VAL D 553 -13.72 31.15 35.14
N LEU D 554 -13.30 29.89 35.05
CA LEU D 554 -12.08 29.56 34.32
C LEU D 554 -12.41 29.20 32.88
N PHE D 555 -11.52 29.58 31.97
CA PHE D 555 -11.73 29.38 30.54
C PHE D 555 -10.48 28.79 29.91
N PHE D 556 -10.65 27.74 29.12
CA PHE D 556 -9.59 27.14 28.32
C PHE D 556 -9.87 27.47 26.86
N ASP D 557 -9.14 28.44 26.33
CA ASP D 557 -9.33 28.85 24.96
C ASP D 557 -8.51 27.95 24.05
N GLU D 558 -9.18 27.31 23.10
CA GLU D 558 -8.50 26.51 22.11
C GLU D 558 -7.70 25.43 22.82
N LEU D 559 -8.42 24.59 23.57
CA LEU D 559 -7.87 23.36 24.14
C LEU D 559 -7.31 22.42 23.08
N ASP D 560 -7.66 22.62 21.80
CA ASP D 560 -7.26 21.70 20.73
C ASP D 560 -5.77 21.75 20.45
N SER D 561 -5.06 22.76 20.97
CA SER D 561 -3.61 22.89 20.88
C SER D 561 -2.86 21.69 21.46
N ILE D 562 -3.33 21.12 22.58
CA ILE D 562 -2.64 19.95 23.14
C ILE D 562 -2.73 18.77 22.18
N ALA D 563 -3.90 18.54 21.59
CA ALA D 563 -4.02 17.50 20.59
C ALA D 563 -3.17 17.78 19.36
N LYS D 564 -3.00 19.06 19.01
CA LYS D 564 -2.11 19.40 17.90
C LYS D 564 -0.72 18.80 18.08
N ALA D 565 -0.13 18.94 19.26
CA ALA D 565 1.24 18.45 19.48
C ALA D 565 1.33 16.93 19.50
N ARG D 566 0.36 16.25 20.12
CA ARG D 566 0.40 14.80 20.18
C ARG D 566 0.15 14.17 18.81
N GLY D 567 -0.93 14.56 18.15
CA GLY D 567 -1.20 14.07 16.81
C GLY D 567 -2.35 14.82 16.17
N GLY D 568 -2.13 15.33 14.96
CA GLY D 568 -3.12 16.09 14.25
C GLY D 568 -3.36 15.56 12.85
N ASN D 569 -4.43 16.07 12.24
CA ASN D 569 -4.81 15.67 10.89
C ASN D 569 -4.99 14.17 10.80
N ILE D 570 -3.93 13.46 10.44
CA ILE D 570 -3.99 12.00 10.37
C ILE D 570 -3.99 11.40 11.78
N GLY D 571 -3.06 11.83 12.63
CA GLY D 571 -2.96 11.33 13.98
C GLY D 571 -1.98 10.17 14.09
N ASP D 572 -1.71 9.77 15.33
CA ASP D 572 -0.82 8.67 15.61
C ASP D 572 -1.58 7.35 15.52
N GLY D 573 -0.91 6.25 15.89
CA GLY D 573 -1.55 4.95 15.85
C GLY D 573 -2.56 4.72 16.95
N GLY D 574 -2.46 5.47 18.05
CA GLY D 574 -3.38 5.33 19.17
C GLY D 574 -4.13 6.62 19.46
N GLY D 575 -4.61 6.72 20.70
CA GLY D 575 -5.33 7.91 21.11
C GLY D 575 -4.42 9.12 21.29
N ALA D 576 -5.04 10.29 21.26
CA ALA D 576 -4.32 11.56 21.39
C ALA D 576 -4.34 12.00 22.85
N ALA D 577 -3.85 11.12 23.72
CA ALA D 577 -3.78 11.37 25.15
C ALA D 577 -2.40 11.92 25.52
N ASP D 578 -2.32 12.55 26.69
CA ASP D 578 -1.08 13.16 27.11
C ASP D 578 -1.00 13.19 28.63
N ARG D 579 0.24 13.24 29.12
CA ARG D 579 0.51 13.36 30.55
C ARG D 579 0.16 14.75 31.07
N VAL D 580 -0.13 15.70 30.19
CA VAL D 580 -0.65 16.99 30.64
C VAL D 580 -2.17 17.01 30.61
N ILE D 581 -2.80 16.09 29.89
CA ILE D 581 -4.26 16.02 29.88
C ILE D 581 -4.76 15.15 31.02
N ASN D 582 -4.11 14.01 31.27
CA ASN D 582 -4.56 13.15 32.35
C ASN D 582 -4.42 13.84 33.71
N GLN D 583 -3.33 14.59 33.92
CA GLN D 583 -3.10 15.26 35.19
C GLN D 583 -4.10 16.37 35.46
N ILE D 584 -4.62 17.04 34.43
CA ILE D 584 -5.63 18.06 34.66
C ILE D 584 -7.02 17.45 34.81
N LEU D 585 -7.32 16.39 34.06
CA LEU D 585 -8.62 15.77 34.21
C LEU D 585 -8.74 15.04 35.53
N THR D 586 -7.62 14.57 36.10
CA THR D 586 -7.65 14.03 37.44
C THR D 586 -7.73 15.13 38.49
N GLU D 587 -7.07 16.27 38.24
CA GLU D 587 -7.12 17.36 39.21
C GLU D 587 -8.51 17.96 39.33
N MET D 588 -9.25 18.04 38.22
CA MET D 588 -10.56 18.68 38.28
C MET D 588 -11.60 17.79 38.95
N ASP D 589 -11.27 16.53 39.26
CA ASP D 589 -12.20 15.64 39.94
C ASP D 589 -12.05 15.65 41.46
N GLY D 590 -10.97 16.22 41.99
CA GLY D 590 -10.78 16.24 43.43
C GLY D 590 -11.62 17.28 44.13
N MET D 591 -12.06 18.28 43.41
CA MET D 591 -12.83 19.38 43.98
C MET D 591 -14.24 18.93 44.34
N SER D 592 -14.76 19.52 45.41
CA SER D 592 -16.10 19.23 45.87
C SER D 592 -17.11 19.95 44.98
N THR D 593 -18.32 19.41 44.92
CA THR D 593 -19.34 19.97 44.05
C THR D 593 -19.84 21.34 44.53
N LYS D 594 -19.60 21.68 45.78
CA LYS D 594 -20.16 22.90 46.34
C LYS D 594 -19.28 24.13 46.11
N LYS D 595 -18.07 23.94 45.61
CA LYS D 595 -17.26 25.08 45.20
C LYS D 595 -17.90 25.77 44.00
N ASN D 596 -17.65 27.07 43.88
CA ASN D 596 -18.24 27.88 42.82
C ASN D 596 -17.31 28.04 41.63
N VAL D 597 -16.20 27.31 41.59
CA VAL D 597 -15.28 27.36 40.47
C VAL D 597 -15.94 26.71 39.26
N PHE D 598 -15.86 27.37 38.11
CA PHE D 598 -16.45 26.88 36.87
C PHE D 598 -15.37 26.88 35.79
N ILE D 599 -15.13 25.72 35.19
CA ILE D 599 -14.15 25.57 34.13
C ILE D 599 -14.88 25.44 32.81
N ILE D 600 -14.41 26.16 31.80
CA ILE D 600 -15.03 26.18 30.48
C ILE D 600 -13.97 25.87 29.44
N GLY D 601 -14.23 24.88 28.59
CA GLY D 601 -13.33 24.52 27.53
C GLY D 601 -13.83 25.00 26.17
N ALA D 602 -12.89 25.20 25.26
CA ALA D 602 -13.20 25.65 23.91
C ALA D 602 -12.33 24.91 22.92
N THR D 603 -12.91 24.51 21.80
CA THR D 603 -12.20 23.80 20.76
C THR D 603 -12.82 24.14 19.41
N ASN D 604 -12.19 23.68 18.34
CA ASN D 604 -12.67 23.94 16.99
C ASN D 604 -12.81 22.66 16.17
N ARG D 605 -12.25 21.54 16.63
CA ARG D 605 -12.32 20.28 15.90
C ARG D 605 -12.69 19.17 16.86
N PRO D 606 -13.96 19.13 17.29
CA PRO D 606 -14.37 18.21 18.37
C PRO D 606 -14.60 16.78 17.89
N ASP D 607 -13.57 16.19 17.30
CA ASP D 607 -13.63 14.79 16.89
C ASP D 607 -12.36 14.06 17.25
N ILE D 608 -11.33 14.80 17.65
CA ILE D 608 -10.04 14.22 17.98
C ILE D 608 -9.69 14.32 19.46
N ILE D 609 -10.51 15.02 20.25
CA ILE D 609 -10.27 15.11 21.69
C ILE D 609 -10.70 13.80 22.34
N ASP D 610 -9.95 13.39 23.36
CA ASP D 610 -10.25 12.15 24.05
C ASP D 610 -11.61 12.25 24.75
N PRO D 611 -12.40 11.17 24.78
CA PRO D 611 -13.65 11.19 25.55
C PRO D 611 -13.38 11.11 27.05
N ALA D 612 -12.10 10.96 27.42
CA ALA D 612 -11.74 10.86 28.82
C ALA D 612 -12.15 12.11 29.60
N ILE D 613 -11.92 13.30 29.04
CA ILE D 613 -12.42 14.51 29.67
C ILE D 613 -13.91 14.73 29.37
N LEU D 614 -14.44 14.08 28.33
CA LEU D 614 -15.86 14.13 28.03
C LEU D 614 -16.67 13.14 28.84
N ARG D 615 -16.07 12.57 29.89
CA ARG D 615 -16.78 11.60 30.71
C ARG D 615 -17.95 12.27 31.44
N PRO D 616 -19.01 11.52 31.73
CA PRO D 616 -20.16 12.13 32.42
C PRO D 616 -19.87 12.47 33.87
N GLY D 617 -19.35 13.68 34.09
CA GLY D 617 -18.94 14.10 35.41
C GLY D 617 -17.78 15.08 35.37
N ARG D 618 -17.16 15.24 34.20
CA ARG D 618 -16.20 16.32 33.99
C ARG D 618 -16.70 17.31 32.94
N LEU D 619 -17.04 16.85 31.73
CA LEU D 619 -17.62 17.70 30.70
C LEU D 619 -18.93 17.08 30.27
N ASP D 620 -20.01 17.43 30.99
CA ASP D 620 -21.31 16.82 30.75
C ASP D 620 -22.07 17.55 29.66
N GLN D 621 -22.29 18.85 29.84
CA GLN D 621 -23.06 19.62 28.87
C GLN D 621 -22.18 20.01 27.69
N LEU D 622 -22.71 19.81 26.49
CA LEU D 622 -22.04 20.19 25.24
C LEU D 622 -22.87 21.27 24.59
N ILE D 623 -22.24 22.40 24.29
CA ILE D 623 -22.92 23.58 23.76
C ILE D 623 -22.29 23.96 22.43
N TYR D 624 -23.12 24.17 21.42
CA TYR D 624 -22.66 24.47 20.08
C TYR D 624 -22.80 25.97 19.81
N ILE D 625 -21.79 26.55 19.19
CA ILE D 625 -21.82 27.96 18.82
C ILE D 625 -22.05 28.07 17.32
N PRO D 626 -23.25 28.43 16.88
CA PRO D 626 -23.51 28.53 15.44
C PRO D 626 -22.99 29.82 14.84
N LEU D 627 -23.22 30.02 13.56
CA LEU D 627 -22.81 31.26 12.92
C LEU D 627 -23.64 32.43 13.45
N PRO D 628 -23.04 33.61 13.54
CA PRO D 628 -23.79 34.77 14.02
C PRO D 628 -24.98 35.10 13.13
N ASP D 629 -26.10 35.47 13.76
CA ASP D 629 -27.32 35.81 13.05
C ASP D 629 -27.36 37.31 12.79
N GLU D 630 -28.52 37.81 12.33
CA GLU D 630 -28.66 39.24 12.02
C GLU D 630 -28.44 40.12 13.24
N LYS D 631 -29.04 39.76 14.37
CA LYS D 631 -28.98 40.61 15.56
C LYS D 631 -27.55 40.73 16.08
N SER D 632 -26.75 39.69 15.94
CA SER D 632 -25.35 39.75 16.35
C SER D 632 -24.48 40.41 15.28
N ARG D 633 -24.80 40.22 14.01
CA ARG D 633 -24.03 40.85 12.95
C ARG D 633 -24.13 42.36 13.03
N VAL D 634 -25.33 42.90 13.29
CA VAL D 634 -25.44 44.35 13.44
C VAL D 634 -24.72 44.83 14.69
N ALA D 635 -24.71 44.03 15.75
CA ALA D 635 -24.07 44.43 17.00
C ALA D 635 -22.55 44.48 16.89
N ILE D 636 -21.94 43.50 16.22
CA ILE D 636 -20.48 43.50 16.09
C ILE D 636 -20.00 44.75 15.37
N LEU D 637 -20.74 45.19 14.35
CA LEU D 637 -20.36 46.41 13.64
C LEU D 637 -20.51 47.66 14.50
N LYS D 638 -21.56 47.74 15.32
CA LYS D 638 -21.72 48.86 16.25
C LYS D 638 -20.72 48.81 17.39
N ALA D 639 -20.01 47.70 17.55
CA ALA D 639 -19.05 47.53 18.64
C ALA D 639 -17.60 47.73 18.22
N ASN D 640 -17.23 47.30 17.02
CA ASN D 640 -15.82 47.35 16.64
C ASN D 640 -15.40 48.72 16.12
N LEU D 641 -16.33 49.66 15.99
CA LEU D 641 -16.02 51.03 15.57
C LEU D 641 -16.51 52.06 16.58
N ARG D 642 -16.64 51.65 17.85
CA ARG D 642 -17.21 52.52 18.86
C ARG D 642 -16.38 53.78 19.10
N LYS D 643 -15.10 53.78 18.73
CA LYS D 643 -14.21 54.91 18.95
C LYS D 643 -13.83 55.61 17.65
N SER D 644 -14.67 55.50 16.62
CA SER D 644 -14.39 56.13 15.35
C SER D 644 -15.50 57.11 14.98
N PRO D 645 -15.16 58.26 14.39
CA PRO D 645 -16.19 59.23 14.00
C PRO D 645 -16.87 58.85 12.70
N VAL D 646 -17.70 57.80 12.76
CA VAL D 646 -18.41 57.32 11.59
C VAL D 646 -19.61 58.22 11.33
N ALA D 647 -19.76 58.69 10.09
CA ALA D 647 -20.85 59.56 9.73
C ALA D 647 -22.18 58.79 9.72
N LYS D 648 -23.27 59.54 9.78
CA LYS D 648 -24.61 58.97 9.80
C LYS D 648 -25.13 58.59 8.41
N ASP D 649 -24.37 58.89 7.36
CA ASP D 649 -24.81 58.55 6.01
C ASP D 649 -24.89 57.05 5.79
N VAL D 650 -24.07 56.28 6.51
CA VAL D 650 -24.05 54.83 6.38
C VAL D 650 -25.21 54.23 7.16
N ASP D 651 -25.52 52.97 6.89
CA ASP D 651 -26.60 52.26 7.58
C ASP D 651 -26.03 50.99 8.19
N LEU D 652 -26.25 50.81 9.49
CA LEU D 652 -25.68 49.65 10.18
C LEU D 652 -26.42 48.36 9.82
N GLU D 653 -27.75 48.40 9.76
CA GLU D 653 -28.52 47.22 9.42
C GLU D 653 -28.30 46.76 7.99
N PHE D 654 -28.04 47.70 7.08
CA PHE D 654 -27.87 47.38 5.68
C PHE D 654 -26.69 46.43 5.46
N LEU D 655 -25.55 46.71 6.11
CA LEU D 655 -24.40 45.81 5.99
C LEU D 655 -24.72 44.40 6.44
N ALA D 656 -25.37 44.24 7.60
CA ALA D 656 -25.78 42.92 8.02
C ALA D 656 -26.81 42.31 7.08
N LYS D 657 -27.55 43.14 6.34
CA LYS D 657 -28.50 42.60 5.37
C LYS D 657 -27.79 41.87 4.22
N MET D 658 -26.72 42.45 3.66
CA MET D 658 -25.97 41.67 2.68
C MET D 658 -25.20 40.54 3.34
N THR D 659 -24.54 40.79 4.46
CA THR D 659 -23.66 39.81 5.07
C THR D 659 -24.48 38.69 5.71
N ASN D 660 -24.42 37.50 5.13
CA ASN D 660 -25.16 36.36 5.65
C ASN D 660 -24.24 35.22 6.03
N GLY D 661 -23.33 34.85 5.13
CA GLY D 661 -22.47 33.70 5.34
C GLY D 661 -21.05 34.05 5.75
N PHE D 662 -20.90 35.05 6.61
CA PHE D 662 -19.60 35.48 7.09
C PHE D 662 -19.50 35.30 8.59
N SER D 663 -18.29 35.03 9.07
CA SER D 663 -18.05 34.82 10.50
C SER D 663 -17.50 36.09 11.12
N GLY D 664 -17.28 36.05 12.44
CA GLY D 664 -16.85 37.24 13.16
C GLY D 664 -15.54 37.81 12.65
N ALA D 665 -14.60 36.95 12.28
CA ALA D 665 -13.35 37.43 11.71
C ALA D 665 -13.57 38.20 10.42
N ASP D 666 -14.44 37.70 9.54
CA ASP D 666 -14.76 38.43 8.32
C ASP D 666 -15.45 39.75 8.62
N LEU D 667 -16.42 39.75 9.53
CA LEU D 667 -17.12 40.98 9.86
C LEU D 667 -16.16 42.02 10.43
N THR D 668 -15.18 41.60 11.22
CA THR D 668 -14.20 42.54 11.76
C THR D 668 -13.24 43.03 10.68
N GLU D 669 -12.77 42.13 9.82
CA GLU D 669 -11.77 42.53 8.83
C GLU D 669 -12.37 43.42 7.76
N ILE D 670 -13.68 43.32 7.51
CA ILE D 670 -14.34 44.28 6.62
C ILE D 670 -14.20 45.69 7.17
N CYS D 671 -14.55 45.89 8.44
CA CYS D 671 -14.42 47.20 9.05
C CYS D 671 -12.96 47.64 9.12
N GLN D 672 -12.05 46.70 9.37
CA GLN D 672 -10.63 47.03 9.37
C GLN D 672 -10.20 47.58 8.01
N ARG D 673 -10.60 46.91 6.93
CA ARG D 673 -10.26 47.39 5.59
C ARG D 673 -10.87 48.74 5.30
N ALA D 674 -12.15 48.94 5.67
CA ALA D 674 -12.79 50.23 5.42
C ALA D 674 -12.07 51.35 6.15
N CYS D 675 -11.75 51.15 7.44
CA CYS D 675 -11.01 52.16 8.19
C CYS D 675 -9.62 52.38 7.61
N LYS D 676 -8.96 51.31 7.16
CA LYS D 676 -7.62 51.44 6.60
C LYS D 676 -7.63 52.25 5.32
N LEU D 677 -8.63 52.07 4.45
CA LEU D 677 -8.67 52.89 3.24
C LEU D 677 -9.10 54.31 3.55
N ALA D 678 -10.00 54.52 4.51
CA ALA D 678 -10.39 55.88 4.85
C ALA D 678 -9.22 56.66 5.44
N ILE D 679 -8.44 56.04 6.33
CA ILE D 679 -7.31 56.71 6.94
C ILE D 679 -6.23 57.07 5.93
N ARG D 680 -6.18 56.38 4.78
CA ARG D 680 -5.19 56.75 3.77
C ARG D 680 -5.61 57.99 3.00
N GLU D 681 -6.87 58.04 2.56
CA GLU D 681 -7.35 59.22 1.86
C GLU D 681 -7.39 60.44 2.77
N SER D 682 -7.58 60.23 4.08
CA SER D 682 -7.52 61.35 5.01
C SER D 682 -6.17 62.03 4.98
N ILE D 683 -5.08 61.25 4.98
CA ILE D 683 -3.75 61.83 4.88
C ILE D 683 -3.48 62.34 3.47
N GLU D 684 -3.96 61.63 2.45
CA GLU D 684 -3.69 62.04 1.08
C GLU D 684 -4.32 63.39 0.74
N SER D 685 -5.46 63.70 1.36
CA SER D 685 -6.11 64.99 1.12
C SER D 685 -5.31 66.16 1.68
N GLU D 686 -4.30 65.91 2.50
CA GLU D 686 -3.54 66.98 3.10
C GLU D 686 -2.58 67.65 2.12
N ILE D 687 -2.25 66.98 1.02
CA ILE D 687 -1.32 67.55 0.04
C ILE D 687 -2.01 68.62 -0.78
N VAL D 708 -14.33 66.78 7.47
CA VAL D 708 -13.66 66.05 6.39
C VAL D 708 -13.18 64.66 6.84
N PRO D 709 -12.48 64.56 8.00
CA PRO D 709 -12.04 63.23 8.45
C PRO D 709 -13.19 62.39 8.97
N GLU D 710 -13.96 61.78 8.07
CA GLU D 710 -15.09 60.94 8.46
C GLU D 710 -15.22 59.81 7.46
N ILE D 711 -15.83 58.71 7.90
CA ILE D 711 -16.03 57.53 7.06
C ILE D 711 -17.34 57.69 6.29
N ARG D 712 -17.28 57.56 4.98
CA ARG D 712 -18.45 57.71 4.13
C ARG D 712 -18.96 56.33 3.72
N ARG D 713 -20.04 56.31 2.94
CA ARG D 713 -20.62 55.06 2.48
C ARG D 713 -19.71 54.30 1.53
N ASP D 714 -19.06 55.01 0.60
CA ASP D 714 -18.16 54.36 -0.34
C ASP D 714 -17.01 53.64 0.36
N HIS D 715 -16.60 54.15 1.53
CA HIS D 715 -15.52 53.50 2.28
C HIS D 715 -15.90 52.08 2.67
N PHE D 716 -17.12 51.88 3.14
CA PHE D 716 -17.60 50.52 3.37
C PHE D 716 -17.86 49.78 2.07
N GLU D 717 -18.25 50.51 1.02
CA GLU D 717 -18.53 49.86 -0.25
C GLU D 717 -17.30 49.17 -0.84
N GLU D 718 -16.13 49.81 -0.79
CA GLU D 718 -14.94 49.13 -1.29
C GLU D 718 -14.63 47.88 -0.48
N ALA D 719 -14.75 47.97 0.85
CA ALA D 719 -14.52 46.81 1.70
C ALA D 719 -15.52 45.70 1.44
N MET D 720 -16.72 46.04 0.96
CA MET D 720 -17.71 45.00 0.66
C MET D 720 -17.23 44.06 -0.43
N ARG D 721 -16.62 44.59 -1.49
CA ARG D 721 -16.27 43.76 -2.64
C ARG D 721 -15.07 42.86 -2.36
N PHE D 722 -14.14 43.31 -1.52
CA PHE D 722 -12.96 42.52 -1.20
C PHE D 722 -13.21 41.53 -0.06
N ALA D 723 -14.47 41.20 0.22
CA ALA D 723 -14.81 40.27 1.28
C ALA D 723 -14.46 38.85 0.88
N ARG D 724 -13.99 38.07 1.85
CA ARG D 724 -13.72 36.65 1.70
C ARG D 724 -14.50 35.87 2.75
N ARG D 725 -14.44 34.55 2.64
CA ARG D 725 -15.11 33.65 3.58
C ARG D 725 -14.06 32.95 4.43
N SER D 726 -14.13 33.17 5.74
CA SER D 726 -13.16 32.54 6.65
C SER D 726 -13.33 31.03 6.64
N VAL D 727 -14.56 30.54 6.64
CA VAL D 727 -14.84 29.12 6.66
C VAL D 727 -15.44 28.71 5.33
N SER D 728 -15.25 27.43 4.98
CA SER D 728 -15.83 26.87 3.77
C SER D 728 -17.25 26.41 4.04
N ASP D 729 -17.82 25.63 3.12
CA ASP D 729 -19.16 25.08 3.29
C ASP D 729 -19.17 23.66 3.83
N ASN D 730 -18.25 22.80 3.38
CA ASN D 730 -18.29 21.40 3.79
C ASN D 730 -18.07 21.24 5.29
N ASP D 731 -17.21 22.06 5.89
CA ASP D 731 -16.99 22.00 7.33
C ASP D 731 -18.20 22.45 8.13
N ILE D 732 -19.08 23.26 7.53
CA ILE D 732 -20.27 23.69 8.26
C ILE D 732 -21.15 22.50 8.58
N ARG D 733 -21.69 21.82 7.55
CA ARG D 733 -22.50 20.64 7.80
C ARG D 733 -21.77 19.61 8.64
N LYS D 734 -20.44 19.56 8.57
CA LYS D 734 -19.68 18.77 9.54
C LYS D 734 -19.94 19.24 10.96
N TYR D 735 -19.97 20.56 11.18
CA TYR D 735 -20.21 21.06 12.53
C TYR D 735 -21.64 20.82 13.01
N GLU D 736 -22.66 21.06 12.17
CA GLU D 736 -23.99 20.80 12.70
C GLU D 736 -24.45 19.36 12.48
N MET D 737 -23.56 18.46 12.06
CA MET D 737 -23.93 17.05 12.18
C MET D 737 -23.47 16.45 13.51
N PHE D 738 -22.52 17.09 14.19
CA PHE D 738 -22.15 16.69 15.54
C PHE D 738 -23.08 17.26 16.60
N ALA D 739 -23.89 18.27 16.25
CA ALA D 739 -24.72 18.94 17.23
C ALA D 739 -25.90 18.10 17.69
N GLN D 740 -26.61 17.46 16.76
CA GLN D 740 -27.80 16.71 17.12
C GLN D 740 -27.45 15.30 17.59
N THR D 741 -26.38 14.72 17.04
CA THR D 741 -25.92 13.38 17.40
C THR D 741 -24.52 13.51 17.99
N LEU D 742 -24.45 13.68 19.31
CA LEU D 742 -23.18 13.78 20.00
C LEU D 742 -23.04 12.80 21.16
N GLN D 743 -24.14 12.40 21.79
CA GLN D 743 -24.06 11.45 22.89
C GLN D 743 -23.62 10.07 22.43
N GLN D 744 -23.71 9.79 21.13
CA GLN D 744 -23.25 8.51 20.60
C GLN D 744 -21.74 8.38 20.63
N SER D 745 -21.01 9.50 20.58
CA SER D 745 -19.55 9.46 20.60
C SER D 745 -18.98 9.24 21.99
N ARG D 746 -19.80 9.32 23.03
CA ARG D 746 -19.32 9.13 24.39
C ARG D 746 -19.13 7.65 24.66
N GLY D 747 -17.90 7.27 25.04
CA GLY D 747 -17.55 5.90 25.31
C GLY D 747 -16.96 5.14 24.15
N PHE D 748 -17.11 5.66 22.93
CA PHE D 748 -16.57 5.02 21.74
C PHE D 748 -16.20 6.05 20.67
N ASN E 1 -9.96 -16.79 94.06
CA ASN E 1 -9.11 -15.70 93.64
C ASN E 1 -9.87 -14.37 93.71
N ARG E 2 -10.94 -14.35 94.51
CA ARG E 2 -11.79 -13.18 94.69
C ARG E 2 -12.26 -12.66 93.33
N PRO E 3 -13.19 -13.35 92.68
CA PRO E 3 -13.61 -12.92 91.33
C PRO E 3 -14.36 -11.60 91.34
N ASN E 4 -13.66 -10.52 91.65
CA ASN E 4 -14.24 -9.18 91.62
C ASN E 4 -13.33 -8.18 90.91
N ARG E 5 -12.11 -8.57 90.55
CA ARG E 5 -11.18 -7.67 89.87
C ARG E 5 -11.62 -7.48 88.43
N LEU E 6 -11.60 -6.24 87.97
CA LEU E 6 -11.97 -5.88 86.61
C LEU E 6 -10.85 -5.12 85.94
N ILE E 7 -10.69 -5.32 84.64
CA ILE E 7 -9.65 -4.64 83.87
C ILE E 7 -10.18 -3.28 83.43
N VAL E 8 -9.33 -2.27 83.58
CA VAL E 8 -9.70 -0.89 83.24
C VAL E 8 -9.68 -0.71 81.74
N ASP E 9 -10.72 -0.07 81.21
CA ASP E 9 -10.80 0.25 79.79
C ASP E 9 -11.56 1.56 79.62
N GLU E 10 -11.26 2.26 78.52
CA GLU E 10 -11.91 3.53 78.26
C GLU E 10 -13.38 3.33 77.91
N ALA E 11 -14.19 4.33 78.25
CA ALA E 11 -15.62 4.30 77.99
C ALA E 11 -15.94 4.97 76.66
N ILE E 12 -17.07 4.57 76.08
CA ILE E 12 -17.51 5.10 74.79
C ILE E 12 -18.57 6.18 74.93
N ASN E 13 -19.18 6.32 76.11
CA ASN E 13 -20.22 7.32 76.31
C ASN E 13 -19.60 8.70 76.49
N GLU E 14 -20.14 9.68 75.77
CA GLU E 14 -19.65 11.05 75.82
C GLU E 14 -20.47 11.85 76.82
N ASP E 15 -20.23 11.58 78.11
CA ASP E 15 -20.99 12.21 79.16
C ASP E 15 -20.18 12.36 80.45
N ASN E 16 -20.88 12.61 81.55
CA ASN E 16 -20.25 12.76 82.86
C ASN E 16 -19.94 11.37 83.43
N SER E 17 -19.69 11.30 84.74
CA SER E 17 -19.19 10.07 85.37
C SER E 17 -20.30 9.02 85.35
N VAL E 18 -20.26 8.19 84.31
CA VAL E 18 -21.14 7.03 84.18
C VAL E 18 -20.30 5.86 83.72
N VAL E 19 -20.35 4.75 84.45
CA VAL E 19 -19.57 3.55 84.14
C VAL E 19 -20.52 2.47 83.65
N SER E 20 -20.20 1.88 82.51
CA SER E 20 -21.02 0.83 81.90
C SER E 20 -20.44 -0.54 82.23
N LEU E 21 -21.33 -1.52 82.37
CA LEU E 21 -20.92 -2.90 82.64
C LEU E 21 -21.68 -3.88 81.76
N SER E 22 -21.58 -5.17 82.07
CA SER E 22 -22.23 -6.20 81.28
C SER E 22 -23.39 -6.79 82.08
N GLN E 23 -24.04 -7.81 81.50
CA GLN E 23 -25.23 -8.42 82.10
C GLN E 23 -24.91 -9.44 83.20
N PRO E 24 -23.96 -10.38 83.00
CA PRO E 24 -23.66 -11.31 84.11
C PRO E 24 -23.16 -10.62 85.36
N LYS E 25 -22.35 -9.57 85.22
CA LYS E 25 -21.89 -8.79 86.36
C LYS E 25 -23.04 -8.07 87.05
N MET E 26 -24.13 -7.80 86.32
CA MET E 26 -25.31 -7.18 86.89
C MET E 26 -25.92 -8.04 87.98
N ASP E 27 -26.14 -9.33 87.70
CA ASP E 27 -26.72 -10.25 88.66
C ASP E 27 -25.69 -10.88 89.59
N GLU E 28 -24.40 -10.82 89.26
CA GLU E 28 -23.39 -11.39 90.13
C GLU E 28 -23.26 -10.60 91.44
N LEU E 29 -23.39 -9.27 91.37
CA LEU E 29 -23.22 -8.41 92.53
C LEU E 29 -24.54 -7.87 93.06
N GLN E 30 -25.65 -8.52 92.71
CA GLN E 30 -27.00 -8.21 93.16
C GLN E 30 -27.28 -6.70 93.27
N LEU E 31 -26.93 -5.95 92.24
CA LEU E 31 -27.17 -4.52 92.20
C LEU E 31 -28.20 -4.18 91.15
N PHE E 32 -29.02 -3.16 91.43
CA PHE E 32 -30.13 -2.80 90.59
C PHE E 32 -29.69 -1.80 89.52
N ARG E 33 -30.65 -1.33 88.71
CA ARG E 33 -30.35 -0.42 87.62
C ARG E 33 -29.84 0.93 88.13
N GLY E 34 -30.63 1.62 88.93
CA GLY E 34 -30.19 2.85 89.54
C GLY E 34 -29.88 2.67 91.01
N ASP E 35 -28.60 2.60 91.35
CA ASP E 35 -28.13 2.41 92.71
C ASP E 35 -26.79 3.09 92.89
N THR E 36 -26.45 3.34 94.15
CA THR E 36 -25.18 3.95 94.51
C THR E 36 -24.12 2.87 94.64
N VAL E 37 -23.12 2.91 93.77
CA VAL E 37 -22.05 1.91 93.76
C VAL E 37 -20.81 2.52 94.39
N LEU E 38 -19.95 1.65 94.92
CA LEU E 38 -18.73 2.06 95.62
C LEU E 38 -17.52 1.56 94.86
N LEU E 39 -16.56 2.45 94.64
CA LEU E 39 -15.32 2.12 93.94
C LEU E 39 -14.14 2.35 94.88
N LYS E 40 -13.22 1.39 94.91
CA LYS E 40 -12.02 1.47 95.73
C LYS E 40 -10.79 1.39 94.84
N GLY E 41 -9.81 2.24 95.14
CA GLY E 41 -8.57 2.25 94.38
C GLY E 41 -7.35 2.31 95.27
N LYS E 42 -6.22 2.75 94.72
CA LYS E 42 -4.99 2.85 95.48
C LYS E 42 -4.82 4.26 96.04
N LYS E 43 -3.73 4.47 96.79
CA LYS E 43 -3.43 5.71 97.50
C LYS E 43 -4.47 6.06 98.56
N ARG E 44 -5.36 5.13 98.91
CA ARG E 44 -6.37 5.32 99.96
C ARG E 44 -7.25 6.53 99.64
N ARG E 45 -8.00 6.40 98.55
CA ARG E 45 -8.94 7.43 98.13
C ARG E 45 -10.26 6.77 97.75
N GLU E 46 -11.35 7.51 97.90
CA GLU E 46 -12.70 7.02 97.66
C GLU E 46 -13.35 7.83 96.54
N ALA E 47 -13.98 7.13 95.61
CA ALA E 47 -14.68 7.76 94.50
C ALA E 47 -16.00 7.06 94.27
N VAL E 48 -17.01 7.81 93.84
CA VAL E 48 -18.33 7.27 93.61
C VAL E 48 -18.71 7.51 92.14
N CYS E 49 -19.59 6.67 91.63
CA CYS E 49 -20.08 6.78 90.27
C CYS E 49 -21.41 6.03 90.15
N ILE E 50 -21.88 5.85 88.92
CA ILE E 50 -23.15 5.20 88.65
C ILE E 50 -22.92 4.08 87.65
N VAL E 51 -23.46 2.90 87.93
CA VAL E 51 -23.33 1.74 87.05
C VAL E 51 -24.42 1.80 86.00
N LEU E 52 -24.02 1.66 84.74
CA LEU E 52 -24.95 1.64 83.62
C LEU E 52 -24.99 0.25 83.00
N SER E 53 -26.16 -0.17 82.54
CA SER E 53 -26.36 -1.51 82.00
C SER E 53 -26.19 -1.50 80.48
N ASP E 54 -25.51 -2.53 79.98
CA ASP E 54 -25.27 -2.66 78.55
C ASP E 54 -25.30 -4.13 78.17
N ASP E 55 -25.81 -4.42 76.98
CA ASP E 55 -25.87 -5.78 76.45
C ASP E 55 -25.04 -5.94 75.18
N THR E 56 -25.18 -5.03 74.23
CA THR E 56 -24.37 -5.04 73.01
C THR E 56 -22.98 -4.53 73.37
N CYS E 57 -22.12 -5.44 73.83
CA CYS E 57 -20.80 -5.05 74.35
C CYS E 57 -19.78 -6.16 74.14
N SER E 58 -18.65 -6.07 74.85
CA SER E 58 -17.64 -7.11 74.79
C SER E 58 -17.92 -8.19 75.85
N ASP E 59 -17.04 -9.17 75.96
CA ASP E 59 -17.29 -10.31 76.82
C ASP E 59 -17.18 -9.96 78.30
N GLU E 60 -16.03 -9.44 78.74
CA GLU E 60 -15.83 -9.16 80.15
C GLU E 60 -14.83 -8.03 80.35
N LYS E 61 -15.33 -6.82 80.58
CA LYS E 61 -14.49 -5.66 80.86
C LYS E 61 -15.37 -4.53 81.36
N ILE E 62 -14.75 -3.57 82.02
CA ILE E 62 -15.45 -2.41 82.54
C ILE E 62 -15.13 -1.21 81.66
N ARG E 63 -16.00 -0.21 81.70
CA ARG E 63 -15.89 0.99 80.86
C ARG E 63 -15.63 2.17 81.78
N MET E 64 -14.36 2.56 81.87
CA MET E 64 -13.87 3.47 82.90
C MET E 64 -13.63 4.84 82.26
N ASN E 65 -14.42 5.83 82.65
CA ASN E 65 -14.36 7.14 82.02
C ASN E 65 -13.21 7.97 82.58
N ARG E 66 -12.77 8.94 81.78
CA ARG E 66 -11.63 9.79 82.14
C ARG E 66 -11.95 10.80 83.24
N VAL E 67 -13.23 11.11 83.47
CA VAL E 67 -13.59 12.14 84.44
C VAL E 67 -13.21 11.68 85.85
N VAL E 68 -13.46 10.41 86.18
CA VAL E 68 -13.08 9.88 87.48
C VAL E 68 -11.82 9.02 87.43
N ARG E 69 -11.26 8.80 86.23
CA ARG E 69 -9.95 8.18 86.14
C ARG E 69 -8.90 9.03 86.84
N ASN E 70 -8.95 10.35 86.64
CA ASN E 70 -8.08 11.26 87.37
C ASN E 70 -8.47 11.37 88.84
N ASN E 71 -9.72 11.11 89.18
CA ASN E 71 -10.15 11.15 90.57
C ASN E 71 -9.56 9.99 91.36
N LEU E 72 -9.58 8.78 90.80
CA LEU E 72 -9.06 7.61 91.47
C LEU E 72 -7.61 7.31 91.12
N ARG E 73 -6.98 8.14 90.27
CA ARG E 73 -5.59 7.94 89.87
C ARG E 73 -5.36 6.57 89.27
N VAL E 74 -6.30 6.11 88.45
CA VAL E 74 -6.22 4.82 87.79
C VAL E 74 -6.15 5.06 86.29
N ARG E 75 -5.15 4.46 85.64
CA ARG E 75 -4.93 4.60 84.22
C ARG E 75 -5.34 3.32 83.50
N LEU E 76 -5.15 3.32 82.17
CA LEU E 76 -5.52 2.16 81.36
C LEU E 76 -4.54 1.02 81.62
N GLY E 77 -5.08 -0.18 81.79
CA GLY E 77 -4.28 -1.36 82.04
C GLY E 77 -4.10 -1.74 83.49
N ASP E 78 -4.68 -0.98 84.41
CA ASP E 78 -4.60 -1.27 85.83
C ASP E 78 -5.78 -2.15 86.25
N VAL E 79 -5.99 -2.32 87.55
CA VAL E 79 -7.09 -3.12 88.08
C VAL E 79 -8.00 -2.21 88.88
N ILE E 80 -9.30 -2.53 88.86
CA ILE E 80 -10.32 -1.76 89.57
C ILE E 80 -11.18 -2.73 90.37
N SER E 81 -11.47 -2.38 91.61
CA SER E 81 -12.32 -3.18 92.48
C SER E 81 -13.67 -2.49 92.65
N ILE E 82 -14.73 -3.25 92.46
CA ILE E 82 -16.09 -2.73 92.54
C ILE E 82 -16.88 -3.55 93.55
N GLN E 83 -17.79 -2.89 94.25
CA GLN E 83 -18.64 -3.54 95.24
C GLN E 83 -19.89 -2.69 95.45
N PRO E 84 -21.04 -3.31 95.67
CA PRO E 84 -22.26 -2.53 95.89
C PRO E 84 -22.24 -1.84 97.24
N CYS E 85 -23.02 -0.76 97.33
CA CYS E 85 -23.15 0.01 98.57
C CYS E 85 -24.57 0.55 98.66
N PRO E 86 -25.50 -0.27 99.15
CA PRO E 86 -26.90 0.17 99.26
C PRO E 86 -27.13 1.05 100.49
N ASP E 87 -26.56 2.25 100.44
CA ASP E 87 -26.67 3.22 101.52
C ASP E 87 -27.49 4.41 101.04
N VAL E 88 -28.51 4.76 101.82
CA VAL E 88 -29.39 5.87 101.47
C VAL E 88 -28.70 7.18 101.85
N LYS E 89 -28.48 8.04 100.86
CA LYS E 89 -27.83 9.32 101.06
C LYS E 89 -28.72 10.43 100.53
N TYR E 90 -28.66 11.58 101.20
CA TYR E 90 -29.44 12.75 100.82
C TYR E 90 -28.56 13.98 100.93
N GLY E 91 -28.60 14.83 99.90
CA GLY E 91 -27.77 16.03 99.87
C GLY E 91 -28.53 17.25 100.36
N LYS E 92 -27.88 18.02 101.25
CA LYS E 92 -28.48 19.24 101.77
C LYS E 92 -27.57 20.45 101.55
N ARG E 93 -26.26 20.27 101.73
CA ARG E 93 -25.32 21.37 101.67
C ARG E 93 -24.06 20.93 100.93
N ILE E 94 -23.70 21.67 99.88
CA ILE E 94 -22.49 21.42 99.12
C ILE E 94 -21.79 22.75 98.88
N HIS E 95 -20.47 22.78 99.07
CA HIS E 95 -19.67 23.98 98.88
C HIS E 95 -18.59 23.70 97.85
N VAL E 96 -18.51 24.55 96.82
CA VAL E 96 -17.52 24.43 95.77
C VAL E 96 -16.92 25.80 95.49
N LEU E 97 -15.62 25.80 95.16
CA LEU E 97 -14.90 27.03 94.84
C LEU E 97 -13.91 26.75 93.72
N PRO E 98 -13.82 27.61 92.72
CA PRO E 98 -12.87 27.40 91.62
C PRO E 98 -11.46 27.79 92.06
N ILE E 99 -10.52 27.62 91.13
CA ILE E 99 -9.11 27.93 91.34
C ILE E 99 -8.74 29.08 90.42
N ASP E 100 -7.91 30.00 90.94
CA ASP E 100 -7.57 31.22 90.22
C ASP E 100 -6.52 31.02 89.14
N ASP E 101 -6.28 29.78 88.73
CA ASP E 101 -5.31 29.49 87.68
C ASP E 101 -5.92 29.42 86.29
N THR E 102 -7.26 29.29 86.19
CA THR E 102 -7.90 29.17 84.89
C THR E 102 -9.20 29.97 84.80
N VAL E 103 -9.42 30.92 85.69
CA VAL E 103 -10.65 31.72 85.67
C VAL E 103 -10.39 33.12 85.09
N GLU E 104 -9.29 33.29 84.37
CA GLU E 104 -8.99 34.59 83.77
C GLU E 104 -9.94 34.89 82.63
N GLY E 105 -10.32 36.16 82.52
CA GLY E 105 -11.21 36.59 81.45
C GLY E 105 -12.67 36.24 81.65
N ILE E 106 -13.05 35.74 82.82
CA ILE E 106 -14.42 35.37 83.12
C ILE E 106 -14.93 36.26 84.25
N THR E 107 -16.03 36.96 84.00
CA THR E 107 -16.62 37.86 84.98
C THR E 107 -18.12 37.57 85.07
N GLY E 108 -18.78 38.24 86.01
CA GLY E 108 -20.21 38.05 86.21
C GLY E 108 -20.52 36.77 86.98
N ASN E 109 -21.81 36.48 87.06
CA ASN E 109 -22.28 35.29 87.77
C ASN E 109 -22.03 34.06 86.91
N LEU E 110 -21.37 33.06 87.50
CA LEU E 110 -21.05 31.82 86.81
C LEU E 110 -21.68 30.60 87.47
N PHE E 111 -22.59 30.79 88.42
CA PHE E 111 -23.24 29.68 89.11
C PHE E 111 -24.65 29.40 88.59
N GLU E 112 -25.31 30.36 87.97
CA GLU E 112 -26.66 30.18 87.47
C GLU E 112 -26.70 29.60 86.06
N VAL E 113 -25.56 29.53 85.37
CA VAL E 113 -25.52 29.02 84.02
C VAL E 113 -24.61 27.80 83.86
N TYR E 114 -23.59 27.64 84.70
CA TYR E 114 -22.71 26.49 84.63
C TYR E 114 -23.06 25.40 85.63
N LEU E 115 -23.86 25.70 86.65
CA LEU E 115 -24.21 24.72 87.67
C LEU E 115 -25.66 24.28 87.64
N LYS E 116 -26.55 25.08 87.06
CA LYS E 116 -27.97 24.72 87.03
C LYS E 116 -28.25 23.64 85.98
N PRO E 117 -27.87 23.80 84.71
CA PRO E 117 -28.12 22.73 83.74
C PRO E 117 -27.29 21.48 84.00
N TYR E 118 -26.16 21.60 84.68
CA TYR E 118 -25.30 20.46 84.96
C TYR E 118 -25.86 19.56 86.07
N PHE E 119 -26.70 20.09 86.95
CA PHE E 119 -27.20 19.33 88.08
C PHE E 119 -28.53 18.65 87.79
N LEU E 120 -29.40 19.27 87.00
CA LEU E 120 -30.71 18.70 86.72
C LEU E 120 -30.59 17.45 85.88
N GLU E 121 -31.46 16.48 86.17
CA GLU E 121 -31.52 15.20 85.45
C GLU E 121 -30.20 14.45 85.53
N ALA E 122 -29.48 14.67 86.63
CA ALA E 122 -28.21 14.00 86.85
C ALA E 122 -28.27 13.06 88.04
N TYR E 123 -28.61 13.60 89.22
CA TYR E 123 -28.62 12.84 90.47
C TYR E 123 -27.31 12.10 90.68
N ARG E 124 -26.19 12.77 90.39
CA ARG E 124 -24.89 12.15 90.52
C ARG E 124 -24.29 12.50 91.88
N PRO E 125 -23.98 11.52 92.72
CA PRO E 125 -23.40 11.83 94.03
C PRO E 125 -21.96 12.31 93.90
N ILE E 126 -21.49 12.96 94.96
CA ILE E 126 -20.14 13.51 95.00
C ILE E 126 -19.46 13.02 96.27
N ARG E 127 -18.13 13.04 96.26
CA ARG E 127 -17.31 12.62 97.37
C ARG E 127 -16.37 13.75 97.77
N LYS E 128 -15.57 13.50 98.80
CA LYS E 128 -14.57 14.47 99.22
C LYS E 128 -13.31 14.30 98.37
N GLY E 129 -12.94 15.34 97.64
CA GLY E 129 -11.78 15.31 96.79
C GLY E 129 -12.03 14.92 95.35
N ASP E 130 -13.29 14.85 94.93
CA ASP E 130 -13.59 14.49 93.54
C ASP E 130 -13.17 15.60 92.60
N ILE E 131 -12.61 15.20 91.45
CA ILE E 131 -12.20 16.14 90.42
C ILE E 131 -13.04 15.91 89.18
N PHE E 132 -14.14 16.67 89.04
CA PHE E 132 -15.05 16.53 87.92
C PHE E 132 -14.93 17.76 87.02
N LEU E 133 -14.99 17.53 85.71
CA LEU E 133 -14.84 18.58 84.71
C LEU E 133 -16.19 18.89 84.09
N VAL E 134 -16.55 20.18 84.07
CA VAL E 134 -17.79 20.63 83.46
C VAL E 134 -17.44 21.35 82.15
N ARG E 135 -18.46 21.56 81.33
CA ARG E 135 -18.29 22.18 80.03
C ARG E 135 -19.28 23.32 79.86
N GLY E 136 -18.87 24.34 79.10
CA GLY E 136 -19.69 25.50 78.88
C GLY E 136 -18.88 26.76 78.69
N GLY E 137 -19.35 27.66 77.81
CA GLY E 137 -18.65 28.91 77.57
C GLY E 137 -17.32 28.77 76.84
N MET E 138 -17.27 27.91 75.81
CA MET E 138 -16.09 27.79 74.96
C MET E 138 -14.85 27.34 75.73
N ARG E 139 -15.05 26.62 76.84
CA ARG E 139 -13.93 26.21 77.67
C ARG E 139 -14.42 25.18 78.68
N ALA E 140 -13.47 24.53 79.35
CA ALA E 140 -13.75 23.56 80.39
C ALA E 140 -12.99 23.93 81.65
N VAL E 141 -13.70 23.96 82.77
CA VAL E 141 -13.13 24.31 84.06
C VAL E 141 -13.51 23.24 85.07
N GLU E 142 -12.54 22.80 85.86
CA GLU E 142 -12.78 21.79 86.88
C GLU E 142 -12.98 22.44 88.25
N PHE E 143 -13.69 21.72 89.12
CA PHE E 143 -14.01 22.17 90.46
C PHE E 143 -13.28 21.31 91.48
N LYS E 144 -13.17 21.85 92.70
CA LYS E 144 -12.58 21.11 93.80
C LYS E 144 -13.22 21.58 95.10
N VAL E 145 -13.51 20.64 96.01
CA VAL E 145 -14.13 20.92 97.29
C VAL E 145 -13.06 20.90 98.37
N VAL E 146 -13.17 21.83 99.32
CA VAL E 146 -12.22 21.92 100.42
C VAL E 146 -12.92 21.64 101.74
N GLU E 147 -14.15 22.12 101.89
CA GLU E 147 -14.90 21.94 103.13
C GLU E 147 -16.39 21.89 102.79
N THR E 148 -17.07 20.85 103.26
CA THR E 148 -18.50 20.67 103.02
C THR E 148 -19.05 19.76 104.11
N ASP E 149 -20.26 19.25 103.88
CA ASP E 149 -20.85 18.30 104.82
C ASP E 149 -20.01 17.02 104.87
N PRO E 150 -20.02 16.32 106.00
CA PRO E 150 -19.19 15.10 106.13
C PRO E 150 -19.55 14.07 105.06
N SER E 151 -18.54 13.63 104.32
CA SER E 151 -18.75 12.67 103.26
C SER E 151 -19.15 11.31 103.85
N PRO E 152 -20.05 10.57 103.18
CA PRO E 152 -20.73 10.95 101.94
C PRO E 152 -21.99 11.80 102.16
N TYR E 153 -23.17 11.16 102.04
CA TYR E 153 -24.45 11.82 102.28
C TYR E 153 -24.61 13.05 101.39
N CYS E 154 -24.29 12.88 100.10
CA CYS E 154 -24.35 13.96 99.12
C CYS E 154 -25.08 13.46 97.89
N ILE E 155 -26.26 14.01 97.64
CA ILE E 155 -27.07 13.68 96.46
C ILE E 155 -27.61 14.97 95.87
N VAL E 156 -27.53 15.09 94.55
CA VAL E 156 -28.01 16.28 93.86
C VAL E 156 -29.53 16.33 93.95
N ALA E 157 -30.05 17.36 94.61
CA ALA E 157 -31.48 17.56 94.76
C ALA E 157 -31.80 19.05 94.66
N PRO E 158 -32.99 19.41 94.18
CA PRO E 158 -33.33 20.83 94.05
C PRO E 158 -33.39 21.59 95.35
N ASP E 159 -33.53 20.92 96.49
CA ASP E 159 -33.66 21.59 97.78
C ASP E 159 -32.32 22.03 98.37
N THR E 160 -31.25 22.00 97.58
CA THR E 160 -29.92 22.39 98.05
C THR E 160 -29.65 23.83 97.63
N VAL E 161 -29.38 24.69 98.61
CA VAL E 161 -29.09 26.09 98.35
C VAL E 161 -27.59 26.27 98.15
N ILE E 162 -27.19 27.36 97.51
CA ILE E 162 -25.79 27.66 97.27
C ILE E 162 -25.55 29.14 97.55
N HIS E 163 -24.29 29.48 97.83
CA HIS E 163 -23.91 30.86 98.09
C HIS E 163 -22.42 31.02 97.85
N CYS E 164 -22.05 32.01 97.04
CA CYS E 164 -20.66 32.26 96.71
C CYS E 164 -20.02 33.22 97.70
N GLU E 165 -18.70 33.14 97.79
CA GLU E 165 -17.92 33.99 98.67
C GLU E 165 -17.07 35.00 97.92
N GLY E 166 -16.35 34.56 96.90
CA GLY E 166 -15.53 35.46 96.11
C GLY E 166 -14.06 35.41 96.49
N GLU E 167 -13.56 34.22 96.79
CA GLU E 167 -12.15 34.04 97.17
C GLU E 167 -11.72 32.64 96.75
N PRO E 168 -11.01 32.51 95.63
CA PRO E 168 -10.55 31.18 95.20
C PRO E 168 -9.40 30.69 96.06
N ILE E 169 -9.15 29.39 95.95
CA ILE E 169 -8.08 28.74 96.72
C ILE E 169 -6.99 28.29 95.75
N LYS E 170 -5.78 28.20 96.28
CA LYS E 170 -4.63 27.80 95.47
C LYS E 170 -4.65 26.29 95.24
N ARG E 171 -4.36 25.89 94.01
CA ARG E 171 -4.33 24.48 93.64
C ARG E 171 -3.04 23.84 94.18
N GLU E 172 -3.18 22.65 94.77
CA GLU E 172 -2.05 21.91 95.28
C GLU E 172 -1.50 20.98 94.21
N ASP E 173 -0.53 20.16 94.59
CA ASP E 173 0.12 19.22 93.68
C ASP E 173 -0.46 17.81 93.77
N GLU E 174 -1.57 17.64 94.50
CA GLU E 174 -2.18 16.34 94.65
C GLU E 174 -2.91 15.87 93.40
N GLU E 175 -3.47 16.80 92.62
CA GLU E 175 -4.20 16.47 91.42
C GLU E 175 -3.59 17.20 90.22
N GLU E 176 -3.96 16.74 89.03
CA GLU E 176 -3.48 17.30 87.79
C GLU E 176 -4.65 17.82 86.96
N SER E 177 -4.35 18.79 86.09
CA SER E 177 -5.36 19.38 85.23
C SER E 177 -5.80 18.39 84.16
N LEU E 178 -7.06 18.50 83.75
CA LEU E 178 -7.64 17.64 82.73
C LEU E 178 -7.53 18.25 81.33
N ASN E 179 -6.89 19.40 81.20
CA ASN E 179 -6.77 20.06 79.90
C ASN E 179 -5.80 19.35 78.96
N GLU E 180 -5.00 18.41 79.48
CA GLU E 180 -4.08 17.67 78.63
C GLU E 180 -4.83 16.65 77.79
N VAL E 181 -4.14 16.12 76.79
CA VAL E 181 -4.73 15.13 75.90
C VAL E 181 -4.90 13.81 76.65
N GLY E 182 -6.05 13.16 76.45
CA GLY E 182 -6.30 11.86 77.02
C GLY E 182 -6.63 10.84 75.95
N TYR E 183 -7.01 9.63 76.37
CA TYR E 183 -7.35 8.59 75.42
C TYR E 183 -8.66 8.85 74.70
N ASP E 184 -9.49 9.75 75.22
CA ASP E 184 -10.79 10.07 74.64
C ASP E 184 -10.76 11.32 73.78
N ASP E 185 -9.57 11.88 73.52
CA ASP E 185 -9.44 13.10 72.73
C ASP E 185 -9.05 12.81 71.28
N ILE E 186 -9.08 11.55 70.86
CA ILE E 186 -8.70 11.16 69.51
C ILE E 186 -9.88 10.43 68.89
N GLY E 187 -10.27 10.84 67.68
CA GLY E 187 -11.34 10.21 66.97
C GLY E 187 -11.04 10.12 65.48
N GLY E 188 -11.71 9.18 64.82
CA GLY E 188 -11.54 9.00 63.40
C GLY E 188 -10.75 7.76 63.05
N CYS E 189 -9.69 7.50 63.81
CA CYS E 189 -8.87 6.30 63.61
C CYS E 189 -9.21 5.32 64.73
N ARG E 190 -10.06 4.35 64.41
CA ARG E 190 -10.51 3.37 65.40
C ARG E 190 -9.76 2.04 65.30
N LYS E 191 -9.61 1.49 64.10
CA LYS E 191 -8.84 0.26 63.95
C LYS E 191 -7.36 0.49 64.27
N GLN E 192 -6.81 1.63 63.87
CA GLN E 192 -5.39 1.89 64.09
C GLN E 192 -5.08 2.06 65.57
N LEU E 193 -6.05 2.51 66.36
CA LEU E 193 -5.78 2.75 67.78
C LEU E 193 -5.74 1.46 68.60
N ALA E 194 -6.62 0.49 68.31
CA ALA E 194 -6.72 -0.67 69.19
C ALA E 194 -5.47 -1.53 69.12
N GLN E 195 -4.87 -1.65 67.93
CA GLN E 195 -3.66 -2.44 67.76
C GLN E 195 -2.43 -1.73 68.33
N ILE E 196 -2.47 -0.40 68.49
CA ILE E 196 -1.49 0.24 69.36
C ILE E 196 -1.77 -0.07 70.82
N LYS E 197 -3.05 -0.11 71.19
CA LYS E 197 -3.45 -0.52 72.53
C LYS E 197 -3.01 -1.95 72.82
N GLU E 198 -2.71 -2.73 71.77
CA GLU E 198 -2.26 -4.11 71.90
C GLU E 198 -0.76 -4.24 72.05
N MET E 199 0.02 -3.21 71.67
CA MET E 199 1.47 -3.30 71.69
C MET E 199 2.12 -2.27 72.59
N VAL E 200 1.37 -1.38 73.22
CA VAL E 200 2.01 -0.39 74.08
C VAL E 200 1.76 -0.68 75.56
N GLU E 201 0.49 -0.76 75.97
CA GLU E 201 0.20 -0.93 77.38
C GLU E 201 0.43 -2.35 77.87
N LEU E 202 0.45 -3.34 76.98
CA LEU E 202 0.70 -4.70 77.42
C LEU E 202 2.14 -4.86 77.91
N PRO E 203 3.16 -4.42 77.16
CA PRO E 203 4.54 -4.54 77.65
C PRO E 203 4.98 -3.43 78.60
N LEU E 204 4.07 -2.58 79.05
CA LEU E 204 4.41 -1.52 79.99
C LEU E 204 3.78 -1.72 81.37
N ARG E 205 2.51 -2.10 81.43
CA ARG E 205 1.85 -2.28 82.72
C ARG E 205 2.34 -3.52 83.45
N HIS E 206 3.06 -4.41 82.78
CA HIS E 206 3.56 -5.65 83.37
C HIS E 206 5.05 -5.75 83.07
N PRO E 207 5.89 -4.99 83.76
CA PRO E 207 7.34 -5.05 83.47
C PRO E 207 7.98 -6.36 83.87
N ALA E 208 7.67 -6.86 85.07
CA ALA E 208 8.29 -8.10 85.55
C ALA E 208 7.72 -9.33 84.85
N LEU E 209 6.52 -9.23 84.26
CA LEU E 209 5.96 -10.36 83.53
C LEU E 209 6.81 -10.71 82.32
N PHE E 210 7.30 -9.69 81.60
CA PHE E 210 8.14 -9.93 80.43
C PHE E 210 9.54 -10.40 80.80
N LYS E 211 10.00 -10.11 82.02
CA LYS E 211 11.34 -10.53 82.42
C LYS E 211 11.44 -12.04 82.59
N ALA E 212 10.35 -12.70 82.98
CA ALA E 212 10.36 -14.15 83.15
C ALA E 212 10.08 -14.90 81.85
N ILE E 213 9.18 -14.36 81.02
CA ILE E 213 8.83 -15.02 79.77
C ILE E 213 9.87 -14.69 78.71
N GLY E 214 9.91 -15.48 77.64
CA GLY E 214 10.85 -15.29 76.56
C GLY E 214 10.36 -14.43 75.41
N VAL E 215 9.21 -13.78 75.55
CA VAL E 215 8.66 -12.96 74.48
C VAL E 215 9.39 -11.63 74.47
N LYS E 216 9.95 -11.27 73.32
CA LYS E 216 10.69 -10.02 73.20
C LYS E 216 9.72 -8.85 73.07
N PRO E 217 9.77 -7.87 73.97
CA PRO E 217 8.81 -6.77 73.91
C PRO E 217 9.10 -5.87 72.73
N PRO E 218 8.14 -5.03 72.33
CA PRO E 218 8.40 -4.06 71.27
C PRO E 218 9.49 -3.06 71.65
N ARG E 219 10.23 -2.63 70.63
CA ARG E 219 11.19 -1.54 70.79
C ARG E 219 10.88 -0.36 69.90
N GLY E 220 10.78 -0.55 68.58
CA GLY E 220 10.57 0.55 67.66
C GLY E 220 9.22 0.43 66.96
N ILE E 221 8.50 1.56 66.92
CA ILE E 221 7.20 1.66 66.26
C ILE E 221 7.26 2.84 65.31
N LEU E 222 6.98 2.60 64.03
CA LEU E 222 7.01 3.64 63.02
C LEU E 222 5.60 4.04 62.63
N LEU E 223 5.35 5.34 62.57
CA LEU E 223 4.04 5.89 62.25
C LEU E 223 4.01 6.36 60.80
N TYR E 224 2.80 6.45 60.26
CA TYR E 224 2.58 6.90 58.90
C TYR E 224 1.39 7.85 58.88
N GLY E 225 1.00 8.25 57.68
CA GLY E 225 -0.14 9.13 57.50
C GLY E 225 0.26 10.48 56.94
N PRO E 226 -0.66 11.12 56.22
CA PRO E 226 -0.40 12.46 55.70
C PRO E 226 -0.30 13.46 56.85
N PRO E 227 0.38 14.58 56.64
CA PRO E 227 0.54 15.57 57.71
C PRO E 227 -0.81 16.05 58.24
N GLY E 228 -0.89 16.21 59.56
CA GLY E 228 -2.13 16.59 60.21
C GLY E 228 -3.02 15.43 60.59
N THR E 229 -2.56 14.18 60.40
CA THR E 229 -3.40 13.03 60.74
C THR E 229 -3.54 12.88 62.24
N GLY E 230 -2.51 13.27 63.00
CA GLY E 230 -2.53 13.12 64.44
C GLY E 230 -1.38 12.30 64.97
N LYS E 231 -0.27 12.28 64.23
CA LYS E 231 0.90 11.50 64.63
C LYS E 231 1.47 11.94 65.97
N THR E 232 1.26 13.20 66.37
CA THR E 232 1.71 13.70 67.65
C THR E 232 0.68 13.56 68.74
N LEU E 233 -0.60 13.78 68.43
CA LEU E 233 -1.64 13.76 69.44
C LEU E 233 -1.77 12.39 70.08
N ILE E 234 -1.83 11.33 69.27
CA ILE E 234 -1.97 9.99 69.80
C ILE E 234 -0.74 9.56 70.57
N ALA E 235 0.45 9.95 70.10
CA ALA E 235 1.67 9.62 70.83
C ALA E 235 1.69 10.29 72.19
N ARG E 236 1.32 11.57 72.25
CA ARG E 236 1.27 12.26 73.54
C ARG E 236 0.24 11.64 74.46
N ALA E 237 -0.92 11.25 73.93
CA ALA E 237 -1.94 10.62 74.77
C ALA E 237 -1.44 9.30 75.34
N VAL E 238 -0.89 8.42 74.49
CA VAL E 238 -0.44 7.11 74.94
C VAL E 238 0.83 7.19 75.77
N ALA E 239 1.55 8.31 75.73
CA ALA E 239 2.70 8.51 76.60
C ALA E 239 2.35 9.17 77.92
N ASN E 240 1.26 9.94 77.97
CA ASN E 240 0.90 10.64 79.20
C ASN E 240 -0.15 9.90 80.02
N GLU E 241 -0.91 9.00 79.41
CA GLU E 241 -1.96 8.29 80.13
C GLU E 241 -1.52 6.89 80.58
N THR E 242 -0.22 6.66 80.71
CA THR E 242 0.29 5.38 81.19
C THR E 242 1.11 5.50 82.46
N GLY E 243 1.52 6.70 82.87
CA GLY E 243 2.30 6.90 84.06
C GLY E 243 3.79 6.78 83.87
N ALA E 244 4.25 6.24 82.75
CA ALA E 244 5.66 6.14 82.47
C ALA E 244 6.22 7.48 81.99
N PHE E 245 7.53 7.63 82.10
CA PHE E 245 8.18 8.87 81.67
C PHE E 245 8.12 8.99 80.15
N PHE E 246 7.96 10.23 79.69
CA PHE E 246 7.90 10.53 78.27
C PHE E 246 8.84 11.70 77.98
N PHE E 247 9.68 11.56 76.96
CA PHE E 247 10.63 12.59 76.57
C PHE E 247 10.41 12.92 75.11
N LEU E 248 10.44 14.21 74.78
CA LEU E 248 10.06 14.68 73.46
C LEU E 248 11.25 15.36 72.77
N ILE E 249 11.53 14.92 71.55
CA ILE E 249 12.52 15.54 70.66
C ILE E 249 11.98 15.41 69.24
N ASN E 250 11.67 16.52 68.58
CA ASN E 250 10.90 16.32 67.37
C ASN E 250 11.76 15.95 66.18
N GLY E 251 12.32 16.94 65.47
CA GLY E 251 13.50 16.77 64.68
C GLY E 251 14.47 17.93 64.58
N PRO E 252 13.96 19.17 64.51
CA PRO E 252 14.83 20.27 64.05
C PRO E 252 15.75 20.82 65.11
N GLU E 253 15.39 20.73 66.39
CA GLU E 253 16.28 21.19 67.44
C GLU E 253 17.61 20.45 67.42
N ILE E 254 17.65 19.26 66.84
CA ILE E 254 18.91 18.55 66.69
C ILE E 254 19.81 19.24 65.67
N MET E 255 19.26 19.62 64.52
CA MET E 255 20.04 20.25 63.47
C MET E 255 20.17 21.75 63.63
N SER E 256 19.46 22.34 64.59
CA SER E 256 19.53 23.78 64.78
C SER E 256 20.76 24.22 65.54
N LYS E 257 21.29 23.38 66.43
CA LYS E 257 22.43 23.75 67.24
C LYS E 257 23.73 23.57 66.46
N LEU E 258 24.84 23.95 67.08
CA LEU E 258 26.14 23.85 66.45
C LEU E 258 26.57 22.39 66.32
N ALA E 259 27.54 22.15 65.45
CA ALA E 259 28.03 20.79 65.23
C ALA E 259 28.86 20.33 66.42
N GLY E 260 28.62 19.10 66.85
CA GLY E 260 29.38 18.52 67.95
C GLY E 260 28.54 18.22 69.17
N GLU E 261 27.63 19.13 69.53
CA GLU E 261 26.76 18.92 70.67
C GLU E 261 25.41 18.33 70.29
N SER E 262 25.05 18.36 69.00
CA SER E 262 23.80 17.76 68.57
C SER E 262 23.79 16.26 68.85
N GLU E 263 24.90 15.58 68.54
CA GLU E 263 24.99 14.16 68.85
C GLU E 263 25.00 13.90 70.35
N SER E 264 25.66 14.78 71.12
CA SER E 264 25.69 14.61 72.57
C SER E 264 24.31 14.75 73.17
N ASN E 265 23.49 15.67 72.66
CA ASN E 265 22.13 15.82 73.17
C ASN E 265 21.32 14.55 72.94
N LEU E 266 21.40 13.99 71.73
CA LEU E 266 20.69 12.75 71.44
C LEU E 266 21.21 11.60 72.29
N ARG E 267 22.53 11.52 72.50
CA ARG E 267 23.09 10.45 73.31
C ARG E 267 22.62 10.55 74.76
N LYS E 268 22.58 11.76 75.32
CA LYS E 268 22.13 11.92 76.69
C LYS E 268 20.62 11.73 76.82
N ALA E 269 19.85 12.03 75.77
CA ALA E 269 18.42 11.81 75.81
C ALA E 269 18.06 10.33 75.91
N PHE E 270 18.97 9.44 75.55
CA PHE E 270 18.74 8.01 75.70
C PHE E 270 19.16 7.49 77.06
N GLU E 271 20.27 7.98 77.60
CA GLU E 271 20.70 7.52 78.92
C GLU E 271 19.84 8.10 80.03
N GLU E 272 19.22 9.26 79.81
CA GLU E 272 18.32 9.80 80.83
C GLU E 272 17.06 8.95 80.95
N ALA E 273 16.67 8.26 79.89
CA ALA E 273 15.49 7.40 79.93
C ALA E 273 15.76 6.05 80.57
N GLU E 274 17.02 5.60 80.57
CA GLU E 274 17.34 4.29 81.13
C GLU E 274 17.17 4.27 82.65
N LYS E 275 17.67 5.29 83.34
CA LYS E 275 17.65 5.28 84.80
C LYS E 275 16.23 5.31 85.34
N ASN E 276 15.35 6.11 84.75
CA ASN E 276 13.97 6.24 85.22
C ASN E 276 13.02 5.29 84.47
N ALA E 277 13.38 4.01 84.46
CA ALA E 277 12.53 3.02 83.82
C ALA E 277 11.28 2.77 84.67
N PRO E 278 10.13 2.51 84.03
CA PRO E 278 9.94 2.47 82.58
C PRO E 278 9.83 3.87 81.98
N ALA E 279 10.27 4.01 80.72
CA ALA E 279 10.22 5.27 80.02
C ALA E 279 9.83 5.01 78.57
N ILE E 280 9.58 6.08 77.83
CA ILE E 280 9.21 5.99 76.42
C ILE E 280 9.86 7.15 75.68
N ILE E 281 10.15 6.92 74.40
CA ILE E 281 10.80 7.91 73.54
C ILE E 281 9.95 8.09 72.29
N PHE E 282 9.68 9.34 71.92
CA PHE E 282 8.87 9.64 70.75
C PHE E 282 9.58 10.68 69.90
N ILE E 283 9.59 10.47 68.59
CA ILE E 283 10.20 11.37 67.63
C ILE E 283 9.12 11.88 66.70
N ASP E 284 9.01 13.20 66.58
CA ASP E 284 7.88 13.79 65.86
C ASP E 284 8.04 13.61 64.35
N GLU E 285 9.07 14.21 63.75
CA GLU E 285 9.31 14.01 62.34
C GLU E 285 10.64 13.29 62.19
N LEU E 286 10.72 12.37 61.24
CA LEU E 286 11.91 11.58 60.99
C LEU E 286 12.42 11.72 59.57
N ASP E 287 11.57 12.18 58.64
CA ASP E 287 11.99 12.30 57.25
C ASP E 287 13.13 13.29 57.08
N ALA E 288 13.22 14.29 57.96
CA ALA E 288 14.27 15.30 57.89
C ALA E 288 15.43 14.99 58.82
N ILE E 289 15.44 13.80 59.44
CA ILE E 289 16.50 13.40 60.34
C ILE E 289 17.50 12.47 59.64
N ALA E 290 17.00 11.49 58.89
CA ALA E 290 17.83 10.47 58.25
C ALA E 290 17.49 10.41 56.76
N PRO E 291 17.97 11.37 55.96
CA PRO E 291 17.76 11.31 54.52
C PRO E 291 18.87 10.57 53.78
N LYS E 292 19.14 9.33 54.19
CA LYS E 292 20.21 8.53 53.59
C LYS E 292 19.71 7.93 52.29
N ARG E 293 19.60 8.79 51.28
CA ARG E 293 19.11 8.46 49.95
C ARG E 293 19.85 9.32 48.95
N GLU E 294 19.28 9.51 47.75
CA GLU E 294 19.95 10.25 46.69
C GLU E 294 20.43 11.64 47.11
N LYS E 295 20.07 12.09 48.30
CA LYS E 295 20.52 13.39 48.78
C LYS E 295 21.98 13.34 49.23
N THR E 296 22.25 12.62 50.32
CA THR E 296 23.60 12.43 50.87
C THR E 296 24.45 13.69 50.79
N HIS E 297 23.90 14.80 51.28
CA HIS E 297 24.63 16.05 51.39
C HIS E 297 24.94 16.33 52.86
N GLY E 298 26.11 16.91 53.11
CA GLY E 298 26.49 17.29 54.46
C GLY E 298 27.14 16.17 55.24
N GLU E 299 28.25 16.49 55.92
CA GLU E 299 28.96 15.48 56.69
C GLU E 299 28.31 15.24 58.05
N VAL E 300 27.87 16.30 58.72
CA VAL E 300 27.40 16.16 60.09
C VAL E 300 26.02 15.51 60.19
N GLU E 301 25.26 15.48 59.09
CA GLU E 301 23.89 15.02 59.18
C GLU E 301 23.78 13.51 59.06
N ARG E 302 24.69 12.87 58.32
CA ARG E 302 24.77 11.42 58.40
C ARG E 302 25.43 10.96 59.70
N ARG E 303 26.15 11.86 60.38
CA ARG E 303 26.70 11.55 61.69
C ARG E 303 25.59 11.23 62.69
N ILE E 304 24.51 12.03 62.71
CA ILE E 304 23.44 11.77 63.66
C ILE E 304 22.66 10.53 63.25
N VAL E 305 22.60 10.24 61.95
CA VAL E 305 21.97 9.00 61.50
C VAL E 305 22.74 7.81 62.03
N SER E 306 24.07 7.82 61.91
CA SER E 306 24.87 6.76 62.48
C SER E 306 24.76 6.71 63.99
N GLN E 307 24.65 7.88 64.64
CA GLN E 307 24.50 7.91 66.10
C GLN E 307 23.20 7.25 66.53
N LEU E 308 22.10 7.55 65.86
CA LEU E 308 20.82 6.95 66.22
C LEU E 308 20.81 5.46 65.92
N LEU E 309 21.43 5.07 64.80
CA LEU E 309 21.57 3.65 64.50
C LEU E 309 22.38 2.93 65.57
N THR E 310 23.44 3.56 66.06
CA THR E 310 24.22 2.97 67.15
C THR E 310 23.39 2.88 68.42
N LEU E 311 22.64 3.93 68.75
CA LEU E 311 21.87 3.96 69.99
C LEU E 311 20.67 3.02 69.97
N MET E 312 20.19 2.63 68.79
CA MET E 312 19.13 1.63 68.71
C MET E 312 19.65 0.22 68.50
N ASP E 313 20.79 0.05 67.83
CA ASP E 313 21.33 -1.28 67.58
C ASP E 313 21.75 -1.95 68.88
N GLY E 314 22.31 -1.18 69.81
CA GLY E 314 22.76 -1.70 71.09
C GLY E 314 21.69 -1.88 72.13
N LEU E 315 20.43 -1.58 71.81
CA LEU E 315 19.35 -1.70 72.78
C LEU E 315 19.00 -3.17 73.02
N LYS E 316 19.66 -3.79 74.01
CA LYS E 316 19.26 -5.11 74.45
C LYS E 316 18.06 -4.97 75.37
N GLN E 317 17.64 -6.05 76.04
CA GLN E 317 16.47 -5.99 76.90
C GLN E 317 16.68 -4.99 78.03
N ARG E 318 17.55 -5.32 78.98
CA ARG E 318 17.84 -4.47 80.12
C ARG E 318 16.56 -3.94 80.78
N ALA E 319 16.17 -2.72 80.43
CA ALA E 319 14.99 -2.05 80.96
C ALA E 319 13.81 -2.24 80.00
N HIS E 320 12.73 -1.49 80.23
CA HIS E 320 11.56 -1.53 79.36
C HIS E 320 11.40 -0.14 78.72
N VAL E 321 12.04 0.03 77.55
CA VAL E 321 12.01 1.30 76.83
C VAL E 321 11.55 1.03 75.40
N ILE E 322 10.76 1.97 74.87
CA ILE E 322 10.25 1.90 73.51
C ILE E 322 10.46 3.24 72.83
N VAL E 323 11.04 3.22 71.64
CA VAL E 323 11.20 4.42 70.81
C VAL E 323 10.14 4.39 69.73
N MET E 324 9.58 5.56 69.42
CA MET E 324 8.58 5.70 68.38
C MET E 324 8.91 6.90 67.51
N ALA E 325 8.63 6.78 66.22
CA ALA E 325 8.91 7.83 65.26
C ALA E 325 7.73 7.97 64.32
N ALA E 326 7.60 9.16 63.72
CA ALA E 326 6.52 9.45 62.80
C ALA E 326 7.09 10.12 61.55
N THR E 327 6.37 9.94 60.45
CA THR E 327 6.77 10.50 59.16
C THR E 327 5.52 10.79 58.35
N ASN E 328 5.72 11.29 57.13
CA ASN E 328 4.61 11.69 56.28
C ASN E 328 4.48 10.88 55.01
N ARG E 329 5.57 10.29 54.51
CA ARG E 329 5.53 9.52 53.28
C ARG E 329 6.42 8.29 53.44
N PRO E 330 6.12 7.21 52.71
CA PRO E 330 6.92 5.99 52.86
C PRO E 330 8.34 6.12 52.32
N ASN E 331 8.55 6.85 51.23
CA ASN E 331 9.87 6.97 50.62
C ASN E 331 10.66 8.12 51.24
N SER E 332 10.70 8.12 52.57
CA SER E 332 11.48 9.11 53.29
C SER E 332 12.23 8.55 54.48
N ILE E 333 12.22 7.24 54.71
CA ILE E 333 12.92 6.63 55.83
C ILE E 333 14.11 5.87 55.28
N ASP E 334 15.22 5.98 56.00
CA ASP E 334 16.43 5.25 55.65
C ASP E 334 16.12 3.75 55.65
N PRO E 335 16.40 3.04 54.55
CA PRO E 335 16.13 1.59 54.54
C PRO E 335 16.91 0.83 55.59
N ALA E 336 18.03 1.36 56.06
CA ALA E 336 18.79 0.71 57.12
C ALA E 336 18.04 0.72 58.45
N LEU E 337 17.06 1.60 58.62
CA LEU E 337 16.29 1.65 59.85
C LEU E 337 15.07 0.74 59.84
N ARG E 338 14.64 0.30 58.65
CA ARG E 338 13.47 -0.57 58.53
C ARG E 338 13.81 -2.05 58.69
N ARG E 339 15.02 -2.37 59.14
CA ARG E 339 15.43 -3.76 59.31
C ARG E 339 14.72 -4.36 60.52
N PHE E 340 14.88 -5.67 60.68
CA PHE E 340 14.30 -6.35 61.83
C PHE E 340 15.02 -5.93 63.10
N GLY E 341 14.24 -5.60 64.13
CA GLY E 341 14.77 -5.18 65.40
C GLY E 341 14.80 -3.68 65.61
N ARG E 342 14.69 -2.88 64.56
CA ARG E 342 14.63 -1.43 64.69
C ARG E 342 13.28 -0.88 64.28
N PHE E 343 12.83 -1.14 63.04
CA PHE E 343 11.49 -0.76 62.58
C PHE E 343 10.97 -1.89 61.70
N ASP E 344 10.30 -2.86 62.32
CA ASP E 344 9.73 -3.98 61.58
C ASP E 344 8.20 -3.98 61.62
N ARG E 345 7.60 -3.14 62.45
CA ARG E 345 6.16 -3.05 62.63
C ARG E 345 5.72 -1.63 62.28
N GLU E 346 4.81 -1.52 61.32
CA GLU E 346 4.38 -0.22 60.83
C GLU E 346 2.86 -0.18 60.80
N VAL E 347 2.31 1.02 61.03
CA VAL E 347 0.87 1.22 60.98
C VAL E 347 0.59 2.37 60.03
N ASP E 348 -0.41 2.18 59.17
CA ASP E 348 -0.81 3.19 58.19
C ASP E 348 -2.13 3.79 58.64
N ILE E 349 -2.14 5.10 58.86
CA ILE E 349 -3.33 5.83 59.27
C ILE E 349 -3.74 6.71 58.11
N GLY E 350 -4.87 6.40 57.49
CA GLY E 350 -5.35 7.12 56.34
C GLY E 350 -6.32 8.22 56.70
N ILE E 351 -6.88 8.84 55.66
CA ILE E 351 -7.86 9.90 55.85
C ILE E 351 -9.17 9.29 56.35
N PRO E 352 -9.73 9.80 57.44
CA PRO E 352 -10.99 9.23 57.94
C PRO E 352 -12.13 9.46 56.95
N ASP E 353 -13.07 8.51 56.94
CA ASP E 353 -14.25 8.62 56.09
C ASP E 353 -15.31 9.47 56.77
N ALA E 354 -16.53 9.48 56.23
CA ALA E 354 -17.58 10.33 56.79
C ALA E 354 -17.87 9.96 58.23
N THR E 355 -18.15 8.67 58.51
CA THR E 355 -18.40 8.26 59.88
C THR E 355 -17.16 8.39 60.75
N GLY E 356 -15.97 8.33 60.16
CA GLY E 356 -14.76 8.60 60.91
C GLY E 356 -14.62 10.08 61.22
N ARG E 357 -15.04 10.93 60.27
CA ARG E 357 -14.96 12.37 60.47
C ARG E 357 -16.06 12.90 61.38
N LEU E 358 -17.10 12.12 61.64
CA LEU E 358 -18.18 12.60 62.50
C LEU E 358 -17.69 12.91 63.90
N GLU E 359 -16.89 12.02 64.50
CA GLU E 359 -16.49 12.20 65.88
C GLU E 359 -15.49 13.33 66.06
N ILE E 360 -14.69 13.63 65.04
CA ILE E 360 -13.71 14.71 65.13
C ILE E 360 -14.37 16.07 65.36
N LEU E 361 -15.56 16.28 64.81
CA LEU E 361 -16.27 17.54 65.02
C LEU E 361 -16.59 17.74 66.50
N GLN E 362 -17.22 16.75 67.12
CA GLN E 362 -17.62 16.92 68.51
C GLN E 362 -16.46 16.84 69.48
N ILE E 363 -15.42 16.06 69.20
CA ILE E 363 -14.31 16.01 70.15
C ILE E 363 -13.57 17.34 70.25
N HIS E 364 -13.85 18.28 69.34
CA HIS E 364 -13.33 19.63 69.45
C HIS E 364 -14.39 20.69 69.70
N THR E 365 -15.67 20.40 69.44
CA THR E 365 -16.73 21.37 69.69
C THR E 365 -17.57 21.00 70.90
N LYS E 366 -17.06 20.08 71.74
CA LYS E 366 -17.80 19.71 72.94
C LYS E 366 -17.98 20.88 73.90
N ASN E 367 -17.01 21.78 73.98
CA ASN E 367 -17.17 22.98 74.79
C ASN E 367 -18.01 24.04 74.10
N MET E 368 -18.34 23.84 72.82
CA MET E 368 -19.17 24.76 72.05
C MET E 368 -20.58 24.18 72.04
N LYS E 369 -21.44 24.72 72.90
CA LYS E 369 -22.82 24.27 72.91
C LYS E 369 -23.56 24.78 71.68
N LEU E 370 -24.27 23.86 71.03
CA LEU E 370 -24.91 24.10 69.76
C LEU E 370 -26.42 24.24 69.94
N ALA E 371 -27.04 24.96 69.02
CA ALA E 371 -28.46 25.25 69.08
C ALA E 371 -29.27 24.01 68.68
N ASP E 372 -30.59 24.18 68.56
CA ASP E 372 -31.49 23.07 68.24
C ASP E 372 -31.50 22.74 66.76
N ASP E 373 -31.48 23.77 65.90
CA ASP E 373 -31.57 23.55 64.46
C ASP E 373 -30.25 23.09 63.85
N VAL E 374 -29.17 23.05 64.63
CA VAL E 374 -27.85 22.69 64.11
C VAL E 374 -27.53 21.24 64.42
N ASP E 375 -26.97 20.56 63.43
CA ASP E 375 -26.48 19.19 63.58
C ASP E 375 -25.17 19.06 62.81
N LEU E 376 -24.30 18.16 63.26
CA LEU E 376 -23.02 17.93 62.63
C LEU E 376 -23.05 16.76 61.64
N GLU E 377 -24.22 16.17 61.41
CA GLU E 377 -24.33 15.02 60.52
C GLU E 377 -24.19 15.40 59.06
N GLN E 378 -25.03 16.32 58.57
CA GLN E 378 -25.02 16.68 57.16
C GLN E 378 -23.73 17.38 56.74
N VAL E 379 -23.11 18.13 57.67
CA VAL E 379 -21.91 18.90 57.32
C VAL E 379 -20.69 18.02 57.11
N ALA E 380 -20.69 16.80 57.66
CA ALA E 380 -19.58 15.88 57.50
C ALA E 380 -19.84 14.84 56.42
N ASN E 381 -20.77 15.11 55.51
CA ASN E 381 -21.11 14.19 54.45
C ASN E 381 -20.66 14.66 53.07
N GLU E 382 -20.55 15.97 52.85
CA GLU E 382 -20.14 16.50 51.56
C GLU E 382 -18.62 16.54 51.39
N THR E 383 -17.86 16.29 52.45
CA THR E 383 -16.41 16.25 52.38
C THR E 383 -15.91 14.83 52.41
N HIS E 384 -14.75 14.60 51.77
CA HIS E 384 -14.21 13.26 51.70
C HIS E 384 -12.69 13.21 51.87
N GLY E 385 -12.02 14.33 52.12
CA GLY E 385 -10.58 14.32 52.22
C GLY E 385 -10.02 15.16 53.36
N HIS E 386 -10.75 15.23 54.47
CA HIS E 386 -10.36 16.08 55.59
C HIS E 386 -9.80 15.24 56.73
N VAL E 387 -8.80 15.79 57.40
CA VAL E 387 -8.19 15.13 58.56
C VAL E 387 -8.47 15.99 59.80
N GLY E 388 -7.99 15.53 60.95
CA GLY E 388 -8.28 16.24 62.20
C GLY E 388 -7.85 17.68 62.20
N ALA E 389 -6.66 17.97 61.67
CA ALA E 389 -6.18 19.35 61.61
C ALA E 389 -7.04 20.22 60.72
N ASP E 390 -7.47 19.70 59.57
CA ASP E 390 -8.35 20.48 58.69
C ASP E 390 -9.65 20.84 59.39
N LEU E 391 -10.28 19.87 60.05
CA LEU E 391 -11.53 20.13 60.74
C LEU E 391 -11.33 21.08 61.92
N ALA E 392 -10.21 20.95 62.64
CA ALA E 392 -9.95 21.88 63.74
C ALA E 392 -9.81 23.31 63.23
N ALA E 393 -9.05 23.50 62.15
CA ALA E 393 -8.93 24.84 61.57
C ALA E 393 -10.27 25.36 61.06
N LEU E 394 -11.05 24.50 60.41
CA LEU E 394 -12.35 24.91 59.90
C LEU E 394 -13.26 25.36 61.03
N CYS E 395 -13.34 24.59 62.11
CA CYS E 395 -14.18 24.99 63.24
C CYS E 395 -13.68 26.25 63.92
N SER E 396 -12.35 26.41 64.02
CA SER E 396 -11.81 27.63 64.64
C SER E 396 -12.20 28.86 63.83
N GLU E 397 -12.02 28.82 62.51
CA GLU E 397 -12.39 29.98 61.70
C GLU E 397 -13.90 30.18 61.62
N ALA E 398 -14.69 29.10 61.66
CA ALA E 398 -16.13 29.26 61.73
C ALA E 398 -16.55 29.98 63.01
N ALA E 399 -15.93 29.62 64.14
CA ALA E 399 -16.20 30.32 65.39
C ALA E 399 -15.75 31.79 65.32
N LEU E 400 -14.62 32.06 64.68
CA LEU E 400 -14.20 33.46 64.51
C LEU E 400 -15.22 34.25 63.69
N GLN E 401 -15.79 33.62 62.66
CA GLN E 401 -16.83 34.29 61.88
C GLN E 401 -18.04 34.63 62.74
N ALA E 402 -18.46 33.70 63.60
CA ALA E 402 -19.55 33.98 64.52
C ALA E 402 -19.21 35.09 65.51
N ILE E 403 -17.96 35.13 65.98
CA ILE E 403 -17.54 36.20 66.88
C ILE E 403 -17.65 37.56 66.19
N ARG E 404 -17.11 37.67 64.97
CA ARG E 404 -17.14 38.94 64.29
C ARG E 404 -18.55 39.35 63.86
N LYS E 405 -19.44 38.38 63.61
CA LYS E 405 -20.81 38.71 63.23
C LYS E 405 -21.55 39.48 64.31
N LYS E 406 -21.11 39.38 65.57
CA LYS E 406 -21.68 40.21 66.63
C LYS E 406 -20.78 41.33 67.10
N MET E 407 -19.44 41.21 66.94
CA MET E 407 -18.55 42.31 67.27
C MET E 407 -18.64 43.47 66.28
N ASP E 408 -19.24 43.26 65.10
CA ASP E 408 -19.34 44.36 64.15
C ASP E 408 -20.41 45.37 64.53
N LEU E 409 -21.47 44.92 65.22
CA LEU E 409 -22.53 45.84 65.63
C LEU E 409 -22.58 46.09 67.13
N ILE E 410 -22.13 45.14 67.95
CA ILE E 410 -22.19 45.34 69.41
C ILE E 410 -21.21 46.40 69.86
N ASP E 411 -19.95 46.32 69.40
CA ASP E 411 -18.91 47.31 69.70
C ASP E 411 -18.70 47.46 71.21
N LEU E 412 -18.29 46.35 71.82
CA LEU E 412 -18.01 46.31 73.25
C LEU E 412 -16.49 46.33 73.44
N GLU E 413 -15.95 47.52 73.69
CA GLU E 413 -14.52 47.71 73.88
C GLU E 413 -14.21 47.65 75.37
N ASP E 414 -13.71 46.51 75.83
CA ASP E 414 -13.36 46.33 77.23
C ASP E 414 -12.27 45.29 77.34
N GLU E 415 -11.55 45.32 78.46
CA GLU E 415 -10.46 44.39 78.70
C GLU E 415 -10.99 42.97 78.95
N THR E 416 -11.78 42.81 80.01
CA THR E 416 -12.36 41.51 80.31
C THR E 416 -13.75 41.41 79.71
N ILE E 417 -14.14 40.18 79.36
CA ILE E 417 -15.43 39.91 78.75
C ILE E 417 -16.32 39.21 79.77
N ASP E 418 -17.61 39.50 79.70
CA ASP E 418 -18.59 38.94 80.62
C ASP E 418 -19.18 37.65 80.08
N ALA E 419 -19.63 36.79 80.98
CA ALA E 419 -20.22 35.51 80.61
C ALA E 419 -21.69 35.63 80.24
N GLU E 420 -22.31 36.80 80.44
CA GLU E 420 -23.71 36.98 80.08
C GLU E 420 -23.94 36.96 78.58
N VAL E 421 -22.91 37.22 77.78
CA VAL E 421 -23.02 37.14 76.33
C VAL E 421 -22.32 35.91 75.76
N MET E 422 -21.36 35.32 76.49
CA MET E 422 -20.71 34.10 76.01
C MET E 422 -21.70 32.95 75.86
N ASN E 423 -22.60 32.77 76.82
CA ASN E 423 -23.55 31.67 76.74
C ASN E 423 -24.58 31.89 75.63
N SER E 424 -24.98 33.14 75.38
CA SER E 424 -25.99 33.42 74.37
C SER E 424 -25.49 33.15 72.95
N LEU E 425 -24.17 33.16 72.73
CA LEU E 425 -23.62 32.94 71.41
C LEU E 425 -23.77 31.47 71.01
N ALA E 426 -24.14 31.25 69.74
CA ALA E 426 -24.24 29.91 69.19
C ALA E 426 -24.07 29.98 67.68
N VAL E 427 -23.31 29.04 67.13
CA VAL E 427 -23.07 29.01 65.69
C VAL E 427 -24.33 28.54 64.97
N THR E 428 -24.52 29.03 63.75
CA THR E 428 -25.75 28.79 63.01
C THR E 428 -25.47 28.01 61.73
N MET E 429 -26.51 27.85 60.90
CA MET E 429 -26.37 27.10 59.65
C MET E 429 -25.40 27.79 58.70
N ASP E 430 -25.61 29.09 58.46
CA ASP E 430 -24.81 29.82 57.48
C ASP E 430 -23.33 29.82 57.81
N ASP E 431 -22.97 29.70 59.09
CA ASP E 431 -21.55 29.66 59.45
C ASP E 431 -20.85 28.43 58.90
N PHE E 432 -21.42 27.25 59.12
CA PHE E 432 -20.81 26.04 58.58
C PHE E 432 -20.91 26.00 57.06
N ARG E 433 -21.96 26.63 56.49
CA ARG E 433 -22.03 26.71 55.04
C ARG E 433 -20.91 27.57 54.46
N TRP E 434 -20.69 28.75 55.05
CA TRP E 434 -19.67 29.67 54.57
C TRP E 434 -18.27 29.20 54.89
N ALA E 435 -18.12 28.35 55.91
CA ALA E 435 -16.79 27.84 56.26
C ALA E 435 -16.22 26.97 55.15
N LEU E 436 -17.02 26.08 54.57
CA LEU E 436 -16.53 25.17 53.54
C LEU E 436 -16.40 25.84 52.18
N SER E 437 -17.15 26.91 51.92
CA SER E 437 -17.07 27.63 50.66
C SER E 437 -15.83 28.50 50.56
N GLN E 438 -15.03 28.56 51.63
CA GLN E 438 -13.78 29.31 51.61
C GLN E 438 -12.66 28.41 51.12
N SER E 439 -11.40 28.80 51.28
CA SER E 439 -10.29 28.05 50.72
C SER E 439 -9.69 27.02 51.66
N ASN E 440 -10.23 26.85 52.88
CA ASN E 440 -9.65 25.86 53.78
C ASN E 440 -9.84 24.39 53.37
N PRO E 441 -10.83 23.99 52.56
CA PRO E 441 -10.85 22.58 52.12
C PRO E 441 -9.76 22.26 51.10
N SER E 442 -9.06 23.26 50.60
CA SER E 442 -8.03 23.03 49.59
C SER E 442 -6.85 22.30 50.22
N ALA E 443 -6.81 20.99 50.01
CA ALA E 443 -5.77 20.16 50.60
C ALA E 443 -5.33 19.09 49.61
N LEU E 444 -4.61 18.09 50.09
CA LEU E 444 -4.07 17.04 49.23
C LEU E 444 -4.99 15.83 49.27
N ARG E 445 -5.23 15.25 48.10
CA ARG E 445 -6.12 14.12 47.94
C ARG E 445 -5.33 12.88 47.53
N GLU E 446 -5.56 11.77 48.25
CA GLU E 446 -4.95 10.49 47.91
C GLU E 446 -5.93 9.35 48.18
N THR E 447 -5.42 8.12 48.21
CA THR E 447 -6.24 6.94 48.44
C THR E 447 -6.91 7.05 49.80
N VAL E 448 -8.24 7.10 49.80
CA VAL E 448 -9.03 7.19 51.02
C VAL E 448 -9.60 5.82 51.33
N VAL E 449 -9.70 5.50 52.61
CA VAL E 449 -10.19 4.19 53.05
C VAL E 449 -11.56 4.40 53.67
N GLU E 450 -12.61 4.00 52.95
CA GLU E 450 -13.97 4.14 53.39
C GLU E 450 -14.70 2.80 53.30
N VAL E 451 -15.84 2.74 53.97
CA VAL E 451 -16.69 1.55 53.99
C VAL E 451 -17.94 1.84 53.18
N PRO E 452 -18.32 0.98 52.24
CA PRO E 452 -19.51 1.24 51.43
C PRO E 452 -20.78 1.10 52.26
N GLN E 453 -21.88 1.64 51.71
CA GLN E 453 -23.17 1.60 52.39
C GLN E 453 -24.27 1.10 51.46
N VAL E 454 -23.92 0.22 50.52
CA VAL E 454 -24.88 -0.35 49.58
C VAL E 454 -24.96 -1.85 49.79
N THR E 455 -26.17 -2.36 49.98
CA THR E 455 -26.38 -3.77 50.28
C THR E 455 -27.35 -4.38 49.28
N TRP E 456 -27.79 -5.61 49.53
CA TRP E 456 -28.59 -6.33 48.54
C TRP E 456 -29.93 -5.66 48.30
N GLU E 457 -30.64 -5.27 49.37
CA GLU E 457 -31.93 -4.61 49.16
C GLU E 457 -31.77 -3.24 48.51
N ASP E 458 -30.61 -2.60 48.70
CA ASP E 458 -30.41 -1.27 48.14
C ASP E 458 -30.35 -1.30 46.63
N ILE E 459 -29.97 -2.43 46.04
CA ILE E 459 -29.94 -2.56 44.58
C ILE E 459 -30.97 -3.60 44.19
N GLY E 460 -31.13 -3.81 42.88
CA GLY E 460 -32.10 -4.78 42.40
C GLY E 460 -31.62 -5.40 41.10
N GLY E 461 -32.31 -6.46 40.70
CA GLY E 461 -32.00 -7.13 39.45
C GLY E 461 -30.66 -7.83 39.51
N LEU E 462 -30.25 -8.31 38.33
CA LEU E 462 -28.96 -9.00 38.16
C LEU E 462 -28.84 -10.17 39.14
N GLU E 463 -29.91 -10.95 39.24
CA GLU E 463 -29.89 -12.16 40.07
C GLU E 463 -28.91 -13.19 39.55
N ASP E 464 -28.50 -13.11 38.29
CA ASP E 464 -27.56 -14.07 37.73
C ASP E 464 -26.12 -13.79 38.13
N VAL E 465 -25.80 -12.56 38.53
CA VAL E 465 -24.46 -12.23 38.98
C VAL E 465 -24.39 -11.93 40.47
N LYS E 466 -25.50 -11.53 41.09
CA LYS E 466 -25.55 -11.50 42.55
C LYS E 466 -25.39 -12.90 43.11
N ARG E 467 -25.99 -13.89 42.45
CA ARG E 467 -25.93 -15.27 42.90
C ARG E 467 -24.50 -15.78 42.86
N GLU E 468 -23.69 -15.24 41.94
CA GLU E 468 -22.34 -15.74 41.66
C GLU E 468 -21.24 -14.98 42.38
N LEU E 469 -21.37 -13.65 42.53
CA LEU E 469 -20.34 -12.90 43.24
C LEU E 469 -20.21 -13.37 44.68
N GLN E 470 -21.33 -13.65 45.33
CA GLN E 470 -21.30 -14.17 46.68
C GLN E 470 -20.56 -15.50 46.75
N GLU E 471 -20.75 -16.39 45.78
CA GLU E 471 -20.10 -17.69 45.77
C GLU E 471 -18.58 -17.60 45.81
N LEU E 472 -18.00 -16.50 45.35
CA LEU E 472 -16.55 -16.36 45.32
C LEU E 472 -16.01 -15.26 46.22
N VAL E 473 -16.86 -14.48 46.87
CA VAL E 473 -16.43 -13.50 47.87
C VAL E 473 -16.96 -13.83 49.25
N GLN E 474 -18.28 -13.93 49.40
CA GLN E 474 -18.89 -13.93 50.73
C GLN E 474 -18.50 -15.17 51.53
N TYR E 475 -18.65 -16.36 50.94
CA TYR E 475 -18.40 -17.59 51.69
C TYR E 475 -16.95 -17.72 52.12
N PRO E 476 -15.94 -17.53 51.25
CA PRO E 476 -14.56 -17.60 51.76
C PRO E 476 -14.12 -16.30 52.41
N VAL E 477 -15.04 -15.68 53.15
CA VAL E 477 -14.74 -14.60 54.07
C VAL E 477 -15.42 -14.92 55.39
N GLU E 478 -16.72 -15.20 55.31
CA GLU E 478 -17.57 -15.43 56.48
C GLU E 478 -17.58 -16.89 56.93
N HIS E 479 -16.92 -17.79 56.20
CA HIS E 479 -16.89 -19.21 56.53
C HIS E 479 -15.43 -19.66 56.59
N PRO E 480 -14.71 -19.32 57.67
CA PRO E 480 -13.31 -19.76 57.78
C PRO E 480 -13.14 -21.27 57.81
N ASP E 481 -14.14 -22.01 58.31
CA ASP E 481 -14.01 -23.46 58.42
C ASP E 481 -13.96 -24.15 57.07
N LYS E 482 -14.55 -23.55 56.03
CA LYS E 482 -14.57 -24.16 54.71
C LYS E 482 -13.29 -23.81 53.94
N PHE E 483 -13.22 -24.31 52.72
CA PHE E 483 -12.17 -23.98 51.75
C PHE E 483 -10.81 -24.56 52.12
N LEU E 484 -10.75 -25.36 53.16
CA LEU E 484 -9.54 -26.15 53.40
C LEU E 484 -9.83 -27.61 53.69
N LYS E 485 -11.03 -27.92 54.17
CA LYS E 485 -11.43 -29.32 54.30
C LYS E 485 -11.53 -29.99 52.93
N PHE E 486 -12.06 -29.28 51.96
CA PHE E 486 -12.15 -29.77 50.59
C PHE E 486 -10.90 -29.50 49.78
N GLY E 487 -9.87 -28.94 50.41
CA GLY E 487 -8.64 -28.66 49.69
C GLY E 487 -8.73 -27.33 48.99
N MET E 488 -8.39 -27.34 47.68
CA MET E 488 -8.51 -26.20 46.78
C MET E 488 -7.93 -24.92 47.37
N THR E 489 -8.36 -23.76 46.85
CA THR E 489 -7.85 -22.47 47.32
C THR E 489 -8.71 -21.36 46.76
N PRO E 490 -9.02 -20.33 47.55
CA PRO E 490 -9.82 -19.22 47.03
C PRO E 490 -9.06 -18.39 46.03
N SER E 491 -9.81 -17.60 45.26
CA SER E 491 -9.24 -16.74 44.23
C SER E 491 -8.78 -15.43 44.86
N LYS E 492 -8.12 -14.59 44.07
CA LYS E 492 -7.72 -13.26 44.53
C LYS E 492 -8.28 -12.18 43.62
N GLY E 493 -8.43 -12.48 42.33
CA GLY E 493 -8.70 -11.46 41.34
C GLY E 493 -9.97 -11.72 40.54
N VAL E 494 -10.71 -10.64 40.29
CA VAL E 494 -11.90 -10.67 39.44
C VAL E 494 -11.82 -9.51 38.47
N LEU E 495 -12.03 -9.79 37.18
CA LEU E 495 -11.99 -8.77 36.14
C LEU E 495 -13.41 -8.50 35.66
N PHE E 496 -13.83 -7.24 35.73
CA PHE E 496 -15.14 -6.82 35.28
C PHE E 496 -15.05 -6.17 33.91
N TYR E 497 -16.00 -6.51 33.05
CA TYR E 497 -15.97 -6.13 31.66
C TYR E 497 -17.39 -6.01 31.13
N GLY E 498 -17.56 -5.21 30.08
CA GLY E 498 -18.87 -5.01 29.51
C GLY E 498 -19.06 -3.60 29.01
N PRO E 499 -20.30 -3.23 28.73
CA PRO E 499 -20.58 -1.88 28.22
C PRO E 499 -20.22 -0.83 29.24
N PRO E 500 -19.69 0.31 28.80
CA PRO E 500 -19.39 1.40 29.75
C PRO E 500 -20.66 1.96 30.37
N GLY E 501 -20.54 2.44 31.60
CA GLY E 501 -21.66 3.01 32.31
C GLY E 501 -22.58 1.99 32.96
N CYS E 502 -22.15 0.75 33.14
CA CYS E 502 -22.99 -0.27 33.74
C CYS E 502 -22.93 -0.27 35.26
N GLY E 503 -22.13 0.63 35.85
CA GLY E 503 -22.05 0.72 37.29
C GLY E 503 -21.16 -0.33 37.93
N LYS E 504 -20.03 -0.63 37.29
CA LYS E 504 -19.11 -1.64 37.81
C LYS E 504 -18.51 -1.23 39.15
N THR E 505 -18.16 0.04 39.33
CA THR E 505 -17.61 0.48 40.60
C THR E 505 -18.60 0.25 41.73
N LEU E 506 -19.86 0.63 41.51
CA LEU E 506 -20.89 0.41 42.52
C LEU E 506 -21.16 -1.06 42.76
N LEU E 507 -21.15 -1.87 41.70
CA LEU E 507 -21.33 -3.31 41.87
C LEU E 507 -20.21 -3.90 42.71
N ALA E 508 -18.98 -3.43 42.50
CA ALA E 508 -17.86 -3.89 43.33
C ALA E 508 -17.96 -3.42 44.77
N LYS E 509 -18.46 -2.20 45.00
CA LYS E 509 -18.66 -1.72 46.37
C LYS E 509 -19.75 -2.49 47.09
N ALA E 510 -20.79 -2.90 46.37
CA ALA E 510 -21.93 -3.56 46.99
C ALA E 510 -21.56 -4.86 47.68
N ILE E 511 -20.55 -5.57 47.18
CA ILE E 511 -20.14 -6.83 47.79
C ILE E 511 -19.12 -6.62 48.90
N ALA E 512 -18.35 -5.54 48.86
CA ALA E 512 -17.30 -5.30 49.84
C ALA E 512 -17.82 -4.89 51.20
N ASN E 513 -18.97 -4.22 51.26
CA ASN E 513 -19.47 -3.77 52.57
C ASN E 513 -20.16 -4.88 53.36
N GLU E 514 -20.70 -5.89 52.69
CA GLU E 514 -21.39 -6.98 53.38
C GLU E 514 -20.45 -8.04 53.93
N CYS E 515 -19.17 -8.01 53.57
CA CYS E 515 -18.18 -8.92 54.12
C CYS E 515 -17.36 -8.30 55.23
N GLN E 516 -17.79 -7.14 55.75
CA GLN E 516 -17.09 -6.43 56.82
C GLN E 516 -15.64 -6.14 56.44
N ALA E 517 -15.50 -5.44 55.31
CA ALA E 517 -14.20 -5.07 54.81
C ALA E 517 -14.24 -3.62 54.34
N ASN E 518 -13.08 -2.97 54.37
CA ASN E 518 -12.96 -1.61 53.89
C ASN E 518 -12.85 -1.63 52.36
N PHE E 519 -12.75 -0.44 51.76
CA PHE E 519 -12.73 -0.32 50.31
C PHE E 519 -11.86 0.85 49.92
N ILE E 520 -10.98 0.64 48.96
CA ILE E 520 -10.17 1.70 48.37
C ILE E 520 -10.46 1.72 46.87
N SER E 521 -10.80 2.90 46.36
CA SER E 521 -11.16 3.05 44.96
C SER E 521 -9.97 3.60 44.19
N ILE E 522 -9.54 2.87 43.17
CA ILE E 522 -8.43 3.28 42.31
C ILE E 522 -9.00 3.42 40.90
N LYS E 523 -9.32 4.66 40.52
CA LYS E 523 -9.80 4.91 39.18
C LYS E 523 -8.62 5.02 38.22
N GLY E 524 -8.91 4.92 36.93
CA GLY E 524 -7.90 4.85 35.90
C GLY E 524 -6.92 6.00 35.84
N PRO E 525 -7.40 7.21 35.53
CA PRO E 525 -6.47 8.32 35.24
C PRO E 525 -5.58 8.72 36.41
N GLU E 526 -5.98 8.43 37.65
CA GLU E 526 -5.14 8.83 38.79
C GLU E 526 -3.90 7.97 38.88
N LEU E 527 -3.98 6.70 38.50
CA LEU E 527 -2.78 5.87 38.41
C LEU E 527 -1.94 6.19 37.19
N LEU E 528 -2.47 6.99 36.26
CA LEU E 528 -1.70 7.44 35.11
C LEU E 528 -1.01 8.78 35.35
N THR E 529 -1.65 9.68 36.10
CA THR E 529 -1.03 10.96 36.41
C THR E 529 0.09 10.81 37.44
N MET E 530 0.09 9.73 38.20
CA MET E 530 1.16 9.43 39.15
C MET E 530 2.30 8.64 38.51
N TRP E 531 2.21 8.40 37.20
CA TRP E 531 3.24 7.65 36.48
C TRP E 531 4.42 8.52 36.07
N PHE E 532 4.18 9.74 35.65
CA PHE E 532 5.22 10.64 35.12
C PHE E 532 5.89 9.94 33.94
N GLY E 533 7.19 10.12 33.76
CA GLY E 533 7.91 9.44 32.70
C GLY E 533 9.20 8.80 33.18
N GLU E 534 9.29 7.48 33.04
CA GLU E 534 10.49 6.71 33.37
C GLU E 534 10.84 6.76 34.86
N SER E 535 9.92 7.24 35.69
CA SER E 535 10.15 7.27 37.13
C SER E 535 8.81 7.37 37.85
N GLU E 536 8.42 6.29 38.52
CA GLU E 536 7.24 6.33 39.39
C GLU E 536 7.61 6.00 40.83
N ALA E 537 8.24 4.84 41.05
CA ALA E 537 8.74 4.42 42.37
C ALA E 537 7.67 4.52 43.47
N ASN E 538 6.41 4.39 43.08
CA ASN E 538 5.32 4.51 44.06
C ASN E 538 4.24 3.46 43.81
N VAL E 539 4.64 2.20 43.66
CA VAL E 539 3.68 1.11 43.49
C VAL E 539 3.66 0.21 44.72
N ARG E 540 4.84 -0.09 45.27
CA ARG E 540 4.92 -1.07 46.35
C ARG E 540 4.14 -0.64 47.58
N GLU E 541 3.99 0.67 47.81
CA GLU E 541 3.33 1.15 49.01
C GLU E 541 1.82 1.27 48.87
N ILE E 542 1.27 1.16 47.66
CA ILE E 542 -0.17 1.28 47.50
C ILE E 542 -0.90 -0.03 47.75
N PHE E 543 -0.16 -1.13 47.93
CA PHE E 543 -0.76 -2.43 48.23
C PHE E 543 -0.73 -2.77 49.70
N ASP E 544 0.20 -2.20 50.47
CA ASP E 544 0.30 -2.51 51.89
C ASP E 544 -0.85 -1.92 52.68
N LYS E 545 -1.40 -0.79 52.23
CA LYS E 545 -2.54 -0.19 52.93
C LYS E 545 -3.75 -1.11 52.92
N ALA E 546 -3.94 -1.86 51.84
CA ALA E 546 -4.99 -2.87 51.78
C ALA E 546 -4.65 -4.10 52.61
N ARG E 547 -3.39 -4.28 52.98
CA ARG E 547 -2.97 -5.42 53.80
C ARG E 547 -3.08 -5.15 55.29
N GLN E 548 -2.68 -3.96 55.75
CA GLN E 548 -2.84 -3.63 57.16
C GLN E 548 -4.31 -3.47 57.53
N ALA E 549 -5.12 -3.01 56.58
CA ALA E 549 -6.56 -2.82 56.83
C ALA E 549 -7.36 -4.06 56.46
N ALA E 550 -6.96 -5.20 57.00
CA ALA E 550 -7.68 -6.44 56.74
C ALA E 550 -8.94 -6.52 57.60
N PRO E 551 -10.06 -7.01 57.06
CA PRO E 551 -10.22 -7.37 55.64
C PRO E 551 -10.38 -6.16 54.75
N CYS E 552 -9.97 -6.27 53.49
CA CYS E 552 -10.10 -5.17 52.55
C CYS E 552 -10.33 -5.73 51.16
N VAL E 553 -11.09 -4.99 50.36
CA VAL E 553 -11.39 -5.35 48.98
C VAL E 553 -10.85 -4.24 48.10
N LEU E 554 -9.86 -4.57 47.27
CA LEU E 554 -9.24 -3.60 46.39
C LEU E 554 -9.93 -3.60 45.04
N PHE E 555 -10.03 -2.40 44.44
CA PHE E 555 -10.73 -2.25 43.17
C PHE E 555 -9.90 -1.40 42.23
N PHE E 556 -9.76 -1.87 40.98
CA PHE E 556 -9.10 -1.13 39.92
C PHE E 556 -10.18 -0.71 38.92
N ASP E 557 -10.57 0.56 38.99
CA ASP E 557 -11.60 1.08 38.12
C ASP E 557 -10.97 1.49 36.80
N GLU E 558 -11.47 0.92 35.71
CA GLU E 558 -11.02 1.31 34.39
C GLU E 558 -9.52 1.11 34.29
N LEU E 559 -9.10 -0.15 34.48
CA LEU E 559 -7.73 -0.58 34.21
C LEU E 559 -7.33 -0.34 32.77
N ASP E 560 -8.28 -0.10 31.86
CA ASP E 560 -7.99 0.04 30.43
C ASP E 560 -7.20 1.31 30.11
N SER E 561 -7.13 2.25 31.05
CA SER E 561 -6.34 3.46 30.94
C SER E 561 -4.86 3.20 30.67
N ILE E 562 -4.26 2.18 31.30
CA ILE E 562 -2.86 1.90 31.04
C ILE E 562 -2.65 1.48 29.59
N ALA E 563 -3.54 0.62 29.06
CA ALA E 563 -3.46 0.26 27.66
C ALA E 563 -3.69 1.46 26.75
N LYS E 564 -4.52 2.42 27.18
CA LYS E 564 -4.72 3.64 26.40
C LYS E 564 -3.39 4.32 26.09
N ALA E 565 -2.52 4.48 27.09
CA ALA E 565 -1.27 5.20 26.89
C ALA E 565 -0.27 4.42 26.04
N ARG E 566 -0.17 3.11 26.24
CA ARG E 566 0.78 2.32 25.44
C ARG E 566 0.33 2.20 23.99
N GLY E 567 -0.91 1.78 23.75
CA GLY E 567 -1.42 1.72 22.41
C GLY E 567 -2.92 1.46 22.39
N GLY E 568 -3.66 2.29 21.68
CA GLY E 568 -5.11 2.16 21.61
C GLY E 568 -5.61 2.12 20.18
N ASN E 569 -6.89 1.76 20.05
CA ASN E 569 -7.54 1.68 18.75
C ASN E 569 -6.77 0.72 17.83
N ILE E 570 -5.85 1.28 17.05
CA ILE E 570 -5.03 0.45 16.18
C ILE E 570 -3.99 -0.33 16.98
N GLY E 571 -3.26 0.36 17.84
CA GLY E 571 -2.23 -0.26 18.65
C GLY E 571 -0.85 -0.18 18.00
N ASP E 572 0.15 -0.58 18.77
CA ASP E 572 1.53 -0.58 18.31
C ASP E 572 1.81 -1.87 17.54
N GLY E 573 3.07 -2.08 17.17
CA GLY E 573 3.44 -3.28 16.44
C GLY E 573 3.47 -4.53 17.29
N GLY E 574 3.62 -4.38 18.60
CA GLY E 574 3.65 -5.51 19.51
C GLY E 574 2.55 -5.48 20.54
N GLY E 575 2.78 -6.18 21.66
CA GLY E 575 1.80 -6.21 22.72
C GLY E 575 1.72 -4.90 23.48
N ALA E 576 0.60 -4.71 24.18
CA ALA E 576 0.35 -3.49 24.96
C ALA E 576 0.77 -3.71 26.41
N ALA E 577 2.04 -4.10 26.58
CA ALA E 577 2.62 -4.36 27.89
C ALA E 577 3.33 -3.11 28.38
N ASP E 578 3.55 -3.06 29.70
CA ASP E 578 4.18 -1.89 30.30
C ASP E 578 4.94 -2.29 31.56
N ARG E 579 5.94 -1.45 31.89
CA ARG E 579 6.71 -1.62 33.11
C ARG E 579 5.91 -1.30 34.35
N VAL E 580 4.73 -0.72 34.20
CA VAL E 580 3.82 -0.55 35.33
C VAL E 580 2.84 -1.70 35.44
N ILE E 581 2.66 -2.48 34.37
CA ILE E 581 1.78 -3.64 34.43
C ILE E 581 2.54 -4.87 34.92
N ASN E 582 3.76 -5.07 34.42
CA ASN E 582 4.52 -6.23 34.85
C ASN E 582 4.84 -6.16 36.34
N GLN E 583 5.18 -4.98 36.85
CA GLN E 583 5.53 -4.83 38.25
C GLN E 583 4.36 -5.06 39.20
N ILE E 584 3.14 -4.79 38.77
CA ILE E 584 1.98 -5.07 39.62
C ILE E 584 1.54 -6.52 39.50
N LEU E 585 1.64 -7.10 38.30
CA LEU E 585 1.27 -8.51 38.17
C LEU E 585 2.28 -9.41 38.84
N THR E 586 3.54 -8.97 38.96
CA THR E 586 4.51 -9.73 39.75
C THR E 586 4.29 -9.51 41.24
N GLU E 587 3.90 -8.30 41.64
CA GLU E 587 3.67 -8.03 43.05
C GLU E 587 2.48 -8.80 43.59
N MET E 588 1.42 -8.99 42.79
CA MET E 588 0.25 -9.67 43.31
C MET E 588 0.45 -11.18 43.43
N ASP E 589 1.58 -11.71 42.94
CA ASP E 589 1.86 -13.13 43.06
C ASP E 589 2.69 -13.49 44.30
N GLY E 590 3.27 -12.50 44.98
CA GLY E 590 4.08 -12.80 46.15
C GLY E 590 3.26 -13.09 47.38
N MET E 591 2.02 -12.65 47.39
CA MET E 591 1.15 -12.81 48.54
C MET E 591 0.72 -14.26 48.69
N SER E 592 0.54 -14.68 49.95
CA SER E 592 0.08 -16.02 50.27
C SER E 592 -1.42 -16.12 50.02
N THR E 593 -1.88 -17.33 49.75
CA THR E 593 -3.28 -17.54 49.44
C THR E 593 -4.20 -17.32 50.64
N LYS E 594 -3.65 -17.33 51.85
CA LYS E 594 -4.47 -17.28 53.05
C LYS E 594 -4.78 -15.85 53.49
N LYS E 595 -4.13 -14.86 52.89
CA LYS E 595 -4.52 -13.47 53.12
C LYS E 595 -5.93 -13.22 52.58
N ASN E 596 -6.62 -12.27 53.22
CA ASN E 596 -7.99 -11.94 52.85
C ASN E 596 -8.08 -10.75 51.90
N VAL E 597 -6.95 -10.30 51.36
CA VAL E 597 -6.95 -9.20 50.41
C VAL E 597 -7.54 -9.69 49.09
N PHE E 598 -8.45 -8.90 48.53
CA PHE E 598 -9.13 -9.23 47.28
C PHE E 598 -8.98 -8.07 46.32
N ILE E 599 -8.40 -8.34 45.15
CA ILE E 599 -8.20 -7.34 44.11
C ILE E 599 -9.24 -7.57 43.03
N ILE E 600 -9.85 -6.48 42.57
CA ILE E 600 -10.90 -6.54 41.55
C ILE E 600 -10.54 -5.57 40.44
N GLY E 601 -10.52 -6.05 39.20
CA GLY E 601 -10.24 -5.22 38.05
C GLY E 601 -11.50 -4.92 37.26
N ALA E 602 -11.47 -3.79 36.55
CA ALA E 602 -12.60 -3.37 35.74
C ALA E 602 -12.08 -2.78 34.44
N THR E 603 -12.73 -3.11 33.33
CA THR E 603 -12.36 -2.63 32.02
C THR E 603 -13.61 -2.50 31.17
N ASN E 604 -13.45 -1.94 29.98
CA ASN E 604 -14.56 -1.75 29.06
C ASN E 604 -14.27 -2.29 27.67
N ARG E 605 -13.02 -2.62 27.36
CA ARG E 605 -12.65 -3.14 26.05
C ARG E 605 -11.74 -4.36 26.23
N PRO E 606 -12.31 -5.49 26.65
CA PRO E 606 -11.48 -6.65 27.05
C PRO E 606 -10.99 -7.47 25.87
N ASP E 607 -10.27 -6.81 24.96
CA ASP E 607 -9.67 -7.50 23.83
C ASP E 607 -8.23 -7.03 23.61
N ILE E 608 -7.84 -5.95 24.28
CA ILE E 608 -6.51 -5.38 24.12
C ILE E 608 -5.65 -5.53 25.36
N ILE E 609 -6.21 -6.01 26.47
CA ILE E 609 -5.41 -6.22 27.67
C ILE E 609 -4.57 -7.49 27.51
N ASP E 610 -3.36 -7.46 28.04
CA ASP E 610 -2.47 -8.59 27.92
C ASP E 610 -3.04 -9.80 28.65
N PRO E 611 -2.87 -11.01 28.13
CA PRO E 611 -3.29 -12.20 28.88
C PRO E 611 -2.35 -12.51 30.02
N ALA E 612 -1.28 -11.73 30.15
CA ALA E 612 -0.31 -11.93 31.22
C ALA E 612 -0.96 -11.81 32.58
N ILE E 613 -1.80 -10.80 32.79
CA ILE E 613 -2.55 -10.72 34.03
C ILE E 613 -3.76 -11.65 34.03
N LEU E 614 -4.21 -12.09 32.85
CA LEU E 614 -5.28 -13.07 32.74
C LEU E 614 -4.78 -14.50 32.90
N ARG E 615 -3.57 -14.68 33.39
CA ARG E 615 -3.02 -16.02 33.56
C ARG E 615 -3.81 -16.77 34.62
N PRO E 616 -3.89 -18.10 34.52
CA PRO E 616 -4.65 -18.88 35.51
C PRO E 616 -3.97 -18.91 36.87
N GLY E 617 -4.27 -17.92 37.70
CA GLY E 617 -3.64 -17.78 38.99
C GLY E 617 -3.52 -16.33 39.43
N ARG E 618 -3.79 -15.39 38.52
CA ARG E 618 -3.94 -13.98 38.89
C ARG E 618 -5.37 -13.50 38.63
N LEU E 619 -5.89 -13.63 37.41
CA LEU E 619 -7.27 -13.29 37.09
C LEU E 619 -7.93 -14.52 36.48
N ASP E 620 -8.46 -15.38 37.36
CA ASP E 620 -9.03 -16.64 36.92
C ASP E 620 -10.49 -16.49 36.50
N GLN E 621 -11.32 -15.99 37.40
CA GLN E 621 -12.75 -15.86 37.11
C GLN E 621 -12.99 -14.60 36.30
N LEU E 622 -13.78 -14.75 35.23
CA LEU E 622 -14.19 -13.64 34.39
C LEU E 622 -15.70 -13.47 34.53
N ILE E 623 -16.14 -12.26 34.88
CA ILE E 623 -17.53 -11.97 35.18
C ILE E 623 -18.00 -10.86 34.26
N TYR E 624 -19.15 -11.07 33.62
CA TYR E 624 -19.69 -10.12 32.65
C TYR E 624 -20.81 -9.33 33.29
N ILE E 625 -20.83 -8.03 33.04
CA ILE E 625 -21.89 -7.16 33.54
C ILE E 625 -22.82 -6.82 32.39
N PRO E 626 -24.01 -7.40 32.35
CA PRO E 626 -24.93 -7.09 31.24
C PRO E 626 -25.68 -5.79 31.45
N LEU E 627 -26.57 -5.46 30.53
CA LEU E 627 -27.37 -4.26 30.68
C LEU E 627 -28.35 -4.42 31.84
N PRO E 628 -28.65 -3.34 32.54
CA PRO E 628 -29.60 -3.42 33.66
C PRO E 628 -30.97 -3.89 33.20
N ASP E 629 -31.59 -4.73 34.03
CA ASP E 629 -32.91 -5.27 33.72
C ASP E 629 -33.98 -4.39 34.37
N GLU E 630 -35.24 -4.87 34.38
CA GLU E 630 -36.34 -4.10 34.93
C GLU E 630 -36.15 -3.82 36.42
N LYS E 631 -35.76 -4.85 37.19
CA LYS E 631 -35.67 -4.68 38.64
C LYS E 631 -34.59 -3.68 39.03
N SER E 632 -33.52 -3.59 38.25
CA SER E 632 -32.48 -2.60 38.52
C SER E 632 -32.84 -1.23 37.96
N ARG E 633 -33.54 -1.19 36.83
CA ARG E 633 -33.96 0.08 36.27
C ARG E 633 -34.91 0.81 37.20
N VAL E 634 -35.86 0.11 37.81
CA VAL E 634 -36.74 0.76 38.77
C VAL E 634 -35.97 1.21 40.01
N ALA E 635 -34.96 0.44 40.42
CA ALA E 635 -34.20 0.76 41.62
C ALA E 635 -33.33 2.00 41.44
N ILE E 636 -32.68 2.14 40.29
CA ILE E 636 -31.82 3.31 40.06
C ILE E 636 -32.63 4.60 40.16
N LEU E 637 -33.84 4.60 39.63
CA LEU E 637 -34.69 5.78 39.72
C LEU E 637 -35.13 6.08 41.15
N LYS E 638 -35.44 5.05 41.96
CA LYS E 638 -35.77 5.27 43.35
C LYS E 638 -34.57 5.65 44.18
N ALA E 639 -33.36 5.54 43.63
CA ALA E 639 -32.14 5.85 44.36
C ALA E 639 -31.55 7.20 44.01
N ASN E 640 -31.63 7.64 42.75
CA ASN E 640 -30.95 8.87 42.35
C ASN E 640 -31.77 10.11 42.68
N LEU E 641 -33.00 9.95 43.19
CA LEU E 641 -33.83 11.07 43.59
C LEU E 641 -34.28 10.95 45.05
N ARG E 642 -33.51 10.23 45.86
CA ARG E 642 -33.90 9.96 47.24
C ARG E 642 -34.03 11.22 48.08
N LYS E 643 -33.40 12.32 47.68
CA LYS E 643 -33.43 13.56 48.44
C LYS E 643 -34.24 14.65 47.74
N SER E 644 -35.20 14.26 46.90
CA SER E 644 -36.02 15.23 46.20
C SER E 644 -37.49 15.03 46.54
N PRO E 645 -38.26 16.10 46.69
CA PRO E 645 -39.68 15.97 47.01
C PRO E 645 -40.52 15.63 45.77
N VAL E 646 -40.37 14.41 45.29
CA VAL E 646 -41.10 13.95 44.11
C VAL E 646 -42.52 13.59 44.50
N ALA E 647 -43.48 14.14 43.76
CA ALA E 647 -44.89 13.88 44.05
C ALA E 647 -45.26 12.44 43.71
N LYS E 648 -46.38 12.00 44.27
CA LYS E 648 -46.86 10.63 44.07
C LYS E 648 -47.63 10.46 42.76
N ASP E 649 -47.84 11.54 42.00
CA ASP E 649 -48.57 11.43 40.74
C ASP E 649 -47.81 10.60 39.71
N VAL E 650 -46.47 10.59 39.80
CA VAL E 650 -45.65 9.84 38.86
C VAL E 650 -45.64 8.37 39.25
N ASP E 651 -45.20 7.51 38.34
CA ASP E 651 -45.10 6.09 38.57
C ASP E 651 -43.68 5.63 38.30
N LEU E 652 -43.08 4.95 39.29
CA LEU E 652 -41.68 4.53 39.14
C LEU E 652 -41.54 3.37 38.17
N GLU E 653 -42.43 2.38 38.25
CA GLU E 653 -42.36 1.23 37.36
C GLU E 653 -42.64 1.60 35.90
N PHE E 654 -43.49 2.61 35.68
CA PHE E 654 -43.86 3.01 34.33
C PHE E 654 -42.64 3.46 33.53
N LEU E 655 -41.78 4.28 34.13
CA LEU E 655 -40.56 4.72 33.43
C LEU E 655 -39.69 3.54 33.02
N ALA E 656 -39.45 2.60 33.92
CA ALA E 656 -38.70 1.41 33.54
C ALA E 656 -39.43 0.57 32.51
N LYS E 657 -40.76 0.69 32.43
CA LYS E 657 -41.49 -0.04 31.40
C LYS E 657 -41.17 0.48 30.00
N MET E 658 -41.11 1.80 29.79
CA MET E 658 -40.64 2.24 28.48
C MET E 658 -39.14 2.01 28.31
N THR E 659 -38.35 2.30 29.33
CA THR E 659 -36.89 2.25 29.20
C THR E 659 -36.43 0.81 29.15
N ASN E 660 -35.94 0.38 27.98
CA ASN E 660 -35.46 -0.99 27.83
C ASN E 660 -34.00 -1.03 27.41
N GLY E 661 -33.64 -0.25 26.40
CA GLY E 661 -32.29 -0.28 25.85
C GLY E 661 -31.42 0.89 26.27
N PHE E 662 -31.51 1.28 27.54
CA PHE E 662 -30.73 2.38 28.07
C PHE E 662 -29.83 1.88 29.19
N SER E 663 -28.67 2.52 29.33
CA SER E 663 -27.70 2.14 30.35
C SER E 663 -27.83 3.08 31.56
N GLY E 664 -27.03 2.82 32.59
CA GLY E 664 -27.14 3.57 33.82
C GLY E 664 -26.90 5.06 33.64
N ALA E 665 -25.96 5.44 32.76
CA ALA E 665 -25.75 6.84 32.48
C ALA E 665 -26.98 7.50 31.89
N ASP E 666 -27.65 6.83 30.94
CA ASP E 666 -28.88 7.36 30.38
C ASP E 666 -29.98 7.46 31.44
N LEU E 667 -30.15 6.42 32.26
CA LEU E 667 -31.17 6.46 33.29
C LEU E 667 -30.93 7.60 34.27
N THR E 668 -29.68 7.88 34.60
CA THR E 668 -29.37 8.99 35.50
C THR E 668 -29.59 10.33 34.83
N GLU E 669 -29.16 10.48 33.57
CA GLU E 669 -29.24 11.78 32.91
C GLU E 669 -30.69 12.14 32.60
N ILE E 670 -31.57 11.15 32.42
CA ILE E 670 -32.99 11.45 32.29
C ILE E 670 -33.50 12.17 33.54
N CYS E 671 -33.22 11.61 34.72
CA CYS E 671 -33.64 12.24 35.96
C CYS E 671 -32.96 13.59 36.16
N GLN E 672 -31.69 13.69 35.75
CA GLN E 672 -31.00 14.97 35.83
C GLN E 672 -31.72 16.04 35.00
N ARG E 673 -32.09 15.70 33.76
CA ARG E 673 -32.80 16.64 32.92
C ARG E 673 -34.17 17.01 33.49
N ALA E 674 -34.90 16.01 34.01
CA ALA E 674 -36.21 16.30 34.59
C ALA E 674 -36.09 17.25 35.77
N CYS E 675 -35.14 16.98 36.68
CA CYS E 675 -34.94 17.88 37.81
C CYS E 675 -34.47 19.26 37.36
N LYS E 676 -33.62 19.31 36.34
CA LYS E 676 -33.13 20.60 35.85
C LYS E 676 -34.24 21.45 35.26
N LEU E 677 -35.18 20.84 34.53
CA LEU E 677 -36.29 21.63 34.01
C LEU E 677 -37.28 22.00 35.11
N ALA E 678 -37.52 21.12 36.07
CA ALA E 678 -38.41 21.46 37.17
C ALA E 678 -37.87 22.61 38.01
N ILE E 679 -36.58 22.59 38.31
CA ILE E 679 -35.98 23.65 39.11
C ILE E 679 -36.01 25.00 38.41
N ARG E 680 -36.10 25.02 37.07
CA ARG E 680 -36.19 26.30 36.39
C ARG E 680 -37.58 26.89 36.49
N GLU E 681 -38.62 26.09 36.24
CA GLU E 681 -39.97 26.59 36.39
C GLU E 681 -40.30 26.95 37.83
N SER E 682 -39.65 26.28 38.80
CA SER E 682 -39.86 26.64 40.20
C SER E 682 -39.43 28.09 40.45
N ILE E 683 -38.27 28.49 39.92
CA ILE E 683 -37.83 29.87 40.07
C ILE E 683 -38.66 30.81 39.19
N GLU E 684 -39.02 30.36 37.99
CA GLU E 684 -39.77 31.22 37.07
C GLU E 684 -41.14 31.57 37.61
N SER E 685 -41.76 30.67 38.39
CA SER E 685 -43.06 30.97 38.97
C SER E 685 -43.00 32.05 40.04
N GLU E 686 -41.81 32.44 40.49
CA GLU E 686 -41.70 33.44 41.55
C GLU E 686 -41.98 34.85 41.04
N ILE E 687 -41.90 35.08 39.74
CA ILE E 687 -42.11 36.41 39.19
C ILE E 687 -43.60 36.74 39.18
N VAL E 708 -46.26 23.61 45.82
CA VAL E 708 -45.91 24.06 44.47
C VAL E 708 -44.54 23.53 44.02
N PRO E 709 -43.49 23.65 44.85
CA PRO E 709 -42.19 23.12 44.41
C PRO E 709 -42.15 21.60 44.45
N GLU E 710 -42.71 20.95 43.43
CA GLU E 710 -42.71 19.50 43.36
C GLU E 710 -42.59 19.08 41.90
N ILE E 711 -42.10 17.87 41.69
CA ILE E 711 -41.91 17.33 40.34
C ILE E 711 -43.19 16.64 39.91
N ARG E 712 -43.72 17.02 38.75
CA ARG E 712 -44.95 16.46 38.24
C ARG E 712 -44.64 15.44 37.15
N ARG E 713 -45.68 14.84 36.58
CA ARG E 713 -45.51 13.83 35.54
C ARG E 713 -44.93 14.43 34.26
N ASP E 714 -45.40 15.61 33.86
CA ASP E 714 -44.89 16.23 32.64
C ASP E 714 -43.40 16.50 32.73
N HIS E 715 -42.87 16.75 33.93
CA HIS E 715 -41.44 16.99 34.09
C HIS E 715 -40.63 15.79 33.63
N PHE E 716 -41.05 14.58 33.99
CA PHE E 716 -40.41 13.38 33.46
C PHE E 716 -40.76 13.18 31.98
N GLU E 717 -41.95 13.62 31.57
CA GLU E 717 -42.35 13.44 30.18
C GLU E 717 -41.45 14.19 29.21
N GLU E 718 -41.07 15.43 29.53
CA GLU E 718 -40.15 16.14 28.64
C GLU E 718 -38.80 15.43 28.57
N ALA E 719 -38.28 14.98 29.71
CA ALA E 719 -37.03 14.25 29.73
C ALA E 719 -37.10 12.93 28.97
N MET E 720 -38.30 12.35 28.85
CA MET E 720 -38.44 11.10 28.10
C MET E 720 -38.09 11.29 26.63
N ARG E 721 -38.54 12.39 26.03
CA ARG E 721 -38.37 12.56 24.59
C ARG E 721 -36.93 12.91 24.20
N PHE E 722 -36.21 13.61 25.07
CA PHE E 722 -34.82 13.98 24.79
C PHE E 722 -33.83 12.89 25.18
N ALA E 723 -34.30 11.65 25.32
CA ALA E 723 -33.43 10.54 25.68
C ALA E 723 -32.53 10.15 24.51
N ARG E 724 -31.30 9.77 24.84
CA ARG E 724 -30.35 9.25 23.88
C ARG E 724 -29.85 7.89 24.35
N ARG E 725 -29.06 7.24 23.51
CA ARG E 725 -28.48 5.93 23.80
C ARG E 725 -26.99 6.08 24.02
N SER E 726 -26.53 5.75 25.23
CA SER E 726 -25.11 5.86 25.53
C SER E 726 -24.29 4.91 24.69
N VAL E 727 -24.77 3.69 24.50
CA VAL E 727 -24.07 2.67 23.72
C VAL E 727 -24.85 2.39 22.45
N SER E 728 -24.11 1.95 21.42
CA SER E 728 -24.71 1.57 20.16
C SER E 728 -25.21 0.13 20.22
N ASP E 729 -25.54 -0.45 19.07
CA ASP E 729 -25.96 -1.84 19.00
C ASP E 729 -24.85 -2.81 18.64
N ASN E 730 -23.96 -2.42 17.70
CA ASN E 730 -22.93 -3.35 17.25
C ASN E 730 -21.98 -3.75 18.37
N ASP E 731 -21.64 -2.82 19.25
CA ASP E 731 -20.77 -3.12 20.38
C ASP E 731 -21.43 -4.06 21.38
N ILE E 732 -22.76 -4.10 21.43
CA ILE E 732 -23.42 -5.02 22.36
C ILE E 732 -23.09 -6.47 22.01
N ARG E 733 -23.52 -6.92 20.82
CA ARG E 733 -23.19 -8.28 20.42
C ARG E 733 -21.69 -8.55 20.46
N LYS E 734 -20.86 -7.53 20.26
CA LYS E 734 -19.44 -7.68 20.55
C LYS E 734 -19.20 -8.06 22.00
N TYR E 735 -19.91 -7.43 22.94
CA TYR E 735 -19.72 -7.76 24.34
C TYR E 735 -20.24 -9.15 24.71
N GLU E 736 -21.43 -9.54 24.24
CA GLU E 736 -21.86 -10.88 24.63
C GLU E 736 -21.39 -11.96 23.66
N MET E 737 -20.47 -11.64 22.73
CA MET E 737 -19.80 -12.75 22.06
C MET E 737 -18.50 -13.14 22.76
N PHE E 738 -17.95 -12.26 23.61
CA PHE E 738 -16.83 -12.62 24.45
C PHE E 738 -17.25 -13.35 25.72
N ALA E 739 -18.53 -13.31 26.07
CA ALA E 739 -19.00 -13.88 27.33
C ALA E 739 -19.02 -15.40 27.31
N GLN E 740 -19.51 -16.01 26.25
CA GLN E 740 -19.63 -17.47 26.20
C GLN E 740 -18.33 -18.12 25.75
N THR E 741 -17.58 -17.44 24.89
CA THR E 741 -16.30 -17.93 24.38
C THR E 741 -15.20 -16.97 24.84
N LEU E 742 -14.63 -17.24 26.01
CA LEU E 742 -13.55 -16.42 26.53
C LEU E 742 -12.31 -17.21 26.91
N GLN E 743 -12.45 -18.48 27.29
CA GLN E 743 -11.30 -19.29 27.64
C GLN E 743 -10.40 -19.56 26.44
N GLN E 744 -10.92 -19.38 25.22
CA GLN E 744 -10.11 -19.57 24.03
C GLN E 744 -9.06 -18.48 23.85
N SER E 745 -9.30 -17.28 24.39
CA SER E 745 -8.35 -16.18 24.28
C SER E 745 -7.19 -16.29 25.25
N ARG E 746 -7.24 -17.21 26.21
CA ARG E 746 -6.17 -17.37 27.19
C ARG E 746 -5.01 -18.13 26.54
N GLY E 747 -3.83 -17.50 26.54
CA GLY E 747 -2.65 -18.08 25.95
C GLY E 747 -2.38 -17.66 24.52
N PHE E 748 -3.38 -17.12 23.83
CA PHE E 748 -3.22 -16.68 22.45
C PHE E 748 -4.13 -15.49 22.15
N ASN F 1 49.39 -46.08 67.86
CA ASN F 1 49.06 -44.67 68.07
C ASN F 1 47.81 -44.55 68.94
N ARG F 2 47.51 -45.62 69.69
CA ARG F 2 46.35 -45.68 70.57
C ARG F 2 45.08 -45.33 69.81
N PRO F 3 44.59 -46.23 68.95
CA PRO F 3 43.42 -45.90 68.12
C PRO F 3 42.14 -45.75 68.93
N ASN F 4 42.08 -44.70 69.75
CA ASN F 4 40.89 -44.40 70.54
C ASN F 4 40.51 -42.93 70.46
N ARG F 5 41.36 -42.09 69.85
CA ARG F 5 41.06 -40.67 69.73
C ARG F 5 39.96 -40.45 68.69
N LEU F 6 39.00 -39.59 69.03
CA LEU F 6 37.89 -39.27 68.15
C LEU F 6 37.81 -37.76 67.96
N ILE F 7 37.40 -37.35 66.76
CA ILE F 7 37.27 -35.93 66.44
C ILE F 7 35.90 -35.44 66.90
N VAL F 8 35.89 -34.28 67.53
CA VAL F 8 34.66 -33.70 68.07
C VAL F 8 33.83 -33.12 66.94
N ASP F 9 32.53 -33.39 66.96
CA ASP F 9 31.61 -32.84 65.99
C ASP F 9 30.25 -32.65 66.65
N GLU F 10 29.48 -31.69 66.13
CA GLU F 10 28.17 -31.40 66.69
C GLU F 10 27.20 -32.55 66.41
N ALA F 11 26.24 -32.72 67.32
CA ALA F 11 25.23 -33.76 67.21
C ALA F 11 23.99 -33.23 66.53
N ILE F 12 23.23 -34.14 65.90
CA ILE F 12 22.01 -33.77 65.19
C ILE F 12 20.75 -34.05 66.02
N ASN F 13 20.85 -34.82 67.09
CA ASN F 13 19.69 -35.13 67.93
C ASN F 13 19.33 -33.94 68.80
N GLU F 14 18.04 -33.59 68.82
CA GLU F 14 17.55 -32.47 69.60
C GLU F 14 17.03 -32.97 70.94
N ASP F 15 17.97 -33.34 71.81
CA ASP F 15 17.62 -33.91 73.10
C ASP F 15 18.66 -33.60 74.17
N ASN F 16 18.61 -34.35 75.27
CA ASN F 16 19.55 -34.19 76.38
C ASN F 16 20.86 -34.89 76.03
N SER F 17 21.70 -35.14 77.04
CA SER F 17 23.06 -35.64 76.82
C SER F 17 22.99 -37.06 76.28
N VAL F 18 23.01 -37.17 74.96
CA VAL F 18 23.10 -38.46 74.26
C VAL F 18 24.12 -38.30 73.15
N VAL F 19 25.11 -39.19 73.11
CA VAL F 19 26.18 -39.15 72.12
C VAL F 19 26.00 -40.33 71.17
N SER F 20 26.01 -40.05 69.87
CA SER F 20 25.83 -41.07 68.85
C SER F 20 27.19 -41.48 68.28
N LEU F 21 27.30 -42.75 67.91
CA LEU F 21 28.51 -43.29 67.31
C LEU F 21 28.20 -44.14 66.09
N SER F 22 29.20 -44.87 65.60
CA SER F 22 29.03 -45.71 64.42
C SER F 22 29.06 -47.18 64.82
N GLN F 23 28.99 -48.07 63.83
CA GLN F 23 28.90 -49.50 64.05
C GLN F 23 30.25 -50.16 64.35
N PRO F 24 31.31 -49.88 63.58
CA PRO F 24 32.61 -50.51 63.93
C PRO F 24 33.12 -50.13 65.30
N LYS F 25 32.92 -48.88 65.72
CA LYS F 25 33.29 -48.47 67.06
C LYS F 25 32.45 -49.17 68.13
N MET F 26 31.27 -49.63 67.77
CA MET F 26 30.41 -50.37 68.69
C MET F 26 31.08 -51.67 69.14
N ASP F 27 31.58 -52.45 68.18
CA ASP F 27 32.24 -53.72 68.50
C ASP F 27 33.73 -53.55 68.82
N GLU F 28 34.33 -52.42 68.47
CA GLU F 28 35.74 -52.23 68.78
C GLU F 28 35.98 -52.10 70.29
N LEU F 29 35.06 -51.44 71.01
CA LEU F 29 35.20 -51.19 72.43
C LEU F 29 34.30 -52.08 73.28
N GLN F 30 33.83 -53.20 72.71
CA GLN F 30 33.00 -54.21 73.36
C GLN F 30 31.97 -53.63 74.33
N LEU F 31 31.24 -52.61 73.89
CA LEU F 31 30.20 -51.99 74.70
C LEU F 31 28.82 -52.27 74.11
N PHE F 32 27.84 -52.43 74.98
CA PHE F 32 26.50 -52.83 74.59
C PHE F 32 25.65 -51.60 74.26
N ARG F 33 24.38 -51.83 73.94
CA ARG F 33 23.48 -50.75 73.54
C ARG F 33 23.24 -49.78 74.68
N GLY F 34 22.70 -50.26 75.79
CA GLY F 34 22.53 -49.43 76.97
C GLY F 34 23.55 -49.74 78.04
N ASP F 35 24.56 -48.89 78.17
CA ASP F 35 25.64 -49.07 79.13
C ASP F 35 26.16 -47.71 79.58
N THR F 36 26.83 -47.70 80.72
CA THR F 36 27.43 -46.49 81.26
C THR F 36 28.81 -46.32 80.66
N VAL F 37 29.00 -45.24 79.90
CA VAL F 37 30.27 -44.97 79.23
C VAL F 37 31.00 -43.88 80.00
N LEU F 38 32.32 -43.86 79.88
CA LEU F 38 33.17 -42.91 80.58
C LEU F 38 33.88 -42.01 79.58
N LEU F 39 33.84 -40.71 79.83
CA LEU F 39 34.48 -39.72 78.98
C LEU F 39 35.54 -38.97 79.78
N LYS F 40 36.71 -38.79 79.18
CA LYS F 40 37.82 -38.09 79.80
C LYS F 40 38.21 -36.90 78.94
N GLY F 41 38.45 -35.76 79.59
CA GLY F 41 38.86 -34.56 78.89
C GLY F 41 40.03 -33.86 79.55
N LYS F 42 40.20 -32.57 79.25
CA LYS F 42 41.29 -31.80 79.84
C LYS F 42 40.80 -31.08 81.09
N LYS F 43 41.72 -30.36 81.74
CA LYS F 43 41.52 -29.66 83.00
C LYS F 43 41.15 -30.59 84.14
N ARG F 44 41.33 -31.91 83.97
CA ARG F 44 41.08 -32.90 85.01
C ARG F 44 39.64 -32.82 85.52
N ARG F 45 38.73 -33.12 84.61
CA ARG F 45 37.30 -33.16 84.92
C ARG F 45 36.69 -34.42 84.35
N GLU F 46 35.62 -34.90 84.98
CA GLU F 46 34.96 -36.13 84.60
C GLU F 46 33.51 -35.84 84.20
N ALA F 47 33.09 -36.42 83.08
CA ALA F 47 31.73 -36.27 82.60
C ALA F 47 31.22 -37.62 82.10
N VAL F 48 29.91 -37.84 82.27
CA VAL F 48 29.29 -39.09 81.88
C VAL F 48 28.20 -38.79 80.85
N CYS F 49 27.91 -39.78 80.02
CA CYS F 49 26.87 -39.66 79.00
C CYS F 49 26.44 -41.07 78.59
N ILE F 50 25.65 -41.16 77.52
CA ILE F 50 25.11 -42.42 77.02
C ILE F 50 25.45 -42.53 75.55
N VAL F 51 25.97 -43.69 75.15
CA VAL F 51 26.33 -43.96 73.76
C VAL F 51 25.09 -44.45 73.02
N LEU F 52 24.82 -43.82 71.87
CA LEU F 52 23.70 -44.20 71.01
C LEU F 52 24.23 -44.81 69.72
N SER F 53 23.51 -45.80 69.20
CA SER F 53 23.93 -46.53 68.02
C SER F 53 23.31 -45.91 66.76
N ASP F 54 24.12 -45.80 65.71
CA ASP F 54 23.65 -45.24 64.45
C ASP F 54 24.35 -45.95 63.30
N ASP F 55 23.62 -46.14 62.20
CA ASP F 55 24.15 -46.77 61.00
C ASP F 55 24.16 -45.83 59.80
N THR F 56 23.06 -45.13 59.55
CA THR F 56 22.99 -44.14 58.49
C THR F 56 23.72 -42.89 58.97
N CYS F 57 25.04 -42.87 58.76
CA CYS F 57 25.87 -41.81 59.30
C CYS F 57 27.09 -41.57 58.42
N SER F 58 28.09 -40.87 58.95
CA SER F 58 29.34 -40.64 58.23
C SER F 58 30.32 -41.77 58.50
N ASP F 59 31.54 -41.68 57.96
CA ASP F 59 32.49 -42.78 58.04
C ASP F 59 33.06 -42.96 59.44
N GLU F 60 33.68 -41.92 60.01
CA GLU F 60 34.32 -42.05 61.31
C GLU F 60 34.36 -40.71 62.03
N LYS F 61 33.42 -40.49 62.95
CA LYS F 61 33.39 -39.30 63.78
C LYS F 61 32.38 -39.52 64.90
N ILE F 62 32.52 -38.70 65.95
CA ILE F 62 31.62 -38.76 67.09
C ILE F 62 30.67 -37.58 67.02
N ARG F 63 29.53 -37.71 67.70
CA ARG F 63 28.47 -36.70 67.68
C ARG F 63 28.36 -36.13 69.08
N MET F 64 28.97 -34.96 69.28
CA MET F 64 29.21 -34.40 70.61
C MET F 64 28.23 -33.26 70.84
N ASN F 65 27.32 -33.45 71.79
CA ASN F 65 26.26 -32.48 72.01
C ASN F 65 26.75 -31.31 72.86
N ARG F 66 26.05 -30.18 72.74
CA ARG F 66 26.44 -28.95 73.42
C ARG F 66 26.14 -28.99 74.91
N VAL F 67 25.26 -29.86 75.38
CA VAL F 67 24.89 -29.88 76.79
C VAL F 67 26.08 -30.27 77.66
N VAL F 68 26.86 -31.27 77.22
CA VAL F 68 28.05 -31.68 77.95
C VAL F 68 29.34 -31.16 77.31
N ARG F 69 29.24 -30.48 76.16
CA ARG F 69 30.41 -29.78 75.64
C ARG F 69 30.90 -28.72 76.61
N ASN F 70 29.97 -27.96 77.20
CA ASN F 70 30.31 -27.02 78.26
C ASN F 70 30.72 -27.71 79.54
N ASN F 71 30.24 -28.94 79.77
CA ASN F 71 30.62 -29.68 80.97
C ASN F 71 32.09 -30.10 80.91
N LEU F 72 32.52 -30.61 79.76
CA LEU F 72 33.89 -31.08 79.60
C LEU F 72 34.82 -30.01 79.02
N ARG F 73 34.30 -28.80 78.76
CA ARG F 73 35.10 -27.71 78.22
C ARG F 73 35.79 -28.10 76.91
N VAL F 74 35.08 -28.83 76.06
CA VAL F 74 35.59 -29.27 74.77
C VAL F 74 34.76 -28.61 73.67
N ARG F 75 35.44 -27.98 72.73
CA ARG F 75 34.80 -27.28 71.63
C ARG F 75 34.97 -28.08 70.34
N LEU F 76 34.45 -27.54 69.24
CA LEU F 76 34.54 -28.19 67.95
C LEU F 76 35.96 -28.15 67.42
N GLY F 77 36.44 -29.29 66.92
CA GLY F 77 37.79 -29.39 66.39
C GLY F 77 38.82 -29.92 67.35
N ASP F 78 38.45 -30.23 68.58
CA ASP F 78 39.36 -30.77 69.58
C ASP F 78 39.35 -32.31 69.49
N VAL F 79 39.95 -32.97 70.48
CA VAL F 79 40.00 -34.42 70.55
C VAL F 79 39.26 -34.88 71.80
N ILE F 80 38.63 -36.04 71.69
CA ILE F 80 37.87 -36.63 72.79
C ILE F 80 38.29 -38.09 72.96
N SER F 81 38.51 -38.50 74.20
CA SER F 81 38.88 -39.87 74.52
C SER F 81 37.69 -40.58 75.15
N ILE F 82 37.38 -41.77 74.64
CA ILE F 82 36.25 -42.55 75.12
C ILE F 82 36.75 -43.93 75.54
N GLN F 83 36.11 -44.49 76.56
CA GLN F 83 36.45 -45.82 77.06
C GLN F 83 35.26 -46.37 77.81
N PRO F 84 35.01 -47.67 77.73
CA PRO F 84 33.87 -48.26 78.46
C PRO F 84 34.12 -48.28 79.95
N CYS F 85 33.01 -48.31 80.70
CA CYS F 85 33.06 -48.37 82.16
C CYS F 85 31.89 -49.21 82.65
N PRO F 86 32.04 -50.53 82.66
CA PRO F 86 30.94 -51.41 83.12
C PRO F 86 30.86 -51.47 84.64
N ASP F 87 30.47 -50.36 85.24
CA ASP F 87 30.33 -50.23 86.68
C ASP F 87 28.85 -50.07 87.04
N VAL F 88 28.37 -50.91 87.96
CA VAL F 88 26.98 -50.86 88.38
C VAL F 88 26.81 -49.73 89.38
N LYS F 89 25.94 -48.77 89.04
CA LYS F 89 25.67 -47.62 89.89
C LYS F 89 24.18 -47.52 90.16
N TYR F 90 23.84 -47.05 91.36
CA TYR F 90 22.46 -46.89 91.78
C TYR F 90 22.32 -45.56 92.49
N GLY F 91 21.28 -44.80 92.14
CA GLY F 91 21.06 -43.50 92.74
C GLY F 91 20.07 -43.56 93.90
N LYS F 92 20.44 -42.91 95.00
CA LYS F 92 19.58 -42.86 96.18
C LYS F 92 19.32 -41.42 96.61
N ARG F 93 20.34 -40.57 96.56
CA ARG F 93 20.23 -39.20 97.06
C ARG F 93 20.94 -38.25 96.11
N ILE F 94 20.21 -37.24 95.65
CA ILE F 94 20.76 -36.19 94.78
C ILE F 94 20.26 -34.84 95.29
N HIS F 95 21.17 -33.87 95.36
CA HIS F 95 20.85 -32.53 95.83
C HIS F 95 21.22 -31.52 94.75
N VAL F 96 20.24 -30.68 94.39
CA VAL F 96 20.43 -29.64 93.37
C VAL F 96 19.85 -28.34 93.88
N LEU F 97 20.50 -27.23 93.51
CA LEU F 97 20.06 -25.90 93.90
C LEU F 97 20.31 -24.94 92.74
N PRO F 98 19.36 -24.09 92.40
CA PRO F 98 19.55 -23.12 91.32
C PRO F 98 20.41 -21.95 91.79
N ILE F 99 20.67 -21.03 90.85
CA ILE F 99 21.46 -19.84 91.10
C ILE F 99 20.55 -18.63 90.98
N ASP F 100 20.77 -17.64 91.85
CA ASP F 100 19.89 -16.48 91.94
C ASP F 100 20.16 -15.43 90.86
N ASP F 101 20.87 -15.81 89.79
CA ASP F 101 21.14 -14.89 88.70
C ASP F 101 20.12 -14.97 87.56
N THR F 102 19.32 -16.05 87.52
CA THR F 102 18.35 -16.19 86.43
C THR F 102 17.01 -16.73 86.92
N VAL F 103 16.71 -16.66 88.21
CA VAL F 103 15.45 -17.15 88.75
C VAL F 103 14.49 -16.01 89.05
N GLU F 104 14.72 -14.83 88.47
CA GLU F 104 13.84 -13.69 88.70
C GLU F 104 12.50 -13.91 88.01
N GLY F 105 11.42 -13.46 88.67
CA GLY F 105 10.10 -13.59 88.12
C GLY F 105 9.48 -14.96 88.19
N ILE F 106 10.11 -15.89 88.91
CA ILE F 106 9.62 -17.26 89.04
C ILE F 106 9.31 -17.50 90.51
N THR F 107 8.07 -17.89 90.80
CA THR F 107 7.62 -18.17 92.15
C THR F 107 6.90 -19.51 92.18
N GLY F 108 6.54 -19.94 93.38
CA GLY F 108 5.86 -21.20 93.55
C GLY F 108 6.80 -22.39 93.48
N ASN F 109 6.20 -23.57 93.47
CA ASN F 109 6.97 -24.81 93.41
C ASN F 109 7.46 -25.04 91.99
N LEU F 110 8.76 -25.27 91.85
CA LEU F 110 9.39 -25.50 90.55
C LEU F 110 10.05 -26.86 90.44
N PHE F 111 9.81 -27.75 91.40
CA PHE F 111 10.42 -29.08 91.38
C PHE F 111 9.46 -30.17 90.91
N GLU F 112 8.15 -29.94 91.01
CA GLU F 112 7.17 -30.95 90.59
C GLU F 112 6.82 -30.85 89.12
N VAL F 113 7.23 -29.79 88.42
CA VAL F 113 6.91 -29.62 87.01
C VAL F 113 8.15 -29.54 86.12
N TYR F 114 9.30 -29.11 86.64
CA TYR F 114 10.52 -29.05 85.86
C TYR F 114 11.44 -30.23 86.07
N LEU F 115 11.25 -31.00 87.15
CA LEU F 115 12.12 -32.12 87.45
C LEU F 115 11.45 -33.48 87.29
N LYS F 116 10.13 -33.55 87.34
CA LYS F 116 9.44 -34.83 87.21
C LYS F 116 9.42 -35.33 85.77
N PRO F 117 8.93 -34.53 84.79
CA PRO F 117 8.96 -35.02 83.40
C PRO F 117 10.37 -35.16 82.85
N TYR F 118 11.34 -34.42 83.38
CA TYR F 118 12.71 -34.49 82.89
C TYR F 118 13.43 -35.75 83.32
N PHE F 119 13.01 -36.38 84.42
CA PHE F 119 13.71 -37.55 84.95
C PHE F 119 13.14 -38.86 84.43
N LEU F 120 11.83 -38.93 84.20
CA LEU F 120 11.22 -40.18 83.76
C LEU F 120 11.65 -40.52 82.33
N GLU F 121 11.83 -41.82 82.08
CA GLU F 121 12.21 -42.35 80.78
C GLU F 121 13.54 -41.77 80.30
N ALA F 122 14.40 -41.43 81.28
CA ALA F 122 15.71 -40.89 80.97
C ALA F 122 16.83 -41.83 81.41
N TYR F 123 16.85 -42.16 82.71
CA TYR F 123 17.91 -42.97 83.30
C TYR F 123 19.30 -42.44 82.95
N ARG F 124 19.45 -41.12 83.01
CA ARG F 124 20.70 -40.48 82.66
C ARG F 124 21.53 -40.26 83.92
N PRO F 125 22.72 -40.83 84.02
CA PRO F 125 23.53 -40.62 85.22
C PRO F 125 24.08 -39.20 85.27
N ILE F 126 24.51 -38.81 86.47
CA ILE F 126 25.04 -37.47 86.72
C ILE F 126 26.38 -37.62 87.42
N ARG F 127 27.20 -36.57 87.31
CA ARG F 127 28.51 -36.52 87.92
C ARG F 127 28.61 -35.29 88.82
N LYS F 128 29.76 -35.13 89.46
CA LYS F 128 30.01 -33.95 90.27
C LYS F 128 30.50 -32.81 89.40
N GLY F 129 29.73 -31.72 89.35
CA GLY F 129 30.08 -30.57 88.55
C GLY F 129 29.46 -30.53 87.17
N ASP F 130 28.50 -31.41 86.88
CA ASP F 130 27.87 -31.42 85.57
C ASP F 130 27.00 -30.18 85.39
N ILE F 131 27.04 -29.61 84.19
CA ILE F 131 26.22 -28.45 83.86
C ILE F 131 25.23 -28.84 82.78
N PHE F 132 24.02 -29.23 83.18
CA PHE F 132 22.99 -29.65 82.25
C PHE F 132 21.88 -28.61 82.21
N LEU F 133 21.34 -28.37 81.02
CA LEU F 133 20.32 -27.36 80.79
C LEU F 133 18.98 -28.04 80.56
N VAL F 134 17.96 -27.60 81.30
CA VAL F 134 16.61 -28.11 81.16
C VAL F 134 15.76 -27.04 80.48
N ARG F 135 14.59 -27.46 80.01
CA ARG F 135 13.69 -26.58 79.28
C ARG F 135 12.29 -26.66 79.88
N GLY F 136 11.57 -25.54 79.80
CA GLY F 136 10.23 -25.46 80.35
C GLY F 136 9.88 -24.07 80.85
N GLY F 137 8.63 -23.68 80.69
CA GLY F 137 8.19 -22.37 81.14
C GLY F 137 8.75 -21.20 80.37
N MET F 138 8.81 -21.30 79.04
CA MET F 138 9.22 -20.19 78.17
C MET F 138 10.64 -19.73 78.44
N ARG F 139 11.49 -20.62 78.96
CA ARG F 139 12.85 -20.25 79.32
C ARG F 139 13.65 -21.51 79.60
N ALA F 140 14.97 -21.33 79.70
CA ALA F 140 15.89 -22.42 80.02
C ALA F 140 16.75 -22.02 81.20
N VAL F 141 16.83 -22.90 82.18
CA VAL F 141 17.60 -22.66 83.40
C VAL F 141 18.50 -23.87 83.64
N GLU F 142 19.77 -23.62 83.96
CA GLU F 142 20.72 -24.67 84.23
C GLU F 142 20.86 -24.90 85.74
N PHE F 143 21.27 -26.11 86.09
CA PHE F 143 21.44 -26.52 87.47
C PHE F 143 22.92 -26.76 87.77
N LYS F 144 23.26 -26.75 89.06
CA LYS F 144 24.61 -27.06 89.48
C LYS F 144 24.55 -27.70 90.87
N VAL F 145 25.38 -28.72 91.09
CA VAL F 145 25.43 -29.44 92.35
C VAL F 145 26.65 -28.97 93.14
N VAL F 146 26.47 -28.83 94.45
CA VAL F 146 27.54 -28.39 95.33
C VAL F 146 27.92 -29.50 96.31
N GLU F 147 26.92 -30.23 96.80
CA GLU F 147 27.16 -31.30 97.77
C GLU F 147 26.09 -32.37 97.58
N THR F 148 26.53 -33.62 97.42
CA THR F 148 25.62 -34.74 97.23
C THR F 148 26.34 -36.02 97.65
N ASP F 149 25.79 -37.16 97.26
CA ASP F 149 26.44 -38.43 97.53
C ASP F 149 27.77 -38.51 96.77
N PRO F 150 28.74 -39.25 97.31
CA PRO F 150 30.06 -39.33 96.65
C PRO F 150 29.94 -39.85 95.22
N SER F 151 30.49 -39.07 94.29
CA SER F 151 30.42 -39.45 92.88
C SER F 151 31.27 -40.68 92.62
N PRO F 152 30.84 -41.58 91.72
CA PRO F 152 29.57 -41.50 90.98
C PRO F 152 28.39 -42.09 91.75
N TYR F 153 27.97 -43.30 91.37
CA TYR F 153 26.88 -44.01 92.04
C TYR F 153 25.60 -43.17 92.03
N CYS F 154 25.29 -42.61 90.86
CA CYS F 154 24.12 -41.76 90.67
C CYS F 154 23.35 -42.22 89.44
N ILE F 155 22.15 -42.74 89.64
CA ILE F 155 21.28 -43.19 88.56
C ILE F 155 19.87 -42.71 88.85
N VAL F 156 19.20 -42.17 87.83
CA VAL F 156 17.85 -41.66 88.00
C VAL F 156 16.91 -42.84 88.21
N ALA F 157 16.26 -42.88 89.38
CA ALA F 157 15.32 -43.92 89.73
C ALA F 157 14.17 -43.30 90.51
N PRO F 158 12.97 -43.88 90.42
CA PRO F 158 11.82 -43.32 91.15
C PRO F 158 11.95 -43.35 92.66
N ASP F 159 12.83 -44.18 93.22
CA ASP F 159 12.96 -44.31 94.67
C ASP F 159 13.83 -43.22 95.29
N THR F 160 14.13 -42.16 94.55
CA THR F 160 14.96 -41.07 95.05
C THR F 160 14.06 -39.93 95.51
N VAL F 161 14.18 -39.55 96.78
CA VAL F 161 13.39 -38.47 97.34
C VAL F 161 14.14 -37.16 97.16
N ILE F 162 13.40 -36.04 97.23
CA ILE F 162 13.99 -34.71 97.10
C ILE F 162 13.39 -33.81 98.16
N HIS F 163 14.10 -32.73 98.48
CA HIS F 163 13.62 -31.75 99.45
C HIS F 163 14.36 -30.44 99.21
N CYS F 164 13.59 -29.35 99.10
CA CYS F 164 14.16 -28.04 98.85
C CYS F 164 14.46 -27.32 100.16
N GLU F 165 15.38 -26.38 100.09
CA GLU F 165 15.78 -25.58 101.24
C GLU F 165 15.34 -24.12 101.13
N GLY F 166 15.57 -23.48 99.98
CA GLY F 166 15.16 -22.11 99.80
C GLY F 166 16.30 -21.12 99.96
N GLU F 167 17.49 -21.49 99.49
CA GLU F 167 18.66 -20.62 99.58
C GLU F 167 19.58 -20.93 98.41
N PRO F 168 19.56 -20.11 97.37
CA PRO F 168 20.44 -20.34 96.22
C PRO F 168 21.89 -20.01 96.55
N ILE F 169 22.79 -20.49 95.69
CA ILE F 169 24.22 -20.27 95.87
C ILE F 169 24.72 -19.37 94.74
N LYS F 170 25.80 -18.65 95.02
CA LYS F 170 26.38 -17.74 94.04
C LYS F 170 27.16 -18.51 92.99
N ARG F 171 26.99 -18.12 91.73
CA ARG F 171 27.69 -18.76 90.63
C ARG F 171 29.14 -18.30 90.60
N GLU F 172 30.06 -19.25 90.41
CA GLU F 172 31.47 -18.93 90.32
C GLU F 172 31.87 -18.70 88.87
N ASP F 173 33.16 -18.51 88.63
CA ASP F 173 33.69 -18.24 87.31
C ASP F 173 34.23 -19.50 86.62
N GLU F 174 34.00 -20.68 87.21
CA GLU F 174 34.48 -21.93 86.64
C GLU F 174 33.69 -22.35 85.41
N GLU F 175 32.40 -22.02 85.34
CA GLU F 175 31.54 -22.39 84.24
C GLU F 175 30.92 -21.16 83.62
N GLU F 176 30.38 -21.33 82.41
CA GLU F 176 29.74 -20.24 81.68
C GLU F 176 28.28 -20.61 81.40
N SER F 177 27.47 -19.57 81.21
CA SER F 177 26.05 -19.76 80.92
C SER F 177 25.86 -20.31 79.51
N LEU F 178 24.80 -21.10 79.35
CA LEU F 178 24.46 -21.70 78.07
C LEU F 178 23.49 -20.85 77.26
N ASN F 179 23.12 -19.67 77.77
CA ASN F 179 22.18 -18.80 77.06
C ASN F 179 22.77 -18.16 75.82
N GLU F 180 24.08 -18.22 75.64
CA GLU F 180 24.70 -17.65 74.45
C GLU F 180 24.44 -18.54 73.24
N VAL F 181 24.72 -17.99 72.07
CA VAL F 181 24.52 -18.71 70.82
C VAL F 181 25.57 -19.81 70.70
N GLY F 182 25.14 -20.99 70.25
CA GLY F 182 26.05 -22.08 69.99
C GLY F 182 25.94 -22.56 68.56
N TYR F 183 26.64 -23.65 68.24
CA TYR F 183 26.60 -24.20 66.90
C TYR F 183 25.26 -24.84 66.56
N ASP F 184 24.45 -25.14 67.58
CA ASP F 184 23.15 -25.79 67.38
C ASP F 184 22.00 -24.81 67.39
N ASP F 185 22.28 -23.51 67.41
CA ASP F 185 21.24 -22.49 67.44
C ASP F 185 20.97 -21.89 66.07
N ILE F 186 21.51 -22.47 65.00
CA ILE F 186 21.33 -21.98 63.64
C ILE F 186 20.72 -23.10 62.82
N GLY F 187 19.64 -22.79 62.10
CA GLY F 187 19.01 -23.75 61.23
C GLY F 187 18.53 -23.10 59.95
N GLY F 188 18.36 -23.93 58.93
CA GLY F 188 17.88 -23.46 57.64
C GLY F 188 18.97 -23.43 56.58
N CYS F 189 20.16 -22.99 56.97
CA CYS F 189 21.31 -22.96 56.08
C CYS F 189 22.24 -24.11 56.44
N ARG F 190 22.14 -25.22 55.70
CA ARG F 190 22.93 -26.41 55.98
C ARG F 190 24.15 -26.53 55.09
N LYS F 191 23.99 -26.35 53.77
CA LYS F 191 25.16 -26.38 52.89
C LYS F 191 26.10 -25.21 53.17
N GLN F 192 25.56 -24.03 53.45
CA GLN F 192 26.42 -22.87 53.67
C GLN F 192 27.21 -22.98 54.95
N LEU F 193 26.72 -23.73 55.93
CA LEU F 193 27.43 -23.84 57.19
C LEU F 193 28.64 -24.77 57.13
N ALA F 194 28.54 -25.89 56.42
CA ALA F 194 29.59 -26.89 56.48
C ALA F 194 30.88 -26.38 55.83
N GLN F 195 30.74 -25.61 54.75
CA GLN F 195 31.91 -25.07 54.05
C GLN F 195 32.53 -23.90 54.83
N ILE F 196 31.78 -23.24 55.72
CA ILE F 196 32.42 -22.39 56.73
C ILE F 196 33.14 -23.25 57.76
N LYS F 197 32.54 -24.37 58.14
CA LYS F 197 33.18 -25.33 59.03
C LYS F 197 34.47 -25.87 58.42
N GLU F 198 34.62 -25.73 57.10
CA GLU F 198 35.80 -26.19 56.38
C GLU F 198 36.90 -25.14 56.31
N MET F 199 36.59 -23.87 56.53
CA MET F 199 37.56 -22.80 56.37
C MET F 199 37.79 -22.00 57.64
N VAL F 200 37.08 -22.29 58.73
CA VAL F 200 37.30 -21.51 59.94
C VAL F 200 38.04 -22.33 61.01
N GLU F 201 37.48 -23.48 61.40
CA GLU F 201 38.08 -24.24 62.48
C GLU F 201 39.33 -25.00 62.05
N LEU F 202 39.51 -25.27 60.75
CA LEU F 202 40.71 -25.96 60.33
C LEU F 202 41.96 -25.08 60.52
N PRO F 203 41.96 -23.82 60.07
CA PRO F 203 43.14 -22.97 60.30
C PRO F 203 43.21 -22.32 61.67
N LEU F 204 42.33 -22.68 62.60
CA LEU F 204 42.36 -22.13 63.95
C LEU F 204 42.75 -23.15 65.00
N ARG F 205 42.21 -24.37 64.93
CA ARG F 205 42.53 -25.38 65.93
C ARG F 205 43.94 -25.92 65.80
N HIS F 206 44.61 -25.64 64.67
CA HIS F 206 45.97 -26.13 64.42
C HIS F 206 46.82 -24.94 63.99
N PRO F 207 47.23 -24.08 64.94
CA PRO F 207 48.02 -22.91 64.54
C PRO F 207 49.43 -23.26 64.08
N ALA F 208 50.11 -24.15 64.79
CA ALA F 208 51.48 -24.51 64.43
C ALA F 208 51.54 -25.41 63.20
N LEU F 209 50.43 -26.10 62.87
CA LEU F 209 50.42 -26.93 61.67
C LEU F 209 50.58 -26.08 60.41
N PHE F 210 49.92 -24.93 60.36
CA PHE F 210 50.03 -24.04 59.22
C PHE F 210 51.37 -23.33 59.14
N LYS F 211 52.08 -23.20 60.26
CA LYS F 211 53.38 -22.52 60.25
C LYS F 211 54.43 -23.33 59.50
N ALA F 212 54.34 -24.66 59.54
CA ALA F 212 55.31 -25.50 58.85
C ALA F 212 54.94 -25.73 57.39
N ILE F 213 53.66 -25.88 57.08
CA ILE F 213 53.23 -26.11 55.71
C ILE F 213 53.16 -24.79 54.95
N GLY F 214 53.16 -24.87 53.63
CA GLY F 214 53.11 -23.70 52.77
C GLY F 214 51.73 -23.25 52.37
N VAL F 215 50.68 -23.82 52.94
CA VAL F 215 49.31 -23.46 52.58
C VAL F 215 48.96 -22.14 53.27
N LYS F 216 48.53 -21.16 52.49
CA LYS F 216 48.18 -19.86 53.05
C LYS F 216 46.81 -19.92 53.69
N PRO F 217 46.67 -19.63 54.98
CA PRO F 217 45.37 -19.74 55.62
C PRO F 217 44.43 -18.65 55.15
N PRO F 218 43.13 -18.80 55.39
CA PRO F 218 42.19 -17.73 55.06
C PRO F 218 42.45 -16.46 55.85
N ARG F 219 42.16 -15.32 55.21
CA ARG F 219 42.19 -14.04 55.88
C ARG F 219 40.84 -13.33 55.85
N GLY F 220 40.25 -13.12 54.67
CA GLY F 220 39.00 -12.38 54.56
C GLY F 220 37.89 -13.27 54.04
N ILE F 221 36.73 -13.19 54.70
CA ILE F 221 35.54 -13.93 54.32
C ILE F 221 34.40 -12.93 54.21
N LEU F 222 33.75 -12.89 53.05
CA LEU F 222 32.65 -11.97 52.81
C LEU F 222 31.33 -12.73 52.84
N LEU F 223 30.35 -12.17 53.55
CA LEU F 223 29.04 -12.78 53.70
C LEU F 223 28.03 -12.09 52.79
N TYR F 224 26.95 -12.82 52.49
CA TYR F 224 25.87 -12.31 51.66
C TYR F 224 24.54 -12.71 52.27
N GLY F 225 23.46 -12.40 51.55
CA GLY F 225 22.13 -12.74 51.99
C GLY F 225 21.29 -11.52 52.28
N PRO F 226 19.98 -11.65 52.13
CA PRO F 226 19.08 -10.54 52.45
C PRO F 226 19.10 -10.27 53.95
N PRO F 227 18.73 -9.05 54.36
CA PRO F 227 18.76 -8.72 55.80
C PRO F 227 17.87 -9.66 56.60
N GLY F 228 18.36 -10.04 57.77
CA GLY F 228 17.68 -10.99 58.63
C GLY F 228 18.00 -12.45 58.35
N THR F 229 18.94 -12.73 57.45
CA THR F 229 19.27 -14.12 57.13
C THR F 229 20.01 -14.78 58.29
N GLY F 230 20.79 -14.00 59.04
CA GLY F 230 21.56 -14.55 60.14
C GLY F 230 23.05 -14.27 60.01
N LYS F 231 23.40 -13.20 59.31
CA LYS F 231 24.80 -12.85 59.10
C LYS F 231 25.54 -12.58 60.40
N THR F 232 24.83 -12.19 61.46
CA THR F 232 25.44 -11.94 62.76
C THR F 232 25.41 -13.17 63.66
N LEU F 233 24.31 -13.94 63.62
CA LEU F 233 24.16 -15.07 64.53
C LEU F 233 25.23 -16.13 64.28
N ILE F 234 25.44 -16.49 63.01
CA ILE F 234 26.41 -17.52 62.68
C ILE F 234 27.83 -17.04 62.99
N ALA F 235 28.11 -15.77 62.72
CA ALA F 235 29.43 -15.23 63.03
C ALA F 235 29.70 -15.26 64.53
N ARG F 236 28.71 -14.86 65.33
CA ARG F 236 28.88 -14.93 66.79
C ARG F 236 29.06 -16.35 67.26
N ALA F 237 28.31 -17.30 66.70
CA ALA F 237 28.46 -18.69 67.10
C ALA F 237 29.85 -19.22 66.77
N VAL F 238 30.31 -19.02 65.54
CA VAL F 238 31.62 -19.53 65.13
C VAL F 238 32.77 -18.77 65.75
N ALA F 239 32.53 -17.58 66.30
CA ALA F 239 33.55 -16.86 67.04
C ALA F 239 33.57 -17.17 68.52
N ASN F 240 32.44 -17.60 69.09
CA ASN F 240 32.39 -17.87 70.52
C ASN F 240 32.57 -19.35 70.85
N GLU F 241 32.33 -20.25 69.89
CA GLU F 241 32.46 -21.68 70.15
C GLU F 241 33.80 -22.24 69.69
N THR F 242 34.82 -21.41 69.56
CA THR F 242 36.16 -21.87 69.19
C THR F 242 37.22 -21.57 70.23
N GLY F 243 36.94 -20.72 71.21
CA GLY F 243 37.89 -20.38 72.24
C GLY F 243 38.80 -19.23 71.91
N ALA F 244 38.88 -18.83 70.64
CA ALA F 244 39.70 -17.70 70.24
C ALA F 244 39.00 -16.38 70.57
N PHE F 245 39.80 -15.32 70.65
CA PHE F 245 39.24 -14.01 70.95
C PHE F 245 38.39 -13.51 69.79
N PHE F 246 37.32 -12.80 70.13
CA PHE F 246 36.41 -12.23 69.15
C PHE F 246 36.14 -10.78 69.50
N PHE F 247 36.27 -9.89 68.52
CA PHE F 247 36.07 -8.46 68.72
C PHE F 247 35.01 -7.99 67.72
N LEU F 248 34.09 -7.15 68.19
CA LEU F 248 32.92 -6.76 67.41
C LEU F 248 32.92 -5.26 67.14
N ILE F 249 32.78 -4.90 65.87
CA ILE F 249 32.59 -3.53 65.42
C ILE F 249 31.65 -3.57 64.23
N ASN F 250 30.45 -2.98 64.35
CA ASN F 250 29.50 -3.32 63.30
C ASN F 250 29.69 -2.48 62.05
N GLY F 251 29.10 -1.28 62.00
CA GLY F 251 29.57 -0.22 61.15
C GLY F 251 29.42 1.21 61.66
N PRO F 252 28.32 1.52 62.36
CA PRO F 252 27.97 2.94 62.53
C PRO F 252 28.74 3.63 63.64
N GLU F 253 29.18 2.90 64.66
CA GLU F 253 29.96 3.51 65.72
C GLU F 253 31.25 4.14 65.18
N ILE F 254 31.72 3.69 64.01
CA ILE F 254 32.88 4.32 63.39
C ILE F 254 32.52 5.72 62.89
N MET F 255 31.39 5.85 62.20
CA MET F 255 31.00 7.14 61.64
C MET F 255 30.23 8.02 62.61
N SER F 256 29.89 7.50 63.79
CA SER F 256 29.15 8.29 64.77
C SER F 256 30.03 9.25 65.55
N LYS F 257 31.31 8.91 65.75
CA LYS F 257 32.20 9.75 66.53
C LYS F 257 32.75 10.89 65.69
N LEU F 258 33.52 11.76 66.33
CA LEU F 258 34.09 12.91 65.65
C LEU F 258 35.18 12.46 64.69
N ALA F 259 35.52 13.36 63.75
CA ALA F 259 36.54 13.07 62.77
C ALA F 259 37.93 13.07 63.41
N GLY F 260 38.74 12.07 63.08
CA GLY F 260 40.09 11.99 63.58
C GLY F 260 40.34 10.79 64.47
N GLU F 261 39.40 10.50 65.36
CA GLU F 261 39.53 9.35 66.24
C GLU F 261 38.84 8.10 65.70
N SER F 262 37.97 8.24 64.70
CA SER F 262 37.34 7.06 64.10
C SER F 262 38.38 6.15 63.46
N GLU F 263 39.34 6.72 62.74
CA GLU F 263 40.41 5.92 62.17
C GLU F 263 41.30 5.32 63.25
N SER F 264 41.56 6.07 64.32
CA SER F 264 42.38 5.54 65.41
C SER F 264 41.71 4.35 66.09
N ASN F 265 40.39 4.40 66.27
CA ASN F 265 39.69 3.27 66.88
C ASN F 265 39.84 2.02 66.02
N LEU F 266 39.65 2.15 64.71
CA LEU F 266 39.81 1.01 63.82
C LEU F 266 41.25 0.50 63.82
N ARG F 267 42.22 1.42 63.84
CA ARG F 267 43.62 1.01 63.85
C ARG F 267 43.96 0.25 65.13
N LYS F 268 43.47 0.71 66.28
CA LYS F 268 43.76 0.01 67.53
C LYS F 268 42.99 -1.29 67.65
N ALA F 269 41.81 -1.39 67.03
CA ALA F 269 41.06 -2.63 67.03
C ALA F 269 41.79 -3.76 66.30
N PHE F 270 42.73 -3.44 65.43
CA PHE F 270 43.51 -4.45 64.75
C PHE F 270 44.76 -4.85 65.53
N GLU F 271 45.43 -3.88 66.17
CA GLU F 271 46.61 -4.22 66.95
C GLU F 271 46.26 -4.91 68.26
N GLU F 272 45.05 -4.67 68.79
CA GLU F 272 44.65 -5.39 69.99
C GLU F 272 44.43 -6.87 69.72
N ALA F 273 44.09 -7.22 68.48
CA ALA F 273 43.89 -8.62 68.12
C ALA F 273 45.20 -9.35 67.86
N GLU F 274 46.27 -8.63 67.49
CA GLU F 274 47.53 -9.29 67.18
C GLU F 274 48.17 -9.90 68.42
N LYS F 275 48.20 -9.16 69.53
CA LYS F 275 48.90 -9.64 70.72
C LYS F 275 48.25 -10.90 71.29
N ASN F 276 46.93 -10.94 71.34
CA ASN F 276 46.20 -12.09 71.90
C ASN F 276 45.82 -13.11 70.83
N ALA F 277 46.81 -13.53 70.05
CA ALA F 277 46.57 -14.54 69.03
C ALA F 277 46.35 -15.91 69.67
N PRO F 278 45.47 -16.75 69.10
CA PRO F 278 44.67 -16.46 67.90
C PRO F 278 43.47 -15.58 68.21
N ALA F 279 43.06 -14.77 67.24
CA ALA F 279 41.91 -13.89 67.39
C ALA F 279 41.13 -13.89 66.08
N ILE F 280 39.95 -13.26 66.11
CA ILE F 280 39.09 -13.15 64.94
C ILE F 280 38.43 -11.79 64.94
N ILE F 281 38.14 -11.29 63.74
CA ILE F 281 37.53 -9.97 63.56
C ILE F 281 36.29 -10.14 62.70
N PHE F 282 35.18 -9.54 63.13
CA PHE F 282 33.92 -9.63 62.42
C PHE F 282 33.33 -8.24 62.26
N ILE F 283 32.82 -7.95 61.06
CA ILE F 283 32.19 -6.67 60.74
C ILE F 283 30.75 -6.94 60.37
N ASP F 284 29.83 -6.26 61.03
CA ASP F 284 28.41 -6.58 60.86
C ASP F 284 27.89 -6.08 59.51
N GLU F 285 27.88 -4.78 59.29
CA GLU F 285 27.47 -4.24 57.99
C GLU F 285 28.68 -3.57 57.36
N LEU F 286 28.82 -3.73 56.06
CA LEU F 286 29.92 -3.16 55.30
C LEU F 286 29.47 -2.25 54.18
N ASP F 287 28.22 -2.35 53.76
CA ASP F 287 27.72 -1.53 52.65
C ASP F 287 27.76 -0.05 53.00
N ALA F 288 27.63 0.29 54.27
CA ALA F 288 27.66 1.68 54.72
C ALA F 288 29.03 2.11 55.20
N ILE F 289 30.05 1.28 55.02
CA ILE F 289 31.41 1.59 55.44
C ILE F 289 32.25 2.07 54.27
N ALA F 290 32.18 1.37 53.14
CA ALA F 290 33.01 1.65 51.97
C ALA F 290 32.11 1.82 50.74
N PRO F 291 31.44 2.96 50.60
CA PRO F 291 30.64 3.23 49.40
C PRO F 291 31.44 3.90 48.29
N LYS F 292 32.56 3.29 47.90
CA LYS F 292 33.42 3.88 46.87
C LYS F 292 32.85 3.56 45.49
N ARG F 293 31.76 4.26 45.17
CA ARG F 293 31.01 4.11 43.94
C ARG F 293 30.47 5.48 43.55
N GLU F 294 29.42 5.52 42.72
CA GLU F 294 28.87 6.77 42.22
C GLU F 294 28.53 7.78 43.32
N LYS F 295 28.61 7.39 44.59
CA LYS F 295 28.34 8.29 45.69
C LYS F 295 29.51 9.25 45.91
N THR F 296 30.64 8.73 46.36
CA THR F 296 31.87 9.49 46.60
C THR F 296 31.60 10.87 47.19
N HIS F 297 30.83 10.91 48.27
CA HIS F 297 30.58 12.13 49.02
C HIS F 297 31.32 12.06 50.35
N GLY F 298 31.82 13.21 50.80
CA GLY F 298 32.48 13.29 52.09
C GLY F 298 33.96 12.94 52.03
N GLU F 299 34.78 13.75 52.67
CA GLU F 299 36.22 13.51 52.68
C GLU F 299 36.61 12.45 53.69
N VAL F 300 36.02 12.49 54.88
CA VAL F 300 36.47 11.61 55.97
C VAL F 300 36.04 10.17 55.78
N GLU F 301 35.06 9.91 54.92
CA GLU F 301 34.51 8.55 54.84
C GLU F 301 35.31 7.67 53.89
N ARG F 302 35.90 8.25 52.86
CA ARG F 302 36.88 7.49 52.09
C ARG F 302 38.19 7.34 52.83
N ARG F 303 38.43 8.19 53.84
CA ARG F 303 39.60 8.02 54.70
C ARG F 303 39.58 6.68 55.42
N ILE F 304 38.44 6.28 55.97
CA ILE F 304 38.38 5.02 56.69
C ILE F 304 38.42 3.85 55.71
N VAL F 305 37.93 4.06 54.48
CA VAL F 305 38.07 3.03 53.45
C VAL F 305 39.55 2.79 53.16
N SER F 306 40.30 3.86 52.95
CA SER F 306 41.74 3.72 52.75
C SER F 306 42.43 3.14 53.97
N GLN F 307 41.97 3.49 55.17
CA GLN F 307 42.55 2.95 56.39
C GLN F 307 42.36 1.44 56.48
N LEU F 308 41.15 0.96 56.19
CA LEU F 308 40.89 -0.47 56.24
C LEU F 308 41.63 -1.21 55.14
N LEU F 309 41.72 -0.60 53.96
CA LEU F 309 42.52 -1.18 52.89
C LEU F 309 43.99 -1.29 53.29
N THR F 310 44.52 -0.28 53.97
CA THR F 310 45.89 -0.34 54.46
C THR F 310 46.04 -1.43 55.51
N LEU F 311 45.09 -1.53 56.44
CA LEU F 311 45.18 -2.49 57.52
C LEU F 311 45.00 -3.93 57.07
N MET F 312 44.36 -4.15 55.93
CA MET F 312 44.25 -5.50 55.36
C MET F 312 45.34 -5.82 54.36
N ASP F 313 45.83 -4.81 53.62
CA ASP F 313 46.86 -5.06 52.62
C ASP F 313 48.16 -5.51 53.26
N GLY F 314 48.50 -4.94 54.41
CA GLY F 314 49.71 -5.27 55.12
C GLY F 314 49.66 -6.53 55.96
N LEU F 315 48.52 -7.23 55.96
CA LEU F 315 48.39 -8.44 56.77
C LEU F 315 49.17 -9.60 56.16
N LYS F 316 50.43 -9.74 56.56
CA LYS F 316 51.20 -10.92 56.20
C LYS F 316 50.81 -12.06 57.13
N GLN F 317 51.54 -13.18 57.09
CA GLN F 317 51.16 -14.31 57.92
C GLN F 317 51.23 -13.96 59.40
N ARG F 318 52.45 -13.76 59.92
CA ARG F 318 52.67 -13.42 61.32
C ARG F 318 51.86 -14.33 62.26
N ALA F 319 50.70 -13.84 62.69
CA ALA F 319 49.82 -14.55 63.60
C ALA F 319 48.73 -15.27 62.81
N HIS F 320 47.69 -15.76 63.51
CA HIS F 320 46.56 -16.41 62.86
C HIS F 320 45.31 -15.57 63.14
N VAL F 321 45.04 -14.62 62.24
CA VAL F 321 43.91 -13.72 62.37
C VAL F 321 43.08 -13.77 61.10
N ILE F 322 41.76 -13.69 61.26
CA ILE F 322 40.82 -13.70 60.14
C ILE F 322 39.82 -12.58 60.34
N VAL F 323 39.61 -11.78 59.30
CA VAL F 323 38.58 -10.74 59.30
C VAL F 323 37.40 -11.24 58.49
N MET F 324 36.20 -10.92 58.94
CA MET F 324 34.98 -11.30 58.26
C MET F 324 34.03 -10.11 58.20
N ALA F 325 33.31 -9.98 57.09
CA ALA F 325 32.37 -8.88 56.89
C ALA F 325 31.09 -9.43 56.28
N ALA F 326 30.01 -8.68 56.48
CA ALA F 326 28.71 -9.07 55.99
C ALA F 326 28.06 -7.88 55.31
N THR F 327 27.17 -8.18 54.37
CA THR F 327 26.46 -7.16 53.60
C THR F 327 25.10 -7.71 53.20
N ASN F 328 24.34 -6.91 52.47
CA ASN F 328 22.98 -7.27 52.09
C ASN F 328 22.77 -7.42 50.60
N ARG F 329 23.57 -6.76 49.77
CA ARG F 329 23.42 -6.82 48.33
C ARG F 329 24.80 -6.87 47.68
N PRO F 330 24.92 -7.47 46.49
CA PRO F 330 26.25 -7.57 45.86
C PRO F 330 26.79 -6.24 45.39
N ASN F 331 25.94 -5.34 44.90
CA ASN F 331 26.42 -4.06 44.36
C ASN F 331 26.52 -3.00 45.46
N SER F 332 27.19 -3.38 46.54
CA SER F 332 27.42 -2.46 47.63
C SER F 332 28.82 -2.56 48.22
N ILE F 333 29.72 -3.37 47.67
CA ILE F 333 31.06 -3.53 48.18
C ILE F 333 32.02 -2.84 47.21
N ASP F 334 33.01 -2.15 47.77
CA ASP F 334 34.04 -1.52 46.98
C ASP F 334 34.74 -2.58 46.14
N PRO F 335 34.82 -2.41 44.81
CA PRO F 335 35.52 -3.42 43.99
C PRO F 335 36.98 -3.57 44.36
N ALA F 336 37.60 -2.55 44.96
CA ALA F 336 38.99 -2.66 45.40
C ALA F 336 39.16 -3.64 46.54
N LEU F 337 38.08 -3.96 47.26
CA LEU F 337 38.17 -4.92 48.36
C LEU F 337 37.94 -6.36 47.91
N ARG F 338 37.36 -6.57 46.74
CA ARG F 338 37.10 -7.91 46.23
C ARG F 338 38.29 -8.51 45.48
N ARG F 339 39.46 -7.90 45.58
CA ARG F 339 40.64 -8.40 44.90
C ARG F 339 41.15 -9.66 45.60
N PHE F 340 42.12 -10.32 44.97
CA PHE F 340 42.73 -11.50 45.56
C PHE F 340 43.54 -11.11 46.79
N GLY F 341 43.34 -11.85 47.88
CA GLY F 341 44.04 -11.60 49.11
C GLY F 341 43.25 -10.81 50.14
N ARG F 342 42.18 -10.13 49.74
CA ARG F 342 41.33 -9.40 50.68
C ARG F 342 39.94 -10.03 50.78
N PHE F 343 39.21 -10.13 49.65
CA PHE F 343 37.92 -10.81 49.60
C PHE F 343 37.85 -11.56 48.27
N ASP F 344 38.31 -12.81 48.27
CA ASP F 344 38.28 -13.64 47.08
C ASP F 344 37.34 -14.83 47.22
N ARG F 345 36.86 -15.08 48.43
CA ARG F 345 35.98 -16.21 48.74
C ARG F 345 34.68 -15.66 49.31
N GLU F 346 33.57 -16.00 48.66
CA GLU F 346 32.27 -15.46 49.03
C GLU F 346 31.27 -16.60 49.15
N VAL F 347 30.32 -16.44 50.05
CA VAL F 347 29.26 -17.42 50.25
C VAL F 347 27.91 -16.70 50.15
N ASP F 348 26.98 -17.32 49.43
CA ASP F 348 25.65 -16.77 49.22
C ASP F 348 24.68 -17.59 50.05
N ILE F 349 23.98 -16.94 50.97
CA ILE F 349 22.98 -17.58 51.81
C ILE F 349 21.63 -17.05 51.41
N GLY F 350 20.80 -17.91 50.80
CA GLY F 350 19.50 -17.52 50.31
C GLY F 350 18.40 -17.76 51.31
N ILE F 351 17.18 -17.54 50.86
CA ILE F 351 16.00 -17.75 51.70
C ILE F 351 15.79 -19.26 51.86
N PRO F 352 15.66 -19.76 53.09
CA PRO F 352 15.44 -21.20 53.26
C PRO F 352 14.11 -21.65 52.68
N ASP F 353 14.09 -22.90 52.19
CA ASP F 353 12.86 -23.47 51.66
C ASP F 353 12.02 -24.04 52.79
N ALA F 354 10.97 -24.81 52.45
CA ALA F 354 10.08 -25.33 53.48
C ALA F 354 10.82 -26.22 54.47
N THR F 355 11.55 -27.21 53.98
CA THR F 355 12.31 -28.07 54.88
C THR F 355 13.43 -27.31 55.58
N GLY F 356 13.94 -26.24 54.97
CA GLY F 356 14.89 -25.38 55.63
C GLY F 356 14.23 -24.56 56.72
N ARG F 357 13.00 -24.12 56.46
CA ARG F 357 12.27 -23.32 57.44
C ARG F 357 11.70 -24.16 58.58
N LEU F 358 11.63 -25.49 58.42
CA LEU F 358 11.08 -26.33 59.47
C LEU F 358 11.89 -26.21 60.77
N GLU F 359 13.22 -26.26 60.68
CA GLU F 359 14.04 -26.29 61.89
C GLU F 359 14.06 -24.95 62.60
N ILE F 360 13.88 -23.84 61.87
CA ILE F 360 13.89 -22.52 62.49
C ILE F 360 12.76 -22.35 63.50
N LEU F 361 11.62 -22.98 63.26
CA LEU F 361 10.51 -22.89 64.21
C LEU F 361 10.90 -23.49 65.56
N GLN F 362 11.40 -24.73 65.55
CA GLN F 362 11.73 -25.37 66.82
C GLN F 362 12.98 -24.82 67.47
N ILE F 363 13.97 -24.37 66.71
CA ILE F 363 15.17 -23.83 67.38
C ILE F 363 14.85 -22.56 68.15
N HIS F 364 13.68 -21.97 67.97
CA HIS F 364 13.23 -20.85 68.79
C HIS F 364 12.04 -21.17 69.69
N THR F 365 11.29 -22.22 69.41
CA THR F 365 10.15 -22.60 70.25
C THR F 365 10.45 -23.83 71.09
N LYS F 366 11.72 -24.20 71.22
CA LYS F 366 12.07 -25.36 72.05
C LYS F 366 11.70 -25.14 73.51
N ASN F 367 11.82 -23.91 74.01
CA ASN F 367 11.37 -23.62 75.38
C ASN F 367 9.86 -23.48 75.48
N MET F 368 9.16 -23.45 74.34
CA MET F 368 7.71 -23.34 74.30
C MET F 368 7.16 -24.74 74.08
N LYS F 369 6.70 -25.37 75.16
CA LYS F 369 6.12 -26.70 75.02
C LYS F 369 4.75 -26.61 74.35
N LEU F 370 4.55 -27.46 73.36
CA LEU F 370 3.37 -27.43 72.51
C LEU F 370 2.43 -28.57 72.85
N ALA F 371 1.15 -28.37 72.56
CA ALA F 371 0.11 -29.33 72.88
C ALA F 371 0.16 -30.52 71.92
N ASP F 372 -0.83 -31.40 72.03
CA ASP F 372 -0.87 -32.60 71.20
C ASP F 372 -1.40 -32.33 69.80
N ASP F 373 -2.42 -31.47 69.68
CA ASP F 373 -3.04 -31.22 68.38
C ASP F 373 -2.23 -30.26 67.52
N VAL F 374 -1.15 -29.69 68.04
CA VAL F 374 -0.36 -28.71 67.32
C VAL F 374 0.87 -29.37 66.72
N ASP F 375 1.17 -29.00 65.47
CA ASP F 375 2.37 -29.42 64.78
C ASP F 375 2.90 -28.25 63.97
N LEU F 376 4.21 -28.22 63.76
CA LEU F 376 4.85 -27.14 63.01
C LEU F 376 5.07 -27.51 61.54
N GLU F 377 4.58 -28.67 61.11
CA GLU F 377 4.78 -29.11 59.73
C GLU F 377 3.92 -28.33 58.74
N GLN F 378 2.60 -28.33 58.93
CA GLN F 378 1.71 -27.68 57.98
C GLN F 378 1.89 -26.17 57.95
N VAL F 379 2.27 -25.55 59.08
CA VAL F 379 2.41 -24.10 59.14
C VAL F 379 3.60 -23.59 58.36
N ALA F 380 4.60 -24.42 58.12
CA ALA F 380 5.79 -24.03 57.39
C ALA F 380 5.73 -24.46 55.92
N ASN F 381 4.54 -24.76 55.41
CA ASN F 381 4.37 -25.18 54.04
C ASN F 381 3.70 -24.16 53.14
N GLU F 382 2.87 -23.28 53.71
CA GLU F 382 2.18 -22.26 52.91
C GLU F 382 3.03 -21.02 52.68
N THR F 383 4.17 -20.90 53.35
CA THR F 383 5.07 -19.77 53.16
C THR F 383 6.29 -20.19 52.33
N HIS F 384 6.82 -19.22 51.58
CA HIS F 384 7.96 -19.51 50.72
C HIS F 384 9.02 -18.43 50.71
N GLY F 385 8.89 -17.37 51.50
CA GLY F 385 9.85 -16.29 51.47
C GLY F 385 10.24 -15.76 52.83
N HIS F 386 10.28 -16.62 53.84
CA HIS F 386 10.55 -16.20 55.21
C HIS F 386 11.96 -16.58 55.61
N VAL F 387 12.60 -15.72 56.39
CA VAL F 387 13.93 -15.97 56.92
C VAL F 387 13.84 -16.09 58.44
N GLY F 388 14.97 -16.34 59.09
CA GLY F 388 14.96 -16.57 60.53
C GLY F 388 14.36 -15.43 61.33
N ALA F 389 14.68 -14.18 60.96
CA ALA F 389 14.12 -13.04 61.67
C ALA F 389 12.60 -12.95 61.51
N ASP F 390 12.09 -13.20 60.31
CA ASP F 390 10.65 -13.17 60.10
C ASP F 390 9.95 -14.20 60.97
N LEU F 391 10.47 -15.43 61.01
CA LEU F 391 9.85 -16.47 61.82
C LEU F 391 9.97 -16.16 63.31
N ALA F 392 11.10 -15.59 63.74
CA ALA F 392 11.24 -15.21 65.15
C ALA F 392 10.21 -14.16 65.53
N ALA F 393 10.05 -13.12 64.70
CA ALA F 393 9.03 -12.11 64.99
C ALA F 393 7.63 -12.69 64.97
N LEU F 394 7.34 -13.58 64.02
CA LEU F 394 6.03 -14.20 63.93
C LEU F 394 5.72 -15.01 65.19
N CYS F 395 6.67 -15.83 65.64
CA CYS F 395 6.44 -16.61 66.84
C CYS F 395 6.33 -15.73 68.08
N SER F 396 7.11 -14.65 68.16
CA SER F 396 7.01 -13.75 69.31
C SER F 396 5.63 -13.12 69.38
N GLU F 397 5.12 -12.60 68.26
CA GLU F 397 3.79 -11.99 68.30
C GLU F 397 2.68 -13.02 68.47
N ALA F 398 2.86 -14.23 67.95
CA ALA F 398 1.88 -15.29 68.20
C ALA F 398 1.81 -15.61 69.68
N ALA F 399 2.96 -15.68 70.36
CA ALA F 399 2.97 -15.88 71.80
C ALA F 399 2.34 -14.72 72.56
N LEU F 400 2.56 -13.49 72.10
CA LEU F 400 1.91 -12.33 72.71
C LEU F 400 0.39 -12.43 72.58
N GLN F 401 -0.10 -12.90 71.43
CA GLN F 401 -1.53 -13.09 71.25
C GLN F 401 -2.08 -14.10 72.24
N ALA F 402 -1.36 -15.21 72.45
CA ALA F 402 -1.78 -16.19 73.45
C ALA F 402 -1.75 -15.62 74.86
N ILE F 403 -0.77 -14.77 75.17
CA ILE F 403 -0.72 -14.14 76.49
C ILE F 403 -1.95 -13.26 76.71
N ARG F 404 -2.26 -12.41 75.73
CA ARG F 404 -3.39 -11.50 75.91
C ARG F 404 -4.72 -12.24 75.89
N LYS F 405 -4.82 -13.39 75.20
CA LYS F 405 -6.07 -14.14 75.19
C LYS F 405 -6.48 -14.62 76.58
N LYS F 406 -5.53 -14.73 77.51
CA LYS F 406 -5.87 -15.05 78.89
C LYS F 406 -5.75 -13.86 79.85
N MET F 407 -4.93 -12.87 79.54
CA MET F 407 -4.88 -11.67 80.37
C MET F 407 -6.11 -10.78 80.22
N ASP F 408 -6.93 -10.98 79.20
CA ASP F 408 -8.13 -10.16 79.04
C ASP F 408 -9.22 -10.56 80.03
N LEU F 409 -9.30 -11.84 80.42
CA LEU F 409 -10.32 -12.27 81.36
C LEU F 409 -9.77 -12.65 82.73
N ILE F 410 -8.51 -13.07 82.83
CA ILE F 410 -7.96 -13.47 84.13
C ILE F 410 -7.78 -12.25 85.04
N ASP F 411 -7.16 -11.20 84.51
CA ASP F 411 -6.95 -9.94 85.23
C ASP F 411 -6.19 -10.17 86.54
N LEU F 412 -4.95 -10.64 86.38
CA LEU F 412 -4.06 -10.90 87.50
C LEU F 412 -3.03 -9.78 87.54
N GLU F 413 -3.28 -8.78 88.39
CA GLU F 413 -2.40 -7.63 88.54
C GLU F 413 -1.45 -7.88 89.70
N ASP F 414 -0.23 -8.28 89.38
CA ASP F 414 0.78 -8.54 90.40
C ASP F 414 2.16 -8.30 89.80
N GLU F 415 3.13 -8.09 90.69
CA GLU F 415 4.51 -7.83 90.26
C GLU F 415 5.14 -9.09 89.70
N THR F 416 5.26 -10.13 90.53
CA THR F 416 5.83 -11.39 90.09
C THR F 416 4.73 -12.35 89.65
N ILE F 417 5.06 -13.21 88.70
CA ILE F 417 4.12 -14.16 88.14
C ILE F 417 4.47 -15.56 88.65
N ASP F 418 3.45 -16.38 88.85
CA ASP F 418 3.62 -17.72 89.36
C ASP F 418 3.76 -18.72 88.22
N ALA F 419 4.44 -19.83 88.51
CA ALA F 419 4.66 -20.88 87.52
C ALA F 419 3.48 -21.83 87.40
N GLU F 420 2.48 -21.73 88.28
CA GLU F 420 1.31 -22.60 88.20
C GLU F 420 0.46 -22.32 86.98
N VAL F 421 0.56 -21.13 86.39
CA VAL F 421 -0.16 -20.80 85.17
C VAL F 421 0.75 -20.76 83.95
N MET F 422 2.06 -20.58 84.13
CA MET F 422 2.98 -20.60 83.00
C MET F 422 2.99 -21.95 82.29
N ASN F 423 2.99 -23.05 83.05
CA ASN F 423 3.01 -24.37 82.43
C ASN F 423 1.71 -24.69 81.72
N SER F 424 0.57 -24.24 82.27
CA SER F 424 -0.72 -24.54 81.67
C SER F 424 -0.93 -23.87 80.33
N LEU F 425 -0.22 -22.77 80.06
CA LEU F 425 -0.37 -22.06 78.80
C LEU F 425 0.22 -22.85 77.65
N ALA F 426 -0.49 -22.87 76.52
CA ALA F 426 0.00 -23.52 75.31
C ALA F 426 -0.67 -22.87 74.10
N VAL F 427 0.12 -22.65 73.05
CA VAL F 427 -0.42 -22.02 71.85
C VAL F 427 -1.27 -23.03 71.08
N THR F 428 -2.29 -22.52 70.39
CA THR F 428 -3.27 -23.37 69.73
C THR F 428 -3.24 -23.19 68.21
N MET F 429 -4.19 -23.83 67.53
CA MET F 429 -4.27 -23.73 66.08
C MET F 429 -4.53 -22.32 65.62
N ASP F 430 -5.57 -21.67 66.18
CA ASP F 430 -5.98 -20.36 65.73
C ASP F 430 -4.88 -19.30 65.89
N ASP F 431 -3.96 -19.49 66.83
CA ASP F 431 -2.88 -18.53 67.00
C ASP F 431 -1.96 -18.51 65.79
N PHE F 432 -1.48 -19.67 65.34
CA PHE F 432 -0.63 -19.70 64.16
C PHE F 432 -1.41 -19.33 62.91
N ARG F 433 -2.72 -19.60 62.88
CA ARG F 433 -3.52 -19.16 61.74
C ARG F 433 -3.61 -17.64 61.68
N TRP F 434 -3.90 -17.00 62.81
CA TRP F 434 -4.07 -15.56 62.85
C TRP F 434 -2.74 -14.84 62.74
N ALA F 435 -1.63 -15.50 63.08
CA ALA F 435 -0.32 -14.88 62.97
C ALA F 435 0.04 -14.56 61.52
N LEU F 436 -0.21 -15.49 60.60
CA LEU F 436 0.15 -15.30 59.21
C LEU F 436 -0.83 -14.41 58.46
N SER F 437 -2.08 -14.31 58.93
CA SER F 437 -3.08 -13.46 58.29
C SER F 437 -2.87 -11.99 58.61
N GLN F 438 -1.89 -11.67 59.45
CA GLN F 438 -1.56 -10.29 59.79
C GLN F 438 -0.54 -9.76 58.77
N SER F 439 0.09 -8.63 59.03
CA SER F 439 0.96 -8.00 58.05
C SER F 439 2.43 -8.41 58.19
N ASN F 440 2.78 -9.29 59.12
CA ASN F 440 4.18 -9.69 59.26
C ASN F 440 4.77 -10.51 58.10
N PRO F 441 3.98 -11.24 57.28
CA PRO F 441 4.61 -11.89 56.12
C PRO F 441 5.00 -10.93 55.03
N SER F 442 4.59 -9.65 55.13
CA SER F 442 4.89 -8.68 54.09
C SER F 442 6.38 -8.37 54.10
N ALA F 443 7.11 -9.01 53.17
CA ALA F 443 8.55 -8.84 53.10
C ALA F 443 8.99 -8.78 51.65
N LEU F 444 10.30 -8.93 51.41
CA LEU F 444 10.85 -8.82 50.07
C LEU F 444 11.02 -10.21 49.49
N ARG F 445 10.66 -10.35 48.20
CA ARG F 445 10.71 -11.63 47.51
C ARG F 445 11.75 -11.57 46.40
N GLU F 446 12.63 -12.58 46.37
CA GLU F 446 13.63 -12.72 45.32
C GLU F 446 13.84 -14.18 44.97
N THR F 447 14.91 -14.48 44.25
CA THR F 447 15.23 -15.84 43.82
C THR F 447 15.40 -16.72 45.05
N VAL F 448 14.54 -17.72 45.18
CA VAL F 448 14.57 -18.66 46.29
C VAL F 448 15.19 -19.96 45.80
N VAL F 449 15.95 -20.61 46.67
CA VAL F 449 16.65 -21.85 46.33
C VAL F 449 15.95 -22.99 47.07
N GLU F 450 15.19 -23.79 46.32
CA GLU F 450 14.45 -24.91 46.88
C GLU F 450 14.76 -26.18 46.10
N VAL F 451 14.41 -27.31 46.70
CA VAL F 451 14.61 -28.63 46.11
C VAL F 451 13.25 -29.18 45.71
N PRO F 452 13.08 -29.65 44.47
CA PRO F 452 11.78 -30.18 44.05
C PRO F 452 11.47 -31.49 44.75
N GLN F 453 10.19 -31.87 44.69
CA GLN F 453 9.71 -33.09 45.33
C GLN F 453 8.88 -33.94 44.38
N VAL F 454 9.18 -33.87 43.07
CA VAL F 454 8.46 -34.62 42.06
C VAL F 454 9.43 -35.57 41.38
N THR F 455 9.06 -36.86 41.35
CA THR F 455 9.94 -37.90 40.80
C THR F 455 9.21 -38.67 39.71
N TRP F 456 9.81 -39.77 39.25
CA TRP F 456 9.26 -40.47 38.09
C TRP F 456 7.89 -41.07 38.37
N GLU F 457 7.71 -41.73 39.52
CA GLU F 457 6.40 -42.30 39.83
C GLU F 457 5.36 -41.22 40.07
N ASP F 458 5.79 -40.03 40.51
CA ASP F 458 4.84 -38.95 40.79
C ASP F 458 4.16 -38.46 39.53
N ILE F 459 4.80 -38.59 38.38
CA ILE F 459 4.19 -38.20 37.11
C ILE F 459 3.98 -39.45 36.26
N GLY F 460 3.37 -39.28 35.10
CA GLY F 460 3.13 -40.41 34.22
C GLY F 460 3.17 -39.98 32.77
N GLY F 461 3.18 -40.97 31.90
CA GLY F 461 3.19 -40.72 30.47
C GLY F 461 4.48 -40.08 30.01
N LEU F 462 4.46 -39.66 28.74
CA LEU F 462 5.61 -39.01 28.11
C LEU F 462 6.87 -39.85 28.24
N GLU F 463 6.71 -41.15 27.95
CA GLU F 463 7.86 -42.06 27.94
C GLU F 463 8.86 -41.71 26.85
N ASP F 464 8.45 -40.96 25.83
CA ASP F 464 9.36 -40.59 24.75
C ASP F 464 10.29 -39.44 25.12
N VAL F 465 9.94 -38.64 26.12
CA VAL F 465 10.81 -37.56 26.58
C VAL F 465 11.38 -37.81 27.96
N LYS F 466 10.74 -38.64 28.78
CA LYS F 466 11.40 -39.11 30.00
C LYS F 466 12.62 -39.95 29.64
N ARG F 467 12.53 -40.74 28.58
CA ARG F 467 13.62 -41.61 28.17
C ARG F 467 14.81 -40.76 27.73
N GLU F 468 14.56 -39.56 27.23
CA GLU F 468 15.57 -38.71 26.61
C GLU F 468 16.14 -37.66 27.54
N LEU F 469 15.33 -37.07 28.43
CA LEU F 469 15.87 -36.08 29.36
C LEU F 469 16.93 -36.69 30.25
N GLN F 470 16.71 -37.92 30.72
CA GLN F 470 17.70 -38.60 31.52
C GLN F 470 19.01 -38.78 30.76
N GLU F 471 18.95 -39.12 29.46
CA GLU F 471 20.16 -39.33 28.67
C GLU F 471 21.08 -38.12 28.63
N LEU F 472 20.54 -36.91 28.84
CA LEU F 472 21.36 -35.71 28.77
C LEU F 472 21.47 -34.97 30.10
N VAL F 473 20.78 -35.41 31.15
CA VAL F 473 20.94 -34.84 32.49
C VAL F 473 21.48 -35.86 33.48
N GLN F 474 20.78 -36.98 33.64
CA GLN F 474 21.04 -37.86 34.77
C GLN F 474 22.43 -38.51 34.69
N TYR F 475 22.76 -39.09 33.54
CA TYR F 475 24.03 -39.81 33.44
C TYR F 475 25.23 -38.90 33.60
N PRO F 476 25.34 -37.74 32.92
CA PRO F 476 26.49 -36.87 33.18
C PRO F 476 26.29 -36.02 34.42
N VAL F 477 25.69 -36.62 35.45
CA VAL F 477 25.68 -36.07 36.80
C VAL F 477 26.08 -37.19 37.75
N GLU F 478 25.39 -38.33 37.63
CA GLU F 478 25.57 -39.47 38.51
C GLU F 478 26.66 -40.42 38.05
N HIS F 479 27.27 -40.18 36.88
CA HIS F 479 28.31 -41.05 36.34
C HIS F 479 29.54 -40.19 36.02
N PRO F 480 30.31 -39.79 37.04
CA PRO F 480 31.51 -38.98 36.77
C PRO F 480 32.54 -39.69 35.93
N ASP F 481 32.61 -41.02 35.99
CA ASP F 481 33.61 -41.77 35.23
C ASP F 481 33.40 -41.69 33.73
N LYS F 482 32.17 -41.48 33.28
CA LYS F 482 31.89 -41.42 31.86
C LYS F 482 32.12 -40.01 31.32
N PHE F 483 31.86 -39.84 30.02
CA PHE F 483 31.86 -38.55 29.34
C PHE F 483 33.25 -37.93 29.21
N LEU F 484 34.29 -38.66 29.60
CA LEU F 484 35.63 -38.23 29.24
C LEU F 484 36.47 -39.35 28.68
N LYS F 485 36.14 -40.61 28.98
CA LYS F 485 36.80 -41.73 28.33
C LYS F 485 36.48 -41.75 26.84
N PHE F 486 35.24 -41.46 26.48
CA PHE F 486 34.82 -41.38 25.09
C PHE F 486 35.05 -40.00 24.49
N GLY F 487 35.67 -39.10 25.23
CA GLY F 487 35.94 -37.77 24.71
C GLY F 487 34.72 -36.89 24.90
N MET F 488 34.31 -36.22 23.81
CA MET F 488 33.11 -35.40 23.73
C MET F 488 32.98 -34.43 24.90
N THR F 489 31.76 -33.95 25.17
CA THR F 489 31.53 -33.00 26.24
C THR F 489 30.04 -32.87 26.49
N PRO F 490 29.60 -32.78 27.75
CA PRO F 490 28.17 -32.64 28.02
C PRO F 490 27.66 -31.27 27.62
N SER F 491 26.33 -31.17 27.50
CA SER F 491 25.67 -29.94 27.10
C SER F 491 25.47 -29.05 28.33
N LYS F 492 24.99 -27.83 28.11
CA LYS F 492 24.66 -26.93 29.21
C LYS F 492 23.21 -26.48 29.13
N GLY F 493 22.68 -26.36 27.92
CA GLY F 493 21.40 -25.70 27.71
C GLY F 493 20.38 -26.57 27.01
N VAL F 494 19.13 -26.46 27.47
CA VAL F 494 18.00 -27.14 26.87
C VAL F 494 16.87 -26.13 26.72
N LEU F 495 16.28 -26.05 25.53
CA LEU F 495 15.19 -25.13 25.25
C LEU F 495 13.90 -25.93 25.12
N PHE F 496 12.90 -25.58 25.93
CA PHE F 496 11.60 -26.23 25.91
C PHE F 496 10.60 -25.36 25.15
N TYR F 497 9.79 -26.02 24.34
CA TYR F 497 8.89 -25.34 23.41
C TYR F 497 7.68 -26.21 23.16
N GLY F 498 6.58 -25.58 22.77
CA GLY F 498 5.36 -26.29 22.52
C GLY F 498 4.14 -25.50 22.94
N PRO F 499 2.99 -26.17 23.02
CA PRO F 499 1.76 -25.49 23.39
C PRO F 499 1.84 -24.94 24.80
N PRO F 500 1.26 -23.76 25.05
CA PRO F 500 1.25 -23.23 26.41
C PRO F 500 0.41 -24.10 27.34
N GLY F 501 0.80 -24.12 28.61
CA GLY F 501 0.09 -24.89 29.60
C GLY F 501 0.44 -26.36 29.63
N CYS F 502 1.55 -26.77 29.03
CA CYS F 502 1.93 -28.18 29.00
C CYS F 502 2.70 -28.60 30.25
N GLY F 503 2.94 -27.68 31.19
CA GLY F 503 3.64 -28.01 32.41
C GLY F 503 5.15 -28.10 32.26
N LYS F 504 5.72 -27.19 31.47
CA LYS F 504 7.18 -27.20 31.25
C LYS F 504 7.96 -26.94 32.52
N THR F 505 7.49 -26.02 33.37
CA THR F 505 8.19 -25.75 34.63
C THR F 505 8.25 -27.00 35.50
N LEU F 506 7.12 -27.69 35.63
CA LEU F 506 7.10 -28.92 36.41
C LEU F 506 7.93 -30.02 35.78
N LEU F 507 7.93 -30.13 34.45
CA LEU F 507 8.76 -31.11 33.79
C LEU F 507 10.23 -30.84 34.04
N ALA F 508 10.63 -29.57 34.05
CA ALA F 508 12.01 -29.20 34.38
C ALA F 508 12.35 -29.48 35.84
N LYS F 509 11.40 -29.26 36.75
CA LYS F 509 11.66 -29.57 38.16
C LYS F 509 11.79 -31.07 38.40
N ALA F 510 11.03 -31.88 37.66
CA ALA F 510 11.01 -33.32 37.88
C ALA F 510 12.38 -33.96 37.67
N ILE F 511 13.19 -33.42 36.77
CA ILE F 511 14.51 -34.00 36.52
C ILE F 511 15.57 -33.44 37.47
N ALA F 512 15.37 -32.23 37.99
CA ALA F 512 16.37 -31.60 38.84
C ALA F 512 16.45 -32.19 40.24
N ASN F 513 15.35 -32.72 40.77
CA ASN F 513 15.39 -33.27 42.11
C ASN F 513 16.02 -34.66 42.19
N GLU F 514 15.96 -35.43 41.10
CA GLU F 514 16.53 -36.78 41.10
C GLU F 514 18.03 -36.81 40.88
N CYS F 515 18.65 -35.68 40.50
CA CYS F 515 20.09 -35.60 40.34
C CYS F 515 20.76 -34.97 41.55
N GLN F 516 20.04 -34.82 42.67
CA GLN F 516 20.55 -34.23 43.90
C GLN F 516 21.11 -32.83 43.64
N ALA F 517 20.24 -31.98 43.10
CA ALA F 517 20.59 -30.61 42.79
C ALA F 517 19.45 -29.70 43.25
N ASN F 518 19.81 -28.46 43.54
CA ASN F 518 18.82 -27.46 43.92
C ASN F 518 18.16 -26.91 42.66
N PHE F 519 17.21 -25.99 42.84
CA PHE F 519 16.45 -25.46 41.72
C PHE F 519 16.10 -24.01 42.01
N ILE F 520 16.32 -23.14 41.02
CA ILE F 520 15.90 -21.75 41.09
C ILE F 520 14.98 -21.50 39.90
N SER F 521 13.80 -20.94 40.18
CA SER F 521 12.80 -20.70 39.15
C SER F 521 12.85 -19.24 38.74
N ILE F 522 13.07 -19.00 37.45
CA ILE F 522 13.10 -17.65 36.90
C ILE F 522 11.98 -17.56 35.88
N LYS F 523 10.84 -17.00 36.29
CA LYS F 523 9.73 -16.82 35.38
C LYS F 523 9.95 -15.55 34.56
N GLY F 524 9.19 -15.42 33.47
CA GLY F 524 9.37 -14.37 32.51
C GLY F 524 9.27 -12.95 33.04
N PRO F 525 8.07 -12.55 33.52
CA PRO F 525 7.86 -11.14 33.84
C PRO F 525 8.74 -10.60 34.96
N GLU F 526 9.27 -11.45 35.84
CA GLU F 526 10.09 -10.93 36.92
C GLU F 526 11.45 -10.47 36.42
N LEU F 527 11.98 -11.13 35.38
CA LEU F 527 13.20 -10.63 34.74
C LEU F 527 12.94 -9.42 33.86
N LEU F 528 11.67 -9.10 33.60
CA LEU F 528 11.32 -7.89 32.85
C LEU F 528 11.07 -6.70 33.76
N THR F 529 10.48 -6.94 34.94
CA THR F 529 10.24 -5.84 35.88
C THR F 529 11.53 -5.37 36.54
N MET F 530 12.56 -6.21 36.56
CA MET F 530 13.87 -5.84 37.06
C MET F 530 14.77 -5.21 36.00
N TRP F 531 14.22 -4.99 34.80
CA TRP F 531 14.97 -4.40 33.71
C TRP F 531 15.00 -2.87 33.77
N PHE F 532 13.89 -2.25 34.15
CA PHE F 532 13.75 -0.78 34.16
C PHE F 532 14.02 -0.29 32.74
N GLY F 533 14.66 0.88 32.58
CA GLY F 533 15.01 1.39 31.27
C GLY F 533 16.43 1.88 31.20
N GLU F 534 17.23 1.26 30.33
CA GLU F 534 18.61 1.66 30.07
C GLU F 534 19.52 1.49 31.28
N SER F 535 19.05 0.78 32.30
CA SER F 535 19.88 0.54 33.49
C SER F 535 19.33 -0.67 34.23
N GLU F 536 20.05 -1.78 34.19
CA GLU F 536 19.71 -2.94 35.02
C GLU F 536 20.84 -3.29 35.98
N ALA F 537 22.04 -3.52 35.45
CA ALA F 537 23.26 -3.77 36.25
C ALA F 537 23.06 -4.87 37.28
N ASN F 538 22.15 -5.80 37.00
CA ASN F 538 21.86 -6.88 37.95
C ASN F 538 21.70 -8.22 37.23
N VAL F 539 22.65 -8.56 36.36
CA VAL F 539 22.62 -9.85 35.67
C VAL F 539 23.76 -10.75 36.17
N ARG F 540 24.95 -10.18 36.35
CA ARG F 540 26.11 -10.99 36.67
C ARG F 540 25.95 -11.74 37.98
N GLU F 541 25.18 -11.21 38.92
CA GLU F 541 25.05 -11.82 40.23
C GLU F 541 23.96 -12.89 40.31
N ILE F 542 23.10 -12.99 39.29
CA ILE F 542 22.03 -13.99 39.34
C ILE F 542 22.50 -15.35 38.86
N PHE F 543 23.71 -15.45 38.32
CA PHE F 543 24.27 -16.71 37.87
C PHE F 543 25.20 -17.34 38.88
N ASP F 544 25.82 -16.54 39.76
CA ASP F 544 26.75 -17.09 40.74
C ASP F 544 26.06 -17.90 41.81
N LYS F 545 24.80 -17.55 42.13
CA LYS F 545 24.06 -18.31 43.13
C LYS F 545 23.86 -19.76 42.69
N ALA F 546 23.67 -19.98 41.40
CA ALA F 546 23.59 -21.34 40.86
C ALA F 546 24.95 -22.02 40.80
N ARG F 547 26.04 -21.26 40.91
CA ARG F 547 27.38 -21.81 40.89
C ARG F 547 27.88 -22.22 42.28
N GLN F 548 27.63 -21.39 43.30
CA GLN F 548 28.01 -21.78 44.66
C GLN F 548 27.16 -22.93 45.16
N ALA F 549 25.91 -23.02 44.71
CA ALA F 549 25.01 -24.09 45.13
C ALA F 549 25.08 -25.29 44.18
N ALA F 550 26.29 -25.78 43.95
CA ALA F 550 26.46 -26.94 43.08
C ALA F 550 26.15 -28.23 43.84
N PRO F 551 25.47 -29.19 43.20
CA PRO F 551 24.90 -29.08 41.85
C PRO F 551 23.63 -28.24 41.83
N CYS F 552 23.34 -27.60 40.70
CA CYS F 552 22.13 -26.79 40.57
C CYS F 552 21.65 -26.85 39.13
N VAL F 553 20.34 -26.79 38.96
CA VAL F 553 19.71 -26.79 37.65
C VAL F 553 18.94 -25.47 37.52
N LEU F 554 19.37 -24.63 36.58
CA LEU F 554 18.74 -23.34 36.37
C LEU F 554 17.65 -23.46 35.32
N PHE F 555 16.57 -22.69 35.52
CA PHE F 555 15.42 -22.74 34.62
C PHE F 555 14.97 -21.33 34.27
N PHE F 556 14.75 -21.10 32.98
CA PHE F 556 14.20 -19.85 32.48
C PHE F 556 12.78 -20.15 31.99
N ASP F 557 11.80 -19.76 32.79
CA ASP F 557 10.41 -20.00 32.46
C ASP F 557 9.91 -18.88 31.57
N GLU F 558 9.43 -19.24 30.39
CA GLU F 558 8.83 -18.26 29.50
C GLU F 558 9.85 -17.19 29.19
N LEU F 559 10.96 -17.62 28.59
CA LEU F 559 11.95 -16.72 28.02
C LEU F 559 11.37 -15.81 26.94
N ASP F 560 10.19 -16.13 26.41
CA ASP F 560 9.59 -15.38 25.30
C ASP F 560 9.16 -13.97 25.70
N SER F 561 9.09 -13.70 27.00
CA SER F 561 8.80 -12.38 27.55
C SER F 561 9.77 -11.30 27.06
N ILE F 562 11.06 -11.60 26.94
CA ILE F 562 12.00 -10.58 26.46
C ILE F 562 11.67 -10.21 25.02
N ALA F 563 11.38 -11.19 24.18
CA ALA F 563 10.97 -10.90 22.82
C ALA F 563 9.65 -10.14 22.77
N LYS F 564 8.76 -10.39 23.73
CA LYS F 564 7.52 -9.61 23.82
C LYS F 564 7.79 -8.11 23.84
N ALA F 565 8.72 -7.67 24.69
CA ALA F 565 8.98 -6.24 24.84
C ALA F 565 9.67 -5.63 23.62
N ARG F 566 10.62 -6.33 23.01
CA ARG F 566 11.31 -5.80 21.85
C ARG F 566 10.40 -5.75 20.63
N GLY F 567 9.76 -6.87 20.29
CA GLY F 567 8.82 -6.88 19.19
C GLY F 567 8.04 -8.17 19.15
N GLY F 568 6.71 -8.07 19.09
CA GLY F 568 5.85 -9.24 19.08
C GLY F 568 4.86 -9.19 17.93
N ASN F 569 4.21 -10.34 17.72
CA ASN F 569 3.22 -10.49 16.65
C ASN F 569 3.83 -10.14 15.31
N ILE F 570 3.71 -8.87 14.90
CA ILE F 570 4.30 -8.43 13.64
C ILE F 570 5.82 -8.30 13.78
N GLY F 571 6.28 -7.63 14.83
CA GLY F 571 7.70 -7.42 15.06
C GLY F 571 8.19 -6.12 14.46
N ASP F 572 9.45 -5.81 14.79
CA ASP F 572 10.09 -4.59 14.30
C ASP F 572 10.68 -4.85 12.91
N GLY F 573 11.43 -3.88 12.39
CA GLY F 573 12.03 -4.04 11.08
C GLY F 573 13.22 -4.96 11.05
N GLY F 574 13.86 -5.18 12.20
CA GLY F 574 15.01 -6.06 12.29
C GLY F 574 14.79 -7.22 13.24
N GLY F 575 15.89 -7.78 13.74
CA GLY F 575 15.81 -8.88 14.67
C GLY F 575 15.34 -8.45 16.04
N ALA F 576 14.86 -9.44 16.81
CA ALA F 576 14.34 -9.19 18.16
C ALA F 576 15.44 -9.44 19.19
N ALA F 577 16.56 -8.73 19.00
CA ALA F 577 17.71 -8.83 19.88
C ALA F 577 17.64 -7.75 20.95
N ASP F 578 18.39 -7.95 22.03
CA ASP F 578 18.38 -7.01 23.14
C ASP F 578 19.70 -7.03 23.88
N ARG F 579 19.98 -5.91 24.55
CA ARG F 579 21.16 -5.78 25.38
C ARG F 579 21.06 -6.61 26.65
N VAL F 580 19.89 -7.16 26.94
CA VAL F 580 19.76 -8.12 28.05
C VAL F 580 19.90 -9.55 27.55
N ILE F 581 19.74 -9.78 26.25
CA ILE F 581 19.91 -11.12 25.70
C ILE F 581 21.37 -11.36 25.34
N ASN F 582 22.03 -10.37 24.72
CA ASN F 582 23.42 -10.57 24.35
C ASN F 582 24.30 -10.74 25.59
N GLN F 583 24.04 -9.99 26.65
CA GLN F 583 24.85 -10.07 27.85
C GLN F 583 24.71 -11.40 28.58
N ILE F 584 23.57 -12.06 28.49
CA ILE F 584 23.43 -13.38 29.12
C ILE F 584 23.97 -14.48 28.22
N LEU F 585 23.80 -14.35 26.90
CA LEU F 585 24.36 -15.38 26.02
C LEU F 585 25.88 -15.30 25.98
N THR F 586 26.45 -14.12 26.22
CA THR F 586 27.90 -14.04 26.37
C THR F 586 28.35 -14.56 27.72
N GLU F 587 27.57 -14.31 28.76
CA GLU F 587 27.94 -14.78 30.10
C GLU F 587 27.93 -16.30 30.19
N MET F 588 26.99 -16.95 29.52
CA MET F 588 26.91 -18.41 29.63
C MET F 588 28.01 -19.12 28.86
N ASP F 589 28.80 -18.39 28.07
CA ASP F 589 29.91 -19.00 27.33
C ASP F 589 31.24 -18.94 28.07
N GLY F 590 31.34 -18.16 29.15
CA GLY F 590 32.60 -18.06 29.87
C GLY F 590 32.86 -19.24 30.78
N MET F 591 31.82 -19.97 31.14
CA MET F 591 31.92 -21.08 32.05
C MET F 591 32.60 -22.27 31.39
N SER F 592 33.35 -23.03 32.18
CA SER F 592 34.03 -24.22 31.71
C SER F 592 33.03 -25.36 31.57
N THR F 593 33.35 -26.30 30.70
CA THR F 593 32.43 -27.40 30.44
C THR F 593 32.30 -28.36 31.61
N LYS F 594 33.25 -28.32 32.55
CA LYS F 594 33.27 -29.30 33.62
C LYS F 594 32.43 -28.88 34.82
N LYS F 595 31.93 -27.66 34.85
CA LYS F 595 30.97 -27.26 35.86
C LYS F 595 29.67 -28.03 35.68
N ASN F 596 28.96 -28.24 36.79
CA ASN F 596 27.73 -29.01 36.79
C ASN F 596 26.49 -28.13 36.70
N VAL F 597 26.66 -26.84 36.44
CA VAL F 597 25.53 -25.93 36.27
C VAL F 597 24.82 -26.25 34.97
N PHE F 598 23.49 -26.33 35.03
CA PHE F 598 22.67 -26.66 33.87
C PHE F 598 21.59 -25.59 33.74
N ILE F 599 21.55 -24.93 32.59
CA ILE F 599 20.57 -23.89 32.29
C ILE F 599 19.52 -24.48 31.36
N ILE F 600 18.25 -24.22 31.64
CA ILE F 600 17.14 -24.74 30.86
C ILE F 600 16.23 -23.58 30.48
N GLY F 601 15.95 -23.44 29.19
CA GLY F 601 15.05 -22.42 28.71
C GLY F 601 13.69 -22.97 28.33
N ALA F 602 12.69 -22.11 28.39
CA ALA F 602 11.33 -22.49 28.05
C ALA F 602 10.67 -21.35 27.29
N THR F 603 9.92 -21.71 26.24
CA THR F 603 9.23 -20.73 25.42
C THR F 603 7.94 -21.37 24.90
N ASN F 604 7.13 -20.55 24.23
CA ASN F 604 5.87 -21.02 23.67
C ASN F 604 5.71 -20.67 22.20
N ARG F 605 6.55 -19.79 21.67
CA ARG F 605 6.46 -19.38 20.28
C ARG F 605 7.86 -19.40 19.66
N PRO F 606 8.40 -20.60 19.40
CA PRO F 606 9.81 -20.73 18.99
C PRO F 606 10.04 -20.43 17.52
N ASP F 607 9.66 -19.23 17.10
CA ASP F 607 9.92 -18.79 15.74
C ASP F 607 10.43 -17.36 15.71
N ILE F 608 10.34 -16.67 16.85
CA ILE F 608 10.75 -15.28 16.94
C ILE F 608 11.99 -15.08 17.80
N ILE F 609 12.47 -16.12 18.48
CA ILE F 609 13.68 -16.00 19.27
C ILE F 609 14.89 -16.00 18.35
N ASP F 610 15.90 -15.21 18.71
CA ASP F 610 17.10 -15.11 17.89
C ASP F 610 17.81 -16.45 17.85
N PRO F 611 18.41 -16.82 16.71
CA PRO F 611 19.23 -18.05 16.67
C PRO F 611 20.57 -17.85 17.36
N ALA F 612 20.82 -16.62 17.83
CA ALA F 612 22.08 -16.32 18.50
C ALA F 612 22.26 -17.17 19.74
N ILE F 613 21.21 -17.34 20.55
CA ILE F 613 21.29 -18.26 21.67
C ILE F 613 21.10 -19.70 21.24
N LEU F 614 20.51 -19.93 20.07
CA LEU F 614 20.37 -21.27 19.49
C LEU F 614 21.63 -21.73 18.77
N ARG F 615 22.75 -21.03 18.96
CA ARG F 615 23.98 -21.40 18.31
C ARG F 615 24.46 -22.77 18.80
N PRO F 616 25.17 -23.53 17.96
CA PRO F 616 25.64 -24.86 18.40
C PRO F 616 26.75 -24.77 19.44
N GLY F 617 26.35 -24.72 20.71
CA GLY F 617 27.29 -24.54 21.79
C GLY F 617 26.70 -23.79 22.97
N ARG F 618 25.52 -23.21 22.78
CA ARG F 618 24.74 -22.65 23.89
C ARG F 618 23.43 -23.41 24.07
N LEU F 619 22.60 -23.50 23.04
CA LEU F 619 21.36 -24.28 23.09
C LEU F 619 21.40 -25.28 21.94
N ASP F 620 22.00 -26.43 22.20
CA ASP F 620 22.21 -27.44 21.16
C ASP F 620 20.98 -28.35 21.02
N GLN F 621 20.60 -29.01 22.11
CA GLN F 621 19.49 -29.94 22.06
C GLN F 621 18.16 -29.18 22.14
N LEU F 622 17.24 -29.54 21.24
CA LEU F 622 15.90 -28.98 21.22
C LEU F 622 14.91 -30.10 21.55
N ILE F 623 14.09 -29.87 22.56
CA ILE F 623 13.17 -30.89 23.07
C ILE F 623 11.76 -30.35 23.00
N TYR F 624 10.84 -31.14 22.44
CA TYR F 624 9.47 -30.74 22.24
C TYR F 624 8.59 -31.37 23.31
N ILE F 625 7.66 -30.58 23.84
CA ILE F 625 6.72 -31.08 24.83
C ILE F 625 5.36 -31.26 24.16
N PRO F 626 4.94 -32.48 23.88
CA PRO F 626 3.64 -32.67 23.22
C PRO F 626 2.48 -32.60 24.20
N LEU F 627 1.27 -32.81 23.70
CA LEU F 627 0.11 -32.82 24.57
C LEU F 627 0.15 -34.02 25.51
N PRO F 628 -0.36 -33.87 26.73
CA PRO F 628 -0.36 -35.00 27.66
C PRO F 628 -1.16 -36.18 27.14
N ASP F 629 -0.64 -37.38 27.37
CA ASP F 629 -1.30 -38.60 26.92
C ASP F 629 -2.19 -39.15 28.04
N GLU F 630 -2.69 -40.38 27.86
CA GLU F 630 -3.58 -40.98 28.86
C GLU F 630 -2.91 -41.15 30.20
N LYS F 631 -1.67 -41.66 30.22
CA LYS F 631 -1.00 -41.94 31.49
C LYS F 631 -0.74 -40.67 32.30
N SER F 632 -0.50 -39.55 31.62
CA SER F 632 -0.32 -38.29 32.32
C SER F 632 -1.65 -37.64 32.68
N ARG F 633 -2.66 -37.81 31.83
CA ARG F 633 -3.98 -37.25 32.14
C ARG F 633 -4.57 -37.87 33.38
N VAL F 634 -4.44 -39.19 33.56
CA VAL F 634 -4.93 -39.80 34.79
C VAL F 634 -4.11 -39.35 35.99
N ALA F 635 -2.80 -39.12 35.82
CA ALA F 635 -1.94 -38.72 36.92
C ALA F 635 -2.24 -37.31 37.42
N ILE F 636 -2.47 -36.37 36.50
CA ILE F 636 -2.74 -34.99 36.92
C ILE F 636 -3.99 -34.93 37.79
N LEU F 637 -5.01 -35.71 37.45
CA LEU F 637 -6.22 -35.75 38.27
C LEU F 637 -5.98 -36.36 39.64
N LYS F 638 -5.17 -37.41 39.73
CA LYS F 638 -4.84 -37.99 41.03
C LYS F 638 -3.90 -37.11 41.83
N ALA F 639 -3.35 -36.07 41.22
CA ALA F 639 -2.41 -35.17 41.89
C ALA F 639 -3.02 -33.86 42.33
N ASN F 640 -3.95 -33.30 41.55
CA ASN F 640 -4.46 -31.97 41.89
C ASN F 640 -5.57 -32.02 42.94
N LEU F 641 -6.00 -33.21 43.35
CA LEU F 641 -7.02 -33.35 44.39
C LEU F 641 -6.52 -34.23 45.54
N ARG F 642 -5.20 -34.29 45.73
CA ARG F 642 -4.61 -35.16 46.74
C ARG F 642 -5.05 -34.83 48.15
N LYS F 643 -5.51 -33.61 48.40
CA LYS F 643 -5.92 -33.18 49.74
C LYS F 643 -7.43 -32.98 49.85
N SER F 644 -8.21 -33.68 49.02
CA SER F 644 -9.65 -33.56 49.06
C SER F 644 -10.29 -34.92 49.34
N PRO F 645 -11.35 -34.95 50.14
CA PRO F 645 -12.02 -36.23 50.42
C PRO F 645 -12.93 -36.68 49.29
N VAL F 646 -12.33 -37.09 48.19
CA VAL F 646 -13.09 -37.54 47.02
C VAL F 646 -13.57 -38.96 47.26
N ALA F 647 -14.87 -39.18 47.03
CA ALA F 647 -15.46 -40.49 47.24
C ALA F 647 -14.98 -41.47 46.17
N LYS F 648 -15.15 -42.75 46.45
CA LYS F 648 -14.73 -43.81 45.54
C LYS F 648 -15.74 -44.09 44.44
N ASP F 649 -16.90 -43.42 44.45
CA ASP F 649 -17.89 -43.66 43.41
C ASP F 649 -17.41 -43.20 42.05
N VAL F 650 -16.52 -42.21 42.01
CA VAL F 650 -16.00 -41.69 40.74
C VAL F 650 -14.91 -42.62 40.23
N ASP F 651 -14.56 -42.46 38.95
CA ASP F 651 -13.52 -43.27 38.32
C ASP F 651 -12.48 -42.32 37.73
N LEU F 652 -11.21 -42.54 38.09
CA LEU F 652 -10.15 -41.65 37.62
C LEU F 652 -9.81 -41.88 36.16
N GLU F 653 -9.74 -43.14 35.74
CA GLU F 653 -9.43 -43.44 34.34
C GLU F 653 -10.54 -43.00 33.39
N PHE F 654 -11.79 -43.03 33.85
CA PHE F 654 -12.92 -42.67 33.00
C PHE F 654 -12.82 -41.24 32.51
N LEU F 655 -12.48 -40.30 33.39
CA LEU F 655 -12.32 -38.91 32.99
C LEU F 655 -11.26 -38.76 31.90
N ALA F 656 -10.10 -39.36 32.08
CA ALA F 656 -9.08 -39.33 31.05
C ALA F 656 -9.54 -40.03 29.77
N LYS F 657 -10.49 -40.97 29.88
CA LYS F 657 -11.00 -41.61 28.68
C LYS F 657 -11.78 -40.64 27.81
N MET F 658 -12.65 -39.81 28.38
CA MET F 658 -13.27 -38.78 27.53
C MET F 658 -12.26 -37.71 27.15
N THR F 659 -11.44 -37.24 28.07
CA THR F 659 -10.56 -36.11 27.83
C THR F 659 -9.41 -36.54 26.93
N ASN F 660 -9.41 -36.03 25.69
CA ASN F 660 -8.35 -36.37 24.74
C ASN F 660 -7.62 -35.13 24.27
N GLY F 661 -8.35 -34.10 23.85
CA GLY F 661 -7.74 -32.92 23.29
C GLY F 661 -7.70 -31.72 24.22
N PHE F 662 -7.38 -31.97 25.49
CA PHE F 662 -7.30 -30.93 26.50
C PHE F 662 -5.89 -30.85 27.05
N SER F 663 -5.47 -29.66 27.45
CA SER F 663 -4.14 -29.43 27.99
C SER F 663 -4.21 -29.39 29.51
N GLY F 664 -3.04 -29.24 30.15
CA GLY F 664 -2.98 -29.28 31.61
C GLY F 664 -3.82 -28.22 32.28
N ALA F 665 -3.88 -27.02 31.70
CA ALA F 665 -4.73 -25.98 32.26
C ALA F 665 -6.19 -26.39 32.24
N ASP F 666 -6.67 -26.98 31.14
CA ASP F 666 -8.04 -27.46 31.09
C ASP F 666 -8.29 -28.58 32.09
N LEU F 667 -7.36 -29.55 32.18
CA LEU F 667 -7.53 -30.64 33.13
C LEU F 667 -7.59 -30.13 34.56
N THR F 668 -6.81 -29.11 34.88
CA THR F 668 -6.85 -28.53 36.22
C THR F 668 -8.13 -27.75 36.47
N GLU F 669 -8.56 -26.95 35.49
CA GLU F 669 -9.72 -26.09 35.71
C GLU F 669 -11.01 -26.91 35.77
N ILE F 670 -11.04 -28.08 35.12
CA ILE F 670 -12.19 -28.97 35.31
C ILE F 670 -12.34 -29.36 36.78
N CYS F 671 -11.25 -29.82 37.40
CA CYS F 671 -11.30 -30.19 38.80
C CYS F 671 -11.59 -28.98 39.68
N GLN F 672 -11.05 -27.81 39.31
CA GLN F 672 -11.36 -26.60 40.05
C GLN F 672 -12.85 -26.30 40.03
N ARG F 673 -13.48 -26.39 38.87
CA ARG F 673 -14.92 -26.16 38.76
C ARG F 673 -15.71 -27.19 39.55
N ALA F 674 -15.33 -28.46 39.46
CA ALA F 674 -16.05 -29.49 40.20
C ALA F 674 -15.97 -29.26 41.70
N CYS F 675 -14.78 -28.95 42.22
CA CYS F 675 -14.64 -28.64 43.63
C CYS F 675 -15.41 -27.38 44.01
N LYS F 676 -15.40 -26.37 43.14
CA LYS F 676 -16.10 -25.13 43.43
C LYS F 676 -17.60 -25.34 43.53
N LEU F 677 -18.18 -26.17 42.66
CA LEU F 677 -19.61 -26.42 42.78
C LEU F 677 -19.93 -27.32 43.96
N ALA F 678 -19.07 -28.30 44.26
CA ALA F 678 -19.32 -29.16 45.43
C ALA F 678 -19.26 -28.36 46.72
N ILE F 679 -18.29 -27.46 46.86
CA ILE F 679 -18.17 -26.65 48.07
C ILE F 679 -19.34 -25.71 48.26
N ARG F 680 -20.07 -25.36 47.19
CA ARG F 680 -21.22 -24.50 47.37
C ARG F 680 -22.42 -25.29 47.90
N GLU F 681 -22.69 -26.46 47.32
CA GLU F 681 -23.80 -27.27 47.84
C GLU F 681 -23.51 -27.77 49.24
N SER F 682 -22.23 -27.95 49.60
CA SER F 682 -21.91 -28.34 50.97
C SER F 682 -22.39 -27.30 51.97
N ILE F 683 -22.15 -26.02 51.68
CA ILE F 683 -22.64 -24.96 52.55
C ILE F 683 -24.16 -24.80 52.43
N GLU F 684 -24.71 -24.96 51.22
CA GLU F 684 -26.14 -24.76 51.03
C GLU F 684 -26.96 -25.80 51.78
N SER F 685 -26.42 -27.01 51.95
CA SER F 685 -27.14 -28.05 52.69
C SER F 685 -27.25 -27.73 54.17
N GLU F 686 -26.50 -26.73 54.67
CA GLU F 686 -26.53 -26.42 56.09
C GLU F 686 -27.81 -25.71 56.52
N ILE F 687 -28.54 -25.11 55.57
CA ILE F 687 -29.74 -24.37 55.90
C ILE F 687 -30.89 -25.33 56.20
N VAL F 708 -21.38 -36.73 54.34
CA VAL F 708 -22.08 -35.78 53.48
C VAL F 708 -21.12 -34.88 52.69
N PRO F 709 -20.12 -34.25 53.34
CA PRO F 709 -19.19 -33.41 52.58
C PRO F 709 -18.22 -34.23 51.76
N GLU F 710 -18.67 -34.70 50.60
CA GLU F 710 -17.83 -35.48 49.70
C GLU F 710 -18.21 -35.16 48.26
N ILE F 711 -17.27 -35.38 47.36
CA ILE F 711 -17.47 -35.12 45.94
C ILE F 711 -18.07 -36.36 45.29
N ARG F 712 -19.20 -36.19 44.60
CA ARG F 712 -19.89 -37.30 43.96
C ARG F 712 -19.59 -37.28 42.46
N ARG F 713 -20.16 -38.24 41.74
CA ARG F 713 -19.94 -38.34 40.30
C ARG F 713 -20.56 -37.17 39.55
N ASP F 714 -21.77 -36.75 39.92
CA ASP F 714 -22.41 -35.63 39.25
C ASP F 714 -21.60 -34.35 39.36
N HIS F 715 -20.84 -34.19 40.44
CA HIS F 715 -20.00 -33.01 40.59
C HIS F 715 -18.98 -32.89 39.47
N PHE F 716 -18.33 -34.00 39.11
CA PHE F 716 -17.47 -34.00 37.94
C PHE F 716 -18.28 -33.92 36.66
N GLU F 717 -19.50 -34.47 36.65
CA GLU F 717 -20.31 -34.44 35.44
C GLU F 717 -20.66 -33.03 35.01
N GLU F 718 -21.02 -32.15 35.95
CA GLU F 718 -21.31 -30.77 35.55
C GLU F 718 -20.06 -30.10 34.98
N ALA F 719 -18.91 -30.31 35.63
CA ALA F 719 -17.67 -29.75 35.12
C ALA F 719 -17.29 -30.29 33.75
N MET F 720 -17.73 -31.50 33.41
CA MET F 720 -17.44 -32.06 32.10
C MET F 720 -18.05 -31.23 30.98
N ARG F 721 -19.28 -30.78 31.15
CA ARG F 721 -19.98 -30.11 30.06
C ARG F 721 -19.47 -28.69 29.83
N PHE F 722 -19.02 -28.02 30.89
CA PHE F 722 -18.51 -26.66 30.76
C PHE F 722 -17.04 -26.62 30.38
N ALA F 723 -16.51 -27.70 29.82
CA ALA F 723 -15.12 -27.75 29.41
C ALA F 723 -14.88 -26.91 28.17
N ARG F 724 -13.71 -26.27 28.12
CA ARG F 724 -13.26 -25.52 26.95
C ARG F 724 -11.89 -26.04 26.53
N ARG F 725 -11.40 -25.52 25.40
CA ARG F 725 -10.11 -25.90 24.86
C ARG F 725 -9.15 -24.72 25.01
N SER F 726 -8.07 -24.93 25.77
CA SER F 726 -7.10 -23.86 25.97
C SER F 726 -6.41 -23.49 24.67
N VAL F 727 -6.07 -24.49 23.85
CA VAL F 727 -5.38 -24.26 22.59
C VAL F 727 -6.33 -24.62 21.45
N SER F 728 -6.09 -23.98 20.31
CA SER F 728 -6.85 -24.26 19.09
C SER F 728 -6.25 -25.46 18.37
N ASP F 729 -6.67 -25.67 17.12
CA ASP F 729 -6.13 -26.75 16.31
C ASP F 729 -5.02 -26.30 15.36
N ASN F 730 -5.14 -25.12 14.75
CA ASN F 730 -4.15 -24.69 13.77
C ASN F 730 -2.77 -24.53 14.37
N ASP F 731 -2.69 -24.02 15.61
CA ASP F 731 -1.41 -23.87 16.28
C ASP F 731 -0.76 -25.21 16.61
N ILE F 732 -1.56 -26.28 16.74
CA ILE F 732 -0.98 -27.58 17.02
C ILE F 732 -0.07 -28.02 15.89
N ARG F 733 -0.61 -28.24 14.69
CA ARG F 733 0.21 -28.61 13.55
C ARG F 733 1.34 -27.62 13.32
N LYS F 734 1.15 -26.34 13.69
CA LYS F 734 2.27 -25.42 13.71
C LYS F 734 3.36 -25.90 14.67
N TYR F 735 2.98 -26.38 15.86
CA TYR F 735 3.99 -26.86 16.79
C TYR F 735 4.68 -28.14 16.34
N GLU F 736 3.94 -29.13 15.83
CA GLU F 736 4.67 -30.34 15.41
C GLU F 736 5.15 -30.26 13.97
N MET F 737 5.09 -29.09 13.32
CA MET F 737 5.86 -28.97 12.09
C MET F 737 7.25 -28.40 12.33
N PHE F 738 7.47 -27.75 13.49
CA PHE F 738 8.81 -27.36 13.89
C PHE F 738 9.60 -28.48 14.54
N ALA F 739 8.94 -29.55 14.95
CA ALA F 739 9.60 -30.62 15.69
C ALA F 739 10.51 -31.48 14.81
N GLN F 740 10.05 -31.86 13.62
CA GLN F 740 10.84 -32.74 12.77
C GLN F 740 11.84 -31.95 11.92
N THR F 741 11.48 -30.73 11.55
CA THR F 741 12.34 -29.86 10.75
C THR F 741 12.65 -28.63 11.59
N LEU F 742 13.75 -28.69 12.35
CA LEU F 742 14.19 -27.57 13.16
C LEU F 742 15.63 -27.17 12.92
N GLN F 743 16.49 -28.10 12.51
CA GLN F 743 17.88 -27.76 12.25
C GLN F 743 18.03 -26.84 11.04
N GLN F 744 17.01 -26.75 10.19
CA GLN F 744 17.05 -25.87 9.04
C GLN F 744 16.97 -24.40 9.44
N SER F 745 16.36 -24.10 10.59
CA SER F 745 16.23 -22.72 11.04
C SER F 745 17.50 -22.18 11.69
N ARG F 746 18.49 -23.03 11.96
CA ARG F 746 19.73 -22.60 12.57
C ARG F 746 20.60 -21.91 11.52
N GLY F 747 20.97 -20.67 11.78
CA GLY F 747 21.79 -19.89 10.88
C GLY F 747 21.01 -19.01 9.93
N PHE F 748 19.71 -19.26 9.75
CA PHE F 748 18.88 -18.46 8.87
C PHE F 748 17.44 -18.41 9.36
N ASN G 1 -41.06 46.15 -73.10
CA ASN G 1 -41.37 44.74 -72.89
C ASN G 1 -42.68 44.60 -72.12
N ARG G 2 -43.49 45.66 -72.16
CA ARG G 2 -44.78 45.72 -71.46
C ARG G 2 -44.61 45.37 -70.00
N PRO G 3 -44.04 46.26 -69.18
CA PRO G 3 -43.76 45.92 -67.78
C PRO G 3 -45.03 45.77 -66.96
N ASN G 4 -45.81 44.72 -67.25
CA ASN G 4 -47.01 44.39 -66.49
C ASN G 4 -47.08 42.92 -66.12
N ARG G 5 -46.18 42.10 -66.64
CA ARG G 5 -46.18 40.67 -66.33
C ARG G 5 -45.69 40.46 -64.90
N LEU G 6 -46.39 39.58 -64.17
CA LEU G 6 -46.04 39.26 -62.80
C LEU G 6 -45.89 37.75 -62.65
N ILE G 7 -44.97 37.34 -61.78
CA ILE G 7 -44.72 35.93 -61.54
C ILE G 7 -45.71 35.43 -60.48
N VAL G 8 -46.28 34.26 -60.73
CA VAL G 8 -47.27 33.67 -59.86
C VAL G 8 -46.58 33.07 -58.63
N ASP G 9 -47.14 33.35 -57.45
CA ASP G 9 -46.64 32.80 -56.20
C ASP G 9 -47.81 32.59 -55.25
N GLU G 10 -47.65 31.63 -54.34
CA GLU G 10 -48.70 31.33 -53.39
C GLU G 10 -48.86 32.47 -52.38
N ALA G 11 -50.07 32.62 -51.89
CA ALA G 11 -50.40 33.66 -50.92
C ALA G 11 -50.29 33.12 -49.50
N ILE G 12 -50.05 34.03 -48.55
CA ILE G 12 -49.91 33.67 -47.14
C ILE G 12 -51.17 33.93 -46.34
N ASN G 13 -52.13 34.68 -46.88
CA ASN G 13 -53.35 34.99 -46.16
C ASN G 13 -54.30 33.79 -46.21
N GLU G 14 -54.85 33.43 -45.04
CA GLU G 14 -55.76 32.30 -44.93
C GLU G 14 -57.20 32.79 -45.01
N ASP G 15 -57.60 33.17 -46.22
CA ASP G 15 -58.92 33.73 -46.43
C ASP G 15 -59.47 33.43 -47.82
N ASN G 16 -60.49 34.16 -48.23
CA ASN G 16 -61.11 34.02 -49.55
C ASN G 16 -60.26 34.72 -50.59
N SER G 17 -60.81 34.98 -51.77
CA SER G 17 -60.06 35.48 -52.92
C SER G 17 -59.61 36.90 -52.62
N VAL G 18 -58.39 37.03 -52.10
CA VAL G 18 -57.73 38.30 -51.88
C VAL G 18 -56.29 38.17 -52.35
N VAL G 19 -55.86 39.06 -53.22
CA VAL G 19 -54.51 39.04 -53.79
C VAL G 19 -53.74 40.22 -53.23
N SER G 20 -52.54 39.94 -52.70
CA SER G 20 -51.69 40.97 -52.11
C SER G 20 -50.62 41.40 -53.10
N LEU G 21 -50.24 42.68 -53.04
CA LEU G 21 -49.21 43.21 -53.90
C LEU G 21 -48.23 44.07 -53.11
N SER G 22 -47.36 44.80 -53.80
CA SER G 22 -46.37 45.65 -53.16
C SER G 22 -46.74 47.11 -53.35
N GLN G 23 -45.87 48.01 -52.86
CA GLN G 23 -46.12 49.45 -52.87
C GLN G 23 -45.83 50.11 -54.21
N PRO G 24 -44.68 49.85 -54.87
CA PRO G 24 -44.47 50.48 -56.18
C PRO G 24 -45.51 50.10 -57.22
N LYS G 25 -45.97 48.84 -57.21
CA LYS G 25 -47.03 48.42 -58.12
C LYS G 25 -48.35 49.12 -57.80
N MET G 26 -48.52 49.58 -56.56
CA MET G 26 -49.71 50.31 -56.16
C MET G 26 -49.85 51.60 -56.95
N ASP G 27 -48.78 52.40 -57.01
CA ASP G 27 -48.80 53.66 -57.74
C ASP G 27 -48.48 53.51 -59.22
N GLU G 28 -47.91 52.38 -59.64
CA GLU G 28 -47.60 52.20 -61.05
C GLU G 28 -48.87 52.06 -61.89
N LEU G 29 -49.89 51.40 -61.35
CA LEU G 29 -51.14 51.14 -62.07
C LEU G 29 -52.29 52.02 -61.60
N GLN G 30 -51.97 53.13 -60.93
CA GLN G 30 -52.92 54.14 -60.44
C GLN G 30 -54.21 53.54 -59.91
N LEU G 31 -54.12 52.53 -59.06
CA LEU G 31 -55.28 51.90 -58.46
C LEU G 31 -55.31 52.17 -56.96
N PHE G 32 -56.53 52.31 -56.43
CA PHE G 32 -56.72 52.70 -55.04
C PHE G 32 -56.76 51.48 -54.14
N ARG G 33 -57.00 51.70 -52.84
CA ARG G 33 -57.00 50.61 -51.87
C ARG G 33 -58.14 49.63 -52.13
N GLY G 34 -59.38 50.11 -52.10
CA GLY G 34 -60.51 49.27 -52.43
C GLY G 34 -61.07 49.59 -53.81
N ASP G 35 -60.75 48.73 -54.78
CA ASP G 35 -61.19 48.92 -56.16
C ASP G 35 -61.37 47.57 -56.82
N THR G 36 -62.13 47.55 -57.91
CA THR G 36 -62.37 46.35 -58.68
C THR G 36 -61.24 46.19 -59.70
N VAL G 37 -60.47 45.12 -59.56
CA VAL G 37 -59.32 44.85 -60.43
C VAL G 37 -59.72 43.76 -61.42
N LEU G 38 -59.06 43.75 -62.58
CA LEU G 38 -59.33 42.81 -63.65
C LEU G 38 -58.13 41.93 -63.88
N LEU G 39 -58.36 40.61 -63.95
CA LEU G 39 -57.32 39.63 -64.19
C LEU G 39 -57.59 38.88 -65.48
N LYS G 40 -56.56 38.72 -66.30
CA LYS G 40 -56.66 38.02 -67.57
C LYS G 40 -55.70 36.83 -67.58
N GLY G 41 -56.18 35.70 -68.08
CA GLY G 41 -55.38 34.51 -68.16
C GLY G 41 -55.48 33.82 -69.50
N LYS G 42 -55.14 32.53 -69.55
CA LYS G 42 -55.21 31.77 -70.77
C LYS G 42 -56.55 31.03 -70.86
N LYS G 43 -56.75 30.31 -71.97
CA LYS G 43 -57.98 29.60 -72.30
C LYS G 43 -59.18 30.53 -72.44
N ARG G 44 -58.96 31.85 -72.53
CA ARG G 44 -60.00 32.84 -72.73
C ARG G 44 -61.07 32.75 -71.63
N ARG G 45 -60.63 33.04 -70.42
CA ARG G 45 -61.51 33.07 -69.25
C ARG G 45 -61.24 34.34 -68.45
N GLU G 46 -62.27 34.79 -67.74
CA GLU G 46 -62.21 36.03 -66.97
C GLU G 46 -62.44 35.72 -65.50
N ALA G 47 -61.61 36.31 -64.64
CA ALA G 47 -61.73 36.15 -63.20
C ALA G 47 -61.51 37.49 -62.53
N VAL G 48 -62.19 37.71 -61.41
CA VAL G 48 -62.10 38.96 -60.66
C VAL G 48 -61.61 38.65 -59.25
N CYS G 49 -60.98 39.65 -58.63
CA CYS G 49 -60.49 39.53 -57.27
C CYS G 49 -60.31 40.93 -56.70
N ILE G 50 -59.67 41.01 -55.54
CA ILE G 50 -59.45 42.27 -54.83
C ILE G 50 -57.96 42.40 -54.52
N VAL G 51 -57.39 43.56 -54.83
CA VAL G 51 -55.98 43.84 -54.58
C VAL G 51 -55.81 44.32 -53.15
N LEU G 52 -54.89 43.70 -52.42
CA LEU G 52 -54.57 44.07 -51.04
C LEU G 52 -53.18 44.69 -50.99
N SER G 53 -53.01 45.68 -50.12
CA SER G 53 -51.76 46.41 -50.01
C SER G 53 -50.88 45.80 -48.92
N ASP G 54 -49.59 45.69 -49.22
CA ASP G 54 -48.63 45.14 -48.27
C ASP G 54 -47.30 45.87 -48.43
N ASP G 55 -46.60 46.05 -47.32
CA ASP G 55 -45.29 46.68 -47.30
C ASP G 55 -44.20 45.75 -46.81
N THR G 56 -44.43 45.05 -45.70
CA THR G 56 -43.47 44.05 -45.20
C THR G 56 -43.59 42.82 -46.08
N CYS G 57 -42.86 42.80 -47.19
CA CYS G 57 -43.00 41.74 -48.18
C CYS G 57 -41.68 41.52 -48.93
N SER G 58 -41.75 40.82 -50.06
CA SER G 58 -40.57 40.61 -50.89
C SER G 58 -40.42 41.75 -51.89
N ASP G 59 -39.43 41.66 -52.78
CA ASP G 59 -39.12 42.76 -53.67
C ASP G 59 -40.16 42.95 -54.77
N GLU G 60 -40.40 41.90 -55.56
CA GLU G 60 -41.32 42.04 -56.69
C GLU G 60 -41.96 40.69 -57.04
N LYS G 61 -43.17 40.47 -56.57
CA LYS G 61 -43.93 39.27 -56.89
C LYS G 61 -45.37 39.47 -56.43
N ILE G 62 -46.26 38.66 -56.99
CA ILE G 62 -47.67 38.71 -56.65
C ILE G 62 -48.00 37.52 -55.77
N ARG G 63 -49.09 37.64 -55.01
CA ARG G 63 -49.51 36.62 -54.04
C ARG G 63 -50.83 36.05 -54.53
N MET G 64 -50.75 34.88 -55.17
CA MET G 64 -51.85 34.32 -55.95
C MET G 64 -52.46 33.17 -55.16
N ASN G 65 -53.71 33.34 -54.72
CA ASN G 65 -54.33 32.37 -53.85
C ASN G 65 -54.89 31.20 -54.66
N ARG G 66 -55.06 30.06 -53.97
CA ARG G 66 -55.52 28.83 -54.60
C ARG G 66 -57.01 28.85 -54.97
N VAL G 67 -57.80 29.73 -54.35
CA VAL G 67 -59.23 29.73 -54.60
C VAL G 67 -59.54 30.13 -56.04
N VAL G 68 -58.82 31.14 -56.56
CA VAL G 68 -58.99 31.55 -57.95
C VAL G 68 -57.88 31.05 -58.86
N ARG G 69 -56.86 30.37 -58.30
CA ARG G 69 -55.89 29.68 -59.14
C ARG G 69 -56.57 28.62 -59.99
N ASN G 70 -57.49 27.86 -59.40
CA ASN G 70 -58.30 26.91 -60.15
C ASN G 70 -59.31 27.60 -61.05
N ASN G 71 -59.73 28.82 -60.70
CA ASN G 71 -60.65 29.56 -61.56
C ASN G 71 -60.00 30.00 -62.85
N LEU G 72 -58.77 30.51 -62.77
CA LEU G 72 -58.06 30.99 -63.95
C LEU G 72 -57.15 29.93 -64.56
N ARG G 73 -57.11 28.72 -63.99
CA ARG G 73 -56.28 27.63 -64.49
C ARG G 73 -54.81 28.04 -64.58
N VAL G 74 -54.34 28.76 -63.57
CA VAL G 74 -52.96 29.22 -63.50
C VAL G 74 -52.30 28.55 -62.29
N ARG G 75 -51.14 27.93 -62.52
CA ARG G 75 -50.40 27.23 -61.48
C ARG G 75 -49.17 28.04 -61.09
N LEU G 76 -48.38 27.49 -60.18
CA LEU G 76 -47.17 28.16 -59.71
C LEU G 76 -46.10 28.13 -60.79
N GLY G 77 -45.46 29.27 -61.02
CA GLY G 77 -44.42 29.39 -62.01
C GLY G 77 -44.87 29.92 -63.35
N ASP G 78 -46.15 30.22 -63.52
CA ASP G 78 -46.67 30.76 -64.76
C ASP G 78 -46.61 32.30 -64.71
N VAL G 79 -47.27 32.95 -65.66
CA VAL G 79 -47.31 34.41 -65.73
C VAL G 79 -48.75 34.86 -65.58
N ILE G 80 -48.93 36.02 -64.95
CA ILE G 80 -50.26 36.60 -64.71
C ILE G 80 -50.24 38.05 -65.17
N SER G 81 -51.28 38.46 -65.87
CA SER G 81 -51.43 39.83 -66.34
C SER G 81 -52.50 40.53 -65.51
N ILE G 82 -52.18 41.73 -65.02
CA ILE G 82 -53.09 42.50 -64.18
C ILE G 82 -53.27 43.88 -64.80
N GLN G 83 -54.48 44.42 -64.64
CA GLN G 83 -54.79 45.75 -65.16
C GLN G 83 -55.98 46.30 -64.38
N PRO G 84 -56.02 47.59 -64.11
CA PRO G 84 -57.15 48.18 -63.38
C PRO G 84 -58.41 48.19 -64.22
N CYS G 85 -59.55 48.21 -63.53
CA CYS G 85 -60.86 48.26 -64.18
C CYS G 85 -61.80 49.08 -63.31
N PRO G 86 -61.76 50.41 -63.44
CA PRO G 86 -62.63 51.28 -62.63
C PRO G 86 -64.04 51.34 -63.18
N ASP G 87 -64.75 50.22 -63.08
CA ASP G 87 -66.12 50.09 -63.56
C ASP G 87 -67.06 49.91 -62.37
N VAL G 88 -68.09 50.74 -62.30
CA VAL G 88 -69.06 50.68 -61.21
C VAL G 88 -70.03 49.54 -61.48
N LYS G 89 -70.08 48.58 -60.55
CA LYS G 89 -70.95 47.42 -60.67
C LYS G 89 -71.82 47.31 -59.42
N TYR G 90 -73.04 46.84 -59.61
CA TYR G 90 -74.00 46.67 -58.53
C TYR G 90 -74.70 45.33 -58.70
N GLY G 91 -74.81 44.57 -57.62
CA GLY G 91 -75.43 43.25 -57.67
C GLY G 91 -76.89 43.30 -57.26
N LYS G 92 -77.74 42.66 -58.05
CA LYS G 92 -79.17 42.59 -57.76
C LYS G 92 -79.66 41.15 -57.71
N ARG G 93 -79.18 40.31 -58.61
CA ARG G 93 -79.67 38.94 -58.73
C ARG G 93 -78.51 38.00 -58.98
N ILE G 94 -78.39 36.97 -58.13
CA ILE G 94 -77.37 35.94 -58.27
C ILE G 94 -78.02 34.58 -58.05
N HIS G 95 -77.69 33.62 -58.90
CA HIS G 95 -78.24 32.28 -58.82
C HIS G 95 -77.10 31.27 -58.70
N VAL G 96 -77.18 30.42 -57.67
CA VAL G 96 -76.17 29.40 -57.43
C VAL G 96 -76.86 28.08 -57.12
N LEU G 97 -76.25 26.99 -57.56
CA LEU G 97 -76.78 25.65 -57.32
C LEU G 97 -75.61 24.70 -57.08
N PRO G 98 -75.70 23.83 -56.08
CA PRO G 98 -74.62 22.88 -55.81
C PRO G 98 -74.67 21.71 -56.79
N ILE G 99 -73.71 20.80 -56.63
CA ILE G 99 -73.60 19.61 -57.47
C ILE G 99 -73.87 18.39 -56.59
N ASP G 100 -74.56 17.40 -57.16
CA ASP G 100 -75.00 16.23 -56.40
C ASP G 100 -73.90 15.20 -56.21
N ASP G 101 -72.63 15.58 -56.40
CA ASP G 101 -71.52 14.67 -56.20
C ASP G 101 -70.92 14.75 -54.80
N THR G 102 -71.21 15.81 -54.05
CA THR G 102 -70.63 15.96 -52.72
C THR G 102 -71.63 16.49 -51.69
N VAL G 103 -72.93 16.41 -51.96
CA VAL G 103 -73.94 16.90 -51.04
C VAL G 103 -74.61 15.74 -50.29
N GLU G 104 -73.97 14.56 -50.27
CA GLU G 104 -74.54 13.42 -49.56
C GLU G 104 -74.48 13.62 -48.06
N GLY G 105 -75.52 13.17 -47.36
CA GLY G 105 -75.57 13.28 -45.92
C GLY G 105 -75.90 14.66 -45.39
N ILE G 106 -76.29 15.60 -46.25
CA ILE G 106 -76.63 16.95 -45.85
C ILE G 106 -78.10 17.19 -46.18
N THR G 107 -78.88 17.57 -45.16
CA THR G 107 -80.29 17.84 -45.32
C THR G 107 -80.63 19.16 -44.67
N GLY G 108 -81.88 19.60 -44.84
CA GLY G 108 -82.32 20.85 -44.28
C GLY G 108 -81.87 22.05 -45.10
N ASN G 109 -82.13 23.23 -44.55
CA ASN G 109 -81.76 24.48 -45.21
C ASN G 109 -80.26 24.71 -45.07
N LEU G 110 -79.59 24.96 -46.20
CA LEU G 110 -78.16 25.19 -46.23
C LEU G 110 -77.79 26.56 -46.77
N PHE G 111 -78.77 27.44 -46.96
CA PHE G 111 -78.51 28.77 -47.49
C PHE G 111 -78.49 29.86 -46.42
N GLU G 112 -79.12 29.63 -45.27
CA GLU G 112 -79.15 30.61 -44.20
C GLU G 112 -77.96 30.53 -43.26
N VAL G 113 -77.14 29.48 -43.37
CA VAL G 113 -76.00 29.31 -42.49
C VAL G 113 -74.67 29.25 -43.24
N TYR G 114 -74.66 28.81 -44.51
CA TYR G 114 -73.44 28.76 -45.29
C TYR G 114 -73.26 29.96 -46.22
N LEU G 115 -74.33 30.72 -46.48
CA LEU G 115 -74.25 31.84 -47.39
C LEU G 115 -74.38 33.20 -46.72
N LYS G 116 -74.98 33.26 -45.53
CA LYS G 116 -75.17 34.53 -44.84
C LYS G 116 -73.86 35.03 -44.22
N PRO G 117 -73.18 34.25 -43.38
CA PRO G 117 -71.90 34.74 -42.83
C PRO G 117 -70.81 34.89 -43.87
N TYR G 118 -70.89 34.16 -44.98
CA TYR G 118 -69.87 34.23 -46.03
C TYR G 118 -69.97 35.51 -46.86
N PHE G 119 -71.15 36.12 -46.93
CA PHE G 119 -71.35 37.29 -47.78
C PHE G 119 -71.11 38.60 -47.03
N LEU G 120 -71.46 38.67 -45.75
CA LEU G 120 -71.31 39.90 -45.00
C LEU G 120 -69.85 40.26 -44.80
N GLU G 121 -69.55 41.56 -44.86
CA GLU G 121 -68.21 42.11 -44.66
C GLU G 121 -67.22 41.53 -45.68
N ALA G 122 -67.75 41.20 -46.86
CA ALA G 122 -66.92 40.67 -47.93
C ALA G 122 -66.87 41.61 -49.12
N TYR G 123 -68.05 41.93 -49.68
CA TYR G 123 -68.14 42.76 -50.89
C TYR G 123 -67.26 42.23 -52.01
N ARG G 124 -67.22 40.91 -52.17
CA ARG G 124 -66.38 40.28 -53.17
C ARG G 124 -67.19 40.05 -54.45
N PRO G 125 -66.79 40.64 -55.58
CA PRO G 125 -67.54 40.42 -56.82
C PRO G 125 -67.35 39.01 -57.34
N ILE G 126 -68.27 38.61 -58.23
CA ILE G 126 -68.25 37.29 -58.83
C ILE G 126 -68.34 37.43 -60.33
N ARG G 127 -67.90 36.40 -61.04
CA ARG G 127 -67.90 36.36 -62.49
C ARG G 127 -68.68 35.12 -62.95
N LYS G 128 -68.77 34.97 -64.26
CA LYS G 128 -69.41 33.78 -64.84
C LYS G 128 -68.38 32.65 -64.92
N GLY G 129 -68.67 31.56 -64.22
CA GLY G 129 -67.79 30.41 -64.20
C GLY G 129 -66.79 30.37 -63.07
N ASP G 130 -66.93 31.26 -62.07
CA ASP G 130 -66.00 31.26 -60.94
C ASP G 130 -66.19 30.01 -60.09
N ILE G 131 -65.07 29.44 -59.63
CA ILE G 131 -65.10 28.28 -58.75
C ILE G 131 -64.53 28.68 -57.39
N PHE G 132 -65.41 29.05 -56.46
CA PHE G 132 -65.00 29.47 -55.13
C PHE G 132 -65.41 28.42 -54.12
N LEU G 133 -64.54 28.19 -53.13
CA LEU G 133 -64.75 27.17 -52.11
C LEU G 133 -65.11 27.84 -50.80
N VAL G 134 -66.21 27.39 -50.19
CA VAL G 134 -66.64 27.89 -48.89
C VAL G 134 -66.36 26.82 -47.84
N ARG G 135 -66.43 27.22 -46.57
CA ARG G 135 -66.13 26.34 -45.46
C ARG G 135 -67.25 26.41 -44.43
N GLY G 136 -67.48 25.29 -43.75
CA GLY G 136 -68.53 25.20 -42.76
C GLY G 136 -69.12 23.81 -42.66
N GLY G 137 -69.49 23.40 -41.45
CA GLY G 137 -70.07 22.09 -41.25
C GLY G 137 -69.12 20.92 -41.44
N MET G 138 -67.89 21.03 -40.94
CA MET G 138 -66.92 19.94 -40.96
C MET G 138 -66.58 19.48 -42.38
N ARG G 139 -66.71 20.37 -43.35
CA ARG G 139 -66.47 20.01 -44.73
C ARG G 139 -66.39 21.28 -45.58
N ALA G 140 -65.94 21.11 -46.82
CA ALA G 140 -65.86 22.20 -47.78
C ALA G 140 -66.57 21.80 -49.06
N VAL G 141 -67.45 22.68 -49.54
CA VAL G 141 -68.22 22.44 -50.75
C VAL G 141 -68.08 23.65 -51.66
N GLU G 142 -67.85 23.40 -52.94
CA GLU G 142 -67.70 24.47 -53.92
C GLU G 142 -69.01 24.68 -54.67
N PHE G 143 -69.17 25.90 -55.18
CA PHE G 143 -70.36 26.30 -55.91
C PHE G 143 -70.02 26.55 -57.37
N LYS G 144 -71.05 26.54 -58.21
CA LYS G 144 -70.88 26.86 -59.63
C LYS G 144 -72.17 27.49 -60.14
N VAL G 145 -72.03 28.52 -60.98
CA VAL G 145 -73.16 29.23 -61.56
C VAL G 145 -73.37 28.76 -62.99
N VAL G 146 -74.65 28.63 -63.37
CA VAL G 146 -74.99 28.19 -64.71
C VAL G 146 -75.73 29.30 -65.46
N GLU G 147 -76.61 30.01 -64.75
CA GLU G 147 -77.38 31.09 -65.36
C GLU G 147 -77.67 32.15 -64.31
N THR G 148 -77.35 33.40 -64.63
CA THR G 148 -77.56 34.51 -63.72
C THR G 148 -77.65 35.79 -64.55
N ASP G 149 -77.54 36.94 -63.88
CA ASP G 149 -77.52 38.21 -64.58
C ASP G 149 -76.28 38.29 -65.48
N PRO G 150 -76.36 39.05 -66.57
CA PRO G 150 -75.22 39.14 -67.50
C PRO G 150 -73.97 39.66 -66.80
N SER G 151 -72.89 38.90 -66.91
CA SER G 151 -71.64 39.27 -66.28
C SER G 151 -71.07 40.52 -66.93
N PRO G 152 -70.43 41.42 -66.15
CA PRO G 152 -70.28 41.33 -64.70
C PRO G 152 -71.48 41.90 -63.93
N TYR G 153 -71.32 43.11 -63.39
CA TYR G 153 -72.39 43.81 -62.67
C TYR G 153 -72.90 42.97 -61.51
N CYS G 154 -71.95 42.41 -60.73
CA CYS G 154 -72.27 41.55 -59.60
C CYS G 154 -71.47 42.01 -58.40
N ILE G 155 -72.15 42.53 -57.38
CA ILE G 155 -71.53 42.97 -56.14
C ILE G 155 -72.38 42.48 -54.98
N VAL G 156 -71.72 41.94 -53.95
CA VAL G 156 -72.43 41.42 -52.79
C VAL G 156 -73.03 42.59 -52.01
N ALA G 157 -74.35 42.62 -51.92
CA ALA G 157 -75.08 43.65 -51.20
C ALA G 157 -76.26 43.02 -50.48
N PRO G 158 -76.69 43.60 -49.35
CA PRO G 158 -77.81 43.02 -48.61
C PRO G 158 -79.14 43.05 -49.37
N ASP G 159 -79.29 43.89 -50.38
CA ASP G 159 -80.55 44.01 -51.10
C ASP G 159 -80.74 42.92 -52.15
N THR G 160 -79.95 41.87 -52.13
CA THR G 160 -80.05 40.78 -53.09
C THR G 160 -80.82 39.63 -52.47
N VAL G 161 -81.93 39.25 -53.11
CA VAL G 161 -82.76 38.15 -52.62
C VAL G 161 -82.28 36.85 -53.24
N ILE G 162 -82.64 35.73 -52.60
CA ILE G 162 -82.26 34.40 -53.08
C ILE G 162 -83.47 33.49 -52.98
N HIS G 163 -83.46 32.42 -53.77
CA HIS G 163 -84.54 31.44 -53.75
C HIS G 163 -84.01 30.13 -54.32
N CYS G 164 -84.21 29.04 -53.59
CA CYS G 164 -83.75 27.73 -54.00
C CYS G 164 -84.81 27.01 -54.81
N GLU G 165 -84.35 26.06 -55.64
CA GLU G 165 -85.23 25.26 -56.48
C GLU G 165 -85.30 23.80 -56.04
N GLY G 166 -84.17 23.17 -55.77
CA GLY G 166 -84.15 21.80 -55.34
C GLY G 166 -83.81 20.82 -56.44
N GLU G 167 -82.90 21.20 -57.32
CA GLU G 167 -82.49 20.34 -58.44
C GLU G 167 -81.04 20.66 -58.79
N PRO G 168 -80.10 19.85 -58.34
CA PRO G 168 -78.68 20.09 -58.67
C PRO G 168 -78.39 19.76 -60.13
N ILE G 169 -77.24 20.25 -60.58
CA ILE G 169 -76.80 20.04 -61.96
C ILE G 169 -75.56 19.16 -61.94
N LYS G 170 -75.37 18.43 -63.04
CA LYS G 170 -74.23 17.53 -63.17
C LYS G 170 -72.95 18.32 -63.44
N ARG G 171 -71.88 17.93 -62.76
CA ARG G 171 -70.59 18.57 -62.94
C ARG G 171 -69.95 18.12 -64.26
N GLU G 172 -69.41 19.08 -65.00
CA GLU G 172 -68.74 18.77 -66.26
C GLU G 172 -67.25 18.55 -66.01
N ASP G 173 -66.50 18.38 -67.09
CA ASP G 173 -65.06 18.12 -67.03
C ASP G 173 -64.24 19.39 -67.23
N GLU G 174 -64.87 20.55 -67.25
CA GLU G 174 -64.16 21.80 -67.45
C GLU G 174 -63.37 22.23 -66.22
N GLU G 175 -63.85 21.89 -65.02
CA GLU G 175 -63.19 22.27 -63.78
C GLU G 175 -62.89 21.03 -62.96
N GLU G 176 -62.02 21.19 -61.97
CA GLU G 176 -61.60 20.12 -61.08
C GLU G 176 -61.95 20.47 -59.64
N SER G 177 -62.12 19.43 -58.83
CA SER G 177 -62.44 19.61 -57.43
C SER G 177 -61.24 20.17 -56.66
N LEU G 178 -61.54 20.94 -55.62
CA LEU G 178 -60.53 21.55 -54.78
C LEU G 178 -60.19 20.70 -53.56
N ASN G 179 -60.78 19.51 -53.44
CA ASN G 179 -60.53 18.65 -52.30
C ASN G 179 -59.16 18.00 -52.32
N GLU G 180 -58.44 18.08 -53.44
CA GLU G 180 -57.11 17.52 -53.52
C GLU G 180 -56.11 18.40 -52.77
N VAL G 181 -54.92 17.87 -52.53
CA VAL G 181 -53.87 18.59 -51.83
C VAL G 181 -53.34 19.69 -52.74
N GLY G 182 -53.12 20.87 -52.15
CA GLY G 182 -52.51 21.98 -52.86
C GLY G 182 -51.26 22.46 -52.18
N TYR G 183 -50.69 23.56 -52.68
CA TYR G 183 -49.49 24.11 -52.08
C TYR G 183 -49.75 24.74 -50.71
N ASP G 184 -51.00 25.04 -50.40
CA ASP G 184 -51.37 25.68 -49.15
C ASP G 184 -51.86 24.69 -48.09
N ASP G 185 -51.74 23.39 -48.36
CA ASP G 185 -52.19 22.35 -47.44
C ASP G 185 -51.05 21.77 -46.61
N ILE G 186 -49.87 22.35 -46.67
CA ILE G 186 -48.70 21.87 -45.94
C ILE G 186 -48.20 22.99 -45.04
N GLY G 187 -48.00 22.67 -43.76
CA GLY G 187 -47.48 23.63 -42.82
C GLY G 187 -46.51 22.98 -41.86
N GLY G 188 -45.66 23.82 -41.27
CA GLY G 188 -44.68 23.35 -40.31
C GLY G 188 -43.27 23.33 -40.85
N CYS G 189 -43.11 22.90 -42.11
CA CYS G 189 -41.82 22.88 -42.77
C CYS G 189 -41.78 24.04 -43.77
N ARG G 190 -41.16 25.15 -43.36
CA ARG G 190 -41.09 26.34 -44.19
C ARG G 190 -39.78 26.48 -44.94
N LYS G 191 -38.64 26.30 -44.25
CA LYS G 191 -37.36 26.34 -44.95
C LYS G 191 -37.21 25.18 -45.93
N GLN G 192 -37.68 23.99 -45.55
CA GLN G 192 -37.52 22.84 -46.42
C GLN G 192 -38.35 22.95 -47.68
N LEU G 193 -39.46 23.69 -47.63
CA LEU G 193 -40.31 23.80 -48.80
C LEU G 193 -39.76 24.75 -49.87
N ALA G 194 -39.16 25.87 -49.48
CA ALA G 194 -38.78 26.86 -50.46
C ALA G 194 -37.65 26.37 -51.36
N GLN G 195 -36.72 25.61 -50.80
CA GLN G 195 -35.61 25.07 -51.57
C GLN G 195 -36.04 23.90 -52.46
N ILE G 196 -37.16 23.23 -52.15
CA ILE G 196 -37.80 22.40 -53.16
C ILE G 196 -38.46 23.25 -54.24
N LYS G 197 -39.05 24.37 -53.84
CA LYS G 197 -39.61 25.32 -54.79
C LYS G 197 -38.52 25.87 -55.71
N GLU G 198 -37.25 25.75 -55.30
CA GLU G 198 -36.11 26.21 -56.08
C GLU G 198 -35.58 25.18 -57.05
N MET G 199 -35.90 23.89 -56.85
CA MET G 199 -35.35 22.84 -57.69
C MET G 199 -36.41 22.03 -58.42
N VAL G 200 -37.70 22.32 -58.22
CA VAL G 200 -38.70 21.53 -58.94
C VAL G 200 -39.37 22.34 -60.05
N GLU G 201 -39.96 23.50 -59.69
CA GLU G 201 -40.71 24.26 -60.69
C GLU G 201 -39.79 25.02 -61.64
N LEU G 202 -38.55 25.29 -61.26
CA LEU G 202 -37.66 26.00 -62.18
C LEU G 202 -37.32 25.13 -63.39
N PRO G 203 -36.90 23.87 -63.23
CA PRO G 203 -36.61 23.03 -64.39
C PRO G 203 -37.82 22.38 -65.03
N LEU G 204 -39.03 22.72 -64.61
CA LEU G 204 -40.25 22.17 -65.20
C LEU G 204 -41.05 23.18 -66.00
N ARG G 205 -41.22 24.39 -65.46
CA ARG G 205 -42.01 25.41 -66.16
C ARG G 205 -41.31 25.96 -67.39
N HIS G 206 -40.01 25.70 -67.53
CA HIS G 206 -39.21 26.19 -68.66
C HIS G 206 -38.45 25.01 -69.26
N PRO G 207 -39.14 24.15 -70.03
CA PRO G 207 -38.44 22.99 -70.59
C PRO G 207 -37.44 23.35 -71.67
N ALA G 208 -37.81 24.24 -72.60
CA ALA G 208 -36.91 24.61 -73.68
C ALA G 208 -35.78 25.52 -73.22
N LEU G 209 -35.94 26.20 -72.08
CA LEU G 209 -34.85 27.03 -71.57
C LEU G 209 -33.65 26.19 -71.19
N PHE G 210 -33.87 25.03 -70.58
CA PHE G 210 -32.77 24.15 -70.20
C PHE G 210 -32.13 23.45 -71.39
N LYS G 211 -32.86 23.31 -72.50
CA LYS G 211 -32.31 22.66 -73.68
C LYS G 211 -31.21 23.47 -74.33
N ALA G 212 -31.28 24.80 -74.25
CA ALA G 212 -30.26 25.66 -74.84
C ALA G 212 -29.08 25.88 -73.91
N ILE G 213 -29.33 26.02 -72.61
CA ILE G 213 -28.27 26.26 -71.65
C ILE G 213 -27.59 24.95 -71.29
N GLY G 214 -26.39 25.03 -70.72
CA GLY G 214 -25.62 23.86 -70.33
C GLY G 214 -25.83 23.40 -68.91
N VAL G 215 -26.79 23.96 -68.19
CA VAL G 215 -27.03 23.60 -66.80
C VAL G 215 -27.80 22.28 -66.76
N LYS G 216 -27.25 21.29 -66.06
CA LYS G 216 -27.90 19.99 -65.99
C LYS G 216 -29.06 20.04 -64.99
N PRO G 217 -30.28 19.74 -65.41
CA PRO G 217 -31.41 19.83 -64.50
C PRO G 217 -31.36 18.75 -63.45
N PRO G 218 -32.12 18.88 -62.37
CA PRO G 218 -32.20 17.80 -61.37
C PRO G 218 -32.80 16.53 -61.95
N ARG G 219 -32.34 15.40 -61.42
CA ARG G 219 -32.92 14.10 -61.74
C ARG G 219 -33.45 13.40 -60.49
N GLY G 220 -32.63 13.18 -59.48
CA GLY G 220 -33.03 12.44 -58.29
C GLY G 220 -33.03 13.31 -57.06
N ILE G 221 -34.11 13.23 -56.28
CA ILE G 221 -34.26 13.96 -55.04
C ILE G 221 -34.63 12.95 -53.96
N LEU G 222 -33.84 12.91 -52.89
CA LEU G 222 -34.07 11.99 -51.79
C LEU G 222 -34.66 12.74 -50.59
N LEU G 223 -35.70 12.18 -50.01
CA LEU G 223 -36.39 12.78 -48.87
C LEU G 223 -35.99 12.08 -47.58
N TYR G 224 -36.16 12.79 -46.47
CA TYR G 224 -35.84 12.28 -45.14
C TYR G 224 -36.96 12.66 -44.19
N GLY G 225 -36.76 12.36 -42.91
CA GLY G 225 -37.70 12.69 -41.88
C GLY G 225 -38.30 11.45 -41.24
N PRO G 226 -38.71 11.58 -39.98
CA PRO G 226 -39.38 10.46 -39.30
C PRO G 226 -40.72 10.18 -39.94
N PRO G 227 -41.25 8.96 -39.79
CA PRO G 227 -42.54 8.62 -40.41
C PRO G 227 -43.65 9.56 -39.93
N GLY G 228 -44.52 9.94 -40.86
CA GLY G 228 -45.58 10.89 -40.58
C GLY G 228 -45.20 12.34 -40.75
N THR G 229 -43.99 12.63 -41.23
CA THR G 229 -43.57 14.02 -41.40
C THR G 229 -44.32 14.68 -42.55
N GLY G 230 -44.68 13.91 -43.58
CA GLY G 230 -45.36 14.45 -44.73
C GLY G 230 -44.63 14.19 -46.03
N LYS G 231 -43.83 13.12 -46.06
CA LYS G 231 -43.06 12.78 -47.25
C LYS G 231 -43.93 12.51 -48.47
N THR G 232 -45.19 12.11 -48.26
CA THR G 232 -46.11 11.87 -49.36
C THR G 232 -46.96 13.08 -49.70
N LEU G 233 -47.39 13.84 -48.68
CA LEU G 233 -48.28 14.97 -48.91
C LEU G 233 -47.62 16.05 -49.77
N ILE G 234 -46.38 16.42 -49.43
CA ILE G 234 -45.68 17.45 -50.19
C ILE G 234 -45.37 16.98 -51.60
N ALA G 235 -44.99 15.70 -51.76
CA ALA G 235 -44.74 15.18 -53.09
C ALA G 235 -45.98 15.20 -53.95
N ARG G 236 -47.13 14.80 -53.39
CA ARG G 236 -48.37 14.86 -54.15
C ARG G 236 -48.75 16.29 -54.51
N ALA G 237 -48.56 17.23 -53.58
CA ALA G 237 -48.86 18.62 -53.88
C ALA G 237 -48.00 19.16 -55.00
N VAL G 238 -46.67 18.96 -54.92
CA VAL G 238 -45.76 19.49 -55.93
C VAL G 238 -45.84 18.73 -57.24
N ALA G 239 -46.44 17.54 -57.25
CA ALA G 239 -46.67 16.82 -58.49
C ALA G 239 -48.01 17.12 -59.13
N ASN G 240 -49.01 17.54 -58.34
CA ASN G 240 -50.33 17.81 -58.87
C ASN G 240 -50.57 19.28 -59.17
N GLU G 241 -49.80 20.20 -58.55
CA GLU G 241 -50.00 21.62 -58.77
C GLU G 241 -49.03 22.20 -59.80
N THR G 242 -48.47 21.37 -60.67
CA THR G 242 -47.59 21.84 -61.74
C THR G 242 -48.09 21.54 -63.14
N GLY G 243 -49.10 20.69 -63.29
CA GLY G 243 -49.64 20.35 -64.58
C GLY G 243 -48.94 19.20 -65.28
N ALA G 244 -47.76 18.81 -64.82
CA ALA G 244 -47.05 17.69 -65.42
C ALA G 244 -47.62 16.37 -64.92
N PHE G 245 -47.37 15.31 -65.68
CA PHE G 245 -47.85 14.00 -65.31
C PHE G 245 -47.14 13.48 -64.06
N PHE G 246 -47.90 12.77 -63.21
CA PHE G 246 -47.38 12.21 -61.98
C PHE G 246 -47.80 10.75 -61.90
N PHE G 247 -46.85 9.86 -61.62
CA PHE G 247 -47.10 8.43 -61.51
C PHE G 247 -46.64 7.96 -60.15
N LEU G 248 -47.44 7.11 -59.51
CA LEU G 248 -47.21 6.72 -58.13
C LEU G 248 -46.95 5.22 -58.02
N ILE G 249 -45.85 4.86 -57.36
CA ILE G 249 -45.51 3.48 -57.01
C ILE G 249 -44.82 3.53 -55.66
N ASN G 250 -45.42 2.93 -54.63
CA ASN G 250 -44.87 3.26 -53.33
C ASN G 250 -43.65 2.43 -52.98
N GLY G 251 -43.84 1.24 -52.43
CA GLY G 251 -42.86 0.18 -52.50
C GLY G 251 -43.37 -1.24 -52.59
N PRO G 252 -44.47 -1.57 -51.87
CA PRO G 252 -44.76 -3.00 -51.64
C PRO G 252 -45.45 -3.69 -52.80
N GLU G 253 -46.20 -2.96 -53.62
CA GLU G 253 -46.82 -3.57 -54.78
C GLU G 253 -45.80 -4.19 -55.72
N ILE G 254 -44.55 -3.73 -55.67
CA ILE G 254 -43.50 -4.35 -56.46
C ILE G 254 -43.17 -5.74 -55.94
N MET G 255 -43.02 -5.89 -54.62
CA MET G 255 -42.66 -7.17 -54.04
C MET G 255 -43.86 -8.06 -53.75
N SER G 256 -45.08 -7.56 -53.93
CA SER G 256 -46.27 -8.35 -53.66
C SER G 256 -46.60 -9.30 -54.80
N LYS G 257 -46.25 -8.95 -56.04
CA LYS G 257 -46.60 -9.79 -57.17
C LYS G 257 -45.59 -10.93 -57.33
N LEU G 258 -45.86 -11.79 -58.31
CA LEU G 258 -44.99 -12.94 -58.56
C LEU G 258 -43.65 -12.48 -59.13
N ALA G 259 -42.67 -13.37 -59.06
CA ALA G 259 -41.34 -13.06 -59.59
C ALA G 259 -41.36 -13.05 -61.10
N GLY G 260 -40.72 -12.05 -61.70
CA GLY G 260 -40.61 -11.97 -63.14
C GLY G 260 -41.34 -10.77 -63.73
N GLU G 261 -42.54 -10.48 -63.23
CA GLU G 261 -43.29 -9.34 -63.72
C GLU G 261 -43.10 -8.09 -62.87
N SER G 262 -42.54 -8.23 -61.66
CA SER G 262 -42.26 -7.07 -60.83
C SER G 262 -41.26 -6.14 -61.50
N GLU G 263 -40.21 -6.70 -62.08
CA GLU G 263 -39.24 -5.89 -62.82
C GLU G 263 -39.87 -5.29 -64.07
N SER G 264 -40.73 -6.04 -64.75
CA SER G 264 -41.38 -5.52 -65.95
C SER G 264 -42.28 -4.33 -65.63
N ASN G 265 -43.00 -4.39 -64.50
CA ASN G 265 -43.84 -3.26 -64.11
C ASN G 265 -43.02 -2.01 -63.88
N LEU G 266 -41.90 -2.14 -63.16
CA LEU G 266 -41.03 -0.98 -62.93
C LEU G 266 -40.43 -0.47 -64.24
N ARG G 267 -40.04 -1.37 -65.14
CA ARG G 267 -39.47 -0.96 -66.42
C ARG G 267 -40.50 -0.20 -67.26
N LYS G 268 -41.74 -0.67 -67.29
CA LYS G 268 -42.77 0.01 -68.06
C LYS G 268 -43.20 1.32 -67.41
N ALA G 269 -43.12 1.41 -66.07
CA ALA G 269 -43.46 2.65 -65.39
C ALA G 269 -42.50 3.78 -65.74
N PHE G 270 -41.31 3.46 -66.24
CA PHE G 270 -40.37 4.50 -66.66
C PHE G 270 -40.57 4.89 -68.12
N GLU G 271 -40.87 3.94 -68.99
CA GLU G 271 -41.09 4.28 -70.40
C GLU G 271 -42.43 4.96 -70.61
N GLU G 272 -43.41 4.70 -69.74
CA GLU G 272 -44.68 5.41 -69.87
C GLU G 272 -44.53 6.90 -69.56
N ALA G 273 -43.54 7.26 -68.72
CA ALA G 273 -43.31 8.64 -68.39
C ALA G 273 -42.54 9.39 -69.46
N GLU G 274 -41.76 8.68 -70.29
CA GLU G 274 -40.95 9.35 -71.31
C GLU G 274 -41.82 9.96 -72.40
N LYS G 275 -42.81 9.22 -72.89
CA LYS G 275 -43.60 9.70 -74.02
C LYS G 275 -44.40 10.95 -73.66
N ASN G 276 -44.99 10.98 -72.47
CA ASN G 276 -45.81 12.11 -72.04
C ASN G 276 -45.01 13.14 -71.24
N ALA G 277 -43.89 13.58 -71.82
CA ALA G 277 -43.06 14.58 -71.18
C ALA G 277 -43.76 15.95 -71.24
N PRO G 278 -43.61 16.79 -70.20
CA PRO G 278 -42.84 16.49 -68.97
C PRO G 278 -43.62 15.61 -68.00
N ALA G 279 -42.90 14.81 -67.23
CA ALA G 279 -43.51 13.92 -66.26
C ALA G 279 -42.64 13.91 -65.00
N ILE G 280 -43.15 13.27 -63.95
CA ILE G 280 -42.44 13.17 -62.68
C ILE G 280 -42.71 11.79 -62.09
N ILE G 281 -41.74 11.30 -61.32
CA ILE G 281 -41.82 9.98 -60.70
C ILE G 281 -41.55 10.15 -59.21
N PHE G 282 -42.40 9.53 -58.39
CA PHE G 282 -42.27 9.62 -56.94
C PHE G 282 -42.37 8.21 -56.34
N ILE G 283 -41.48 7.93 -55.39
CA ILE G 283 -41.44 6.65 -54.70
C ILE G 283 -41.70 6.91 -53.21
N ASP G 284 -42.69 6.21 -52.65
CA ASP G 284 -43.12 6.53 -51.30
C ASP G 284 -42.11 6.05 -50.26
N GLU G 285 -41.89 4.73 -50.17
CA GLU G 285 -40.88 4.21 -49.26
C GLU G 285 -39.81 3.54 -50.10
N LEU G 286 -38.56 3.71 -49.69
CA LEU G 286 -37.41 3.15 -50.39
C LEU G 286 -36.58 2.24 -49.51
N ASP G 287 -36.70 2.34 -48.19
CA ASP G 287 -35.91 1.52 -47.29
C ASP G 287 -36.19 0.03 -47.47
N ALA G 288 -37.40 -0.32 -47.89
CA ALA G 288 -37.79 -1.71 -48.10
C ALA G 288 -37.65 -2.13 -49.55
N ILE G 289 -37.08 -1.29 -50.40
CA ILE G 289 -36.89 -1.59 -51.81
C ILE G 289 -35.47 -2.06 -52.09
N ALA G 290 -34.48 -1.35 -51.56
CA ALA G 290 -33.06 -1.63 -51.82
C ALA G 290 -32.32 -1.80 -50.50
N PRO G 291 -32.46 -2.94 -49.84
CA PRO G 291 -31.70 -3.20 -48.62
C PRO G 291 -30.36 -3.87 -48.89
N LYS G 292 -29.54 -3.25 -49.74
CA LYS G 292 -28.24 -3.83 -50.10
C LYS G 292 -27.23 -3.52 -49.00
N ARG G 293 -27.38 -4.22 -47.89
CA ARG G 293 -26.57 -4.07 -46.68
C ARG G 293 -26.43 -5.43 -46.04
N GLU G 294 -26.12 -5.48 -44.74
CA GLU G 294 -25.88 -6.73 -44.04
C GLU G 294 -27.01 -7.74 -44.20
N LYS G 295 -28.14 -7.36 -44.79
CA LYS G 295 -29.25 -8.28 -45.00
C LYS G 295 -28.96 -9.23 -46.15
N THR G 296 -28.90 -8.69 -47.38
CA THR G 296 -28.60 -9.44 -48.60
C THR G 296 -29.23 -10.84 -48.61
N HIS G 297 -30.54 -10.88 -48.35
CA HIS G 297 -31.31 -12.11 -48.45
C HIS G 297 -32.22 -12.05 -49.66
N GLY G 298 -32.41 -13.19 -50.31
CA GLY G 298 -33.31 -13.27 -51.45
C GLY G 298 -32.65 -12.90 -52.76
N GLU G 299 -32.89 -13.72 -53.79
CA GLU G 299 -32.30 -13.47 -55.11
C GLU G 299 -33.06 -12.41 -55.88
N VAL G 300 -34.39 -12.45 -55.84
CA VAL G 300 -35.20 -11.58 -56.68
C VAL G 300 -35.21 -10.13 -56.21
N GLU G 301 -34.85 -9.87 -54.95
CA GLU G 301 -35.01 -8.52 -54.42
C GLU G 301 -33.82 -7.64 -54.74
N ARG G 302 -32.63 -8.22 -54.87
CA ARG G 302 -31.53 -7.44 -55.43
C ARG G 302 -31.66 -7.29 -56.94
N ARG G 303 -32.48 -8.13 -57.57
CA ARG G 303 -32.77 -7.96 -58.99
C ARG G 303 -33.44 -6.62 -59.27
N ILE G 304 -34.43 -6.24 -58.45
CA ILE G 304 -35.11 -4.97 -58.69
C ILE G 304 -34.21 -3.80 -58.31
N VAL G 305 -33.30 -4.01 -57.36
CA VAL G 305 -32.31 -2.97 -57.07
C VAL G 305 -31.43 -2.71 -58.27
N SER G 306 -30.92 -3.79 -58.89
CA SER G 306 -30.13 -3.64 -60.10
C SER G 306 -30.96 -3.05 -61.24
N GLN G 307 -32.25 -3.43 -61.32
CA GLN G 307 -33.12 -2.87 -62.36
C GLN G 307 -33.28 -1.37 -62.20
N LEU G 308 -33.53 -0.89 -60.99
CA LEU G 308 -33.70 0.53 -60.77
C LEU G 308 -32.39 1.28 -60.98
N LEU G 309 -31.27 0.68 -60.57
CA LEU G 309 -29.97 1.27 -60.85
C LEU G 309 -29.73 1.38 -62.36
N THR G 310 -30.13 0.37 -63.12
CA THR G 310 -30.00 0.44 -64.57
C THR G 310 -30.89 1.53 -65.15
N LEU G 311 -32.13 1.62 -64.66
CA LEU G 311 -33.10 2.58 -65.19
C LEU G 311 -32.77 4.01 -64.82
N MET G 312 -31.99 4.24 -63.77
CA MET G 312 -31.54 5.58 -63.44
C MET G 312 -30.16 5.91 -64.00
N ASP G 313 -29.29 4.92 -64.15
CA ASP G 313 -27.95 5.18 -64.66
C ASP G 313 -28.00 5.62 -66.12
N GLY G 314 -28.91 5.07 -66.90
CA GLY G 314 -29.05 5.40 -68.30
C GLY G 314 -29.84 6.65 -68.59
N LEU G 315 -30.32 7.35 -67.56
CA LEU G 315 -31.12 8.55 -67.78
C LEU G 315 -30.26 9.71 -68.22
N LYS G 316 -30.09 9.86 -69.54
CA LYS G 316 -29.44 11.06 -70.08
C LYS G 316 -30.47 12.19 -70.11
N GLN G 317 -30.13 13.32 -70.74
CA GLN G 317 -31.05 14.44 -70.74
C GLN G 317 -32.37 14.08 -71.43
N ARG G 318 -32.33 13.89 -72.74
CA ARG G 318 -33.51 13.55 -73.53
C ARG G 318 -34.70 14.44 -73.18
N ALA G 319 -35.58 13.95 -72.31
CA ALA G 319 -36.79 14.64 -71.87
C ALA G 319 -36.52 15.35 -70.55
N HIS G 320 -37.58 15.84 -69.90
CA HIS G 320 -37.47 16.49 -68.60
C HIS G 320 -38.25 15.63 -67.58
N VAL G 321 -37.53 14.69 -66.96
CA VAL G 321 -38.11 13.78 -65.99
C VAL G 321 -37.29 13.82 -64.71
N ILE G 322 -37.99 13.74 -63.57
CA ILE G 322 -37.36 13.75 -62.26
C ILE G 322 -37.96 12.62 -61.43
N VAL G 323 -37.09 11.82 -60.82
CA VAL G 323 -37.50 10.77 -59.89
C VAL G 323 -37.26 11.27 -58.48
N MET G 324 -38.17 10.93 -57.57
CA MET G 324 -38.05 11.31 -56.17
C MET G 324 -38.39 10.11 -55.29
N ALA G 325 -37.68 9.99 -54.17
CA ALA G 325 -37.87 8.89 -53.25
C ALA G 325 -37.87 9.42 -51.83
N ALA G 326 -38.49 8.67 -50.94
CA ALA G 326 -38.58 9.05 -49.53
C ALA G 326 -38.22 7.85 -48.67
N THR G 327 -37.73 8.15 -47.47
CA THR G 327 -37.33 7.13 -46.51
C THR G 327 -37.54 7.67 -45.11
N ASN G 328 -37.18 6.86 -44.11
CA ASN G 328 -37.40 7.22 -42.71
C ASN G 328 -36.13 7.38 -41.91
N ARG G 329 -35.05 6.72 -42.30
CA ARG G 329 -33.79 6.79 -41.56
C ARG G 329 -32.63 6.85 -42.55
N PRO G 330 -31.51 7.46 -42.16
CA PRO G 330 -30.39 7.57 -43.10
C PRO G 330 -29.71 6.25 -43.40
N ASN G 331 -29.61 5.33 -42.44
CA ASN G 331 -28.91 4.06 -42.65
C ASN G 331 -29.87 3.01 -43.19
N SER G 332 -30.57 3.39 -44.26
CA SER G 332 -31.47 2.46 -44.93
C SER G 332 -31.43 2.57 -46.45
N ILE G 333 -30.55 3.39 -47.02
CA ILE G 333 -30.46 3.55 -48.46
C ILE G 333 -29.18 2.88 -48.94
N ASP G 334 -29.28 2.19 -50.06
CA ASP G 334 -28.12 1.56 -50.68
C ASP G 334 -27.07 2.64 -50.97
N PRO G 335 -25.84 2.48 -50.49
CA PRO G 335 -24.80 3.49 -50.78
C PRO G 335 -24.54 3.65 -52.27
N ALA G 336 -24.82 2.63 -53.08
CA ALA G 336 -24.63 2.75 -54.52
C ALA G 336 -25.62 3.73 -55.15
N LEU G 337 -26.71 4.05 -54.47
CA LEU G 337 -27.69 4.99 -55.00
C LEU G 337 -27.39 6.43 -54.59
N ARG G 338 -26.56 6.65 -53.58
CA ARG G 338 -26.22 7.99 -53.13
C ARG G 338 -25.06 8.59 -53.89
N ARG G 339 -24.65 7.99 -55.00
CA ARG G 339 -23.54 8.51 -55.79
C ARG G 339 -23.98 9.77 -56.54
N PHE G 340 -23.00 10.43 -57.16
CA PHE G 340 -23.30 11.62 -57.95
C PHE G 340 -24.07 11.23 -59.19
N GLY G 341 -25.15 11.96 -59.47
CA GLY G 341 -25.98 11.71 -60.63
C GLY G 341 -27.25 10.92 -60.33
N ARG G 342 -27.32 10.23 -59.20
CA ARG G 342 -28.52 9.49 -58.81
C ARG G 342 -29.18 10.10 -57.59
N PHE G 343 -28.46 10.21 -56.46
CA PHE G 343 -28.96 10.88 -55.26
C PHE G 343 -27.78 11.63 -54.63
N ASP G 344 -27.61 12.89 -55.05
CA ASP G 344 -26.54 13.73 -54.53
C ASP G 344 -27.06 14.90 -53.72
N ARG G 345 -28.37 15.15 -53.78
CA ARG G 345 -29.01 16.26 -53.11
C ARG G 345 -30.06 15.70 -52.16
N GLU G 346 -29.95 16.04 -50.88
CA GLU G 346 -30.82 15.49 -49.86
C GLU G 346 -31.35 16.62 -48.98
N VAL G 347 -32.57 16.44 -48.50
CA VAL G 347 -33.19 17.43 -47.61
C VAL G 347 -33.66 16.70 -46.36
N ASP G 348 -33.39 17.30 -45.21
CA ASP G 348 -33.75 16.75 -43.91
C ASP G 348 -34.91 17.57 -43.35
N ILE G 349 -36.03 16.90 -43.11
CA ILE G 349 -37.22 17.54 -42.56
C ILE G 349 -37.40 17.00 -41.15
N GLY G 350 -37.21 17.86 -40.16
CA GLY G 350 -37.29 17.45 -38.76
C GLY G 350 -38.67 17.69 -38.18
N ILE G 351 -38.76 17.45 -36.87
CA ILE G 351 -40.01 17.66 -36.15
C ILE G 351 -40.26 19.16 -36.02
N PRO G 352 -41.43 19.67 -36.41
CA PRO G 352 -41.70 21.10 -36.28
C PRO G 352 -41.72 21.54 -34.83
N ASP G 353 -41.30 22.78 -34.60
CA ASP G 353 -41.32 23.35 -33.25
C ASP G 353 -42.71 23.92 -32.95
N ALA G 354 -42.82 24.68 -31.86
CA ALA G 354 -44.14 25.18 -31.47
C ALA G 354 -44.74 26.07 -32.55
N THR G 355 -43.99 27.08 -33.01
CA THR G 355 -44.51 27.93 -34.07
C THR G 355 -44.67 27.19 -35.38
N GLY G 356 -43.90 26.12 -35.59
CA GLY G 356 -44.11 25.26 -36.74
C GLY G 356 -45.36 24.43 -36.59
N ARG G 357 -45.63 23.98 -35.37
CA ARG G 357 -46.83 23.18 -35.12
C ARG G 357 -48.10 24.00 -35.06
N LEU G 358 -47.99 25.33 -34.94
CA LEU G 358 -49.19 26.16 -34.87
C LEU G 358 -50.03 26.04 -36.14
N GLU G 359 -49.40 26.12 -37.31
CA GLU G 359 -50.15 26.13 -38.55
C GLU G 359 -50.78 24.79 -38.88
N ILE G 360 -50.20 23.69 -38.42
CA ILE G 360 -50.74 22.36 -38.68
C ILE G 360 -52.12 22.18 -38.09
N LEU G 361 -52.40 22.80 -36.94
CA LEU G 361 -53.72 22.70 -36.33
C LEU G 361 -54.77 23.30 -37.24
N GLN G 362 -54.58 24.54 -37.69
CA GLN G 362 -55.60 25.18 -38.50
C GLN G 362 -55.67 24.63 -39.91
N ILE G 363 -54.56 24.18 -40.51
CA ILE G 363 -54.67 23.66 -41.87
C ILE G 363 -55.49 22.38 -41.92
N HIS G 364 -55.81 21.79 -40.77
CA HIS G 364 -56.73 20.66 -40.73
C HIS G 364 -58.04 20.96 -40.01
N THR G 365 -58.11 22.01 -39.20
CA THR G 365 -59.35 22.38 -38.52
C THR G 365 -60.01 23.61 -39.12
N LYS G 366 -59.59 24.00 -40.34
CA LYS G 366 -60.21 25.14 -40.99
C LYS G 366 -61.70 24.92 -41.26
N ASN G 367 -62.09 23.69 -41.57
CA ASN G 367 -63.51 23.39 -41.74
C ASN G 367 -64.23 23.23 -40.41
N MET G 368 -63.49 23.20 -39.31
CA MET G 368 -64.06 23.08 -37.97
C MET G 368 -64.10 24.48 -37.37
N LYS G 369 -65.27 25.11 -37.39
CA LYS G 369 -65.40 26.43 -36.80
C LYS G 369 -65.36 26.34 -35.29
N LEU G 370 -64.55 27.19 -34.68
CA LEU G 370 -64.25 27.15 -33.26
C LEU G 370 -64.96 28.29 -32.55
N ALA G 371 -65.23 28.07 -31.25
CA ALA G 371 -65.97 29.02 -30.44
C ALA G 371 -65.07 30.21 -30.07
N ASP G 372 -65.59 31.10 -29.22
CA ASP G 372 -64.86 32.30 -28.82
C ASP G 372 -63.80 32.03 -27.76
N ASP G 373 -64.11 31.17 -26.79
CA ASP G 373 -63.19 30.91 -25.69
C ASP G 373 -62.06 29.96 -26.07
N VAL G 374 -62.09 29.40 -27.27
CA VAL G 374 -61.08 28.43 -27.70
C VAL G 374 -60.04 29.10 -28.57
N ASP G 375 -58.78 28.74 -28.32
CA ASP G 375 -57.65 29.17 -29.13
C ASP G 375 -56.69 28.00 -29.28
N LEU G 376 -55.95 27.99 -30.39
CA LEU G 376 -54.99 26.92 -30.67
C LEU G 376 -53.57 27.29 -30.24
N GLU G 377 -53.38 28.45 -29.62
CA GLU G 377 -52.06 28.89 -29.23
C GLU G 377 -51.50 28.12 -28.04
N GLN G 378 -52.23 28.11 -26.92
CA GLN G 378 -51.73 27.46 -25.71
C GLN G 378 -51.62 25.94 -25.87
N VAL G 379 -52.47 25.33 -26.70
CA VAL G 379 -52.46 23.88 -26.84
C VAL G 379 -51.27 23.37 -27.62
N ALA G 380 -50.63 24.21 -28.42
CA ALA G 380 -49.46 23.83 -29.20
C ALA G 380 -48.16 24.27 -28.54
N ASN G 381 -48.20 24.55 -27.24
CA ASN G 381 -47.02 25.00 -26.50
C ASN G 381 -46.48 23.96 -25.52
N GLU G 382 -47.33 23.07 -25.01
CA GLU G 382 -46.89 22.06 -24.07
C GLU G 382 -46.32 20.82 -24.75
N THR G 383 -46.44 20.72 -26.07
CA THR G 383 -45.89 19.59 -26.81
C THR G 383 -44.64 20.01 -27.56
N HIS G 384 -43.73 19.05 -27.75
CA HIS G 384 -42.48 19.37 -28.42
C HIS G 384 -42.01 18.29 -29.39
N GLY G 385 -42.79 17.22 -29.60
CA GLY G 385 -42.34 16.15 -30.47
C GLY G 385 -43.42 15.60 -31.40
N HIS G 386 -44.33 16.47 -31.83
CA HIS G 386 -45.46 16.05 -32.66
C HIS G 386 -45.24 16.44 -34.10
N VAL G 387 -45.69 15.58 -35.02
CA VAL G 387 -45.62 15.83 -36.45
C VAL G 387 -47.03 15.95 -36.99
N GLY G 388 -47.16 16.21 -38.30
CA GLY G 388 -48.47 16.43 -38.88
C GLY G 388 -49.44 15.28 -38.67
N ALA G 389 -48.97 14.04 -38.81
CA ALA G 389 -49.82 12.88 -38.60
C ALA G 389 -50.31 12.78 -37.16
N ASP G 390 -49.43 13.05 -36.19
CA ASP G 390 -49.84 13.00 -34.79
C ASP G 390 -50.94 14.02 -34.51
N LEU G 391 -50.77 15.25 -34.99
CA LEU G 391 -51.77 16.28 -34.77
C LEU G 391 -53.07 15.97 -35.49
N ALA G 392 -52.99 15.40 -36.69
CA ALA G 392 -54.21 15.02 -37.41
C ALA G 392 -54.98 13.96 -36.65
N ALA G 393 -54.29 12.93 -36.15
CA ALA G 393 -54.95 11.91 -35.36
C ALA G 393 -55.53 12.48 -34.07
N LEU G 394 -54.78 13.37 -33.41
CA LEU G 394 -55.26 13.98 -32.17
C LEU G 394 -56.53 14.78 -32.41
N CYS G 395 -56.55 15.61 -33.45
CA CYS G 395 -57.76 16.39 -33.74
C CYS G 395 -58.92 15.50 -34.17
N SER G 396 -58.65 14.42 -34.91
CA SER G 396 -59.74 13.52 -35.30
C SER G 396 -60.38 12.87 -34.07
N GLU G 397 -59.56 12.36 -33.15
CA GLU G 397 -60.14 11.73 -31.97
C GLU G 397 -60.76 12.75 -31.02
N ALA G 398 -60.23 13.97 -30.95
CA ALA G 398 -60.87 15.02 -30.17
C ALA G 398 -62.25 15.34 -30.72
N ALA G 399 -62.39 15.41 -32.04
CA ALA G 399 -63.70 15.61 -32.65
C ALA G 399 -64.64 14.44 -32.39
N LEU G 400 -64.11 13.21 -32.41
CA LEU G 400 -64.95 12.05 -32.07
C LEU G 400 -65.46 12.13 -30.64
N GLN G 401 -64.61 12.60 -29.72
CA GLN G 401 -65.05 12.79 -28.33
C GLN G 401 -66.19 13.79 -28.25
N ALA G 402 -66.09 14.90 -28.98
CA ALA G 402 -67.17 15.87 -29.01
C ALA G 402 -68.44 15.29 -29.62
N ILE G 403 -68.31 14.46 -30.66
CA ILE G 403 -69.49 13.81 -31.25
C ILE G 403 -70.18 12.93 -30.23
N ARG G 404 -69.42 12.07 -29.54
CA ARG G 404 -70.04 11.16 -28.59
C ARG G 404 -70.59 11.89 -27.37
N LYS G 405 -70.01 13.04 -26.99
CA LYS G 405 -70.53 13.79 -25.85
C LYS G 405 -71.95 14.26 -26.04
N LYS G 406 -72.41 14.37 -27.29
CA LYS G 406 -73.81 14.68 -27.55
C LYS G 406 -74.63 13.50 -28.06
N MET G 407 -74.00 12.49 -28.70
CA MET G 407 -74.72 11.29 -29.09
C MET G 407 -75.10 10.40 -27.91
N ASP G 408 -74.51 10.61 -26.74
CA ASP G 408 -74.86 9.78 -25.59
C ASP G 408 -76.20 10.16 -25.00
N LEU G 409 -76.60 11.44 -25.09
CA LEU G 409 -77.88 11.86 -24.54
C LEU G 409 -78.90 12.23 -25.61
N ILE G 410 -78.48 12.67 -26.80
CA ILE G 410 -79.44 13.06 -27.83
C ILE G 410 -80.17 11.85 -28.39
N ASP G 411 -79.44 10.79 -28.73
CA ASP G 411 -79.99 9.53 -29.22
C ASP G 411 -80.87 9.77 -30.46
N LEU G 412 -80.21 10.24 -31.52
CA LEU G 412 -80.86 10.50 -32.80
C LEU G 412 -80.47 9.38 -33.76
N GLU G 413 -81.33 8.38 -33.88
CA GLU G 413 -81.10 7.23 -34.75
C GLU G 413 -81.76 7.50 -36.09
N ASP G 414 -80.96 7.90 -37.08
CA ASP G 414 -81.47 8.17 -38.42
C ASP G 414 -80.36 7.94 -39.43
N GLU G 415 -80.76 7.73 -40.68
CA GLU G 415 -79.80 7.48 -41.74
C GLU G 415 -79.04 8.76 -42.08
N THR G 416 -79.75 9.78 -42.54
CA THR G 416 -79.11 11.06 -42.86
C THR G 416 -79.18 12.00 -41.67
N ILE G 417 -78.18 12.87 -41.57
CA ILE G 417 -78.08 13.83 -40.48
C ILE G 417 -78.39 15.21 -41.01
N ASP G 418 -79.01 16.03 -40.16
CA ASP G 418 -79.42 17.38 -40.52
C ASP G 418 -78.32 18.38 -40.18
N ALA G 419 -78.31 19.50 -40.91
CA ALA G 419 -77.33 20.55 -40.69
C ALA G 419 -77.72 21.50 -39.56
N GLU G 420 -78.92 21.37 -39.02
CA GLU G 420 -79.35 22.24 -37.92
C GLU G 420 -78.60 21.95 -36.63
N VAL G 421 -78.01 20.77 -36.50
CA VAL G 421 -77.20 20.44 -35.33
C VAL G 421 -75.71 20.41 -35.65
N MET G 422 -75.32 20.24 -36.92
CA MET G 422 -73.91 20.27 -37.29
C MET G 422 -73.27 21.62 -36.99
N ASN G 423 -73.96 22.72 -37.30
CA ASN G 423 -73.41 24.05 -37.07
C ASN G 423 -73.31 24.37 -35.58
N SER G 424 -74.28 23.90 -34.78
CA SER G 424 -74.27 24.19 -33.35
C SER G 424 -73.13 23.52 -32.60
N LEU G 425 -72.58 22.43 -33.15
CA LEU G 425 -71.49 21.73 -32.49
C LEU G 425 -70.21 22.53 -32.55
N ALA G 426 -69.47 22.56 -31.44
CA ALA G 426 -68.17 23.21 -31.38
C ALA G 426 -67.36 22.56 -30.27
N VAL G 427 -66.07 22.35 -30.54
CA VAL G 427 -65.18 21.73 -29.56
C VAL G 427 -64.86 22.72 -28.46
N THR G 428 -64.64 22.22 -27.25
CA THR G 428 -64.46 23.06 -26.07
C THR G 428 -63.06 22.88 -25.49
N MET G 429 -62.84 23.51 -24.33
CA MET G 429 -61.55 23.43 -23.65
C MET G 429 -61.23 22.01 -23.23
N ASP G 430 -62.16 21.36 -22.53
CA ASP G 430 -61.92 20.04 -21.97
C ASP G 430 -61.60 19.00 -23.03
N ASP G 431 -62.08 19.19 -24.26
CA ASP G 431 -61.77 18.23 -25.32
C ASP G 431 -60.28 18.22 -25.66
N PHE G 432 -59.69 19.39 -25.90
CA PHE G 432 -58.26 19.43 -26.19
C PHE G 432 -57.44 19.06 -24.96
N ARG G 433 -57.97 19.32 -23.76
CA ARG G 433 -57.27 18.88 -22.55
C ARG G 433 -57.23 17.36 -22.45
N TRP G 434 -58.38 16.72 -22.65
CA TRP G 434 -58.48 15.27 -22.54
C TRP G 434 -57.81 14.56 -23.70
N ALA G 435 -57.67 15.23 -24.84
CA ALA G 435 -57.02 14.62 -26.00
C ALA G 435 -55.56 14.31 -25.72
N LEU G 436 -54.83 15.24 -25.11
CA LEU G 436 -53.41 15.05 -24.86
C LEU G 436 -53.13 14.16 -23.67
N SER G 437 -54.07 14.05 -22.72
CA SER G 437 -53.91 13.20 -21.55
C SER G 437 -54.10 11.73 -21.89
N GLN G 438 -54.46 11.41 -23.12
CA GLN G 438 -54.61 10.03 -23.57
C GLN G 438 -53.26 9.52 -24.07
N SER G 439 -53.22 8.38 -24.75
CA SER G 439 -51.96 7.77 -25.16
C SER G 439 -51.49 8.18 -26.55
N ASN G 440 -52.20 9.06 -27.24
CA ASN G 440 -51.74 9.47 -28.58
C ASN G 440 -50.46 10.30 -28.62
N PRO G 441 -50.04 11.03 -27.57
CA PRO G 441 -48.72 11.70 -27.65
C PRO G 441 -47.56 10.73 -27.56
N SER G 442 -47.81 9.47 -27.24
CA SER G 442 -46.74 8.49 -27.09
C SER G 442 -46.12 8.20 -28.44
N ALA G 443 -44.99 8.84 -28.72
CA ALA G 443 -44.32 8.69 -30.00
C ALA G 443 -42.81 8.63 -29.80
N LEU G 444 -42.06 8.79 -30.88
CA LEU G 444 -40.60 8.69 -30.83
C LEU G 444 -40.01 10.09 -30.74
N ARG G 445 -39.00 10.23 -29.88
CA ARG G 445 -38.36 11.51 -29.63
C ARG G 445 -36.91 11.47 -30.12
N GLU G 446 -36.53 12.48 -30.90
CA GLU G 446 -35.16 12.63 -31.37
C GLU G 446 -34.76 14.10 -31.41
N THR G 447 -33.66 14.41 -32.09
CA THR G 447 -33.16 15.77 -32.19
C THR G 447 -34.20 16.65 -32.85
N VAL G 448 -34.69 17.64 -32.12
CA VAL G 448 -35.70 18.58 -32.61
C VAL G 448 -35.01 19.89 -32.96
N VAL G 449 -35.48 20.54 -34.01
CA VAL G 449 -34.89 21.78 -34.49
C VAL G 449 -35.86 22.91 -34.16
N GLU G 450 -35.50 23.70 -33.15
CA GLU G 450 -36.32 24.82 -32.71
C GLU G 450 -35.50 26.10 -32.67
N VAL G 451 -36.20 27.22 -32.59
CA VAL G 451 -35.58 28.54 -32.52
C VAL G 451 -35.78 29.09 -31.12
N PRO G 452 -34.73 29.56 -30.44
CA PRO G 452 -34.90 30.08 -29.08
C PRO G 452 -35.67 31.40 -29.08
N GLN G 453 -36.15 31.75 -27.89
CA GLN G 453 -36.93 32.98 -27.72
C GLN G 453 -36.41 33.81 -26.56
N VAL G 454 -35.12 33.76 -26.30
CA VAL G 454 -34.49 34.51 -25.21
C VAL G 454 -33.48 35.48 -25.81
N THR G 455 -33.61 36.76 -25.46
CA THR G 455 -32.75 37.80 -26.01
C THR G 455 -32.07 38.58 -24.90
N TRP G 456 -31.41 39.69 -25.24
CA TRP G 456 -30.58 40.39 -24.26
C TRP G 456 -31.42 40.98 -23.13
N GLU G 457 -32.55 41.62 -23.45
CA GLU G 457 -33.37 42.18 -22.37
C GLU G 457 -34.01 41.09 -21.54
N ASP G 458 -34.23 39.91 -22.11
CA ASP G 458 -34.87 38.83 -21.38
C ASP G 458 -34.00 38.33 -20.23
N ILE G 459 -32.68 38.48 -20.34
CA ILE G 459 -31.78 38.08 -19.26
C ILE G 459 -31.11 39.33 -18.71
N GLY G 460 -30.30 39.16 -17.68
CA GLY G 460 -29.61 40.30 -17.08
C GLY G 460 -28.28 39.88 -16.52
N GLY G 461 -27.47 40.87 -16.17
CA GLY G 461 -26.18 40.62 -15.58
C GLY G 461 -25.22 39.99 -16.56
N LEU G 462 -24.07 39.59 -16.03
CA LEU G 462 -23.01 38.93 -16.80
C LEU G 462 -22.61 39.79 -18.00
N GLU G 463 -22.42 41.09 -17.74
CA GLU G 463 -21.95 42.00 -18.77
C GLU G 463 -20.53 41.67 -19.23
N ASP G 464 -19.78 40.92 -18.43
CA ASP G 464 -18.41 40.56 -18.82
C ASP G 464 -18.36 39.41 -19.82
N VAL G 465 -19.41 38.61 -19.92
CA VAL G 465 -19.45 37.53 -20.91
C VAL G 465 -20.48 37.78 -22.00
N LYS G 466 -21.50 38.60 -21.76
CA LYS G 466 -22.32 39.08 -22.86
C LYS G 466 -21.50 39.91 -23.82
N ARG G 467 -20.59 40.72 -23.29
CA ARG G 467 -19.76 41.60 -24.11
C ARG G 467 -18.86 40.76 -25.01
N GLU G 468 -18.50 39.55 -24.58
CA GLU G 468 -17.51 38.72 -25.25
C GLU G 468 -18.12 37.66 -26.17
N LEU G 469 -19.25 37.07 -25.79
CA LEU G 469 -19.87 36.08 -26.67
C LEU G 469 -20.25 36.69 -28.02
N GLN G 470 -20.77 37.91 -27.99
CA GLN G 470 -21.09 38.60 -29.23
C GLN G 470 -19.86 38.80 -30.11
N GLU G 471 -18.71 39.14 -29.52
CA GLU G 471 -17.49 39.36 -30.27
C GLU G 471 -17.06 38.16 -31.10
N LEU G 472 -17.46 36.95 -30.71
CA LEU G 472 -17.06 35.75 -31.43
C LEU G 472 -18.21 35.00 -32.09
N VAL G 473 -19.46 35.43 -31.88
CA VAL G 473 -20.60 34.86 -32.59
C VAL G 473 -21.29 35.88 -33.49
N GLN G 474 -21.73 37.00 -32.91
CA GLN G 474 -22.66 37.88 -33.62
C GLN G 474 -22.01 38.52 -34.83
N TYR G 475 -20.84 39.12 -34.66
CA TYR G 475 -20.22 39.84 -35.77
C TYR G 475 -19.86 38.94 -36.94
N PRO G 476 -19.18 37.79 -36.76
CA PRO G 476 -18.94 36.93 -37.93
C PRO G 476 -20.15 36.08 -38.26
N VAL G 477 -21.33 36.66 -38.14
CA VAL G 477 -22.56 36.10 -38.69
C VAL G 477 -23.27 37.23 -39.44
N GLU G 478 -23.46 38.36 -38.76
CA GLU G 478 -24.19 39.50 -39.28
C GLU G 478 -23.32 40.46 -40.08
N HIS G 479 -22.01 40.23 -40.16
CA HIS G 479 -21.09 41.10 -40.87
C HIS G 479 -20.28 40.25 -41.85
N PRO G 480 -20.89 39.86 -42.98
CA PRO G 480 -20.14 39.06 -43.96
C PRO G 480 -18.94 39.78 -44.56
N ASP G 481 -18.99 41.11 -44.63
CA ASP G 481 -17.89 41.86 -45.24
C ASP G 481 -16.61 41.79 -44.42
N LYS G 482 -16.71 41.59 -43.11
CA LYS G 482 -15.53 41.53 -42.25
C LYS G 482 -14.94 40.11 -42.25
N PHE G 483 -13.87 39.96 -41.48
CA PHE G 483 -13.24 38.66 -41.21
C PHE G 483 -12.54 38.07 -42.42
N LEU G 484 -12.46 38.79 -43.51
CA LEU G 484 -11.58 38.37 -44.59
C LEU G 484 -10.71 39.50 -45.12
N LYS G 485 -11.14 40.75 -44.94
CA LYS G 485 -10.28 41.88 -45.27
C LYS G 485 -9.06 41.90 -44.36
N PHE G 486 -9.24 41.61 -43.08
CA PHE G 486 -8.16 41.53 -42.12
C PHE G 486 -7.50 40.16 -42.09
N GLY G 487 -7.92 39.25 -42.96
CA GLY G 487 -7.32 37.93 -42.99
C GLY G 487 -7.99 37.04 -41.98
N MET G 488 -7.17 36.38 -41.16
CA MET G 488 -7.59 35.55 -40.02
C MET G 488 -8.69 34.57 -40.40
N THR G 489 -9.45 34.09 -39.40
CA THR G 489 -10.52 33.12 -39.64
C THR G 489 -11.36 32.98 -38.39
N PRO G 490 -12.68 32.88 -38.52
CA PRO G 490 -13.52 32.74 -37.32
C PRO G 490 -13.36 31.35 -36.69
N SER G 491 -13.80 31.26 -35.45
CA SER G 491 -13.71 30.01 -34.69
C SER G 491 -14.90 29.12 -35.02
N LYS G 492 -14.89 27.89 -34.48
CA LYS G 492 -16.03 27.00 -34.65
C LYS G 492 -16.55 26.53 -33.30
N GLY G 493 -15.66 26.41 -32.32
CA GLY G 493 -16.00 25.75 -31.07
C GLY G 493 -15.80 26.62 -29.85
N VAL G 494 -16.73 26.49 -28.90
CA VAL G 494 -16.66 27.17 -27.62
C VAL G 494 -16.99 26.15 -26.54
N LEU G 495 -16.15 26.06 -25.51
CA LEU G 495 -16.35 25.14 -24.40
C LEU G 495 -16.77 25.93 -23.17
N PHE G 496 -17.92 25.57 -22.60
CA PHE G 496 -18.43 26.21 -21.40
C PHE G 496 -18.16 25.35 -20.18
N TYR G 497 -17.76 26.00 -19.10
CA TYR G 497 -17.28 25.32 -17.91
C TYR G 497 -17.56 26.18 -16.70
N GLY G 498 -17.66 25.54 -15.54
CA GLY G 498 -17.95 26.25 -14.31
C GLY G 498 -18.82 25.44 -13.39
N PRO G 499 -19.37 26.11 -12.37
CA PRO G 499 -20.22 25.41 -11.40
C PRO G 499 -21.47 24.86 -12.07
N PRO G 500 -21.93 23.68 -11.65
CA PRO G 500 -23.17 23.14 -12.21
C PRO G 500 -24.36 23.99 -11.83
N GLY G 501 -25.36 24.01 -12.71
CA GLY G 501 -26.56 24.78 -12.47
C GLY G 501 -26.46 26.25 -12.79
N CYS G 502 -25.45 26.67 -13.56
CA CYS G 502 -25.28 28.08 -13.89
C CYS G 502 -26.09 28.50 -15.10
N GLY G 503 -26.84 27.58 -15.72
CA GLY G 503 -27.66 27.91 -16.86
C GLY G 503 -26.90 28.01 -18.16
N LYS G 504 -25.94 27.12 -18.37
CA LYS G 504 -25.14 27.14 -19.59
C LYS G 504 -25.97 26.87 -20.84
N THR G 505 -26.93 25.95 -20.76
CA THR G 505 -27.77 25.68 -21.92
C THR G 505 -28.56 26.91 -22.34
N LEU G 506 -29.15 27.60 -21.36
CA LEU G 506 -29.88 28.82 -21.66
C LEU G 506 -28.96 29.94 -22.14
N LEU G 507 -27.76 30.05 -21.59
CA LEU G 507 -26.81 31.05 -22.07
C LEU G 507 -26.43 30.77 -23.52
N ALA G 508 -26.27 29.51 -23.89
CA ALA G 508 -25.99 29.16 -25.28
C ALA G 508 -27.18 29.42 -26.20
N LYS G 509 -28.41 29.20 -25.72
CA LYS G 509 -29.58 29.50 -26.52
C LYS G 509 -29.76 31.00 -26.74
N ALA G 510 -29.40 31.80 -25.73
CA ALA G 510 -29.62 33.24 -25.80
C ALA G 510 -28.87 33.90 -26.95
N ILE G 511 -27.71 33.36 -27.33
CA ILE G 511 -26.94 33.95 -28.42
C ILE G 511 -27.36 33.40 -29.78
N ALA G 512 -27.90 32.19 -29.82
CA ALA G 512 -28.26 31.55 -31.09
C ALA G 512 -29.50 32.15 -31.74
N ASN G 513 -30.44 32.68 -30.95
CA ASN G 513 -31.66 33.21 -31.55
C ASN G 513 -31.47 34.60 -32.14
N GLU G 514 -30.51 35.38 -31.64
CA GLU G 514 -30.29 36.73 -32.15
C GLU G 514 -29.46 36.77 -33.42
N CYS G 515 -28.86 35.66 -33.82
CA CYS G 515 -28.12 35.58 -35.07
C CYS G 515 -28.92 34.94 -36.19
N GLN G 516 -30.24 34.79 -36.00
CA GLN G 516 -31.14 34.20 -36.98
C GLN G 516 -30.66 32.80 -37.39
N ALA G 517 -30.53 31.96 -36.37
CA ALA G 517 -30.09 30.58 -36.58
C ALA G 517 -30.97 29.67 -35.73
N ASN G 518 -31.09 28.42 -36.19
CA ASN G 518 -31.84 27.41 -35.45
C ASN G 518 -30.96 26.87 -34.32
N PHE G 519 -31.51 25.94 -33.54
CA PHE G 519 -30.80 25.41 -32.38
C PHE G 519 -31.20 23.95 -32.19
N ILE G 520 -30.21 23.10 -31.99
CA ILE G 520 -30.43 21.70 -31.64
C ILE G 520 -29.73 21.45 -30.31
N SER G 521 -30.46 20.87 -29.36
CA SER G 521 -29.94 20.64 -28.02
C SER G 521 -29.54 19.18 -27.89
N ILE G 522 -28.28 18.93 -27.57
CA ILE G 522 -27.75 17.59 -27.37
C ILE G 522 -27.29 17.51 -25.92
N LYS G 523 -28.13 16.93 -25.07
CA LYS G 523 -27.76 16.75 -23.67
C LYS G 523 -26.91 15.49 -23.54
N GLY G 524 -26.24 15.36 -22.40
CA GLY G 524 -25.28 14.30 -22.17
C GLY G 524 -25.80 12.89 -22.31
N PRO G 525 -26.72 12.48 -21.42
CA PRO G 525 -27.10 11.06 -21.37
C PRO G 525 -27.75 10.53 -22.63
N GLU G 526 -28.33 11.38 -23.48
CA GLU G 526 -28.98 10.86 -24.68
C GLU G 526 -27.94 10.41 -25.70
N LEU G 527 -26.78 11.07 -25.76
CA LEU G 527 -25.71 10.58 -26.60
C LEU G 527 -25.00 9.37 -26.01
N LEU G 528 -25.29 9.05 -24.75
CA LEU G 528 -24.74 7.85 -24.13
C LEU G 528 -25.67 6.65 -24.28
N THR G 529 -26.98 6.87 -24.22
CA THR G 529 -27.93 5.77 -24.40
C THR G 529 -28.00 5.31 -25.85
N MET G 530 -27.58 6.16 -26.80
CA MET G 530 -27.50 5.79 -28.20
C MET G 530 -26.16 5.17 -28.57
N TRP G 531 -25.29 4.95 -27.58
CA TRP G 531 -23.98 4.37 -27.81
C TRP G 531 -24.01 2.85 -27.87
N PHE G 532 -24.82 2.21 -27.02
CA PHE G 532 -24.87 0.74 -26.90
C PHE G 532 -23.46 0.26 -26.56
N GLY G 533 -23.06 -0.89 -27.09
CA GLY G 533 -21.72 -1.40 -26.86
C GLY G 533 -21.05 -1.88 -28.13
N GLU G 534 -19.93 -1.26 -28.48
CA GLU G 534 -19.12 -1.65 -29.64
C GLU G 534 -19.84 -1.47 -30.97
N SER G 535 -20.98 -0.77 -30.96
CA SER G 535 -21.71 -0.53 -32.20
C SER G 535 -22.62 0.67 -32.01
N GLU G 536 -22.29 1.79 -32.65
CA GLU G 536 -23.19 2.94 -32.68
C GLU G 536 -23.61 3.30 -34.10
N ALA G 537 -22.63 3.52 -34.98
CA ALA G 537 -22.85 3.79 -36.41
C ALA G 537 -23.88 4.89 -36.65
N ASN G 538 -24.01 5.82 -35.70
CA ASN G 538 -25.00 6.89 -35.83
C ASN G 538 -24.41 8.23 -35.37
N VAL G 539 -23.23 8.58 -35.87
CA VAL G 539 -22.63 9.87 -35.56
C VAL G 539 -22.61 10.78 -36.79
N ARG G 540 -22.28 10.21 -37.95
CA ARG G 540 -22.10 11.04 -39.14
C ARG G 540 -23.37 11.78 -39.54
N GLU G 541 -24.54 11.23 -39.22
CA GLU G 541 -25.79 11.84 -39.65
C GLU G 541 -26.32 12.89 -38.69
N ILE G 542 -25.75 13.00 -37.48
CA ILE G 542 -26.24 13.99 -36.53
C ILE G 542 -25.62 15.37 -36.74
N PHE G 543 -24.63 15.47 -37.63
CA PHE G 543 -24.00 16.73 -37.94
C PHE G 543 -24.54 17.38 -39.21
N ASP G 544 -25.07 16.57 -40.13
CA ASP G 544 -25.57 17.12 -41.39
C ASP G 544 -26.85 17.91 -41.20
N LYS G 545 -27.65 17.56 -40.19
CA LYS G 545 -28.87 18.31 -39.93
C LYS G 545 -28.58 19.75 -39.55
N ALA G 546 -27.47 19.99 -38.85
CA ALA G 546 -27.02 21.34 -38.55
C ALA G 546 -26.41 22.03 -39.76
N ARG G 547 -26.05 21.28 -40.80
CA ARG G 547 -25.49 21.85 -42.00
C ARG G 547 -26.54 22.25 -43.02
N GLN G 548 -27.57 21.41 -43.23
CA GLN G 548 -28.64 21.79 -44.13
C GLN G 548 -29.46 22.94 -43.56
N ALA G 549 -29.58 23.03 -42.25
CA ALA G 549 -30.34 24.09 -41.60
C ALA G 549 -29.46 25.29 -41.26
N ALA G 550 -28.74 25.80 -42.26
CA ALA G 550 -27.90 26.96 -42.05
C ALA G 550 -28.73 28.23 -42.07
N PRO G 551 -28.44 29.20 -41.18
CA PRO G 551 -27.43 29.08 -40.11
C PRO G 551 -27.94 28.24 -38.94
N CYS G 552 -27.03 27.61 -38.22
CA CYS G 552 -27.40 26.79 -37.08
C CYS G 552 -26.29 26.85 -36.04
N VAL G 553 -26.68 26.77 -34.77
CA VAL G 553 -25.76 26.77 -33.65
C VAL G 553 -25.94 25.46 -32.92
N LEU G 554 -24.91 24.63 -32.92
CA LEU G 554 -24.97 23.33 -32.26
C LEU G 554 -24.46 23.44 -30.82
N PHE G 555 -25.09 22.67 -29.93
CA PHE G 555 -24.75 22.72 -28.51
C PHE G 555 -24.60 21.31 -27.97
N PHE G 556 -23.53 21.07 -27.24
CA PHE G 556 -23.29 19.82 -26.52
C PHE G 556 -23.43 20.11 -25.03
N ASP G 557 -24.57 19.72 -24.47
CA ASP G 557 -24.85 19.95 -23.07
C ASP G 557 -24.24 18.83 -22.26
N GLU G 558 -23.37 19.19 -21.32
CA GLU G 558 -22.80 18.21 -20.41
C GLU G 558 -22.08 17.15 -21.21
N LEU G 559 -21.09 17.58 -21.98
CA LEU G 559 -20.14 16.69 -22.66
C LEU G 559 -19.40 15.78 -21.67
N ASP G 560 -19.41 16.10 -20.37
CA ASP G 560 -18.64 15.36 -19.38
C ASP G 560 -19.17 13.95 -19.16
N SER G 561 -20.38 13.66 -19.64
CA SER G 561 -20.99 12.33 -19.59
C SER G 561 -20.14 11.26 -20.28
N ILE G 562 -19.50 11.57 -21.42
CA ILE G 562 -18.66 10.56 -22.07
C ILE G 562 -17.49 10.19 -21.18
N ALA G 563 -16.84 11.19 -20.55
CA ALA G 563 -15.78 10.89 -19.62
C ALA G 563 -16.28 10.12 -18.40
N LYS G 564 -17.52 10.36 -17.98
CA LYS G 564 -18.11 9.57 -16.90
C LYS G 564 -18.01 8.08 -17.17
N ALA G 565 -18.39 7.64 -18.37
CA ALA G 565 -18.40 6.21 -18.67
C ALA G 565 -17.01 5.61 -18.79
N ARG G 566 -16.06 6.33 -19.41
CA ARG G 566 -14.72 5.80 -19.55
C ARG G 566 -13.98 5.75 -18.22
N GLY G 567 -13.95 6.87 -17.49
CA GLY G 567 -13.34 6.87 -16.17
C GLY G 567 -13.64 8.16 -15.44
N GLY G 568 -14.14 8.05 -14.21
CA GLY G 568 -14.49 9.20 -13.42
C GLY G 568 -13.85 9.17 -12.04
N ASN G 569 -13.94 10.30 -11.35
CA ASN G 569 -13.38 10.45 -10.02
C ASN G 569 -11.90 10.11 -10.02
N ILE G 570 -11.58 8.85 -9.73
CA ILE G 570 -10.18 8.41 -9.76
C ILE G 570 -9.68 8.30 -11.19
N GLY G 571 -10.43 7.62 -12.05
CA GLY G 571 -10.05 7.43 -13.43
C GLY G 571 -9.29 6.13 -13.65
N ASP G 572 -9.06 5.82 -14.93
CA ASP G 572 -8.34 4.62 -15.31
C ASP G 572 -6.84 4.89 -15.28
N GLY G 573 -6.05 3.91 -15.73
CA GLY G 573 -4.61 4.09 -15.75
C GLY G 573 -4.11 5.03 -16.81
N GLY G 574 -4.88 5.24 -17.87
CA GLY G 574 -4.50 6.12 -18.95
C GLY G 574 -5.46 7.28 -19.14
N GLY G 575 -5.45 7.84 -20.35
CA GLY G 575 -6.34 8.94 -20.65
C GLY G 575 -7.79 8.51 -20.80
N ALA G 576 -8.68 9.48 -20.67
CA ALA G 576 -10.13 9.22 -20.76
C ALA G 576 -10.61 9.48 -22.19
N ALA G 577 -9.98 8.78 -23.12
CA ALA G 577 -10.29 8.88 -24.55
C ALA G 577 -11.29 7.79 -24.93
N ASP G 578 -11.96 8.00 -26.06
CA ASP G 578 -12.97 7.06 -26.51
C ASP G 578 -13.09 7.08 -28.02
N ARG G 579 -13.57 5.96 -28.56
CA ARG G 579 -13.84 5.84 -29.98
C ARG G 579 -15.05 6.66 -30.41
N VAL G 580 -15.81 7.19 -29.47
CA VAL G 580 -16.86 8.15 -29.81
C VAL G 580 -16.37 9.59 -29.72
N ILE G 581 -15.26 9.83 -29.02
CA ILE G 581 -14.69 11.16 -28.96
C ILE G 581 -13.77 11.42 -30.13
N ASN G 582 -12.93 10.44 -30.47
CA ASN G 582 -12.01 10.64 -31.59
C ASN G 582 -12.76 10.82 -32.90
N GLN G 583 -13.84 10.06 -33.11
CA GLN G 583 -14.60 10.14 -34.35
C GLN G 583 -15.32 11.47 -34.52
N ILE G 584 -15.72 12.13 -33.44
CA ILE G 584 -16.36 13.43 -33.55
C ILE G 584 -15.32 14.54 -33.68
N LEU G 585 -14.19 14.42 -32.98
CA LEU G 585 -13.17 15.45 -33.11
C LEU G 585 -12.50 15.39 -34.47
N THR G 586 -12.47 14.21 -35.10
CA THR G 586 -12.00 14.14 -36.48
C THR G 586 -13.05 14.66 -37.45
N GLU G 587 -14.32 14.40 -37.18
CA GLU G 587 -15.38 14.86 -38.07
C GLU G 587 -15.48 16.38 -38.08
N MET G 588 -15.27 17.04 -36.95
CA MET G 588 -15.42 18.49 -36.92
C MET G 588 -14.26 19.21 -37.59
N ASP G 589 -13.21 18.50 -37.99
CA ASP G 589 -12.08 19.10 -38.69
C ASP G 589 -12.20 19.06 -40.20
N GLY G 590 -13.14 18.27 -40.75
CA GLY G 590 -13.27 18.18 -42.19
C GLY G 590 -13.99 19.36 -42.80
N MET G 591 -14.76 20.07 -42.00
CA MET G 591 -15.56 21.19 -42.47
C MET G 591 -14.67 22.38 -42.80
N SER G 592 -15.09 23.13 -43.81
CA SER G 592 -14.39 24.34 -44.23
C SER G 592 -14.69 25.46 -43.25
N THR G 593 -13.76 26.42 -43.17
CA THR G 593 -13.92 27.51 -42.23
C THR G 593 -15.04 28.47 -42.60
N LYS G 594 -15.51 28.44 -43.85
CA LYS G 594 -16.48 29.41 -44.31
C LYS G 594 -17.92 28.97 -44.04
N LYS G 595 -18.14 27.74 -43.60
CA LYS G 595 -19.46 27.33 -43.15
C LYS G 595 -19.84 28.10 -41.90
N ASN G 596 -21.14 28.30 -41.71
CA ASN G 596 -21.67 29.06 -40.58
C ASN G 596 -22.08 28.17 -39.41
N VAL G 597 -21.76 26.88 -39.47
CA VAL G 597 -22.08 25.96 -38.38
C VAL G 597 -21.19 26.28 -37.19
N PHE G 598 -21.80 26.36 -36.01
CA PHE G 598 -21.09 26.69 -34.78
C PHE G 598 -21.40 25.62 -33.74
N ILE G 599 -20.37 24.95 -33.24
CA ILE G 599 -20.50 23.92 -32.22
C ILE G 599 -20.09 24.50 -30.88
N ILE G 600 -20.88 24.22 -29.85
CA ILE G 600 -20.64 24.74 -28.50
C ILE G 600 -20.66 23.58 -27.53
N GLY G 601 -19.60 23.45 -26.73
CA GLY G 601 -19.52 22.42 -25.72
C GLY G 601 -19.75 22.96 -24.33
N ALA G 602 -20.21 22.09 -23.44
CA ALA G 602 -20.47 22.46 -22.06
C ALA G 602 -20.04 21.32 -21.16
N THR G 603 -19.41 21.68 -20.04
CA THR G 603 -18.94 20.70 -19.07
C THR G 603 -19.00 21.33 -17.69
N ASN G 604 -18.72 20.51 -16.67
CA ASN G 604 -18.75 20.98 -15.29
C ASN G 604 -17.47 20.63 -14.53
N ARG G 605 -16.63 19.76 -15.08
CA ARG G 605 -15.39 19.35 -14.43
C ARG G 605 -14.26 19.39 -15.44
N PRO G 606 -13.81 20.59 -15.82
CA PRO G 606 -12.85 20.73 -16.93
C PRO G 606 -11.41 20.44 -16.54
N ASP G 607 -11.18 19.24 -16.02
CA ASP G 607 -9.82 18.82 -15.68
C ASP G 607 -9.58 17.38 -16.14
N ILE G 608 -10.65 16.68 -16.54
CA ILE G 608 -10.55 15.29 -16.95
C ILE G 608 -10.81 15.10 -18.44
N ILE G 609 -11.24 16.14 -19.16
CA ILE G 609 -11.47 16.03 -20.59
C ILE G 609 -10.12 16.04 -21.31
N ASP G 610 -10.02 15.25 -22.38
CA ASP G 610 -8.78 15.17 -23.13
C ASP G 610 -8.45 16.52 -23.76
N PRO G 611 -7.18 16.90 -23.83
CA PRO G 611 -6.81 18.12 -24.55
C PRO G 611 -6.88 17.93 -26.05
N ALA G 612 -7.19 16.70 -26.49
CA ALA G 612 -7.28 16.41 -27.90
C ALA G 612 -8.35 17.26 -28.59
N ILE G 613 -9.52 17.41 -27.96
CA ILE G 613 -10.50 18.33 -28.50
C ILE G 613 -10.20 19.77 -28.14
N LEU G 614 -9.38 20.00 -27.11
CA LEU G 614 -8.92 21.34 -26.75
C LEU G 614 -7.75 21.81 -27.58
N ARG G 615 -7.45 21.12 -28.69
CA ARG G 615 -6.35 21.51 -29.54
C ARG G 615 -6.60 22.88 -30.17
N PRO G 616 -5.56 23.64 -30.47
CA PRO G 616 -5.76 24.97 -31.07
C PRO G 616 -6.25 24.89 -32.51
N GLY G 617 -7.57 24.82 -32.67
CA GLY G 617 -8.17 24.66 -33.98
C GLY G 617 -9.48 23.90 -33.93
N ARG G 618 -9.79 23.29 -32.78
CA ARG G 618 -11.12 22.74 -32.55
C ARG G 618 -11.82 23.48 -31.42
N LEU G 619 -11.24 23.58 -30.23
CA LEU G 619 -11.80 24.34 -29.12
C LEU G 619 -10.74 25.35 -28.68
N ASP G 620 -10.75 26.51 -29.33
CA ASP G 620 -9.72 27.52 -29.08
C ASP G 620 -10.10 28.42 -27.91
N GLN G 621 -11.26 29.08 -28.00
CA GLN G 621 -11.69 29.99 -26.96
C GLN G 621 -12.29 29.23 -25.80
N LEU G 622 -11.87 29.59 -24.58
CA LEU G 622 -12.41 29.01 -23.36
C LEU G 622 -13.12 30.12 -22.60
N ILE G 623 -14.39 29.89 -22.26
CA ILE G 623 -15.24 30.89 -21.63
C ILE G 623 -15.75 30.34 -20.32
N TYR G 624 -15.63 31.13 -19.25
CA TYR G 624 -16.01 30.73 -17.92
C TYR G 624 -17.35 31.34 -17.55
N ILE G 625 -18.22 30.54 -16.94
CA ILE G 625 -19.51 31.04 -16.50
C ILE G 625 -19.47 31.20 -14.98
N PRO G 626 -19.40 32.42 -14.47
CA PRO G 626 -19.34 32.61 -13.02
C PRO G 626 -20.70 32.52 -12.37
N LEU G 627 -20.76 32.73 -11.05
CA LEU G 627 -22.03 32.72 -10.36
C LEU G 627 -22.87 33.92 -10.78
N PRO G 628 -24.20 33.77 -10.83
CA PRO G 628 -25.05 34.89 -11.22
C PRO G 628 -24.92 36.07 -10.25
N ASP G 629 -24.92 37.27 -10.81
CA ASP G 629 -24.80 38.49 -10.04
C ASP G 629 -26.19 39.03 -9.68
N GLU G 630 -26.25 40.25 -9.15
CA GLU G 630 -27.51 40.85 -8.75
C GLU G 630 -28.47 41.02 -9.92
N LYS G 631 -27.98 41.53 -11.05
CA LYS G 631 -28.85 41.81 -12.19
C LYS G 631 -29.47 40.54 -12.76
N SER G 632 -28.75 39.43 -12.72
CA SER G 632 -29.31 38.16 -13.17
C SER G 632 -30.17 37.50 -12.11
N ARG G 633 -29.83 37.66 -10.83
CA ARG G 633 -30.64 37.09 -9.77
C ARG G 633 -32.03 37.70 -9.75
N VAL G 634 -32.15 39.02 -9.94
CA VAL G 634 -33.47 39.63 -9.99
C VAL G 634 -34.22 39.17 -11.23
N ALA G 635 -33.52 38.96 -12.35
CA ALA G 635 -34.16 38.57 -13.60
C ALA G 635 -34.72 37.15 -13.54
N ILE G 636 -33.98 36.21 -12.95
CA ILE G 636 -34.46 34.83 -12.89
C ILE G 636 -35.77 34.76 -12.12
N LEU G 637 -35.90 35.53 -11.04
CA LEU G 637 -37.14 35.55 -10.28
C LEU G 637 -38.29 36.16 -11.06
N LYS G 638 -38.05 37.22 -11.83
CA LYS G 638 -39.10 37.80 -12.68
C LYS G 638 -39.43 36.91 -13.86
N ALA G 639 -38.63 35.87 -14.12
CA ALA G 639 -38.85 34.99 -15.26
C ALA G 639 -39.50 33.67 -14.88
N ASN G 640 -39.18 33.09 -13.72
CA ASN G 640 -39.68 31.77 -13.40
C ASN G 640 -41.09 31.80 -12.83
N LEU G 641 -41.65 32.99 -12.60
CA LEU G 641 -43.02 33.12 -12.11
C LEU G 641 -43.88 33.99 -13.03
N ARG G 642 -43.50 34.06 -14.31
CA ARG G 642 -44.17 34.94 -15.26
C ARG G 642 -45.64 34.60 -15.45
N LYS G 643 -46.05 33.38 -15.13
CA LYS G 643 -47.43 32.94 -15.33
C LYS G 643 -48.16 32.73 -14.00
N SER G 644 -47.74 33.42 -12.94
CA SER G 644 -48.37 33.30 -11.65
C SER G 644 -48.90 34.65 -11.17
N PRO G 645 -50.06 34.67 -10.54
CA PRO G 645 -50.62 35.95 -10.05
C PRO G 645 -49.96 36.38 -8.74
N VAL G 646 -48.72 36.81 -8.83
CA VAL G 646 -47.97 37.26 -7.66
C VAL G 646 -48.39 38.67 -7.30
N ALA G 647 -48.73 38.88 -6.03
CA ALA G 647 -49.17 40.19 -5.57
C ALA G 647 -48.00 41.17 -5.56
N LYS G 648 -48.35 42.46 -5.51
CA LYS G 648 -47.34 43.52 -5.52
C LYS G 648 -46.76 43.79 -4.14
N ASP G 649 -47.25 43.13 -3.10
CA ASP G 649 -46.73 43.36 -1.76
C ASP G 649 -45.27 42.90 -1.64
N VAL G 650 -44.86 41.93 -2.43
CA VAL G 650 -43.50 41.42 -2.38
C VAL G 650 -42.58 42.35 -3.15
N ASP G 651 -41.27 42.20 -2.94
CA ASP G 651 -40.26 43.02 -3.62
C ASP G 651 -39.30 42.08 -4.33
N LEU G 652 -39.10 42.31 -5.63
CA LEU G 652 -38.23 41.42 -6.41
C LEU G 652 -36.76 41.66 -6.10
N GLU G 653 -36.34 42.93 -5.99
CA GLU G 653 -34.95 43.24 -5.69
C GLU G 653 -34.54 42.80 -4.29
N PHE G 654 -35.48 42.81 -3.35
CA PHE G 654 -35.18 42.45 -1.97
C PHE G 654 -34.68 41.02 -1.86
N LEU G 655 -35.34 40.08 -2.53
CA LEU G 655 -34.89 38.68 -2.53
C LEU G 655 -33.46 38.55 -3.04
N ALA G 656 -33.15 39.16 -4.18
CA ALA G 656 -31.78 39.14 -4.66
C ALA G 656 -30.82 39.85 -3.71
N LYS G 657 -31.32 40.77 -2.89
CA LYS G 657 -30.44 41.43 -1.92
C LYS G 657 -29.97 40.45 -0.85
N MET G 658 -30.85 39.61 -0.30
CA MET G 658 -30.32 38.58 0.61
C MET G 658 -29.54 37.52 -0.15
N THR G 659 -30.05 37.05 -1.29
CA THR G 659 -29.45 35.93 -1.99
C THR G 659 -28.16 36.37 -2.66
N ASN G 660 -27.02 35.87 -2.15
CA ASN G 660 -25.73 36.21 -2.72
C ASN G 660 -24.98 34.98 -3.20
N GLY G 661 -24.90 33.95 -2.36
CA GLY G 661 -24.12 32.77 -2.68
C GLY G 661 -24.95 31.58 -3.12
N PHE G 662 -25.97 31.82 -3.93
CA PHE G 662 -26.85 30.78 -4.43
C PHE G 662 -26.76 30.71 -5.95
N SER G 663 -26.95 29.51 -6.49
CA SER G 663 -26.88 29.30 -7.93
C SER G 663 -28.30 29.24 -8.51
N GLY G 664 -28.40 29.10 -9.83
CA GLY G 664 -29.69 29.13 -10.49
C GLY G 664 -30.64 28.07 -10.01
N ALA G 665 -30.14 26.87 -9.72
CA ALA G 665 -30.98 25.82 -9.18
C ALA G 665 -31.59 26.22 -7.84
N ASP G 666 -30.78 26.82 -6.96
CA ASP G 666 -31.30 27.28 -5.68
C ASP G 666 -32.33 28.40 -5.87
N LEU G 667 -32.03 29.37 -6.75
CA LEU G 667 -32.97 30.46 -6.98
C LEU G 667 -34.30 29.94 -7.52
N THR G 668 -34.26 28.92 -8.37
CA THR G 668 -35.50 28.34 -8.89
C THR G 668 -36.24 27.55 -7.83
N GLU G 669 -35.53 26.75 -7.03
CA GLU G 669 -36.19 25.89 -6.07
C GLU G 669 -36.79 26.69 -4.92
N ILE G 670 -36.23 27.86 -4.62
CA ILE G 670 -36.87 28.75 -3.65
C ILE G 670 -38.28 29.13 -4.12
N CYS G 671 -38.39 29.59 -5.37
CA CYS G 671 -39.69 29.95 -5.90
C CYS G 671 -40.61 28.73 -6.00
N GLN G 672 -40.04 27.58 -6.35
CA GLN G 672 -40.83 26.35 -6.38
C GLN G 672 -41.43 26.05 -5.02
N ARG G 673 -40.64 26.14 -3.96
CA ARG G 673 -41.14 25.89 -2.61
C ARG G 673 -42.19 26.92 -2.21
N ALA G 674 -41.95 28.20 -2.52
CA ALA G 674 -42.93 29.22 -2.17
C ALA G 674 -44.27 28.97 -2.87
N CYS G 675 -44.24 28.68 -4.16
CA CYS G 675 -45.47 28.36 -4.88
C CYS G 675 -46.12 27.10 -4.35
N LYS G 676 -45.32 26.09 -4.00
CA LYS G 676 -45.87 24.83 -3.49
C LYS G 676 -46.58 25.04 -2.15
N LEU G 677 -46.03 25.86 -1.27
CA LEU G 677 -46.74 26.11 -0.02
C LEU G 677 -47.96 27.00 -0.20
N ALA G 678 -47.88 27.98 -1.12
CA ALA G 678 -49.04 28.83 -1.36
C ALA G 678 -50.20 28.04 -1.95
N ILE G 679 -49.91 27.14 -2.90
CA ILE G 679 -50.96 26.33 -3.52
C ILE G 679 -51.62 25.38 -2.54
N ARG G 680 -50.94 25.03 -1.44
CA ARG G 680 -51.57 24.17 -0.45
C ARG G 680 -52.55 24.93 0.41
N GLU G 681 -52.15 26.10 0.91
CA GLU G 681 -53.08 26.91 1.70
C GLU G 681 -54.25 27.41 0.86
N SER G 682 -54.05 27.60 -0.46
CA SER G 682 -55.16 27.98 -1.31
C SER G 682 -56.25 26.93 -1.30
N ILE G 683 -55.88 25.65 -1.39
CA ILE G 683 -56.88 24.58 -1.31
C ILE G 683 -57.40 24.42 0.11
N GLU G 684 -56.52 24.58 1.11
CA GLU G 684 -56.94 24.37 2.50
C GLU G 684 -57.97 25.40 2.93
N SER G 685 -57.91 26.62 2.38
CA SER G 685 -58.89 27.64 2.73
C SER G 685 -60.29 27.32 2.21
N GLU G 686 -60.43 26.33 1.32
CA GLU G 686 -61.73 26.01 0.75
C GLU G 686 -62.64 25.28 1.74
N ILE G 687 -62.08 24.68 2.78
CA ILE G 687 -62.86 23.93 3.75
C ILE G 687 -63.62 24.89 4.67
N VAL G 708 -58.06 36.35 -3.16
CA VAL G 708 -57.56 35.40 -2.16
C VAL G 708 -56.43 34.52 -2.71
N PRO G 709 -56.62 33.88 -3.90
CA PRO G 709 -55.54 33.05 -4.44
C PRO G 709 -54.38 33.89 -4.97
N GLU G 710 -53.52 34.37 -4.07
CA GLU G 710 -52.36 35.15 -4.46
C GLU G 710 -51.21 34.84 -3.52
N ILE G 711 -49.99 35.07 -4.01
CA ILE G 711 -48.79 34.82 -3.23
C ILE G 711 -48.45 36.06 -2.41
N ARG G 712 -48.30 35.87 -1.10
CA ARG G 712 -48.00 36.98 -0.20
C ARG G 712 -46.51 36.97 0.16
N ARG G 713 -46.10 37.94 0.98
CA ARG G 713 -44.70 38.03 1.38
C ARG G 713 -44.27 36.86 2.24
N ASP G 714 -45.11 36.43 3.19
CA ASP G 714 -44.75 35.32 4.05
C ASP G 714 -44.51 34.04 3.26
N HIS G 715 -45.17 33.88 2.10
CA HIS G 715 -44.96 32.70 1.28
C HIS G 715 -43.51 32.60 0.82
N PHE G 716 -42.93 33.71 0.39
CA PHE G 716 -41.50 33.72 0.09
C PHE G 716 -40.67 33.64 1.36
N GLU G 717 -41.17 34.19 2.46
CA GLU G 717 -40.41 34.17 3.71
C GLU G 717 -40.15 32.74 4.20
N GLU G 718 -41.15 31.86 4.13
CA GLU G 718 -40.90 30.48 4.55
C GLU G 718 -39.86 29.82 3.65
N ALA G 719 -39.96 30.03 2.34
CA ALA G 719 -38.99 29.48 1.41
C ALA G 719 -37.59 30.03 1.64
N MET G 720 -37.48 31.25 2.19
CA MET G 720 -36.16 31.82 2.47
C MET G 720 -35.39 30.98 3.48
N ARG G 721 -36.05 30.52 4.54
CA ARG G 721 -35.34 29.85 5.62
C ARG G 721 -34.92 28.44 5.25
N PHE G 722 -35.68 27.76 4.40
CA PHE G 722 -35.36 26.40 3.97
C PHE G 722 -34.39 26.37 2.79
N ALA G 723 -33.67 27.46 2.55
CA ALA G 723 -32.72 27.53 1.45
C ALA G 723 -31.49 26.70 1.75
N ARG G 724 -30.95 26.07 0.71
CA ARG G 724 -29.71 25.32 0.77
C ARG G 724 -28.75 25.85 -0.29
N ARG G 725 -27.52 25.34 -0.27
CA ARG G 725 -26.49 25.73 -1.22
C ARG G 725 -26.22 24.56 -2.16
N SER G 726 -26.47 24.77 -3.45
CA SER G 726 -26.24 23.71 -4.43
C SER G 726 -24.76 23.36 -4.52
N VAL G 727 -23.89 24.36 -4.48
CA VAL G 727 -22.46 24.14 -4.58
C VAL G 727 -21.80 24.49 -3.25
N SER G 728 -20.66 23.86 -2.99
CA SER G 728 -19.88 24.14 -1.80
C SER G 728 -18.98 25.35 -2.04
N ASP G 729 -18.02 25.57 -1.13
CA ASP G 729 -17.05 26.64 -1.28
C ASP G 729 -15.74 26.22 -1.90
N ASN G 730 -15.22 25.03 -1.55
CA ASN G 730 -13.91 24.62 -2.04
C ASN G 730 -13.89 24.46 -3.55
N ASP G 731 -14.98 23.95 -4.13
CA ASP G 731 -15.06 23.81 -5.58
C ASP G 731 -15.11 25.14 -6.30
N ILE G 732 -15.55 26.21 -5.63
CA ILE G 732 -15.58 27.52 -6.27
C ILE G 732 -14.17 27.97 -6.62
N ARG G 733 -13.32 28.18 -5.62
CA ARG G 733 -11.94 28.56 -5.90
C ARG G 733 -11.26 27.58 -6.84
N LYS G 734 -11.65 26.31 -6.82
CA LYS G 734 -11.20 25.39 -7.86
C LYS G 734 -11.62 25.87 -9.24
N TYR G 735 -12.86 26.35 -9.39
CA TYR G 735 -13.30 26.83 -10.69
C TYR G 735 -12.62 28.12 -11.13
N GLU G 736 -12.46 29.11 -10.24
CA GLU G 736 -11.79 30.32 -10.72
C GLU G 736 -10.28 30.25 -10.57
N MET G 737 -9.70 29.08 -10.25
CA MET G 737 -8.26 28.97 -10.43
C MET G 737 -7.91 28.41 -11.81
N PHE G 738 -8.86 27.76 -12.49
CA PHE G 738 -8.66 27.37 -13.88
C PHE G 738 -8.93 28.50 -14.85
N ALA G 739 -9.59 29.57 -14.41
CA ALA G 739 -10.00 30.64 -15.32
C ALA G 739 -8.82 31.50 -15.78
N GLN G 740 -7.94 31.88 -14.86
CA GLN G 740 -6.84 32.78 -15.22
C GLN G 740 -5.66 32.00 -15.79
N THR G 741 -5.45 30.77 -15.32
CA THR G 741 -4.36 29.91 -15.77
C THR G 741 -4.98 28.68 -16.42
N LEU G 742 -5.22 28.75 -17.72
CA LEU G 742 -5.78 27.63 -18.46
C LEU G 742 -4.95 27.24 -19.68
N GLN G 743 -4.23 28.18 -20.28
CA GLN G 743 -3.41 27.85 -21.45
C GLN G 743 -2.25 26.93 -21.08
N GLN G 744 -1.90 26.85 -19.80
CA GLN G 744 -0.82 25.96 -19.36
C GLN G 744 -1.22 24.49 -19.46
N SER G 745 -2.51 24.18 -19.38
CA SER G 745 -2.97 22.80 -19.46
C SER G 745 -3.02 22.27 -20.88
N ARG G 746 -2.86 23.13 -21.89
CA ARG G 746 -2.90 22.70 -23.28
C ARG G 746 -1.58 22.03 -23.64
N GLY G 747 -1.65 20.77 -24.09
CA GLY G 747 -0.49 20.01 -24.46
C GLY G 747 0.06 19.12 -23.36
N PHE G 748 -0.32 19.37 -22.11
CA PHE G 748 0.15 18.57 -20.99
C PHE G 748 -0.90 18.51 -19.89
N ASN H 1 15.58 8.87 -94.03
CA ASN H 1 14.28 8.41 -93.58
C ASN H 1 13.28 9.57 -93.54
N ARG H 2 13.59 10.63 -94.30
CA ARG H 2 12.78 11.83 -94.38
C ARG H 2 12.50 12.38 -92.98
N PRO H 3 13.49 12.98 -92.31
CA PRO H 3 13.28 13.43 -90.93
C PRO H 3 12.30 14.59 -90.83
N ASN H 4 11.03 14.31 -91.11
CA ASN H 4 9.96 15.30 -90.98
C ASN H 4 8.74 14.74 -90.26
N ARG H 5 8.71 13.44 -89.99
CA ARG H 5 7.58 12.83 -89.30
C ARG H 5 7.60 13.23 -87.83
N LEU H 6 6.44 13.60 -87.30
CA LEU H 6 6.28 13.99 -85.91
C LEU H 6 5.20 13.15 -85.25
N ILE H 7 5.39 12.86 -83.96
CA ILE H 7 4.43 12.07 -83.21
C ILE H 7 3.35 12.99 -82.67
N VAL H 8 2.09 12.54 -82.79
CA VAL H 8 0.95 13.34 -82.37
C VAL H 8 0.83 13.29 -80.86
N ASP H 9 0.59 14.45 -80.25
CA ASP H 9 0.37 14.55 -78.82
C ASP H 9 -0.59 15.70 -78.54
N GLU H 10 -1.31 15.58 -77.43
CA GLU H 10 -2.28 16.61 -77.06
C GLU H 10 -1.58 17.90 -76.67
N ALA H 11 -2.26 19.01 -76.91
CA ALA H 11 -1.73 20.33 -76.60
C ALA H 11 -2.20 20.79 -75.22
N ILE H 12 -1.42 21.67 -74.60
CA ILE H 12 -1.74 22.19 -73.27
C ILE H 12 -2.38 23.57 -73.31
N ASN H 13 -2.35 24.25 -74.45
CA ASN H 13 -2.95 25.58 -74.56
C ASN H 13 -4.46 25.47 -74.68
N GLU H 14 -5.17 26.26 -73.88
CA GLU H 14 -6.64 26.26 -73.88
C GLU H 14 -7.15 27.37 -74.80
N ASP H 15 -7.01 27.12 -76.11
CA ASP H 15 -7.38 28.13 -77.09
C ASP H 15 -7.85 27.48 -78.40
N ASN H 16 -7.89 28.28 -79.47
CA ASN H 16 -8.29 27.83 -80.79
C ASN H 16 -7.12 27.10 -81.45
N SER H 17 -7.17 26.91 -82.76
CA SER H 17 -6.22 26.07 -83.49
C SER H 17 -4.86 26.76 -83.47
N VAL H 18 -4.05 26.38 -82.48
CA VAL H 18 -2.66 26.81 -82.39
C VAL H 18 -1.82 25.59 -82.02
N VAL H 19 -0.78 25.31 -82.80
CA VAL H 19 0.08 24.16 -82.60
C VAL H 19 1.44 24.65 -82.13
N SER H 20 1.93 24.09 -81.03
CA SER H 20 3.21 24.47 -80.45
C SER H 20 4.29 23.49 -80.88
N LEU H 21 5.52 23.99 -81.03
CA LEU H 21 6.66 23.17 -81.41
C LEU H 21 7.87 23.50 -80.53
N SER H 22 9.04 22.99 -80.92
CA SER H 22 10.26 23.21 -80.16
C SER H 22 11.19 24.14 -80.95
N GLN H 23 12.38 24.38 -80.41
CA GLN H 23 13.34 25.33 -80.98
C GLN H 23 14.14 24.74 -82.14
N PRO H 24 14.71 23.53 -82.04
CA PRO H 24 15.44 22.99 -83.20
C PRO H 24 14.57 22.83 -84.44
N LYS H 25 13.32 22.41 -84.27
CA LYS H 25 12.40 22.31 -85.40
C LYS H 25 12.08 23.68 -85.99
N MET H 26 12.23 24.75 -85.20
CA MET H 26 12.02 26.10 -85.69
C MET H 26 12.99 26.45 -86.80
N ASP H 27 14.29 26.20 -86.57
CA ASP H 27 15.32 26.50 -87.56
C ASP H 27 15.52 25.37 -88.57
N GLU H 28 15.03 24.16 -88.28
CA GLU H 28 15.20 23.07 -89.24
C GLU H 28 14.36 23.29 -90.50
N LEU H 29 13.16 23.85 -90.35
CA LEU H 29 12.25 24.05 -91.47
C LEU H 29 12.17 25.50 -91.91
N GLN H 30 13.17 26.31 -91.55
CA GLN H 30 13.32 27.72 -91.92
C GLN H 30 12.00 28.49 -91.94
N LEU H 31 11.21 28.36 -90.88
CA LEU H 31 9.94 29.05 -90.76
C LEU H 31 10.01 30.08 -89.64
N PHE H 32 9.33 31.20 -89.83
CA PHE H 32 9.39 32.34 -88.92
C PHE H 32 8.34 32.19 -87.82
N ARG H 33 8.27 33.20 -86.95
CA ARG H 33 7.34 33.16 -85.82
C ARG H 33 5.88 33.16 -86.27
N GLY H 34 5.48 34.19 -87.01
CA GLY H 34 4.15 34.22 -87.57
C GLY H 34 4.15 33.96 -89.05
N ASP H 35 3.76 32.75 -89.44
CA ASP H 35 3.75 32.32 -90.84
C ASP H 35 2.64 31.30 -91.05
N THR H 36 2.24 31.14 -92.31
CA THR H 36 1.22 30.17 -92.68
C THR H 36 1.88 28.82 -92.91
N VAL H 37 1.53 27.84 -92.09
CA VAL H 37 2.10 26.50 -92.16
C VAL H 37 1.09 25.58 -92.82
N LEU H 38 1.60 24.52 -93.45
CA LEU H 38 0.78 23.55 -94.16
C LEU H 38 0.86 22.20 -93.49
N LEU H 39 -0.29 21.57 -93.26
CA LEU H 39 -0.38 20.26 -92.64
C LEU H 39 -1.03 19.28 -93.61
N LYS H 40 -0.43 18.10 -93.73
CA LYS H 40 -0.95 17.05 -94.59
C LYS H 40 -1.26 15.81 -93.77
N GLY H 41 -2.40 15.19 -94.06
CA GLY H 41 -2.82 13.99 -93.35
C GLY H 41 -3.31 12.91 -94.31
N LYS H 42 -4.09 11.97 -93.78
CA LYS H 42 -4.63 10.89 -94.57
C LYS H 42 -6.03 11.24 -95.07
N LYS H 43 -6.62 10.34 -95.85
CA LYS H 43 -7.92 10.51 -96.51
C LYS H 43 -7.93 11.67 -97.49
N ARG H 44 -6.77 12.20 -97.86
CA ARG H 44 -6.65 13.29 -98.84
C ARG H 44 -7.48 14.51 -98.43
N ARG H 45 -7.06 15.09 -97.31
CA ARG H 45 -7.69 16.30 -96.80
C ARG H 45 -6.60 17.30 -96.40
N GLU H 46 -6.95 18.58 -96.46
CA GLU H 46 -6.01 19.67 -96.19
C GLU H 46 -6.51 20.47 -95.01
N ALA H 47 -5.61 20.78 -94.08
CA ALA H 47 -5.92 21.59 -92.91
C ALA H 47 -4.79 22.58 -92.66
N VAL H 48 -5.14 23.76 -92.15
CA VAL H 48 -4.18 24.81 -91.89
C VAL H 48 -4.23 25.15 -90.40
N CYS H 49 -3.12 25.68 -89.90
CA CYS H 49 -3.01 26.09 -88.50
C CYS H 49 -1.84 27.07 -88.38
N ILE H 50 -1.48 27.39 -87.14
CA ILE H 50 -0.42 28.35 -86.85
C ILE H 50 0.59 27.69 -85.92
N VAL H 51 1.87 27.81 -86.25
CA VAL H 51 2.95 27.25 -85.44
C VAL H 51 3.31 28.23 -84.34
N LEU H 52 3.35 27.74 -83.10
CA LEU H 52 3.73 28.54 -81.95
C LEU H 52 5.07 28.06 -81.41
N SER H 53 5.87 29.01 -80.92
CA SER H 53 7.22 28.71 -80.45
C SER H 53 7.21 28.46 -78.94
N ASP H 54 7.97 27.44 -78.53
CA ASP H 54 8.06 27.09 -77.11
C ASP H 54 9.47 26.60 -76.82
N ASP H 55 9.95 26.91 -75.63
CA ASP H 55 11.27 26.47 -75.16
C ASP H 55 11.20 25.57 -73.95
N THR H 56 10.42 25.95 -72.94
CA THR H 56 10.20 25.11 -71.76
C THR H 56 9.24 24.01 -72.16
N CYS H 57 9.78 22.92 -72.69
CA CYS H 57 8.95 21.85 -73.25
C CYS H 57 9.65 20.50 -73.15
N SER H 58 9.17 19.51 -73.89
CA SER H 58 9.81 18.20 -73.94
C SER H 58 10.86 18.16 -75.04
N ASP H 59 11.48 17.01 -75.24
CA ASP H 59 12.62 16.91 -76.15
C ASP H 59 12.19 17.02 -77.62
N GLU H 60 11.30 16.14 -78.07
CA GLU H 60 10.91 16.14 -79.48
C GLU H 60 9.50 15.57 -79.66
N LYS H 61 8.52 16.47 -79.79
CA LYS H 61 7.14 16.09 -80.06
C LYS H 61 6.36 17.33 -80.45
N ILE H 62 5.21 17.11 -81.09
CA ILE H 62 4.34 18.19 -81.51
C ILE H 62 3.15 18.23 -80.58
N ARG H 63 2.49 19.39 -80.52
CA ARG H 63 1.37 19.64 -79.63
C ARG H 63 0.13 19.85 -80.49
N MET H 64 -0.66 18.79 -80.61
CA MET H 64 -1.73 18.70 -81.61
C MET H 64 -3.07 18.90 -80.90
N ASN H 65 -3.74 19.99 -81.21
CA ASN H 65 -4.97 20.34 -80.51
C ASN H 65 -6.17 19.58 -81.07
N ARG H 66 -7.21 19.45 -80.24
CA ARG H 66 -8.40 18.68 -80.60
C ARG H 66 -9.27 19.40 -81.63
N VAL H 67 -9.15 20.71 -81.78
CA VAL H 67 -10.03 21.44 -82.69
C VAL H 67 -9.79 21.02 -84.13
N VAL H 68 -8.51 20.84 -84.52
CA VAL H 68 -8.19 20.39 -85.87
C VAL H 68 -7.81 18.92 -85.90
N ARG H 69 -7.75 18.24 -84.75
CA ARG H 69 -7.60 16.79 -84.75
C ARG H 69 -8.78 16.13 -85.45
N ASN H 70 -10.00 16.61 -85.17
CA ASN H 70 -11.18 16.15 -85.90
C ASN H 70 -11.20 16.63 -87.33
N ASN H 71 -10.55 17.76 -87.63
CA ASN H 71 -10.50 18.25 -89.01
C ASN H 71 -9.63 17.34 -89.88
N LEU H 72 -8.48 16.92 -89.38
CA LEU H 72 -7.56 16.08 -90.14
C LEU H 72 -7.76 14.60 -89.87
N ARG H 73 -8.72 14.24 -89.01
CA ARG H 73 -9.01 12.84 -88.68
C ARG H 73 -7.77 12.12 -88.17
N VAL H 74 -6.99 12.81 -87.34
CA VAL H 74 -5.77 12.26 -86.74
C VAL H 74 -5.97 12.18 -85.23
N ARG H 75 -5.71 11.00 -84.67
CA ARG H 75 -5.87 10.76 -83.25
C ARG H 75 -4.50 10.68 -82.58
N LEU H 76 -4.51 10.42 -81.27
CA LEU H 76 -3.27 10.31 -80.50
C LEU H 76 -2.54 9.04 -80.86
N GLY H 77 -1.24 9.14 -81.08
CA GLY H 77 -0.42 8.00 -81.44
C GLY H 77 -0.16 7.80 -82.91
N ASP H 78 -0.72 8.66 -83.77
CA ASP H 78 -0.53 8.57 -85.19
C ASP H 78 0.69 9.40 -85.61
N VAL H 79 0.87 9.62 -86.90
CA VAL H 79 1.96 10.42 -87.42
C VAL H 79 1.40 11.62 -88.15
N ILE H 80 2.13 12.73 -88.08
CA ILE H 80 1.73 13.99 -88.71
C ILE H 80 2.90 14.53 -89.51
N SER H 81 2.63 14.98 -90.73
CA SER H 81 3.64 15.56 -91.61
C SER H 81 3.44 17.07 -91.67
N ILE H 82 4.53 17.82 -91.48
CA ILE H 82 4.50 19.27 -91.47
C ILE H 82 5.50 19.79 -92.48
N GLN H 83 5.16 20.91 -93.12
CA GLN H 83 6.02 21.54 -94.10
C GLN H 83 5.64 23.02 -94.20
N PRO H 84 6.60 23.91 -94.41
CA PRO H 84 6.28 25.32 -94.53
C PRO H 84 5.57 25.63 -95.85
N CYS H 85 4.82 26.73 -95.84
CA CYS H 85 4.08 27.18 -97.03
C CYS H 85 4.06 28.70 -97.03
N PRO H 86 5.14 29.33 -97.52
CA PRO H 86 5.19 30.81 -97.56
C PRO H 86 4.40 31.39 -98.72
N ASP H 87 3.08 31.25 -98.63
CA ASP H 87 2.15 31.74 -99.65
C ASP H 87 1.34 32.89 -99.08
N VAL H 88 1.32 34.02 -99.78
CA VAL H 88 0.59 35.19 -99.34
C VAL H 88 -0.88 35.01 -99.68
N LYS H 89 -1.73 35.03 -98.65
CA LYS H 89 -3.16 34.87 -98.81
C LYS H 89 -3.90 36.04 -98.17
N TYR H 90 -5.02 36.41 -98.79
CA TYR H 90 -5.83 37.52 -98.31
C TYR H 90 -7.30 37.11 -98.38
N GLY H 91 -8.04 37.37 -97.31
CA GLY H 91 -9.44 37.00 -97.26
C GLY H 91 -10.36 38.16 -97.64
N LYS H 92 -11.33 37.86 -98.51
CA LYS H 92 -12.30 38.85 -98.94
C LYS H 92 -13.73 38.39 -98.69
N ARG H 93 -14.01 37.12 -98.93
CA ARG H 93 -15.36 36.60 -98.85
C ARG H 93 -15.36 35.23 -98.19
N ILE H 94 -16.13 35.07 -97.12
CA ILE H 94 -16.29 33.80 -96.43
C ILE H 94 -17.76 33.59 -96.15
N HIS H 95 -18.24 32.36 -96.39
CA HIS H 95 -19.63 32.00 -96.17
C HIS H 95 -19.71 30.83 -95.20
N VAL H 96 -20.49 30.99 -94.14
CA VAL H 96 -20.67 29.95 -93.14
C VAL H 96 -22.15 29.82 -92.81
N LEU H 97 -22.58 28.60 -92.53
CA LEU H 97 -23.97 28.32 -92.19
C LEU H 97 -23.99 27.22 -91.12
N PRO H 98 -24.80 27.36 -90.08
CA PRO H 98 -24.89 26.34 -89.04
C PRO H 98 -25.74 25.17 -89.51
N ILE H 99 -25.87 24.17 -88.63
CA ILE H 99 -26.64 22.97 -88.89
C ILE H 99 -27.82 22.95 -87.93
N ASP H 100 -28.98 22.51 -88.43
CA ASP H 100 -30.22 22.57 -87.66
C ASP H 100 -30.35 21.43 -86.64
N ASP H 101 -29.25 20.76 -86.31
CA ASP H 101 -29.26 19.70 -85.32
C ASP H 101 -28.94 20.18 -83.92
N THR H 102 -28.36 21.37 -83.77
CA THR H 102 -27.99 21.87 -82.44
C THR H 102 -28.29 23.35 -82.24
N VAL H 103 -29.14 23.94 -83.09
CA VAL H 103 -29.48 25.35 -82.96
C VAL H 103 -30.85 25.54 -82.32
N GLU H 104 -31.37 24.53 -81.63
CA GLU H 104 -32.67 24.64 -80.98
C GLU H 104 -32.59 25.57 -79.78
N GLY H 105 -33.65 26.36 -79.57
CA GLY H 105 -33.71 27.27 -78.45
C GLY H 105 -32.90 28.54 -78.61
N ILE H 106 -32.34 28.80 -79.80
CA ILE H 106 -31.53 29.98 -80.05
C ILE H 106 -32.25 30.81 -81.11
N THR H 107 -32.52 32.07 -80.78
CA THR H 107 -33.19 32.99 -81.68
C THR H 107 -32.42 34.31 -81.72
N GLY H 108 -32.86 35.20 -82.59
CA GLY H 108 -32.21 36.49 -82.74
C GLY H 108 -30.93 36.40 -83.57
N ASN H 109 -30.22 37.52 -83.60
CA ASN H 109 -28.97 37.61 -84.35
C ASN H 109 -27.86 36.91 -83.58
N LEU H 110 -27.17 35.99 -84.25
CA LEU H 110 -26.08 35.23 -83.64
C LEU H 110 -24.75 35.45 -84.34
N PHE H 111 -24.66 36.43 -85.24
CA PHE H 111 -23.42 36.71 -85.96
C PHE H 111 -22.66 37.89 -85.41
N GLU H 112 -23.32 38.81 -84.71
CA GLU H 112 -22.66 39.98 -84.15
C GLU H 112 -22.05 39.74 -82.77
N VAL H 113 -22.35 38.61 -82.15
CA VAL H 113 -21.83 38.32 -80.82
C VAL H 113 -20.99 37.05 -80.77
N TYR H 114 -21.22 36.08 -81.66
CA TYR H 114 -20.43 34.87 -81.70
C TYR H 114 -19.31 34.88 -82.73
N LEU H 115 -19.38 35.80 -83.69
CA LEU H 115 -18.38 35.85 -84.75
C LEU H 115 -17.47 37.08 -84.69
N LYS H 116 -17.89 38.14 -84.03
CA LYS H 116 -17.07 39.35 -83.95
C LYS H 116 -15.92 39.19 -82.96
N PRO H 117 -16.16 38.82 -81.69
CA PRO H 117 -15.02 38.63 -80.77
C PRO H 117 -14.14 37.45 -81.15
N TYR H 118 -14.67 36.46 -81.87
CA TYR H 118 -13.90 35.29 -82.24
C TYR H 118 -12.90 35.58 -83.37
N PHE H 119 -13.15 36.59 -84.19
CA PHE H 119 -12.31 36.87 -85.34
C PHE H 119 -11.20 37.88 -85.03
N LEU H 120 -11.47 38.85 -84.16
CA LEU H 120 -10.49 39.88 -83.87
C LEU H 120 -9.30 39.29 -83.09
N GLU H 121 -8.11 39.81 -83.40
CA GLU H 121 -6.86 39.39 -82.75
C GLU H 121 -6.61 37.90 -82.93
N ALA H 122 -7.10 37.37 -84.05
CA ALA H 122 -6.90 35.95 -84.35
C ALA H 122 -6.05 35.76 -85.60
N TYR H 123 -6.49 36.33 -86.72
CA TYR H 123 -5.82 36.17 -88.01
C TYR H 123 -5.57 34.69 -88.33
N ARG H 124 -6.56 33.85 -88.04
CA ARG H 124 -6.44 32.43 -88.25
C ARG H 124 -7.02 32.06 -89.62
N PRO H 125 -6.24 31.50 -90.53
CA PRO H 125 -6.77 31.13 -91.84
C PRO H 125 -7.70 29.93 -91.74
N ILE H 126 -8.51 29.77 -92.79
CA ILE H 126 -9.49 28.69 -92.87
C ILE H 126 -9.30 27.96 -94.19
N ARG H 127 -9.77 26.72 -94.21
CA ARG H 127 -9.70 25.87 -95.39
C ARG H 127 -11.09 25.39 -95.76
N LYS H 128 -11.17 24.61 -96.84
CA LYS H 128 -12.43 24.03 -97.25
C LYS H 128 -12.67 22.73 -96.47
N GLY H 129 -13.75 22.70 -95.70
CA GLY H 129 -14.08 21.54 -94.90
C GLY H 129 -13.58 21.57 -93.47
N ASP H 130 -13.07 22.70 -93.00
CA ASP H 130 -12.57 22.78 -91.63
C ASP H 130 -13.72 22.69 -90.64
N ILE H 131 -13.50 21.97 -89.55
CA ILE H 131 -14.50 21.85 -88.48
C ILE H 131 -13.94 22.49 -87.22
N PHE H 132 -14.27 23.76 -87.00
CA PHE H 132 -13.79 24.50 -85.85
C PHE H 132 -14.95 24.75 -84.89
N LEU H 133 -14.66 24.66 -83.59
CA LEU H 133 -15.67 24.80 -82.54
C LEU H 133 -15.48 26.15 -81.86
N VAL H 134 -16.56 26.92 -81.74
CA VAL H 134 -16.55 28.19 -81.05
C VAL H 134 -17.30 28.04 -79.72
N ARG H 135 -17.12 29.02 -78.85
CA ARG H 135 -17.70 28.99 -77.52
C ARG H 135 -18.43 30.29 -77.24
N GLY H 136 -19.51 30.20 -76.46
CA GLY H 136 -20.31 31.35 -76.13
C GLY H 136 -21.77 31.00 -75.91
N GLY H 137 -22.42 31.69 -74.97
CA GLY H 137 -23.82 31.44 -74.69
C GLY H 137 -24.10 30.11 -74.03
N MET H 138 -23.29 29.71 -73.05
CA MET H 138 -23.54 28.51 -72.26
C MET H 138 -23.56 27.23 -73.10
N ARG H 139 -22.87 27.25 -74.24
CA ARG H 139 -22.88 26.11 -75.15
C ARG H 139 -21.79 26.29 -76.19
N ALA H 140 -21.53 25.22 -76.92
CA ALA H 140 -20.56 25.21 -78.01
C ALA H 140 -21.22 24.69 -79.28
N VAL H 141 -21.04 25.44 -80.36
CA VAL H 141 -21.62 25.09 -81.66
C VAL H 141 -20.52 25.16 -82.70
N GLU H 142 -20.46 24.14 -83.57
CA GLU H 142 -19.46 24.08 -84.62
C GLU H 142 -20.05 24.57 -85.95
N PHE H 143 -19.17 25.04 -86.81
CA PHE H 143 -19.54 25.58 -88.11
C PHE H 143 -19.02 24.67 -89.22
N LYS H 144 -19.62 24.82 -90.40
CA LYS H 144 -19.15 24.08 -91.58
C LYS H 144 -19.43 24.92 -92.82
N VAL H 145 -18.47 24.92 -93.75
CA VAL H 145 -18.58 25.67 -94.99
C VAL H 145 -18.96 24.73 -96.12
N VAL H 146 -19.83 25.20 -97.01
CA VAL H 146 -20.28 24.41 -98.14
C VAL H 146 -19.82 25.04 -99.44
N GLU H 147 -19.88 26.37 -99.52
CA GLU H 147 -19.49 27.10 -100.72
C GLU H 147 -18.93 28.45 -100.34
N THR H 148 -17.73 28.76 -100.83
CA THR H 148 -17.07 30.02 -100.53
C THR H 148 -16.07 30.32 -101.64
N ASP H 149 -15.16 31.26 -101.40
CA ASP H 149 -14.11 31.55 -102.35
C ASP H 149 -13.20 30.33 -102.51
N PRO H 150 -12.58 30.17 -103.69
CA PRO H 150 -11.72 29.00 -103.91
C PRO H 150 -10.59 28.92 -102.89
N SER H 151 -10.50 27.78 -102.22
CA SER H 151 -9.47 27.59 -101.21
C SER H 151 -8.09 27.55 -101.85
N PRO H 152 -7.06 28.10 -101.19
CA PRO H 152 -7.14 28.80 -99.90
C PRO H 152 -7.51 30.28 -100.03
N TYR H 153 -6.52 31.16 -99.88
CA TYR H 153 -6.71 32.60 -100.03
C TYR H 153 -7.77 33.11 -99.06
N CYS H 154 -7.68 32.68 -97.80
CA CYS H 154 -8.63 33.04 -96.77
C CYS H 154 -7.86 33.49 -95.53
N ILE H 155 -7.98 34.77 -95.20
CA ILE H 155 -7.35 35.34 -94.01
C ILE H 155 -8.35 36.25 -93.32
N VAL H 156 -8.45 36.14 -92.00
CA VAL H 156 -9.39 36.95 -91.24
C VAL H 156 -8.92 38.40 -91.25
N ALA H 157 -9.73 39.28 -91.83
CA ALA H 157 -9.44 40.70 -91.91
C ALA H 157 -10.73 41.48 -91.70
N PRO H 158 -10.64 42.70 -91.17
CA PRO H 158 -11.86 43.49 -90.94
C PRO H 158 -12.61 43.89 -92.20
N ASP H 159 -11.96 43.86 -93.36
CA ASP H 159 -12.61 44.28 -94.61
C ASP H 159 -13.49 43.21 -95.23
N THR H 160 -13.80 42.15 -94.49
CA THR H 160 -14.63 41.05 -95.00
C THR H 160 -16.06 41.25 -94.51
N VAL H 161 -17.00 41.35 -95.45
CA VAL H 161 -18.40 41.54 -95.12
C VAL H 161 -19.06 40.17 -94.98
N ILE H 162 -20.21 40.13 -94.29
CA ILE H 162 -20.96 38.89 -94.10
C ILE H 162 -22.44 39.19 -94.32
N HIS H 163 -23.20 38.14 -94.63
CA HIS H 163 -24.63 38.26 -94.82
C HIS H 163 -25.28 36.90 -94.63
N CYS H 164 -26.30 36.84 -93.79
CA CYS H 164 -26.99 35.59 -93.50
C CYS H 164 -28.15 35.38 -94.46
N GLU H 165 -28.53 34.11 -94.62
CA GLU H 165 -29.64 33.71 -95.49
C GLU H 165 -30.84 33.21 -94.72
N GLY H 166 -30.63 32.33 -93.75
CA GLY H 166 -31.73 31.81 -92.96
C GLY H 166 -32.19 30.44 -93.40
N GLU H 167 -31.25 29.58 -93.79
CA GLU H 167 -31.57 28.22 -94.24
C GLU H 167 -30.39 27.32 -93.92
N PRO H 168 -30.47 26.55 -92.84
CA PRO H 168 -29.36 25.64 -92.49
C PRO H 168 -29.32 24.45 -93.44
N ILE H 169 -28.19 23.76 -93.41
CA ILE H 169 -27.96 22.59 -94.24
C ILE H 169 -27.86 21.36 -93.36
N LYS H 170 -28.22 20.22 -93.94
CA LYS H 170 -28.19 18.95 -93.22
C LYS H 170 -26.76 18.45 -93.06
N ARG H 171 -26.44 17.97 -91.86
CA ARG H 171 -25.11 17.44 -91.59
C ARG H 171 -24.96 16.05 -92.20
N GLU H 172 -23.83 15.82 -92.86
CA GLU H 172 -23.54 14.53 -93.45
C GLU H 172 -22.79 13.64 -92.46
N ASP H 173 -22.37 12.47 -92.92
CA ASP H 173 -21.67 11.50 -92.09
C ASP H 173 -20.17 11.57 -92.24
N GLU H 174 -19.66 12.60 -92.93
CA GLU H 174 -18.22 12.74 -93.13
C GLU H 174 -17.49 13.20 -91.88
N GLU H 175 -18.15 13.99 -91.03
CA GLU H 175 -17.55 14.50 -89.81
C GLU H 175 -18.39 14.09 -88.60
N GLU H 176 -17.79 14.23 -87.43
CA GLU H 176 -18.43 13.89 -86.17
C GLU H 176 -18.50 15.12 -85.27
N SER H 177 -19.48 15.10 -84.36
CA SER H 177 -19.66 16.20 -83.43
C SER H 177 -18.54 16.22 -82.40
N LEU H 178 -18.21 17.42 -81.93
CA LEU H 178 -17.16 17.61 -80.93
C LEU H 178 -17.70 17.63 -79.51
N ASN H 179 -19.01 17.41 -79.33
CA ASN H 179 -19.62 17.44 -78.01
C ASN H 179 -19.25 16.23 -77.17
N GLU H 180 -18.65 15.20 -77.76
CA GLU H 180 -18.24 14.03 -76.99
C GLU H 180 -16.99 14.35 -76.17
N VAL H 181 -16.69 13.46 -75.24
CA VAL H 181 -15.52 13.61 -74.38
C VAL H 181 -14.26 13.39 -75.19
N GLY H 182 -13.26 14.24 -74.97
CA GLY H 182 -11.96 14.07 -75.61
C GLY H 182 -10.85 13.97 -74.58
N TYR H 183 -9.60 13.94 -75.05
CA TYR H 183 -8.47 13.85 -74.14
C TYR H 183 -8.25 15.14 -73.36
N ASP H 184 -8.84 16.24 -73.79
CA ASP H 184 -8.67 17.54 -73.15
C ASP H 184 -9.83 17.88 -72.22
N ASP H 185 -10.74 16.95 -71.98
CA ASP H 185 -11.90 17.17 -71.13
C ASP H 185 -11.72 16.62 -69.72
N ILE H 186 -10.50 16.20 -69.36
CA ILE H 186 -10.21 15.64 -68.06
C ILE H 186 -9.11 16.46 -67.42
N GLY H 187 -9.32 16.89 -66.18
CA GLY H 187 -8.33 17.65 -65.45
C GLY H 187 -8.30 17.25 -64.00
N GLY H 188 -7.16 17.53 -63.36
CA GLY H 188 -7.00 17.23 -61.95
C GLY H 188 -6.08 16.04 -61.71
N CYS H 189 -6.22 14.99 -62.53
CA CYS H 189 -5.37 13.82 -62.44
C CYS H 189 -4.37 13.86 -63.59
N ARG H 190 -3.16 14.32 -63.29
CA ARG H 190 -2.12 14.47 -64.30
C ARG H 190 -1.13 13.32 -64.32
N LYS H 191 -0.61 12.92 -63.14
CA LYS H 191 0.28 11.77 -63.11
C LYS H 191 -0.45 10.49 -63.47
N GLN H 192 -1.69 10.33 -63.03
CA GLN H 192 -2.41 9.09 -63.30
C GLN H 192 -2.75 8.94 -64.77
N LEU H 193 -2.87 10.05 -65.50
CA LEU H 193 -3.23 9.96 -66.91
C LEU H 193 -2.06 9.54 -67.80
N ALA H 194 -0.85 10.02 -67.54
CA ALA H 194 0.24 9.77 -68.47
C ALA H 194 0.64 8.31 -68.50
N GLN H 195 0.59 7.64 -67.35
CA GLN H 195 0.93 6.23 -67.27
C GLN H 195 -0.17 5.33 -67.86
N ILE H 196 -1.42 5.83 -67.94
CA ILE H 196 -2.40 5.18 -68.82
C ILE H 196 -2.05 5.43 -70.27
N LYS H 197 -1.59 6.64 -70.59
CA LYS H 197 -1.12 6.96 -71.93
C LYS H 197 0.06 6.07 -72.32
N GLU H 198 0.73 5.46 -71.33
CA GLU H 198 1.86 4.60 -71.55
C GLU H 198 1.46 3.14 -71.77
N MET H 199 0.26 2.74 -71.37
CA MET H 199 -0.15 1.34 -71.45
C MET H 199 -1.38 1.13 -72.33
N VAL H 200 -1.98 2.18 -72.88
CA VAL H 200 -3.15 1.95 -73.71
C VAL H 200 -2.86 2.18 -75.19
N GLU H 201 -2.36 3.37 -75.54
CA GLU H 201 -2.16 3.66 -76.96
C GLU H 201 -0.92 2.99 -77.53
N LEU H 202 0.04 2.61 -76.69
CA LEU H 202 1.22 1.94 -77.23
C LEU H 202 0.86 0.55 -77.78
N PRO H 203 0.13 -0.30 -77.06
CA PRO H 203 -0.25 -1.61 -77.61
C PRO H 203 -1.47 -1.59 -78.52
N LEU H 204 -1.99 -0.43 -78.88
CA LEU H 204 -3.14 -0.33 -79.78
C LEU H 204 -2.78 0.27 -81.13
N ARG H 205 -1.99 1.34 -81.15
CA ARG H 205 -1.65 1.98 -82.42
C ARG H 205 -0.68 1.15 -83.24
N HIS H 206 -0.06 0.14 -82.65
CA HIS H 206 0.91 -0.72 -83.33
C HIS H 206 0.52 -2.17 -83.09
N PRO H 207 -0.51 -2.67 -83.79
CA PRO H 207 -0.93 -4.06 -83.55
C PRO H 207 0.06 -5.08 -84.06
N ALA H 208 0.60 -4.89 -85.27
CA ALA H 208 1.53 -5.85 -85.84
C ALA H 208 2.91 -5.78 -85.19
N LEU H 209 3.24 -4.66 -84.54
CA LEU H 209 4.52 -4.56 -83.86
C LEU H 209 4.60 -5.55 -82.71
N PHE H 210 3.52 -5.70 -81.95
CA PHE H 210 3.49 -6.65 -80.83
C PHE H 210 3.45 -8.10 -81.29
N LYS H 211 2.97 -8.37 -82.51
CA LYS H 211 2.90 -9.74 -83.00
C LYS H 211 4.28 -10.33 -83.24
N ALA H 212 5.25 -9.51 -83.63
CA ALA H 212 6.60 -9.99 -83.88
C ALA H 212 7.45 -10.05 -82.61
N ILE H 213 7.28 -9.08 -81.71
CA ILE H 213 8.07 -9.05 -80.48
C ILE H 213 7.44 -9.97 -79.45
N GLY H 214 8.21 -10.33 -78.43
CA GLY H 214 7.75 -11.23 -77.38
C GLY H 214 7.16 -10.55 -76.17
N VAL H 215 6.93 -9.23 -76.23
CA VAL H 215 6.39 -8.50 -75.09
C VAL H 215 4.88 -8.74 -75.03
N LYS H 216 4.41 -9.21 -73.89
CA LYS H 216 2.98 -9.49 -73.74
C LYS H 216 2.21 -8.20 -73.50
N PRO H 217 1.25 -7.85 -74.34
CA PRO H 217 0.54 -6.60 -74.18
C PRO H 217 -0.37 -6.63 -72.96
N PRO H 218 -0.81 -5.47 -72.48
CA PRO H 218 -1.78 -5.45 -71.38
C PRO H 218 -3.10 -6.12 -71.75
N ARG H 219 -3.72 -6.72 -70.74
CA ARG H 219 -5.07 -7.26 -70.89
C ARG H 219 -6.05 -6.62 -69.91
N GLY H 220 -5.78 -6.67 -68.61
CA GLY H 220 -6.71 -6.14 -67.62
C GLY H 220 -6.12 -4.96 -66.88
N ILE H 221 -6.93 -3.91 -66.74
CA ILE H 221 -6.55 -2.69 -66.02
C ILE H 221 -7.65 -2.42 -65.01
N LEU H 222 -7.28 -2.30 -63.74
CA LEU H 222 -8.23 -2.04 -62.67
C LEU H 222 -8.11 -0.60 -62.21
N LEU H 223 -9.25 0.06 -62.06
CA LEU H 223 -9.31 1.46 -61.65
C LEU H 223 -9.69 1.57 -60.18
N TYR H 224 -9.34 2.71 -59.58
CA TYR H 224 -9.65 2.98 -58.19
C TYR H 224 -10.12 4.42 -58.06
N GLY H 225 -10.33 4.86 -56.82
CA GLY H 225 -10.76 6.20 -56.55
C GLY H 225 -12.15 6.25 -55.93
N PRO H 226 -12.41 7.29 -55.15
CA PRO H 226 -13.74 7.47 -54.57
C PRO H 226 -14.75 7.77 -55.66
N PRO H 227 -16.03 7.50 -55.42
CA PRO H 227 -17.06 7.74 -56.44
C PRO H 227 -17.07 9.20 -56.88
N GLY H 228 -17.24 9.41 -58.18
CA GLY H 228 -17.20 10.74 -58.76
C GLY H 228 -15.82 11.21 -59.16
N THR H 229 -14.80 10.36 -59.06
CA THR H 229 -13.45 10.78 -59.43
C THR H 229 -13.31 10.94 -60.94
N GLY H 230 -14.05 10.15 -61.70
CA GLY H 230 -13.95 10.20 -63.15
C GLY H 230 -13.60 8.87 -63.78
N LYS H 231 -13.93 7.78 -63.09
CA LYS H 231 -13.61 6.44 -63.58
C LYS H 231 -14.27 6.14 -64.92
N THR H 232 -15.38 6.79 -65.23
CA THR H 232 -16.06 6.60 -66.51
C THR H 232 -15.63 7.59 -67.57
N LEU H 233 -15.39 8.85 -67.18
CA LEU H 233 -15.05 9.88 -68.14
C LEU H 233 -13.74 9.57 -68.86
N ILE H 234 -12.70 9.22 -68.11
CA ILE H 234 -11.40 8.95 -68.70
C ILE H 234 -11.46 7.69 -69.55
N ALA H 235 -12.19 6.66 -69.11
CA ALA H 235 -12.34 5.46 -69.90
C ALA H 235 -13.02 5.74 -71.22
N ARG H 236 -14.10 6.53 -71.20
CA ARG H 236 -14.78 6.89 -72.44
C ARG H 236 -13.88 7.70 -73.34
N ALA H 237 -13.10 8.64 -72.79
CA ALA H 237 -12.19 9.42 -73.61
C ALA H 237 -11.13 8.54 -74.29
N VAL H 238 -10.47 7.68 -73.50
CA VAL H 238 -9.41 6.84 -74.05
C VAL H 238 -9.95 5.72 -74.94
N ALA H 239 -11.24 5.42 -74.86
CA ALA H 239 -11.84 4.45 -75.77
C ALA H 239 -12.40 5.08 -77.03
N ASN H 240 -12.77 6.37 -77.00
CA ASN H 240 -13.34 7.01 -78.16
C ASN H 240 -12.31 7.80 -78.97
N GLU H 241 -11.19 8.19 -78.38
CA GLU H 241 -10.19 8.96 -79.10
C GLU H 241 -9.05 8.12 -79.63
N THR H 242 -9.28 6.81 -79.83
CA THR H 242 -8.26 5.94 -80.41
C THR H 242 -8.70 5.28 -81.71
N GLY H 243 -9.99 5.33 -82.06
CA GLY H 243 -10.48 4.74 -83.28
C GLY H 243 -10.88 3.28 -83.16
N ALA H 244 -10.48 2.61 -82.08
CA ALA H 244 -10.85 1.21 -81.88
C ALA H 244 -12.28 1.12 -81.34
N PHE H 245 -12.87 -0.05 -81.50
CA PHE H 245 -14.23 -0.27 -81.04
C PHE H 245 -14.28 -0.26 -79.51
N PHE H 246 -15.37 0.28 -78.98
CA PHE H 246 -15.58 0.34 -77.54
C PHE H 246 -16.99 -0.15 -77.23
N PHE H 247 -17.10 -1.05 -76.25
CA PHE H 247 -18.37 -1.63 -75.86
C PHE H 247 -18.56 -1.39 -74.37
N LEU H 248 -19.77 -1.00 -73.97
CA LEU H 248 -20.03 -0.57 -72.60
C LEU H 248 -21.05 -1.49 -71.93
N ILE H 249 -20.69 -1.99 -70.74
CA ILE H 249 -21.57 -2.75 -69.87
C ILE H 249 -21.21 -2.38 -68.44
N ASN H 250 -22.14 -1.76 -67.72
CA ASN H 250 -21.64 -1.16 -66.49
C ASN H 250 -21.54 -2.17 -65.35
N GLY H 251 -22.63 -2.40 -64.62
CA GLY H 251 -22.83 -3.62 -63.88
C GLY H 251 -24.25 -4.14 -63.76
N PRO H 252 -25.25 -3.24 -63.61
CA PRO H 252 -26.55 -3.72 -63.12
C PRO H 252 -27.43 -4.35 -64.19
N GLU H 253 -27.26 -3.95 -65.44
CA GLU H 253 -28.04 -4.57 -66.51
C GLU H 253 -27.80 -6.07 -66.59
N ILE H 254 -26.67 -6.55 -66.08
CA ILE H 254 -26.42 -7.99 -66.02
C ILE H 254 -27.34 -8.66 -65.01
N MET H 255 -27.46 -8.09 -63.81
CA MET H 255 -28.27 -8.68 -62.76
C MET H 255 -29.74 -8.27 -62.84
N SER H 256 -30.10 -7.35 -63.73
CA SER H 256 -31.48 -6.91 -63.85
C SER H 256 -32.34 -7.88 -64.64
N LYS H 257 -31.76 -8.61 -65.59
CA LYS H 257 -32.52 -9.50 -66.44
C LYS H 257 -32.77 -10.84 -65.72
N LEU H 258 -33.52 -11.72 -66.38
CA LEU H 258 -33.84 -13.01 -65.81
C LEU H 258 -32.61 -13.91 -65.78
N ALA H 259 -32.68 -14.95 -64.96
CA ALA H 259 -31.57 -15.89 -64.84
C ALA H 259 -31.46 -16.75 -66.10
N GLY H 260 -30.23 -16.91 -66.57
CA GLY H 260 -29.98 -17.75 -67.73
C GLY H 260 -29.46 -17.00 -68.93
N GLU H 261 -30.03 -15.81 -69.20
CA GLU H 261 -29.57 -15.01 -70.32
C GLU H 261 -28.55 -13.95 -69.91
N SER H 262 -28.41 -13.68 -68.61
CA SER H 262 -27.40 -12.73 -68.15
C SER H 262 -26.00 -13.21 -68.51
N GLU H 263 -25.72 -14.49 -68.29
CA GLU H 263 -24.44 -15.05 -68.67
C GLU H 263 -24.26 -15.06 -70.19
N SER H 264 -25.33 -15.34 -70.94
CA SER H 264 -25.23 -15.34 -72.39
C SER H 264 -24.91 -13.95 -72.93
N ASN H 265 -25.49 -12.90 -72.34
CA ASN H 265 -25.18 -11.55 -72.79
C ASN H 265 -23.71 -11.23 -72.58
N LEU H 266 -23.17 -11.57 -71.40
CA LEU H 266 -21.75 -11.33 -71.15
C LEU H 266 -20.87 -12.16 -72.09
N ARG H 267 -21.26 -13.41 -72.35
CA ARG H 267 -20.48 -14.25 -73.25
C ARG H 267 -20.46 -13.68 -74.67
N LYS H 268 -21.61 -13.21 -75.15
CA LYS H 268 -21.65 -12.64 -76.50
C LYS H 268 -20.97 -11.29 -76.57
N ALA H 269 -20.95 -10.52 -75.48
CA ALA H 269 -20.25 -9.25 -75.46
C ALA H 269 -18.75 -9.40 -75.64
N PHE H 270 -18.20 -10.59 -75.36
CA PHE H 270 -16.79 -10.83 -75.57
C PHE H 270 -16.49 -11.33 -76.98
N GLU H 271 -17.35 -12.17 -77.55
CA GLU H 271 -17.11 -12.65 -78.91
C GLU H 271 -17.40 -11.58 -79.95
N GLU H 272 -18.29 -10.63 -79.63
CA GLU H 272 -18.53 -9.54 -80.58
C GLU H 272 -17.30 -8.63 -80.70
N ALA H 273 -16.48 -8.56 -79.65
CA ALA H 273 -15.27 -7.75 -79.70
C ALA H 273 -14.13 -8.42 -80.43
N GLU H 274 -14.12 -9.75 -80.50
CA GLU H 274 -13.02 -10.46 -81.14
C GLU H 274 -13.00 -10.21 -82.65
N LYS H 275 -14.16 -10.30 -83.31
CA LYS H 275 -14.19 -10.19 -84.76
C LYS H 275 -13.75 -8.81 -85.25
N ASN H 276 -14.19 -7.76 -84.57
CA ASN H 276 -13.86 -6.39 -84.98
C ASN H 276 -12.63 -5.86 -84.23
N ALA H 277 -11.54 -6.63 -84.30
CA ALA H 277 -10.30 -6.21 -83.69
C ALA H 277 -9.66 -5.07 -84.49
N PRO H 278 -9.00 -4.10 -83.83
CA PRO H 278 -8.86 -4.02 -82.37
C PRO H 278 -10.11 -3.49 -81.69
N ALA H 279 -10.35 -3.94 -80.45
CA ALA H 279 -11.49 -3.51 -79.67
C ALA H 279 -11.05 -3.31 -78.23
N ILE H 280 -11.95 -2.76 -77.42
CA ILE H 280 -11.69 -2.52 -76.00
C ILE H 280 -12.97 -2.78 -75.22
N ILE H 281 -12.81 -3.21 -73.98
CA ILE H 281 -13.92 -3.53 -73.09
C ILE H 281 -13.75 -2.76 -71.80
N PHE H 282 -14.82 -2.10 -71.35
CA PHE H 282 -14.79 -1.31 -70.13
C PHE H 282 -15.98 -1.68 -69.26
N ILE H 283 -15.73 -1.83 -67.96
CA ILE H 283 -16.75 -2.16 -66.98
C ILE H 283 -16.83 -1.02 -65.97
N ASP H 284 -18.04 -0.48 -65.79
CA ASP H 284 -18.17 0.73 -64.98
C ASP H 284 -18.00 0.43 -63.50
N GLU H 285 -18.89 -0.37 -62.91
CA GLU H 285 -18.74 -0.76 -61.51
C GLU H 285 -18.50 -2.25 -61.47
N LEU H 286 -17.62 -2.69 -60.57
CA LEU H 286 -17.28 -4.09 -60.42
C LEU H 286 -17.53 -4.61 -59.01
N ASP H 287 -17.65 -3.71 -58.03
CA ASP H 287 -17.85 -4.14 -56.65
C ASP H 287 -19.17 -4.88 -56.47
N ALA H 288 -20.16 -4.58 -57.30
CA ALA H 288 -21.46 -5.23 -57.22
C ALA H 288 -21.60 -6.37 -58.22
N ILE H 289 -20.51 -6.74 -58.90
CA ILE H 289 -20.52 -7.84 -59.86
C ILE H 289 -19.97 -9.13 -59.26
N ALA H 290 -18.85 -9.03 -58.55
CA ALA H 290 -18.15 -10.19 -58.00
C ALA H 290 -17.91 -9.98 -56.50
N PRO H 291 -18.95 -10.15 -55.67
CA PRO H 291 -18.77 -10.06 -54.22
C PRO H 291 -18.43 -11.40 -53.59
N LYS H 292 -17.36 -12.05 -54.08
CA LYS H 292 -16.97 -13.36 -53.56
C LYS H 292 -16.18 -13.17 -52.27
N ARG H 293 -16.91 -12.83 -51.22
CA ARG H 293 -16.38 -12.55 -49.88
C ARG H 293 -17.41 -13.02 -48.86
N GLU H 294 -17.35 -12.49 -47.64
CA GLU H 294 -18.23 -12.93 -46.57
C GLU H 294 -19.71 -12.90 -46.93
N LYS H 295 -20.07 -12.34 -48.09
CA LYS H 295 -21.46 -12.29 -48.52
C LYS H 295 -21.92 -13.65 -49.02
N THR H 296 -21.37 -14.09 -50.16
CA THR H 296 -21.67 -15.38 -50.79
C THR H 296 -23.15 -15.76 -50.67
N HIS H 297 -24.01 -14.85 -51.08
CA HIS H 297 -25.44 -15.10 -51.15
C HIS H 297 -25.87 -15.21 -52.62
N GLY H 298 -26.82 -16.10 -52.87
CA GLY H 298 -27.35 -16.25 -54.22
C GLY H 298 -26.55 -17.19 -55.09
N GLU H 299 -27.25 -18.09 -55.79
CA GLU H 299 -26.58 -19.06 -56.65
C GLU H 299 -26.17 -18.45 -57.99
N VAL H 300 -27.05 -17.64 -58.58
CA VAL H 300 -26.82 -17.15 -59.94
C VAL H 300 -25.73 -16.08 -60.00
N GLU H 301 -25.41 -15.44 -58.88
CA GLU H 301 -24.51 -14.29 -58.94
C GLU H 301 -23.05 -14.71 -58.90
N ARG H 302 -22.73 -15.82 -58.24
CA ARG H 302 -21.40 -16.38 -58.41
C ARG H 302 -21.24 -17.08 -59.75
N ARG H 303 -22.35 -17.42 -60.41
CA ARG H 303 -22.30 -17.96 -61.75
C ARG H 303 -21.65 -16.96 -62.72
N ILE H 304 -22.04 -15.69 -62.65
CA ILE H 304 -21.47 -14.71 -63.57
C ILE H 304 -20.03 -14.40 -63.19
N VAL H 305 -19.69 -14.53 -61.91
CA VAL H 305 -18.29 -14.38 -61.49
C VAL H 305 -17.45 -15.46 -62.14
N SER H 306 -17.91 -16.72 -62.06
CA SER H 306 -17.20 -17.81 -62.73
C SER H 306 -17.18 -17.62 -64.23
N GLN H 307 -18.26 -17.09 -64.81
CA GLN H 307 -18.30 -16.86 -66.24
C GLN H 307 -17.25 -15.83 -66.67
N LEU H 308 -17.14 -14.73 -65.94
CA LEU H 308 -16.15 -13.72 -66.28
C LEU H 308 -14.73 -14.22 -66.05
N LEU H 309 -14.53 -15.00 -64.98
CA LEU H 309 -13.23 -15.63 -64.77
C LEU H 309 -12.87 -16.57 -65.92
N THR H 310 -13.84 -17.33 -66.42
CA THR H 310 -13.60 -18.19 -67.57
C THR H 310 -13.27 -17.37 -68.81
N LEU H 311 -14.02 -16.29 -69.04
CA LEU H 311 -13.84 -15.48 -70.24
C LEU H 311 -12.55 -14.68 -70.22
N MET H 312 -11.96 -14.42 -69.05
CA MET H 312 -10.67 -13.77 -68.98
C MET H 312 -9.51 -14.75 -68.87
N ASP H 313 -9.72 -15.91 -68.26
CA ASP H 313 -8.63 -16.88 -68.11
C ASP H 313 -8.20 -17.43 -69.45
N GLY H 314 -9.14 -17.64 -70.37
CA GLY H 314 -8.85 -18.16 -71.69
C GLY H 314 -8.36 -17.15 -72.69
N LEU H 315 -8.21 -15.89 -72.30
CA LEU H 315 -7.75 -14.86 -73.23
C LEU H 315 -6.27 -15.01 -73.54
N LYS H 316 -5.95 -15.77 -74.58
CA LYS H 316 -4.59 -15.81 -75.08
C LYS H 316 -4.35 -14.59 -75.94
N GLN H 317 -3.22 -14.52 -76.64
CA GLN H 317 -2.92 -13.35 -77.45
C GLN H 317 -3.96 -13.14 -78.54
N ARG H 318 -3.98 -14.02 -79.54
CA ARG H 318 -4.92 -13.93 -80.65
C ARG H 318 -5.00 -12.52 -81.21
N ALA H 319 -6.01 -11.76 -80.77
CA ALA H 319 -6.27 -10.40 -81.22
C ALA H 319 -5.65 -9.40 -80.23
N HIS H 320 -5.99 -8.12 -80.36
CA HIS H 320 -5.54 -7.08 -79.45
C HIS H 320 -6.75 -6.51 -78.73
N VAL H 321 -7.09 -7.12 -77.59
CA VAL H 321 -8.24 -6.71 -76.79
C VAL H 321 -7.79 -6.45 -75.36
N ILE H 322 -8.38 -5.42 -74.74
CA ILE H 322 -8.09 -5.05 -73.36
C ILE H 322 -9.40 -4.85 -72.63
N VAL H 323 -9.53 -5.46 -71.46
CA VAL H 323 -10.67 -5.25 -70.58
C VAL H 323 -10.25 -4.32 -69.46
N MET H 324 -11.15 -3.43 -69.06
CA MET H 324 -10.90 -2.50 -67.97
C MET H 324 -12.10 -2.46 -67.05
N ALA H 325 -11.85 -2.32 -65.75
CA ALA H 325 -12.91 -2.27 -64.76
C ALA H 325 -12.60 -1.18 -63.75
N ALA H 326 -13.64 -0.70 -63.09
CA ALA H 326 -13.52 0.36 -62.10
C ALA H 326 -14.29 -0.02 -60.86
N THR H 327 -13.85 0.53 -59.73
CA THR H 327 -14.46 0.27 -58.44
C THR H 327 -14.28 1.49 -57.56
N ASN H 328 -14.76 1.40 -56.32
CA ASN H 328 -14.74 2.52 -55.41
C ASN H 328 -13.88 2.30 -54.17
N ARG H 329 -13.68 1.05 -53.75
CA ARG H 329 -12.91 0.76 -52.57
C ARG H 329 -12.05 -0.48 -52.83
N PRO H 330 -10.91 -0.61 -52.15
CA PRO H 330 -10.04 -1.77 -52.41
C PRO H 330 -10.62 -3.09 -51.91
N ASN H 331 -11.34 -3.09 -50.80
CA ASN H 331 -11.87 -4.33 -50.24
C ASN H 331 -13.24 -4.65 -50.83
N SER H 332 -13.31 -4.62 -52.15
CA SER H 332 -14.54 -4.97 -52.86
C SER H 332 -14.30 -5.80 -54.10
N ILE H 333 -13.08 -6.21 -54.40
CA ILE H 333 -12.78 -7.00 -55.59
C ILE H 333 -12.45 -8.42 -55.14
N ASP H 334 -12.95 -9.39 -55.89
CA ASP H 334 -12.67 -10.78 -55.64
C ASP H 334 -11.15 -11.00 -55.70
N PRO H 335 -10.54 -11.56 -54.66
CA PRO H 335 -9.09 -11.80 -54.71
C PRO H 335 -8.67 -12.72 -55.84
N ALA H 336 -9.57 -13.58 -56.32
CA ALA H 336 -9.25 -14.44 -57.46
C ALA H 336 -9.06 -13.66 -58.75
N LEU H 337 -9.56 -12.44 -58.83
CA LEU H 337 -9.39 -11.62 -60.02
C LEU H 337 -8.12 -10.78 -60.00
N ARG H 338 -7.51 -10.60 -58.83
CA ARG H 338 -6.30 -9.79 -58.70
C ARG H 338 -5.03 -10.61 -58.95
N ARG H 339 -5.15 -11.82 -59.47
CA ARG H 339 -4.00 -12.66 -59.74
C ARG H 339 -3.24 -12.13 -60.95
N PHE H 340 -2.06 -12.70 -61.19
CA PHE H 340 -1.26 -12.33 -62.34
C PHE H 340 -1.95 -12.78 -63.62
N GLY H 341 -2.04 -11.88 -64.60
CA GLY H 341 -2.67 -12.16 -65.86
C GLY H 341 -4.09 -11.67 -65.99
N ARG H 342 -4.76 -11.36 -64.89
CA ARG H 342 -6.12 -10.81 -64.94
C ARG H 342 -6.16 -9.38 -64.44
N PHE H 343 -5.71 -9.11 -63.20
CA PHE H 343 -5.60 -7.76 -62.67
C PHE H 343 -4.33 -7.70 -61.83
N ASP H 344 -3.22 -7.36 -62.46
CA ASP H 344 -1.93 -7.24 -61.78
C ASP H 344 -1.42 -5.81 -61.73
N ARG H 345 -2.05 -4.92 -62.50
CA ARG H 345 -1.65 -3.52 -62.61
C ARG H 345 -2.81 -2.65 -62.17
N GLU H 346 -2.58 -1.81 -61.16
CA GLU H 346 -3.64 -1.00 -60.58
C GLU H 346 -3.16 0.45 -60.47
N VAL H 347 -4.10 1.37 -60.62
CA VAL H 347 -3.80 2.79 -60.50
C VAL H 347 -4.75 3.40 -59.48
N ASP H 348 -4.20 4.22 -58.60
CA ASP H 348 -4.97 4.87 -57.55
C ASP H 348 -5.11 6.35 -57.91
N ILE H 349 -6.34 6.81 -58.05
CA ILE H 349 -6.64 8.19 -58.37
C ILE H 349 -7.30 8.81 -57.14
N GLY H 350 -6.59 9.73 -56.50
CA GLY H 350 -7.06 10.36 -55.27
C GLY H 350 -7.79 11.66 -55.54
N ILE H 351 -8.13 12.33 -54.45
CA ILE H 351 -8.81 13.62 -54.53
C ILE H 351 -7.82 14.67 -55.00
N PRO H 352 -8.13 15.43 -56.04
CA PRO H 352 -7.19 16.46 -56.52
C PRO H 352 -6.98 17.55 -55.47
N ASP H 353 -5.77 18.11 -55.47
CA ASP H 353 -5.46 19.21 -54.56
C ASP H 353 -5.91 20.52 -55.15
N ALA H 354 -5.49 21.64 -54.55
CA ALA H 354 -5.95 22.95 -55.03
C ALA H 354 -5.55 23.19 -56.48
N THR H 355 -4.26 23.02 -56.81
CA THR H 355 -3.84 23.20 -58.18
C THR H 355 -4.41 22.14 -59.10
N GLY H 356 -4.74 20.97 -58.58
CA GLY H 356 -5.44 19.97 -59.35
C GLY H 356 -6.88 20.36 -59.58
N ARG H 357 -7.50 20.97 -58.57
CA ARG H 357 -8.89 21.40 -58.70
C ARG H 357 -9.05 22.66 -59.53
N LEU H 358 -7.97 23.39 -59.79
CA LEU H 358 -8.08 24.62 -60.57
C LEU H 358 -8.60 24.35 -61.98
N GLU H 359 -8.05 23.33 -62.65
CA GLU H 359 -8.41 23.09 -64.05
C GLU H 359 -9.83 22.55 -64.21
N ILE H 360 -10.34 21.84 -63.20
CA ILE H 360 -11.68 21.29 -63.27
C ILE H 360 -12.74 22.37 -63.40
N LEU H 361 -12.52 23.53 -62.79
CA LEU H 361 -13.47 24.63 -62.90
C LEU H 361 -13.61 25.09 -64.34
N GLN H 362 -12.49 25.39 -64.99
CA GLN H 362 -12.56 25.91 -66.35
C GLN H 362 -12.92 24.84 -67.38
N ILE H 363 -12.53 23.58 -67.19
CA ILE H 363 -12.89 22.58 -68.19
C ILE H 363 -14.39 22.34 -68.23
N HIS H 364 -15.14 22.87 -67.26
CA HIS H 364 -16.60 22.84 -67.33
C HIS H 364 -17.24 24.21 -67.47
N THR H 365 -16.54 25.30 -67.17
CA THR H 365 -17.09 26.64 -67.32
C THR H 365 -16.50 27.37 -68.52
N LYS H 366 -15.84 26.64 -69.43
CA LYS H 366 -15.29 27.27 -70.62
C LYS H 366 -16.36 27.90 -71.50
N ASN H 367 -17.55 27.29 -71.57
CA ASN H 367 -18.66 27.89 -72.30
C ASN H 367 -19.33 29.00 -71.51
N MET H 368 -18.98 29.16 -70.24
CA MET H 368 -19.54 30.20 -69.38
C MET H 368 -18.53 31.34 -69.35
N LYS H 369 -18.77 32.38 -70.13
CA LYS H 369 -17.87 33.53 -70.11
C LYS H 369 -18.05 34.32 -68.83
N LEU H 370 -16.92 34.64 -68.20
CA LEU H 370 -16.89 35.25 -66.89
C LEU H 370 -16.51 36.72 -67.00
N ALA H 371 -16.94 37.49 -66.02
CA ALA H 371 -16.73 38.93 -66.00
C ALA H 371 -15.28 39.26 -65.64
N ASP H 372 -14.99 40.55 -65.44
CA ASP H 372 -13.64 40.98 -65.16
C ASP H 372 -13.26 40.80 -63.69
N ASP H 373 -14.20 41.07 -62.78
CA ASP H 373 -13.91 41.00 -61.35
C ASP H 373 -13.91 39.57 -60.82
N VAL H 374 -14.26 38.59 -61.64
CA VAL H 374 -14.36 37.20 -61.21
C VAL H 374 -13.11 36.43 -61.61
N ASP H 375 -12.63 35.61 -60.68
CA ASP H 375 -11.51 34.70 -60.93
C ASP H 375 -11.80 33.39 -60.22
N LEU H 376 -11.27 32.30 -60.76
CA LEU H 376 -11.47 30.97 -60.19
C LEU H 376 -10.32 30.54 -59.28
N GLU H 377 -9.36 31.43 -59.03
CA GLU H 377 -8.21 31.09 -58.20
C GLU H 377 -8.56 31.01 -56.72
N GLN H 378 -9.12 32.08 -56.15
CA GLN H 378 -9.40 32.10 -54.72
C GLN H 378 -10.50 31.11 -54.33
N VAL H 379 -11.44 30.82 -55.23
CA VAL H 379 -12.55 29.94 -54.90
C VAL H 379 -12.13 28.48 -54.79
N ALA H 380 -11.01 28.10 -55.40
CA ALA H 380 -10.51 26.73 -55.35
C ALA H 380 -9.41 26.57 -54.31
N ASN H 381 -9.31 27.49 -53.35
CA ASN H 381 -8.29 27.43 -52.32
C ASN H 381 -8.84 27.10 -50.95
N GLU H 382 -10.09 27.42 -50.66
CA GLU H 382 -10.69 27.12 -49.36
C GLU H 382 -11.23 25.71 -49.26
N THR H 383 -11.29 24.97 -50.36
CA THR H 383 -11.76 23.59 -50.35
C THR H 383 -10.58 22.63 -50.49
N HIS H 384 -10.74 21.45 -49.90
CA HIS H 384 -9.66 20.47 -49.93
C HIS H 384 -10.13 19.04 -50.17
N GLY H 385 -11.42 18.80 -50.39
CA GLY H 385 -11.91 17.44 -50.56
C GLY H 385 -12.92 17.27 -51.66
N HIS H 386 -12.79 18.05 -52.74
CA HIS H 386 -13.76 18.04 -53.82
C HIS H 386 -13.20 17.29 -55.03
N VAL H 387 -14.07 16.57 -55.72
CA VAL H 387 -13.72 15.85 -56.93
C VAL H 387 -14.47 16.47 -58.10
N GLY H 388 -14.25 15.95 -59.30
CA GLY H 388 -14.85 16.53 -60.50
C GLY H 388 -16.37 16.60 -60.44
N ALA H 389 -17.02 15.55 -59.95
CA ALA H 389 -18.47 15.56 -59.83
C ALA H 389 -18.97 16.62 -58.86
N ASP H 390 -18.30 16.78 -57.71
CA ASP H 390 -18.70 17.80 -56.76
C ASP H 390 -18.61 19.19 -57.38
N LEU H 391 -17.51 19.49 -58.07
CA LEU H 391 -17.36 20.80 -58.69
C LEU H 391 -18.36 21.00 -59.82
N ALA H 392 -18.66 19.96 -60.60
CA ALA H 392 -19.65 20.09 -61.65
C ALA H 392 -21.03 20.41 -61.07
N ALA H 393 -21.43 19.69 -60.01
CA ALA H 393 -22.70 19.99 -59.37
C ALA H 393 -22.72 21.39 -58.78
N LEU H 394 -21.62 21.80 -58.14
CA LEU H 394 -21.54 23.13 -57.55
C LEU H 394 -21.70 24.21 -58.61
N CYS H 395 -20.99 24.09 -59.73
CA CYS H 395 -21.12 25.08 -60.80
C CYS H 395 -22.50 25.06 -61.43
N SER H 396 -23.11 23.88 -61.59
CA SER H 396 -24.46 23.82 -62.14
C SER H 396 -25.46 24.55 -61.26
N GLU H 397 -25.42 24.30 -59.96
CA GLU H 397 -26.36 24.98 -59.07
C GLU H 397 -26.04 26.47 -58.91
N ALA H 398 -24.76 26.85 -58.98
CA ALA H 398 -24.42 28.27 -58.98
C ALA H 398 -24.98 28.98 -60.20
N ALA H 399 -24.91 28.34 -61.36
CA ALA H 399 -25.53 28.89 -62.56
C ALA H 399 -27.05 28.97 -62.45
N LEU H 400 -27.68 27.96 -61.83
CA LEU H 400 -29.12 28.02 -61.59
C LEU H 400 -29.49 29.19 -60.70
N GLN H 401 -28.67 29.47 -59.68
CA GLN H 401 -28.91 30.62 -58.82
C GLN H 401 -28.85 31.92 -59.62
N ALA H 402 -27.86 32.06 -60.50
CA ALA H 402 -27.79 33.23 -61.35
C ALA H 402 -28.99 33.33 -62.29
N ILE H 403 -29.47 32.21 -62.81
CA ILE H 403 -30.65 32.23 -63.67
C ILE H 403 -31.86 32.74 -62.91
N ARG H 404 -32.10 32.21 -61.71
CA ARG H 404 -33.28 32.62 -60.95
C ARG H 404 -33.16 34.05 -60.44
N LYS H 405 -31.94 34.55 -60.21
CA LYS H 405 -31.77 35.93 -59.75
C LYS H 405 -32.28 36.94 -60.76
N LYS H 406 -32.39 36.57 -62.04
CA LYS H 406 -33.00 37.45 -63.02
C LYS H 406 -34.39 37.00 -63.47
N MET H 407 -34.71 35.71 -63.38
CA MET H 407 -36.07 35.25 -63.68
C MET H 407 -37.09 35.67 -62.62
N ASP H 408 -36.66 36.09 -61.44
CA ASP H 408 -37.61 36.50 -60.42
C ASP H 408 -38.21 37.88 -60.70
N LEU H 409 -37.47 38.76 -61.37
CA LEU H 409 -37.98 40.09 -61.68
C LEU H 409 -38.25 40.31 -63.16
N ILE H 410 -37.55 39.61 -64.06
CA ILE H 410 -37.76 39.82 -65.49
C ILE H 410 -39.11 39.29 -65.93
N ASP H 411 -39.44 38.05 -65.52
CA ASP H 411 -40.73 37.42 -65.81
C ASP H 411 -40.99 37.37 -67.32
N LEU H 412 -40.13 36.64 -68.01
CA LEU H 412 -40.23 36.45 -69.46
C LEU H 412 -40.78 35.04 -69.70
N GLU H 413 -42.09 34.94 -69.91
CA GLU H 413 -42.76 33.67 -70.15
C GLU H 413 -42.86 33.46 -71.66
N ASP H 414 -41.97 32.62 -72.20
CA ASP H 414 -41.98 32.33 -73.63
C ASP H 414 -41.37 30.95 -73.83
N GLU H 415 -41.68 30.36 -74.98
CA GLU H 415 -41.19 29.02 -75.32
C GLU H 415 -39.70 29.07 -75.61
N THR H 416 -39.30 29.82 -76.65
CA THR H 416 -37.90 29.94 -77.00
C THR H 416 -37.30 31.19 -76.35
N ILE H 417 -36.01 31.10 -76.05
CA ILE H 417 -35.30 32.19 -75.41
C ILE H 417 -34.38 32.86 -76.43
N ASP H 418 -34.20 34.16 -76.27
CA ASP H 418 -33.38 34.95 -77.19
C ASP H 418 -31.95 35.03 -76.68
N ALA H 419 -31.01 35.22 -77.62
CA ALA H 419 -29.60 35.32 -77.28
C ALA H 419 -29.21 36.73 -76.84
N GLU H 420 -30.10 37.71 -76.96
CA GLU H 420 -29.79 39.07 -76.53
C GLU H 420 -29.63 39.20 -75.02
N VAL H 421 -30.19 38.26 -74.25
CA VAL H 421 -30.03 38.25 -72.81
C VAL H 421 -29.09 37.14 -72.33
N MET H 422 -28.89 36.09 -73.13
CA MET H 422 -27.94 35.04 -72.76
C MET H 422 -26.52 35.56 -72.62
N ASN H 423 -26.08 36.41 -73.55
CA ASN H 423 -24.72 36.94 -73.49
C ASN H 423 -24.54 37.91 -72.34
N SER H 424 -25.56 38.69 -72.01
CA SER H 424 -25.44 39.66 -70.93
C SER H 424 -25.31 39.03 -69.56
N LEU H 425 -25.77 37.78 -69.39
CA LEU H 425 -25.69 37.11 -68.10
C LEU H 425 -24.25 36.74 -67.78
N ALA H 426 -23.87 36.94 -66.52
CA ALA H 426 -22.55 36.54 -66.03
C ALA H 426 -22.62 36.32 -64.53
N VAL H 427 -21.96 35.25 -64.07
CA VAL H 427 -21.97 34.93 -62.64
C VAL H 427 -21.07 35.92 -61.89
N THR H 428 -21.43 36.20 -60.64
CA THR H 428 -20.76 37.22 -59.85
C THR H 428 -20.06 36.61 -58.64
N MET H 429 -19.54 37.48 -57.78
CA MET H 429 -18.84 37.04 -56.58
C MET H 429 -19.78 36.30 -55.64
N ASP H 430 -20.93 36.91 -55.32
CA ASP H 430 -21.83 36.35 -54.34
C ASP H 430 -22.36 34.97 -54.73
N ASP H 431 -22.40 34.67 -56.02
CA ASP H 431 -22.87 33.35 -56.44
C ASP H 431 -21.93 32.25 -55.99
N PHE H 432 -20.63 32.39 -56.26
CA PHE H 432 -19.68 31.38 -55.81
C PHE H 432 -19.55 31.39 -54.29
N ARG H 433 -19.77 32.54 -53.65
CA ARG H 433 -19.77 32.55 -52.19
C ARG H 433 -20.93 31.75 -51.62
N TRP H 434 -22.14 31.98 -52.14
CA TRP H 434 -23.33 31.30 -51.65
C TRP H 434 -23.37 29.84 -52.05
N ALA H 435 -22.67 29.48 -53.13
CA ALA H 435 -22.65 28.09 -53.56
C ALA H 435 -21.99 27.18 -52.53
N LEU H 436 -20.86 27.60 -51.97
CA LEU H 436 -20.14 26.78 -51.02
C LEU H 436 -20.75 26.80 -49.63
N SER H 437 -21.50 27.84 -49.28
CA SER H 437 -22.15 27.94 -47.98
C SER H 437 -23.38 27.05 -47.89
N GLN H 438 -23.76 26.40 -48.98
CA GLN H 438 -24.89 25.47 -48.98
C GLN H 438 -24.39 24.08 -48.59
N SER H 439 -25.20 23.04 -48.78
CA SER H 439 -24.86 21.71 -48.31
C SER H 439 -24.12 20.86 -49.33
N ASN H 440 -23.83 21.37 -50.52
CA ASN H 440 -23.12 20.56 -51.51
C ASN H 440 -21.67 20.21 -51.18
N PRO H 441 -20.92 20.96 -50.34
CA PRO H 441 -19.57 20.49 -49.98
C PRO H 441 -19.60 19.29 -49.04
N SER H 442 -20.77 18.93 -48.51
CA SER H 442 -20.86 17.83 -47.56
C SER H 442 -20.59 16.52 -48.28
N ALA H 443 -19.37 16.02 -48.15
CA ALA H 443 -18.97 14.80 -48.83
C ALA H 443 -18.08 13.97 -47.91
N LEU H 444 -17.39 12.98 -48.47
CA LEU H 444 -16.56 12.06 -47.70
C LEU H 444 -15.12 12.54 -47.77
N ARG H 445 -14.45 12.49 -46.62
CA ARG H 445 -13.06 12.94 -46.50
C ARG H 445 -12.16 11.76 -46.18
N GLU H 446 -11.07 11.64 -46.95
CA GLU H 446 -10.05 10.62 -46.71
C GLU H 446 -8.67 11.17 -47.00
N THR H 447 -7.68 10.27 -47.11
CA THR H 447 -6.30 10.66 -47.36
C THR H 447 -6.22 11.40 -48.69
N VAL H 448 -5.81 12.67 -48.63
CA VAL H 448 -5.69 13.52 -49.81
C VAL H 448 -4.21 13.62 -50.17
N VAL H 449 -3.92 13.67 -51.46
CA VAL H 449 -2.55 13.71 -51.95
C VAL H 449 -2.30 15.12 -52.50
N GLU H 450 -1.54 15.92 -51.75
CA GLU H 450 -1.23 17.28 -52.13
C GLU H 450 0.27 17.50 -52.09
N VAL H 451 0.70 18.60 -52.71
CA VAL H 451 2.11 18.99 -52.76
C VAL H 451 2.29 20.21 -51.89
N PRO H 452 3.26 20.23 -50.97
CA PRO H 452 3.46 21.39 -50.10
C PRO H 452 3.99 22.59 -50.87
N GLN H 453 3.87 23.76 -50.26
CA GLN H 453 4.31 25.00 -50.87
C GLN H 453 5.19 25.82 -49.92
N VAL H 454 5.95 25.14 -49.06
CA VAL H 454 6.83 25.79 -48.11
C VAL H 454 8.26 25.36 -48.40
N THR H 455 9.14 26.34 -48.57
CA THR H 455 10.54 26.09 -48.93
C THR H 455 11.48 26.73 -47.92
N TRP H 456 12.77 26.75 -48.23
CA TRP H 456 13.75 27.20 -47.24
C TRP H 456 13.59 28.67 -46.90
N GLU H 457 13.42 29.53 -47.91
CA GLU H 457 13.25 30.95 -47.61
C GLU H 457 11.94 31.23 -46.90
N ASP H 458 10.93 30.37 -47.11
CA ASP H 458 9.62 30.58 -46.49
C ASP H 458 9.69 30.44 -44.97
N ILE H 459 10.64 29.65 -44.47
CA ILE H 459 10.81 29.51 -43.02
C ILE H 459 12.17 30.10 -42.63
N GLY H 460 12.46 30.10 -41.34
CA GLY H 460 13.72 30.65 -40.88
C GLY H 460 14.18 29.92 -39.63
N GLY H 461 15.43 30.19 -39.26
CA GLY H 461 16.00 29.60 -38.07
C GLY H 461 16.20 28.11 -38.22
N LEU H 462 16.56 27.48 -37.10
CA LEU H 462 16.77 26.04 -37.01
C LEU H 462 17.79 25.58 -38.06
N GLU H 463 18.89 26.34 -38.16
CA GLU H 463 19.99 25.97 -39.05
C GLU H 463 20.64 24.65 -38.64
N ASP H 464 20.47 24.23 -37.38
CA ASP H 464 21.08 22.99 -36.92
C ASP H 464 20.32 21.76 -37.36
N VAL H 465 19.04 21.88 -37.71
CA VAL H 465 18.25 20.76 -38.20
C VAL H 465 17.89 20.89 -39.67
N LYS H 466 17.87 22.11 -40.22
CA LYS H 466 17.81 22.25 -41.67
C LYS H 466 19.04 21.66 -42.32
N ARG H 467 20.21 21.85 -41.69
CA ARG H 467 21.46 21.36 -42.22
C ARG H 467 21.46 19.84 -42.27
N GLU H 468 20.71 19.20 -41.37
CA GLU H 468 20.73 17.76 -41.17
C GLU H 468 19.62 17.02 -41.90
N LEU H 469 18.41 17.59 -41.96
CA LEU H 469 17.33 16.92 -42.67
C LEU H 469 17.67 16.72 -44.14
N GLN H 470 18.30 17.73 -44.76
CA GLN H 470 18.72 17.59 -46.13
C GLN H 470 19.71 16.46 -46.31
N GLU H 471 20.65 16.28 -45.37
CA GLU H 471 21.66 15.23 -45.46
C GLU H 471 21.06 13.84 -45.56
N LEU H 472 19.83 13.64 -45.06
CA LEU H 472 19.22 12.32 -45.09
C LEU H 472 17.97 12.24 -45.95
N VAL H 473 17.50 13.35 -46.53
CA VAL H 473 16.40 13.32 -47.48
C VAL H 473 16.83 13.79 -48.87
N GLN H 474 17.37 15.00 -48.96
CA GLN H 474 17.53 15.65 -50.26
C GLN H 474 18.53 14.92 -51.14
N TYR H 475 19.73 14.63 -50.61
CA TYR H 475 20.76 14.02 -51.45
C TYR H 475 20.38 12.64 -51.94
N PRO H 476 19.89 11.70 -51.11
CA PRO H 476 19.48 10.41 -51.67
C PRO H 476 18.08 10.48 -52.28
N VAL H 477 17.78 11.59 -52.93
CA VAL H 477 16.62 11.72 -53.81
C VAL H 477 17.11 12.34 -55.12
N GLU H 478 17.81 13.47 -54.99
CA GLU H 478 18.28 14.24 -56.14
C GLU H 478 19.63 13.79 -56.66
N HIS H 479 20.29 12.82 -56.01
CA HIS H 479 21.60 12.33 -56.42
C HIS H 479 21.52 10.81 -56.57
N PRO H 480 20.93 10.32 -57.66
CA PRO H 480 20.85 8.86 -57.85
C PRO H 480 22.22 8.20 -57.98
N ASP H 481 23.23 8.92 -58.47
CA ASP H 481 24.55 8.31 -58.66
C ASP H 481 25.23 7.96 -57.35
N LYS H 482 24.89 8.65 -56.26
CA LYS H 482 25.52 8.39 -54.98
C LYS H 482 24.79 7.26 -54.25
N PHE H 483 25.28 6.95 -53.05
CA PHE H 483 24.65 6.02 -52.11
C PHE H 483 24.72 4.57 -52.58
N LEU H 484 25.43 4.29 -53.67
CA LEU H 484 25.74 2.90 -53.99
C LEU H 484 27.20 2.71 -54.35
N LYS H 485 27.89 3.77 -54.80
CA LYS H 485 29.33 3.68 -55.00
C LYS H 485 30.04 3.46 -53.67
N PHE H 486 29.59 4.15 -52.62
CA PHE H 486 30.14 3.99 -51.28
C PHE H 486 29.48 2.85 -50.52
N GLY H 487 28.59 2.11 -51.15
CA GLY H 487 27.94 1.00 -50.47
C GLY H 487 26.74 1.49 -49.70
N MET H 488 26.69 1.09 -48.42
CA MET H 488 25.68 1.54 -47.44
C MET H 488 24.26 1.46 -47.98
N THR H 489 23.34 2.22 -47.39
CA THR H 489 21.93 2.19 -47.80
C THR H 489 21.20 3.35 -47.15
N PRO H 490 20.30 4.03 -47.86
CA PRO H 490 19.57 5.14 -47.25
C PRO H 490 18.55 4.64 -46.23
N SER H 491 18.10 5.56 -45.39
CA SER H 491 17.14 5.25 -44.35
C SER H 491 15.72 5.30 -44.92
N LYS H 492 14.73 4.92 -44.11
CA LYS H 492 13.34 5.02 -44.52
C LYS H 492 12.54 5.86 -43.52
N GLY H 493 12.92 5.81 -42.25
CA GLY H 493 12.10 6.36 -41.19
C GLY H 493 12.80 7.41 -40.36
N VAL H 494 12.05 8.45 -40.01
CA VAL H 494 12.51 9.51 -39.12
C VAL H 494 11.42 9.77 -38.08
N LEU H 495 11.81 9.80 -36.82
CA LEU H 495 10.88 10.04 -35.72
C LEU H 495 11.12 11.44 -35.17
N PHE H 496 10.07 12.27 -35.15
CA PHE H 496 10.16 13.62 -34.62
C PHE H 496 9.56 13.67 -33.22
N TYR H 497 10.23 14.39 -32.34
CA TYR H 497 9.91 14.41 -30.93
C TYR H 497 10.30 15.76 -30.33
N GLY H 498 9.65 16.12 -29.24
CA GLY H 498 9.93 17.38 -28.60
C GLY H 498 8.67 18.01 -28.01
N PRO H 499 8.76 19.29 -27.66
CA PRO H 499 7.61 19.97 -27.07
C PRO H 499 6.46 20.04 -28.04
N PRO H 500 5.22 19.91 -27.57
CA PRO H 500 4.07 20.04 -28.46
C PRO H 500 3.95 21.46 -28.99
N GLY H 501 3.41 21.58 -30.20
CA GLY H 501 3.24 22.87 -30.83
C GLY H 501 4.47 23.44 -31.49
N CYS H 502 5.49 22.62 -31.76
CA CYS H 502 6.72 23.10 -32.38
C CYS H 502 6.62 23.13 -33.90
N GLY H 503 5.49 22.73 -34.48
CA GLY H 503 5.33 22.76 -35.92
C GLY H 503 5.98 21.61 -36.65
N LYS H 504 5.91 20.41 -36.07
CA LYS H 504 6.53 19.25 -36.68
C LYS H 504 5.89 18.88 -38.03
N THR H 505 4.57 19.00 -38.14
CA THR H 505 3.92 18.70 -39.42
C THR H 505 4.43 19.63 -40.52
N LEU H 506 4.51 20.93 -40.22
CA LEU H 506 5.03 21.88 -41.20
C LEU H 506 6.50 21.65 -41.50
N LEU H 507 7.29 21.30 -40.49
CA LEU H 507 8.70 21.00 -40.73
C LEU H 507 8.85 19.80 -41.65
N ALA H 508 7.99 18.78 -41.48
CA ALA H 508 8.01 17.63 -42.37
C ALA H 508 7.55 17.97 -43.78
N LYS H 509 6.57 18.87 -43.92
CA LYS H 509 6.13 19.29 -45.24
C LYS H 509 7.20 20.10 -45.96
N ALA H 510 7.96 20.90 -45.22
CA ALA H 510 8.95 21.80 -45.83
C ALA H 510 10.02 21.04 -46.60
N ILE H 511 10.36 19.83 -46.18
CA ILE H 511 11.39 19.05 -46.88
C ILE H 511 10.80 18.23 -48.02
N ALA H 512 9.53 17.86 -47.95
CA ALA H 512 8.91 17.01 -48.96
C ALA H 512 8.65 17.72 -50.28
N ASN H 513 8.41 19.04 -50.26
CA ASN H 513 8.11 19.73 -51.50
C ASN H 513 9.34 20.04 -52.33
N GLU H 514 10.51 20.18 -51.69
CA GLU H 514 11.74 20.50 -52.41
C GLU H 514 12.39 19.28 -53.06
N CYS H 515 11.94 18.07 -52.76
CA CYS H 515 12.45 16.87 -53.40
C CYS H 515 11.54 16.37 -54.51
N GLN H 516 10.58 17.20 -54.94
CA GLN H 516 9.63 16.86 -56.00
C GLN H 516 8.89 15.56 -55.67
N ALA H 517 8.23 15.59 -54.51
CA ALA H 517 7.45 14.46 -54.04
C ALA H 517 6.12 14.97 -53.50
N ASN H 518 5.12 14.10 -53.53
CA ASN H 518 3.82 14.42 -52.98
C ASN H 518 3.85 14.23 -51.47
N PHE H 519 2.73 14.49 -50.81
CA PHE H 519 2.66 14.43 -49.36
C PHE H 519 1.28 13.97 -48.95
N ILE H 520 1.21 13.02 -48.03
CA ILE H 520 -0.04 12.59 -47.42
C ILE H 520 0.10 12.79 -45.91
N SER H 521 -0.88 13.46 -45.33
CA SER H 521 -0.85 13.77 -43.90
C SER H 521 -1.73 12.79 -43.15
N ILE H 522 -1.15 12.08 -42.19
CA ILE H 522 -1.89 11.13 -41.36
C ILE H 522 -1.78 11.63 -39.93
N LYS H 523 -2.81 12.31 -39.46
CA LYS H 523 -2.84 12.77 -38.09
C LYS H 523 -3.31 11.65 -37.18
N GLY H 524 -3.06 11.81 -35.89
CA GLY H 524 -3.30 10.78 -34.91
C GLY H 524 -4.72 10.24 -34.83
N PRO H 525 -5.68 11.08 -34.42
CA PRO H 525 -7.02 10.56 -34.12
C PRO H 525 -7.74 9.94 -35.31
N GLU H 526 -7.38 10.28 -36.55
CA GLU H 526 -8.09 9.69 -37.68
C GLU H 526 -7.71 8.24 -37.88
N LEU H 527 -6.46 7.87 -37.56
CA LEU H 527 -6.10 6.46 -37.58
C LEU H 527 -6.64 5.70 -36.37
N LEU H 528 -7.17 6.42 -35.38
CA LEU H 528 -7.82 5.78 -34.24
C LEU H 528 -9.31 5.59 -34.44
N THR H 529 -9.97 6.54 -35.11
CA THR H 529 -11.40 6.42 -35.38
C THR H 529 -11.68 5.37 -36.45
N MET H 530 -10.69 5.04 -37.28
CA MET H 530 -10.81 3.99 -38.28
C MET H 530 -10.42 2.62 -37.73
N TRP H 531 -10.12 2.55 -36.43
CA TRP H 531 -9.73 1.29 -35.81
C TRP H 531 -10.93 0.44 -35.40
N PHE H 532 -11.99 1.06 -34.90
CA PHE H 532 -13.17 0.36 -34.38
C PHE H 532 -12.69 -0.59 -33.27
N GLY H 533 -13.29 -1.76 -33.13
CA GLY H 533 -12.86 -2.72 -32.15
C GLY H 533 -12.73 -4.12 -32.71
N GLU H 534 -11.50 -4.66 -32.65
CA GLU H 534 -11.19 -6.03 -33.07
C GLU H 534 -11.42 -6.24 -34.57
N SER H 535 -11.58 -5.17 -35.33
CA SER H 535 -11.75 -5.29 -36.78
C SER H 535 -11.42 -3.97 -37.43
N GLU H 536 -10.28 -3.92 -38.14
CA GLU H 536 -9.96 -2.75 -38.96
C GLU H 536 -9.83 -3.12 -40.44
N ALA H 537 -8.97 -4.08 -40.75
CA ALA H 537 -8.79 -4.62 -42.10
C ALA H 537 -8.56 -3.52 -43.15
N ASN H 538 -8.00 -2.39 -42.71
CA ASN H 538 -7.77 -1.28 -43.63
C ASN H 538 -6.41 -0.63 -43.39
N VAL H 539 -5.36 -1.44 -43.33
CA VAL H 539 -4.00 -0.92 -43.19
C VAL H 539 -3.20 -1.13 -44.46
N ARG H 540 -3.33 -2.30 -45.08
CA ARG H 540 -2.47 -2.65 -46.21
C ARG H 540 -2.67 -1.69 -47.38
N GLU H 541 -3.85 -1.11 -47.52
CA GLU H 541 -4.13 -0.25 -48.67
C GLU H 541 -3.73 1.21 -48.46
N ILE H 542 -3.38 1.61 -47.23
CA ILE H 542 -2.99 3.00 -47.01
C ILE H 542 -1.53 3.25 -47.30
N PHE H 543 -0.75 2.20 -47.57
CA PHE H 543 0.65 2.34 -47.91
C PHE H 543 0.91 2.29 -49.41
N ASP H 544 0.03 1.65 -50.18
CA ASP H 544 0.24 1.54 -51.61
C ASP H 544 0.04 2.86 -52.32
N LYS H 545 -0.81 3.74 -51.78
CA LYS H 545 -1.02 5.04 -52.40
C LYS H 545 0.25 5.87 -52.39
N ALA H 546 1.07 5.74 -51.35
CA ALA H 546 2.37 6.38 -51.30
C ALA H 546 3.39 5.69 -52.20
N ARG H 547 3.12 4.47 -52.65
CA ARG H 547 4.01 3.74 -53.55
C ARG H 547 3.74 4.03 -55.01
N GLN H 548 2.46 4.07 -55.42
CA GLN H 548 2.16 4.42 -56.80
C GLN H 548 2.49 5.88 -57.09
N ALA H 549 2.38 6.75 -56.09
CA ALA H 549 2.67 8.17 -56.26
C ALA H 549 4.13 8.48 -55.93
N ALA H 550 5.04 7.76 -56.54
CA ALA H 550 6.46 8.00 -56.32
C ALA H 550 6.94 9.20 -57.14
N PRO H 551 7.80 10.06 -56.57
CA PRO H 551 8.24 10.00 -55.17
C PRO H 551 7.18 10.51 -54.21
N CYS H 552 7.20 10.02 -52.97
CA CYS H 552 6.24 10.45 -51.97
C CYS H 552 6.90 10.40 -50.60
N VAL H 553 6.49 11.32 -49.73
CA VAL H 553 6.99 11.40 -48.37
C VAL H 553 5.78 11.20 -47.44
N LEU H 554 5.80 10.11 -46.68
CA LEU H 554 4.70 9.81 -45.78
C LEU H 554 4.99 10.38 -44.39
N PHE H 555 3.93 10.84 -43.73
CA PHE H 555 4.05 11.48 -42.43
C PHE H 555 3.02 10.92 -41.47
N PHE H 556 3.45 10.55 -40.27
CA PHE H 556 2.57 10.12 -39.18
C PHE H 556 2.59 11.22 -38.14
N ASP H 557 1.52 12.02 -38.11
CA ASP H 557 1.42 13.12 -37.16
C ASP H 557 0.87 12.59 -35.86
N GLU H 558 1.62 12.79 -34.78
CA GLU H 558 1.15 12.43 -33.46
C GLU H 558 0.83 10.94 -33.44
N LEU H 559 1.86 10.14 -33.72
CA LEU H 559 1.81 8.70 -33.52
C LEU H 559 1.49 8.30 -32.08
N ASP H 560 1.63 9.23 -31.13
CA ASP H 560 1.46 8.91 -29.71
C ASP H 560 0.00 8.59 -29.35
N SER H 561 -0.94 8.89 -30.24
CA SER H 561 -2.35 8.54 -30.10
C SER H 561 -2.59 7.06 -29.92
N ILE H 562 -1.86 6.18 -30.62
CA ILE H 562 -2.06 4.75 -30.44
C ILE H 562 -1.67 4.34 -29.02
N ALA H 563 -0.56 4.85 -28.51
CA ALA H 563 -0.19 4.57 -27.13
C ALA H 563 -1.20 5.14 -26.15
N LYS H 564 -1.84 6.27 -26.49
CA LYS H 564 -2.90 6.82 -25.64
C LYS H 564 -3.97 5.78 -25.35
N ALA H 565 -4.45 5.08 -26.37
CA ALA H 565 -5.55 4.13 -26.19
C ALA H 565 -5.12 2.89 -25.43
N ARG H 566 -3.94 2.35 -25.69
CA ARG H 566 -3.48 1.15 -24.99
C ARG H 566 -3.17 1.44 -23.53
N GLY H 567 -2.35 2.45 -23.26
CA GLY H 567 -2.06 2.84 -21.90
C GLY H 567 -1.31 4.15 -21.84
N GLY H 568 -1.80 5.09 -21.04
CA GLY H 568 -1.20 6.40 -20.92
C GLY H 568 -0.94 6.77 -19.47
N ASN H 569 -0.16 7.85 -19.31
CA ASN H 569 0.20 8.35 -17.99
C ASN H 569 0.86 7.26 -17.16
N ILE H 570 0.06 6.52 -16.38
CA ILE H 570 0.59 5.43 -15.59
C ILE H 570 0.94 4.24 -16.48
N GLY H 571 0.01 3.84 -17.34
CA GLY H 571 0.21 2.71 -18.22
C GLY H 571 -0.30 1.40 -17.63
N ASP H 572 -0.29 0.37 -18.47
CA ASP H 572 -0.74 -0.95 -18.07
C ASP H 572 0.41 -1.69 -17.38
N GLY H 573 0.18 -2.98 -17.07
CA GLY H 573 1.22 -3.77 -16.43
C GLY H 573 2.35 -4.17 -17.35
N GLY H 574 2.11 -4.18 -18.66
CA GLY H 574 3.13 -4.54 -19.63
C GLY H 574 3.43 -3.43 -20.60
N GLY H 575 3.97 -3.81 -21.77
CA GLY H 575 4.29 -2.83 -22.78
C GLY H 575 3.05 -2.28 -23.47
N ALA H 576 3.24 -1.13 -24.11
CA ALA H 576 2.15 -0.44 -24.80
C ALA H 576 2.16 -0.83 -26.28
N ALA H 577 2.08 -2.13 -26.53
CA ALA H 577 2.08 -2.68 -27.87
C ALA H 577 0.65 -2.90 -28.33
N ASP H 578 0.48 -3.03 -29.65
CA ASP H 578 -0.85 -3.19 -30.21
C ASP H 578 -0.79 -3.96 -31.53
N ARG H 579 -1.92 -4.59 -31.85
CA ARG H 579 -2.07 -5.31 -33.11
C ARG H 579 -2.14 -4.37 -34.30
N VAL H 580 -2.28 -3.06 -34.06
CA VAL H 580 -2.18 -2.09 -35.14
C VAL H 580 -0.77 -1.55 -35.27
N ILE H 581 0.06 -1.70 -34.24
CA ILE H 581 1.45 -1.27 -34.33
C ILE H 581 2.32 -2.37 -34.91
N ASN H 582 2.12 -3.61 -34.48
CA ASN H 582 2.93 -4.69 -35.01
C ASN H 582 2.70 -4.89 -36.50
N GLN H 583 1.46 -4.77 -36.96
CA GLN H 583 1.15 -4.97 -38.37
C GLN H 583 1.73 -3.89 -39.27
N ILE H 584 1.90 -2.67 -38.78
CA ILE H 584 2.52 -1.62 -39.59
C ILE H 584 4.04 -1.71 -39.53
N LEU H 585 4.60 -2.08 -38.37
CA LEU H 585 6.06 -2.21 -38.29
C LEU H 585 6.54 -3.42 -39.07
N THR H 586 5.70 -4.45 -39.21
CA THR H 586 6.05 -5.57 -40.08
C THR H 586 5.87 -5.20 -41.54
N GLU H 587 4.84 -4.40 -41.86
CA GLU H 587 4.61 -4.01 -43.24
C GLU H 587 5.72 -3.13 -43.78
N MET H 588 6.28 -2.25 -42.95
CA MET H 588 7.30 -1.33 -43.45
C MET H 588 8.65 -2.03 -43.66
N ASP H 589 8.78 -3.29 -43.25
CA ASP H 589 10.02 -4.03 -43.45
C ASP H 589 10.03 -4.85 -44.74
N GLY H 590 8.87 -5.03 -45.40
CA GLY H 590 8.84 -5.82 -46.62
C GLY H 590 9.35 -5.08 -47.83
N MET H 591 9.35 -3.76 -47.76
CA MET H 591 9.76 -2.93 -48.88
C MET H 591 11.27 -3.00 -49.09
N SER H 592 11.66 -2.90 -50.36
CA SER H 592 13.07 -2.90 -50.73
C SER H 592 13.68 -1.55 -50.42
N THR H 593 15.00 -1.54 -50.21
CA THR H 593 15.66 -0.30 -49.84
C THR H 593 15.74 0.70 -50.99
N LYS H 594 15.52 0.26 -52.22
CA LYS H 594 15.70 1.12 -53.38
C LYS H 594 14.44 1.91 -53.73
N LYS H 595 13.30 1.61 -53.09
CA LYS H 595 12.13 2.44 -53.25
C LYS H 595 12.38 3.82 -52.63
N ASN H 596 11.71 4.83 -53.17
CA ASN H 596 11.88 6.21 -52.74
C ASN H 596 10.83 6.64 -51.72
N VAL H 597 10.04 5.70 -51.21
CA VAL H 597 9.04 6.01 -50.19
C VAL H 597 9.75 6.33 -48.88
N PHE H 598 9.34 7.41 -48.23
CA PHE H 598 9.93 7.86 -46.99
C PHE H 598 8.82 8.06 -45.96
N ILE H 599 8.92 7.35 -44.84
CA ILE H 599 7.95 7.44 -43.76
C ILE H 599 8.55 8.27 -42.64
N ILE H 600 7.77 9.19 -42.10
CA ILE H 600 8.21 10.09 -41.04
C ILE H 600 7.21 10.02 -39.89
N GLY H 601 7.71 9.76 -38.68
CA GLY H 601 6.88 9.72 -37.50
C GLY H 601 7.04 10.95 -36.64
N ALA H 602 6.00 11.26 -35.88
CA ALA H 602 6.03 12.41 -34.99
C ALA H 602 5.34 12.04 -33.68
N THR H 603 5.92 12.49 -32.58
CA THR H 603 5.38 12.22 -31.26
C THR H 603 5.72 13.39 -30.35
N ASN H 604 5.18 13.35 -29.13
CA ASN H 604 5.41 14.42 -28.16
C ASN H 604 5.88 13.88 -26.82
N ARG H 605 5.77 12.57 -26.58
CA ARG H 605 6.18 11.96 -25.32
C ARG H 605 7.01 10.71 -25.61
N PRO H 606 8.26 10.89 -26.07
CA PRO H 606 9.05 9.75 -26.56
C PRO H 606 9.70 8.94 -25.44
N ASP H 607 8.86 8.43 -24.54
CA ASP H 607 9.36 7.56 -23.47
C ASP H 607 8.44 6.35 -23.28
N ILE H 608 7.26 6.40 -23.91
CA ILE H 608 6.27 5.33 -23.78
C ILE H 608 6.07 4.54 -25.06
N ILE H 609 6.68 4.97 -26.17
CA ILE H 609 6.57 4.22 -27.42
C ILE H 609 7.47 3.00 -27.36
N ASP H 610 7.01 1.90 -27.94
CA ASP H 610 7.78 0.67 -27.92
C ASP H 610 9.08 0.85 -28.69
N PRO H 611 10.19 0.24 -28.24
CA PRO H 611 11.42 0.29 -29.03
C PRO H 611 11.35 -0.64 -30.23
N ALA H 612 10.24 -1.37 -30.36
CA ALA H 612 10.07 -2.28 -31.48
C ALA H 612 10.12 -1.56 -32.81
N ILE H 613 9.46 -0.40 -32.92
CA ILE H 613 9.59 0.39 -34.13
C ILE H 613 10.87 1.21 -34.13
N LEU H 614 11.48 1.42 -32.96
CA LEU H 614 12.77 2.09 -32.85
C LEU H 614 13.94 1.16 -33.10
N ARG H 615 13.67 -0.03 -33.66
CA ARG H 615 14.75 -0.98 -33.93
C ARG H 615 15.69 -0.42 -35.00
N PRO H 616 16.97 -0.81 -34.97
CA PRO H 616 17.92 -0.30 -35.97
C PRO H 616 17.66 -0.86 -37.36
N GLY H 617 16.79 -0.19 -38.11
CA GLY H 617 16.40 -0.67 -39.42
C GLY H 617 14.98 -0.26 -39.79
N ARG H 618 14.23 0.26 -38.81
CA ARG H 618 12.95 0.89 -39.09
C ARG H 618 12.98 2.38 -38.75
N LEU H 619 13.33 2.74 -37.52
CA LEU H 619 13.48 4.15 -37.12
C LEU H 619 14.89 4.31 -36.55
N ASP H 620 15.85 4.58 -37.45
CA ASP H 620 17.25 4.66 -37.06
C ASP H 620 17.61 6.05 -36.56
N GLN H 621 17.40 7.06 -37.40
CA GLN H 621 17.77 8.42 -37.04
C GLN H 621 16.69 9.04 -36.16
N LEU H 622 17.14 9.66 -35.06
CA LEU H 622 16.27 10.38 -34.14
C LEU H 622 16.61 11.86 -34.21
N ILE H 623 15.61 12.69 -34.48
CA ILE H 623 15.81 14.12 -34.70
C ILE H 623 14.95 14.88 -33.69
N TYR H 624 15.56 15.85 -33.01
CA TYR H 624 14.89 16.62 -31.98
C TYR H 624 14.50 17.98 -32.53
N ILE H 625 13.29 18.42 -32.20
CA ILE H 625 12.82 19.74 -32.62
C ILE H 625 12.86 20.66 -31.40
N PRO H 626 13.81 21.59 -31.34
CA PRO H 626 13.87 22.48 -30.17
C PRO H 626 12.89 23.63 -30.29
N LEU H 627 12.92 24.53 -29.31
CA LEU H 627 12.06 25.69 -29.36
C LEU H 627 12.50 26.62 -30.48
N PRO H 628 11.56 27.32 -31.12
CA PRO H 628 11.92 28.24 -32.20
C PRO H 628 12.83 29.35 -31.71
N ASP H 629 13.82 29.71 -32.54
CA ASP H 629 14.78 30.74 -32.21
C ASP H 629 14.29 32.09 -32.77
N GLU H 630 15.16 33.10 -32.75
CA GLU H 630 14.79 34.43 -33.21
C GLU H 630 14.41 34.43 -34.68
N LYS H 631 15.22 33.77 -35.53
CA LYS H 631 14.97 33.82 -36.96
C LYS H 631 13.65 33.17 -37.35
N SER H 632 13.23 32.15 -36.61
CA SER H 632 11.95 31.52 -36.86
C SER H 632 10.80 32.28 -36.22
N ARG H 633 11.04 32.89 -35.06
CA ARG H 633 10.01 33.68 -34.41
C ARG H 633 9.60 34.88 -35.26
N VAL H 634 10.57 35.56 -35.88
CA VAL H 634 10.21 36.67 -36.75
C VAL H 634 9.49 36.17 -37.99
N ALA H 635 9.86 34.99 -38.50
CA ALA H 635 9.25 34.45 -39.71
C ALA H 635 7.80 34.04 -39.50
N ILE H 636 7.48 33.41 -38.36
CA ILE H 636 6.10 32.98 -38.12
C ILE H 636 5.16 34.18 -38.11
N LEU H 637 5.60 35.29 -37.52
CA LEU H 637 4.77 36.50 -37.51
C LEU H 637 4.59 37.09 -38.90
N LYS H 638 5.62 37.08 -39.75
CA LYS H 638 5.48 37.55 -41.11
C LYS H 638 4.68 36.59 -41.97
N ALA H 639 4.40 35.39 -41.48
CA ALA H 639 3.67 34.39 -42.23
C ALA H 639 2.21 34.27 -41.84
N ASN H 640 1.88 34.42 -40.56
CA ASN H 640 0.50 34.18 -40.14
C ASN H 640 -0.40 35.39 -40.35
N LEU H 641 0.14 36.51 -40.81
CA LEU H 641 -0.64 37.70 -41.12
C LEU H 641 -0.43 38.16 -42.56
N ARG H 642 -0.04 37.24 -43.43
CA ARG H 642 0.30 37.60 -44.81
C ARG H 642 -0.88 38.20 -45.59
N LYS H 643 -2.11 37.95 -45.14
CA LYS H 643 -3.29 38.44 -45.84
C LYS H 643 -4.02 39.52 -45.04
N SER H 644 -3.30 40.25 -44.19
CA SER H 644 -3.90 41.31 -43.39
C SER H 644 -3.23 42.64 -43.69
N PRO H 645 -3.99 43.73 -43.74
CA PRO H 645 -3.38 45.05 -44.01
C PRO H 645 -2.74 45.64 -42.75
N VAL H 646 -1.62 45.06 -42.35
CA VAL H 646 -0.90 45.52 -41.17
C VAL H 646 -0.10 46.77 -41.52
N ALA H 647 -0.25 47.81 -40.71
CA ALA H 647 0.45 49.06 -40.95
C ALA H 647 1.95 48.90 -40.67
N LYS H 648 2.72 49.84 -41.20
CA LYS H 648 4.17 49.82 -41.05
C LYS H 648 4.65 50.41 -39.72
N ASP H 649 3.74 50.92 -38.90
CA ASP H 649 4.13 51.50 -37.62
C ASP H 649 4.68 50.43 -36.67
N VAL H 650 4.24 49.19 -36.82
CA VAL H 650 4.70 48.11 -35.96
C VAL H 650 6.06 47.62 -36.43
N ASP H 651 6.75 46.86 -35.58
CA ASP H 651 8.06 46.31 -35.90
C ASP H 651 8.01 44.80 -35.72
N LEU H 652 8.41 44.07 -36.76
CA LEU H 652 8.34 42.61 -36.70
C LEU H 652 9.42 42.02 -35.80
N GLU H 653 10.65 42.52 -35.90
CA GLU H 653 11.74 42.02 -35.08
C GLU H 653 11.54 42.33 -33.60
N PHE H 654 10.88 43.45 -33.28
CA PHE H 654 10.69 43.85 -31.90
C PHE H 654 9.88 42.82 -31.12
N LEU H 655 8.79 42.31 -31.71
CA LEU H 655 7.99 41.28 -31.06
C LEU H 655 8.83 40.04 -30.73
N ALA H 656 9.59 39.55 -31.69
CA ALA H 656 10.47 38.42 -31.42
C ALA H 656 11.54 38.77 -30.40
N LYS H 657 11.88 40.05 -30.26
CA LYS H 657 12.85 40.43 -29.24
C LYS H 657 12.31 40.21 -27.83
N MET H 658 11.06 40.59 -27.55
CA MET H 658 10.52 40.22 -26.24
C MET H 658 10.25 38.73 -26.14
N THR H 659 9.66 38.14 -27.18
CA THR H 659 9.22 36.75 -27.11
C THR H 659 10.42 35.83 -27.16
N ASN H 660 10.71 35.15 -26.05
CA ASN H 660 11.84 34.23 -25.98
C ASN H 660 11.39 32.82 -25.64
N GLY H 661 10.57 32.68 -24.59
CA GLY H 661 10.17 31.38 -24.12
C GLY H 661 8.77 30.98 -24.50
N PHE H 662 8.38 31.27 -25.74
CA PHE H 662 7.06 30.93 -26.25
C PHE H 662 7.17 29.98 -27.43
N SER H 663 6.17 29.13 -27.59
CA SER H 663 6.17 28.15 -28.66
C SER H 663 5.29 28.65 -29.81
N GLY H 664 5.22 27.87 -30.90
CA GLY H 664 4.49 28.30 -32.07
C GLY H 664 3.03 28.56 -31.82
N ALA H 665 2.40 27.76 -30.97
CA ALA H 665 1.00 28.01 -30.62
C ALA H 665 0.84 29.36 -29.93
N ASP H 666 1.72 29.70 -29.01
CA ASP H 666 1.66 31.02 -28.36
C ASP H 666 1.90 32.14 -29.36
N LEU H 667 2.90 31.99 -30.23
CA LEU H 667 3.17 33.04 -31.22
C LEU H 667 1.98 33.25 -32.13
N THR H 668 1.28 32.17 -32.51
CA THR H 668 0.11 32.31 -33.36
C THR H 668 -1.06 32.93 -32.60
N GLU H 669 -1.30 32.51 -31.36
CA GLU H 669 -2.46 32.99 -30.63
C GLU H 669 -2.30 34.45 -30.23
N ILE H 670 -1.06 34.93 -30.07
CA ILE H 670 -0.87 36.37 -29.87
C ILE H 670 -1.41 37.16 -31.05
N CYS H 671 -1.03 36.78 -32.27
CA CYS H 671 -1.52 37.47 -33.45
C CYS H 671 -3.02 37.29 -33.60
N GLN H 672 -3.54 36.11 -33.25
CA GLN H 672 -4.98 35.89 -33.29
C GLN H 672 -5.70 36.87 -32.37
N ARG H 673 -5.21 37.04 -31.14
CA ARG H 673 -5.83 37.97 -30.21
C ARG H 673 -5.72 39.41 -30.71
N ALA H 674 -4.56 39.80 -31.24
CA ALA H 674 -4.42 41.16 -31.75
C ALA H 674 -5.38 41.44 -32.89
N CYS H 675 -5.49 40.51 -33.85
CA CYS H 675 -6.45 40.68 -34.94
C CYS H 675 -7.88 40.69 -34.43
N LYS H 676 -8.19 39.84 -33.43
CA LYS H 676 -9.55 39.78 -32.90
C LYS H 676 -9.94 41.08 -32.22
N LEU H 677 -9.02 41.71 -31.48
CA LEU H 677 -9.39 42.99 -30.88
C LEU H 677 -9.43 44.11 -31.91
N ALA H 678 -8.55 44.09 -32.91
CA ALA H 678 -8.61 45.12 -33.94
C ALA H 678 -9.90 45.05 -34.74
N ILE H 679 -10.35 43.84 -35.10
CA ILE H 679 -11.58 43.68 -35.86
C ILE H 679 -12.80 44.12 -35.08
N ARG H 680 -12.73 44.14 -33.75
CA ARG H 680 -13.89 44.60 -32.99
C ARG H 680 -13.97 46.13 -33.00
N GLU H 681 -12.86 46.81 -32.76
CA GLU H 681 -12.87 48.27 -32.81
C GLU H 681 -13.15 48.78 -34.22
N SER H 682 -12.78 48.00 -35.25
CA SER H 682 -13.11 48.40 -36.61
C SER H 682 -14.61 48.50 -36.81
N ILE H 683 -15.36 47.52 -36.31
CA ILE H 683 -16.82 47.58 -36.40
C ILE H 683 -17.39 48.61 -35.43
N GLU H 684 -16.79 48.74 -34.24
CA GLU H 684 -17.32 49.67 -33.25
C GLU H 684 -17.21 51.12 -33.71
N SER H 685 -16.19 51.43 -34.51
CA SER H 685 -16.04 52.80 -35.02
C SER H 685 -17.12 53.17 -36.02
N GLU H 686 -17.90 52.21 -36.51
CA GLU H 686 -18.92 52.50 -37.51
C GLU H 686 -20.13 53.21 -36.91
N ILE H 687 -20.33 53.13 -35.61
CA ILE H 687 -21.49 53.75 -34.98
C ILE H 687 -21.29 55.27 -34.88
N VAL H 708 -8.29 53.73 -42.11
CA VAL H 708 -8.79 53.48 -40.76
C VAL H 708 -8.74 51.99 -40.39
N PRO H 709 -9.24 51.08 -41.26
CA PRO H 709 -9.16 49.65 -40.91
C PRO H 709 -7.74 49.11 -41.04
N GLU H 710 -6.91 49.35 -40.04
CA GLU H 710 -5.54 48.86 -40.04
C GLU H 710 -5.13 48.52 -38.62
N ILE H 711 -4.16 47.63 -38.49
CA ILE H 711 -3.67 47.20 -37.19
C ILE H 711 -2.56 48.15 -36.74
N ARG H 712 -2.71 48.71 -35.54
CA ARG H 712 -1.74 49.65 -35.00
C ARG H 712 -0.84 48.95 -33.98
N ARG H 713 0.11 49.68 -33.41
CA ARG H 713 1.02 49.12 -32.43
C ARG H 713 0.32 48.70 -31.15
N ASP H 714 -0.61 49.52 -30.66
CA ASP H 714 -1.34 49.18 -29.43
C ASP H 714 -2.10 47.88 -29.57
N HIS H 715 -2.55 47.54 -30.79
CA HIS H 715 -3.26 46.28 -30.99
C HIS H 715 -2.39 45.08 -30.63
N PHE H 716 -1.13 45.08 -31.05
CA PHE H 716 -0.20 44.05 -30.60
C PHE H 716 0.16 44.23 -29.13
N GLU H 717 0.17 45.47 -28.64
CA GLU H 717 0.53 45.71 -27.24
C GLU H 717 -0.45 45.05 -26.28
N GLU H 718 -1.76 45.13 -26.54
CA GLU H 718 -2.70 44.45 -25.66
C GLU H 718 -2.48 42.94 -25.68
N ALA H 719 -2.28 42.37 -26.87
CA ALA H 719 -2.03 40.95 -26.98
C ALA H 719 -0.74 40.53 -26.29
N MET H 720 0.22 41.45 -26.15
CA MET H 720 1.47 41.12 -25.47
C MET H 720 1.23 40.76 -24.00
N ARG H 721 0.37 41.52 -23.32
CA ARG H 721 0.20 41.33 -21.88
C ARG H 721 -0.59 40.08 -21.55
N PHE H 722 -1.53 39.69 -22.41
CA PHE H 722 -2.33 38.50 -22.16
C PHE H 722 -1.66 37.23 -22.65
N ALA H 723 -0.35 37.25 -22.83
CA ALA H 723 0.38 36.08 -23.30
C ALA H 723 0.49 35.03 -22.20
N ARG H 724 0.41 33.77 -22.59
CA ARG H 724 0.62 32.64 -21.70
C ARG H 724 1.72 31.74 -22.27
N ARG H 725 2.09 30.72 -21.50
CA ARG H 725 3.12 29.77 -21.90
C ARG H 725 2.44 28.43 -22.18
N SER H 726 2.57 27.96 -23.42
CA SER H 726 1.96 26.67 -23.77
C SER H 726 2.62 25.52 -23.01
N VAL H 727 3.94 25.57 -22.87
CA VAL H 727 4.68 24.52 -22.19
C VAL H 727 5.25 25.07 -20.89
N SER H 728 5.46 24.17 -19.93
CA SER H 728 6.08 24.54 -18.66
C SER H 728 7.58 24.52 -18.78
N ASP H 729 8.29 24.58 -17.65
CA ASP H 729 9.74 24.49 -17.64
C ASP H 729 10.28 23.11 -17.37
N ASN H 730 9.66 22.34 -16.46
CA ASN H 730 10.20 21.04 -16.10
C ASN H 730 10.21 20.07 -17.28
N ASP H 731 9.18 20.13 -18.12
CA ASP H 731 9.14 19.26 -19.30
C ASP H 731 10.20 19.62 -20.33
N ILE H 732 10.70 20.87 -20.32
CA ILE H 732 11.74 21.24 -21.27
C ILE H 732 13.00 20.42 -21.01
N ARG H 733 13.62 20.59 -19.84
CA ARG H 733 14.80 19.81 -19.52
C ARG H 733 14.55 18.32 -19.65
N LYS H 734 13.31 17.86 -19.43
CA LYS H 734 12.96 16.49 -19.78
C LYS H 734 13.19 16.22 -21.26
N TYR H 735 12.79 17.16 -22.13
CA TYR H 735 12.98 16.95 -23.56
C TYR H 735 14.45 17.00 -23.98
N GLU H 736 15.24 17.95 -23.48
CA GLU H 736 16.64 17.93 -23.93
C GLU H 736 17.53 17.06 -23.04
N MET H 737 16.96 16.25 -22.14
CA MET H 737 17.79 15.20 -21.55
C MET H 737 17.69 13.90 -22.34
N PHE H 738 16.64 13.74 -23.15
CA PHE H 738 16.57 12.60 -24.07
C PHE H 738 17.36 12.83 -25.36
N ALA H 739 17.74 14.07 -25.65
CA ALA H 739 18.39 14.39 -26.91
C ALA H 739 19.82 13.89 -26.98
N GLN H 740 20.60 14.08 -25.92
CA GLN H 740 22.01 13.71 -25.95
C GLN H 740 22.20 12.24 -25.59
N THR H 741 21.34 11.71 -24.73
CA THR H 741 21.39 10.31 -24.32
C THR H 741 20.09 9.64 -24.76
N LEU H 742 20.11 9.07 -25.96
CA LEU H 742 18.95 8.37 -26.49
C LEU H 742 19.26 6.96 -26.96
N GLN H 743 20.49 6.69 -27.40
CA GLN H 743 20.85 5.35 -27.85
C GLN H 743 20.84 4.34 -26.70
N GLN H 744 20.88 4.82 -25.46
CA GLN H 744 20.84 3.92 -24.31
C GLN H 744 19.47 3.30 -24.12
N SER H 745 18.40 3.96 -24.59
CA SER H 745 17.05 3.44 -24.45
C SER H 745 16.73 2.35 -25.47
N ARG H 746 17.57 2.17 -26.48
CA ARG H 746 17.32 1.15 -27.51
C ARG H 746 17.66 -0.22 -26.95
N GLY H 747 16.68 -1.13 -26.97
CA GLY H 747 16.84 -2.47 -26.47
C GLY H 747 16.41 -2.67 -25.03
N PHE H 748 16.26 -1.59 -24.27
CA PHE H 748 15.85 -1.67 -22.88
C PHE H 748 15.05 -0.44 -22.47
N ASN I 1 23.73 -58.18 -72.17
CA ASN I 1 22.52 -57.37 -72.29
C ASN I 1 22.80 -56.12 -73.10
N ARG I 2 23.87 -56.16 -73.90
CA ARG I 2 24.30 -55.04 -74.73
C ARG I 2 24.43 -53.77 -73.90
N PRO I 3 25.47 -53.66 -73.07
CA PRO I 3 25.60 -52.49 -72.18
C PRO I 3 25.87 -51.20 -72.94
N ASN I 4 24.87 -50.74 -73.69
CA ASN I 4 24.96 -49.48 -74.40
C ASN I 4 23.71 -48.63 -74.23
N ARG I 5 22.66 -49.17 -73.62
CA ARG I 5 21.44 -48.41 -73.40
C ARG I 5 21.64 -47.38 -72.32
N LEU I 6 21.15 -46.16 -72.56
CA LEU I 6 21.27 -45.06 -71.61
C LEU I 6 19.88 -44.49 -71.34
N ILE I 7 19.69 -44.03 -70.11
CA ILE I 7 18.41 -43.44 -69.71
C ILE I 7 18.40 -41.96 -70.08
N VAL I 8 17.28 -41.52 -70.64
CA VAL I 8 17.14 -40.14 -71.10
C VAL I 8 16.91 -39.23 -69.91
N ASP I 9 17.62 -38.10 -69.89
CA ASP I 9 17.46 -37.09 -68.86
C ASP I 9 17.71 -35.72 -69.45
N GLU I 10 17.09 -34.70 -68.85
CA GLU I 10 17.26 -33.34 -69.34
C GLU I 10 18.67 -32.84 -69.09
N ALA I 11 19.12 -31.94 -69.96
CA ALA I 11 20.45 -31.36 -69.86
C ALA I 11 20.40 -30.04 -69.10
N ILE I 12 21.54 -29.68 -68.51
CA ILE I 12 21.64 -28.44 -67.72
C ILE I 12 22.30 -27.32 -68.51
N ASN I 13 22.94 -27.60 -69.64
CA ASN I 13 23.60 -26.58 -70.42
C ASN I 13 22.58 -25.78 -71.22
N GLU I 14 22.69 -24.46 -71.17
CA GLU I 14 21.76 -23.56 -71.87
C GLU I 14 22.37 -23.17 -73.22
N ASP I 15 22.35 -24.12 -74.14
CA ASP I 15 22.97 -23.92 -75.44
C ASP I 15 22.28 -24.73 -76.54
N ASN I 16 22.95 -24.87 -77.68
CA ASN I 16 22.45 -25.64 -78.81
C ASN I 16 22.67 -27.13 -78.56
N SER I 17 22.58 -27.95 -79.60
CA SER I 17 22.58 -29.40 -79.47
C SER I 17 23.97 -29.85 -79.01
N VAL I 18 24.12 -29.99 -77.70
CA VAL I 18 25.32 -30.55 -77.08
C VAL I 18 24.86 -31.51 -75.99
N VAL I 19 25.37 -32.75 -76.05
CA VAL I 19 25.00 -33.80 -75.10
C VAL I 19 26.20 -34.08 -74.21
N SER I 20 25.99 -34.07 -72.90
CA SER I 20 27.05 -34.31 -71.93
C SER I 20 26.99 -35.75 -71.45
N LEU I 21 28.16 -36.31 -71.14
CA LEU I 21 28.27 -37.66 -70.63
C LEU I 21 29.23 -37.74 -69.45
N SER I 22 29.59 -38.95 -69.03
CA SER I 22 30.48 -39.14 -67.89
C SER I 22 31.83 -39.64 -68.38
N GLN I 23 32.73 -39.93 -67.44
CA GLN I 23 34.10 -40.32 -67.74
C GLN I 23 34.25 -41.80 -68.12
N PRO I 24 33.66 -42.75 -67.38
CA PRO I 24 33.78 -44.15 -67.81
C PRO I 24 33.21 -44.42 -69.19
N LYS I 25 32.08 -43.79 -69.53
CA LYS I 25 31.51 -43.91 -70.87
C LYS I 25 32.42 -43.32 -71.93
N MET I 26 33.27 -42.37 -71.55
CA MET I 26 34.23 -41.77 -72.46
C MET I 26 35.20 -42.81 -73.02
N ASP I 27 35.79 -43.61 -72.13
CA ASP I 27 36.74 -44.64 -72.53
C ASP I 27 36.08 -45.96 -72.91
N GLU I 28 34.81 -46.16 -72.53
CA GLU I 28 34.14 -47.40 -72.88
C GLU I 28 33.88 -47.49 -74.38
N LEU I 29 33.55 -46.37 -75.02
CA LEU I 29 33.21 -46.34 -76.44
C LEU I 29 34.32 -45.74 -77.30
N GLN I 30 35.55 -45.71 -76.77
CA GLN I 30 36.77 -45.24 -77.45
C GLN I 30 36.53 -44.02 -78.33
N LEU I 31 35.85 -43.00 -77.81
CA LEU I 31 35.59 -41.78 -78.54
C LEU I 31 36.34 -40.62 -77.92
N PHE I 32 36.80 -39.69 -78.76
CA PHE I 32 37.65 -38.60 -78.33
C PHE I 32 36.80 -37.41 -77.90
N ARG I 33 37.46 -36.30 -77.54
CA ARG I 33 36.76 -35.12 -77.05
C ARG I 33 35.89 -34.50 -78.13
N GLY I 34 36.48 -34.10 -79.24
CA GLY I 34 35.72 -33.58 -80.36
C GLY I 34 35.62 -34.59 -81.48
N ASP I 35 34.47 -35.24 -81.61
CA ASP I 35 34.23 -36.25 -82.62
C ASP I 35 32.76 -36.25 -83.01
N THR I 36 32.48 -36.82 -84.18
CA THR I 36 31.12 -36.94 -84.67
C THR I 36 30.50 -38.22 -84.12
N VAL I 37 29.47 -38.07 -83.31
CA VAL I 37 28.79 -39.20 -82.68
C VAL I 37 27.49 -39.47 -83.42
N LEU I 38 27.03 -40.72 -83.35
CA LEU I 38 25.82 -41.15 -84.03
C LEU I 38 24.78 -41.58 -83.01
N LEU I 39 23.56 -41.08 -83.19
CA LEU I 39 22.43 -41.39 -82.31
C LEU I 39 21.33 -42.08 -83.11
N LYS I 40 20.79 -43.16 -82.55
CA LYS I 40 19.73 -43.92 -83.18
C LYS I 40 18.51 -43.94 -82.26
N GLY I 41 17.34 -43.75 -82.86
CA GLY I 41 16.10 -43.76 -82.12
C GLY I 41 15.02 -44.58 -82.78
N LYS I 42 13.76 -44.33 -82.43
CA LYS I 42 12.64 -45.05 -83.01
C LYS I 42 12.08 -44.28 -84.19
N LYS I 43 11.06 -44.86 -84.83
CA LYS I 43 10.42 -44.35 -86.05
C LYS I 43 11.39 -44.26 -87.23
N ARG I 44 12.57 -44.88 -87.13
CA ARG I 44 13.55 -44.93 -88.22
C ARG I 44 13.94 -43.52 -88.66
N ARG I 45 14.57 -42.82 -87.74
CA ARG I 45 15.08 -41.48 -87.99
C ARG I 45 16.50 -41.37 -87.46
N GLU I 46 17.28 -40.49 -88.08
CA GLU I 46 18.69 -40.31 -87.75
C GLU I 46 18.92 -38.88 -87.27
N ALA I 47 19.66 -38.73 -86.17
CA ALA I 47 20.00 -37.43 -85.62
C ALA I 47 21.46 -37.43 -85.19
N VAL I 48 22.10 -36.28 -85.31
CA VAL I 48 23.51 -36.13 -84.95
C VAL I 48 23.64 -35.08 -83.87
N CYS I 49 24.70 -35.18 -83.09
CA CYS I 49 24.99 -34.23 -82.03
C CYS I 49 26.47 -34.33 -81.67
N ILE I 50 26.85 -33.67 -80.58
CA ILE I 50 28.24 -33.61 -80.13
C ILE I 50 28.29 -34.05 -78.68
N VAL I 51 29.22 -34.96 -78.36
CA VAL I 51 29.40 -35.47 -77.01
C VAL I 51 30.31 -34.52 -76.24
N LEU I 52 29.87 -34.11 -75.05
CA LEU I 52 30.63 -33.24 -74.18
C LEU I 52 31.07 -34.02 -72.94
N SER I 53 32.27 -33.71 -72.45
CA SER I 53 32.85 -34.43 -71.32
C SER I 53 32.54 -33.70 -70.02
N ASP I 54 32.19 -34.47 -68.99
CA ASP I 54 31.87 -33.92 -67.68
C ASP I 54 32.35 -34.88 -66.61
N ASP I 55 32.82 -34.33 -65.49
CA ASP I 55 33.27 -35.11 -64.34
C ASP I 55 32.43 -34.87 -63.10
N THR I 56 32.17 -33.60 -62.77
CA THR I 56 31.29 -33.26 -61.65
C THR I 56 29.86 -33.50 -62.09
N CYS I 57 29.40 -34.74 -61.93
CA CYS I 57 28.08 -35.14 -62.44
C CYS I 57 27.48 -36.25 -61.60
N SER I 58 26.46 -36.93 -62.14
CA SER I 58 25.86 -38.06 -61.45
C SER I 58 26.57 -39.34 -61.83
N ASP I 59 26.08 -40.48 -61.34
CA ASP I 59 26.78 -41.75 -61.51
C ASP I 59 26.71 -42.27 -62.94
N GLU I 60 25.50 -42.46 -63.47
CA GLU I 60 25.35 -43.03 -64.80
C GLU I 60 24.05 -42.58 -65.45
N LYS I 61 24.14 -41.57 -66.32
CA LYS I 61 22.99 -41.09 -67.08
C LYS I 61 23.49 -40.15 -68.16
N ILE I 62 22.64 -39.94 -69.17
CA ILE I 62 22.97 -39.06 -70.28
C ILE I 62 22.18 -37.76 -70.11
N ARG I 63 22.67 -36.70 -70.75
CA ARG I 63 22.09 -35.36 -70.62
C ARG I 63 21.53 -34.99 -72.00
N MET I 64 20.22 -35.15 -72.15
CA MET I 64 19.56 -35.12 -73.45
C MET I 64 18.81 -33.80 -73.58
N ASN I 65 19.27 -32.95 -74.51
CA ASN I 65 18.71 -31.61 -74.62
C ASN I 65 17.41 -31.63 -75.43
N ARG I 66 16.59 -30.59 -75.22
CA ARG I 66 15.29 -30.49 -75.85
C ARG I 66 15.35 -30.15 -77.32
N VAL I 67 16.47 -29.59 -77.80
CA VAL I 67 16.55 -29.16 -79.19
C VAL I 67 16.49 -30.37 -80.13
N VAL I 68 17.17 -31.47 -79.78
CA VAL I 68 17.12 -32.69 -80.58
C VAL I 68 16.23 -33.75 -79.97
N ARG I 69 15.65 -33.50 -78.79
CA ARG I 69 14.62 -34.38 -78.25
C ARG I 69 13.42 -34.42 -79.19
N ASN I 70 13.01 -33.26 -79.70
CA ASN I 70 11.97 -33.20 -80.72
C ASN I 70 12.43 -33.74 -82.06
N ASN I 71 13.74 -33.70 -82.33
CA ASN I 71 14.25 -34.25 -83.58
C ASN I 71 14.15 -35.77 -83.60
N LEU I 72 14.52 -36.42 -82.51
CA LEU I 72 14.50 -37.87 -82.43
C LEU I 72 13.21 -38.41 -81.84
N ARG I 73 12.25 -37.53 -81.48
CA ARG I 73 10.97 -37.94 -80.91
C ARG I 73 11.15 -38.80 -79.66
N VAL I 74 12.12 -38.42 -78.83
CA VAL I 74 12.41 -39.13 -77.58
C VAL I 74 12.11 -38.19 -76.42
N ARG I 75 11.32 -38.66 -75.47
CA ARG I 75 10.92 -37.89 -74.30
C ARG I 75 11.67 -38.39 -73.07
N LEU I 76 11.37 -37.78 -71.92
CA LEU I 76 12.00 -38.16 -70.67
C LEU I 76 11.50 -39.51 -70.20
N GLY I 77 12.42 -40.37 -69.78
CA GLY I 77 12.09 -41.70 -69.32
C GLY I 77 12.20 -42.81 -70.34
N ASP I 78 12.57 -42.49 -71.57
CA ASP I 78 12.73 -43.47 -72.63
C ASP I 78 14.17 -43.99 -72.64
N VAL I 79 14.55 -44.71 -73.69
CA VAL I 79 15.89 -45.25 -73.82
C VAL I 79 16.54 -44.65 -75.07
N ILE I 80 17.85 -44.44 -75.00
CA ILE I 80 18.61 -43.88 -76.11
C ILE I 80 19.83 -44.76 -76.36
N SER I 81 20.09 -45.03 -77.64
CA SER I 81 21.25 -45.83 -78.05
C SER I 81 22.30 -44.91 -78.67
N ILE I 82 23.53 -45.06 -78.22
CA ILE I 82 24.64 -44.24 -78.69
C ILE I 82 25.74 -45.15 -79.20
N GLN I 83 26.45 -44.68 -80.23
CA GLN I 83 27.56 -45.42 -80.82
C GLN I 83 28.46 -44.44 -81.55
N PRO I 84 29.78 -44.66 -81.52
CA PRO I 84 30.68 -43.75 -82.23
C PRO I 84 30.56 -43.90 -83.74
N CYS I 85 30.94 -42.84 -84.44
CA CYS I 85 30.92 -42.81 -85.91
C CYS I 85 32.08 -41.97 -86.40
N PRO I 86 33.28 -42.55 -86.48
CA PRO I 86 34.46 -41.80 -86.95
C PRO I 86 34.49 -41.66 -88.46
N ASP I 87 33.56 -40.87 -88.98
CA ASP I 87 33.44 -40.63 -90.41
C ASP I 87 33.77 -39.17 -90.70
N VAL I 88 34.68 -38.95 -91.64
CA VAL I 88 35.10 -37.59 -91.99
C VAL I 88 34.05 -37.00 -92.92
N LYS I 89 33.47 -35.88 -92.51
CA LYS I 89 32.45 -35.19 -93.27
C LYS I 89 32.86 -33.73 -93.48
N TYR I 90 32.48 -33.20 -94.63
CA TYR I 90 32.79 -31.81 -94.99
C TYR I 90 31.56 -31.19 -95.63
N GLY I 91 31.22 -29.98 -95.19
CA GLY I 91 30.04 -29.29 -95.71
C GLY I 91 30.39 -28.32 -96.83
N LYS I 92 29.62 -28.39 -97.91
CA LYS I 92 29.81 -27.49 -99.04
C LYS I 92 28.54 -26.73 -99.38
N ARG I 93 27.39 -27.40 -99.33
CA ARG I 93 26.12 -26.81 -99.75
C ARG I 93 25.03 -27.20 -98.77
N ILE I 94 24.34 -26.20 -98.22
CA ILE I 94 23.21 -26.41 -97.33
C ILE I 94 22.09 -25.47 -97.75
N HIS I 95 20.87 -25.98 -97.79
CA HIS I 95 19.69 -25.21 -98.18
C HIS I 95 18.67 -25.25 -97.05
N VAL I 96 18.22 -24.08 -96.61
CA VAL I 96 17.23 -23.97 -95.54
C VAL I 96 16.18 -22.94 -95.96
N LEU I 97 14.94 -23.20 -95.56
CA LEU I 97 13.82 -22.31 -95.85
C LEU I 97 12.88 -22.30 -94.65
N PRO I 98 12.40 -21.13 -94.24
CA PRO I 98 11.48 -21.05 -93.10
C PRO I 98 10.06 -21.43 -93.53
N ILE I 99 9.15 -21.40 -92.56
CA ILE I 99 7.75 -21.74 -92.77
C ILE I 99 6.93 -20.47 -92.55
N ASP I 100 5.89 -20.29 -93.38
CA ASP I 100 5.09 -19.06 -93.37
C ASP I 100 4.07 -19.03 -92.24
N ASP I 101 4.22 -19.88 -91.23
CA ASP I 101 3.31 -19.89 -90.10
C ASP I 101 3.79 -19.03 -88.94
N THR I 102 5.06 -18.63 -88.91
CA THR I 102 5.57 -17.84 -87.80
C THR I 102 6.52 -16.72 -88.26
N VAL I 103 6.51 -16.35 -89.53
CA VAL I 103 7.37 -15.31 -90.04
C VAL I 103 6.62 -14.00 -90.23
N GLU I 104 5.46 -13.85 -89.61
CA GLU I 104 4.68 -12.62 -89.75
C GLU I 104 5.36 -11.47 -89.01
N GLY I 105 5.28 -10.28 -89.61
CA GLY I 105 5.88 -9.11 -89.00
C GLY I 105 7.38 -8.99 -89.13
N ILE I 106 8.01 -9.86 -89.91
CA ILE I 106 9.46 -9.85 -90.11
C ILE I 106 9.74 -9.57 -91.57
N THR I 107 10.51 -8.51 -91.83
CA THR I 107 10.87 -8.11 -93.18
C THR I 107 12.38 -7.88 -93.25
N GLY I 108 12.86 -7.62 -94.46
CA GLY I 108 14.27 -7.41 -94.67
C GLY I 108 15.07 -8.70 -94.70
N ASN I 109 16.39 -8.53 -94.74
CA ASN I 109 17.29 -9.68 -94.77
C ASN I 109 17.40 -10.30 -93.39
N LEU I 110 17.17 -11.61 -93.32
CA LEU I 110 17.21 -12.34 -92.05
C LEU I 110 18.28 -13.44 -92.05
N PHE I 111 19.16 -13.47 -93.05
CA PHE I 111 20.20 -14.48 -93.13
C PHE I 111 21.56 -13.98 -92.68
N GLU I 112 21.79 -12.67 -92.71
CA GLU I 112 23.08 -12.11 -92.31
C GLU I 112 23.18 -11.83 -90.82
N VAL I 113 22.07 -11.91 -90.08
CA VAL I 113 22.07 -11.63 -88.66
C VAL I 113 21.61 -12.82 -87.82
N TYR I 114 20.78 -13.72 -88.35
CA TYR I 114 20.33 -14.88 -87.62
C TYR I 114 21.13 -16.14 -87.94
N LEU I 115 21.88 -16.16 -89.03
CA LEU I 115 22.62 -17.34 -89.44
C LEU I 115 24.13 -17.19 -89.33
N LYS I 116 24.65 -15.95 -89.32
CA LYS I 116 26.09 -15.75 -89.24
C LYS I 116 26.61 -15.98 -87.83
N PRO I 117 26.08 -15.32 -86.80
CA PRO I 117 26.58 -15.59 -85.43
C PRO I 117 26.25 -16.99 -84.94
N TYR I 118 25.21 -17.62 -85.47
CA TYR I 118 24.81 -18.95 -85.04
C TYR I 118 25.75 -20.04 -85.57
N PHE I 119 26.43 -19.79 -86.69
CA PHE I 119 27.27 -20.81 -87.31
C PHE I 119 28.71 -20.76 -86.83
N LEU I 120 29.24 -19.57 -86.56
CA LEU I 120 30.62 -19.43 -86.16
C LEU I 120 30.86 -20.04 -84.77
N GLU I 121 32.02 -20.66 -84.61
CA GLU I 121 32.45 -21.28 -83.35
C GLU I 121 31.46 -22.36 -82.91
N ALA I 122 30.82 -22.98 -83.89
CA ALA I 122 29.87 -24.05 -83.60
C ALA I 122 30.36 -25.38 -84.14
N TYR I 123 30.61 -25.45 -85.46
CA TYR I 123 31.00 -26.69 -86.14
C TYR I 123 30.03 -27.83 -85.81
N ARG I 124 28.74 -27.52 -85.80
CA ARG I 124 27.72 -28.50 -85.47
C ARG I 124 27.18 -29.13 -86.74
N PRO I 125 27.31 -30.44 -86.93
CA PRO I 125 26.78 -31.07 -88.15
C PRO I 125 25.26 -31.10 -88.14
N ILE I 126 24.70 -31.29 -89.34
CA ILE I 126 23.26 -31.33 -89.53
C ILE I 126 22.90 -32.59 -90.29
N ARG I 127 21.64 -33.01 -90.16
CA ARG I 127 21.12 -34.20 -90.81
C ARG I 127 19.91 -33.82 -91.65
N LYS I 128 19.34 -34.81 -92.32
CA LYS I 128 18.12 -34.60 -93.08
C LYS I 128 16.91 -34.72 -92.15
N GLY I 129 16.15 -33.63 -92.03
CA GLY I 129 14.98 -33.61 -91.17
C GLY I 129 15.21 -33.09 -89.77
N ASP I 130 16.37 -32.52 -89.49
CA ASP I 130 16.65 -31.99 -88.17
C ASP I 130 15.79 -30.77 -87.88
N ILE I 131 15.29 -30.68 -86.65
CA ILE I 131 14.49 -29.53 -86.22
C ILE I 131 15.25 -28.80 -85.12
N PHE I 132 16.00 -27.77 -85.50
CA PHE I 132 16.79 -26.99 -84.56
C PHE I 132 16.19 -25.60 -84.41
N LEU I 133 16.19 -25.09 -83.18
CA LEU I 133 15.61 -23.80 -82.86
C LEU I 133 16.71 -22.78 -82.62
N VAL I 134 16.61 -21.64 -83.30
CA VAL I 134 17.55 -20.55 -83.13
C VAL I 134 16.87 -19.43 -82.35
N ARG I 135 17.68 -18.49 -81.86
CA ARG I 135 17.18 -17.39 -81.05
C ARG I 135 17.71 -16.07 -81.59
N GLY I 136 16.92 -15.02 -81.43
CA GLY I 136 17.28 -13.70 -81.91
C GLY I 136 16.08 -12.87 -82.32
N GLY I 137 16.13 -11.57 -82.08
CA GLY I 137 15.04 -10.69 -82.45
C GLY I 137 13.78 -10.87 -81.63
N MET I 138 13.91 -11.03 -80.32
CA MET I 138 12.77 -11.09 -79.40
C MET I 138 11.84 -12.25 -79.71
N ARG I 139 12.36 -13.32 -80.31
CA ARG I 139 11.53 -14.46 -80.70
C ARG I 139 12.43 -15.62 -81.08
N ALA I 140 11.81 -16.79 -81.22
CA ALA I 140 12.51 -18.00 -81.64
C ALA I 140 11.79 -18.62 -82.83
N VAL I 141 12.56 -18.93 -83.87
CA VAL I 141 12.02 -19.51 -85.10
C VAL I 141 12.84 -20.75 -85.45
N GLU I 142 12.15 -21.82 -85.80
CA GLU I 142 12.80 -23.06 -86.16
C GLU I 142 12.91 -23.19 -87.68
N PHE I 143 13.91 -23.97 -88.12
CA PHE I 143 14.18 -24.19 -89.53
C PHE I 143 13.88 -25.64 -89.89
N LYS I 144 13.71 -25.87 -91.19
CA LYS I 144 13.52 -27.23 -91.69
C LYS I 144 14.08 -27.32 -93.11
N VAL I 145 14.75 -28.42 -93.41
CA VAL I 145 15.36 -28.65 -94.72
C VAL I 145 14.47 -29.58 -95.52
N VAL I 146 14.36 -29.29 -96.82
CA VAL I 146 13.54 -30.11 -97.72
C VAL I 146 14.42 -30.78 -98.76
N GLU I 147 15.42 -30.06 -99.27
CA GLU I 147 16.32 -30.60 -100.29
C GLU I 147 17.69 -29.97 -100.12
N THR I 148 18.72 -30.80 -100.06
CA THR I 148 20.09 -30.34 -99.88
C THR I 148 21.02 -31.43 -100.40
N ASP I 149 22.31 -31.33 -100.06
CA ASP I 149 23.27 -32.35 -100.42
C ASP I 149 22.91 -33.67 -99.73
N PRO I 150 23.26 -34.81 -100.33
CA PRO I 150 22.91 -36.10 -99.74
C PRO I 150 23.49 -36.25 -98.33
N SER I 151 22.61 -36.56 -97.39
CA SER I 151 23.03 -36.70 -96.00
C SER I 151 23.92 -37.93 -95.85
N PRO I 152 24.94 -37.88 -94.98
CA PRO I 152 25.33 -36.71 -94.18
C PRO I 152 26.25 -35.75 -94.94
N TYR I 153 27.55 -35.79 -94.62
CA TYR I 153 28.56 -34.96 -95.28
C TYR I 153 28.21 -33.48 -95.17
N CYS I 154 27.85 -33.06 -93.95
CA CYS I 154 27.45 -31.68 -93.67
C CYS I 154 28.18 -31.20 -92.44
N ILE I 155 29.08 -30.24 -92.62
CA ILE I 155 29.84 -29.64 -91.53
C ILE I 155 29.85 -28.13 -91.74
N VAL I 156 29.61 -27.38 -90.66
CA VAL I 156 29.60 -25.92 -90.74
C VAL I 156 31.02 -25.42 -90.98
N ALA I 157 31.23 -24.78 -92.12
CA ALA I 157 32.51 -24.22 -92.49
C ALA I 157 32.30 -22.89 -93.20
N PRO I 158 33.26 -21.96 -93.10
CA PRO I 158 33.09 -20.64 -93.74
C PRO I 158 33.02 -20.70 -95.25
N ASP I 159 33.49 -21.77 -95.89
CA ASP I 159 33.51 -21.86 -97.35
C ASP I 159 32.16 -22.26 -97.95
N THR I 160 31.09 -22.23 -97.16
CA THR I 160 29.75 -22.61 -97.63
C THR I 160 28.98 -21.36 -97.99
N VAL I 161 28.54 -21.27 -99.24
CA VAL I 161 27.77 -20.12 -99.71
C VAL I 161 26.29 -20.38 -99.49
N ILE I 162 25.49 -19.32 -99.46
CA ILE I 162 24.04 -19.42 -99.29
C ILE I 162 23.37 -18.49 -100.26
N HIS I 163 22.09 -18.78 -100.55
CA HIS I 163 21.30 -17.95 -101.45
C HIS I 163 19.83 -18.20 -101.17
N CYS I 164 19.08 -17.13 -100.97
CA CYS I 164 17.65 -17.22 -100.67
C CYS I 164 16.83 -17.19 -101.95
N GLU I 165 15.62 -17.73 -101.86
CA GLU I 165 14.69 -17.78 -102.98
C GLU I 165 13.49 -16.87 -102.78
N GLY I 166 12.86 -16.93 -101.61
CA GLY I 166 11.71 -16.09 -101.32
C GLY I 166 10.39 -16.82 -101.48
N GLU I 167 10.34 -18.09 -101.08
CA GLU I 167 9.12 -18.90 -101.18
C GLU I 167 9.15 -19.92 -100.06
N PRO I 168 8.42 -19.69 -98.97
CA PRO I 168 8.38 -20.66 -97.87
C PRO I 168 7.55 -21.89 -98.24
N ILE I 169 7.73 -22.94 -97.46
CA ILE I 169 7.03 -24.20 -97.67
C ILE I 169 6.07 -24.43 -96.51
N LYS I 170 5.00 -25.16 -96.79
CA LYS I 170 3.99 -25.47 -95.80
C LYS I 170 4.49 -26.52 -94.82
N ARG I 171 4.22 -26.30 -93.54
CA ARG I 171 4.63 -27.24 -92.50
C ARG I 171 3.70 -28.46 -92.50
N GLU I 172 4.28 -29.64 -92.41
CA GLU I 172 3.50 -30.87 -92.36
C GLU I 172 3.21 -31.24 -90.91
N ASP I 173 2.60 -32.41 -90.72
CA ASP I 173 2.22 -32.89 -89.40
C ASP I 173 3.24 -33.87 -88.81
N GLU I 174 4.41 -34.00 -89.45
CA GLU I 174 5.43 -34.92 -88.97
C GLU I 174 6.15 -34.39 -87.74
N GLU I 175 6.29 -33.08 -87.61
CA GLU I 175 6.97 -32.45 -86.48
C GLU I 175 6.04 -31.47 -85.77
N GLU I 176 6.43 -31.10 -84.55
CA GLU I 176 5.67 -30.18 -83.74
C GLU I 176 6.51 -28.95 -83.41
N SER I 177 5.82 -27.84 -83.15
CA SER I 177 6.50 -26.60 -82.80
C SER I 177 7.13 -26.68 -81.43
N LEU I 178 8.24 -25.96 -81.27
CA LEU I 178 8.98 -25.92 -80.01
C LEU I 178 8.54 -24.76 -79.11
N ASN I 179 7.54 -23.98 -79.53
CA ASN I 179 7.08 -22.85 -78.74
C ASN I 179 6.31 -23.26 -77.50
N GLU I 180 5.93 -24.52 -77.37
CA GLU I 180 5.23 -24.98 -76.18
C GLU I 180 6.19 -25.10 -75.00
N VAL I 181 5.62 -25.24 -73.82
CA VAL I 181 6.42 -25.37 -72.60
C VAL I 181 7.11 -26.74 -72.58
N GLY I 182 8.38 -26.76 -72.19
CA GLY I 182 9.10 -27.99 -72.03
C GLY I 182 9.64 -28.14 -70.63
N TYR I 183 10.44 -29.19 -70.40
CA TYR I 183 11.02 -29.41 -69.08
C TYR I 183 12.09 -28.39 -68.74
N ASP I 184 12.62 -27.67 -69.73
CA ASP I 184 13.67 -26.69 -69.52
C ASP I 184 13.15 -25.27 -69.43
N ASP I 185 11.82 -25.09 -69.38
CA ASP I 185 11.22 -23.77 -69.32
C ASP I 185 10.81 -23.39 -67.90
N ILE I 186 11.20 -24.15 -66.89
CA ILE I 186 10.86 -23.89 -65.50
C ILE I 186 12.14 -23.75 -64.71
N GLY I 187 12.25 -22.67 -63.93
CA GLY I 187 13.41 -22.45 -63.10
C GLY I 187 13.00 -21.86 -61.77
N GLY I 188 13.89 -22.03 -60.78
CA GLY I 188 13.66 -21.50 -59.46
C GLY I 188 13.29 -22.57 -58.45
N CYS I 189 12.46 -23.52 -58.86
CA CYS I 189 12.07 -24.64 -58.00
C CYS I 189 12.83 -25.88 -58.48
N ARG I 190 13.92 -26.20 -57.79
CA ARG I 190 14.77 -27.33 -58.17
C ARG I 190 14.49 -28.57 -57.33
N LYS I 191 14.42 -28.44 -56.00
CA LYS I 191 14.09 -29.59 -55.18
C LYS I 191 12.66 -30.06 -55.42
N GLN I 192 11.73 -29.14 -55.61
CA GLN I 192 10.34 -29.53 -55.81
C GLN I 192 10.12 -30.26 -57.12
N LEU I 193 10.96 -29.98 -58.12
CA LEU I 193 10.76 -30.62 -59.41
C LEU I 193 11.23 -32.07 -59.45
N ALA I 194 12.35 -32.40 -58.80
CA ALA I 194 12.91 -33.73 -58.95
C ALA I 194 12.03 -34.80 -58.33
N GLN I 195 11.39 -34.47 -57.20
CA GLN I 195 10.50 -35.41 -56.53
C GLN I 195 9.17 -35.56 -57.26
N ILE I 196 8.77 -34.58 -58.08
CA ILE I 196 7.72 -34.84 -59.07
C ILE I 196 8.24 -35.74 -60.18
N LYS I 197 9.49 -35.54 -60.60
CA LYS I 197 10.13 -36.42 -61.56
C LYS I 197 10.22 -37.85 -61.03
N GLU I 198 10.09 -38.02 -59.72
CA GLU I 198 10.15 -39.33 -59.07
C GLU I 198 8.78 -40.00 -58.98
N MET I 199 7.70 -39.26 -59.12
CA MET I 199 6.36 -39.82 -58.95
C MET I 199 5.48 -39.70 -60.18
N VAL I 200 5.96 -39.07 -61.25
CA VAL I 200 5.11 -38.94 -62.43
C VAL I 200 5.57 -39.85 -63.57
N GLU I 201 6.83 -39.70 -63.99
CA GLU I 201 7.30 -40.46 -65.15
C GLU I 201 7.60 -41.91 -64.80
N LEU I 202 7.85 -42.24 -63.53
CA LEU I 202 8.09 -43.64 -63.19
C LEU I 202 6.84 -44.48 -63.38
N PRO I 203 5.66 -44.09 -62.87
CA PRO I 203 4.47 -44.90 -63.10
C PRO I 203 3.78 -44.67 -64.43
N LEU I 204 4.38 -43.90 -65.34
CA LEU I 204 3.81 -43.67 -66.66
C LEU I 204 4.59 -44.33 -67.78
N ARG I 205 5.92 -44.24 -67.77
CA ARG I 205 6.72 -44.82 -68.83
C ARG I 205 6.74 -46.33 -68.79
N HIS I 206 6.31 -46.94 -67.67
CA HIS I 206 6.30 -48.39 -67.50
C HIS I 206 4.91 -48.81 -67.03
N PRO I 207 3.93 -48.85 -67.95
CA PRO I 207 2.58 -49.21 -67.52
C PRO I 207 2.45 -50.68 -67.13
N ALA I 208 3.02 -51.60 -67.92
CA ALA I 208 2.90 -53.01 -67.63
C ALA I 208 3.78 -53.44 -66.47
N LEU I 209 4.80 -52.67 -66.13
CA LEU I 209 5.64 -53.00 -64.97
C LEU I 209 4.83 -52.93 -63.68
N PHE I 210 3.98 -51.92 -63.55
CA PHE I 210 3.15 -51.79 -62.36
C PHE I 210 2.03 -52.82 -62.29
N LYS I 211 1.62 -53.37 -63.44
CA LYS I 211 0.54 -54.35 -63.44
C LYS I 211 0.97 -55.67 -62.78
N ALA I 212 2.25 -56.02 -62.88
CA ALA I 212 2.74 -57.26 -62.29
C ALA I 212 3.13 -57.08 -60.83
N ILE I 213 3.72 -55.94 -60.47
CA ILE I 213 4.15 -55.70 -59.10
C ILE I 213 2.95 -55.24 -58.27
N GLY I 214 3.08 -55.33 -56.94
CA GLY I 214 2.03 -54.94 -56.04
C GLY I 214 2.09 -53.50 -55.54
N VAL I 215 2.96 -52.68 -56.11
CA VAL I 215 3.10 -51.29 -55.67
C VAL I 215 1.97 -50.48 -56.27
N LYS I 216 1.21 -49.79 -55.43
CA LYS I 216 0.10 -48.99 -55.91
C LYS I 216 0.60 -47.68 -56.48
N PRO I 217 0.32 -47.38 -57.75
CA PRO I 217 0.84 -46.16 -58.35
C PRO I 217 0.16 -44.93 -57.78
N PRO I 218 0.74 -43.75 -57.96
CA PRO I 218 0.07 -42.52 -57.55
C PRO I 218 -1.25 -42.29 -58.27
N ARG I 219 -2.19 -41.67 -57.56
CA ARG I 219 -3.44 -41.22 -58.16
C ARG I 219 -3.63 -39.72 -58.03
N GLY I 220 -3.59 -39.17 -56.83
CA GLY I 220 -3.84 -37.75 -56.62
C GLY I 220 -2.61 -37.03 -56.10
N ILE I 221 -2.32 -35.88 -56.72
CA ILE I 221 -1.20 -35.03 -56.33
C ILE I 221 -1.74 -33.63 -56.11
N LEU I 222 -1.52 -33.07 -54.93
CA LEU I 222 -1.99 -31.74 -54.60
C LEU I 222 -0.83 -30.76 -54.62
N LEU I 223 -1.05 -29.61 -55.25
CA LEU I 223 -0.03 -28.58 -55.38
C LEU I 223 -0.30 -27.44 -54.40
N TYR I 224 0.76 -26.69 -54.10
CA TYR I 224 0.68 -25.56 -53.19
C TYR I 224 1.49 -24.40 -53.78
N GLY I 225 1.60 -23.33 -52.99
CA GLY I 225 2.35 -22.18 -53.40
C GLY I 225 1.48 -20.96 -53.59
N PRO I 226 2.06 -19.77 -53.38
CA PRO I 226 1.32 -18.53 -53.62
C PRO I 226 0.99 -18.37 -55.09
N PRO I 227 -0.04 -17.59 -55.43
CA PRO I 227 -0.41 -17.43 -56.84
C PRO I 227 0.74 -16.86 -57.65
N GLY I 228 0.89 -17.38 -58.87
CA GLY I 228 1.99 -17.02 -59.74
C GLY I 228 3.25 -17.83 -59.55
N THR I 229 3.23 -18.85 -58.71
CA THR I 229 4.42 -19.67 -58.48
C THR I 229 4.75 -20.52 -59.70
N GLY I 230 3.72 -20.94 -60.44
CA GLY I 230 3.93 -21.80 -61.60
C GLY I 230 3.18 -23.10 -61.52
N LYS I 231 2.07 -23.10 -60.77
CA LYS I 231 1.27 -24.30 -60.60
C LYS I 231 0.72 -24.85 -61.92
N THR I 232 0.54 -23.99 -62.92
CA THR I 232 0.06 -24.40 -64.22
C THR I 232 1.19 -24.73 -65.20
N LEU I 233 2.28 -23.96 -65.15
CA LEU I 233 3.37 -24.15 -66.11
C LEU I 233 4.01 -25.53 -65.97
N ILE I 234 4.33 -25.92 -64.73
CA ILE I 234 4.97 -27.21 -64.51
C ILE I 234 4.02 -28.35 -64.83
N ALA I 235 2.74 -28.21 -64.50
CA ALA I 235 1.77 -29.25 -64.85
C ALA I 235 1.66 -29.41 -66.35
N ARG I 236 1.59 -28.31 -67.10
CA ARG I 236 1.54 -28.41 -68.55
C ARG I 236 2.80 -29.04 -69.11
N ALA I 237 3.97 -28.68 -68.57
CA ALA I 237 5.20 -29.27 -69.06
C ALA I 237 5.24 -30.78 -68.82
N VAL I 238 4.93 -31.22 -67.59
CA VAL I 238 4.99 -32.64 -67.26
C VAL I 238 3.85 -33.42 -67.89
N ALA I 239 2.80 -32.76 -68.36
CA ALA I 239 1.74 -33.43 -69.09
C ALA I 239 1.97 -33.48 -70.60
N ASN I 240 2.74 -32.53 -71.13
CA ASN I 240 2.96 -32.48 -72.58
C ASN I 240 4.27 -33.14 -72.99
N GLU I 241 5.24 -33.28 -72.09
CA GLU I 241 6.52 -33.88 -72.43
C GLU I 241 6.61 -35.35 -72.05
N THR I 242 5.48 -36.04 -71.91
CA THR I 242 5.48 -37.46 -71.63
C THR I 242 4.79 -38.31 -72.69
N GLY I 243 4.05 -37.68 -73.61
CA GLY I 243 3.36 -38.41 -74.66
C GLY I 243 1.98 -38.90 -74.29
N ALA I 244 1.63 -38.90 -73.01
CA ALA I 244 0.31 -39.32 -72.59
C ALA I 244 -0.70 -38.20 -72.82
N PHE I 245 -1.97 -38.57 -72.87
CA PHE I 245 -3.03 -37.59 -73.07
C PHE I 245 -3.17 -36.69 -71.85
N PHE I 246 -3.48 -35.42 -72.10
CA PHE I 246 -3.66 -34.43 -71.06
C PHE I 246 -4.94 -33.67 -71.32
N PHE I 247 -5.79 -33.54 -70.30
CA PHE I 247 -7.07 -32.85 -70.40
C PHE I 247 -7.12 -31.76 -69.35
N LEU I 248 -7.60 -30.58 -69.74
CA LEU I 248 -7.53 -29.40 -68.89
C LEU I 248 -8.94 -28.90 -68.54
N ILE I 249 -9.18 -28.72 -67.24
CA ILE I 249 -10.39 -28.10 -66.71
C ILE I 249 -9.98 -27.30 -65.48
N ASN I 250 -10.13 -25.98 -65.53
CA ASN I 250 -9.45 -25.25 -64.46
C ASN I 250 -10.25 -25.22 -63.17
N GLY I 251 -11.17 -24.26 -63.03
CA GLY I 251 -12.30 -24.39 -62.15
C GLY I 251 -13.60 -23.74 -62.57
N PRO I 252 -13.55 -22.55 -63.20
CA PRO I 252 -14.77 -21.74 -63.29
C PRO I 252 -15.72 -22.16 -64.38
N GLU I 253 -15.23 -22.76 -65.46
CA GLU I 253 -16.12 -23.23 -66.51
C GLU I 253 -17.12 -24.25 -66.00
N ILE I 254 -16.82 -24.92 -64.88
CA ILE I 254 -17.77 -25.82 -64.26
C ILE I 254 -18.95 -25.04 -63.66
N MET I 255 -18.66 -23.98 -62.93
CA MET I 255 -19.72 -23.20 -62.27
C MET I 255 -20.31 -22.13 -63.18
N SER I 256 -19.75 -21.92 -64.36
CA SER I 256 -20.28 -20.90 -65.27
C SER I 256 -21.51 -21.36 -66.03
N LYS I 257 -21.64 -22.66 -66.29
CA LYS I 257 -22.75 -23.16 -67.07
C LYS I 257 -23.99 -23.34 -66.18
N LEU I 258 -25.10 -23.73 -66.81
CA LEU I 258 -26.35 -23.93 -66.09
C LEU I 258 -26.26 -25.15 -65.19
N ALA I 259 -27.18 -25.22 -64.23
CA ALA I 259 -27.22 -26.33 -63.30
C ALA I 259 -27.72 -27.59 -64.00
N GLY I 260 -27.04 -28.71 -63.75
CA GLY I 260 -27.45 -29.98 -64.32
C GLY I 260 -26.45 -30.57 -65.28
N GLU I 261 -25.87 -29.73 -66.14
CA GLU I 261 -24.87 -30.20 -67.09
C GLU I 261 -23.45 -30.01 -66.60
N SER I 262 -23.24 -29.21 -65.55
CA SER I 262 -21.91 -29.04 -64.99
C SER I 262 -21.37 -30.36 -64.46
N GLU I 263 -22.22 -31.11 -63.74
CA GLU I 263 -21.81 -32.42 -63.26
C GLU I 263 -21.59 -33.40 -64.41
N SER I 264 -22.41 -33.33 -65.45
CA SER I 264 -22.25 -34.21 -66.59
C SER I 264 -20.93 -33.96 -67.31
N ASN I 265 -20.53 -32.70 -67.44
CA ASN I 265 -19.26 -32.39 -68.08
C ASN I 265 -18.09 -32.99 -67.30
N LEU I 266 -18.11 -32.84 -65.97
CA LEU I 266 -17.05 -33.44 -65.16
C LEU I 266 -17.07 -34.95 -65.23
N ARG I 267 -18.26 -35.55 -65.24
CA ARG I 267 -18.35 -37.01 -65.34
C ARG I 267 -17.80 -37.52 -66.67
N LYS I 268 -18.12 -36.83 -67.77
CA LYS I 268 -17.61 -37.27 -69.06
C LYS I 268 -16.12 -36.98 -69.22
N ALA I 269 -15.61 -35.94 -68.56
CA ALA I 269 -14.18 -35.66 -68.61
C ALA I 269 -13.34 -36.77 -67.97
N PHE I 270 -13.94 -37.60 -67.12
CA PHE I 270 -13.22 -38.71 -66.53
C PHE I 270 -13.31 -39.97 -67.38
N GLU I 271 -14.47 -40.23 -67.99
CA GLU I 271 -14.59 -41.42 -68.83
C GLU I 271 -13.86 -41.25 -70.16
N GLU I 272 -13.71 -40.00 -70.64
CA GLU I 272 -12.94 -39.80 -71.86
C GLU I 272 -11.46 -40.12 -71.65
N ALA I 273 -10.96 -39.99 -70.43
CA ALA I 273 -9.58 -40.29 -70.14
C ALA I 273 -9.32 -41.78 -69.97
N GLU I 274 -10.35 -42.56 -69.61
CA GLU I 274 -10.15 -43.99 -69.38
C GLU I 274 -9.84 -44.72 -70.68
N LYS I 275 -10.58 -44.44 -71.74
CA LYS I 275 -10.42 -45.19 -72.98
C LYS I 275 -9.04 -44.98 -73.61
N ASN I 276 -8.55 -43.75 -73.60
CA ASN I 276 -7.24 -43.42 -74.19
C ASN I 276 -6.12 -43.47 -73.16
N ALA I 277 -6.02 -44.58 -72.46
CA ALA I 277 -4.95 -44.77 -71.48
C ALA I 277 -3.63 -44.98 -72.18
N PRO I 278 -2.52 -44.48 -71.63
CA PRO I 278 -2.47 -43.70 -70.39
C PRO I 278 -2.89 -42.24 -70.60
N ALA I 279 -3.47 -41.64 -69.57
CA ALA I 279 -3.92 -40.26 -69.62
C ALA I 279 -3.59 -39.59 -68.28
N ILE I 280 -3.79 -38.28 -68.23
CA ILE I 280 -3.54 -37.50 -67.02
C ILE I 280 -4.61 -36.43 -66.93
N ILE I 281 -4.94 -36.04 -65.68
CA ILE I 281 -5.95 -35.03 -65.41
C ILE I 281 -5.33 -33.97 -64.51
N PHE I 282 -5.53 -32.70 -64.86
CA PHE I 282 -4.99 -31.59 -64.10
C PHE I 282 -6.09 -30.57 -63.84
N ILE I 283 -6.15 -30.07 -62.61
CA ILE I 283 -7.12 -29.07 -62.20
C ILE I 283 -6.36 -27.82 -61.78
N ASP I 284 -6.71 -26.68 -62.37
CA ASP I 284 -5.91 -25.47 -62.16
C ASP I 284 -6.15 -24.89 -60.77
N GLU I 285 -7.38 -24.45 -60.47
CA GLU I 285 -7.67 -23.96 -59.13
C GLU I 285 -8.70 -24.90 -58.51
N LEU I 286 -8.55 -25.16 -57.22
CA LEU I 286 -9.43 -26.05 -56.49
C LEU I 286 -10.09 -25.38 -55.29
N ASP I 287 -9.54 -24.26 -54.82
CA ASP I 287 -10.11 -23.58 -53.66
C ASP I 287 -11.52 -23.09 -53.92
N ALA I 288 -11.85 -22.78 -55.18
CA ALA I 288 -13.18 -22.31 -55.54
C ALA I 288 -14.08 -23.42 -56.06
N ILE I 289 -13.63 -24.68 -55.97
CA ILE I 289 -14.40 -25.82 -56.43
C ILE I 289 -15.10 -26.52 -55.26
N ALA I 290 -14.37 -26.75 -54.16
CA ALA I 290 -14.88 -27.50 -53.01
C ALA I 290 -14.68 -26.67 -51.74
N PRO I 291 -15.52 -25.66 -51.51
CA PRO I 291 -15.44 -24.89 -50.27
C PRO I 291 -16.31 -25.47 -49.15
N LYS I 292 -16.11 -26.75 -48.85
CA LYS I 292 -16.91 -27.42 -47.82
C LYS I 292 -16.37 -27.06 -46.45
N ARG I 293 -16.65 -25.82 -46.04
CA ARG I 293 -16.19 -25.24 -44.79
C ARG I 293 -17.28 -24.29 -44.30
N GLU I 294 -16.92 -23.34 -43.44
CA GLU I 294 -17.89 -22.43 -42.85
C GLU I 294 -18.77 -21.72 -43.87
N LYS I 295 -18.47 -21.84 -45.16
CA LYS I 295 -19.28 -21.21 -46.20
C LYS I 295 -20.59 -21.96 -46.41
N THR I 296 -20.50 -23.19 -46.95
CA THR I 296 -21.65 -24.08 -47.18
C THR I 296 -22.87 -23.32 -47.69
N HIS I 297 -22.68 -22.53 -48.72
CA HIS I 297 -23.77 -21.84 -49.40
C HIS I 297 -24.01 -22.47 -50.76
N GLY I 298 -25.28 -22.53 -51.16
CA GLY I 298 -25.64 -23.05 -52.47
C GLY I 298 -25.80 -24.55 -52.49
N GLU I 299 -26.87 -25.02 -53.13
CA GLU I 299 -27.14 -26.46 -53.20
C GLU I 299 -26.31 -27.12 -54.29
N VAL I 300 -26.19 -26.48 -55.45
CA VAL I 300 -25.56 -27.14 -56.61
C VAL I 300 -24.05 -27.24 -56.47
N GLU I 301 -23.44 -26.45 -55.60
CA GLU I 301 -21.98 -26.40 -55.57
C GLU I 301 -21.38 -27.50 -54.70
N ARG I 302 -22.09 -27.93 -53.66
CA ARG I 302 -21.69 -29.14 -52.97
C ARG I 302 -22.03 -30.39 -53.77
N ARG I 303 -22.94 -30.27 -54.75
CA ARG I 303 -23.22 -31.38 -55.66
C ARG I 303 -21.98 -31.77 -56.44
N ILE I 304 -21.24 -30.79 -56.98
CA ILE I 304 -20.05 -31.13 -57.76
C ILE I 304 -18.94 -31.63 -56.85
N VAL I 305 -18.92 -31.17 -55.60
CA VAL I 305 -17.96 -31.70 -54.64
C VAL I 305 -18.22 -33.19 -54.40
N SER I 306 -19.48 -33.55 -54.17
CA SER I 306 -19.84 -34.96 -54.03
C SER I 306 -19.57 -35.73 -55.32
N GLN I 307 -19.80 -35.11 -56.48
CA GLN I 307 -19.53 -35.78 -57.74
C GLN I 307 -18.05 -36.10 -57.90
N LEU I 308 -17.17 -35.14 -57.60
CA LEU I 308 -15.74 -35.38 -57.72
C LEU I 308 -15.27 -36.39 -56.69
N LEU I 309 -15.82 -36.33 -55.47
CA LEU I 309 -15.49 -37.35 -54.47
C LEU I 309 -15.92 -38.74 -54.94
N THR I 310 -17.08 -38.85 -55.58
CA THR I 310 -17.51 -40.13 -56.13
C THR I 310 -16.58 -40.59 -57.24
N LEU I 311 -16.19 -39.67 -58.13
CA LEU I 311 -15.35 -40.03 -59.28
C LEU I 311 -13.93 -40.36 -58.90
N MET I 312 -13.46 -39.90 -57.74
CA MET I 312 -12.14 -40.29 -57.26
C MET I 312 -12.17 -41.48 -56.30
N ASP I 313 -13.25 -41.64 -55.54
CA ASP I 313 -13.33 -42.75 -54.59
C ASP I 313 -13.38 -44.09 -55.31
N GLY I 314 -14.08 -44.14 -56.45
CA GLY I 314 -14.20 -45.36 -57.22
C GLY I 314 -13.03 -45.68 -58.12
N LEU I 315 -11.98 -44.85 -58.12
CA LEU I 315 -10.84 -45.10 -58.99
C LEU I 315 -10.00 -46.26 -58.48
N LYS I 316 -10.31 -47.47 -58.93
CA LYS I 316 -9.45 -48.62 -58.67
C LYS I 316 -8.28 -48.57 -59.65
N GLN I 317 -7.47 -49.64 -59.69
CA GLN I 317 -6.32 -49.63 -60.57
C GLN I 317 -6.73 -49.50 -62.03
N ARG I 318 -7.35 -50.53 -62.58
CA ARG I 318 -7.79 -50.55 -63.97
C ARG I 318 -6.71 -50.05 -64.92
N ALA I 319 -6.78 -48.77 -65.28
CA ALA I 319 -5.85 -48.12 -66.20
C ALA I 319 -4.77 -47.39 -65.40
N HIS I 320 -3.99 -46.54 -66.08
CA HIS I 320 -2.96 -45.74 -65.43
C HIS I 320 -3.34 -44.27 -65.61
N VAL I 321 -4.09 -43.74 -64.65
CA VAL I 321 -4.57 -42.36 -64.69
C VAL I 321 -4.18 -41.67 -63.38
N ILE I 322 -3.81 -40.40 -63.48
CA ILE I 322 -3.44 -39.59 -62.33
C ILE I 322 -4.16 -38.25 -62.43
N VAL I 323 -4.80 -37.84 -61.35
CA VAL I 323 -5.43 -36.53 -61.24
C VAL I 323 -4.52 -35.63 -60.41
N MET I 324 -4.43 -34.36 -60.80
CA MET I 324 -3.63 -33.39 -60.09
C MET I 324 -4.42 -32.10 -59.93
N ALA I 325 -4.25 -31.44 -58.78
CA ALA I 325 -4.95 -30.20 -58.48
C ALA I 325 -3.99 -29.22 -57.86
N ALA I 326 -4.32 -27.94 -57.98
CA ALA I 326 -3.50 -26.87 -57.45
C ALA I 326 -4.36 -25.89 -56.68
N THR I 327 -3.75 -25.22 -55.71
CA THR I 327 -4.43 -24.25 -54.87
C THR I 327 -3.43 -23.18 -54.45
N ASN I 328 -3.90 -22.24 -53.64
CA ASN I 328 -3.08 -21.11 -53.24
C ASN I 328 -2.81 -21.05 -51.74
N ARG I 329 -3.68 -21.62 -50.91
CA ARG I 329 -3.50 -21.58 -49.47
C ARG I 329 -3.91 -22.93 -48.89
N PRO I 330 -3.34 -23.31 -47.73
CA PRO I 330 -3.68 -24.62 -47.17
C PRO I 330 -5.10 -24.72 -46.64
N ASN I 331 -5.64 -23.65 -46.06
CA ASN I 331 -6.97 -23.69 -45.47
C ASN I 331 -8.04 -23.35 -46.52
N SER I 332 -7.95 -24.06 -47.64
CA SER I 332 -8.94 -23.89 -48.70
C SER I 332 -9.35 -25.21 -49.35
N ILE I 333 -8.87 -26.35 -48.87
CA ILE I 333 -9.21 -27.65 -49.44
C ILE I 333 -10.14 -28.36 -48.48
N ASP I 334 -11.15 -29.02 -49.04
CA ASP I 334 -12.06 -29.82 -48.25
C ASP I 334 -11.29 -30.90 -47.51
N PRO I 335 -11.40 -30.99 -46.18
CA PRO I 335 -10.68 -32.04 -45.45
C PRO I 335 -11.05 -33.44 -45.88
N ALA I 336 -12.24 -33.64 -46.45
CA ALA I 336 -12.62 -34.95 -46.95
C ALA I 336 -11.80 -35.38 -48.15
N LEU I 337 -11.16 -34.44 -48.84
CA LEU I 337 -10.33 -34.77 -49.99
C LEU I 337 -8.89 -35.08 -49.61
N ARG I 338 -8.44 -34.68 -48.43
CA ARG I 338 -7.07 -34.91 -48.00
C ARG I 338 -6.89 -36.27 -47.33
N ARG I 339 -7.87 -37.16 -47.44
CA ARG I 339 -7.78 -38.48 -46.83
C ARG I 339 -6.79 -39.35 -47.62
N PHE I 340 -6.48 -40.52 -47.07
CA PHE I 340 -5.60 -41.44 -47.74
C PHE I 340 -6.29 -42.01 -48.98
N GLY I 341 -5.58 -42.02 -50.09
CA GLY I 341 -6.10 -42.52 -51.35
C GLY I 341 -6.60 -41.45 -52.31
N ARG I 342 -6.86 -40.24 -51.82
CA ARG I 342 -7.29 -39.14 -52.68
C ARG I 342 -6.23 -38.04 -52.75
N PHE I 343 -5.85 -37.46 -51.60
CA PHE I 343 -4.76 -36.48 -51.54
C PHE I 343 -3.99 -36.74 -50.25
N ASP I 344 -2.98 -37.60 -50.35
CA ASP I 344 -2.13 -37.92 -49.20
C ASP I 344 -0.70 -37.43 -49.37
N ARG I 345 -0.34 -37.00 -50.57
CA ARG I 345 1.00 -36.54 -50.91
C ARG I 345 0.91 -35.10 -51.39
N GLU I 346 1.63 -34.20 -50.72
CA GLU I 346 1.55 -32.78 -51.00
C GLU I 346 2.96 -32.22 -51.13
N VAL I 347 3.10 -31.22 -52.01
CA VAL I 347 4.38 -30.55 -52.21
C VAL I 347 4.17 -29.05 -52.01
N ASP I 348 5.09 -28.43 -51.29
CA ASP I 348 5.04 -27.00 -51.01
C ASP I 348 6.12 -26.32 -51.83
N ILE I 349 5.71 -25.39 -52.68
CA ILE I 349 6.61 -24.63 -53.52
C ILE I 349 6.59 -23.19 -53.03
N GLY I 350 7.71 -22.75 -52.45
CA GLY I 350 7.80 -21.42 -51.87
C GLY I 350 8.37 -20.41 -52.85
N ILE I 351 8.59 -19.21 -52.33
CA ILE I 351 9.17 -18.14 -53.13
C ILE I 351 10.65 -18.43 -53.37
N PRO I 352 11.12 -18.42 -54.61
CA PRO I 352 12.54 -18.69 -54.87
C PRO I 352 13.44 -17.62 -54.25
N ASP I 353 14.63 -18.05 -53.84
CA ASP I 353 15.61 -17.13 -53.29
C ASP I 353 16.39 -16.46 -54.41
N ALA I 354 17.49 -15.77 -54.08
CA ALA I 354 18.24 -15.04 -55.08
C ALA I 354 18.78 -15.98 -56.16
N THR I 355 19.48 -17.04 -55.75
CA THR I 355 20.00 -17.99 -56.73
C THR I 355 18.88 -18.75 -57.42
N GLY I 356 17.72 -18.89 -56.78
CA GLY I 356 16.56 -19.46 -57.44
C GLY I 356 15.97 -18.49 -58.45
N ARG I 357 15.99 -17.20 -58.12
CA ARG I 357 15.45 -16.20 -59.02
C ARG I 357 16.40 -15.88 -60.17
N LEU I 358 17.66 -16.28 -60.09
CA LEU I 358 18.60 -15.98 -61.17
C LEU I 358 18.16 -16.62 -62.49
N GLU I 359 17.77 -17.90 -62.46
CA GLU I 359 17.47 -18.61 -63.69
C GLU I 359 16.17 -18.14 -64.33
N ILE I 360 15.22 -17.63 -63.54
CA ILE I 360 13.95 -17.16 -64.07
C ILE I 360 14.13 -15.98 -65.03
N LEU I 361 15.13 -15.13 -64.78
CA LEU I 361 15.39 -14.01 -65.69
C LEU I 361 15.77 -14.51 -67.07
N GLN I 362 16.76 -15.40 -67.16
CA GLN I 362 17.20 -15.85 -68.47
C GLN I 362 16.24 -16.79 -69.15
N ILE I 363 15.49 -17.62 -68.41
CA ILE I 363 14.57 -18.52 -69.08
C ILE I 363 13.43 -17.75 -69.77
N HIS I 364 13.30 -16.46 -69.51
CA HIS I 364 12.37 -15.62 -70.25
C HIS I 364 13.04 -14.56 -71.11
N THR I 365 14.30 -14.22 -70.86
CA THR I 365 15.00 -13.24 -71.67
C THR I 365 16.04 -13.88 -72.60
N LYS I 366 15.94 -15.19 -72.79
CA LYS I 366 16.87 -15.87 -73.70
C LYS I 366 16.75 -15.37 -75.13
N ASN I 367 15.53 -15.02 -75.57
CA ASN I 367 15.36 -14.44 -76.89
C ASN I 367 15.74 -12.96 -76.92
N MET I 368 15.99 -12.36 -75.77
CA MET I 368 16.39 -10.96 -75.65
C MET I 368 17.89 -10.93 -75.50
N LYS I 369 18.61 -10.65 -76.58
CA LYS I 369 20.06 -10.57 -76.50
C LYS I 369 20.46 -9.29 -75.77
N LEU I 370 21.36 -9.44 -74.82
CA LEU I 370 21.77 -8.38 -73.92
C LEU I 370 23.16 -7.87 -74.29
N ALA I 371 23.41 -6.61 -73.93
CA ALA I 371 24.65 -5.94 -74.27
C ALA I 371 25.79 -6.45 -73.38
N ASP I 372 26.96 -5.81 -73.49
CA ASP I 372 28.13 -6.22 -72.73
C ASP I 372 28.10 -5.71 -71.30
N ASP I 373 27.67 -4.47 -71.09
CA ASP I 373 27.68 -3.88 -69.76
C ASP I 373 26.54 -4.36 -68.87
N VAL I 374 25.62 -5.15 -69.41
CA VAL I 374 24.45 -5.61 -68.67
C VAL I 374 24.67 -7.03 -68.14
N ASP I 375 24.27 -7.24 -66.90
CA ASP I 375 24.28 -8.55 -66.28
C ASP I 375 23.03 -8.70 -65.43
N LEU I 376 22.56 -9.94 -65.28
CA LEU I 376 21.37 -10.22 -64.49
C LEU I 376 21.68 -10.63 -63.05
N GLU I 377 22.96 -10.58 -62.66
CA GLU I 377 23.36 -11.00 -61.33
C GLU I 377 22.97 -9.98 -60.26
N GLN I 378 23.40 -8.73 -60.39
CA GLN I 378 23.13 -7.73 -59.38
C GLN I 378 21.65 -7.39 -59.27
N VAL I 379 20.90 -7.48 -60.38
CA VAL I 379 19.49 -7.10 -60.36
C VAL I 379 18.62 -8.10 -59.61
N ALA I 380 19.08 -9.34 -59.46
CA ALA I 380 18.33 -10.35 -58.74
C ALA I 380 18.81 -10.54 -57.30
N ASN I 381 19.52 -9.54 -56.77
CA ASN I 381 20.03 -9.60 -55.40
C ASN I 381 19.33 -8.67 -54.43
N GLU I 382 18.77 -7.56 -54.92
CA GLU I 382 18.08 -6.62 -54.04
C GLU I 382 16.63 -7.00 -53.77
N THR I 383 16.10 -8.00 -54.47
CA THR I 383 14.74 -8.48 -54.26
C THR I 383 14.75 -9.79 -53.51
N HIS I 384 13.68 -10.02 -52.74
CA HIS I 384 13.61 -11.24 -51.93
C HIS I 384 12.22 -11.86 -51.91
N GLY I 385 11.24 -11.33 -52.64
CA GLY I 385 9.90 -11.87 -52.57
C GLY I 385 9.21 -11.98 -53.92
N HIS I 386 9.97 -12.26 -54.98
CA HIS I 386 9.44 -12.29 -56.33
C HIS I 386 9.30 -13.72 -56.81
N VAL I 387 8.24 -13.97 -57.57
CA VAL I 387 8.00 -15.29 -58.17
C VAL I 387 8.10 -15.16 -59.69
N GLY I 388 7.91 -16.26 -60.39
CA GLY I 388 8.07 -16.26 -61.84
C GLY I 388 7.17 -15.26 -62.55
N ALA I 389 5.92 -15.16 -62.13
CA ALA I 389 5.00 -14.20 -62.74
C ALA I 389 5.44 -12.76 -62.51
N ASP I 390 5.90 -12.43 -61.31
CA ASP I 390 6.38 -11.08 -61.04
C ASP I 390 7.54 -10.72 -61.94
N LEU I 391 8.52 -11.62 -62.07
CA LEU I 391 9.67 -11.35 -62.92
C LEU I 391 9.29 -11.26 -64.39
N ALA I 392 8.35 -12.11 -64.84
CA ALA I 392 7.89 -12.03 -66.22
C ALA I 392 7.24 -10.69 -66.51
N ALA I 393 6.35 -10.23 -65.62
CA ALA I 393 5.74 -8.93 -65.80
C ALA I 393 6.77 -7.81 -65.76
N LEU I 394 7.73 -7.89 -64.84
CA LEU I 394 8.78 -6.87 -64.74
C LEU I 394 9.59 -6.78 -66.02
N CYS I 395 10.02 -7.92 -66.55
CA CYS I 395 10.79 -7.90 -67.80
C CYS I 395 9.95 -7.44 -68.98
N SER I 396 8.66 -7.80 -69.03
CA SER I 396 7.81 -7.33 -70.11
C SER I 396 7.68 -5.82 -70.10
N GLU I 397 7.41 -5.23 -68.94
CA GLU I 397 7.29 -3.78 -68.89
C GLU I 397 8.63 -3.07 -69.07
N ALA I 398 9.74 -3.67 -68.62
CA ALA I 398 11.04 -3.11 -68.90
C ALA I 398 11.32 -3.06 -70.39
N ALA I 399 10.96 -4.13 -71.11
CA ALA I 399 11.10 -4.12 -72.57
C ALA I 399 10.19 -3.09 -73.22
N LEU I 400 8.97 -2.91 -72.71
CA LEU I 400 8.10 -1.86 -73.23
C LEU I 400 8.71 -0.49 -73.04
N GLN I 401 9.36 -0.25 -71.90
CA GLN I 401 10.03 1.02 -71.68
C GLN I 401 11.14 1.25 -72.71
N ALA I 402 11.92 0.21 -73.00
CA ALA I 402 12.94 0.33 -74.03
C ALA I 402 12.35 0.58 -75.41
N ILE I 403 11.20 -0.05 -75.71
CA ILE I 403 10.54 0.20 -77.00
C ILE I 403 10.12 1.66 -77.11
N ARG I 404 9.47 2.19 -76.08
CA ARG I 404 9.00 3.57 -76.16
C ARG I 404 10.15 4.57 -76.13
N LYS I 405 11.28 4.24 -75.50
CA LYS I 405 12.42 5.14 -75.48
C LYS I 405 12.96 5.45 -76.88
N LYS I 406 12.70 4.58 -77.85
CA LYS I 406 13.07 4.86 -79.23
C LYS I 406 11.88 5.21 -80.13
N MET I 407 10.66 4.76 -79.80
CA MET I 407 9.48 5.16 -80.56
C MET I 407 9.09 6.61 -80.32
N ASP I 408 9.60 7.26 -79.27
CA ASP I 408 9.25 8.65 -79.02
C ASP I 408 9.95 9.61 -79.98
N LEU I 409 11.15 9.25 -80.44
CA LEU I 409 11.88 10.12 -81.35
C LEU I 409 12.00 9.57 -82.77
N ILE I 410 11.96 8.24 -82.95
CA ILE I 410 12.09 7.67 -84.29
C ILE I 410 10.86 7.94 -85.13
N ASP I 411 9.67 7.70 -84.58
CA ASP I 411 8.39 7.98 -85.23
C ASP I 411 8.30 7.25 -86.58
N LEU I 412 8.32 5.92 -86.49
CA LEU I 412 8.22 5.06 -87.67
C LEU I 412 6.80 4.47 -87.69
N GLU I 413 5.92 5.11 -88.47
CA GLU I 413 4.53 4.67 -88.58
C GLU I 413 4.42 3.76 -89.81
N ASP I 414 4.37 2.45 -89.55
CA ASP I 414 4.25 1.48 -90.62
C ASP I 414 3.57 0.23 -90.07
N GLU I 415 3.00 -0.56 -90.97
CA GLU I 415 2.30 -1.79 -90.60
C GLU I 415 3.29 -2.85 -90.13
N THR I 416 4.20 -3.26 -91.02
CA THR I 416 5.20 -4.25 -90.67
C THR I 416 6.49 -3.56 -90.24
N ILE I 417 7.22 -4.22 -89.35
CA ILE I 417 8.46 -3.68 -88.81
C ILE I 417 9.63 -4.46 -89.41
N ASP I 418 10.74 -3.77 -89.61
CA ASP I 418 11.94 -4.35 -90.21
C ASP I 418 12.87 -4.89 -89.13
N ALA I 419 13.66 -5.90 -89.51
CA ALA I 419 14.60 -6.52 -88.58
C ALA I 419 15.91 -5.74 -88.47
N GLU I 420 16.12 -4.71 -89.30
CA GLU I 420 17.34 -3.92 -89.23
C GLU I 420 17.42 -3.08 -87.95
N VAL I 421 16.28 -2.82 -87.31
CA VAL I 421 16.27 -2.09 -86.05
C VAL I 421 15.97 -3.00 -84.85
N MET I 422 15.35 -4.16 -85.09
CA MET I 422 15.09 -5.10 -83.99
C MET I 422 16.39 -5.60 -83.36
N ASN I 423 17.39 -5.94 -84.17
CA ASN I 423 18.64 -6.45 -83.63
C ASN I 423 19.42 -5.36 -82.90
N SER I 424 19.35 -4.11 -83.37
CA SER I 424 20.11 -3.04 -82.74
C SER I 424 19.60 -2.68 -81.35
N LEU I 425 18.34 -3.00 -81.05
CA LEU I 425 17.77 -2.68 -79.75
C LEU I 425 18.36 -3.58 -78.67
N ALA I 426 18.66 -2.98 -77.51
CA ALA I 426 19.15 -3.72 -76.36
C ALA I 426 18.81 -2.95 -75.10
N VAL I 427 18.37 -3.66 -74.07
CA VAL I 427 18.02 -3.03 -72.80
C VAL I 427 19.28 -2.61 -72.07
N THR I 428 19.19 -1.52 -71.30
CA THR I 428 20.34 -0.92 -70.66
C THR I 428 20.22 -0.98 -69.13
N MET I 429 21.17 -0.33 -68.46
CA MET I 429 21.16 -0.32 -66.99
C MET I 429 19.93 0.39 -66.45
N ASP I 430 19.67 1.61 -66.93
CA ASP I 430 18.59 2.41 -66.39
C ASP I 430 17.23 1.76 -66.53
N ASP I 431 17.05 0.87 -67.52
CA ASP I 431 15.77 0.19 -67.67
C ASP I 431 15.47 -0.73 -66.51
N PHE I 432 16.42 -1.60 -66.14
CA PHE I 432 16.20 -2.47 -65.00
C PHE I 432 16.17 -1.69 -63.70
N ARG I 433 16.87 -0.55 -63.63
CA ARG I 433 16.77 0.29 -62.45
C ARG I 433 15.38 0.89 -62.29
N TRP I 434 14.84 1.45 -63.38
CA TRP I 434 13.54 2.09 -63.34
C TRP I 434 12.40 1.07 -63.22
N ALA I 435 12.64 -0.17 -63.66
CA ALA I 435 11.61 -1.19 -63.57
C ALA I 435 11.25 -1.50 -62.12
N LEU I 436 12.24 -1.64 -61.24
CA LEU I 436 11.99 -1.99 -59.86
C LEU I 436 11.52 -0.81 -59.02
N SER I 437 11.84 0.42 -59.43
CA SER I 437 11.40 1.61 -58.72
C SER I 437 9.93 1.94 -58.95
N GLN I 438 9.27 1.17 -59.82
CA GLN I 438 7.85 1.35 -60.08
C GLN I 438 7.05 0.51 -59.08
N SER I 439 5.75 0.32 -59.30
CA SER I 439 4.90 -0.35 -58.33
C SER I 439 4.78 -1.85 -58.55
N ASN I 440 5.45 -2.43 -59.54
CA ASN I 440 5.34 -3.86 -59.76
C ASN I 440 5.96 -4.76 -58.67
N PRO I 441 6.95 -4.33 -57.87
CA PRO I 441 7.39 -5.20 -56.77
C PRO I 441 6.38 -5.29 -55.63
N SER I 442 5.34 -4.48 -55.65
CA SER I 442 4.35 -4.48 -54.58
C SER I 442 3.55 -5.78 -54.62
N ALA I 443 3.93 -6.73 -53.77
CA ALA I 443 3.29 -8.04 -53.75
C ALA I 443 3.13 -8.51 -52.31
N LEU I 444 2.84 -9.79 -52.13
CA LEU I 444 2.60 -10.36 -50.81
C LEU I 444 3.88 -11.02 -50.31
N ARG I 445 4.17 -10.81 -49.03
CA ARG I 445 5.38 -11.32 -48.40
C ARG I 445 5.02 -12.35 -47.34
N GLU I 446 5.66 -13.52 -47.40
CA GLU I 446 5.49 -14.56 -46.39
C GLU I 446 6.81 -15.27 -46.13
N THR I 447 6.75 -16.43 -45.47
CA THR I 447 7.93 -17.20 -45.14
C THR I 447 8.66 -17.60 -46.41
N VAL I 448 9.89 -17.12 -46.57
CA VAL I 448 10.71 -17.40 -47.73
C VAL I 448 11.74 -18.45 -47.35
N VAL I 449 12.06 -19.34 -48.28
CA VAL I 449 13.00 -20.43 -48.03
C VAL I 449 14.28 -20.12 -48.80
N GLU I 450 15.31 -19.72 -48.07
CA GLU I 450 16.59 -19.38 -48.66
C GLU I 450 17.72 -20.15 -47.97
N VAL I 451 18.87 -20.16 -48.62
CA VAL I 451 20.07 -20.84 -48.10
C VAL I 451 21.07 -19.77 -47.68
N PRO I 452 21.61 -19.84 -46.47
CA PRO I 452 22.56 -18.82 -46.03
C PRO I 452 23.89 -18.94 -46.78
N GLN I 453 24.67 -17.86 -46.70
CA GLN I 453 25.96 -17.80 -47.37
C GLN I 453 27.07 -17.35 -46.43
N VAL I 454 26.96 -17.69 -45.15
CA VAL I 454 27.95 -17.32 -44.14
C VAL I 454 28.54 -18.60 -43.56
N THR I 455 29.87 -18.69 -43.58
CA THR I 455 30.57 -19.89 -43.13
C THR I 455 31.59 -19.54 -42.05
N TRP I 456 32.44 -20.50 -41.68
CA TRP I 456 33.32 -20.28 -40.54
C TRP I 456 34.35 -19.18 -40.81
N GLU I 457 34.98 -19.18 -41.98
CA GLU I 457 35.94 -18.12 -42.26
C GLU I 457 35.28 -16.77 -42.40
N ASP I 458 34.01 -16.74 -42.79
CA ASP I 458 33.30 -15.48 -42.98
C ASP I 458 33.12 -14.73 -41.66
N ILE I 459 33.08 -15.44 -40.54
CA ILE I 459 32.96 -14.81 -39.24
C ILE I 459 34.24 -15.09 -38.45
N GLY I 460 34.33 -14.52 -37.25
CA GLY I 460 35.50 -14.73 -36.43
C GLY I 460 35.15 -14.71 -34.96
N GLY I 461 36.11 -15.11 -34.15
CA GLY I 461 35.92 -15.10 -32.71
C GLY I 461 34.90 -16.12 -32.27
N LEU I 462 34.56 -16.05 -30.97
CA LEU I 462 33.57 -16.92 -30.36
C LEU I 462 33.93 -18.39 -30.58
N GLU I 463 35.21 -18.71 -30.36
CA GLU I 463 35.69 -20.08 -30.44
C GLU I 463 35.05 -20.97 -29.38
N ASP I 464 34.53 -20.38 -28.30
CA ASP I 464 33.91 -21.18 -27.25
C ASP I 464 32.50 -21.64 -27.59
N VAL I 465 31.82 -20.98 -28.53
CA VAL I 465 30.50 -21.41 -28.96
C VAL I 465 30.49 -21.95 -30.38
N LYS I 466 31.45 -21.59 -31.22
CA LYS I 466 31.62 -22.30 -32.48
C LYS I 466 32.00 -23.75 -32.22
N ARG I 467 32.83 -23.99 -31.20
CA ARG I 467 33.27 -25.32 -30.88
C ARG I 467 32.10 -26.18 -30.45
N GLU I 468 31.07 -25.56 -29.87
CA GLU I 468 29.96 -26.26 -29.24
C GLU I 468 28.73 -26.40 -30.14
N LEU I 469 28.43 -25.38 -30.96
CA LEU I 469 27.28 -25.49 -31.85
C LEU I 469 27.44 -26.65 -32.83
N GLN I 470 28.66 -26.83 -33.34
CA GLN I 470 28.93 -27.96 -34.22
C GLN I 470 28.69 -29.28 -33.53
N GLU I 471 29.06 -29.42 -32.26
CA GLU I 471 28.89 -30.66 -31.52
C GLU I 471 27.44 -31.12 -31.45
N LEU I 472 26.48 -30.20 -31.57
CA LEU I 472 25.08 -30.57 -31.48
C LEU I 472 24.29 -30.34 -32.76
N VAL I 473 24.90 -29.78 -33.81
CA VAL I 473 24.26 -29.66 -35.11
C VAL I 473 24.99 -30.45 -36.18
N GLN I 474 26.29 -30.17 -36.38
CA GLN I 474 26.98 -30.66 -37.56
C GLN I 474 27.11 -32.17 -37.57
N TYR I 475 27.59 -32.76 -36.47
CA TYR I 475 27.83 -34.19 -36.47
C TYR I 475 26.55 -35.00 -36.62
N PRO I 476 25.46 -34.75 -35.88
CA PRO I 476 24.24 -35.52 -36.14
C PRO I 476 23.47 -34.98 -37.32
N VAL I 477 24.19 -34.56 -38.36
CA VAL I 477 23.63 -34.28 -39.67
C VAL I 477 24.51 -34.98 -40.70
N GLU I 478 25.81 -34.73 -40.62
CA GLU I 478 26.79 -35.24 -41.56
C GLU I 478 27.33 -36.61 -41.20
N HIS I 479 26.94 -37.17 -40.05
CA HIS I 479 27.42 -38.48 -39.60
C HIS I 479 26.21 -39.34 -39.28
N PRO I 480 25.53 -39.88 -40.30
CA PRO I 480 24.37 -40.74 -40.04
C PRO I 480 24.72 -42.01 -39.27
N ASP I 481 25.95 -42.52 -39.41
CA ASP I 481 26.33 -43.76 -38.75
C ASP I 481 26.38 -43.62 -37.23
N LYS I 482 26.63 -42.42 -36.72
CA LYS I 482 26.73 -42.21 -35.29
C LYS I 482 25.34 -41.97 -34.69
N PHE I 483 25.32 -41.75 -33.37
CA PHE I 483 24.12 -41.35 -32.62
C PHE I 483 23.08 -42.46 -32.51
N LEU I 484 23.39 -43.65 -32.98
CA LEU I 484 22.53 -44.79 -32.66
C LEU I 484 23.33 -45.99 -32.18
N LYS I 485 24.61 -46.09 -32.55
CA LYS I 485 25.46 -47.13 -31.99
C LYS I 485 25.65 -46.92 -30.49
N PHE I 486 25.81 -45.68 -30.06
CA PHE I 486 25.94 -45.33 -28.65
C PHE I 486 24.59 -45.12 -27.98
N GLY I 487 23.50 -45.35 -28.70
CA GLY I 487 22.18 -45.17 -28.12
C GLY I 487 21.75 -43.73 -28.21
N MET I 488 21.31 -43.18 -27.08
CA MET I 488 20.96 -41.78 -26.89
C MET I 488 20.04 -41.26 -28.00
N THR I 489 20.00 -39.93 -28.20
CA THR I 489 19.14 -39.33 -29.21
C THR I 489 19.53 -37.87 -29.39
N PRO I 490 19.54 -37.36 -30.62
CA PRO I 490 19.89 -35.95 -30.83
C PRO I 490 18.79 -35.03 -30.33
N SER I 491 19.16 -33.77 -30.15
CA SER I 491 18.24 -32.74 -29.67
C SER I 491 17.43 -32.18 -30.83
N LYS I 492 16.46 -31.33 -30.52
CA LYS I 492 15.69 -30.66 -31.56
C LYS I 492 15.76 -29.14 -31.39
N GLY I 493 15.87 -28.67 -30.15
CA GLY I 493 15.71 -27.27 -29.85
C GLY I 493 16.89 -26.64 -29.17
N VAL I 494 17.20 -25.40 -29.57
CA VAL I 494 18.25 -24.60 -28.96
C VAL I 494 17.69 -23.21 -28.71
N LEU I 495 17.86 -22.70 -27.50
CA LEU I 495 17.38 -21.37 -27.13
C LEU I 495 18.58 -20.44 -26.99
N PHE I 496 18.56 -19.34 -27.74
CA PHE I 496 19.62 -18.34 -27.69
C PHE I 496 19.18 -17.15 -26.86
N TYR I 497 20.10 -16.66 -26.04
CA TYR I 497 19.80 -15.64 -25.04
C TYR I 497 21.05 -14.81 -24.79
N GLY I 498 20.84 -13.58 -24.33
CA GLY I 498 21.94 -12.70 -24.07
C GLY I 498 21.60 -11.26 -24.39
N PRO I 499 22.61 -10.40 -24.46
CA PRO I 499 22.39 -8.99 -24.74
C PRO I 499 21.79 -8.80 -26.13
N PRO I 500 20.87 -7.85 -26.29
CA PRO I 500 20.32 -7.57 -27.62
C PRO I 500 21.38 -7.03 -28.56
N GLY I 501 21.22 -7.32 -29.84
CA GLY I 501 22.16 -6.87 -30.84
C GLY I 501 23.42 -7.69 -30.97
N CYS I 502 23.44 -8.92 -30.43
CA CYS I 502 24.63 -9.75 -30.50
C CYS I 502 24.72 -10.55 -31.80
N GLY I 503 23.73 -10.41 -32.69
CA GLY I 503 23.76 -11.11 -33.96
C GLY I 503 23.33 -12.56 -33.88
N LYS I 504 22.32 -12.84 -33.06
CA LYS I 504 21.84 -14.21 -32.90
C LYS I 504 21.27 -14.79 -34.18
N THR I 505 20.54 -13.99 -34.96
CA THR I 505 20.00 -14.49 -36.23
C THR I 505 21.11 -14.91 -37.17
N LEU I 506 22.14 -14.07 -37.29
CA LEU I 506 23.27 -14.43 -38.14
C LEU I 506 24.05 -15.62 -37.60
N LEU I 507 24.20 -15.73 -36.29
CA LEU I 507 24.87 -16.88 -35.71
C LEU I 507 24.10 -18.16 -36.02
N ALA I 508 22.76 -18.10 -35.97
CA ALA I 508 21.96 -19.26 -36.33
C ALA I 508 22.03 -19.58 -37.81
N LYS I 509 22.11 -18.58 -38.68
CA LYS I 509 22.27 -18.84 -40.11
C LYS I 509 23.62 -19.45 -40.43
N ALA I 510 24.66 -19.05 -39.71
CA ALA I 510 26.01 -19.51 -40.01
C ALA I 510 26.17 -21.02 -39.89
N ILE I 511 25.41 -21.66 -39.00
CA ILE I 511 25.51 -23.11 -38.83
C ILE I 511 24.59 -23.86 -39.79
N ALA I 512 23.50 -23.23 -40.23
CA ALA I 512 22.52 -23.91 -41.09
C ALA I 512 23.01 -24.10 -42.52
N ASN I 513 23.87 -23.22 -43.03
CA ASN I 513 24.31 -23.37 -44.41
C ASN I 513 25.40 -24.43 -44.58
N GLU I 514 26.19 -24.70 -43.55
CA GLU I 514 27.26 -25.68 -43.64
C GLU I 514 26.78 -27.12 -43.47
N CYS I 515 25.53 -27.33 -43.07
CA CYS I 515 24.97 -28.67 -42.96
C CYS I 515 24.10 -29.02 -44.15
N GLN I 516 24.16 -28.23 -45.23
CA GLN I 516 23.38 -28.44 -46.45
C GLN I 516 21.88 -28.52 -46.13
N ALA I 517 21.42 -27.43 -45.51
CA ALA I 517 20.01 -27.31 -45.15
C ALA I 517 19.53 -25.91 -45.50
N ASN I 518 18.22 -25.80 -45.74
CA ASN I 518 17.62 -24.51 -46.03
C ASN I 518 17.37 -23.78 -44.72
N PHE I 519 16.83 -22.57 -44.80
CA PHE I 519 16.63 -21.74 -43.62
C PHE I 519 15.38 -20.90 -43.82
N ILE I 520 14.52 -20.87 -42.79
CA ILE I 520 13.36 -20.00 -42.76
C ILE I 520 13.49 -19.11 -41.53
N SER I 521 13.35 -17.80 -41.72
CA SER I 521 13.51 -16.85 -40.65
C SER I 521 12.13 -16.41 -40.16
N ILE I 522 11.88 -16.61 -38.87
CA ILE I 522 10.62 -16.21 -38.24
C ILE I 522 10.96 -15.19 -37.18
N LYS I 523 10.81 -13.91 -37.52
CA LYS I 523 11.05 -12.86 -36.54
C LYS I 523 9.82 -12.67 -35.67
N GLY I 524 10.01 -11.99 -34.55
CA GLY I 524 8.98 -11.85 -33.54
C GLY I 524 7.67 -11.24 -33.99
N PRO I 525 7.69 -9.97 -34.39
CA PRO I 525 6.42 -9.26 -34.62
C PRO I 525 5.57 -9.83 -35.74
N GLU I 526 6.15 -10.58 -36.69
CA GLU I 526 5.34 -11.11 -37.78
C GLU I 526 4.47 -12.26 -37.29
N LEU I 527 4.94 -13.04 -36.33
CA LEU I 527 4.08 -14.05 -35.72
C LEU I 527 3.07 -13.44 -34.75
N LEU I 528 3.20 -12.15 -34.43
CA LEU I 528 2.22 -11.46 -33.60
C LEU I 528 1.15 -10.77 -34.43
N THR I 529 1.53 -10.23 -35.60
CA THR I 529 0.55 -9.59 -36.46
C THR I 529 -0.35 -10.60 -37.15
N MET I 530 0.08 -11.85 -37.25
CA MET I 530 -0.74 -12.93 -37.79
C MET I 530 -1.59 -13.61 -36.73
N TRP I 531 -1.57 -13.09 -35.50
CA TRP I 531 -2.34 -13.65 -34.41
C TRP I 531 -3.78 -13.16 -34.38
N PHE I 532 -4.00 -11.89 -34.69
CA PHE I 532 -5.33 -11.25 -34.60
C PHE I 532 -5.84 -11.42 -33.17
N GLY I 533 -7.13 -11.63 -32.98
CA GLY I 533 -7.69 -11.86 -31.67
C GLY I 533 -8.64 -13.04 -31.62
N GLU I 534 -8.30 -14.04 -30.82
CA GLU I 534 -9.13 -15.22 -30.58
C GLU I 534 -9.33 -16.06 -31.84
N SER I 535 -8.54 -15.80 -32.89
CA SER I 535 -8.64 -16.60 -34.11
C SER I 535 -7.34 -16.44 -34.90
N GLU I 536 -6.55 -17.51 -34.95
CA GLU I 536 -5.38 -17.54 -35.82
C GLU I 536 -5.47 -18.66 -36.85
N ALA I 537 -5.66 -19.90 -36.39
CA ALA I 537 -5.85 -21.08 -37.24
C ALA I 537 -4.78 -21.21 -38.33
N ASN I 538 -3.59 -20.68 -38.06
CA ASN I 538 -2.52 -20.73 -39.06
C ASN I 538 -1.18 -21.07 -38.39
N VAL I 539 -1.15 -22.12 -37.59
CA VAL I 539 0.10 -22.58 -36.98
C VAL I 539 0.54 -23.92 -37.56
N ARG I 540 -0.42 -24.83 -37.77
CA ARG I 540 -0.06 -26.19 -38.18
C ARG I 540 0.65 -26.21 -39.52
N GLU I 541 0.37 -25.25 -40.40
CA GLU I 541 0.95 -25.27 -41.74
C GLU I 541 2.31 -24.60 -41.83
N ILE I 542 2.75 -23.88 -40.79
CA ILE I 542 4.05 -23.22 -40.85
C ILE I 542 5.18 -24.15 -40.46
N PHE I 543 4.88 -25.35 -39.98
CA PHE I 543 5.89 -26.32 -39.61
C PHE I 543 6.13 -27.36 -40.70
N ASP I 544 5.13 -27.61 -41.55
CA ASP I 544 5.28 -28.63 -42.59
C ASP I 544 6.24 -28.18 -43.68
N LYS I 545 6.34 -26.88 -43.94
CA LYS I 545 7.27 -26.38 -44.95
C LYS I 545 8.70 -26.70 -44.58
N ALA I 546 9.04 -26.68 -43.30
CA ALA I 546 10.36 -27.10 -42.83
C ALA I 546 10.53 -28.61 -42.86
N ARG I 547 9.44 -29.36 -42.97
CA ARG I 547 9.50 -30.82 -43.04
C ARG I 547 9.66 -31.33 -44.46
N GLN I 548 8.92 -30.77 -45.42
CA GLN I 548 9.10 -31.17 -46.81
C GLN I 548 10.46 -30.74 -47.34
N ALA I 549 10.99 -29.63 -46.86
CA ALA I 549 12.29 -29.12 -47.29
C ALA I 549 13.42 -29.64 -46.42
N ALA I 550 13.48 -30.96 -46.26
CA ALA I 550 14.55 -31.56 -45.47
C ALA I 550 15.83 -31.65 -46.28
N PRO I 551 17.00 -31.38 -45.67
CA PRO I 551 17.13 -30.89 -44.30
C PRO I 551 16.79 -29.41 -44.18
N CYS I 552 16.32 -28.99 -43.00
CA CYS I 552 15.98 -27.59 -42.78
C CYS I 552 16.26 -27.25 -41.33
N VAL I 553 16.66 -26.00 -41.10
CA VAL I 553 16.91 -25.47 -39.77
C VAL I 553 15.95 -24.32 -39.54
N LEU I 554 15.06 -24.49 -38.57
CA LEU I 554 14.06 -23.47 -38.26
C LEU I 554 14.58 -22.54 -37.18
N PHE I 555 14.23 -21.27 -37.29
CA PHE I 555 14.70 -20.25 -36.36
C PHE I 555 13.55 -19.38 -35.90
N PHE I 556 13.45 -19.16 -34.60
CA PHE I 556 12.49 -18.24 -34.00
C PHE I 556 13.27 -17.04 -33.48
N ASP I 557 13.21 -15.94 -34.21
CA ASP I 557 13.93 -14.74 -33.84
C ASP I 557 13.07 -13.94 -32.87
N GLU I 558 13.63 -13.68 -31.69
CA GLU I 558 12.95 -12.83 -30.72
C GLU I 558 11.59 -13.45 -30.40
N LEU I 559 11.63 -14.67 -29.87
CA LEU I 559 10.48 -15.33 -29.30
C LEU I 559 9.87 -14.54 -28.14
N ASP I 560 10.60 -13.55 -27.59
CA ASP I 560 10.14 -12.80 -26.41
C ASP I 560 8.95 -11.90 -26.71
N SER I 561 8.66 -11.68 -27.99
CA SER I 561 7.50 -10.92 -28.45
C SER I 561 6.18 -11.49 -27.95
N ILE I 562 6.02 -12.81 -27.90
CA ILE I 562 4.76 -13.38 -27.40
C ILE I 562 4.58 -13.02 -25.93
N ALA I 563 5.64 -13.13 -25.12
CA ALA I 563 5.55 -12.72 -23.74
C ALA I 563 5.29 -11.22 -23.59
N LYS I 564 5.79 -10.41 -24.53
CA LYS I 564 5.49 -8.99 -24.52
C LYS I 564 3.98 -8.74 -24.47
N ALA I 565 3.21 -9.41 -25.34
CA ALA I 565 1.78 -9.16 -25.41
C ALA I 565 1.03 -9.67 -24.19
N ARG I 566 1.38 -10.83 -23.66
CA ARG I 566 0.68 -11.37 -22.50
C ARG I 566 1.00 -10.57 -21.24
N GLY I 567 2.28 -10.36 -20.94
CA GLY I 567 2.66 -9.54 -19.81
C GLY I 567 4.14 -9.25 -19.81
N GLY I 568 4.50 -7.98 -19.69
CA GLY I 568 5.88 -7.56 -19.71
C GLY I 568 6.23 -6.69 -18.52
N ASN I 569 7.54 -6.48 -18.34
CA ASN I 569 8.05 -5.66 -17.26
C ASN I 569 7.56 -6.19 -15.92
N ILE I 570 6.44 -5.66 -15.44
CA ILE I 570 5.86 -6.15 -14.18
C ILE I 570 5.22 -7.51 -14.37
N GLY I 571 4.39 -7.66 -15.40
CA GLY I 571 3.71 -8.90 -15.68
C GLY I 571 2.34 -8.97 -15.02
N ASP I 572 1.60 -10.02 -15.38
CA ASP I 572 0.26 -10.25 -14.86
C ASP I 572 0.35 -10.96 -13.51
N GLY I 573 -0.80 -11.36 -12.96
CA GLY I 573 -0.81 -12.05 -11.68
C GLY I 573 -0.34 -13.49 -11.77
N GLY I 574 -0.41 -14.09 -12.95
CA GLY I 574 0.03 -15.46 -13.14
C GLY I 574 1.16 -15.60 -14.14
N GLY I 575 1.28 -16.80 -14.71
CA GLY I 575 2.31 -17.05 -15.69
C GLY I 575 2.02 -16.37 -17.02
N ALA I 576 3.07 -16.22 -17.82
CA ALA I 576 2.97 -15.58 -19.13
C ALA I 576 2.79 -16.63 -20.22
N ALA I 577 1.75 -17.44 -20.04
CA ALA I 577 1.41 -18.52 -20.97
C ALA I 577 0.38 -18.03 -21.96
N ASP I 578 0.27 -18.74 -23.08
CA ASP I 578 -0.64 -18.33 -24.15
C ASP I 578 -1.10 -19.54 -24.94
N ARG I 579 -2.28 -19.39 -25.56
CA ARG I 579 -2.83 -20.41 -26.43
C ARG I 579 -2.07 -20.53 -27.74
N VAL I 580 -1.17 -19.59 -28.01
CA VAL I 580 -0.27 -19.74 -29.15
C VAL I 580 1.06 -20.38 -28.75
N ILE I 581 1.37 -20.38 -27.46
CA ILE I 581 2.60 -21.03 -27.00
C ILE I 581 2.34 -22.51 -26.71
N ASN I 582 1.21 -22.82 -26.06
CA ASN I 582 0.92 -24.21 -25.76
C ASN I 582 0.74 -25.03 -27.03
N GLN I 583 0.09 -24.47 -28.05
CA GLN I 583 -0.16 -25.20 -29.29
C GLN I 583 1.10 -25.47 -30.08
N ILE I 584 2.13 -24.63 -29.98
CA ILE I 584 3.39 -24.90 -30.67
C ILE I 584 4.27 -25.84 -29.85
N LEU I 585 4.25 -25.71 -28.52
CA LEU I 585 5.06 -26.63 -27.72
C LEU I 585 4.48 -28.04 -27.74
N THR I 586 3.16 -28.16 -27.94
CA THR I 586 2.58 -29.49 -28.13
C THR I 586 2.86 -30.01 -29.54
N GLU I 587 2.86 -29.13 -30.53
CA GLU I 587 3.11 -29.56 -31.90
C GLU I 587 4.55 -30.06 -32.07
N MET I 588 5.51 -29.44 -31.40
CA MET I 588 6.90 -29.85 -31.61
C MET I 588 7.22 -31.17 -30.91
N ASP I 589 6.30 -31.72 -30.11
CA ASP I 589 6.51 -33.00 -29.46
C ASP I 589 5.98 -34.18 -30.25
N GLY I 590 5.16 -33.95 -31.28
CA GLY I 590 4.62 -35.06 -32.04
C GLY I 590 5.60 -35.66 -33.03
N MET I 591 6.63 -34.90 -33.38
CA MET I 591 7.61 -35.33 -34.36
C MET I 591 8.51 -36.41 -33.79
N SER I 592 8.93 -37.32 -34.65
CA SER I 592 9.84 -38.40 -34.28
C SER I 592 11.26 -37.84 -34.16
N THR I 593 12.07 -38.52 -33.36
CA THR I 593 13.42 -38.05 -33.12
C THR I 593 14.32 -38.19 -34.34
N LYS I 594 13.93 -39.00 -35.31
CA LYS I 594 14.80 -39.30 -36.44
C LYS I 594 14.65 -38.29 -37.58
N LYS I 595 13.66 -37.40 -37.51
CA LYS I 595 13.58 -36.31 -38.47
C LYS I 595 14.76 -35.37 -38.28
N ASN I 596 15.15 -34.71 -39.36
CA ASN I 596 16.29 -33.80 -39.36
C ASN I 596 15.89 -32.35 -39.16
N VAL I 597 14.64 -32.09 -38.83
CA VAL I 597 14.17 -30.73 -38.58
C VAL I 597 14.77 -30.24 -37.26
N PHE I 598 15.30 -29.03 -37.28
CA PHE I 598 15.93 -28.42 -36.11
C PHE I 598 15.31 -27.05 -35.87
N ILE I 599 14.74 -26.87 -34.68
CA ILE I 599 14.12 -25.61 -34.30
C ILE I 599 15.06 -24.87 -33.35
N ILE I 600 15.23 -23.58 -33.57
CA ILE I 600 16.13 -22.75 -32.78
C ILE I 600 15.37 -21.53 -32.30
N GLY I 601 15.39 -21.29 -31.00
CA GLY I 601 14.75 -20.13 -30.42
C GLY I 601 15.75 -19.07 -30.01
N ALA I 602 15.28 -17.82 -29.99
CA ALA I 602 16.12 -16.70 -29.62
C ALA I 602 15.31 -15.74 -28.76
N THR I 603 15.93 -15.21 -27.72
CA THR I 603 15.29 -14.27 -26.81
C THR I 603 16.34 -13.33 -26.28
N ASN I 604 15.88 -12.31 -25.53
CA ASN I 604 16.78 -11.32 -24.95
C ASN I 604 16.56 -11.13 -23.46
N ARG I 605 15.46 -11.66 -22.91
CA ARG I 605 15.15 -11.52 -21.49
C ARG I 605 14.72 -12.87 -20.94
N PRO I 606 15.68 -13.80 -20.76
CA PRO I 606 15.33 -15.19 -20.42
C PRO I 606 15.03 -15.39 -18.94
N ASP I 607 14.05 -14.64 -18.44
CA ASP I 607 13.60 -14.82 -17.07
C ASP I 607 12.07 -14.81 -16.98
N ILE I 608 11.42 -14.43 -18.07
CA ILE I 608 9.96 -14.34 -18.11
C ILE I 608 9.32 -15.38 -19.00
N ILE I 609 10.11 -16.15 -19.76
CA ILE I 609 9.56 -17.20 -20.59
C ILE I 609 9.18 -18.39 -19.73
N ASP I 610 8.07 -19.05 -20.07
CA ASP I 610 7.60 -20.18 -19.31
C ASP I 610 8.61 -21.32 -19.37
N PRO I 611 8.81 -22.07 -18.27
CA PRO I 611 9.67 -23.25 -18.33
C PRO I 611 9.00 -24.40 -19.07
N ALA I 612 7.75 -24.20 -19.47
CA ALA I 612 7.01 -25.24 -20.18
C ALA I 612 7.71 -25.63 -21.48
N ILE I 613 8.19 -24.65 -22.25
CA ILE I 613 8.98 -24.98 -23.43
C ILE I 613 10.42 -25.31 -23.06
N LEU I 614 10.88 -24.90 -21.87
CA LEU I 614 12.20 -25.26 -21.38
C LEU I 614 12.23 -26.64 -20.73
N ARG I 615 11.19 -27.43 -20.93
CA ARG I 615 11.14 -28.76 -20.35
C ARG I 615 12.25 -29.64 -20.93
N PRO I 616 12.74 -30.61 -20.18
CA PRO I 616 13.81 -31.49 -20.69
C PRO I 616 13.31 -32.43 -21.77
N GLY I 617 13.34 -31.97 -23.01
CA GLY I 617 12.83 -32.74 -24.13
C GLY I 617 12.27 -31.86 -25.24
N ARG I 618 12.14 -30.56 -24.97
CA ARG I 618 11.84 -29.58 -26.01
C ARG I 618 12.99 -28.60 -26.18
N LEU I 619 13.40 -27.90 -25.12
CA LEU I 619 14.55 -27.00 -25.16
C LEU I 619 15.52 -27.45 -24.08
N ASP I 620 16.40 -28.39 -24.43
CA ASP I 620 17.31 -28.98 -23.45
C ASP I 620 18.58 -28.15 -23.32
N GLN I 621 19.29 -27.95 -24.42
CA GLN I 621 20.55 -27.22 -24.38
C GLN I 621 20.29 -25.72 -24.37
N LEU I 622 20.98 -25.03 -23.45
CA LEU I 622 20.90 -23.57 -23.35
C LEU I 622 22.28 -23.01 -23.69
N ILE I 623 22.31 -22.10 -24.66
CA ILE I 623 23.56 -21.55 -25.19
C ILE I 623 23.54 -20.04 -25.03
N TYR I 624 24.61 -19.50 -24.48
CA TYR I 624 24.72 -18.08 -24.20
C TYR I 624 25.58 -17.40 -25.26
N ILE I 625 25.13 -16.23 -25.71
CA ILE I 625 25.88 -15.46 -26.69
C ILE I 625 26.54 -14.29 -25.97
N PRO I 626 27.84 -14.32 -25.75
CA PRO I 626 28.49 -13.21 -25.05
C PRO I 626 28.77 -12.04 -25.97
N LEU I 627 29.41 -11.00 -25.45
CA LEU I 627 29.78 -9.86 -26.26
C LEU I 627 30.86 -10.26 -27.26
N PRO I 628 30.85 -9.66 -28.46
CA PRO I 628 31.87 -9.99 -29.45
C PRO I 628 33.28 -9.67 -28.96
N ASP I 629 34.22 -10.55 -29.28
CA ASP I 629 35.60 -10.37 -28.87
C ASP I 629 36.38 -9.66 -29.98
N GLU I 630 37.71 -9.63 -29.85
CA GLU I 630 38.54 -8.93 -30.83
C GLU I 630 38.43 -9.54 -32.22
N LYS I 631 38.46 -10.87 -32.32
CA LYS I 631 38.47 -11.53 -33.62
C LYS I 631 37.15 -11.29 -34.37
N SER I 632 36.05 -11.18 -33.65
CA SER I 632 34.76 -10.88 -34.28
C SER I 632 34.60 -9.39 -34.55
N ARG I 633 35.13 -8.54 -33.68
CA ARG I 633 35.05 -7.11 -33.89
C ARG I 633 35.78 -6.69 -35.15
N VAL I 634 36.97 -7.25 -35.40
CA VAL I 634 37.67 -6.92 -36.64
C VAL I 634 36.91 -7.47 -37.85
N ALA I 635 36.26 -8.63 -37.71
CA ALA I 635 35.56 -9.24 -38.83
C ALA I 635 34.31 -8.47 -39.23
N ILE I 636 33.54 -7.97 -38.26
CA ILE I 636 32.33 -7.23 -38.59
C ILE I 636 32.66 -5.99 -39.40
N LEU I 637 33.76 -5.31 -39.07
CA LEU I 637 34.17 -4.14 -39.83
C LEU I 637 34.61 -4.50 -41.24
N LYS I 638 35.32 -5.60 -41.43
CA LYS I 638 35.70 -6.04 -42.77
C LYS I 638 34.52 -6.57 -43.56
N ALA I 639 33.37 -6.79 -42.91
CA ALA I 639 32.19 -7.32 -43.57
C ALA I 639 31.16 -6.26 -43.92
N ASN I 640 30.96 -5.25 -43.07
CA ASN I 640 29.88 -4.31 -43.31
C ASN I 640 30.27 -3.21 -44.31
N LEU I 641 31.51 -3.20 -44.77
CA LEU I 641 31.96 -2.24 -45.77
C LEU I 641 32.56 -2.93 -46.99
N ARG I 642 32.16 -4.18 -47.24
CA ARG I 642 32.75 -4.98 -48.31
C ARG I 642 32.54 -4.37 -49.69
N LYS I 643 31.54 -3.50 -49.86
CA LYS I 643 31.22 -2.90 -51.14
C LYS I 643 31.54 -1.41 -51.19
N SER I 644 32.49 -0.96 -50.37
CA SER I 644 32.87 0.44 -50.34
C SER I 644 34.36 0.59 -50.68
N PRO I 645 34.73 1.63 -51.43
CA PRO I 645 36.15 1.83 -51.76
C PRO I 645 36.92 2.47 -50.62
N VAL I 646 37.15 1.71 -49.56
CA VAL I 646 37.87 2.20 -48.39
C VAL I 646 39.35 2.19 -48.69
N ALA I 647 40.01 3.32 -48.42
CA ALA I 647 41.44 3.44 -48.67
C ALA I 647 42.23 2.59 -47.68
N LYS I 648 43.49 2.34 -48.03
CA LYS I 648 44.37 1.52 -47.19
C LYS I 648 45.02 2.32 -46.07
N ASP I 649 44.79 3.63 -45.99
CA ASP I 649 45.39 4.44 -44.94
C ASP I 649 44.84 4.05 -43.57
N VAL I 650 43.61 3.55 -43.51
CA VAL I 650 43.00 3.17 -42.24
C VAL I 650 43.52 1.80 -41.81
N ASP I 651 43.30 1.45 -40.55
CA ASP I 651 43.72 0.17 -40.01
C ASP I 651 42.50 -0.52 -39.41
N LEU I 652 42.26 -1.77 -39.83
CA LEU I 652 41.09 -2.49 -39.37
C LEU I 652 41.24 -2.97 -37.93
N GLU I 653 42.41 -3.49 -37.57
CA GLU I 653 42.65 -3.96 -36.21
C GLU I 653 42.65 -2.82 -35.20
N PHE I 654 43.07 -1.63 -35.60
CA PHE I 654 43.17 -0.50 -34.69
C PHE I 654 41.81 -0.14 -34.12
N LEU I 655 40.77 -0.08 -34.98
CA LEU I 655 39.42 0.21 -34.50
C LEU I 655 38.96 -0.79 -33.44
N ALA I 656 39.13 -2.08 -33.70
CA ALA I 656 38.79 -3.08 -32.71
C ALA I 656 39.65 -2.96 -31.46
N LYS I 657 40.85 -2.38 -31.59
CA LYS I 657 41.68 -2.19 -30.40
C LYS I 657 41.07 -1.17 -29.44
N MET I 658 40.56 -0.03 -29.93
CA MET I 658 39.84 0.84 -29.01
C MET I 658 38.51 0.24 -28.60
N THR I 659 37.75 -0.32 -29.54
CA THR I 659 36.39 -0.77 -29.27
C THR I 659 36.43 -2.06 -28.43
N ASN I 660 36.01 -1.95 -27.17
CA ASN I 660 36.01 -3.10 -26.29
C ASN I 660 34.60 -3.41 -25.77
N GLY I 661 33.90 -2.40 -25.28
CA GLY I 661 32.60 -2.59 -24.66
C GLY I 661 31.43 -2.18 -25.54
N PHE I 662 31.51 -2.50 -26.83
CA PHE I 662 30.46 -2.15 -27.78
C PHE I 662 29.89 -3.43 -28.39
N SER I 663 28.61 -3.38 -28.74
CA SER I 663 27.92 -4.53 -29.32
C SER I 663 27.84 -4.37 -30.83
N GLY I 664 27.28 -5.38 -31.51
CA GLY I 664 27.25 -5.37 -32.96
C GLY I 664 26.51 -4.18 -33.54
N ALA I 665 25.43 -3.74 -32.90
CA ALA I 665 24.72 -2.56 -33.36
C ALA I 665 25.61 -1.32 -33.31
N ASP I 666 26.36 -1.15 -32.22
CA ASP I 666 27.29 -0.03 -32.14
C ASP I 666 28.39 -0.12 -33.19
N LEU I 667 28.97 -1.31 -33.37
CA LEU I 667 30.02 -1.47 -34.37
C LEU I 667 29.51 -1.15 -35.77
N THR I 668 28.27 -1.52 -36.07
CA THR I 668 27.70 -1.21 -37.37
C THR I 668 27.38 0.27 -37.52
N GLU I 669 26.81 0.89 -36.48
CA GLU I 669 26.40 2.28 -36.60
C GLU I 669 27.60 3.22 -36.66
N ILE I 670 28.74 2.81 -36.08
CA ILE I 670 29.97 3.59 -36.26
C ILE I 670 30.32 3.69 -37.75
N CYS I 671 30.35 2.55 -38.43
CA CYS I 671 30.66 2.55 -39.86
C CYS I 671 29.60 3.29 -40.65
N GLN I 672 28.33 3.16 -40.23
CA GLN I 672 27.26 3.90 -40.90
C GLN I 672 27.50 5.40 -40.81
N ARG I 673 27.85 5.89 -39.62
CA ARG I 673 28.12 7.31 -39.45
C ARG I 673 29.33 7.76 -40.25
N ALA I 674 30.39 6.96 -40.25
CA ALA I 674 31.59 7.32 -41.02
C ALA I 674 31.28 7.41 -42.51
N CYS I 675 30.56 6.42 -43.05
CA CYS I 675 30.17 6.48 -44.46
C CYS I 675 29.23 7.65 -44.74
N LYS I 676 28.31 7.93 -43.81
CA LYS I 676 27.38 9.03 -44.00
C LYS I 676 28.08 10.38 -44.05
N LEU I 677 29.10 10.59 -43.20
CA LEU I 677 29.81 11.85 -43.28
C LEU I 677 30.73 11.92 -44.50
N ALA I 678 31.34 10.79 -44.89
CA ALA I 678 32.18 10.80 -46.08
C ALA I 678 31.36 11.09 -47.34
N ILE I 679 30.18 10.49 -47.46
CA ILE I 679 29.34 10.72 -48.63
C ILE I 679 28.85 12.16 -48.72
N ARG I 680 28.81 12.89 -47.61
CA ARG I 680 28.40 14.29 -47.69
C ARG I 680 29.52 15.17 -48.21
N GLU I 681 30.74 15.00 -47.69
CA GLU I 681 31.85 15.78 -48.20
C GLU I 681 32.18 15.43 -49.65
N SER I 682 31.89 14.18 -50.06
CA SER I 682 32.10 13.83 -51.47
C SER I 682 31.23 14.68 -52.39
N ILE I 683 29.96 14.89 -52.03
CA ILE I 683 29.11 15.76 -52.83
C ILE I 683 29.48 17.22 -52.63
N GLU I 684 29.86 17.61 -51.42
CA GLU I 684 30.18 19.01 -51.15
C GLU I 684 31.40 19.47 -51.93
N SER I 685 32.36 18.57 -52.18
CA SER I 685 33.53 18.94 -52.96
C SER I 685 33.22 19.23 -54.42
N GLU I 686 32.02 18.90 -54.89
CA GLU I 686 31.68 19.11 -56.29
C GLU I 686 31.43 20.58 -56.61
N ILE I 687 31.14 21.40 -55.61
CA ILE I 687 30.85 22.81 -55.85
C ILE I 687 32.14 23.57 -56.15
N VAL I 708 39.65 10.67 -55.32
CA VAL I 708 39.05 11.60 -54.37
C VAL I 708 37.90 10.97 -53.57
N PRO I 709 36.94 10.28 -54.24
CA PRO I 709 35.86 9.65 -53.47
C PRO I 709 36.34 8.41 -52.72
N GLU I 710 36.97 8.61 -51.58
CA GLU I 710 37.46 7.50 -50.75
C GLU I 710 37.34 7.88 -49.29
N ILE I 711 37.25 6.87 -48.44
CA ILE I 711 37.14 7.07 -47.00
C ILE I 711 38.54 7.18 -46.40
N ARG I 712 38.78 8.25 -45.66
CA ARG I 712 40.08 8.49 -45.05
C ARG I 712 40.02 8.14 -43.57
N ARG I 713 41.14 8.29 -42.87
CA ARG I 713 41.21 7.98 -41.44
C ARG I 713 40.36 8.91 -40.61
N ASP I 714 40.37 10.21 -40.91
CA ASP I 714 39.56 11.17 -40.15
C ASP I 714 38.08 10.84 -40.23
N HIS I 715 37.62 10.23 -41.33
CA HIS I 715 36.22 9.86 -41.45
C HIS I 715 35.80 8.88 -40.36
N PHE I 716 36.63 7.88 -40.09
CA PHE I 716 36.39 7.00 -38.95
C PHE I 716 36.64 7.71 -37.63
N GLU I 717 37.57 8.67 -37.62
CA GLU I 717 37.87 9.37 -36.38
C GLU I 717 36.68 10.16 -35.85
N GLU I 718 35.94 10.85 -36.72
CA GLU I 718 34.76 11.56 -36.25
C GLU I 718 33.73 10.58 -35.69
N ALA I 719 33.50 9.47 -36.38
CA ALA I 719 32.56 8.47 -35.91
C ALA I 719 33.00 7.85 -34.58
N MET I 720 34.31 7.84 -34.29
CA MET I 720 34.79 7.30 -33.03
C MET I 720 34.24 8.08 -31.84
N ARG I 721 34.25 9.42 -31.94
CA ARG I 721 33.89 10.23 -30.78
C ARG I 721 32.40 10.21 -30.49
N PHE I 722 31.56 10.09 -31.52
CA PHE I 722 30.12 10.06 -31.35
C PHE I 722 29.60 8.67 -31.02
N ALA I 723 30.46 7.77 -30.54
CA ALA I 723 30.04 6.42 -30.20
C ALA I 723 29.22 6.41 -28.92
N ARG I 724 28.22 5.54 -28.88
CA ARG I 724 27.40 5.30 -27.70
C ARG I 724 27.43 3.82 -27.36
N ARG I 725 26.83 3.47 -26.23
CA ARG I 725 26.76 2.09 -25.75
C ARG I 725 25.33 1.61 -25.88
N SER I 726 25.12 0.56 -26.69
CA SER I 726 23.78 0.03 -26.87
C SER I 726 23.25 -0.57 -25.58
N VAL I 727 24.10 -1.27 -24.84
CA VAL I 727 23.70 -1.91 -23.60
C VAL I 727 24.40 -1.21 -22.43
N SER I 728 23.76 -1.29 -21.27
CA SER I 728 24.34 -0.74 -20.04
C SER I 728 25.28 -1.74 -19.41
N ASP I 729 25.67 -1.49 -18.16
CA ASP I 729 26.52 -2.42 -17.43
C ASP I 729 25.76 -3.36 -16.51
N ASN I 730 24.72 -2.88 -15.83
CA ASN I 730 24.02 -3.72 -14.86
C ASN I 730 23.36 -4.93 -15.52
N ASP I 731 22.82 -4.76 -16.72
CA ASP I 731 22.21 -5.87 -17.43
C ASP I 731 23.24 -6.91 -17.88
N ILE I 732 24.51 -6.53 -18.02
CA ILE I 732 25.53 -7.50 -18.40
C ILE I 732 25.67 -8.57 -17.34
N ARG I 733 26.10 -8.18 -16.13
CA ARG I 733 26.21 -9.15 -15.05
C ARG I 733 24.91 -9.90 -14.80
N LYS I 734 23.76 -9.26 -15.08
CA LYS I 734 22.50 -10.00 -15.11
C LYS I 734 22.55 -11.14 -16.13
N TYR I 735 23.08 -10.87 -17.32
CA TYR I 735 23.16 -11.93 -18.33
C TYR I 735 24.15 -13.04 -17.98
N GLU I 736 25.34 -12.70 -17.49
CA GLU I 736 26.24 -13.83 -17.17
C GLU I 736 26.06 -14.33 -15.75
N MET I 737 25.01 -13.91 -15.04
CA MET I 737 24.67 -14.67 -13.82
C MET I 737 23.66 -15.77 -14.10
N PHE I 738 22.93 -15.69 -15.23
CA PHE I 738 22.08 -16.79 -15.66
C PHE I 738 22.85 -17.88 -16.40
N ALA I 739 24.07 -17.59 -16.84
CA ALA I 739 24.82 -18.54 -17.66
C ALA I 739 25.34 -19.73 -16.87
N GLN I 740 25.91 -19.49 -15.69
CA GLN I 740 26.50 -20.58 -14.92
C GLN I 740 25.45 -21.29 -14.07
N THR I 741 24.43 -20.57 -13.62
CA THR I 741 23.35 -21.13 -12.81
C THR I 741 22.04 -20.96 -13.59
N LEU I 742 21.71 -21.97 -14.38
CA LEU I 742 20.47 -21.94 -15.16
C LEU I 742 19.61 -23.18 -14.95
N GLN I 743 20.21 -24.33 -14.63
CA GLN I 743 19.42 -25.54 -14.40
C GLN I 743 18.55 -25.43 -13.16
N GLN I 744 18.87 -24.49 -12.26
CA GLN I 744 18.06 -24.30 -11.06
C GLN I 744 16.70 -23.69 -11.38
N SER I 745 16.57 -22.95 -12.48
CA SER I 745 15.30 -22.34 -12.86
C SER I 745 14.34 -23.31 -13.52
N ARG I 746 14.80 -24.51 -13.87
CA ARG I 746 13.94 -25.50 -14.51
C ARG I 746 13.04 -26.15 -13.46
N GLY I 747 11.73 -26.05 -13.67
CA GLY I 747 10.75 -26.61 -12.75
C GLY I 747 10.23 -25.63 -11.73
N PHE I 748 10.91 -24.51 -11.52
CA PHE I 748 10.48 -23.51 -10.55
C PHE I 748 10.91 -22.11 -10.99
N ASN J 1 -24.43 -87.75 -29.06
CA ASN J 1 -24.56 -86.64 -29.99
C ASN J 1 -23.35 -86.58 -30.92
N ARG J 2 -22.65 -87.71 -31.03
CA ARG J 2 -21.45 -87.84 -31.85
C ARG J 2 -20.45 -86.75 -31.51
N PRO J 3 -19.77 -86.84 -30.36
CA PRO J 3 -18.87 -85.76 -29.94
C PRO J 3 -17.63 -85.65 -30.83
N ASN J 4 -17.85 -85.23 -32.07
CA ASN J 4 -16.75 -85.00 -33.01
C ASN J 4 -16.90 -83.67 -33.75
N ARG J 5 -18.02 -82.98 -33.59
CA ARG J 5 -18.23 -81.69 -34.24
C ARG J 5 -17.38 -80.63 -33.59
N LEU J 6 -16.72 -79.81 -34.41
CA LEU J 6 -15.87 -78.72 -33.94
C LEU J 6 -16.31 -77.41 -34.57
N ILE J 7 -16.18 -76.33 -33.80
CA ILE J 7 -16.55 -75.00 -34.28
C ILE J 7 -15.39 -74.40 -35.05
N VAL J 8 -15.71 -73.81 -36.19
CA VAL J 8 -14.69 -73.23 -37.08
C VAL J 8 -14.22 -71.89 -36.49
N ASP J 9 -12.90 -71.70 -36.49
CA ASP J 9 -12.31 -70.45 -36.04
C ASP J 9 -11.04 -70.20 -36.83
N GLU J 10 -10.69 -68.92 -36.97
CA GLU J 10 -9.50 -68.55 -37.72
C GLU J 10 -8.24 -68.99 -36.98
N ALA J 11 -7.20 -69.27 -37.75
CA ALA J 11 -5.91 -69.70 -37.21
C ALA J 11 -4.98 -68.51 -37.03
N ILE J 12 -4.03 -68.65 -36.10
CA ILE J 12 -3.07 -67.59 -35.80
C ILE J 12 -1.72 -67.82 -36.47
N ASN J 13 -1.46 -69.02 -37.00
CA ASN J 13 -0.18 -69.30 -37.64
C ASN J 13 -0.16 -68.70 -39.05
N GLU J 14 0.93 -68.01 -39.36
CA GLU J 14 1.10 -67.36 -40.66
C GLU J 14 1.89 -68.29 -41.59
N ASP J 15 1.21 -69.34 -42.04
CA ASP J 15 1.85 -70.34 -42.87
C ASP J 15 0.88 -71.00 -43.84
N ASN J 16 1.28 -72.15 -44.39
CA ASN J 16 0.46 -72.91 -45.33
C ASN J 16 -0.58 -73.72 -44.54
N SER J 17 -1.18 -74.71 -45.17
CA SER J 17 -2.32 -75.44 -44.61
C SER J 17 -1.83 -76.26 -43.43
N VAL J 18 -1.95 -75.67 -42.24
CA VAL J 18 -1.67 -76.35 -40.97
C VAL J 18 -2.79 -75.98 -40.01
N VAL J 19 -3.42 -77.00 -39.41
CA VAL J 19 -4.54 -76.81 -38.49
C VAL J 19 -4.07 -77.18 -37.10
N SER J 20 -4.30 -76.29 -36.13
CA SER J 20 -3.89 -76.51 -34.75
C SER J 20 -5.08 -76.99 -33.93
N LEU J 21 -4.79 -77.83 -32.93
CA LEU J 21 -5.82 -78.35 -32.04
C LEU J 21 -5.36 -78.28 -30.59
N SER J 22 -6.10 -78.92 -29.69
CA SER J 22 -5.78 -78.92 -28.27
C SER J 22 -5.28 -80.30 -27.85
N GLN J 23 -5.01 -80.46 -26.55
CA GLN J 23 -4.44 -81.68 -26.01
C GLN J 23 -5.46 -82.80 -25.78
N PRO J 24 -6.62 -82.53 -25.17
CA PRO J 24 -7.59 -83.63 -25.02
C PRO J 24 -8.07 -84.22 -26.33
N LYS J 25 -8.25 -83.38 -27.36
CA LYS J 25 -8.61 -83.87 -28.68
C LYS J 25 -7.50 -84.71 -29.31
N MET J 26 -6.25 -84.49 -28.87
CA MET J 26 -5.11 -85.27 -29.35
C MET J 26 -5.27 -86.75 -28.99
N ASP J 27 -5.58 -87.04 -27.73
CA ASP J 27 -5.76 -88.41 -27.28
C ASP J 27 -7.16 -88.95 -27.49
N GLU J 28 -8.15 -88.07 -27.72
CA GLU J 28 -9.50 -88.55 -27.95
C GLU J 28 -9.62 -89.31 -29.27
N LEU J 29 -8.91 -88.86 -30.31
CA LEU J 29 -8.99 -89.45 -31.64
C LEU J 29 -7.76 -90.29 -31.98
N GLN J 30 -7.00 -90.71 -30.96
CA GLN J 30 -5.83 -91.58 -31.07
C GLN J 30 -4.96 -91.28 -32.30
N LEU J 31 -4.64 -90.01 -32.52
CA LEU J 31 -3.80 -89.60 -33.64
C LEU J 31 -2.47 -89.06 -33.11
N PHE J 32 -1.42 -89.30 -33.87
CA PHE J 32 -0.06 -88.97 -33.46
C PHE J 32 0.29 -87.55 -33.90
N ARG J 33 1.54 -87.14 -33.62
CA ARG J 33 1.98 -85.78 -33.93
C ARG J 33 1.99 -85.53 -35.43
N GLY J 34 2.76 -86.32 -36.18
CA GLY J 34 2.76 -86.21 -37.63
C GLY J 34 2.02 -87.36 -38.28
N ASP J 35 0.80 -87.08 -38.73
CA ASP J 35 -0.06 -88.08 -39.35
C ASP J 35 -0.96 -87.41 -40.38
N THR J 36 -1.48 -88.22 -41.29
CA THR J 36 -2.39 -87.74 -42.33
C THR J 36 -3.81 -87.76 -41.77
N VAL J 37 -4.41 -86.59 -41.66
CA VAL J 37 -5.75 -86.44 -41.12
C VAL J 37 -6.73 -86.21 -42.27
N LEU J 38 -7.98 -86.58 -42.04
CA LEU J 38 -9.04 -86.48 -43.06
C LEU J 38 -10.09 -85.49 -42.60
N LEU J 39 -10.46 -84.58 -43.50
CA LEU J 39 -11.47 -83.57 -43.23
C LEU J 39 -12.63 -83.74 -44.20
N LYS J 40 -13.86 -83.68 -43.66
CA LYS J 40 -15.07 -83.82 -44.45
C LYS J 40 -15.91 -82.56 -44.30
N GLY J 41 -16.46 -82.08 -45.41
CA GLY J 41 -17.30 -80.90 -45.41
C GLY J 41 -18.57 -81.09 -46.22
N LYS J 42 -19.19 -79.99 -46.62
CA LYS J 42 -20.41 -80.03 -47.42
C LYS J 42 -20.08 -79.96 -48.90
N LYS J 43 -21.12 -80.03 -49.73
CA LYS J 43 -21.03 -80.06 -51.19
C LYS J 43 -20.26 -81.27 -51.71
N ARG J 44 -20.01 -82.28 -50.87
CA ARG J 44 -19.35 -83.52 -51.25
C ARG J 44 -17.98 -83.24 -51.88
N ARG J 45 -17.10 -82.70 -51.02
CA ARG J 45 -15.73 -82.42 -51.41
C ARG J 45 -14.79 -82.91 -50.32
N GLU J 46 -13.57 -83.26 -50.72
CA GLU J 46 -12.57 -83.82 -49.82
C GLU J 46 -11.35 -82.90 -49.77
N ALA J 47 -10.86 -82.64 -48.56
CA ALA J 47 -9.68 -81.81 -48.36
C ALA J 47 -8.80 -82.45 -47.29
N VAL J 48 -7.49 -82.28 -47.43
CA VAL J 48 -6.52 -82.86 -46.51
C VAL J 48 -5.71 -81.73 -45.90
N CYS J 49 -5.18 -81.98 -44.70
CA CYS J 49 -4.34 -81.01 -44.00
C CYS J 49 -3.52 -81.76 -42.97
N ILE J 50 -2.85 -81.01 -42.10
CA ILE J 50 -1.97 -81.56 -41.07
C ILE J 50 -2.39 -81.01 -39.72
N VAL J 51 -2.53 -81.88 -38.73
CA VAL J 51 -2.92 -81.49 -37.38
C VAL J 51 -1.68 -81.08 -36.61
N LEU J 52 -1.73 -79.90 -35.98
CA LEU J 52 -0.64 -79.39 -35.17
C LEU J 52 -1.06 -79.37 -33.71
N SER J 53 -0.11 -79.64 -32.82
CA SER J 53 -0.39 -79.74 -31.39
C SER J 53 -0.12 -78.40 -30.71
N ASP J 54 -1.01 -78.03 -29.80
CA ASP J 54 -0.88 -76.78 -29.06
C ASP J 54 -1.42 -76.98 -27.64
N ASP J 55 -0.77 -76.32 -26.68
CA ASP J 55 -1.18 -76.36 -25.29
C ASP J 55 -1.62 -75.00 -24.76
N THR J 56 -0.84 -73.96 -25.02
CA THR J 56 -1.20 -72.60 -24.64
C THR J 56 -2.26 -72.12 -25.62
N CYS J 57 -3.53 -72.42 -25.33
CA CYS J 57 -4.62 -72.14 -26.26
C CYS J 57 -5.92 -71.89 -25.51
N SER J 58 -7.04 -71.96 -26.24
CA SER J 58 -8.35 -71.82 -25.62
C SER J 58 -8.87 -73.17 -25.17
N ASP J 59 -10.09 -73.22 -24.65
CA ASP J 59 -10.61 -74.45 -24.05
C ASP J 59 -10.96 -75.51 -25.09
N GLU J 60 -11.82 -75.18 -26.05
CA GLU J 60 -12.25 -76.17 -27.03
C GLU J 60 -12.68 -75.51 -28.34
N LYS J 61 -11.78 -75.50 -29.32
CA LYS J 61 -12.06 -74.99 -30.64
C LYS J 61 -10.94 -75.39 -31.58
N ILE J 62 -11.23 -75.34 -32.87
CA ILE J 62 -10.26 -75.69 -33.90
C ILE J 62 -9.76 -74.41 -34.55
N ARG J 63 -8.59 -74.48 -35.17
CA ARG J 63 -7.93 -73.33 -35.78
C ARG J 63 -7.88 -73.57 -37.28
N MET J 64 -8.82 -72.96 -37.99
CA MET J 64 -9.10 -73.29 -39.38
C MET J 64 -8.54 -72.18 -40.28
N ASN J 65 -7.53 -72.53 -41.07
CA ASN J 65 -6.84 -71.52 -41.86
C ASN J 65 -7.60 -71.20 -43.15
N ARG J 66 -7.33 -70.02 -43.69
CA ARG J 66 -8.03 -69.53 -44.87
C ARG J 66 -7.61 -70.24 -46.16
N VAL J 67 -6.44 -70.88 -46.17
CA VAL J 67 -5.95 -71.49 -47.41
C VAL J 67 -6.85 -72.66 -47.82
N VAL J 68 -7.29 -73.47 -46.85
CA VAL J 68 -8.21 -74.57 -47.14
C VAL J 68 -9.65 -74.25 -46.75
N ARG J 69 -9.90 -73.09 -46.14
CA ARG J 69 -11.27 -72.65 -45.93
C ARG J 69 -11.99 -72.48 -47.28
N ASN J 70 -11.31 -71.89 -48.25
CA ASN J 70 -11.84 -71.80 -49.60
C ASN J 70 -11.87 -73.15 -50.30
N ASN J 71 -10.99 -74.08 -49.91
CA ASN J 71 -10.99 -75.41 -50.51
C ASN J 71 -12.23 -76.20 -50.09
N LEU J 72 -12.58 -76.14 -48.80
CA LEU J 72 -13.73 -76.89 -48.30
C LEU J 72 -15.01 -76.06 -48.28
N ARG J 73 -14.95 -74.80 -48.72
CA ARG J 73 -16.11 -73.92 -48.76
C ARG J 73 -16.76 -73.78 -47.38
N VAL J 74 -15.92 -73.67 -46.35
CA VAL J 74 -16.39 -73.52 -44.97
C VAL J 74 -15.94 -72.16 -44.47
N ARG J 75 -16.87 -71.39 -43.92
CA ARG J 75 -16.61 -70.06 -43.41
C ARG J 75 -16.62 -70.08 -41.89
N LEU J 76 -16.43 -68.90 -41.29
CA LEU J 76 -16.42 -68.77 -39.84
C LEU J 76 -17.82 -68.95 -39.28
N GLY J 77 -17.94 -69.74 -38.22
CA GLY J 77 -19.22 -70.00 -37.59
C GLY J 77 -19.92 -71.26 -38.02
N ASP J 78 -19.35 -72.02 -38.94
CA ASP J 78 -19.93 -73.26 -39.42
C ASP J 78 -19.42 -74.41 -38.55
N VAL J 79 -19.67 -75.65 -39.00
CA VAL J 79 -19.23 -76.84 -38.29
C VAL J 79 -18.27 -77.61 -39.18
N ILE J 80 -17.28 -78.26 -38.55
CA ILE J 80 -16.28 -79.05 -39.25
C ILE J 80 -16.18 -80.42 -38.59
N SER J 81 -16.13 -81.47 -39.42
CA SER J 81 -15.98 -82.84 -38.94
C SER J 81 -14.57 -83.32 -39.23
N ILE J 82 -13.94 -83.90 -38.20
CA ILE J 82 -12.57 -84.38 -38.31
C ILE J 82 -12.54 -85.86 -37.90
N GLN J 83 -11.66 -86.61 -38.54
CA GLN J 83 -11.49 -88.03 -38.24
C GLN J 83 -10.11 -88.46 -38.72
N PRO J 84 -9.45 -89.36 -37.99
CA PRO J 84 -8.13 -89.83 -38.41
C PRO J 84 -8.21 -90.69 -39.65
N CYS J 85 -7.09 -90.74 -40.37
CA CYS J 85 -6.97 -91.56 -41.58
C CYS J 85 -5.55 -92.09 -41.68
N PRO J 86 -5.25 -93.18 -40.97
CA PRO J 86 -3.88 -93.75 -41.01
C PRO J 86 -3.63 -94.57 -42.27
N ASP J 87 -3.57 -93.87 -43.41
CA ASP J 87 -3.35 -94.47 -44.71
C ASP J 87 -1.99 -94.04 -45.24
N VAL J 88 -1.17 -95.02 -45.63
CA VAL J 88 0.17 -94.73 -46.14
C VAL J 88 0.04 -94.30 -47.60
N LYS J 89 0.51 -93.09 -47.89
CA LYS J 89 0.46 -92.53 -49.24
C LYS J 89 1.86 -92.10 -49.66
N TYR J 90 2.14 -92.25 -50.95
CA TYR J 90 3.42 -91.87 -51.52
C TYR J 90 3.18 -91.16 -52.84
N GLY J 91 3.87 -90.03 -53.04
CA GLY J 91 3.70 -89.23 -54.24
C GLY J 91 4.76 -89.56 -55.29
N LYS J 92 4.30 -89.74 -56.52
CA LYS J 92 5.20 -90.02 -57.64
C LYS J 92 5.02 -89.03 -58.77
N ARG J 93 3.78 -88.67 -59.07
CA ARG J 93 3.47 -87.82 -60.22
C ARG J 93 2.41 -86.81 -59.83
N ILE J 94 2.71 -85.53 -60.05
CA ILE J 94 1.77 -84.44 -59.80
C ILE J 94 1.83 -83.49 -60.98
N HIS J 95 0.66 -83.05 -61.45
CA HIS J 95 0.55 -82.13 -62.58
C HIS J 95 -0.21 -80.90 -62.15
N VAL J 96 0.37 -79.72 -62.38
CA VAL J 96 -0.24 -78.45 -62.03
C VAL J 96 -0.07 -77.48 -63.19
N LEU J 97 -1.09 -76.64 -63.39
CA LEU J 97 -1.08 -75.64 -64.46
C LEU J 97 -1.75 -74.37 -63.94
N PRO J 98 -1.17 -73.21 -64.20
CA PRO J 98 -1.77 -71.95 -63.76
C PRO J 98 -2.93 -71.55 -64.68
N ILE J 99 -3.56 -70.43 -64.33
CA ILE J 99 -4.68 -69.88 -65.10
C ILE J 99 -4.24 -68.56 -65.70
N ASP J 100 -4.69 -68.30 -66.94
CA ASP J 100 -4.23 -67.15 -67.71
C ASP J 100 -4.94 -65.85 -67.30
N ASP J 101 -5.58 -65.83 -66.13
CA ASP J 101 -6.25 -64.63 -65.65
C ASP J 101 -5.37 -63.78 -64.74
N THR J 102 -4.27 -64.32 -64.22
CA THR J 102 -3.41 -63.56 -63.32
C THR J 102 -1.92 -63.78 -63.58
N VAL J 103 -1.55 -64.30 -64.75
CA VAL J 103 -0.15 -64.55 -65.06
C VAL J 103 0.40 -63.48 -66.01
N GLU J 104 -0.26 -62.34 -66.11
CA GLU J 104 0.22 -61.27 -66.97
C GLU J 104 1.47 -60.63 -66.42
N GLY J 105 2.40 -60.27 -67.31
CA GLY J 105 3.63 -59.63 -66.90
C GLY J 105 4.67 -60.56 -66.30
N ILE J 106 4.46 -61.87 -66.36
CA ILE J 106 5.38 -62.85 -65.83
C ILE J 106 5.89 -63.70 -66.97
N THR J 107 7.21 -63.75 -67.13
CA THR J 107 7.86 -64.52 -68.18
C THR J 107 8.99 -65.35 -67.58
N GLY J 108 9.58 -66.20 -68.41
CA GLY J 108 10.66 -67.06 -67.96
C GLY J 108 10.16 -68.26 -67.20
N ASN J 109 11.12 -69.00 -66.64
CA ASN J 109 10.80 -70.19 -65.86
C ASN J 109 10.28 -69.80 -64.49
N LEU J 110 9.11 -70.34 -64.13
CA LEU J 110 8.48 -70.04 -62.84
C LEU J 110 8.30 -71.29 -61.98
N PHE J 111 8.91 -72.41 -62.35
CA PHE J 111 8.78 -73.65 -61.59
C PHE J 111 10.00 -73.94 -60.72
N GLU J 112 11.15 -73.38 -61.04
CA GLU J 112 12.36 -73.62 -60.27
C GLU J 112 12.53 -72.67 -59.09
N VAL J 113 11.71 -71.61 -59.01
CA VAL J 113 11.83 -70.65 -57.93
C VAL J 113 10.55 -70.53 -57.11
N TYR J 114 9.38 -70.84 -57.66
CA TYR J 114 8.14 -70.78 -56.91
C TYR J 114 7.68 -72.13 -56.39
N LEU J 115 8.22 -73.23 -56.92
CA LEU J 115 7.81 -74.56 -56.51
C LEU J 115 8.87 -75.34 -55.73
N LYS J 116 10.14 -74.97 -55.86
CA LYS J 116 11.20 -75.69 -55.16
C LYS J 116 11.24 -75.32 -53.68
N PRO J 117 11.35 -74.03 -53.30
CA PRO J 117 11.34 -73.70 -51.87
C PRO J 117 10.02 -73.98 -51.19
N TYR J 118 8.91 -74.00 -51.93
CA TYR J 118 7.60 -74.25 -51.36
C TYR J 118 7.39 -75.71 -50.99
N PHE J 119 8.09 -76.64 -51.64
CA PHE J 119 7.88 -78.07 -51.42
C PHE J 119 8.79 -78.64 -50.34
N LEU J 120 10.02 -78.15 -50.24
CA LEU J 120 10.96 -78.69 -49.28
C LEU J 120 10.54 -78.36 -47.85
N GLU J 121 10.78 -79.32 -46.95
CA GLU J 121 10.47 -79.18 -45.52
C GLU J 121 8.98 -78.93 -45.31
N ALA J 122 8.17 -79.46 -46.21
CA ALA J 122 6.72 -79.29 -46.11
C ALA J 122 6.03 -80.63 -45.90
N TYR J 123 6.24 -81.58 -46.83
CA TYR J 123 5.58 -82.88 -46.80
C TYR J 123 4.06 -82.74 -46.65
N ARG J 124 3.49 -81.77 -47.37
CA ARG J 124 2.07 -81.51 -47.28
C ARG J 124 1.34 -82.26 -48.39
N PRO J 125 0.42 -83.16 -48.06
CA PRO J 125 -0.30 -83.89 -49.11
C PRO J 125 -1.28 -82.98 -49.85
N ILE J 126 -1.69 -83.43 -51.03
CA ILE J 126 -2.62 -82.68 -51.87
C ILE J 126 -3.76 -83.62 -52.27
N ARG J 127 -4.87 -83.00 -52.64
CA ARG J 127 -6.08 -83.72 -53.06
C ARG J 127 -6.48 -83.24 -54.45
N LYS J 128 -7.56 -83.82 -54.97
CA LYS J 128 -8.11 -83.41 -56.24
C LYS J 128 -9.03 -82.21 -56.04
N GLY J 129 -8.67 -81.08 -56.65
CA GLY J 129 -9.45 -79.87 -56.53
C GLY J 129 -9.02 -78.91 -55.43
N ASP J 130 -7.86 -79.14 -54.83
CA ASP J 130 -7.38 -78.26 -53.77
C ASP J 130 -7.00 -76.90 -54.34
N ILE J 131 -7.34 -75.84 -53.62
CA ILE J 131 -6.99 -74.48 -54.02
C ILE J 131 -6.03 -73.91 -52.98
N PHE J 132 -4.74 -74.02 -53.25
CA PHE J 132 -3.71 -73.53 -52.34
C PHE J 132 -3.01 -72.30 -52.95
N LEU J 133 -2.71 -71.33 -52.11
CA LEU J 133 -2.11 -70.08 -52.54
C LEU J 133 -0.64 -70.05 -52.13
N VAL J 134 0.23 -69.75 -53.08
CA VAL J 134 1.66 -69.63 -52.83
C VAL J 134 2.04 -68.15 -52.88
N ARG J 135 3.24 -67.85 -52.38
CA ARG J 135 3.71 -66.47 -52.31
C ARG J 135 5.11 -66.38 -52.90
N GLY J 136 5.40 -65.23 -53.49
CA GLY J 136 6.69 -65.00 -54.12
C GLY J 136 6.60 -64.06 -55.30
N GLY J 137 7.63 -63.23 -55.49
CA GLY J 137 7.65 -62.30 -56.60
C GLY J 137 6.66 -61.17 -56.49
N MET J 138 6.51 -60.58 -55.30
CA MET J 138 5.68 -59.39 -55.10
C MET J 138 4.22 -59.63 -55.44
N ARG J 139 3.77 -60.89 -55.33
CA ARG J 139 2.41 -61.23 -55.71
C ARG J 139 2.10 -62.64 -55.21
N ALA J 140 0.81 -62.99 -55.25
CA ALA J 140 0.35 -64.31 -54.88
C ALA J 140 -0.50 -64.90 -56.01
N VAL J 141 -0.17 -66.14 -56.38
CA VAL J 141 -0.86 -66.83 -57.46
C VAL J 141 -1.28 -68.21 -56.96
N GLU J 142 -2.52 -68.58 -57.23
CA GLU J 142 -3.04 -69.88 -56.82
C GLU J 142 -2.96 -70.88 -57.97
N PHE J 143 -2.90 -72.16 -57.60
CA PHE J 143 -2.79 -73.26 -58.55
C PHE J 143 -4.07 -74.09 -58.53
N LYS J 144 -4.26 -74.85 -59.60
CA LYS J 144 -5.39 -75.78 -59.68
C LYS J 144 -4.99 -76.98 -60.52
N VAL J 145 -5.41 -78.17 -60.09
CA VAL J 145 -5.10 -79.41 -60.78
C VAL J 145 -6.32 -79.85 -61.59
N VAL J 146 -6.07 -80.37 -62.79
CA VAL J 146 -7.14 -80.83 -63.66
C VAL J 146 -7.03 -82.34 -63.87
N GLU J 147 -5.81 -82.84 -64.02
CA GLU J 147 -5.58 -84.26 -64.25
C GLU J 147 -4.24 -84.65 -63.65
N THR J 148 -4.26 -85.70 -62.82
CA THR J 148 -3.04 -86.18 -62.16
C THR J 148 -3.27 -87.64 -61.78
N ASP J 149 -2.40 -88.16 -60.92
CA ASP J 149 -2.56 -89.52 -60.42
C ASP J 149 -3.86 -89.63 -59.61
N PRO J 150 -4.47 -90.81 -59.58
CA PRO J 150 -5.75 -90.97 -58.86
C PRO J 150 -5.61 -90.59 -57.39
N SER J 151 -6.47 -89.68 -56.94
CA SER J 151 -6.43 -89.22 -55.56
C SER J 151 -6.83 -90.35 -54.62
N PRO J 152 -6.21 -90.45 -53.43
CA PRO J 152 -5.12 -89.58 -52.96
C PRO J 152 -3.74 -90.04 -53.43
N TYR J 153 -2.98 -90.67 -52.52
CA TYR J 153 -1.66 -91.21 -52.83
C TYR J 153 -0.74 -90.11 -53.37
N CYS J 154 -0.74 -88.97 -52.70
CA CYS J 154 0.06 -87.81 -53.09
C CYS J 154 0.81 -87.28 -51.87
N ILE J 155 2.13 -87.40 -51.89
CA ILE J 155 2.98 -86.89 -50.83
C ILE J 155 4.18 -86.20 -51.46
N VAL J 156 4.53 -85.02 -50.94
CA VAL J 156 5.65 -84.27 -51.47
C VAL J 156 6.95 -84.98 -51.14
N ALA J 157 7.66 -85.42 -52.17
CA ALA J 157 8.94 -86.11 -52.01
C ALA J 157 9.89 -85.64 -53.11
N PRO J 158 11.20 -85.66 -52.85
CA PRO J 158 12.15 -85.20 -53.87
C PRO J 158 12.19 -86.07 -55.13
N ASP J 159 11.70 -87.30 -55.08
CA ASP J 159 11.76 -88.19 -56.22
C ASP J 159 10.65 -87.95 -57.24
N THR J 160 9.92 -86.83 -57.14
CA THR J 160 8.84 -86.50 -58.05
C THR J 160 9.35 -85.55 -59.11
N VAL J 161 9.24 -85.95 -60.37
CA VAL J 161 9.68 -85.12 -61.49
C VAL J 161 8.53 -84.23 -61.96
N ILE J 162 8.85 -83.15 -62.66
CA ILE J 162 7.85 -82.23 -63.18
C ILE J 162 8.22 -81.87 -64.60
N HIS J 163 7.23 -81.42 -65.37
CA HIS J 163 7.43 -81.01 -66.75
C HIS J 163 6.29 -80.09 -67.16
N CYS J 164 6.63 -78.92 -67.69
CA CYS J 164 5.65 -77.94 -68.12
C CYS J 164 5.26 -78.16 -69.57
N GLU J 165 4.06 -77.68 -69.92
CA GLU J 165 3.53 -77.78 -71.27
C GLU J 165 3.45 -76.44 -71.98
N GLY J 166 2.92 -75.41 -71.31
CA GLY J 166 2.82 -74.09 -71.90
C GLY J 166 1.45 -73.78 -72.45
N GLU J 167 0.40 -74.21 -71.74
CA GLU J 167 -0.97 -73.98 -72.16
C GLU J 167 -1.84 -73.92 -70.92
N PRO J 168 -2.20 -72.72 -70.45
CA PRO J 168 -3.06 -72.60 -69.27
C PRO J 168 -4.50 -72.99 -69.60
N ILE J 169 -5.27 -73.22 -68.54
CA ILE J 169 -6.67 -73.62 -68.65
C ILE J 169 -7.53 -72.49 -68.11
N LYS J 170 -8.75 -72.41 -68.62
CA LYS J 170 -9.70 -71.38 -68.21
C LYS J 170 -10.28 -71.71 -66.85
N ARG J 171 -10.38 -70.69 -65.99
CA ARG J 171 -10.93 -70.86 -64.66
C ARG J 171 -12.44 -70.95 -64.73
N GLU J 172 -13.01 -71.91 -63.99
CA GLU J 172 -14.45 -72.08 -63.94
C GLU J 172 -15.04 -71.27 -62.80
N ASP J 173 -16.34 -71.44 -62.56
CA ASP J 173 -17.06 -70.71 -61.52
C ASP J 173 -17.20 -71.53 -60.24
N GLU J 174 -16.54 -72.69 -60.16
CA GLU J 174 -16.63 -73.53 -58.98
C GLU J 174 -15.87 -72.97 -57.78
N GLU J 175 -14.77 -72.25 -58.03
CA GLU J 175 -13.95 -71.67 -56.96
C GLU J 175 -13.84 -70.17 -57.15
N GLU J 176 -13.39 -69.50 -56.09
CA GLU J 176 -13.22 -68.06 -56.08
C GLU J 176 -11.76 -67.71 -55.80
N SER J 177 -11.36 -66.53 -56.26
CA SER J 177 -10.00 -66.06 -56.05
C SER J 177 -9.77 -65.70 -54.59
N LEU J 178 -8.52 -65.88 -54.15
CA LEU J 178 -8.13 -65.58 -52.77
C LEU J 178 -7.58 -64.17 -52.63
N ASN J 179 -7.58 -63.37 -53.69
CA ASN J 179 -7.04 -62.02 -53.64
C ASN J 179 -7.93 -61.05 -52.86
N GLU J 180 -9.17 -61.45 -52.55
CA GLU J 180 -10.05 -60.59 -51.79
C GLU J 180 -9.63 -60.56 -50.31
N VAL J 181 -10.18 -59.62 -49.58
CA VAL J 181 -9.88 -59.48 -48.16
C VAL J 181 -10.51 -60.63 -47.39
N GLY J 182 -9.76 -61.18 -46.44
CA GLY J 182 -10.28 -62.22 -45.56
C GLY J 182 -10.16 -61.82 -44.11
N TYR J 183 -10.49 -62.74 -43.21
CA TYR J 183 -10.39 -62.46 -41.78
C TYR J 183 -8.96 -62.35 -41.30
N ASP J 184 -7.99 -62.85 -42.07
CA ASP J 184 -6.59 -62.82 -41.70
C ASP J 184 -5.82 -61.67 -42.33
N ASP J 185 -6.52 -60.74 -42.99
CA ASP J 185 -5.88 -59.60 -43.65
C ASP J 185 -5.95 -58.33 -42.82
N ILE J 186 -6.37 -58.43 -41.56
CA ILE J 186 -6.50 -57.27 -40.68
C ILE J 186 -5.63 -57.52 -39.45
N GLY J 187 -4.80 -56.54 -39.11
CA GLY J 187 -3.96 -56.65 -37.93
C GLY J 187 -3.86 -55.30 -37.22
N GLY J 188 -3.51 -55.38 -35.94
CA GLY J 188 -3.35 -54.18 -35.15
C GLY J 188 -4.48 -53.96 -34.16
N CYS J 189 -5.71 -54.22 -34.60
CA CYS J 189 -6.88 -54.11 -33.74
C CYS J 189 -7.34 -55.52 -33.37
N ARG J 190 -6.95 -55.97 -32.18
CA ARG J 190 -7.26 -57.31 -31.72
C ARG J 190 -8.46 -57.35 -30.78
N LYS J 191 -8.50 -56.48 -29.78
CA LYS J 191 -9.68 -56.42 -28.90
C LYS J 191 -10.92 -55.96 -29.65
N GLN J 192 -10.77 -55.00 -30.55
CA GLN J 192 -11.94 -54.48 -31.26
C GLN J 192 -12.53 -55.50 -32.21
N LEU J 193 -11.72 -56.43 -32.70
CA LEU J 193 -12.23 -57.41 -33.65
C LEU J 193 -13.05 -58.51 -33.00
N ALA J 194 -12.65 -59.00 -31.82
CA ALA J 194 -13.32 -60.16 -31.25
C ALA J 194 -14.75 -59.85 -30.84
N GLN J 195 -14.99 -58.64 -30.34
CA GLN J 195 -16.32 -58.23 -29.93
C GLN J 195 -17.22 -57.92 -31.13
N ILE J 196 -16.65 -57.62 -32.29
CA ILE J 196 -17.44 -57.69 -33.53
C ILE J 196 -17.73 -59.14 -33.89
N LYS J 197 -16.75 -60.01 -33.68
CA LYS J 197 -16.96 -61.44 -33.89
C LYS J 197 -18.04 -61.97 -32.97
N GLU J 198 -18.36 -61.24 -31.90
CA GLU J 198 -19.38 -61.62 -30.94
C GLU J 198 -20.77 -61.12 -31.31
N MET J 199 -20.87 -60.12 -32.19
CA MET J 199 -22.16 -59.52 -32.53
C MET J 199 -22.52 -59.63 -34.00
N VAL J 200 -21.65 -60.20 -34.83
CA VAL J 200 -22.00 -60.29 -36.25
C VAL J 200 -22.32 -61.72 -36.66
N GLU J 201 -21.37 -62.65 -36.43
CA GLU J 201 -21.58 -64.01 -36.91
C GLU J 201 -22.54 -64.79 -36.03
N LEU J 202 -22.74 -64.39 -34.78
CA LEU J 202 -23.70 -65.11 -33.94
C LEU J 202 -25.12 -64.93 -34.43
N PRO J 203 -25.60 -63.70 -34.71
CA PRO J 203 -26.96 -63.55 -35.23
C PRO J 203 -27.11 -63.77 -36.73
N LEU J 204 -26.08 -64.24 -37.41
CA LEU J 204 -26.16 -64.53 -38.84
C LEU J 204 -26.09 -66.01 -39.17
N ARG J 205 -25.18 -66.75 -38.53
CA ARG J 205 -25.04 -68.17 -38.83
C ARG J 205 -26.20 -68.99 -38.30
N HIS J 206 -27.03 -68.42 -37.42
CA HIS J 206 -28.17 -69.11 -36.83
C HIS J 206 -29.40 -68.23 -36.99
N PRO J 207 -29.98 -68.18 -38.19
CA PRO J 207 -31.16 -67.32 -38.39
C PRO J 207 -32.39 -67.83 -37.67
N ALA J 208 -32.68 -69.13 -37.76
CA ALA J 208 -33.88 -69.67 -37.13
C ALA J 208 -33.75 -69.77 -35.62
N LEU J 209 -32.52 -69.76 -35.08
CA LEU J 209 -32.35 -69.79 -33.64
C LEU J 209 -32.90 -68.53 -33.00
N PHE J 210 -32.67 -67.37 -33.62
CA PHE J 210 -33.17 -66.11 -33.10
C PHE J 210 -34.68 -65.96 -33.26
N LYS J 211 -35.28 -66.67 -34.22
CA LYS J 211 -36.71 -66.57 -34.44
C LYS J 211 -37.52 -67.17 -33.29
N ALA J 212 -36.98 -68.20 -32.64
CA ALA J 212 -37.68 -68.83 -31.52
C ALA J 212 -37.40 -68.13 -30.20
N ILE J 213 -36.19 -67.65 -29.98
CA ILE J 213 -35.83 -66.99 -28.73
C ILE J 213 -36.28 -65.54 -28.79
N GLY J 214 -36.38 -64.90 -27.62
CA GLY J 214 -36.80 -63.52 -27.51
C GLY J 214 -35.70 -62.50 -27.52
N VAL J 215 -34.47 -62.90 -27.82
CA VAL J 215 -33.33 -61.97 -27.83
C VAL J 215 -33.37 -61.18 -29.14
N LYS J 216 -33.38 -59.86 -29.03
CA LYS J 216 -33.43 -59.01 -30.21
C LYS J 216 -32.05 -58.93 -30.85
N PRO J 217 -31.89 -59.33 -32.11
CA PRO J 217 -30.58 -59.32 -32.73
C PRO J 217 -30.10 -57.91 -32.98
N PRO J 218 -28.81 -57.71 -33.22
CA PRO J 218 -28.30 -56.38 -33.60
C PRO J 218 -28.90 -55.88 -34.90
N ARG J 219 -29.07 -54.56 -34.97
CA ARG J 219 -29.46 -53.91 -36.21
C ARG J 219 -28.42 -52.89 -36.67
N GLY J 220 -28.06 -51.91 -35.85
CA GLY J 220 -27.14 -50.86 -36.25
C GLY J 220 -25.86 -50.92 -35.45
N ILE J 221 -24.74 -50.82 -36.17
CA ILE J 221 -23.40 -50.81 -35.57
C ILE J 221 -22.67 -49.58 -36.11
N LEU J 222 -22.19 -48.73 -35.21
CA LEU J 222 -21.48 -47.53 -35.59
C LEU J 222 -19.98 -47.69 -35.35
N LEU J 223 -19.19 -47.30 -36.33
CA LEU J 223 -17.74 -47.42 -36.28
C LEU J 223 -17.10 -46.08 -35.95
N TYR J 224 -15.88 -46.13 -35.43
CA TYR J 224 -15.12 -44.94 -35.08
C TYR J 224 -13.69 -45.13 -35.53
N GLY J 225 -12.84 -44.16 -35.19
CA GLY J 225 -11.44 -44.21 -35.51
C GLY J 225 -11.03 -43.12 -36.47
N PRO J 226 -9.77 -42.71 -36.40
CA PRO J 226 -9.25 -41.71 -37.34
C PRO J 226 -9.22 -42.27 -38.74
N PRO J 227 -9.24 -41.41 -39.76
CA PRO J 227 -9.23 -41.90 -41.15
C PRO J 227 -8.02 -42.77 -41.43
N GLY J 228 -8.24 -43.85 -42.18
CA GLY J 228 -7.19 -44.80 -42.48
C GLY J 228 -7.04 -45.91 -41.45
N THR J 229 -7.91 -45.97 -40.44
CA THR J 229 -7.80 -47.01 -39.43
C THR J 229 -8.18 -48.38 -40.00
N GLY J 230 -9.09 -48.41 -40.96
CA GLY J 230 -9.52 -49.68 -41.53
C GLY J 230 -11.01 -49.89 -41.44
N LYS J 231 -11.78 -48.79 -41.36
CA LYS J 231 -13.22 -48.88 -41.23
C LYS J 231 -13.88 -49.58 -42.40
N THR J 232 -13.25 -49.59 -43.57
CA THR J 232 -13.77 -50.27 -44.74
C THR J 232 -13.24 -51.69 -44.87
N LEU J 233 -11.96 -51.91 -44.55
CA LEU J 233 -11.36 -53.22 -44.74
C LEU J 233 -12.03 -54.28 -43.88
N ILE J 234 -12.23 -53.98 -42.59
CA ILE J 234 -12.84 -54.95 -41.69
C ILE J 234 -14.29 -55.20 -42.06
N ALA J 235 -15.02 -54.15 -42.46
CA ALA J 235 -16.39 -54.32 -42.89
C ALA J 235 -16.48 -55.21 -44.11
N ARG J 236 -15.62 -54.99 -45.11
CA ARG J 236 -15.62 -55.85 -46.27
C ARG J 236 -15.26 -57.28 -45.93
N ALA J 237 -14.30 -57.49 -45.03
CA ALA J 237 -13.94 -58.84 -44.64
C ALA J 237 -15.10 -59.55 -43.95
N VAL J 238 -15.72 -58.90 -42.96
CA VAL J 238 -16.83 -59.53 -42.23
C VAL J 238 -18.10 -59.64 -43.04
N ALA J 239 -18.20 -58.90 -44.15
CA ALA J 239 -19.34 -59.05 -45.04
C ALA J 239 -19.11 -60.08 -46.14
N ASN J 240 -17.86 -60.33 -46.51
CA ASN J 240 -17.57 -61.27 -47.58
C ASN J 240 -17.22 -62.67 -47.08
N GLU J 241 -16.79 -62.81 -45.83
CA GLU J 241 -16.42 -64.11 -45.30
C GLU J 241 -17.53 -64.76 -44.48
N THR J 242 -18.78 -64.37 -44.70
CA THR J 242 -19.91 -64.98 -44.02
C THR J 242 -20.91 -65.63 -44.96
N GLY J 243 -20.83 -65.38 -46.27
CA GLY J 243 -21.73 -65.96 -47.22
C GLY J 243 -23.01 -65.19 -47.45
N ALA J 244 -23.33 -64.24 -46.58
CA ALA J 244 -24.52 -63.42 -46.74
C ALA J 244 -24.27 -62.32 -47.76
N PHE J 245 -25.36 -61.79 -48.32
CA PHE J 245 -25.24 -60.72 -49.30
C PHE J 245 -24.72 -59.44 -48.66
N PHE J 246 -23.91 -58.70 -49.42
CA PHE J 246 -23.34 -57.45 -48.96
C PHE J 246 -23.54 -56.41 -50.05
N PHE J 247 -24.06 -55.24 -49.66
CA PHE J 247 -24.31 -54.14 -50.59
C PHE J 247 -23.58 -52.91 -50.09
N LEU J 248 -22.94 -52.19 -51.02
CA LEU J 248 -22.06 -51.09 -50.67
C LEU J 248 -22.58 -49.76 -51.21
N ILE J 249 -22.68 -48.77 -50.33
CA ILE J 249 -23.01 -47.39 -50.69
C ILE J 249 -22.23 -46.50 -49.74
N ASN J 250 -21.29 -45.70 -50.28
CA ASN J 250 -20.39 -45.10 -49.31
C ASN J 250 -20.97 -43.86 -48.65
N GLY J 251 -20.81 -42.70 -49.28
CA GLY J 251 -21.69 -41.58 -49.07
C GLY J 251 -21.97 -40.66 -50.25
N PRO J 252 -20.97 -40.41 -51.12
CA PRO J 252 -21.10 -39.28 -52.04
C PRO J 252 -21.94 -39.55 -53.26
N GLU J 253 -22.01 -40.80 -53.71
CA GLU J 253 -22.86 -41.13 -54.85
C GLU J 253 -24.31 -40.78 -54.59
N ILE J 254 -24.72 -40.70 -53.33
CA ILE J 254 -26.07 -40.25 -53.01
C ILE J 254 -26.26 -38.78 -53.34
N MET J 255 -25.30 -37.93 -52.94
CA MET J 255 -25.42 -36.50 -53.16
C MET J 255 -24.90 -36.06 -54.52
N SER J 256 -24.29 -36.97 -55.29
CA SER J 256 -23.76 -36.61 -56.60
C SER J 256 -24.84 -36.55 -57.68
N LYS J 257 -25.90 -37.34 -57.54
CA LYS J 257 -26.93 -37.39 -58.57
C LYS J 257 -27.91 -36.23 -58.39
N LEU J 258 -28.87 -36.13 -59.31
CA LEU J 258 -29.85 -35.07 -59.28
C LEU J 258 -30.82 -35.28 -58.11
N ALA J 259 -31.51 -34.19 -57.76
CA ALA J 259 -32.47 -34.26 -56.67
C ALA J 259 -33.71 -35.05 -57.09
N GLY J 260 -34.18 -35.93 -56.21
CA GLY J 260 -35.37 -36.70 -56.46
C GLY J 260 -35.12 -38.19 -56.58
N GLU J 261 -34.05 -38.57 -57.26
CA GLU J 261 -33.71 -39.98 -57.40
C GLU J 261 -32.70 -40.45 -56.36
N SER J 262 -32.03 -39.54 -55.67
CA SER J 262 -31.11 -39.94 -54.61
C SER J 262 -31.84 -40.67 -53.50
N GLU J 263 -33.00 -40.17 -53.09
CA GLU J 263 -33.80 -40.86 -52.08
C GLU J 263 -34.32 -42.18 -52.60
N SER J 264 -34.71 -42.24 -53.88
CA SER J 264 -35.20 -43.49 -54.45
C SER J 264 -34.12 -44.57 -54.48
N ASN J 265 -32.89 -44.18 -54.79
CA ASN J 265 -31.79 -45.16 -54.77
C ASN J 265 -31.59 -45.74 -53.38
N LEU J 266 -31.59 -44.90 -52.35
CA LEU J 266 -31.44 -45.39 -51.00
C LEU J 266 -32.63 -46.26 -50.59
N ARG J 267 -33.84 -45.87 -50.99
CA ARG J 267 -35.02 -46.67 -50.65
C ARG J 267 -34.97 -48.04 -51.31
N LYS J 268 -34.55 -48.12 -52.57
CA LYS J 268 -34.47 -49.40 -53.24
C LYS J 268 -33.30 -50.24 -52.74
N ALA J 269 -32.22 -49.60 -52.27
CA ALA J 269 -31.11 -50.34 -51.71
C ALA J 269 -31.48 -51.09 -50.43
N PHE J 270 -32.56 -50.69 -49.77
CA PHE J 270 -33.02 -51.40 -48.58
C PHE J 270 -33.99 -52.52 -48.93
N GLU J 271 -34.86 -52.32 -49.90
CA GLU J 271 -35.79 -53.38 -50.29
C GLU J 271 -35.11 -54.49 -51.06
N GLU J 272 -34.01 -54.18 -51.76
CA GLU J 272 -33.27 -55.23 -52.45
C GLU J 272 -32.61 -56.19 -51.46
N ALA J 273 -32.29 -55.71 -50.26
CA ALA J 273 -31.67 -56.55 -49.25
C ALA J 273 -32.67 -57.43 -48.52
N GLU J 274 -33.95 -57.03 -48.49
CA GLU J 274 -34.95 -57.80 -47.75
C GLU J 274 -35.23 -59.14 -48.42
N LYS J 275 -35.39 -59.15 -49.75
CA LYS J 275 -35.77 -60.37 -50.45
C LYS J 275 -34.70 -61.44 -50.35
N ASN J 276 -33.43 -61.06 -50.48
CA ASN J 276 -32.32 -62.01 -50.44
C ASN J 276 -31.73 -62.13 -49.03
N ALA J 277 -32.59 -62.39 -48.06
CA ALA J 277 -32.13 -62.58 -46.69
C ALA J 277 -31.40 -63.92 -46.55
N PRO J 278 -30.37 -63.99 -45.71
CA PRO J 278 -29.82 -62.88 -44.93
C PRO J 278 -28.95 -61.95 -45.75
N ALA J 279 -28.93 -60.67 -45.39
CA ALA J 279 -28.14 -59.67 -46.08
C ALA J 279 -27.51 -58.74 -45.05
N ILE J 280 -26.63 -57.86 -45.51
CA ILE J 280 -25.97 -56.88 -44.66
C ILE J 280 -25.81 -55.59 -45.44
N ILE J 281 -25.81 -54.48 -44.71
CA ILE J 281 -25.69 -53.15 -45.29
C ILE J 281 -24.55 -52.41 -44.59
N PHE J 282 -23.66 -51.81 -45.37
CA PHE J 282 -22.52 -51.08 -44.84
C PHE J 282 -22.45 -49.71 -45.48
N ILE J 283 -22.18 -48.69 -44.67
CA ILE J 283 -22.05 -47.31 -45.12
C ILE J 283 -20.64 -46.84 -44.80
N ASP J 284 -19.93 -46.34 -45.81
CA ASP J 284 -18.51 -46.04 -45.63
C ASP J 284 -18.32 -44.78 -44.80
N GLU J 285 -18.77 -43.63 -45.28
CA GLU J 285 -18.68 -42.40 -44.49
C GLU J 285 -20.10 -41.95 -44.20
N LEU J 286 -20.31 -41.44 -42.98
CA LEU J 286 -21.61 -40.97 -42.54
C LEU J 286 -21.59 -39.52 -42.10
N ASP J 287 -20.42 -38.96 -41.80
CA ASP J 287 -20.34 -37.58 -41.35
C ASP J 287 -20.83 -36.60 -42.40
N ALA J 288 -20.70 -36.95 -43.68
CA ALA J 288 -21.14 -36.10 -44.77
C ALA J 288 -22.52 -36.47 -45.28
N ILE J 289 -23.22 -37.37 -44.60
CA ILE J 289 -24.56 -37.79 -44.98
C ILE J 289 -25.62 -37.09 -44.16
N ALA J 290 -25.43 -37.02 -42.84
CA ALA J 290 -26.41 -36.46 -41.92
C ALA J 290 -25.75 -35.41 -41.04
N PRO J 291 -25.51 -34.21 -41.58
CA PRO J 291 -24.96 -33.11 -40.77
C PRO J 291 -26.05 -32.27 -40.11
N LYS J 292 -26.93 -32.91 -39.35
CA LYS J 292 -28.04 -32.20 -38.70
C LYS J 292 -27.52 -31.55 -37.43
N ARG J 293 -26.77 -30.47 -37.62
CA ARG J 293 -26.13 -29.70 -36.56
C ARG J 293 -26.11 -28.24 -36.99
N GLU J 294 -25.22 -27.44 -36.42
CA GLU J 294 -25.17 -26.00 -36.69
C GLU J 294 -25.09 -25.67 -38.18
N LYS J 295 -24.91 -26.66 -39.05
CA LYS J 295 -24.84 -26.43 -40.48
C LYS J 295 -26.23 -26.17 -41.06
N THR J 296 -27.08 -27.20 -41.06
CA THR J 296 -28.47 -27.14 -41.53
C THR J 296 -28.62 -26.25 -42.77
N HIS J 297 -27.80 -26.54 -43.78
CA HIS J 297 -27.90 -25.88 -45.08
C HIS J 297 -28.43 -26.87 -46.10
N GLY J 298 -29.25 -26.36 -47.03
CA GLY J 298 -29.77 -27.19 -48.10
C GLY J 298 -31.04 -27.93 -47.73
N GLU J 299 -32.03 -27.90 -48.63
CA GLU J 299 -33.30 -28.56 -48.37
C GLU J 299 -33.22 -30.06 -48.64
N VAL J 300 -32.56 -30.45 -49.73
CA VAL J 300 -32.58 -31.85 -50.16
C VAL J 300 -31.72 -32.74 -49.27
N GLU J 301 -30.79 -32.18 -48.51
CA GLU J 301 -29.84 -33.02 -47.79
C GLU J 301 -30.38 -33.49 -46.45
N ARG J 302 -31.24 -32.69 -45.82
CA ARG J 302 -31.98 -33.22 -44.68
C ARG J 302 -33.09 -34.16 -45.10
N ARG J 303 -33.49 -34.09 -46.38
CA ARG J 303 -34.46 -35.06 -46.91
C ARG J 303 -33.92 -36.48 -46.82
N ILE J 304 -32.66 -36.70 -47.20
CA ILE J 304 -32.12 -38.05 -47.15
C ILE J 304 -31.87 -38.47 -45.71
N VAL J 305 -31.59 -37.52 -44.83
CA VAL J 305 -31.49 -37.84 -43.41
C VAL J 305 -32.82 -38.36 -42.88
N SER J 306 -33.91 -37.66 -43.19
CA SER J 306 -35.23 -38.14 -42.81
C SER J 306 -35.56 -39.46 -43.48
N GLN J 307 -35.13 -39.66 -44.73
CA GLN J 307 -35.39 -40.91 -45.43
C GLN J 307 -34.69 -42.08 -44.73
N LEU J 308 -33.42 -41.90 -44.35
CA LEU J 308 -32.70 -42.98 -43.69
C LEU J 308 -33.26 -43.23 -42.29
N LEU J 309 -33.66 -42.17 -41.59
CA LEU J 309 -34.32 -42.34 -40.31
C LEU J 309 -35.62 -43.12 -40.45
N THR J 310 -36.39 -42.84 -41.50
CA THR J 310 -37.60 -43.60 -41.76
C THR J 310 -37.29 -45.06 -42.07
N LEU J 311 -36.28 -45.31 -42.89
CA LEU J 311 -35.94 -46.65 -43.31
C LEU J 311 -35.32 -47.49 -42.20
N MET J 312 -34.76 -46.85 -41.17
CA MET J 312 -34.28 -47.59 -40.01
C MET J 312 -35.29 -47.68 -38.88
N ASP J 313 -36.15 -46.68 -38.73
CA ASP J 313 -37.13 -46.69 -37.65
C ASP J 313 -38.15 -47.80 -37.83
N GLY J 314 -38.53 -48.07 -39.08
CA GLY J 314 -39.49 -49.10 -39.39
C GLY J 314 -38.95 -50.51 -39.45
N LEU J 315 -37.64 -50.69 -39.20
CA LEU J 315 -37.05 -52.01 -39.28
C LEU J 315 -37.46 -52.87 -38.09
N LYS J 316 -38.56 -53.61 -38.23
CA LYS J 316 -38.92 -54.61 -37.22
C LYS J 316 -38.08 -55.85 -37.46
N GLN J 317 -38.39 -56.95 -36.78
CA GLN J 317 -37.59 -58.15 -36.93
C GLN J 317 -37.63 -58.67 -38.36
N ARG J 318 -38.79 -59.19 -38.79
CA ARG J 318 -38.97 -59.73 -40.14
C ARG J 318 -37.82 -60.65 -40.53
N ALA J 319 -36.86 -60.11 -41.27
CA ALA J 319 -35.70 -60.84 -41.77
C ALA J 319 -34.52 -60.64 -40.83
N HIS J 320 -33.31 -61.05 -41.26
CA HIS J 320 -32.09 -60.85 -40.48
C HIS J 320 -31.18 -59.91 -41.27
N VAL J 321 -31.32 -58.61 -41.03
CA VAL J 321 -30.54 -57.59 -41.72
C VAL J 321 -29.88 -56.70 -40.69
N ILE J 322 -28.65 -56.28 -40.99
CA ILE J 322 -27.87 -55.40 -40.13
C ILE J 322 -27.28 -54.29 -40.98
N VAL J 323 -27.45 -53.05 -40.54
CA VAL J 323 -26.84 -51.89 -41.17
C VAL J 323 -25.64 -51.47 -40.33
N MET J 324 -24.57 -51.06 -41.00
CA MET J 324 -23.37 -50.59 -40.34
C MET J 324 -22.88 -49.30 -41.00
N ALA J 325 -22.34 -48.40 -40.19
CA ALA J 325 -21.86 -47.12 -40.68
C ALA J 325 -20.53 -46.80 -40.00
N ALA J 326 -19.74 -45.96 -40.67
CA ALA J 326 -18.44 -45.58 -40.17
C ALA J 326 -18.29 -44.07 -40.28
N THR J 327 -17.45 -43.52 -39.40
CA THR J 327 -17.20 -42.08 -39.35
C THR J 327 -15.77 -41.86 -38.86
N ASN J 328 -15.40 -40.60 -38.73
CA ASN J 328 -14.04 -40.24 -38.35
C ASN J 328 -13.95 -39.51 -37.02
N ARG J 329 -14.99 -38.82 -36.59
CA ARG J 329 -14.97 -38.08 -35.34
C ARG J 329 -16.31 -38.23 -34.64
N PRO J 330 -16.34 -38.13 -33.31
CA PRO J 330 -17.61 -38.32 -32.59
C PRO J 330 -18.61 -37.20 -32.82
N ASN J 331 -18.16 -35.96 -32.96
CA ASN J 331 -19.08 -34.83 -33.12
C ASN J 331 -19.42 -34.61 -34.59
N SER J 332 -19.82 -35.68 -35.24
CA SER J 332 -20.23 -35.61 -36.64
C SER J 332 -21.46 -36.45 -36.96
N ILE J 333 -22.08 -37.10 -35.97
CA ILE J 333 -23.24 -37.93 -36.19
C ILE J 333 -24.46 -37.21 -35.64
N ASP J 334 -25.56 -37.28 -36.38
CA ASP J 334 -26.82 -36.71 -35.93
C ASP J 334 -27.21 -37.35 -34.60
N PRO J 335 -27.46 -36.56 -33.56
CA PRO J 335 -27.87 -37.15 -32.27
C PRO J 335 -29.16 -37.95 -32.37
N ALA J 336 -30.02 -37.66 -33.34
CA ALA J 336 -31.24 -38.44 -33.51
C ALA J 336 -30.96 -39.86 -33.98
N LEU J 337 -29.77 -40.13 -34.51
CA LEU J 337 -29.43 -41.48 -34.95
C LEU J 337 -28.79 -42.31 -33.84
N ARG J 338 -28.29 -41.67 -32.79
CA ARG J 338 -27.64 -42.39 -31.68
C ARG J 338 -28.63 -42.86 -30.63
N ARG J 339 -29.93 -42.82 -30.91
CA ARG J 339 -30.93 -43.25 -29.96
C ARG J 339 -30.92 -44.78 -29.85
N PHE J 340 -31.68 -45.29 -28.88
CA PHE J 340 -31.80 -46.72 -28.72
C PHE J 340 -32.57 -47.33 -29.87
N GLY J 341 -32.04 -48.41 -30.43
CA GLY J 341 -32.65 -49.09 -31.56
C GLY J 341 -32.07 -48.74 -32.91
N ARG J 342 -31.33 -47.63 -33.03
CA ARG J 342 -30.69 -47.27 -34.28
C ARG J 342 -29.17 -47.34 -34.17
N PHE J 343 -28.56 -46.60 -33.24
CA PHE J 343 -27.14 -46.69 -32.96
C PHE J 343 -26.94 -46.56 -31.44
N ASP J 344 -26.96 -47.70 -30.75
CA ASP J 344 -26.77 -47.74 -29.31
C ASP J 344 -25.48 -48.43 -28.91
N ARG J 345 -24.82 -49.09 -29.86
CA ARG J 345 -23.60 -49.84 -29.62
C ARG J 345 -22.50 -49.28 -30.50
N GLU J 346 -21.41 -48.83 -29.88
CA GLU J 346 -20.34 -48.17 -30.61
C GLU J 346 -19.00 -48.80 -30.20
N VAL J 347 -18.08 -48.83 -31.16
CA VAL J 347 -16.74 -49.35 -30.91
C VAL J 347 -15.74 -48.30 -31.33
N ASP J 348 -14.72 -48.09 -30.49
CA ASP J 348 -13.68 -47.12 -30.73
C ASP J 348 -12.40 -47.87 -31.09
N ILE J 349 -11.88 -47.60 -32.27
CA ILE J 349 -10.65 -48.22 -32.75
C ILE J 349 -9.59 -47.13 -32.82
N GLY J 350 -8.59 -47.23 -31.94
CA GLY J 350 -7.55 -46.22 -31.84
C GLY J 350 -6.33 -46.57 -32.68
N ILE J 351 -5.30 -45.76 -32.53
CA ILE J 351 -4.05 -45.98 -33.24
C ILE J 351 -3.34 -47.18 -32.61
N PRO J 352 -2.92 -48.16 -33.40
CA PRO J 352 -2.23 -49.33 -32.83
C PRO J 352 -0.90 -48.92 -32.23
N ASP J 353 -0.50 -49.65 -31.18
CA ASP J 353 0.79 -49.42 -30.53
C ASP J 353 1.88 -50.17 -31.29
N ALA J 354 3.08 -50.26 -30.70
CA ALA J 354 4.20 -50.90 -31.38
C ALA J 354 3.89 -52.35 -31.70
N THR J 355 3.47 -53.13 -30.69
CA THR J 355 3.14 -54.53 -30.94
C THR J 355 1.90 -54.67 -31.82
N GLY J 356 1.02 -53.68 -31.80
CA GLY J 356 -0.10 -53.66 -32.73
C GLY J 356 0.35 -53.35 -34.14
N ARG J 357 1.33 -52.47 -34.27
CA ARG J 357 1.86 -52.11 -35.58
C ARG J 357 2.78 -53.16 -36.16
N LEU J 358 3.26 -54.11 -35.35
CA LEU J 358 4.16 -55.13 -35.86
C LEU J 358 3.49 -55.98 -36.95
N GLU J 359 2.25 -56.42 -36.72
CA GLU J 359 1.61 -57.33 -37.65
C GLU J 359 1.20 -56.66 -38.95
N ILE J 360 0.94 -55.36 -38.92
CA ILE J 360 0.56 -54.63 -40.13
C ILE J 360 1.65 -54.65 -41.19
N LEU J 361 2.92 -54.64 -40.77
CA LEU J 361 4.02 -54.70 -41.72
C LEU J 361 3.97 -55.99 -42.52
N GLN J 362 3.91 -57.14 -41.83
CA GLN J 362 3.95 -58.40 -42.53
C GLN J 362 2.65 -58.73 -43.26
N ILE J 363 1.49 -58.30 -42.76
CA ILE J 363 0.27 -58.63 -43.48
C ILE J 363 0.21 -57.93 -44.84
N HIS J 364 1.11 -56.97 -45.09
CA HIS J 364 1.22 -56.37 -46.42
C HIS J 364 2.53 -56.69 -47.12
N THR J 365 3.56 -57.13 -46.41
CA THR J 365 4.84 -57.48 -47.04
C THR J 365 5.05 -58.99 -47.09
N LYS J 366 3.99 -59.77 -46.88
CA LYS J 366 4.13 -61.22 -46.95
C LYS J 366 4.54 -61.69 -48.34
N ASN J 367 4.08 -61.02 -49.40
CA ASN J 367 4.53 -61.35 -50.74
C ASN J 367 5.91 -60.79 -51.05
N MET J 368 6.45 -59.95 -50.16
CA MET J 368 7.76 -59.36 -50.33
C MET J 368 8.73 -60.17 -49.47
N LYS J 369 9.47 -61.07 -50.10
CA LYS J 369 10.44 -61.85 -49.35
C LYS J 369 11.63 -60.98 -48.97
N LEU J 370 12.01 -61.07 -47.70
CA LEU J 370 13.02 -60.20 -47.11
C LEU J 370 14.31 -60.98 -46.89
N ALA J 371 15.42 -60.23 -46.87
CA ALA J 371 16.74 -60.82 -46.75
C ALA J 371 17.00 -61.27 -45.31
N ASP J 372 18.23 -61.69 -45.04
CA ASP J 372 18.59 -62.19 -43.72
C ASP J 372 18.86 -61.08 -42.72
N ASP J 373 19.53 -60.01 -43.15
CA ASP J 373 19.90 -58.92 -42.25
C ASP J 373 18.74 -57.99 -41.93
N VAL J 374 17.59 -58.18 -42.57
CA VAL J 374 16.44 -57.28 -42.39
C VAL J 374 15.45 -57.91 -41.41
N ASP J 375 14.93 -57.06 -40.52
CA ASP J 375 13.87 -57.43 -39.60
C ASP J 375 12.90 -56.27 -39.48
N LEU J 376 11.64 -56.56 -39.18
CA LEU J 376 10.62 -55.55 -39.04
C LEU J 376 10.39 -55.14 -37.58
N GLU J 377 11.19 -55.67 -36.66
CA GLU J 377 11.02 -55.37 -35.24
C GLU J 377 11.48 -53.96 -34.88
N GLN J 378 12.72 -53.61 -35.18
CA GLN J 378 13.26 -52.31 -34.80
C GLN J 378 12.58 -51.17 -35.53
N VAL J 379 12.13 -51.40 -36.76
CA VAL J 379 11.54 -50.33 -37.57
C VAL J 379 10.16 -49.91 -37.07
N ALA J 380 9.47 -50.78 -36.33
CA ALA J 380 8.16 -50.48 -35.78
C ALA J 380 8.21 -50.05 -34.33
N ASN J 381 9.39 -49.61 -33.86
CA ASN J 381 9.56 -49.18 -32.48
C ASN J 381 9.77 -47.69 -32.33
N GLU J 382 10.31 -47.01 -33.34
CA GLU J 382 10.53 -45.58 -33.26
C GLU J 382 9.30 -44.76 -33.63
N THR J 383 8.25 -45.39 -34.14
CA THR J 383 7.01 -44.70 -34.49
C THR J 383 5.94 -44.99 -33.45
N HIS J 384 5.04 -44.03 -33.27
CA HIS J 384 3.99 -44.18 -32.26
C HIS J 384 2.63 -43.68 -32.72
N GLY J 385 2.48 -43.20 -33.96
CA GLY J 385 1.22 -42.66 -34.40
C GLY J 385 0.80 -43.08 -35.80
N HIS J 386 1.15 -44.29 -36.20
CA HIS J 386 0.89 -44.77 -37.55
C HIS J 386 -0.27 -45.75 -37.55
N VAL J 387 -1.08 -45.68 -38.62
CA VAL J 387 -2.20 -46.60 -38.81
C VAL J 387 -1.91 -47.45 -40.04
N GLY J 388 -2.84 -48.36 -40.36
CA GLY J 388 -2.61 -49.28 -41.45
C GLY J 388 -2.35 -48.60 -42.79
N ALA J 389 -3.10 -47.53 -43.08
CA ALA J 389 -2.88 -46.80 -44.33
C ALA J 389 -1.51 -46.15 -44.40
N ASP J 390 -1.06 -45.56 -43.28
CA ASP J 390 0.27 -44.95 -43.26
C ASP J 390 1.35 -45.98 -43.53
N LEU J 391 1.27 -47.14 -42.89
CA LEU J 391 2.27 -48.18 -43.10
C LEU J 391 2.20 -48.74 -44.51
N ALA J 392 1.01 -48.90 -45.06
CA ALA J 392 0.88 -49.38 -46.44
C ALA J 392 1.53 -48.41 -47.41
N ALA J 393 1.26 -47.10 -47.26
CA ALA J 393 1.90 -46.12 -48.12
C ALA J 393 3.41 -46.10 -47.95
N LEU J 394 3.88 -46.21 -46.70
CA LEU J 394 5.31 -46.22 -46.43
C LEU J 394 5.99 -47.40 -47.11
N CYS J 395 5.42 -48.60 -46.97
CA CYS J 395 6.01 -49.77 -47.61
C CYS J 395 5.94 -49.68 -49.13
N SER J 396 4.85 -49.13 -49.68
CA SER J 396 4.77 -48.98 -51.13
C SER J 396 5.86 -48.06 -51.66
N GLU J 397 6.05 -46.90 -51.02
CA GLU J 397 7.09 -46.00 -51.51
C GLU J 397 8.50 -46.52 -51.22
N ALA J 398 8.69 -47.28 -50.13
CA ALA J 398 9.98 -47.92 -49.90
C ALA J 398 10.30 -48.92 -50.98
N ALA J 399 9.30 -49.71 -51.42
CA ALA J 399 9.50 -50.61 -52.53
C ALA J 399 9.78 -49.88 -53.84
N LEU J 400 9.12 -48.74 -54.07
CA LEU J 400 9.42 -47.94 -55.25
C LEU J 400 10.86 -47.45 -55.24
N GLN J 401 11.35 -47.05 -54.06
CA GLN J 401 12.75 -46.64 -53.94
C GLN J 401 13.70 -47.77 -54.33
N ALA J 402 13.42 -48.99 -53.85
CA ALA J 402 14.22 -50.13 -54.23
C ALA J 402 14.14 -50.42 -55.73
N ILE J 403 12.97 -50.25 -56.33
CA ILE J 403 12.83 -50.45 -57.77
C ILE J 403 13.72 -49.46 -58.53
N ARG J 404 13.63 -48.19 -58.18
CA ARG J 404 14.42 -47.18 -58.90
C ARG J 404 15.91 -47.32 -58.64
N LYS J 405 16.31 -47.83 -57.48
CA LYS J 405 17.74 -48.01 -57.18
C LYS J 405 18.41 -48.97 -58.15
N LYS J 406 17.65 -49.85 -58.80
CA LYS J 406 18.21 -50.70 -59.84
C LYS J 406 17.80 -50.31 -61.25
N MET J 407 16.66 -49.63 -61.43
CA MET J 407 16.29 -49.14 -62.76
C MET J 407 17.14 -47.96 -63.21
N ASP J 408 17.89 -47.31 -62.30
CA ASP J 408 18.72 -46.19 -62.72
C ASP J 408 19.98 -46.65 -63.45
N LEU J 409 20.50 -47.83 -63.14
CA LEU J 409 21.70 -48.32 -63.80
C LEU J 409 21.44 -49.51 -64.72
N ILE J 410 20.41 -50.32 -64.46
CA ILE J 410 20.16 -51.48 -65.31
C ILE J 410 19.67 -51.07 -66.69
N ASP J 411 18.69 -50.16 -66.73
CA ASP J 411 18.15 -49.61 -67.98
C ASP J 411 17.62 -50.73 -68.90
N LEU J 412 16.62 -51.42 -68.40
CA LEU J 412 15.96 -52.51 -69.13
C LEU J 412 14.63 -51.99 -69.66
N GLU J 413 14.62 -51.56 -70.91
CA GLU J 413 13.41 -51.02 -71.55
C GLU J 413 12.74 -52.14 -72.31
N ASP J 414 11.67 -52.69 -71.72
CA ASP J 414 10.92 -53.76 -72.35
C ASP J 414 9.48 -53.73 -71.84
N GLU J 415 8.59 -54.34 -72.61
CA GLU J 415 7.17 -54.36 -72.25
C GLU J 415 6.94 -55.28 -71.05
N THR J 416 7.25 -56.57 -71.21
CA THR J 416 7.09 -57.52 -70.12
C THR J 416 8.40 -57.67 -69.35
N ILE J 417 8.28 -57.97 -68.06
CA ILE J 417 9.43 -58.12 -67.19
C ILE J 417 9.61 -59.60 -66.87
N ASP J 418 10.86 -60.01 -66.71
CA ASP J 418 11.21 -61.40 -66.43
C ASP J 418 11.29 -61.64 -64.92
N ALA J 419 11.04 -62.89 -64.53
CA ALA J 419 11.09 -63.27 -63.13
C ALA J 419 12.50 -63.56 -62.64
N GLU J 420 13.49 -63.61 -63.54
CA GLU J 420 14.86 -63.87 -63.14
C GLU J 420 15.46 -62.72 -62.32
N VAL J 421 14.91 -61.52 -62.43
CA VAL J 421 15.37 -60.39 -61.64
C VAL J 421 14.38 -60.02 -60.53
N MET J 422 13.11 -60.41 -60.65
CA MET J 422 12.14 -60.14 -59.59
C MET J 422 12.51 -60.84 -58.29
N ASN J 423 12.94 -62.10 -58.36
CA ASN J 423 13.30 -62.83 -57.15
C ASN J 423 14.57 -62.29 -56.50
N SER J 424 15.53 -61.83 -57.32
CA SER J 424 16.79 -61.34 -56.78
C SER J 424 16.63 -60.03 -56.01
N LEU J 425 15.58 -59.27 -56.27
CA LEU J 425 15.37 -58.00 -55.59
C LEU J 425 14.96 -58.23 -54.14
N ALA J 426 15.52 -57.43 -53.24
CA ALA J 426 15.17 -57.47 -51.83
C ALA J 426 15.45 -56.11 -51.21
N VAL J 427 14.54 -55.64 -50.36
CA VAL J 427 14.72 -54.35 -49.71
C VAL J 427 15.78 -54.47 -48.62
N THR J 428 16.50 -53.36 -48.39
CA THR J 428 17.64 -53.37 -47.49
C THR J 428 17.40 -52.45 -46.29
N MET J 429 18.44 -52.28 -45.47
CA MET J 429 18.34 -51.43 -44.29
C MET J 429 18.07 -49.98 -44.66
N ASP J 430 18.89 -49.43 -45.57
CA ASP J 430 18.79 -48.01 -45.91
C ASP J 430 17.43 -47.64 -46.49
N ASP J 431 16.72 -48.59 -47.10
CA ASP J 431 15.41 -48.27 -47.64
C ASP J 431 14.41 -47.93 -46.54
N PHE J 432 14.30 -48.77 -45.51
CA PHE J 432 13.40 -48.45 -44.40
C PHE J 432 13.90 -47.25 -43.61
N ARG J 433 15.21 -47.02 -43.58
CA ARG J 433 15.71 -45.83 -42.92
C ARG J 433 15.28 -44.57 -43.66
N TRP J 434 15.45 -44.54 -44.98
CA TRP J 434 15.13 -43.37 -45.78
C TRP J 434 13.63 -43.19 -45.93
N ALA J 435 12.85 -44.26 -45.77
CA ALA J 435 11.40 -44.14 -45.87
C ALA J 435 10.82 -43.26 -44.77
N LEU J 436 11.27 -43.44 -43.53
CA LEU J 436 10.74 -42.68 -42.41
C LEU J 436 11.29 -41.27 -42.34
N SER J 437 12.48 -41.01 -42.90
CA SER J 437 13.07 -39.69 -42.90
C SER J 437 12.41 -38.76 -43.91
N GLN J 438 11.48 -39.27 -44.71
CA GLN J 438 10.74 -38.47 -45.67
C GLN J 438 9.52 -37.86 -44.98
N SER J 439 8.57 -37.31 -45.73
CA SER J 439 7.44 -36.60 -45.14
C SER J 439 6.21 -37.48 -44.91
N ASN J 440 6.27 -38.77 -45.21
CA ASN J 440 5.10 -39.61 -44.99
C ASN J 440 4.71 -39.86 -43.52
N PRO J 441 5.61 -39.76 -42.51
CA PRO J 441 5.13 -39.88 -41.13
C PRO J 441 4.34 -38.67 -40.67
N SER J 442 4.29 -37.60 -41.45
CA SER J 442 3.60 -36.39 -41.05
C SER J 442 2.10 -36.64 -41.07
N ALA J 443 1.54 -36.89 -39.89
CA ALA J 443 0.12 -37.21 -39.77
C ALA J 443 -0.45 -36.55 -38.53
N LEU J 444 -1.65 -36.97 -38.12
CA LEU J 444 -2.34 -36.38 -36.99
C LEU J 444 -2.09 -37.23 -35.75
N ARG J 445 -1.83 -36.56 -34.63
CA ARG J 445 -1.52 -37.22 -33.37
C ARG J 445 -2.63 -36.95 -32.36
N GLU J 446 -3.12 -38.01 -31.73
CA GLU J 446 -4.11 -37.91 -30.67
C GLU J 446 -3.85 -38.95 -29.59
N THR J 447 -4.83 -39.17 -28.71
CA THR J 447 -4.71 -40.12 -27.62
C THR J 447 -4.48 -41.51 -28.19
N VAL J 448 -3.32 -42.08 -27.87
CA VAL J 448 -2.93 -43.40 -28.32
C VAL J 448 -3.13 -44.39 -27.17
N VAL J 449 -3.53 -45.60 -27.50
CA VAL J 449 -3.82 -46.63 -26.50
C VAL J 449 -2.71 -47.68 -26.60
N GLU J 450 -1.81 -47.66 -25.63
CA GLU J 450 -0.70 -48.59 -25.58
C GLU J 450 -0.64 -49.29 -24.23
N VAL J 451 0.12 -50.38 -24.18
CA VAL J 451 0.31 -51.17 -22.98
C VAL J 451 1.74 -50.96 -22.48
N PRO J 452 1.93 -50.63 -21.21
CA PRO J 452 3.30 -50.40 -20.71
C PRO J 452 4.09 -51.69 -20.64
N GLN J 453 5.41 -51.53 -20.53
CA GLN J 453 6.32 -52.67 -20.47
C GLN J 453 7.29 -52.55 -19.31
N VAL J 454 6.86 -51.94 -18.21
CA VAL J 454 7.69 -51.76 -17.03
C VAL J 454 7.03 -52.47 -15.85
N THR J 455 7.79 -53.35 -15.19
CA THR J 455 7.26 -54.17 -14.10
C THR J 455 8.10 -53.98 -12.85
N TRP J 456 7.86 -54.80 -11.82
CA TRP J 456 8.50 -54.56 -10.53
C TRP J 456 10.01 -54.74 -10.59
N GLU J 457 10.50 -55.79 -11.26
CA GLU J 457 11.95 -55.96 -11.33
C GLU J 457 12.59 -54.89 -12.21
N ASP J 458 11.84 -54.33 -13.15
CA ASP J 458 12.39 -53.31 -14.04
C ASP J 458 12.76 -52.04 -13.30
N ILE J 459 12.08 -51.76 -12.18
CA ILE J 459 12.40 -50.59 -11.36
C ILE J 459 12.93 -51.07 -10.03
N GLY J 460 13.33 -50.12 -9.18
CA GLY J 460 13.85 -50.48 -7.87
C GLY J 460 13.53 -49.40 -6.86
N GLY J 461 13.76 -49.73 -5.60
CA GLY J 461 13.54 -48.79 -4.52
C GLY J 461 12.07 -48.48 -4.34
N LEU J 462 11.82 -47.49 -3.48
CA LEU J 462 10.47 -47.02 -3.17
C LEU J 462 9.58 -48.18 -2.72
N GLU J 463 10.12 -49.00 -1.82
CA GLU J 463 9.35 -50.08 -1.22
C GLU J 463 8.19 -49.57 -0.38
N ASP J 464 8.23 -48.32 0.04
CA ASP J 464 7.15 -47.77 0.86
C ASP J 464 5.93 -47.37 0.05
N VAL J 465 6.09 -47.13 -1.26
CA VAL J 465 4.96 -46.81 -2.12
C VAL J 465 4.64 -47.91 -3.11
N LYS J 466 5.60 -48.78 -3.44
CA LYS J 466 5.26 -50.00 -4.16
C LYS J 466 4.34 -50.88 -3.31
N ARG J 467 4.60 -50.93 -2.00
CA ARG J 467 3.82 -51.76 -1.10
C ARG J 467 2.38 -51.26 -1.06
N GLU J 468 2.17 -49.96 -1.28
CA GLU J 468 0.87 -49.31 -1.09
C GLU J 468 0.09 -49.16 -2.38
N LEU J 469 0.74 -48.89 -3.51
CA LEU J 469 -0.01 -48.77 -4.76
C LEU J 469 -0.72 -50.07 -5.11
N GLN J 470 -0.06 -51.20 -4.88
CA GLN J 470 -0.69 -52.49 -5.12
C GLN J 470 -1.93 -52.67 -4.25
N GLU J 471 -1.89 -52.24 -2.98
CA GLU J 471 -3.02 -52.40 -2.08
C GLU J 471 -4.29 -51.72 -2.58
N LEU J 472 -4.17 -50.71 -3.44
CA LEU J 472 -5.35 -50.00 -3.94
C LEU J 472 -5.57 -50.14 -5.43
N VAL J 473 -4.66 -50.79 -6.17
CA VAL J 473 -4.88 -51.09 -7.58
C VAL J 473 -4.95 -52.60 -7.84
N GLN J 474 -3.90 -53.33 -7.47
CA GLN J 474 -3.75 -54.70 -7.93
C GLN J 474 -4.84 -55.61 -7.41
N TYR J 475 -5.07 -55.59 -6.09
CA TYR J 475 -6.04 -56.53 -5.51
C TYR J 475 -7.46 -56.29 -6.01
N PRO J 476 -8.00 -55.06 -6.02
CA PRO J 476 -9.35 -54.90 -6.58
C PRO J 476 -9.32 -54.81 -8.09
N VAL J 477 -8.46 -55.61 -8.72
CA VAL J 477 -8.50 -55.87 -10.14
C VAL J 477 -8.42 -57.39 -10.33
N GLU J 478 -7.40 -57.98 -9.71
CA GLU J 478 -7.10 -59.40 -9.85
C GLU J 478 -7.86 -60.27 -8.85
N HIS J 479 -8.63 -59.69 -7.93
CA HIS J 479 -9.37 -60.44 -6.92
C HIS J 479 -10.83 -60.00 -6.98
N PRO J 480 -11.59 -60.46 -7.97
CA PRO J 480 -13.01 -60.08 -8.06
C PRO J 480 -13.83 -60.55 -6.87
N ASP J 481 -13.44 -61.65 -6.22
CA ASP J 481 -14.22 -62.19 -5.10
C ASP J 481 -14.19 -61.27 -3.88
N LYS J 482 -13.14 -60.47 -3.73
CA LYS J 482 -13.03 -59.59 -2.58
C LYS J 482 -13.76 -58.28 -2.84
N PHE J 483 -13.71 -57.38 -1.85
CA PHE J 483 -14.20 -56.01 -1.94
C PHE J 483 -15.71 -55.92 -2.01
N LEU J 484 -16.41 -57.03 -1.86
CA LEU J 484 -17.86 -56.95 -1.66
C LEU J 484 -18.33 -57.83 -0.50
N LYS J 485 -17.57 -58.86 -0.15
CA LYS J 485 -17.89 -59.62 1.05
C LYS J 485 -17.72 -58.77 2.30
N PHE J 486 -16.68 -57.94 2.33
CA PHE J 486 -16.45 -57.01 3.44
C PHE J 486 -17.19 -55.69 3.24
N GLY J 487 -18.00 -55.57 2.21
CA GLY J 487 -18.72 -54.34 1.98
C GLY J 487 -17.87 -53.34 1.25
N MET J 488 -17.81 -52.12 1.79
CA MET J 488 -16.95 -51.03 1.32
C MET J 488 -17.05 -50.83 -0.19
N THR J 489 -16.03 -50.19 -0.79
CA THR J 489 -16.03 -49.92 -2.22
C THR J 489 -14.65 -49.45 -2.64
N PRO J 490 -14.15 -49.88 -3.80
CA PRO J 490 -12.82 -49.44 -4.24
C PRO J 490 -12.83 -47.98 -4.66
N SER J 491 -11.64 -47.41 -4.73
CA SER J 491 -11.46 -46.01 -5.11
C SER J 491 -11.45 -45.89 -6.62
N LYS J 492 -11.42 -44.65 -7.11
CA LYS J 492 -11.30 -44.40 -8.55
C LYS J 492 -10.10 -43.52 -8.85
N GLY J 493 -9.76 -42.63 -7.94
CA GLY J 493 -8.80 -41.57 -8.21
C GLY J 493 -7.62 -41.56 -7.28
N VAL J 494 -6.44 -41.30 -7.84
CA VAL J 494 -5.21 -41.14 -7.08
C VAL J 494 -4.50 -39.89 -7.59
N LEU J 495 -4.09 -39.01 -6.68
CA LEU J 495 -3.40 -37.79 -7.03
C LEU J 495 -1.93 -37.92 -6.64
N PHE J 496 -1.04 -37.73 -7.60
CA PHE J 496 0.39 -37.80 -7.37
C PHE J 496 0.97 -36.40 -7.27
N TYR J 497 1.87 -36.22 -6.31
CA TYR J 497 2.40 -34.91 -5.96
C TYR J 497 3.81 -35.06 -5.41
N GLY J 498 4.59 -33.99 -5.51
CA GLY J 498 5.96 -34.02 -5.05
C GLY J 498 6.87 -33.21 -5.93
N PRO J 499 8.18 -33.40 -5.76
CA PRO J 499 9.15 -32.65 -6.55
C PRO J 499 9.03 -32.97 -8.02
N PRO J 500 9.21 -31.99 -8.90
CA PRO J 500 9.17 -32.27 -10.34
C PRO J 500 10.33 -33.16 -10.76
N GLY J 501 10.10 -33.96 -11.79
CA GLY J 501 11.12 -34.85 -12.29
C GLY J 501 11.29 -36.15 -11.52
N CYS J 502 10.31 -36.51 -10.70
CA CYS J 502 10.42 -37.74 -9.91
C CYS J 502 9.95 -38.97 -10.67
N GLY J 503 9.51 -38.81 -11.91
CA GLY J 503 9.08 -39.95 -12.72
C GLY J 503 7.69 -40.44 -12.40
N LYS J 504 6.77 -39.50 -12.15
CA LYS J 504 5.40 -39.88 -11.81
C LYS J 504 4.68 -40.59 -12.96
N THR J 505 4.91 -40.14 -14.20
CA THR J 505 4.28 -40.82 -15.34
C THR J 505 4.73 -42.27 -15.42
N LEU J 506 6.02 -42.51 -15.29
CA LEU J 506 6.53 -43.88 -15.32
C LEU J 506 6.05 -44.70 -14.13
N LEU J 507 5.96 -44.09 -12.94
CA LEU J 507 5.44 -44.80 -11.79
C LEU J 507 3.99 -45.21 -12.01
N ALA J 508 3.20 -44.34 -12.64
CA ALA J 508 1.82 -44.68 -12.96
C ALA J 508 1.73 -45.77 -14.03
N LYS J 509 2.63 -45.76 -15.01
CA LYS J 509 2.64 -46.81 -16.03
C LYS J 509 3.03 -48.16 -15.44
N ALA J 510 3.95 -48.16 -14.46
CA ALA J 510 4.46 -49.40 -13.91
C ALA J 510 3.37 -50.26 -13.26
N ILE J 511 2.34 -49.63 -12.70
CA ILE J 511 1.27 -50.39 -12.06
C ILE J 511 0.18 -50.80 -13.05
N ALA J 512 0.01 -50.05 -14.15
CA ALA J 512 -1.05 -50.32 -15.11
C ALA J 512 -0.79 -51.54 -15.97
N ASN J 513 0.47 -51.87 -16.25
CA ASN J 513 0.74 -53.02 -17.11
C ASN J 513 0.62 -54.36 -16.38
N GLU J 514 0.82 -54.39 -15.07
CA GLU J 514 0.75 -55.63 -14.31
C GLU J 514 -0.69 -56.03 -13.96
N CYS J 515 -1.67 -55.17 -14.17
CA CYS J 515 -3.06 -55.50 -13.94
C CYS J 515 -3.79 -55.85 -15.23
N GLN J 516 -3.06 -56.07 -16.32
CA GLN J 516 -3.62 -56.42 -17.62
C GLN J 516 -4.64 -55.37 -18.07
N ALA J 517 -4.14 -54.13 -18.14
CA ALA J 517 -4.95 -53.00 -18.56
C ALA J 517 -4.16 -52.14 -19.53
N ASN J 518 -4.87 -51.43 -20.39
CA ASN J 518 -4.23 -50.52 -21.32
C ASN J 518 -3.92 -49.21 -20.60
N PHE J 519 -3.31 -48.26 -21.32
CA PHE J 519 -2.89 -47.01 -20.72
C PHE J 519 -3.01 -45.90 -21.75
N ILE J 520 -3.60 -44.79 -21.34
CA ILE J 520 -3.65 -43.57 -22.16
C ILE J 520 -2.99 -42.46 -21.37
N SER J 521 -2.04 -41.77 -22.01
CA SER J 521 -1.28 -40.72 -21.35
C SER J 521 -1.85 -39.37 -21.77
N ILE J 522 -2.27 -38.58 -20.78
CA ILE J 522 -2.79 -37.24 -21.00
C ILE J 522 -1.87 -36.27 -20.29
N LYS J 523 -0.95 -35.67 -21.04
CA LYS J 523 -0.06 -34.68 -20.47
C LYS J 523 -0.75 -33.33 -20.41
N GLY J 524 -0.19 -32.42 -19.62
CA GLY J 524 -0.81 -31.15 -19.34
C GLY J 524 -1.12 -30.27 -20.54
N PRO J 525 -0.10 -29.81 -21.26
CA PRO J 525 -0.33 -28.79 -22.30
C PRO J 525 -1.22 -29.24 -23.44
N GLU J 526 -1.36 -30.55 -23.69
CA GLU J 526 -2.20 -30.97 -24.80
C GLU J 526 -3.68 -30.80 -24.48
N LEU J 527 -4.06 -30.95 -23.21
CA LEU J 527 -5.42 -30.63 -22.81
C LEU J 527 -5.66 -29.13 -22.72
N LEU J 528 -4.61 -28.32 -22.79
CA LEU J 528 -4.76 -26.87 -22.81
C LEU J 528 -4.82 -26.32 -24.22
N THR J 529 -4.07 -26.92 -25.16
CA THR J 529 -4.12 -26.47 -26.55
C THR J 529 -5.42 -26.87 -27.23
N MET J 530 -6.11 -27.87 -26.70
CA MET J 530 -7.42 -28.29 -27.20
C MET J 530 -8.56 -27.53 -26.55
N TRP J 531 -8.24 -26.56 -25.69
CA TRP J 531 -9.24 -25.77 -24.99
C TRP J 531 -9.78 -24.61 -25.84
N PHE J 532 -8.91 -23.95 -26.59
CA PHE J 532 -9.26 -22.75 -27.37
C PHE J 532 -9.82 -21.71 -26.39
N GLY J 533 -10.82 -20.93 -26.81
CA GLY J 533 -11.44 -19.96 -25.94
C GLY J 533 -12.95 -20.01 -26.00
N GLU J 534 -13.58 -20.31 -24.85
CA GLU J 534 -15.03 -20.31 -24.69
C GLU J 534 -15.70 -21.38 -25.56
N SER J 535 -14.93 -22.32 -26.11
CA SER J 535 -15.51 -23.39 -26.90
C SER J 535 -14.52 -24.55 -26.96
N GLU J 536 -14.84 -25.65 -26.28
CA GLU J 536 -14.06 -26.87 -26.42
C GLU J 536 -14.91 -28.03 -26.94
N ALA J 537 -16.02 -28.33 -26.26
CA ALA J 537 -16.99 -29.34 -26.69
C ALA J 537 -16.33 -30.69 -27.01
N ASN J 538 -15.20 -30.97 -26.37
CA ASN J 538 -14.48 -32.22 -26.65
C ASN J 538 -13.96 -32.84 -25.35
N VAL J 539 -14.81 -32.98 -24.35
CA VAL J 539 -14.44 -33.63 -23.09
C VAL J 539 -15.16 -34.96 -22.95
N ARG J 540 -16.44 -35.00 -23.29
CA ARG J 540 -17.23 -36.19 -23.01
C ARG J 540 -16.71 -37.42 -23.76
N GLU J 541 -16.07 -37.23 -24.91
CA GLU J 541 -15.61 -38.35 -25.72
C GLU J 541 -14.23 -38.86 -25.33
N ILE J 542 -13.48 -38.14 -24.50
CA ILE J 542 -12.15 -38.60 -24.12
C ILE J 542 -12.18 -39.58 -22.96
N PHE J 543 -13.35 -39.76 -22.33
CA PHE J 543 -13.49 -40.71 -21.24
C PHE J 543 -14.06 -42.06 -21.68
N ASP J 544 -14.81 -42.08 -22.78
CA ASP J 544 -15.42 -43.32 -23.24
C ASP J 544 -14.39 -44.29 -23.81
N LYS J 545 -13.31 -43.77 -24.37
CA LYS J 545 -12.26 -44.64 -24.90
C LYS J 545 -11.63 -45.48 -23.80
N ALA J 546 -11.50 -44.93 -22.60
CA ALA J 546 -11.03 -45.68 -21.45
C ALA J 546 -12.09 -46.65 -20.91
N ARG J 547 -13.35 -46.47 -21.29
CA ARG J 547 -14.43 -47.34 -20.86
C ARG J 547 -14.62 -48.54 -21.78
N GLN J 548 -14.58 -48.34 -23.10
CA GLN J 548 -14.67 -49.46 -24.02
C GLN J 548 -13.44 -50.36 -23.93
N ALA J 549 -12.28 -49.79 -23.62
CA ALA J 549 -11.04 -50.55 -23.50
C ALA J 549 -10.80 -51.02 -22.08
N ALA J 550 -11.80 -51.69 -21.50
CA ALA J 550 -11.65 -52.20 -20.15
C ALA J 550 -10.86 -53.50 -20.15
N PRO J 551 -9.96 -53.71 -19.18
CA PRO J 551 -9.60 -52.73 -18.15
C PRO J 551 -8.68 -51.65 -18.69
N CYS J 552 -8.74 -50.46 -18.08
CA CYS J 552 -7.89 -49.36 -18.51
C CYS J 552 -7.56 -48.49 -17.30
N VAL J 553 -6.35 -47.91 -17.32
CA VAL J 553 -5.89 -47.02 -16.27
C VAL J 553 -5.63 -45.67 -16.91
N LEU J 554 -6.39 -44.66 -16.51
CA LEU J 554 -6.25 -43.32 -17.06
C LEU J 554 -5.29 -42.51 -16.21
N PHE J 555 -4.52 -41.65 -16.88
CA PHE J 555 -3.50 -40.85 -16.21
C PHE J 555 -3.59 -39.40 -16.68
N PHE J 556 -3.58 -38.48 -15.73
CA PHE J 556 -3.52 -37.04 -16.00
C PHE J 556 -2.14 -36.56 -15.57
N ASP J 557 -1.27 -36.35 -16.54
CA ASP J 557 0.09 -35.90 -16.27
C ASP J 557 0.09 -34.40 -16.15
N GLU J 558 0.55 -33.91 -15.00
CA GLU J 558 0.70 -32.47 -14.81
C GLU J 558 -0.65 -31.80 -15.01
N LEU J 559 -1.60 -32.20 -14.18
CA LEU J 559 -2.89 -31.52 -14.06
C LEU J 559 -2.74 -30.06 -13.66
N ASP J 560 -1.57 -29.63 -13.17
CA ASP J 560 -1.37 -28.28 -12.67
C ASP J 560 -1.40 -27.23 -13.78
N SER J 561 -1.30 -27.66 -15.03
CA SER J 561 -1.40 -26.81 -16.22
C SER J 561 -2.71 -26.03 -16.27
N ILE J 562 -3.86 -26.64 -15.89
CA ILE J 562 -5.11 -25.90 -15.92
C ILE J 562 -5.07 -24.74 -14.92
N ALA J 563 -4.55 -24.99 -13.71
CA ALA J 563 -4.39 -23.91 -12.76
C ALA J 563 -3.41 -22.85 -13.24
N LYS J 564 -2.39 -23.25 -14.01
CA LYS J 564 -1.49 -22.27 -14.60
C LYS J 564 -2.24 -21.19 -15.38
N ALA J 565 -3.17 -21.59 -16.24
CA ALA J 565 -3.88 -20.63 -17.08
C ALA J 565 -4.84 -19.74 -16.29
N ARG J 566 -5.56 -20.30 -15.33
CA ARG J 566 -6.50 -19.50 -14.55
C ARG J 566 -5.78 -18.53 -13.62
N GLY J 567 -4.84 -19.02 -12.82
CA GLY J 567 -4.06 -18.14 -11.97
C GLY J 567 -2.90 -18.89 -11.34
N GLY J 568 -1.70 -18.34 -11.47
CA GLY J 568 -0.50 -18.96 -10.94
C GLY J 568 0.30 -18.01 -10.08
N ASN J 569 1.28 -18.58 -9.36
CA ASN J 569 2.15 -17.82 -8.47
C ASN J 569 1.33 -17.04 -7.46
N ILE J 570 0.99 -15.80 -7.78
CA ILE J 570 0.16 -14.99 -6.89
C ILE J 570 -1.29 -15.47 -6.92
N GLY J 571 -1.84 -15.64 -8.12
CA GLY J 571 -3.22 -16.06 -8.29
C GLY J 571 -4.18 -14.89 -8.41
N ASP J 572 -5.42 -15.23 -8.72
CA ASP J 572 -6.49 -14.23 -8.88
C ASP J 572 -7.09 -13.91 -7.51
N GLY J 573 -8.15 -13.11 -7.50
CA GLY J 573 -8.80 -12.76 -6.25
C GLY J 573 -9.61 -13.87 -5.63
N GLY J 574 -10.03 -14.85 -6.44
CA GLY J 574 -10.80 -15.98 -5.95
C GLY J 574 -10.13 -17.31 -6.18
N GLY J 575 -10.93 -18.38 -6.19
CA GLY J 575 -10.39 -19.69 -6.42
C GLY J 575 -9.96 -19.92 -7.86
N ALA J 576 -9.11 -20.93 -8.05
CA ALA J 576 -8.58 -21.25 -9.36
C ALA J 576 -9.42 -22.36 -10.00
N ALA J 577 -10.72 -22.08 -10.12
CA ALA J 577 -11.69 -22.99 -10.69
C ALA J 577 -11.89 -22.67 -12.16
N ASP J 578 -12.41 -23.65 -12.90
CA ASP J 578 -12.59 -23.47 -14.33
C ASP J 578 -13.76 -24.32 -14.83
N ARG J 579 -14.33 -23.87 -15.95
CA ARG J 579 -15.41 -24.59 -16.61
C ARG J 579 -14.91 -25.87 -17.27
N VAL J 580 -13.60 -26.07 -17.35
CA VAL J 580 -13.06 -27.35 -17.80
C VAL J 580 -12.76 -28.27 -16.62
N ILE J 581 -12.65 -27.73 -15.41
CA ILE J 581 -12.43 -28.55 -14.24
C ILE J 581 -13.76 -29.05 -13.66
N ASN J 582 -14.76 -28.16 -13.59
CA ASN J 582 -16.04 -28.58 -13.04
C ASN J 582 -16.69 -29.65 -13.91
N GLN J 583 -16.59 -29.52 -15.23
CA GLN J 583 -17.21 -30.48 -16.13
C GLN J 583 -16.57 -31.86 -16.07
N ILE J 584 -15.28 -31.96 -15.76
CA ILE J 584 -14.65 -33.27 -15.63
C ILE J 584 -14.88 -33.85 -14.24
N LEU J 585 -14.90 -33.01 -13.20
CA LEU J 585 -15.16 -33.54 -11.87
C LEU J 585 -16.62 -33.97 -11.72
N THR J 586 -17.52 -33.36 -12.48
CA THR J 586 -18.90 -33.85 -12.52
C THR J 586 -19.02 -35.11 -13.35
N GLU J 587 -18.26 -35.19 -14.44
CA GLU J 587 -18.33 -36.38 -15.30
C GLU J 587 -17.81 -37.61 -14.59
N MET J 588 -16.77 -37.48 -13.76
CA MET J 588 -16.20 -38.65 -13.12
C MET J 588 -17.08 -39.18 -11.98
N ASP J 589 -18.14 -38.47 -11.61
CA ASP J 589 -19.05 -38.92 -10.57
C ASP J 589 -20.23 -39.71 -11.10
N GLY J 590 -20.49 -39.68 -12.41
CA GLY J 590 -21.63 -40.40 -12.95
C GLY J 590 -21.40 -41.88 -13.08
N MET J 591 -20.14 -42.29 -13.11
CA MET J 591 -19.79 -43.68 -13.30
C MET J 591 -20.09 -44.49 -12.05
N SER J 592 -20.47 -45.75 -12.26
CA SER J 592 -20.76 -46.67 -11.18
C SER J 592 -19.45 -47.16 -10.57
N THR J 593 -19.52 -47.56 -9.30
CA THR J 593 -18.32 -47.99 -8.60
C THR J 593 -17.78 -49.31 -9.11
N LYS J 594 -18.59 -50.08 -9.84
CA LYS J 594 -18.18 -51.42 -10.24
C LYS J 594 -17.40 -51.43 -11.55
N LYS J 595 -17.35 -50.31 -12.27
CA LYS J 595 -16.48 -50.21 -13.43
C LYS J 595 -15.02 -50.29 -12.99
N ASN J 596 -14.18 -50.79 -13.90
CA ASN J 596 -12.76 -50.99 -13.62
C ASN J 596 -11.90 -49.84 -14.11
N VAL J 597 -12.52 -48.74 -14.54
CA VAL J 597 -11.78 -47.57 -14.97
C VAL J 597 -11.12 -46.90 -13.78
N PHE J 598 -9.84 -46.57 -13.91
CA PHE J 598 -9.07 -45.95 -12.83
C PHE J 598 -8.43 -44.68 -13.38
N ILE J 599 -8.73 -43.54 -12.75
CA ILE J 599 -8.17 -42.26 -13.13
C ILE J 599 -7.09 -41.87 -12.13
N ILE J 600 -5.96 -41.40 -12.63
CA ILE J 600 -4.81 -41.04 -11.81
C ILE J 600 -4.38 -39.62 -12.18
N GLY J 601 -4.29 -38.76 -11.18
CA GLY J 601 -3.84 -37.40 -11.38
C GLY J 601 -2.41 -37.19 -10.91
N ALA J 602 -1.75 -36.21 -11.50
CA ALA J 602 -0.38 -35.88 -11.14
C ALA J 602 -0.21 -34.37 -11.15
N THR J 603 0.50 -33.86 -10.16
CA THR J 603 0.76 -32.44 -10.03
C THR J 603 2.11 -32.24 -9.38
N ASN J 604 2.55 -30.99 -9.31
CA ASN J 604 3.83 -30.64 -8.72
C ASN J 604 3.72 -29.55 -7.66
N ARG J 605 2.59 -28.86 -7.60
CA ARG J 605 2.40 -27.78 -6.62
C ARG J 605 1.04 -27.95 -5.96
N PRO J 606 0.91 -28.93 -5.06
CA PRO J 606 -0.41 -29.29 -4.51
C PRO J 606 -0.88 -28.37 -3.40
N ASP J 607 -0.96 -27.08 -3.70
CA ASP J 607 -1.47 -26.11 -2.74
C ASP J 607 -2.43 -25.13 -3.41
N ILE J 608 -2.47 -25.15 -4.75
CA ILE J 608 -3.30 -24.24 -5.52
C ILE J 608 -4.45 -24.94 -6.23
N ILE J 609 -4.49 -26.27 -6.21
CA ILE J 609 -5.59 -27.00 -6.83
C ILE J 609 -6.82 -26.92 -5.94
N ASP J 610 -7.99 -26.81 -6.56
CA ASP J 610 -9.22 -26.71 -5.80
C ASP J 610 -9.46 -27.98 -4.99
N PRO J 611 -10.00 -27.88 -3.78
CA PRO J 611 -10.36 -29.09 -3.03
C PRO J 611 -11.62 -29.74 -3.59
N ALA J 612 -12.22 -29.09 -4.60
CA ALA J 612 -13.43 -29.63 -5.21
C ALA J 612 -13.20 -31.01 -5.81
N ILE J 613 -12.08 -31.21 -6.50
CA ILE J 613 -11.75 -32.54 -6.98
C ILE J 613 -11.13 -33.39 -5.87
N LEU J 614 -10.62 -32.76 -4.81
CA LEU J 614 -10.10 -33.47 -3.65
C LEU J 614 -11.20 -33.87 -2.67
N ARG J 615 -12.45 -33.80 -3.09
CA ARG J 615 -13.56 -34.16 -2.23
C ARG J 615 -13.51 -35.65 -1.89
N PRO J 616 -14.00 -36.05 -0.72
CA PRO J 616 -13.97 -37.48 -0.35
C PRO J 616 -14.93 -38.32 -1.18
N GLY J 617 -14.45 -38.80 -2.31
CA GLY J 617 -15.28 -39.55 -3.24
C GLY J 617 -14.87 -39.36 -4.68
N ARG J 618 -13.97 -38.41 -4.94
CA ARG J 618 -13.32 -38.30 -6.24
C ARG J 618 -11.82 -38.55 -6.12
N LEU J 619 -11.11 -37.80 -5.28
CA LEU J 619 -9.68 -38.04 -5.04
C LEU J 619 -9.51 -38.24 -3.54
N ASP J 620 -9.65 -39.49 -3.11
CA ASP J 620 -9.61 -39.81 -1.68
C ASP J 620 -8.19 -40.05 -1.21
N GLN J 621 -7.50 -41.00 -1.83
CA GLN J 621 -6.14 -41.34 -1.40
C GLN J 621 -5.15 -40.35 -1.99
N LEU J 622 -4.25 -39.86 -1.14
CA LEU J 622 -3.18 -38.96 -1.54
C LEU J 622 -1.85 -39.69 -1.33
N ILE J 623 -1.05 -39.76 -2.39
CA ILE J 623 0.19 -40.51 -2.38
C ILE J 623 1.35 -39.58 -2.73
N TYR J 624 2.40 -39.62 -1.94
CA TYR J 624 3.55 -38.74 -2.11
C TYR J 624 4.68 -39.50 -2.77
N ILE J 625 5.34 -38.85 -3.72
CA ILE J 625 6.49 -39.45 -4.39
C ILE J 625 7.75 -38.78 -3.86
N PRO J 626 8.54 -39.45 -3.03
CA PRO J 626 9.75 -38.84 -2.49
C PRO J 626 10.90 -38.91 -3.48
N LEU J 627 12.06 -38.42 -3.06
CA LEU J 627 13.24 -38.48 -3.90
C LEU J 627 13.69 -39.93 -4.07
N PRO J 628 14.23 -40.29 -5.23
CA PRO J 628 14.70 -41.66 -5.44
C PRO J 628 15.79 -42.04 -4.46
N ASP J 629 15.73 -43.28 -3.99
CA ASP J 629 16.70 -43.80 -3.03
C ASP J 629 17.82 -44.51 -3.78
N GLU J 630 18.69 -45.23 -3.05
CA GLU J 630 19.82 -45.91 -3.66
C GLU J 630 19.37 -46.98 -4.66
N LYS J 631 18.38 -47.79 -4.29
CA LYS J 631 17.97 -48.90 -5.15
C LYS J 631 17.39 -48.40 -6.47
N SER J 632 16.72 -47.26 -6.46
CA SER J 632 16.20 -46.68 -7.69
C SER J 632 17.26 -45.91 -8.46
N ARG J 633 18.20 -45.27 -7.75
CA ARG J 633 19.27 -44.54 -8.43
C ARG J 633 20.15 -45.49 -9.22
N VAL J 634 20.47 -46.66 -8.67
CA VAL J 634 21.27 -47.62 -9.44
C VAL J 634 20.46 -48.16 -10.63
N ALA J 635 19.15 -48.32 -10.46
CA ALA J 635 18.32 -48.88 -11.53
C ALA J 635 18.16 -47.92 -12.71
N ILE J 636 17.99 -46.63 -12.44
CA ILE J 636 17.82 -45.67 -13.53
C ILE J 636 19.05 -45.65 -14.43
N LEU J 637 20.24 -45.76 -13.83
CA LEU J 637 21.47 -45.81 -14.62
C LEU J 637 21.58 -47.08 -15.44
N LYS J 638 21.18 -48.23 -14.91
CA LYS J 638 21.18 -49.47 -15.67
C LYS J 638 20.09 -49.49 -16.73
N ALA J 639 19.16 -48.55 -16.69
CA ALA J 639 18.06 -48.50 -17.63
C ALA J 639 18.24 -47.49 -18.75
N ASN J 640 18.84 -46.34 -18.47
CA ASN J 640 18.92 -45.30 -19.49
C ASN J 640 20.07 -45.51 -20.46
N LEU J 641 20.91 -46.51 -20.24
CA LEU J 641 22.02 -46.84 -21.14
C LEU J 641 21.95 -48.28 -21.62
N ARG J 642 20.75 -48.86 -21.63
CA ARG J 642 20.59 -50.27 -21.96
C ARG J 642 21.02 -50.60 -23.39
N LYS J 643 21.09 -49.62 -24.27
CA LYS J 643 21.45 -49.83 -25.66
C LYS J 643 22.81 -49.23 -26.01
N SER J 644 23.68 -49.10 -25.02
CA SER J 644 25.01 -48.55 -25.25
C SER J 644 26.08 -49.55 -24.85
N PRO J 645 27.18 -49.64 -25.61
CA PRO J 645 28.25 -50.58 -25.25
C PRO J 645 29.15 -50.04 -24.15
N VAL J 646 28.61 -49.99 -22.94
CA VAL J 646 29.35 -49.49 -21.78
C VAL J 646 30.31 -50.56 -21.29
N ALA J 647 31.57 -50.19 -21.12
CA ALA J 647 32.58 -51.14 -20.66
C ALA J 647 32.35 -51.50 -19.20
N LYS J 648 32.96 -52.61 -18.79
CA LYS J 648 32.83 -53.11 -17.43
C LYS J 648 33.77 -52.42 -16.44
N ASP J 649 34.63 -51.52 -16.91
CA ASP J 649 35.55 -50.84 -16.01
C ASP J 649 34.81 -49.93 -15.04
N VAL J 650 33.64 -49.42 -15.43
CA VAL J 650 32.87 -48.53 -14.58
C VAL J 650 32.09 -49.35 -13.55
N ASP J 651 31.59 -48.68 -12.51
CA ASP J 651 30.81 -49.33 -11.47
C ASP J 651 29.47 -48.63 -11.36
N LEU J 652 28.39 -49.40 -11.43
CA LEU J 652 27.06 -48.82 -11.40
C LEU J 652 26.67 -48.35 -10.00
N GLU J 653 26.98 -49.14 -8.97
CA GLU J 653 26.66 -48.77 -7.60
C GLU J 653 27.46 -47.56 -7.13
N PHE J 654 28.68 -47.40 -7.63
CA PHE J 654 29.55 -46.31 -7.20
C PHE J 654 28.92 -44.95 -7.51
N LEU J 655 28.39 -44.79 -8.72
CA LEU J 655 27.72 -43.54 -9.08
C LEU J 655 26.58 -43.19 -8.14
N ALA J 656 25.70 -44.16 -7.87
CA ALA J 656 24.64 -43.93 -6.90
C ALA J 656 25.18 -43.67 -5.51
N LYS J 657 26.40 -44.15 -5.20
CA LYS J 657 26.98 -43.86 -3.90
C LYS J 657 27.31 -42.38 -3.73
N MET J 658 27.90 -41.73 -4.73
CA MET J 658 28.05 -40.28 -4.61
C MET J 658 26.72 -39.57 -4.74
N THR J 659 25.89 -39.96 -5.70
CA THR J 659 24.66 -39.22 -5.98
C THR J 659 23.64 -39.48 -4.89
N ASN J 660 23.34 -38.44 -4.11
CA ASN J 660 22.38 -38.56 -3.01
C ASN J 660 21.22 -37.58 -3.19
N GLY J 661 21.54 -36.32 -3.44
CA GLY J 661 20.52 -35.28 -3.52
C GLY J 661 20.17 -34.85 -4.92
N PHE J 662 20.08 -35.81 -5.84
CA PHE J 662 19.75 -35.54 -7.24
C PHE J 662 18.45 -36.24 -7.62
N SER J 663 17.71 -35.63 -8.53
CA SER J 663 16.44 -36.18 -8.98
C SER J 663 16.63 -36.92 -10.30
N GLY J 664 15.55 -37.52 -10.81
CA GLY J 664 15.65 -38.32 -12.01
C GLY J 664 16.14 -37.56 -13.22
N ALA J 665 15.74 -36.30 -13.35
CA ALA J 665 16.26 -35.48 -14.45
C ALA J 665 17.76 -35.31 -14.36
N ASP J 666 18.29 -35.05 -13.16
CA ASP J 666 19.74 -34.94 -13.00
C ASP J 666 20.43 -36.27 -13.29
N LEU J 667 19.90 -37.39 -12.78
CA LEU J 667 20.51 -38.68 -13.04
C LEU J 667 20.54 -38.99 -14.53
N THR J 668 19.49 -38.62 -15.26
CA THR J 668 19.47 -38.86 -16.70
C THR J 668 20.44 -37.93 -17.43
N GLU J 669 20.48 -36.66 -17.06
CA GLU J 669 21.30 -35.71 -17.79
C GLU J 669 22.79 -35.95 -17.55
N ILE J 670 23.15 -36.54 -16.40
CA ILE J 670 24.53 -36.95 -16.20
C ILE J 670 24.95 -37.97 -17.26
N CYS J 671 24.14 -39.01 -17.44
CA CYS J 671 24.45 -40.01 -18.45
C CYS J 671 24.40 -39.42 -19.85
N GLN J 672 23.48 -38.49 -20.09
CA GLN J 672 23.43 -37.81 -21.38
C GLN J 672 24.73 -37.08 -21.67
N ARG J 673 25.24 -36.33 -20.68
CA ARG J 673 26.50 -35.62 -20.86
C ARG J 673 27.67 -36.58 -21.06
N ALA J 674 27.72 -37.67 -20.29
CA ALA J 674 28.81 -38.62 -20.46
C ALA J 674 28.80 -39.25 -21.85
N CYS J 675 27.63 -39.67 -22.33
CA CYS J 675 27.54 -40.20 -23.68
C CYS J 675 27.87 -39.15 -24.73
N LYS J 676 27.44 -37.91 -24.52
CA LYS J 676 27.72 -36.84 -25.48
C LYS J 676 29.21 -36.57 -25.59
N LEU J 677 29.94 -36.57 -24.47
CA LEU J 677 31.38 -36.37 -24.59
C LEU J 677 32.10 -37.58 -25.15
N ALA J 678 31.64 -38.79 -24.81
CA ALA J 678 32.26 -39.98 -25.38
C ALA J 678 32.08 -40.05 -26.89
N ILE J 679 30.88 -39.74 -27.38
CA ILE J 679 30.62 -39.77 -28.82
C ILE J 679 31.42 -38.74 -29.58
N ARG J 680 31.88 -37.67 -28.93
CA ARG J 680 32.72 -36.70 -29.63
C ARG J 680 34.14 -37.20 -29.78
N GLU J 681 34.74 -37.73 -28.72
CA GLU J 681 36.08 -38.27 -28.84
C GLU J 681 36.12 -39.49 -29.75
N SER J 682 35.01 -40.24 -29.83
CA SER J 682 34.97 -41.36 -30.76
C SER J 682 35.17 -40.90 -32.21
N ILE J 683 34.50 -39.82 -32.60
CA ILE J 683 34.69 -39.27 -33.94
C ILE J 683 36.04 -38.58 -34.05
N GLU J 684 36.50 -37.90 -33.00
CA GLU J 684 37.76 -37.18 -33.07
C GLU J 684 38.94 -38.11 -33.26
N SER J 685 38.86 -39.33 -32.71
CA SER J 685 39.94 -40.29 -32.88
C SER J 685 40.08 -40.78 -34.32
N GLU J 686 39.10 -40.49 -35.18
CA GLU J 686 39.17 -40.98 -36.56
C GLU J 686 40.17 -40.20 -37.40
N ILE J 687 40.56 -39.00 -36.98
CA ILE J 687 41.48 -38.20 -37.76
C ILE J 687 42.90 -38.73 -37.63
N VAL J 708 37.57 -49.89 -29.22
CA VAL J 708 37.84 -48.47 -29.05
C VAL J 708 36.56 -47.66 -28.75
N PRO J 709 35.48 -47.84 -29.54
CA PRO J 709 34.25 -47.10 -29.24
C PRO J 709 33.53 -47.63 -28.02
N GLU J 710 34.01 -47.25 -26.83
CA GLU J 710 33.38 -47.68 -25.59
C GLU J 710 33.50 -46.56 -24.57
N ILE J 711 32.59 -46.58 -23.59
CA ILE J 711 32.57 -45.57 -22.54
C ILE J 711 33.48 -46.01 -21.41
N ARG J 712 34.41 -45.15 -21.02
CA ARG J 712 35.36 -45.45 -19.96
C ARG J 712 34.94 -44.75 -18.67
N ARG J 713 35.71 -44.95 -17.61
CA ARG J 713 35.41 -44.34 -16.32
C ARG J 713 35.53 -42.83 -16.35
N ASP J 714 36.56 -42.29 -17.00
CA ASP J 714 36.73 -40.85 -17.08
C ASP J 714 35.54 -40.17 -17.75
N HIS J 715 34.88 -40.86 -18.68
CA HIS J 715 33.72 -40.28 -19.34
C HIS J 715 32.62 -39.94 -18.35
N PHE J 716 32.34 -40.85 -17.42
CA PHE J 716 31.42 -40.53 -16.33
C PHE J 716 32.03 -39.53 -15.36
N GLU J 717 33.35 -39.56 -15.18
CA GLU J 717 33.99 -38.64 -14.25
C GLU J 717 33.81 -37.18 -14.66
N GLU J 718 33.94 -36.86 -15.95
CA GLU J 718 33.72 -35.47 -16.35
C GLU J 718 32.28 -35.06 -16.10
N ALA J 719 31.32 -35.94 -16.42
CA ALA J 719 29.92 -35.65 -16.17
C ALA J 719 29.62 -35.49 -14.69
N MET J 720 30.41 -36.13 -13.81
CA MET J 720 30.19 -35.99 -12.37
C MET J 720 30.36 -34.54 -11.92
N ARG J 721 31.40 -33.86 -12.41
CA ARG J 721 31.72 -32.54 -11.90
C ARG J 721 30.75 -31.47 -12.39
N PHE J 722 30.21 -31.63 -13.60
CA PHE J 722 29.27 -30.67 -14.15
C PHE J 722 27.84 -30.93 -13.70
N ALA J 723 27.64 -31.67 -12.61
CA ALA J 723 26.32 -31.96 -12.11
C ALA J 723 25.69 -30.73 -11.47
N ARG J 724 24.39 -30.58 -11.65
CA ARG J 724 23.59 -29.54 -11.01
C ARG J 724 22.43 -30.18 -10.24
N ARG J 725 21.70 -29.35 -9.51
CA ARG J 725 20.56 -29.80 -8.72
C ARG J 725 19.29 -29.27 -9.37
N SER J 726 18.41 -30.18 -9.81
CA SER J 726 17.17 -29.77 -10.44
C SER J 726 16.28 -29.03 -9.45
N VAL J 727 16.21 -29.50 -8.21
CA VAL J 727 15.37 -28.90 -7.19
C VAL J 727 16.25 -28.27 -6.12
N SER J 728 15.71 -27.25 -5.46
CA SER J 728 16.40 -26.59 -4.36
C SER J 728 16.17 -27.35 -3.07
N ASP J 729 16.51 -26.74 -1.94
CA ASP J 729 16.28 -27.34 -0.64
C ASP J 729 15.00 -26.87 0.04
N ASN J 730 14.66 -25.59 -0.06
CA ASN J 730 13.50 -25.06 0.64
C ASN J 730 12.20 -25.71 0.17
N ASP J 731 12.08 -25.98 -1.13
CA ASP J 731 10.90 -26.63 -1.65
C ASP J 731 10.77 -28.07 -1.19
N ILE J 732 11.87 -28.71 -0.81
CA ILE J 732 11.80 -30.09 -0.32
C ILE J 732 10.97 -30.14 0.96
N ARG J 733 11.45 -29.51 2.03
CA ARG J 733 10.68 -29.49 3.27
C ARG J 733 9.26 -28.96 3.06
N LYS J 734 9.06 -28.07 2.08
CA LYS J 734 7.70 -27.74 1.68
C LYS J 734 6.93 -28.97 1.22
N TYR J 735 7.56 -29.84 0.43
CA TYR J 735 6.87 -31.04 -0.02
C TYR J 735 6.60 -32.05 1.09
N GLU J 736 7.57 -32.32 1.97
CA GLU J 736 7.25 -33.29 3.02
C GLU J 736 6.64 -32.64 4.26
N MET J 737 6.23 -31.36 4.19
CA MET J 737 5.35 -30.88 5.25
C MET J 737 3.89 -31.02 4.87
N PHE J 738 3.58 -31.18 3.59
CA PHE J 738 2.22 -31.52 3.16
C PHE J 738 1.92 -33.00 3.27
N ALA J 739 2.95 -33.85 3.42
CA ALA J 739 2.74 -35.29 3.41
C ALA J 739 2.09 -35.81 4.69
N GLN J 740 2.54 -35.34 5.85
CA GLN J 740 2.01 -35.86 7.10
C GLN J 740 0.73 -35.13 7.51
N THR J 741 0.61 -33.85 7.16
CA THR J 741 -0.56 -33.05 7.46
C THR J 741 -1.19 -32.60 6.15
N LEU J 742 -2.11 -33.42 5.64
CA LEU J 742 -2.82 -33.10 4.41
C LEU J 742 -4.33 -33.14 4.54
N GLN J 743 -4.87 -33.94 5.46
CA GLN J 743 -6.32 -34.00 5.64
C GLN J 743 -6.87 -32.70 6.19
N GLN J 744 -6.02 -31.85 6.79
CA GLN J 744 -6.48 -30.56 7.30
C GLN J 744 -6.84 -29.60 6.19
N SER J 745 -6.26 -29.75 5.00
CA SER J 745 -6.55 -28.85 3.88
C SER J 745 -7.86 -29.18 3.18
N ARG J 746 -8.47 -30.32 3.49
CA ARG J 746 -9.72 -30.71 2.86
C ARG J 746 -10.87 -29.92 3.49
N GLY J 747 -11.61 -29.20 2.65
CA GLY J 747 -12.72 -28.38 3.09
C GLY J 747 -12.37 -26.93 3.37
N PHE J 748 -11.08 -26.62 3.52
CA PHE J 748 -10.66 -25.25 3.78
C PHE J 748 -9.27 -25.00 3.19
N ASN K 1 -81.00 -50.16 -8.30
CA ASN K 1 -80.15 -50.01 -9.48
C ASN K 1 -79.27 -51.24 -9.66
N ARG K 2 -79.69 -52.35 -9.07
CA ARG K 2 -78.97 -53.62 -9.11
C ARG K 2 -77.52 -53.43 -8.68
N PRO K 3 -77.25 -53.23 -7.39
CA PRO K 3 -75.88 -52.95 -6.95
C PRO K 3 -74.95 -54.15 -7.12
N ASN K 4 -74.66 -54.49 -8.37
CA ASN K 4 -73.72 -55.56 -8.68
C ASN K 4 -72.73 -55.17 -9.77
N ARG K 5 -72.92 -54.01 -10.39
CA ARG K 5 -72.01 -53.56 -11.43
C ARG K 5 -70.69 -53.11 -10.82
N LEU K 6 -69.59 -53.51 -11.43
CA LEU K 6 -68.25 -53.16 -10.97
C LEU K 6 -67.46 -52.53 -12.11
N ILE K 7 -66.61 -51.57 -11.75
CA ILE K 7 -65.78 -50.89 -12.74
C ILE K 7 -64.52 -51.70 -13.00
N VAL K 8 -64.17 -51.83 -14.27
CA VAL K 8 -63.01 -52.63 -14.68
C VAL K 8 -61.73 -51.86 -14.40
N ASP K 9 -60.75 -52.54 -13.82
CA ASP K 9 -59.45 -51.96 -13.56
C ASP K 9 -58.39 -53.05 -13.67
N GLU K 10 -57.17 -52.63 -14.01
CA GLU K 10 -56.08 -53.58 -14.16
C GLU K 10 -55.67 -54.17 -12.81
N ALA K 11 -55.18 -55.40 -12.85
CA ALA K 11 -54.75 -56.10 -11.65
C ALA K 11 -53.25 -55.90 -11.43
N ILE K 12 -52.84 -56.03 -10.16
CA ILE K 12 -51.44 -55.86 -9.79
C ILE K 12 -50.71 -57.19 -9.62
N ASN K 13 -51.43 -58.30 -9.53
CA ASN K 13 -50.80 -59.61 -9.36
C ASN K 13 -50.21 -60.10 -10.67
N GLU K 14 -48.96 -60.55 -10.61
CA GLU K 14 -48.26 -61.04 -11.80
C GLU K 14 -48.40 -62.56 -11.90
N ASP K 15 -49.61 -62.99 -12.27
CA ASP K 15 -49.91 -64.42 -12.32
C ASP K 15 -50.97 -64.73 -13.38
N ASN K 16 -51.56 -65.92 -13.28
CA ASN K 16 -52.59 -66.37 -14.21
C ASN K 16 -53.92 -65.75 -13.81
N SER K 17 -55.04 -66.29 -14.31
CA SER K 17 -56.35 -65.68 -14.17
C SER K 17 -56.76 -65.75 -12.70
N VAL K 18 -56.47 -64.68 -11.97
CA VAL K 18 -56.92 -64.49 -10.59
C VAL K 18 -57.42 -63.06 -10.45
N VAL K 19 -58.65 -62.91 -9.97
CA VAL K 19 -59.27 -61.59 -9.81
C VAL K 19 -59.38 -61.29 -8.32
N SER K 20 -58.90 -60.11 -7.92
CA SER K 20 -58.93 -59.69 -6.54
C SER K 20 -60.11 -58.76 -6.29
N LEU K 21 -60.65 -58.83 -5.07
CA LEU K 21 -61.77 -57.98 -4.68
C LEU K 21 -61.55 -57.39 -3.29
N SER K 22 -62.58 -56.80 -2.71
CA SER K 22 -62.48 -56.17 -1.40
C SER K 22 -63.26 -56.99 -0.38
N GLN K 23 -63.32 -56.51 0.85
CA GLN K 23 -63.93 -57.23 1.97
C GLN K 23 -65.46 -57.09 2.01
N PRO K 24 -66.05 -55.89 1.86
CA PRO K 24 -67.52 -55.82 1.86
C PRO K 24 -68.16 -56.61 0.74
N LYS K 25 -67.56 -56.61 -0.45
CA LYS K 25 -68.06 -57.43 -1.55
C LYS K 25 -67.95 -58.92 -1.26
N MET K 26 -67.04 -59.31 -0.37
CA MET K 26 -66.88 -60.70 0.03
C MET K 26 -68.15 -61.22 0.70
N ASP K 27 -68.66 -60.47 1.68
CA ASP K 27 -69.88 -60.86 2.40
C ASP K 27 -71.16 -60.42 1.71
N GLU K 28 -71.08 -59.48 0.76
CA GLU K 28 -72.29 -59.05 0.06
C GLU K 28 -72.85 -60.15 -0.83
N LEU K 29 -71.97 -60.92 -1.47
CA LEU K 29 -72.37 -61.96 -2.41
C LEU K 29 -72.23 -63.36 -1.83
N GLN K 30 -72.15 -63.48 -0.50
CA GLN K 30 -72.07 -64.74 0.25
C GLN K 30 -71.20 -65.79 -0.43
N LEU K 31 -70.00 -65.41 -0.85
CA LEU K 31 -69.07 -66.33 -1.49
C LEU K 31 -67.86 -66.54 -0.59
N PHE K 32 -67.32 -67.76 -0.62
CA PHE K 32 -66.25 -68.16 0.27
C PHE K 32 -64.88 -67.83 -0.36
N ARG K 33 -63.81 -68.21 0.34
CA ARG K 33 -62.47 -67.92 -0.12
C ARG K 33 -62.15 -68.64 -1.43
N GLY K 34 -62.20 -69.96 -1.41
CA GLY K 34 -62.01 -70.73 -2.63
C GLY K 34 -63.31 -71.28 -3.17
N ASP K 35 -63.84 -70.64 -4.22
CA ASP K 35 -65.10 -71.03 -4.83
C ASP K 35 -65.06 -70.70 -6.31
N THR K 36 -65.95 -71.36 -7.06
CA THR K 36 -66.08 -71.13 -8.49
C THR K 36 -67.03 -69.96 -8.72
N VAL K 37 -66.51 -68.88 -9.28
CA VAL K 37 -67.28 -67.67 -9.54
C VAL K 37 -67.64 -67.61 -11.02
N LEU K 38 -68.73 -66.92 -11.33
CA LEU K 38 -69.23 -66.80 -12.69
C LEU K 38 -69.17 -65.36 -13.14
N LEU K 39 -68.63 -65.15 -14.34
CA LEU K 39 -68.51 -63.81 -14.92
C LEU K 39 -69.30 -63.75 -16.23
N LYS K 40 -70.06 -62.67 -16.39
CA LYS K 40 -70.86 -62.46 -17.59
C LYS K 40 -70.44 -61.17 -18.26
N GLY K 41 -70.33 -61.21 -19.59
CA GLY K 41 -69.96 -60.04 -20.36
C GLY K 41 -70.83 -59.84 -21.57
N LYS K 42 -70.34 -59.09 -22.56
CA LYS K 42 -71.08 -58.82 -23.77
C LYS K 42 -70.69 -59.83 -24.85
N LYS K 43 -71.34 -59.72 -26.01
CA LYS K 43 -71.19 -60.62 -27.15
C LYS K 43 -71.61 -62.06 -26.83
N ARG K 44 -72.29 -62.27 -25.71
CA ARG K 44 -72.82 -63.58 -25.31
C ARG K 44 -71.68 -64.61 -25.24
N ARG K 45 -70.77 -64.37 -24.29
CA ARG K 45 -69.66 -65.27 -24.03
C ARG K 45 -69.54 -65.49 -22.52
N GLU K 46 -69.01 -66.65 -22.15
CA GLU K 46 -68.89 -67.05 -20.76
C GLU K 46 -67.41 -67.26 -20.43
N ALA K 47 -66.99 -66.72 -19.29
CA ALA K 47 -65.63 -66.86 -18.81
C ALA K 47 -65.65 -67.14 -17.30
N VAL K 48 -64.68 -67.93 -16.85
CA VAL K 48 -64.58 -68.31 -15.44
C VAL K 48 -63.24 -67.83 -14.89
N CYS K 49 -63.20 -67.60 -13.59
CA CYS K 49 -61.99 -67.18 -12.91
C CYS K 49 -62.12 -67.51 -11.43
N ILE K 50 -61.19 -66.99 -10.62
CA ILE K 50 -61.14 -67.25 -9.20
C ILE K 50 -61.07 -65.91 -8.47
N VAL K 51 -61.92 -65.74 -7.46
CA VAL K 51 -61.97 -64.53 -6.65
C VAL K 51 -60.92 -64.62 -5.55
N LEU K 52 -60.09 -63.58 -5.44
CA LEU K 52 -59.07 -63.49 -4.41
C LEU K 52 -59.43 -62.39 -3.42
N SER K 53 -59.12 -62.62 -2.15
CA SER K 53 -59.47 -61.69 -1.09
C SER K 53 -58.32 -60.72 -0.81
N ASP K 54 -58.67 -59.45 -0.62
CA ASP K 54 -57.68 -58.41 -0.34
C ASP K 54 -58.28 -57.40 0.62
N ASP K 55 -57.44 -56.87 1.51
CA ASP K 55 -57.84 -55.85 2.47
C ASP K 55 -57.09 -54.54 2.26
N THR K 56 -55.78 -54.58 2.10
CA THR K 56 -54.99 -53.38 1.81
C THR K 56 -55.20 -53.04 0.34
N CYS K 57 -56.26 -52.27 0.07
CA CYS K 57 -56.66 -51.99 -1.30
C CYS K 57 -57.35 -50.64 -1.41
N SER K 58 -58.05 -50.40 -2.51
CA SER K 58 -58.81 -49.18 -2.69
C SER K 58 -60.22 -49.36 -2.15
N ASP K 59 -61.07 -48.34 -2.30
CA ASP K 59 -62.39 -48.35 -1.68
C ASP K 59 -63.35 -49.32 -2.37
N GLU K 60 -63.57 -49.16 -3.67
CA GLU K 60 -64.53 -50.01 -4.37
C GLU K 60 -64.18 -50.13 -5.85
N LYS K 61 -63.54 -51.24 -6.21
CA LYS K 61 -63.21 -51.53 -7.60
C LYS K 61 -62.75 -52.99 -7.70
N ILE K 62 -62.80 -53.52 -8.91
CA ILE K 62 -62.37 -54.88 -9.17
C ILE K 62 -61.02 -54.84 -9.86
N ARG K 63 -60.28 -55.96 -9.78
CA ARG K 63 -58.94 -56.07 -10.31
C ARG K 63 -58.97 -57.09 -11.45
N MET K 64 -59.03 -56.59 -12.68
CA MET K 64 -59.37 -57.38 -13.85
C MET K 64 -58.09 -57.62 -14.65
N ASN K 65 -57.65 -58.88 -14.71
CA ASN K 65 -56.38 -59.20 -15.33
C ASN K 65 -56.52 -59.29 -16.84
N ARG K 66 -55.38 -59.12 -17.53
CA ARG K 66 -55.36 -59.10 -18.99
C ARG K 66 -55.54 -60.47 -19.61
N VAL K 67 -55.30 -61.55 -18.86
CA VAL K 67 -55.38 -62.89 -19.44
C VAL K 67 -56.80 -63.21 -19.86
N VAL K 68 -57.78 -62.84 -19.03
CA VAL K 68 -59.18 -63.06 -19.36
C VAL K 68 -59.88 -61.80 -19.83
N ARG K 69 -59.19 -60.65 -19.82
CA ARG K 69 -59.73 -59.45 -20.46
C ARG K 69 -59.95 -59.69 -21.95
N ASN K 70 -58.98 -60.33 -22.61
CA ASN K 70 -59.15 -60.73 -24.00
C ASN K 70 -60.15 -61.86 -24.15
N ASN K 71 -60.36 -62.68 -23.12
CA ASN K 71 -61.33 -63.75 -23.19
C ASN K 71 -62.75 -63.20 -23.20
N LEU K 72 -63.04 -62.23 -22.34
CA LEU K 72 -64.37 -61.65 -22.25
C LEU K 72 -64.54 -60.40 -23.11
N ARG K 73 -63.50 -60.00 -23.84
CA ARG K 73 -63.54 -58.82 -24.71
C ARG K 73 -63.96 -57.57 -23.94
N VAL K 74 -63.42 -57.42 -22.72
CA VAL K 74 -63.70 -56.28 -21.86
C VAL K 74 -62.40 -55.51 -21.66
N ARG K 75 -62.45 -54.21 -21.91
CA ARG K 75 -61.29 -53.34 -21.78
C ARG K 75 -61.43 -52.47 -20.54
N LEU K 76 -60.44 -51.60 -20.32
CA LEU K 76 -60.45 -50.71 -19.17
C LEU K 76 -61.51 -49.63 -19.34
N GLY K 77 -62.28 -49.39 -18.28
CA GLY K 77 -63.33 -48.40 -18.30
C GLY K 77 -64.72 -48.91 -18.60
N ASP K 78 -64.87 -50.20 -18.84
CA ASP K 78 -66.16 -50.81 -19.11
C ASP K 78 -66.80 -51.26 -17.80
N VAL K 79 -67.87 -52.05 -17.90
CA VAL K 79 -68.57 -52.57 -16.74
C VAL K 79 -68.50 -54.09 -16.76
N ILE K 80 -68.42 -54.69 -15.57
CA ILE K 80 -68.34 -56.13 -15.41
C ILE K 80 -69.40 -56.57 -14.40
N SER K 81 -70.10 -57.65 -14.71
CA SER K 81 -71.11 -58.22 -13.83
C SER K 81 -70.58 -59.51 -13.22
N ILE K 82 -70.70 -59.63 -11.90
CA ILE K 82 -70.21 -60.79 -11.18
C ILE K 82 -71.35 -61.39 -10.37
N GLN K 83 -71.33 -62.72 -10.23
CA GLN K 83 -72.34 -63.43 -9.47
C GLN K 83 -71.77 -64.77 -9.05
N PRO K 84 -72.11 -65.26 -7.86
CA PRO K 84 -71.60 -66.55 -7.41
C PRO K 84 -72.23 -67.70 -8.19
N CYS K 85 -71.51 -68.81 -8.23
CA CYS K 85 -71.97 -70.02 -8.90
C CYS K 85 -71.47 -71.24 -8.13
N PRO K 86 -72.18 -71.63 -7.06
CA PRO K 86 -71.76 -72.79 -6.25
C PRO K 86 -72.13 -74.12 -6.92
N ASP K 87 -71.47 -74.41 -8.04
CA ASP K 87 -71.71 -75.62 -8.80
C ASP K 87 -70.47 -76.52 -8.71
N VAL K 88 -70.68 -77.77 -8.32
CA VAL K 88 -69.58 -78.72 -8.19
C VAL K 88 -69.21 -79.24 -9.57
N LYS K 89 -67.96 -79.02 -9.97
CA LYS K 89 -67.45 -79.44 -11.26
C LYS K 89 -66.20 -80.30 -11.07
N TYR K 90 -66.04 -81.29 -11.95
CA TYR K 90 -64.90 -82.20 -11.91
C TYR K 90 -64.39 -82.39 -13.33
N GLY K 91 -63.07 -82.30 -13.51
CA GLY K 91 -62.47 -82.45 -14.82
C GLY K 91 -61.97 -83.87 -15.06
N LYS K 92 -62.32 -84.40 -16.23
CA LYS K 92 -61.88 -85.74 -16.62
C LYS K 92 -61.13 -85.73 -17.95
N ARG K 93 -61.62 -84.94 -18.92
CA ARG K 93 -61.07 -84.95 -20.26
C ARG K 93 -60.99 -83.52 -20.78
N ILE K 94 -59.79 -83.11 -21.21
CA ILE K 94 -59.56 -81.80 -21.80
C ILE K 94 -58.69 -81.98 -23.04
N HIS K 95 -59.05 -81.30 -24.12
CA HIS K 95 -58.33 -81.37 -25.38
C HIS K 95 -57.89 -79.98 -25.78
N VAL K 96 -56.59 -79.82 -26.05
CA VAL K 96 -56.03 -78.54 -26.46
C VAL K 96 -55.08 -78.78 -27.64
N LEU K 97 -55.05 -77.81 -28.56
CA LEU K 97 -54.20 -77.87 -29.72
C LEU K 97 -53.68 -76.47 -30.04
N PRO K 98 -52.39 -76.32 -30.33
CA PRO K 98 -51.83 -75.01 -30.65
C PRO K 98 -52.18 -74.61 -32.09
N ILE K 99 -51.74 -73.42 -32.46
CA ILE K 99 -51.96 -72.87 -33.79
C ILE K 99 -50.62 -72.76 -34.49
N ASP K 100 -50.60 -73.04 -35.80
CA ASP K 100 -49.37 -73.11 -36.57
C ASP K 100 -48.84 -71.74 -36.98
N ASP K 101 -49.32 -70.67 -36.35
CA ASP K 101 -48.85 -69.32 -36.65
C ASP K 101 -47.70 -68.87 -35.76
N THR K 102 -47.47 -69.55 -34.62
CA THR K 102 -46.42 -69.13 -33.71
C THR K 102 -45.63 -70.31 -33.13
N VAL K 103 -45.71 -71.49 -33.74
CA VAL K 103 -44.99 -72.65 -33.25
C VAL K 103 -43.74 -72.94 -34.08
N GLU K 104 -43.27 -71.96 -34.84
CA GLU K 104 -42.08 -72.16 -35.66
C GLU K 104 -40.83 -72.25 -34.79
N GLY K 105 -39.91 -73.12 -35.18
CA GLY K 105 -38.67 -73.28 -34.45
C GLY K 105 -38.78 -74.09 -33.18
N ILE K 106 -39.92 -74.72 -32.92
CA ILE K 106 -40.14 -75.51 -31.72
C ILE K 106 -40.39 -76.95 -32.14
N THR K 107 -39.57 -77.87 -31.62
CA THR K 107 -39.68 -79.28 -31.93
C THR K 107 -39.66 -80.09 -30.64
N GLY K 108 -39.88 -81.39 -30.76
CA GLY K 108 -39.89 -82.26 -29.60
C GLY K 108 -41.20 -82.19 -28.84
N ASN K 109 -41.21 -82.85 -27.69
CA ASN K 109 -42.39 -82.88 -26.84
C ASN K 109 -42.53 -81.56 -26.09
N LEU K 110 -43.71 -80.94 -26.19
CA LEU K 110 -43.98 -79.67 -25.54
C LEU K 110 -45.11 -79.75 -24.53
N PHE K 111 -45.57 -80.95 -24.19
CA PHE K 111 -46.65 -81.12 -23.24
C PHE K 111 -46.19 -81.53 -21.85
N GLU K 112 -44.99 -82.11 -21.73
CA GLU K 112 -44.49 -82.53 -20.44
C GLU K 112 -43.74 -81.44 -19.69
N VAL K 113 -43.44 -80.31 -20.35
CA VAL K 113 -42.70 -79.23 -19.72
C VAL K 113 -43.48 -77.92 -19.70
N TYR K 114 -44.42 -77.70 -20.62
CA TYR K 114 -45.21 -76.47 -20.63
C TYR K 114 -46.59 -76.66 -20.00
N LEU K 115 -47.05 -77.89 -19.82
CA LEU K 115 -48.38 -78.14 -19.28
C LEU K 115 -48.36 -78.76 -17.88
N LYS K 116 -47.26 -79.41 -17.49
CA LYS K 116 -47.21 -80.06 -16.18
C LYS K 116 -47.01 -79.03 -15.06
N PRO K 117 -45.98 -78.17 -15.10
CA PRO K 117 -45.84 -77.16 -14.04
C PRO K 117 -46.95 -76.13 -14.03
N TYR K 118 -47.60 -75.89 -15.17
CA TYR K 118 -48.67 -74.90 -15.26
C TYR K 118 -49.96 -75.37 -14.61
N PHE K 119 -50.17 -76.68 -14.50
CA PHE K 119 -51.43 -77.21 -13.98
C PHE K 119 -51.38 -77.47 -12.48
N LEU K 120 -50.24 -77.89 -11.96
CA LEU K 120 -50.13 -78.21 -10.54
C LEU K 120 -50.25 -76.96 -9.68
N GLU K 121 -50.92 -77.11 -8.53
CA GLU K 121 -51.12 -76.04 -7.56
C GLU K 121 -51.88 -74.86 -8.18
N ALA K 122 -52.73 -75.18 -9.15
CA ALA K 122 -53.52 -74.15 -9.82
C ALA K 122 -55.00 -74.36 -9.55
N TYR K 123 -55.53 -75.53 -9.92
CA TYR K 123 -56.96 -75.83 -9.81
C TYR K 123 -57.81 -74.75 -10.46
N ARG K 124 -57.37 -74.27 -11.62
CA ARG K 124 -58.08 -73.22 -12.33
C ARG K 124 -59.02 -73.82 -13.35
N PRO K 125 -60.33 -73.58 -13.26
CA PRO K 125 -61.27 -74.14 -14.24
C PRO K 125 -61.11 -73.45 -15.59
N ILE K 126 -61.63 -74.14 -16.61
CA ILE K 126 -61.58 -73.65 -17.99
C ILE K 126 -62.98 -73.69 -18.57
N ARG K 127 -63.18 -72.88 -19.61
CA ARG K 127 -64.45 -72.78 -20.31
C ARG K 127 -64.24 -73.07 -21.79
N LYS K 128 -65.33 -73.03 -22.54
CA LYS K 128 -65.25 -73.20 -23.99
C LYS K 128 -64.93 -71.87 -24.64
N GLY K 129 -63.78 -71.80 -25.32
CA GLY K 129 -63.35 -70.59 -25.98
C GLY K 129 -62.43 -69.71 -25.17
N ASP K 130 -61.91 -70.19 -24.04
CA ASP K 130 -61.01 -69.39 -23.22
C ASP K 130 -59.68 -69.20 -23.94
N ILE K 131 -59.13 -67.99 -23.84
CA ILE K 131 -57.83 -67.68 -24.42
C ILE K 131 -56.85 -67.35 -23.29
N PHE K 132 -56.10 -68.36 -22.84
CA PHE K 132 -55.14 -68.19 -21.76
C PHE K 132 -53.73 -68.29 -22.31
N LEU K 133 -52.84 -67.45 -21.78
CA LEU K 133 -51.46 -67.38 -22.23
C LEU K 133 -50.55 -68.02 -21.19
N VAL K 134 -49.70 -68.93 -21.64
CA VAL K 134 -48.72 -69.58 -20.78
C VAL K 134 -47.33 -69.02 -21.10
N ARG K 135 -46.39 -69.29 -20.22
CA ARG K 135 -45.02 -68.79 -20.35
C ARG K 135 -44.03 -69.92 -20.19
N GLY K 136 -42.91 -69.81 -20.89
CA GLY K 136 -41.88 -70.82 -20.86
C GLY K 136 -41.11 -70.91 -22.16
N GLY K 137 -39.81 -71.20 -22.07
CA GLY K 137 -38.99 -71.33 -23.25
C GLY K 137 -38.74 -70.04 -24.00
N MET K 138 -38.48 -68.94 -23.29
CA MET K 138 -38.09 -67.66 -23.89
C MET K 138 -39.18 -67.10 -24.81
N ARG K 139 -40.44 -67.47 -24.55
CA ARG K 139 -41.54 -67.03 -25.40
C ARG K 139 -42.86 -67.34 -24.69
N ALA K 140 -43.93 -66.78 -25.25
CA ALA K 140 -45.28 -67.01 -24.75
C ALA K 140 -46.17 -67.47 -25.90
N VAL K 141 -46.90 -68.55 -25.66
CA VAL K 141 -47.79 -69.15 -26.66
C VAL K 141 -49.15 -69.35 -26.02
N GLU K 142 -50.20 -68.97 -26.73
CA GLU K 142 -51.56 -69.13 -26.25
C GLU K 142 -52.20 -70.40 -26.82
N PHE K 143 -53.18 -70.92 -26.09
CA PHE K 143 -53.89 -72.14 -26.47
C PHE K 143 -55.34 -71.81 -26.82
N LYS K 144 -55.97 -72.73 -27.55
CA LYS K 144 -57.38 -72.59 -27.87
C LYS K 144 -57.99 -73.98 -27.99
N VAL K 145 -59.21 -74.14 -27.46
CA VAL K 145 -59.93 -75.41 -27.50
C VAL K 145 -60.97 -75.37 -28.60
N VAL K 146 -61.12 -76.50 -29.30
CA VAL K 146 -62.09 -76.60 -30.40
C VAL K 146 -63.16 -77.63 -30.04
N GLU K 147 -62.77 -78.72 -29.41
CA GLU K 147 -63.71 -79.78 -29.05
C GLU K 147 -63.21 -80.46 -27.78
N THR K 148 -64.09 -80.56 -26.79
CA THR K 148 -63.75 -81.19 -25.51
C THR K 148 -65.05 -81.64 -24.85
N ASP K 149 -64.97 -81.97 -23.56
CA ASP K 149 -66.17 -82.33 -22.81
C ASP K 149 -67.12 -81.14 -22.75
N PRO K 150 -68.43 -81.40 -22.65
CA PRO K 150 -69.41 -80.30 -22.62
C PRO K 150 -69.15 -79.35 -21.47
N SER K 151 -69.01 -78.06 -21.80
CA SER K 151 -68.74 -77.05 -20.80
C SER K 151 -69.94 -76.88 -19.87
N PRO K 152 -69.72 -76.63 -18.57
CA PRO K 152 -68.40 -76.55 -17.93
C PRO K 152 -67.85 -77.91 -17.49
N TYR K 153 -67.92 -78.20 -16.20
CA TYR K 153 -67.48 -79.48 -15.63
C TYR K 153 -66.02 -79.75 -15.98
N CYS K 154 -65.18 -78.72 -15.79
CA CYS K 154 -63.75 -78.80 -16.09
C CYS K 154 -62.97 -78.25 -14.90
N ILE K 155 -62.23 -79.14 -14.23
CA ILE K 155 -61.38 -78.77 -13.10
C ILE K 155 -60.04 -79.47 -13.26
N VAL K 156 -58.95 -78.74 -13.04
CA VAL K 156 -57.62 -79.31 -13.17
C VAL K 156 -57.39 -80.31 -12.04
N ALA K 157 -57.18 -81.57 -12.40
CA ALA K 157 -56.93 -82.63 -11.45
C ALA K 157 -55.89 -83.59 -12.03
N PRO K 158 -55.10 -84.24 -11.17
CA PRO K 158 -54.06 -85.15 -11.69
C PRO K 158 -54.60 -86.36 -12.43
N ASP K 159 -55.87 -86.72 -12.24
CA ASP K 159 -56.45 -87.91 -12.87
C ASP K 159 -56.87 -87.67 -14.31
N THR K 160 -56.46 -86.56 -14.93
CA THR K 160 -56.83 -86.24 -16.30
C THR K 160 -55.69 -86.63 -17.22
N VAL K 161 -55.97 -87.51 -18.18
CA VAL K 161 -54.96 -87.95 -19.14
C VAL K 161 -54.98 -87.03 -20.35
N ILE K 162 -53.88 -87.03 -21.11
CA ILE K 162 -53.76 -86.21 -22.31
C ILE K 162 -53.14 -87.04 -23.41
N HIS K 163 -53.37 -86.63 -24.65
CA HIS K 163 -52.80 -87.31 -25.81
C HIS K 163 -52.78 -86.34 -26.99
N CYS K 164 -51.63 -86.22 -27.63
CA CYS K 164 -51.46 -85.31 -28.75
C CYS K 164 -51.75 -86.03 -30.07
N GLU K 165 -52.11 -85.24 -31.08
CA GLU K 165 -52.42 -85.74 -32.41
C GLU K 165 -51.37 -85.36 -33.44
N GLY K 166 -50.97 -84.08 -33.47
CA GLY K 166 -49.97 -83.64 -34.41
C GLY K 166 -50.54 -82.94 -35.62
N GLU K 167 -51.59 -82.15 -35.41
CA GLU K 167 -52.25 -81.41 -36.49
C GLU K 167 -52.85 -80.14 -35.92
N PRO K 168 -52.18 -79.00 -36.10
CA PRO K 168 -52.73 -77.73 -35.57
C PRO K 168 -53.90 -77.26 -36.42
N ILE K 169 -54.65 -76.32 -35.85
CA ILE K 169 -55.82 -75.76 -36.50
C ILE K 169 -55.55 -74.29 -36.82
N LYS K 170 -56.21 -73.80 -37.86
CA LYS K 170 -56.05 -72.43 -38.30
C LYS K 170 -56.77 -71.47 -37.36
N ARG K 171 -56.10 -70.36 -37.04
CA ARG K 171 -56.68 -69.36 -36.16
C ARG K 171 -57.71 -68.52 -36.92
N GLU K 172 -58.86 -68.30 -36.29
CA GLU K 172 -59.90 -67.49 -36.89
C GLU K 172 -59.74 -66.02 -36.48
N ASP K 173 -60.71 -65.19 -36.88
CA ASP K 173 -60.68 -63.77 -36.60
C ASP K 173 -61.50 -63.40 -35.37
N GLU K 174 -61.97 -64.39 -34.62
CA GLU K 174 -62.78 -64.13 -33.43
C GLU K 174 -61.95 -63.59 -32.27
N GLU K 175 -60.69 -64.00 -32.15
CA GLU K 175 -59.82 -63.58 -31.08
C GLU K 175 -58.56 -62.93 -31.64
N GLU K 176 -57.85 -62.22 -30.77
CA GLU K 176 -56.63 -61.53 -31.13
C GLU K 176 -55.47 -62.05 -30.30
N SER K 177 -54.26 -61.91 -30.85
CA SER K 177 -53.06 -62.36 -30.17
C SER K 177 -52.74 -61.47 -28.98
N LEU K 178 -52.14 -62.07 -27.96
CA LEU K 178 -51.76 -61.36 -26.74
C LEU K 178 -50.34 -60.82 -26.79
N ASN K 179 -49.63 -61.00 -27.92
CA ASN K 179 -48.26 -60.55 -28.03
C ASN K 179 -48.14 -59.03 -28.13
N GLU K 180 -49.24 -58.33 -28.34
CA GLU K 180 -49.19 -56.88 -28.41
C GLU K 180 -49.03 -56.29 -27.02
N VAL K 181 -48.70 -55.00 -26.98
CA VAL K 181 -48.50 -54.29 -25.72
C VAL K 181 -49.85 -54.10 -25.03
N GLY K 182 -49.88 -54.32 -23.72
CA GLY K 182 -51.06 -54.09 -22.93
C GLY K 182 -50.80 -53.10 -21.81
N TYR K 183 -51.79 -52.90 -20.94
CA TYR K 183 -51.62 -51.99 -19.82
C TYR K 183 -50.67 -52.53 -18.76
N ASP K 184 -50.39 -53.82 -18.77
CA ASP K 184 -49.51 -54.45 -17.80
C ASP K 184 -48.09 -54.64 -18.31
N ASP K 185 -47.76 -54.08 -19.46
CA ASP K 185 -46.43 -54.22 -20.06
C ASP K 185 -45.55 -53.00 -19.81
N ILE K 186 -45.99 -52.08 -18.96
CA ILE K 186 -45.24 -50.87 -18.66
C ILE K 186 -44.99 -50.82 -17.15
N GLY K 187 -43.73 -50.60 -16.77
CA GLY K 187 -43.37 -50.49 -15.38
C GLY K 187 -42.33 -49.41 -15.18
N GLY K 188 -42.26 -48.93 -13.94
CA GLY K 188 -41.30 -47.90 -13.58
C GLY K 188 -41.92 -46.54 -13.39
N CYS K 189 -42.86 -46.18 -14.26
CA CYS K 189 -43.58 -44.92 -14.16
C CYS K 189 -44.98 -45.21 -13.64
N ARG K 190 -45.17 -45.02 -12.33
CA ARG K 190 -46.45 -45.30 -11.69
C ARG K 190 -47.31 -44.06 -11.49
N LYS K 191 -46.73 -42.98 -10.96
CA LYS K 191 -47.49 -41.74 -10.83
C LYS K 191 -47.86 -41.16 -12.18
N GLN K 192 -46.97 -41.22 -13.16
CA GLN K 192 -47.23 -40.63 -14.46
C GLN K 192 -48.33 -41.39 -15.19
N LEU K 193 -48.50 -42.67 -14.92
CA LEU K 193 -49.51 -43.45 -15.63
C LEU K 193 -50.93 -43.18 -15.16
N ALA K 194 -51.13 -43.02 -13.85
CA ALA K 194 -52.50 -42.93 -13.34
C ALA K 194 -53.19 -41.66 -13.80
N GLN K 195 -52.44 -40.56 -13.88
CA GLN K 195 -53.01 -39.29 -14.31
C GLN K 195 -53.24 -39.25 -15.83
N ILE K 196 -52.55 -40.09 -16.60
CA ILE K 196 -53.00 -40.37 -17.97
C ILE K 196 -54.28 -41.19 -17.96
N LYS K 197 -54.36 -42.16 -17.03
CA LYS K 197 -55.58 -42.93 -16.86
C LYS K 197 -56.75 -42.04 -16.46
N GLU K 198 -56.46 -40.83 -15.97
CA GLU K 198 -57.47 -39.88 -15.56
C GLU K 198 -57.93 -38.97 -16.70
N MET K 199 -57.15 -38.85 -17.78
CA MET K 199 -57.48 -37.93 -18.86
C MET K 199 -57.67 -38.62 -20.20
N VAL K 200 -57.50 -39.93 -20.29
CA VAL K 200 -57.68 -40.58 -21.58
C VAL K 200 -58.95 -41.42 -21.63
N GLU K 201 -59.09 -42.37 -20.70
CA GLU K 201 -60.25 -43.27 -20.77
C GLU K 201 -61.53 -42.60 -20.26
N LEU K 202 -61.44 -41.55 -19.46
CA LEU K 202 -62.65 -40.90 -19.00
C LEU K 202 -63.38 -40.21 -20.17
N PRO K 203 -62.71 -39.41 -21.00
CA PRO K 203 -63.40 -38.79 -22.13
C PRO K 203 -63.56 -39.67 -23.36
N LEU K 204 -63.21 -40.95 -23.28
CA LEU K 204 -63.38 -41.88 -24.39
C LEU K 204 -64.45 -42.92 -24.16
N ARG K 205 -64.51 -43.52 -22.97
CA ARG K 205 -65.48 -44.56 -22.71
C ARG K 205 -66.89 -44.00 -22.57
N HIS K 206 -67.05 -42.68 -22.43
CA HIS K 206 -68.34 -42.03 -22.28
C HIS K 206 -68.44 -40.89 -23.29
N PRO K 207 -68.66 -41.20 -24.57
CA PRO K 207 -68.72 -40.12 -25.57
C PRO K 207 -69.94 -39.24 -25.43
N ALA K 208 -71.13 -39.84 -25.23
CA ALA K 208 -72.35 -39.04 -25.12
C ALA K 208 -72.46 -38.31 -23.79
N LEU K 209 -71.73 -38.76 -22.76
CA LEU K 209 -71.75 -38.05 -21.50
C LEU K 209 -71.17 -36.65 -21.62
N PHE K 210 -70.08 -36.51 -22.38
CA PHE K 210 -69.47 -35.21 -22.59
C PHE K 210 -70.28 -34.30 -23.51
N LYS K 211 -71.14 -34.88 -24.36
CA LYS K 211 -71.94 -34.07 -25.26
C LYS K 211 -73.00 -33.26 -24.52
N ALA K 212 -73.51 -33.78 -23.40
CA ALA K 212 -74.52 -33.07 -22.63
C ALA K 212 -73.92 -32.09 -21.64
N ILE K 213 -72.79 -32.45 -21.02
CA ILE K 213 -72.14 -31.59 -20.04
C ILE K 213 -71.31 -30.54 -20.75
N GLY K 214 -70.97 -29.47 -20.04
CA GLY K 214 -70.18 -28.38 -20.59
C GLY K 214 -68.69 -28.50 -20.39
N VAL K 215 -68.20 -29.64 -19.91
CA VAL K 215 -66.77 -29.82 -19.66
C VAL K 215 -66.08 -30.10 -20.99
N LYS K 216 -65.08 -29.30 -21.32
CA LYS K 216 -64.36 -29.49 -22.57
C LYS K 216 -63.38 -30.64 -22.46
N PRO K 217 -63.49 -31.68 -23.29
CA PRO K 217 -62.61 -32.83 -23.16
C PRO K 217 -61.19 -32.48 -23.58
N PRO K 218 -60.21 -33.30 -23.21
CA PRO K 218 -58.85 -33.07 -23.68
C PRO K 218 -58.73 -33.18 -25.20
N ARG K 219 -57.80 -32.39 -25.75
CA ARG K 219 -57.44 -32.50 -27.16
C ARG K 219 -55.98 -32.83 -27.36
N GLY K 220 -55.06 -32.04 -26.81
CA GLY K 220 -53.64 -32.24 -27.02
C GLY K 220 -52.93 -32.60 -25.73
N ILE K 221 -52.09 -33.64 -25.80
CA ILE K 221 -51.29 -34.11 -24.67
C ILE K 221 -49.84 -34.18 -25.14
N LEU K 222 -48.95 -33.48 -24.44
CA LEU K 222 -47.54 -33.47 -24.79
C LEU K 222 -46.75 -34.33 -23.82
N LEU K 223 -45.87 -35.17 -24.35
CA LEU K 223 -45.05 -36.08 -23.56
C LEU K 223 -43.63 -35.54 -23.42
N TYR K 224 -42.95 -36.01 -22.38
CA TYR K 224 -41.58 -35.62 -22.11
C TYR K 224 -40.78 -36.86 -21.72
N GLY K 225 -39.53 -36.63 -21.33
CA GLY K 225 -38.66 -37.69 -20.90
C GLY K 225 -37.49 -37.89 -21.83
N PRO K 226 -36.38 -38.38 -21.29
CA PRO K 226 -35.21 -38.68 -22.12
C PRO K 226 -35.52 -39.82 -23.08
N PRO K 227 -34.79 -39.91 -24.19
CA PRO K 227 -35.05 -40.97 -25.17
C PRO K 227 -34.93 -42.36 -24.54
N GLY K 228 -35.84 -43.25 -24.91
CA GLY K 228 -35.91 -44.58 -24.35
C GLY K 228 -36.74 -44.69 -23.10
N THR K 229 -37.42 -43.62 -22.69
CA THR K 229 -38.24 -43.69 -21.47
C THR K 229 -39.48 -44.55 -21.68
N GLY K 230 -40.00 -44.56 -22.90
CA GLY K 230 -41.21 -45.32 -23.19
C GLY K 230 -42.32 -44.47 -23.77
N LYS K 231 -41.96 -43.36 -24.41
CA LYS K 231 -42.94 -42.45 -24.98
C LYS K 231 -43.82 -43.11 -26.04
N THR K 232 -43.33 -44.17 -26.69
CA THR K 232 -44.10 -44.89 -27.68
C THR K 232 -44.85 -46.08 -27.09
N LEU K 233 -44.25 -46.78 -26.14
CA LEU K 233 -44.86 -47.99 -25.59
C LEU K 233 -46.17 -47.67 -24.88
N ILE K 234 -46.17 -46.66 -24.02
CA ILE K 234 -47.37 -46.30 -23.27
C ILE K 234 -48.44 -45.77 -24.20
N ALA K 235 -48.05 -44.98 -25.21
CA ALA K 235 -49.03 -44.48 -26.17
C ALA K 235 -49.68 -45.61 -26.94
N ARG K 236 -48.89 -46.58 -27.40
CA ARG K 236 -49.46 -47.73 -28.09
C ARG K 236 -50.37 -48.53 -27.18
N ALA K 237 -49.99 -48.73 -25.92
CA ALA K 237 -50.84 -49.47 -24.99
C ALA K 237 -52.18 -48.76 -24.77
N VAL K 238 -52.13 -47.46 -24.48
CA VAL K 238 -53.37 -46.71 -24.20
C VAL K 238 -54.19 -46.47 -25.46
N ALA K 239 -53.61 -46.62 -26.65
CA ALA K 239 -54.37 -46.53 -27.88
C ALA K 239 -54.93 -47.86 -28.35
N ASN K 240 -54.31 -48.97 -27.96
CA ASN K 240 -54.78 -50.29 -28.40
C ASN K 240 -55.67 -50.98 -27.39
N GLU K 241 -55.60 -50.60 -26.11
CA GLU K 241 -56.42 -51.24 -25.09
C GLU K 241 -57.68 -50.46 -24.76
N THR K 242 -58.16 -49.62 -25.66
CA THR K 242 -59.40 -48.87 -25.46
C THR K 242 -60.46 -49.16 -26.51
N GLY K 243 -60.11 -49.82 -27.62
CA GLY K 243 -61.06 -50.14 -28.66
C GLY K 243 -61.24 -49.06 -29.70
N ALA K 244 -60.78 -47.84 -29.44
CA ALA K 244 -60.88 -46.76 -30.40
C ALA K 244 -59.79 -46.90 -31.47
N PHE K 245 -60.02 -46.25 -32.60
CA PHE K 245 -59.05 -46.30 -33.69
C PHE K 245 -57.79 -45.54 -33.32
N PHE K 246 -56.66 -46.05 -33.78
CA PHE K 246 -55.35 -45.45 -33.52
C PHE K 246 -54.59 -45.37 -34.84
N PHE K 247 -54.04 -44.20 -35.13
CA PHE K 247 -53.29 -43.96 -36.35
C PHE K 247 -51.90 -43.44 -35.98
N LEU K 248 -50.88 -43.96 -36.65
CA LEU K 248 -49.49 -43.69 -36.28
C LEU K 248 -48.76 -42.96 -37.40
N ILE K 249 -48.13 -41.84 -37.04
CA ILE K 249 -47.24 -41.08 -37.92
C ILE K 249 -46.13 -40.52 -37.03
N ASN K 250 -44.88 -40.95 -37.27
CA ASN K 250 -43.92 -40.63 -36.23
C ASN K 250 -43.38 -39.21 -36.36
N GLY K 251 -42.33 -39.02 -37.17
CA GLY K 251 -42.03 -37.74 -37.77
C GLY K 251 -41.42 -37.75 -39.16
N PRO K 252 -40.52 -38.72 -39.45
CA PRO K 252 -39.66 -38.53 -40.63
C PRO K 252 -40.31 -38.88 -41.94
N GLU K 253 -41.29 -39.78 -41.96
CA GLU K 253 -41.98 -40.10 -43.19
C GLU K 253 -42.65 -38.87 -43.80
N ILE K 254 -42.93 -37.85 -43.00
CA ILE K 254 -43.47 -36.60 -43.53
C ILE K 254 -42.42 -35.86 -44.35
N MET K 255 -41.20 -35.74 -43.82
CA MET K 255 -40.14 -35.01 -44.50
C MET K 255 -39.37 -35.87 -45.50
N SER K 256 -39.63 -37.18 -45.55
CA SER K 256 -38.93 -38.05 -46.48
C SER K 256 -39.47 -37.98 -47.89
N LYS K 257 -40.76 -37.69 -48.05
CA LYS K 257 -41.38 -37.66 -49.37
C LYS K 257 -41.10 -36.33 -50.07
N LEU K 258 -41.55 -36.23 -51.31
CA LEU K 258 -41.36 -35.01 -52.09
C LEU K 258 -42.22 -33.89 -51.55
N ALA K 259 -41.86 -32.66 -51.93
CA ALA K 259 -42.60 -31.49 -51.49
C ALA K 259 -43.95 -31.41 -52.19
N GLY K 260 -44.98 -31.12 -51.41
CA GLY K 260 -46.31 -30.96 -51.95
C GLY K 260 -47.30 -32.00 -51.46
N GLU K 261 -46.86 -33.26 -51.38
CA GLU K 261 -47.74 -34.32 -50.89
C GLU K 261 -47.55 -34.60 -49.40
N SER K 262 -46.47 -34.11 -48.80
CA SER K 262 -46.28 -34.28 -47.37
C SER K 262 -47.39 -33.61 -46.57
N GLU K 263 -47.76 -32.39 -46.97
CA GLU K 263 -48.87 -31.71 -46.31
C GLU K 263 -50.20 -32.42 -46.58
N SER K 264 -50.39 -32.95 -47.79
CA SER K 264 -51.61 -33.67 -48.11
C SER K 264 -51.76 -34.92 -47.27
N ASN K 265 -50.66 -35.64 -47.04
CA ASN K 265 -50.73 -36.84 -46.19
C ASN K 265 -51.16 -36.49 -44.78
N LEU K 266 -50.58 -35.45 -44.20
CA LEU K 266 -50.98 -35.02 -42.86
C LEU K 266 -52.43 -34.56 -42.84
N ARG K 267 -52.87 -33.84 -43.87
CA ARG K 267 -54.24 -33.37 -43.92
C ARG K 267 -55.22 -34.53 -43.99
N LYS K 268 -54.91 -35.55 -44.80
CA LYS K 268 -55.81 -36.68 -44.91
C LYS K 268 -55.76 -37.57 -43.67
N ALA K 269 -54.62 -37.61 -42.97
CA ALA K 269 -54.53 -38.38 -41.74
C ALA K 269 -55.45 -37.83 -40.64
N PHE K 270 -55.87 -36.58 -40.75
CA PHE K 270 -56.80 -36.01 -39.78
C PHE K 270 -58.26 -36.25 -40.18
N GLU K 271 -58.58 -36.15 -41.46
CA GLU K 271 -59.95 -36.39 -41.90
C GLU K 271 -60.31 -37.86 -41.84
N GLU K 272 -59.33 -38.76 -41.98
CA GLU K 272 -59.63 -40.18 -41.86
C GLU K 272 -60.02 -40.55 -40.43
N ALA K 273 -59.55 -39.79 -39.45
CA ALA K 273 -59.88 -40.06 -38.06
C ALA K 273 -61.25 -39.51 -37.67
N GLU K 274 -61.75 -38.50 -38.39
CA GLU K 274 -63.03 -37.90 -38.04
C GLU K 274 -64.19 -38.85 -38.30
N LYS K 275 -64.19 -39.51 -39.46
CA LYS K 275 -65.33 -40.35 -39.83
C LYS K 275 -65.48 -41.55 -38.89
N ASN K 276 -64.39 -42.18 -38.51
CA ASN K 276 -64.43 -43.36 -37.63
C ASN K 276 -64.25 -42.98 -36.16
N ALA K 277 -65.07 -42.05 -35.71
CA ALA K 277 -65.03 -41.64 -34.30
C ALA K 277 -65.62 -42.74 -33.43
N PRO K 278 -65.09 -42.94 -32.21
CA PRO K 278 -63.94 -42.21 -31.66
C PRO K 278 -62.61 -42.70 -32.20
N ALA K 279 -61.64 -41.79 -32.29
CA ALA K 279 -60.31 -42.12 -32.79
C ALA K 279 -59.28 -41.39 -31.94
N ILE K 280 -58.01 -41.71 -32.15
CA ILE K 280 -56.90 -41.08 -31.44
C ILE K 280 -55.74 -40.91 -32.41
N ILE K 281 -54.94 -39.88 -32.16
CA ILE K 281 -53.79 -39.55 -32.99
C ILE K 281 -52.56 -39.44 -32.10
N PHE K 282 -51.48 -40.09 -32.50
CA PHE K 282 -50.23 -40.08 -31.74
C PHE K 282 -49.08 -39.73 -32.66
N ILE K 283 -48.19 -38.87 -32.19
CA ILE K 283 -47.00 -38.44 -32.92
C ILE K 283 -45.78 -38.85 -32.13
N ASP K 284 -44.87 -39.59 -32.76
CA ASP K 284 -43.75 -40.19 -32.02
C ASP K 284 -42.72 -39.14 -31.65
N GLU K 285 -42.07 -38.49 -32.62
CA GLU K 285 -41.13 -37.42 -32.31
C GLU K 285 -41.69 -36.14 -32.90
N LEU K 286 -41.52 -35.04 -32.17
CA LEU K 286 -42.02 -33.74 -32.58
C LEU K 286 -40.93 -32.70 -32.67
N ASP K 287 -39.77 -32.93 -32.04
CA ASP K 287 -38.69 -31.96 -32.05
C ASP K 287 -38.17 -31.72 -33.46
N ALA K 288 -38.26 -32.72 -34.32
CA ALA K 288 -37.78 -32.61 -35.70
C ALA K 288 -38.91 -32.25 -36.67
N ILE K 289 -40.10 -31.94 -36.17
CA ILE K 289 -41.23 -31.59 -37.00
C ILE K 289 -41.42 -30.08 -37.06
N ALA K 290 -41.36 -29.40 -35.90
CA ALA K 290 -41.61 -27.97 -35.79
C ALA K 290 -40.45 -27.29 -35.10
N PRO K 291 -39.33 -27.08 -35.80
CA PRO K 291 -38.20 -26.35 -35.21
C PRO K 291 -38.28 -24.84 -35.46
N LYS K 292 -39.40 -24.23 -35.07
CA LYS K 292 -39.59 -22.80 -35.29
C LYS K 292 -38.86 -22.02 -34.21
N ARG K 293 -37.53 -21.99 -34.34
CA ARG K 293 -36.62 -21.36 -33.40
C ARG K 293 -35.45 -20.80 -34.20
N GLU K 294 -34.31 -20.58 -33.55
CA GLU K 294 -33.15 -19.97 -34.20
C GLU K 294 -32.73 -20.69 -35.48
N LYS K 295 -33.31 -21.84 -35.79
CA LYS K 295 -32.98 -22.57 -37.01
C LYS K 295 -33.61 -21.91 -38.23
N THR K 296 -34.94 -21.96 -38.32
CA THR K 296 -35.73 -21.35 -39.40
C THR K 296 -35.05 -21.49 -40.76
N HIS K 297 -34.67 -22.71 -41.11
CA HIS K 297 -34.13 -23.03 -42.41
C HIS K 297 -35.15 -23.83 -43.20
N GLY K 298 -35.20 -23.59 -44.51
CA GLY K 298 -36.08 -24.33 -45.39
C GLY K 298 -37.49 -23.76 -45.46
N GLU K 299 -38.01 -23.66 -46.69
CA GLU K 299 -39.35 -23.10 -46.87
C GLU K 299 -40.43 -24.13 -46.60
N VAL K 300 -40.24 -25.38 -47.04
CA VAL K 300 -41.30 -26.38 -46.96
C VAL K 300 -41.52 -26.89 -45.55
N GLU K 301 -40.55 -26.72 -44.65
CA GLU K 301 -40.66 -27.34 -43.34
C GLU K 301 -41.46 -26.50 -42.36
N ARG K 302 -41.44 -25.19 -42.50
CA ARG K 302 -42.40 -24.38 -41.76
C ARG K 302 -43.79 -24.47 -42.36
N ARG K 303 -43.90 -24.91 -43.61
CA ARG K 303 -45.21 -25.16 -44.22
C ARG K 303 -45.98 -26.22 -43.44
N ILE K 304 -45.33 -27.32 -43.08
CA ILE K 304 -46.03 -28.37 -42.35
C ILE K 304 -46.32 -27.93 -40.92
N VAL K 305 -45.46 -27.07 -40.36
CA VAL K 305 -45.75 -26.50 -39.05
C VAL K 305 -47.04 -25.69 -39.09
N SER K 306 -47.16 -24.82 -40.10
CA SER K 306 -48.39 -24.05 -40.27
C SER K 306 -49.57 -24.97 -40.57
N GLN K 307 -49.35 -26.05 -41.32
CA GLN K 307 -50.43 -26.99 -41.62
C GLN K 307 -50.94 -27.65 -40.36
N LEU K 308 -50.04 -28.11 -39.49
CA LEU K 308 -50.47 -28.76 -38.25
C LEU K 308 -51.13 -27.76 -37.31
N LEU K 309 -50.61 -26.53 -37.26
CA LEU K 309 -51.26 -25.49 -36.47
C LEU K 309 -52.66 -25.22 -36.98
N THR K 310 -52.86 -25.20 -38.30
CA THR K 310 -54.19 -25.03 -38.85
C THR K 310 -55.09 -26.20 -38.50
N LEU K 311 -54.58 -27.42 -38.61
CA LEU K 311 -55.38 -28.61 -38.36
C LEU K 311 -55.73 -28.80 -36.89
N MET K 312 -54.97 -28.21 -35.98
CA MET K 312 -55.31 -28.25 -34.56
C MET K 312 -56.10 -27.03 -34.10
N ASP K 313 -55.89 -25.87 -34.71
CA ASP K 313 -56.59 -24.67 -34.30
C ASP K 313 -58.09 -24.78 -34.60
N GLY K 314 -58.43 -25.41 -35.71
CA GLY K 314 -59.81 -25.57 -36.11
C GLY K 314 -60.55 -26.70 -35.46
N LEU K 315 -59.90 -27.46 -34.57
CA LEU K 315 -60.54 -28.59 -33.92
C LEU K 315 -61.55 -28.14 -32.89
N LYS K 316 -62.80 -27.95 -33.29
CA LYS K 316 -63.88 -27.72 -32.35
C LYS K 316 -64.30 -29.06 -31.75
N GLN K 317 -65.39 -29.08 -30.99
CA GLN K 317 -65.80 -30.32 -30.36
C GLN K 317 -66.12 -31.40 -31.38
N ARG K 318 -67.22 -31.21 -32.13
CA ARG K 318 -67.64 -32.17 -33.15
C ARG K 318 -67.60 -33.61 -32.64
N ALA K 319 -66.51 -34.32 -32.94
CA ALA K 319 -66.32 -35.71 -32.55
C ALA K 319 -65.49 -35.78 -31.27
N HIS K 320 -65.01 -36.98 -30.92
CA HIS K 320 -64.15 -37.17 -29.76
C HIS K 320 -62.79 -37.67 -30.26
N VAL K 321 -61.89 -36.72 -30.54
CA VAL K 321 -60.56 -37.02 -31.04
C VAL K 321 -59.53 -36.34 -30.14
N ILE K 322 -58.41 -37.03 -29.94
CA ILE K 322 -57.31 -36.53 -29.13
C ILE K 322 -56.01 -36.75 -29.88
N VAL K 323 -55.19 -35.71 -29.99
CA VAL K 323 -53.86 -35.80 -30.57
C VAL K 323 -52.84 -35.82 -29.44
N MET K 324 -51.80 -36.63 -29.61
CA MET K 324 -50.73 -36.72 -28.62
C MET K 324 -49.38 -36.69 -29.33
N ALA K 325 -48.41 -36.05 -28.70
CA ALA K 325 -47.07 -35.93 -29.26
C ALA K 325 -46.05 -36.17 -28.17
N ALA K 326 -44.84 -36.56 -28.59
CA ALA K 326 -43.77 -36.86 -27.67
C ALA K 326 -42.49 -36.18 -28.16
N THR K 327 -41.61 -35.88 -27.20
CA THR K 327 -40.35 -35.21 -27.49
C THR K 327 -39.32 -35.68 -26.47
N ASN K 328 -38.11 -35.13 -26.57
CA ASN K 328 -37.01 -35.54 -25.73
C ASN K 328 -36.49 -34.44 -24.82
N ARG K 329 -36.65 -33.18 -25.19
CA ARG K 329 -36.16 -32.07 -24.38
C ARG K 329 -37.18 -30.94 -24.41
N PRO K 330 -37.22 -30.11 -23.37
CA PRO K 330 -38.22 -29.03 -23.34
C PRO K 330 -37.97 -27.93 -24.36
N ASN K 331 -36.72 -27.60 -24.65
CA ASN K 331 -36.41 -26.51 -25.57
C ASN K 331 -36.33 -27.02 -27.01
N SER K 332 -37.37 -27.74 -27.40
CA SER K 332 -37.46 -28.25 -28.76
C SER K 332 -38.87 -28.15 -29.35
N ILE K 333 -39.83 -27.56 -28.65
CA ILE K 333 -41.19 -27.45 -29.13
C ILE K 333 -41.44 -25.99 -29.49
N ASP K 334 -42.14 -25.79 -30.61
CA ASP K 334 -42.52 -24.45 -31.03
C ASP K 334 -43.36 -23.80 -29.93
N PRO K 335 -42.99 -22.62 -29.44
CA PRO K 335 -43.81 -21.96 -28.41
C PRO K 335 -45.23 -21.67 -28.85
N ALA K 336 -45.47 -21.55 -30.16
CA ALA K 336 -46.83 -21.34 -30.65
C ALA K 336 -47.72 -22.56 -30.44
N LEU K 337 -47.14 -23.73 -30.23
CA LEU K 337 -47.93 -24.93 -29.99
C LEU K 337 -48.25 -25.15 -28.52
N ARG K 338 -47.53 -24.50 -27.61
CA ARG K 338 -47.75 -24.66 -26.19
C ARG K 338 -48.83 -23.72 -25.65
N ARG K 339 -49.59 -23.07 -26.52
CA ARG K 339 -50.62 -22.16 -26.09
C ARG K 339 -51.81 -22.93 -25.52
N PHE K 340 -52.76 -22.20 -24.94
CA PHE K 340 -53.96 -22.84 -24.40
C PHE K 340 -54.82 -23.36 -25.55
N GLY K 341 -55.28 -24.60 -25.40
CA GLY K 341 -56.10 -25.23 -26.41
C GLY K 341 -55.36 -26.17 -27.34
N ARG K 342 -54.04 -26.08 -27.42
CA ARG K 342 -53.24 -26.99 -28.25
C ARG K 342 -52.36 -27.88 -27.41
N PHE K 343 -51.47 -27.31 -26.57
CA PHE K 343 -50.66 -28.07 -25.63
C PHE K 343 -50.56 -27.26 -24.34
N ASP K 344 -51.50 -27.48 -23.44
CA ASP K 344 -51.52 -26.79 -22.15
C ASP K 344 -51.26 -27.72 -20.98
N ARG K 345 -51.31 -29.03 -21.22
CA ARG K 345 -51.13 -30.05 -20.20
C ARG K 345 -49.93 -30.91 -20.57
N GLU K 346 -48.96 -30.98 -19.68
CA GLU K 346 -47.71 -31.68 -19.96
C GLU K 346 -47.38 -32.60 -18.79
N VAL K 347 -46.75 -33.73 -19.11
CA VAL K 347 -46.33 -34.69 -18.10
C VAL K 347 -44.84 -34.96 -18.28
N ASP K 348 -44.12 -34.97 -17.17
CA ASP K 348 -42.69 -35.21 -17.16
C ASP K 348 -42.43 -36.61 -16.60
N ILE K 349 -41.81 -37.46 -17.41
CA ILE K 349 -41.48 -38.82 -17.01
C ILE K 349 -39.96 -38.89 -16.89
N GLY K 350 -39.47 -39.06 -15.66
CA GLY K 350 -38.06 -39.09 -15.40
C GLY K 350 -37.49 -40.49 -15.38
N ILE K 351 -36.22 -40.58 -15.01
CA ILE K 351 -35.54 -41.86 -14.92
C ILE K 351 -36.07 -42.60 -13.68
N PRO K 352 -36.52 -43.84 -13.83
CA PRO K 352 -37.02 -44.59 -12.66
C PRO K 352 -35.92 -44.83 -11.64
N ASP K 353 -36.31 -44.87 -10.37
CA ASP K 353 -35.36 -45.17 -9.30
C ASP K 353 -35.20 -46.67 -9.14
N ALA K 354 -34.56 -47.10 -8.05
CA ALA K 354 -34.30 -48.54 -7.88
C ALA K 354 -35.60 -49.34 -7.83
N THR K 355 -36.53 -48.93 -6.96
CA THR K 355 -37.80 -49.65 -6.89
C THR K 355 -38.62 -49.47 -8.16
N GLY K 356 -38.42 -48.37 -8.89
CA GLY K 356 -39.04 -48.22 -10.19
C GLY K 356 -38.41 -49.13 -11.22
N ARG K 357 -37.09 -49.31 -11.12
CA ARG K 357 -36.38 -50.17 -12.06
C ARG K 357 -36.58 -51.66 -11.76
N LEU K 358 -37.07 -52.00 -10.57
CA LEU K 358 -37.25 -53.42 -10.24
C LEU K 358 -38.24 -54.08 -11.18
N GLU K 359 -39.38 -53.45 -11.45
CA GLU K 359 -40.42 -54.09 -12.24
C GLU K 359 -40.05 -54.22 -13.70
N ILE K 360 -39.21 -53.32 -14.22
CA ILE K 360 -38.80 -53.37 -15.62
C ILE K 360 -38.05 -54.65 -15.95
N LEU K 361 -37.28 -55.18 -15.00
CA LEU K 361 -36.56 -56.42 -15.23
C LEU K 361 -37.52 -57.57 -15.50
N GLN K 362 -38.49 -57.77 -14.60
CA GLN K 362 -39.40 -58.90 -14.76
C GLN K 362 -40.40 -58.71 -15.88
N ILE K 363 -40.84 -57.48 -16.16
CA ILE K 363 -41.81 -57.32 -17.25
C ILE K 363 -41.20 -57.66 -18.60
N HIS K 364 -39.89 -57.84 -18.68
CA HIS K 364 -39.25 -58.33 -19.89
C HIS K 364 -38.61 -59.70 -19.74
N THR K 365 -38.35 -60.17 -18.52
CA THR K 365 -37.78 -61.49 -18.31
C THR K 365 -38.80 -62.49 -17.77
N LYS K 366 -40.09 -62.16 -17.87
CA LYS K 366 -41.12 -63.08 -17.41
C LYS K 366 -41.11 -64.39 -18.19
N ASN K 367 -40.80 -64.34 -19.49
CA ASN K 367 -40.68 -65.56 -20.27
C ASN K 367 -39.35 -66.26 -20.04
N MET K 368 -38.43 -65.62 -19.32
CA MET K 368 -37.12 -66.19 -18.99
C MET K 368 -37.21 -66.73 -17.57
N LYS K 369 -37.40 -68.04 -17.45
CA LYS K 369 -37.44 -68.64 -16.12
C LYS K 369 -36.05 -68.66 -15.51
N LEU K 370 -35.98 -68.22 -14.26
CA LEU K 370 -34.73 -68.01 -13.55
C LEU K 370 -34.52 -69.10 -12.50
N ALA K 371 -33.26 -69.35 -12.19
CA ALA K 371 -32.88 -70.41 -11.26
C ALA K 371 -33.18 -69.99 -9.82
N ASP K 372 -32.75 -70.82 -8.87
CA ASP K 372 -33.01 -70.56 -7.47
C ASP K 372 -32.05 -69.53 -6.87
N ASP K 373 -30.77 -69.60 -7.23
CA ASP K 373 -29.77 -68.71 -6.65
C ASP K 373 -29.81 -67.31 -7.25
N VAL K 374 -30.63 -67.08 -8.27
CA VAL K 374 -30.68 -65.79 -8.95
C VAL K 374 -31.85 -64.97 -8.44
N ASP K 375 -31.59 -63.68 -8.23
CA ASP K 375 -32.62 -62.72 -7.87
C ASP K 375 -32.33 -61.41 -8.60
N LEU K 376 -33.39 -60.64 -8.88
CA LEU K 376 -33.26 -59.37 -9.57
C LEU K 376 -33.20 -58.19 -8.62
N GLU K 377 -33.17 -58.43 -7.31
CA GLU K 377 -33.15 -57.35 -6.33
C GLU K 377 -31.81 -56.64 -6.26
N GLN K 378 -30.73 -57.39 -6.00
CA GLN K 378 -29.42 -56.77 -5.84
C GLN K 378 -28.90 -56.15 -7.13
N VAL K 379 -29.27 -56.71 -8.28
CA VAL K 379 -28.76 -56.20 -9.56
C VAL K 379 -29.34 -54.86 -9.94
N ALA K 380 -30.51 -54.50 -9.40
CA ALA K 380 -31.14 -53.22 -9.69
C ALA K 380 -30.89 -52.19 -8.61
N ASN K 381 -29.85 -52.39 -7.79
CA ASN K 381 -29.51 -51.48 -6.71
C ASN K 381 -28.24 -50.69 -6.95
N GLU K 382 -27.30 -51.22 -7.74
CA GLU K 382 -26.05 -50.52 -8.02
C GLU K 382 -26.17 -49.53 -9.16
N THR K 383 -27.27 -49.53 -9.89
CA THR K 383 -27.50 -48.60 -10.99
C THR K 383 -28.48 -47.51 -10.57
N HIS K 384 -28.31 -46.33 -11.16
CA HIS K 384 -29.17 -45.21 -10.79
C HIS K 384 -29.60 -44.35 -11.99
N GLY K 385 -29.24 -44.71 -13.21
CA GLY K 385 -29.58 -43.89 -14.36
C GLY K 385 -30.05 -44.67 -15.58
N HIS K 386 -30.74 -45.79 -15.34
CA HIS K 386 -31.17 -46.67 -16.43
C HIS K 386 -32.65 -46.50 -16.69
N VAL K 387 -33.03 -46.58 -17.97
CA VAL K 387 -34.43 -46.52 -18.38
C VAL K 387 -34.82 -47.85 -18.98
N GLY K 388 -36.08 -47.98 -19.41
CA GLY K 388 -36.56 -49.25 -19.91
C GLY K 388 -35.77 -49.80 -21.08
N ALA K 389 -35.40 -48.93 -22.02
CA ALA K 389 -34.60 -49.36 -23.17
C ALA K 389 -33.23 -49.87 -22.76
N ASP K 390 -32.57 -49.18 -21.81
CA ASP K 390 -31.26 -49.64 -21.35
C ASP K 390 -31.36 -51.03 -20.73
N LEU K 391 -32.35 -51.25 -19.87
CA LEU K 391 -32.51 -52.55 -19.24
C LEU K 391 -32.88 -53.62 -20.25
N ALA K 392 -33.71 -53.29 -21.23
CA ALA K 392 -34.05 -54.26 -22.26
C ALA K 392 -32.82 -54.68 -23.05
N ALA K 393 -31.99 -53.72 -23.46
CA ALA K 393 -30.76 -54.05 -24.17
C ALA K 393 -29.81 -54.87 -23.29
N LEU K 394 -29.69 -54.49 -22.02
CA LEU K 394 -28.81 -55.21 -21.10
C LEU K 394 -29.25 -56.67 -20.96
N CYS K 395 -30.55 -56.91 -20.75
CA CYS K 395 -31.03 -58.27 -20.63
C CYS K 395 -30.89 -59.05 -21.92
N SER K 396 -31.11 -58.40 -23.07
CA SER K 396 -30.93 -59.09 -24.34
C SER K 396 -29.49 -59.55 -24.54
N GLU K 397 -28.52 -58.66 -24.28
CA GLU K 397 -27.13 -59.07 -24.45
C GLU K 397 -26.68 -60.05 -23.38
N ALA K 398 -27.22 -59.97 -22.16
CA ALA K 398 -26.92 -60.96 -21.15
C ALA K 398 -27.42 -62.34 -21.57
N ALA K 399 -28.61 -62.41 -22.16
CA ALA K 399 -29.11 -63.67 -22.68
C ALA K 399 -28.26 -64.18 -23.85
N LEU K 400 -27.79 -63.28 -24.72
CA LEU K 400 -26.88 -63.69 -25.79
C LEU K 400 -25.60 -64.29 -25.23
N GLN K 401 -25.06 -63.70 -24.15
CA GLN K 401 -23.87 -64.25 -23.52
C GLN K 401 -24.12 -65.67 -23.01
N ALA K 402 -25.29 -65.90 -22.38
CA ALA K 402 -25.63 -67.24 -21.95
C ALA K 402 -25.79 -68.21 -23.11
N ILE K 403 -26.35 -67.75 -24.23
CA ILE K 403 -26.47 -68.59 -25.41
C ILE K 403 -25.10 -69.02 -25.91
N ARG K 404 -24.19 -68.06 -26.07
CA ARG K 404 -22.87 -68.39 -26.59
C ARG K 404 -22.05 -69.23 -25.62
N LYS K 405 -22.28 -69.09 -24.31
CA LYS K 405 -21.54 -69.89 -23.33
C LYS K 405 -21.79 -71.38 -23.49
N LYS K 406 -22.90 -71.78 -24.11
CA LYS K 406 -23.13 -73.18 -24.41
C LYS K 406 -22.98 -73.52 -25.90
N MET K 407 -23.15 -72.56 -26.81
CA MET K 407 -22.90 -72.82 -28.23
C MET K 407 -21.41 -72.95 -28.55
N ASP K 408 -20.52 -72.52 -27.66
CA ASP K 408 -19.10 -72.64 -27.94
C ASP K 408 -18.60 -74.08 -27.79
N LEU K 409 -19.21 -74.87 -26.90
CA LEU K 409 -18.78 -76.25 -26.71
C LEU K 409 -19.79 -77.27 -27.22
N ILE K 410 -21.08 -76.95 -27.26
CA ILE K 410 -22.08 -77.91 -27.71
C ILE K 410 -21.96 -78.18 -29.20
N ASP K 411 -21.88 -77.11 -30.01
CA ASP K 411 -21.69 -77.18 -31.45
C ASP K 411 -22.81 -78.01 -32.11
N LEU K 412 -24.03 -77.49 -31.97
CA LEU K 412 -25.23 -78.11 -32.54
C LEU K 412 -25.62 -77.31 -33.78
N GLU K 413 -25.19 -77.79 -34.94
CA GLU K 413 -25.48 -77.12 -36.22
C GLU K 413 -26.73 -77.76 -36.82
N ASP K 414 -27.87 -77.09 -36.68
CA ASP K 414 -29.12 -77.58 -37.22
C ASP K 414 -30.04 -76.40 -37.51
N GLU K 415 -31.01 -76.62 -38.38
CA GLU K 415 -31.95 -75.57 -38.75
C GLU K 415 -32.90 -75.26 -37.61
N THR K 416 -33.68 -76.25 -37.19
CA THR K 416 -34.60 -76.06 -36.07
C THR K 416 -33.95 -76.50 -34.76
N ILE K 417 -34.37 -75.86 -33.68
CA ILE K 417 -33.82 -76.15 -32.36
C ILE K 417 -34.88 -76.88 -31.55
N ASP K 418 -34.42 -77.78 -30.69
CA ASP K 418 -35.30 -78.59 -29.86
C ASP K 418 -35.54 -77.91 -28.52
N ALA K 419 -36.69 -78.23 -27.92
CA ALA K 419 -37.07 -77.67 -26.63
C ALA K 419 -36.44 -78.42 -25.45
N GLU K 420 -35.79 -79.55 -25.70
CA GLU K 420 -35.15 -80.30 -24.62
C GLU K 420 -33.96 -79.57 -24.03
N VAL K 421 -33.36 -78.63 -24.76
CA VAL K 421 -32.27 -77.83 -24.23
C VAL K 421 -32.69 -76.40 -23.93
N MET K 422 -33.78 -75.91 -24.53
CA MET K 422 -34.27 -74.56 -24.21
C MET K 422 -34.67 -74.43 -22.74
N ASN K 423 -35.37 -75.43 -22.20
CA ASN K 423 -35.80 -75.35 -20.81
C ASN K 423 -34.63 -75.47 -19.84
N SER K 424 -33.61 -76.26 -20.18
CA SER K 424 -32.48 -76.45 -19.28
C SER K 424 -31.63 -75.19 -19.14
N LEU K 425 -31.68 -74.28 -20.11
CA LEU K 425 -30.89 -73.06 -20.05
C LEU K 425 -31.44 -72.11 -18.99
N ALA K 426 -30.53 -71.50 -18.23
CA ALA K 426 -30.89 -70.50 -17.24
C ALA K 426 -29.70 -69.57 -17.00
N VAL K 427 -29.99 -68.28 -16.90
CA VAL K 427 -28.93 -67.30 -16.69
C VAL K 427 -28.42 -67.38 -15.25
N THR K 428 -27.14 -67.08 -15.05
CA THR K 428 -26.50 -67.26 -13.77
C THR K 428 -26.03 -65.93 -13.19
N MET K 429 -25.30 -66.00 -12.07
CA MET K 429 -24.81 -64.79 -11.42
C MET K 429 -23.82 -64.04 -12.31
N ASP K 430 -22.81 -64.75 -12.83
CA ASP K 430 -21.76 -64.11 -13.59
C ASP K 430 -22.27 -63.40 -14.84
N ASP K 431 -23.41 -63.84 -15.39
CA ASP K 431 -23.95 -63.17 -16.57
C ASP K 431 -24.40 -61.74 -16.26
N PHE K 432 -25.20 -61.56 -15.21
CA PHE K 432 -25.60 -60.22 -14.83
C PHE K 432 -24.43 -59.40 -14.32
N ARG K 433 -23.43 -60.04 -13.73
CA ARG K 433 -22.23 -59.31 -13.32
C ARG K 433 -21.47 -58.77 -14.53
N TRP K 434 -21.25 -59.62 -15.53
CA TRP K 434 -20.49 -59.24 -16.71
C TRP K 434 -21.28 -58.31 -17.61
N ALA K 435 -22.61 -58.34 -17.53
CA ALA K 435 -23.42 -57.46 -18.35
C ALA K 435 -23.19 -55.98 -18.01
N LEU K 436 -23.15 -55.65 -16.72
CA LEU K 436 -22.98 -54.27 -16.30
C LEU K 436 -21.54 -53.78 -16.42
N SER K 437 -20.56 -54.68 -16.38
CA SER K 437 -19.16 -54.31 -16.51
C SER K 437 -18.78 -53.99 -17.95
N GLN K 438 -19.71 -54.14 -18.88
CA GLN K 438 -19.47 -53.80 -20.28
C GLN K 438 -19.83 -52.33 -20.50
N SER K 439 -19.94 -51.87 -21.74
CA SER K 439 -20.15 -50.47 -22.02
C SER K 439 -21.61 -50.07 -22.15
N ASN K 440 -22.56 -50.99 -21.97
CA ASN K 440 -23.96 -50.62 -22.08
C ASN K 440 -24.51 -49.68 -21.00
N PRO K 441 -23.94 -49.59 -19.78
CA PRO K 441 -24.45 -48.57 -18.84
C PRO K 441 -24.04 -47.17 -19.22
N SER K 442 -23.17 -46.99 -20.21
CA SER K 442 -22.71 -45.68 -20.60
C SER K 442 -23.85 -44.92 -21.27
N ALA K 443 -24.50 -44.04 -20.49
CA ALA K 443 -25.64 -43.29 -20.99
C ALA K 443 -25.60 -41.87 -20.45
N LEU K 444 -26.70 -41.14 -20.57
CA LEU K 444 -26.77 -39.74 -20.16
C LEU K 444 -27.36 -39.66 -18.76
N ARG K 445 -26.76 -38.81 -17.93
CA ARG K 445 -27.18 -38.64 -16.54
C ARG K 445 -27.74 -37.24 -16.33
N GLU K 446 -28.93 -37.17 -15.72
CA GLU K 446 -29.55 -35.90 -15.37
C GLU K 446 -30.27 -36.02 -14.03
N THR K 447 -31.13 -35.04 -13.73
CA THR K 447 -31.87 -35.02 -12.49
C THR K 447 -32.75 -36.25 -12.39
N VAL K 448 -32.48 -37.09 -11.39
CA VAL K 448 -33.24 -38.32 -11.16
C VAL K 448 -34.20 -38.08 -10.02
N VAL K 449 -35.38 -38.69 -10.10
CA VAL K 449 -36.42 -38.52 -9.10
C VAL K 449 -36.53 -39.83 -8.31
N GLU K 450 -36.02 -39.81 -7.08
CA GLU K 450 -36.04 -40.98 -6.21
C GLU K 450 -36.65 -40.63 -4.87
N VAL K 451 -37.02 -41.66 -4.12
CA VAL K 451 -37.61 -41.53 -2.80
C VAL K 451 -36.58 -41.99 -1.77
N PRO K 452 -36.29 -41.20 -0.74
CA PRO K 452 -35.29 -41.61 0.26
C PRO K 452 -35.81 -42.78 1.10
N GLN K 453 -34.86 -43.43 1.79
CA GLN K 453 -35.17 -44.58 2.63
C GLN K 453 -34.56 -44.43 4.02
N VAL K 454 -34.44 -43.20 4.50
CA VAL K 454 -33.87 -42.94 5.82
C VAL K 454 -34.93 -42.27 6.68
N THR K 455 -35.18 -42.83 7.86
CA THR K 455 -36.23 -42.35 8.76
C THR K 455 -35.65 -42.03 10.13
N TRP K 456 -36.51 -41.76 11.11
CA TRP K 456 -36.03 -41.27 12.40
C TRP K 456 -35.20 -42.32 13.13
N GLU K 457 -35.66 -43.57 13.16
CA GLU K 457 -34.88 -44.60 13.85
C GLU K 457 -33.58 -44.89 13.11
N ASP K 458 -33.54 -44.67 11.80
CA ASP K 458 -32.34 -44.95 11.02
C ASP K 458 -31.18 -44.04 11.41
N ILE K 459 -31.48 -42.84 11.91
CA ILE K 459 -30.44 -41.93 12.36
C ILE K 459 -30.58 -41.74 13.86
N GLY K 460 -29.65 -40.99 14.46
CA GLY K 460 -29.70 -40.75 15.89
C GLY K 460 -29.15 -39.39 16.22
N GLY K 461 -29.37 -38.99 17.46
CA GLY K 461 -28.86 -37.72 17.95
C GLY K 461 -29.56 -36.55 17.29
N LEU K 462 -29.01 -35.36 17.57
CA LEU K 462 -29.53 -34.10 17.02
C LEU K 462 -31.01 -33.94 17.31
N GLU K 463 -31.38 -34.22 18.57
CA GLU K 463 -32.74 -34.00 19.02
C GLU K 463 -33.15 -32.55 18.98
N ASP K 464 -32.18 -31.62 18.97
CA ASP K 464 -32.51 -30.20 18.94
C ASP K 464 -32.90 -29.71 17.55
N VAL K 465 -32.52 -30.42 16.49
CA VAL K 465 -32.91 -30.04 15.14
C VAL K 465 -33.90 -31.02 14.52
N LYS K 466 -33.94 -32.27 14.99
CA LYS K 466 -35.04 -33.14 14.61
C LYS K 466 -36.36 -32.59 15.14
N ARG K 467 -36.34 -32.03 16.34
CA ARG K 467 -37.53 -31.50 16.96
C ARG K 467 -38.07 -30.32 16.16
N GLU K 468 -37.17 -29.61 15.46
CA GLU K 468 -37.50 -28.36 14.80
C GLU K 468 -37.78 -28.53 13.30
N LEU K 469 -37.08 -29.42 12.60
CA LEU K 469 -37.35 -29.61 11.19
C LEU K 469 -38.78 -30.09 10.96
N GLN K 470 -39.26 -30.99 11.83
CA GLN K 470 -40.63 -31.45 11.73
C GLN K 470 -41.62 -30.31 11.90
N GLU K 471 -41.36 -29.38 12.81
CA GLU K 471 -42.26 -28.25 13.06
C GLU K 471 -42.50 -27.40 11.82
N LEU K 472 -41.58 -27.41 10.85
CA LEU K 472 -41.73 -26.58 9.67
C LEU K 472 -41.86 -27.38 8.37
N VAL K 473 -41.75 -28.71 8.42
CA VAL K 473 -42.00 -29.55 7.25
C VAL K 473 -43.19 -30.48 7.48
N GLN K 474 -43.12 -31.30 8.53
CA GLN K 474 -44.06 -32.43 8.64
C GLN K 474 -45.49 -31.97 8.84
N TYR K 475 -45.72 -31.07 9.80
CA TYR K 475 -47.10 -30.66 10.09
C TYR K 475 -47.77 -29.96 8.92
N PRO K 476 -47.16 -28.94 8.27
CA PRO K 476 -47.84 -28.36 7.10
C PRO K 476 -47.63 -29.19 5.85
N VAL K 477 -47.66 -30.51 6.01
CA VAL K 477 -47.78 -31.45 4.90
C VAL K 477 -48.88 -32.45 5.26
N GLU K 478 -48.76 -33.03 6.45
CA GLU K 478 -49.66 -34.07 6.92
C GLU K 478 -50.88 -33.53 7.65
N HIS K 479 -50.98 -32.21 7.84
CA HIS K 479 -52.11 -31.60 8.55
C HIS K 479 -52.68 -30.50 7.65
N PRO K 480 -53.44 -30.86 6.62
CA PRO K 480 -54.04 -29.84 5.75
C PRO K 480 -55.00 -28.92 6.47
N ASP K 481 -55.66 -29.40 7.53
CA ASP K 481 -56.65 -28.59 8.24
C ASP K 481 -56.02 -27.40 8.96
N LYS K 482 -54.75 -27.50 9.34
CA LYS K 482 -54.09 -26.43 10.06
C LYS K 482 -53.51 -25.41 9.08
N PHE K 483 -52.87 -24.38 9.64
CA PHE K 483 -52.10 -23.38 8.90
C PHE K 483 -53.00 -22.44 8.08
N LEU K 484 -54.30 -22.55 8.21
CA LEU K 484 -55.16 -21.52 7.66
C LEU K 484 -56.22 -21.05 8.63
N LYS K 485 -56.57 -21.88 9.62
CA LYS K 485 -57.46 -21.42 10.69
C LYS K 485 -56.79 -20.34 11.52
N PHE K 486 -55.49 -20.49 11.79
CA PHE K 486 -54.72 -19.49 12.52
C PHE K 486 -54.15 -18.43 11.60
N GLY K 487 -54.48 -18.47 10.32
CA GLY K 487 -53.97 -17.46 9.39
C GLY K 487 -52.60 -17.86 8.89
N MET K 488 -51.66 -16.90 8.99
CA MET K 488 -50.25 -17.09 8.67
C MET K 488 -50.03 -17.78 7.33
N THR K 489 -48.86 -18.39 7.13
CA THR K 489 -48.53 -19.06 5.87
C THR K 489 -47.27 -19.88 6.06
N PRO K 490 -47.20 -21.09 5.50
CA PRO K 490 -45.99 -21.90 5.64
C PRO K 490 -44.84 -21.32 4.83
N SER K 491 -43.63 -21.77 5.17
CA SER K 491 -42.42 -21.32 4.51
C SER K 491 -42.19 -22.13 3.23
N LYS K 492 -41.18 -21.74 2.46
CA LYS K 492 -40.80 -22.50 1.27
C LYS K 492 -39.34 -22.92 1.33
N GLY K 493 -38.51 -22.09 1.95
CA GLY K 493 -37.07 -22.26 1.86
C GLY K 493 -36.38 -22.44 3.19
N VAL K 494 -35.39 -23.33 3.23
CA VAL K 494 -34.56 -23.56 4.39
C VAL K 494 -33.11 -23.59 3.92
N LEU K 495 -32.25 -22.84 4.59
CA LEU K 495 -30.83 -22.78 4.26
C LEU K 495 -30.04 -23.52 5.34
N PHE K 496 -29.26 -24.52 4.92
CA PHE K 496 -28.43 -25.28 5.83
C PHE K 496 -26.98 -24.81 5.76
N TYR K 497 -26.35 -24.71 6.92
CA TYR K 497 -25.04 -24.10 7.04
C TYR K 497 -24.31 -24.73 8.22
N GLY K 498 -22.98 -24.67 8.18
CA GLY K 498 -22.18 -25.26 9.23
C GLY K 498 -20.90 -25.87 8.70
N PRO K 499 -20.24 -26.67 9.53
CA PRO K 499 -18.99 -27.29 9.12
C PRO K 499 -19.21 -28.24 7.95
N PRO K 500 -18.27 -28.30 7.01
CA PRO K 500 -18.39 -29.26 5.90
C PRO K 500 -18.32 -30.68 6.41
N GLY K 501 -19.00 -31.59 5.70
CA GLY K 501 -19.02 -32.99 6.06
C GLY K 501 -19.96 -33.36 7.18
N CYS K 502 -20.93 -32.50 7.50
CA CYS K 502 -21.87 -32.79 8.58
C CYS K 502 -23.06 -33.62 8.11
N GLY K 503 -23.11 -33.98 6.84
CA GLY K 503 -24.20 -34.81 6.32
C GLY K 503 -25.48 -34.04 6.06
N LYS K 504 -25.36 -32.82 5.53
CA LYS K 504 -26.54 -32.01 5.26
C LYS K 504 -27.44 -32.63 4.20
N THR K 505 -26.87 -33.22 3.16
CA THR K 505 -27.69 -33.86 2.13
C THR K 505 -28.53 -34.98 2.72
N LEU K 506 -27.91 -35.84 3.54
CA LEU K 506 -28.64 -36.91 4.19
C LEU K 506 -29.66 -36.39 5.19
N LEU K 507 -29.34 -35.33 5.92
CA LEU K 507 -30.31 -34.75 6.84
C LEU K 507 -31.53 -34.21 6.08
N ALA K 508 -31.30 -33.61 4.91
CA ALA K 508 -32.41 -33.15 4.09
C ALA K 508 -33.22 -34.30 3.51
N LYS K 509 -32.58 -35.40 3.15
CA LYS K 509 -33.31 -36.57 2.65
C LYS K 509 -34.15 -37.21 3.75
N ALA K 510 -33.64 -37.22 4.98
CA ALA K 510 -34.33 -37.90 6.07
C ALA K 510 -35.71 -37.34 6.34
N ILE K 511 -35.93 -36.04 6.10
CA ILE K 511 -37.24 -35.45 6.34
C ILE K 511 -38.17 -35.58 5.13
N ALA K 512 -37.61 -35.68 3.93
CA ALA K 512 -38.42 -35.74 2.72
C ALA K 512 -39.14 -37.06 2.52
N ASN K 513 -38.57 -38.17 3.01
CA ASN K 513 -39.21 -39.46 2.79
C ASN K 513 -40.38 -39.72 3.74
N GLU K 514 -40.38 -39.10 4.92
CA GLU K 514 -41.45 -39.31 5.89
C GLU K 514 -42.69 -38.47 5.61
N CYS K 515 -42.61 -37.50 4.69
CA CYS K 515 -43.77 -36.71 4.31
C CYS K 515 -44.40 -37.19 3.02
N GLN K 516 -44.03 -38.38 2.55
CA GLN K 516 -44.55 -38.98 1.32
C GLN K 516 -44.34 -38.04 0.13
N ALA K 517 -43.07 -37.69 -0.07
CA ALA K 517 -42.68 -36.82 -1.16
C ALA K 517 -41.43 -37.38 -1.83
N ASN K 518 -41.28 -37.05 -3.11
CA ASN K 518 -40.09 -37.47 -3.85
C ASN K 518 -38.94 -36.52 -3.51
N PHE K 519 -37.77 -36.78 -4.10
CA PHE K 519 -36.58 -36.00 -3.80
C PHE K 519 -35.72 -35.90 -5.05
N ILE K 520 -35.26 -34.69 -5.35
CA ILE K 520 -34.30 -34.46 -6.42
C ILE K 520 -33.08 -33.80 -5.81
N SER K 521 -31.90 -34.35 -6.09
CA SER K 521 -30.66 -33.86 -5.52
C SER K 521 -29.94 -33.01 -6.54
N ILE K 522 -29.67 -31.75 -6.18
CA ILE K 522 -28.95 -30.82 -7.04
C ILE K 522 -27.67 -30.44 -6.31
N LYS K 523 -26.57 -31.10 -6.67
CA LYS K 523 -25.29 -30.76 -6.07
C LYS K 523 -24.69 -29.56 -6.79
N GLY K 524 -23.69 -28.95 -6.16
CA GLY K 524 -23.12 -27.71 -6.63
C GLY K 524 -22.54 -27.72 -8.03
N PRO K 525 -21.49 -28.50 -8.26
CA PRO K 525 -20.76 -28.38 -9.54
C PRO K 525 -21.59 -28.74 -10.77
N GLU K 526 -22.66 -29.53 -10.63
CA GLU K 526 -23.43 -29.89 -11.82
C GLU K 526 -24.25 -28.71 -12.32
N LEU K 527 -24.71 -27.83 -11.42
CA LEU K 527 -25.35 -26.61 -11.86
C LEU K 527 -24.36 -25.58 -12.36
N LEU K 528 -23.06 -25.81 -12.17
CA LEU K 528 -22.03 -24.93 -12.71
C LEU K 528 -21.53 -25.40 -14.06
N THR K 529 -21.45 -26.71 -14.28
CA THR K 529 -21.04 -27.23 -15.58
C THR K 529 -22.11 -27.04 -16.64
N MET K 530 -23.36 -26.88 -16.23
CA MET K 530 -24.46 -26.60 -17.15
C MET K 530 -24.65 -25.11 -17.40
N TRP K 531 -23.77 -24.28 -16.84
CA TRP K 531 -23.85 -22.84 -17.02
C TRP K 531 -23.22 -22.36 -18.32
N PHE K 532 -22.10 -22.95 -18.72
CA PHE K 532 -21.33 -22.53 -19.91
C PHE K 532 -20.96 -21.05 -19.70
N GLY K 533 -20.95 -20.26 -20.76
CA GLY K 533 -20.66 -18.84 -20.66
C GLY K 533 -21.64 -17.99 -21.42
N GLU K 534 -22.36 -17.12 -20.69
CA GLU K 534 -23.29 -16.15 -21.27
C GLU K 534 -24.48 -16.81 -21.96
N SER K 535 -24.67 -18.12 -21.74
CA SER K 535 -25.81 -18.81 -22.34
C SER K 535 -26.07 -20.08 -21.55
N GLU K 536 -27.17 -20.10 -20.80
CA GLU K 536 -27.62 -21.33 -20.15
C GLU K 536 -29.01 -21.76 -20.64
N ALA K 537 -29.99 -20.86 -20.52
CA ALA K 537 -31.35 -21.08 -21.02
C ALA K 537 -31.95 -22.40 -20.55
N ASN K 538 -31.51 -22.88 -19.40
CA ASN K 538 -31.99 -24.16 -18.88
C ASN K 538 -32.25 -24.09 -17.37
N VAL K 539 -32.96 -23.07 -16.92
CA VAL K 539 -33.33 -22.94 -15.51
C VAL K 539 -34.82 -23.16 -15.31
N ARG K 540 -35.64 -22.59 -16.20
CA ARG K 540 -37.08 -22.62 -15.99
C ARG K 540 -37.64 -24.04 -15.96
N GLU K 541 -37.00 -24.98 -16.66
CA GLU K 541 -37.52 -26.34 -16.75
C GLU K 541 -37.07 -27.24 -15.61
N ILE K 542 -36.10 -26.82 -14.78
CA ILE K 542 -35.65 -27.66 -13.69
C ILE K 542 -36.52 -27.52 -12.45
N PHE K 543 -37.44 -26.56 -12.44
CA PHE K 543 -38.35 -26.38 -11.32
C PHE K 543 -39.71 -27.03 -11.54
N ASP K 544 -40.13 -27.21 -12.80
CA ASP K 544 -41.43 -27.78 -13.08
C ASP K 544 -41.49 -29.27 -12.74
N LYS K 545 -40.35 -29.96 -12.83
CA LYS K 545 -40.33 -31.38 -12.49
C LYS K 545 -40.67 -31.60 -11.02
N ALA K 546 -40.25 -30.68 -10.15
CA ALA K 546 -40.64 -30.73 -8.75
C ALA K 546 -42.08 -30.31 -8.52
N ARG K 547 -42.71 -29.66 -9.50
CA ARG K 547 -44.09 -29.25 -9.39
C ARG K 547 -45.08 -30.32 -9.86
N GLN K 548 -44.78 -30.99 -10.98
CA GLN K 548 -45.65 -32.07 -11.43
C GLN K 548 -45.57 -33.26 -10.48
N ALA K 549 -44.41 -33.48 -9.85
CA ALA K 549 -44.24 -34.58 -8.91
C ALA K 549 -44.56 -34.18 -7.48
N ALA K 550 -45.74 -33.62 -7.29
CA ALA K 550 -46.16 -33.21 -5.95
C ALA K 550 -46.66 -34.42 -5.16
N PRO K 551 -46.33 -34.52 -3.86
CA PRO K 551 -45.42 -33.62 -3.15
C PRO K 551 -43.97 -33.87 -3.49
N CYS K 552 -43.13 -32.84 -3.40
CA CYS K 552 -41.71 -32.98 -3.67
C CYS K 552 -40.93 -32.02 -2.80
N VAL K 553 -39.73 -32.45 -2.41
CA VAL K 553 -38.83 -31.64 -1.61
C VAL K 553 -37.56 -31.41 -2.43
N LEU K 554 -37.30 -30.17 -2.78
CA LEU K 554 -36.14 -29.83 -3.59
C LEU K 554 -34.97 -29.48 -2.68
N PHE K 555 -33.76 -29.86 -3.12
CA PHE K 555 -32.56 -29.64 -2.34
C PHE K 555 -31.46 -29.07 -3.21
N PHE K 556 -30.80 -28.02 -2.72
CA PHE K 556 -29.64 -27.42 -3.36
C PHE K 556 -28.43 -27.74 -2.50
N ASP K 557 -27.64 -28.71 -2.94
CA ASP K 557 -26.47 -29.13 -2.19
C ASP K 557 -25.30 -28.24 -2.57
N GLU K 558 -24.73 -27.59 -1.56
CA GLU K 558 -23.54 -26.78 -1.77
C GLU K 558 -23.86 -25.70 -2.80
N LEU K 559 -24.83 -24.87 -2.46
CA LEU K 559 -25.12 -23.64 -3.19
C LEU K 559 -23.93 -22.70 -3.26
N ASP K 560 -22.91 -22.89 -2.42
CA ASP K 560 -21.77 -21.98 -2.33
C ASP K 560 -20.89 -22.02 -3.58
N SER K 561 -21.07 -23.04 -4.43
CA SER K 561 -20.38 -23.17 -5.71
C SER K 561 -20.61 -21.98 -6.64
N ILE K 562 -21.81 -21.40 -6.68
CA ILE K 562 -22.03 -20.24 -7.54
C ILE K 562 -21.20 -19.06 -7.06
N ALA K 563 -21.14 -18.83 -5.76
CA ALA K 563 -20.29 -17.78 -5.23
C ALA K 563 -18.81 -18.07 -5.49
N LYS K 564 -18.42 -19.34 -5.51
CA LYS K 564 -17.05 -19.69 -5.86
C LYS K 564 -16.63 -19.08 -7.18
N ALA K 565 -17.46 -19.22 -8.22
CA ALA K 565 -17.10 -18.75 -9.54
C ALA K 565 -17.07 -17.23 -9.65
N ARG K 566 -18.04 -16.55 -9.02
CA ARG K 566 -18.07 -15.09 -9.10
C ARG K 566 -16.94 -14.46 -8.29
N GLY K 567 -16.78 -14.85 -7.03
CA GLY K 567 -15.68 -14.35 -6.23
C GLY K 567 -15.58 -15.11 -4.92
N GLY K 568 -14.38 -15.61 -4.62
CA GLY K 568 -14.16 -16.37 -3.42
C GLY K 568 -12.98 -15.84 -2.62
N ASN K 569 -12.86 -16.34 -1.39
CA ASN K 569 -11.80 -15.95 -0.48
C ASN K 569 -11.79 -14.44 -0.29
N ILE K 570 -11.02 -13.73 -1.11
CA ILE K 570 -10.98 -12.28 -1.03
C ILE K 570 -12.26 -11.68 -1.61
N GLY K 571 -12.65 -12.11 -2.81
CA GLY K 571 -13.83 -11.60 -3.47
C GLY K 571 -13.52 -10.45 -4.40
N ASP K 572 -14.54 -10.05 -5.16
CA ASP K 572 -14.43 -8.95 -6.10
C ASP K 572 -14.66 -7.63 -5.37
N GLY K 573 -14.72 -6.53 -6.13
CA GLY K 573 -14.95 -5.23 -5.54
C GLY K 573 -16.37 -5.00 -5.07
N GLY K 574 -17.33 -5.75 -5.62
CA GLY K 574 -18.72 -5.62 -5.25
C GLY K 574 -19.30 -6.89 -4.69
N GLY K 575 -20.64 -7.00 -4.77
CA GLY K 575 -21.30 -8.19 -4.27
C GLY K 575 -21.09 -9.39 -5.17
N ALA K 576 -21.32 -10.58 -4.59
CA ALA K 576 -21.14 -11.83 -5.32
C ALA K 576 -22.47 -12.30 -5.91
N ALA K 577 -23.06 -11.41 -6.71
CA ALA K 577 -24.33 -11.66 -7.36
C ALA K 577 -24.10 -12.21 -8.77
N ASP K 578 -25.13 -12.84 -9.32
CA ASP K 578 -25.00 -13.45 -10.64
C ASP K 578 -26.35 -13.50 -11.34
N ARG K 579 -26.27 -13.54 -12.67
CA ARG K 579 -27.46 -13.66 -13.51
C ARG K 579 -28.09 -15.04 -13.40
N VAL K 580 -27.41 -16.00 -12.76
CA VAL K 580 -28.02 -17.29 -12.47
C VAL K 580 -28.63 -17.31 -11.08
N ILE K 581 -28.24 -16.38 -10.21
CA ILE K 581 -28.83 -16.30 -8.88
C ILE K 581 -30.09 -15.44 -8.90
N ASN K 582 -30.04 -14.30 -9.60
CA ASN K 582 -31.21 -13.45 -9.64
C ASN K 582 -32.39 -14.14 -10.33
N GLN K 583 -32.12 -14.88 -11.40
CA GLN K 583 -33.18 -15.55 -12.14
C GLN K 583 -33.85 -16.66 -11.35
N ILE K 584 -33.14 -17.33 -10.45
CA ILE K 584 -33.76 -18.36 -9.62
C ILE K 584 -34.47 -17.74 -8.41
N LEU K 585 -33.90 -16.68 -7.84
CA LEU K 585 -34.58 -16.05 -6.71
C LEU K 585 -35.84 -15.32 -7.15
N THR K 586 -35.88 -14.86 -8.42
CA THR K 586 -37.12 -14.31 -8.95
C THR K 586 -38.11 -15.41 -9.30
N GLU K 587 -37.62 -16.55 -9.80
CA GLU K 587 -38.51 -17.65 -10.16
C GLU K 587 -39.20 -18.24 -8.94
N MET K 588 -38.50 -18.32 -7.81
CA MET K 588 -39.10 -18.96 -6.64
C MET K 588 -40.14 -18.07 -5.96
N ASP K 589 -40.29 -16.82 -6.40
CA ASP K 589 -41.29 -15.91 -5.84
C ASP K 589 -42.61 -15.93 -6.61
N GLY K 590 -42.64 -16.50 -7.81
CA GLY K 590 -43.88 -16.52 -8.58
C GLY K 590 -44.87 -17.55 -8.11
N MET K 591 -44.39 -18.56 -7.40
CA MET K 591 -45.22 -19.65 -6.94
C MET K 591 -46.14 -19.20 -5.82
N SER K 592 -47.34 -19.79 -5.78
CA SER K 592 -48.31 -19.51 -4.75
C SER K 592 -47.91 -20.21 -3.46
N THR K 593 -48.36 -19.67 -2.34
CA THR K 593 -48.00 -20.24 -1.05
C THR K 593 -48.64 -21.59 -0.79
N LYS K 594 -49.68 -21.95 -1.52
CA LYS K 594 -50.43 -23.16 -1.25
C LYS K 594 -49.85 -24.39 -1.94
N LYS K 595 -48.89 -24.21 -2.85
CA LYS K 595 -48.17 -25.34 -3.40
C LYS K 595 -47.35 -26.03 -2.32
N ASN K 596 -47.14 -27.33 -2.50
CA ASN K 596 -46.42 -28.14 -1.52
C ASN K 596 -44.94 -28.30 -1.87
N VAL K 597 -44.47 -27.57 -2.87
CA VAL K 597 -43.05 -27.63 -3.23
C VAL K 597 -42.22 -26.97 -2.13
N PHE K 598 -41.14 -27.64 -1.74
CA PHE K 598 -40.26 -27.15 -0.68
C PHE K 598 -38.83 -27.15 -1.20
N ILE K 599 -38.20 -25.99 -1.19
CA ILE K 599 -36.81 -25.83 -1.64
C ILE K 599 -35.92 -25.70 -0.41
N ILE K 600 -34.80 -26.42 -0.42
CA ILE K 600 -33.86 -26.44 0.69
C ILE K 600 -32.47 -26.13 0.16
N GLY K 601 -31.81 -25.15 0.75
CA GLY K 601 -30.47 -24.78 0.37
C GLY K 601 -29.45 -25.26 1.38
N ALA K 602 -28.22 -25.47 0.91
CA ALA K 602 -27.13 -25.91 1.76
C ALA K 602 -25.86 -25.18 1.37
N THR K 603 -25.09 -24.77 2.36
CA THR K 603 -23.84 -24.07 2.15
C THR K 603 -22.88 -24.41 3.28
N ASN K 604 -21.65 -23.94 3.15
CA ASN K 604 -20.62 -24.20 4.14
C ASN K 604 -19.93 -22.93 4.62
N ARG K 605 -20.11 -21.81 3.91
CA ARG K 605 -19.47 -20.54 4.27
C ARG K 605 -20.51 -19.43 4.21
N PRO K 606 -21.42 -19.39 5.18
CA PRO K 606 -22.58 -18.46 5.10
C PRO K 606 -22.24 -17.04 5.51
N ASP K 607 -21.27 -16.45 4.82
CA ASP K 607 -20.92 -15.05 5.05
C ASP K 607 -20.72 -14.32 3.73
N ILE K 608 -20.65 -15.07 2.63
CA ILE K 608 -20.41 -14.49 1.31
C ILE K 608 -21.63 -14.59 0.39
N ILE K 609 -22.68 -15.29 0.80
CA ILE K 609 -23.88 -15.38 -0.01
C ILE K 609 -24.66 -14.08 0.11
N ASP K 610 -25.27 -13.66 -1.01
CA ASP K 610 -26.03 -12.41 -1.02
C ASP K 610 -27.23 -12.51 -0.07
N PRO K 611 -27.58 -11.44 0.63
CA PRO K 611 -28.81 -11.47 1.44
C PRO K 611 -30.06 -11.38 0.58
N ALA K 612 -29.85 -11.23 -0.74
CA ALA K 612 -30.99 -11.14 -1.66
C ALA K 612 -31.86 -12.38 -1.60
N ILE K 613 -31.25 -13.57 -1.56
CA ILE K 613 -32.04 -14.78 -1.37
C ILE K 613 -32.39 -14.99 0.10
N LEU K 614 -31.67 -14.36 1.02
CA LEU K 614 -31.98 -14.40 2.44
C LEU K 614 -33.05 -13.39 2.82
N ARG K 615 -33.76 -12.83 1.85
CA ARG K 615 -34.80 -11.86 2.15
C ARG K 615 -35.94 -12.53 2.91
N PRO K 616 -36.66 -11.78 3.75
CA PRO K 616 -37.77 -12.38 4.52
C PRO K 616 -38.95 -12.72 3.65
N GLY K 617 -38.94 -13.93 3.09
CA GLY K 617 -39.96 -14.37 2.17
C GLY K 617 -39.45 -15.34 1.13
N ARG K 618 -38.13 -15.50 1.06
CA ARG K 618 -37.53 -16.58 0.27
C ARG K 618 -36.79 -17.57 1.17
N LEU K 619 -35.83 -17.12 1.97
CA LEU K 619 -35.13 -17.97 2.93
C LEU K 619 -35.30 -17.33 4.31
N ASP K 620 -36.40 -17.69 4.98
CA ASP K 620 -36.72 -17.06 6.26
C ASP K 620 -36.04 -17.80 7.41
N GLN K 621 -36.30 -19.10 7.54
CA GLN K 621 -35.73 -19.86 8.64
C GLN K 621 -34.30 -20.26 8.34
N LEU K 622 -33.42 -20.05 9.31
CA LEU K 622 -32.02 -20.43 9.22
C LEU K 622 -31.76 -21.51 10.26
N ILE K 623 -31.23 -22.65 9.81
CA ILE K 623 -31.03 -23.82 10.65
C ILE K 623 -29.57 -24.20 10.62
N TYR K 624 -28.99 -24.41 11.81
CA TYR K 624 -27.57 -24.72 11.94
C TYR K 624 -27.39 -26.21 12.20
N ILE K 625 -26.40 -26.79 11.53
CA ILE K 625 -26.09 -28.21 11.72
C ILE K 625 -24.82 -28.30 12.55
N PRO K 626 -24.92 -28.67 13.82
CA PRO K 626 -23.72 -28.77 14.66
C PRO K 626 -22.95 -30.06 14.43
N LEU K 627 -21.88 -30.26 15.18
CA LEU K 627 -21.12 -31.49 15.08
C LEU K 627 -21.95 -32.66 15.62
N PRO K 628 -21.79 -33.85 15.05
CA PRO K 628 -22.55 -35.01 15.52
C PRO K 628 -22.23 -35.33 16.97
N ASP K 629 -23.26 -35.71 17.72
CA ASP K 629 -23.12 -36.04 19.13
C ASP K 629 -22.91 -37.54 19.28
N GLU K 630 -22.98 -38.04 20.52
CA GLU K 630 -22.75 -39.45 20.79
C GLU K 630 -23.77 -40.34 20.10
N LYS K 631 -25.06 -39.97 20.16
CA LYS K 631 -26.10 -40.83 19.60
C LYS K 631 -25.98 -40.95 18.10
N SER K 632 -25.52 -39.91 17.42
CA SER K 632 -25.31 -39.97 15.99
C SER K 632 -23.98 -40.64 15.63
N ARG K 633 -22.95 -40.44 16.46
CA ARG K 633 -21.67 -41.08 16.20
C ARG K 633 -21.78 -42.60 16.27
N VAL K 634 -22.52 -43.13 17.24
CA VAL K 634 -22.71 -44.58 17.29
C VAL K 634 -23.53 -45.06 16.11
N ALA K 635 -24.51 -44.26 15.66
CA ALA K 635 -25.38 -44.67 14.56
C ALA K 635 -24.64 -44.72 13.22
N ILE K 636 -23.77 -43.74 12.94
CA ILE K 636 -23.04 -43.74 11.67
C ILE K 636 -22.19 -45.00 11.53
N LEU K 637 -21.57 -45.43 12.63
CA LEU K 637 -20.78 -46.66 12.58
C LEU K 637 -21.62 -47.89 12.37
N LYS K 638 -22.81 -47.98 12.98
CA LYS K 638 -23.71 -49.10 12.74
C LYS K 638 -24.33 -49.05 11.36
N ALA K 639 -24.19 -47.94 10.64
CA ALA K 639 -24.77 -47.79 9.32
C ALA K 639 -23.80 -47.98 8.17
N ASN K 640 -22.54 -47.54 8.34
CA ASN K 640 -21.61 -47.60 7.21
C ASN K 640 -20.96 -48.97 7.05
N LEU K 641 -21.24 -49.91 7.95
CA LEU K 641 -20.73 -51.27 7.84
C LEU K 641 -21.85 -52.30 7.87
N ARG K 642 -23.05 -51.90 7.48
CA ARG K 642 -24.22 -52.78 7.56
C ARG K 642 -24.08 -54.03 6.71
N LYS K 643 -23.22 -54.03 5.70
CA LYS K 643 -23.05 -55.17 4.81
C LYS K 643 -21.71 -55.87 5.00
N SER K 644 -21.12 -55.75 6.18
CA SER K 644 -19.85 -56.38 6.47
C SER K 644 -19.98 -57.36 7.63
N PRO K 645 -19.30 -58.51 7.56
CA PRO K 645 -19.38 -59.48 8.67
C PRO K 645 -18.47 -59.09 9.84
N VAL K 646 -18.88 -58.05 10.55
CA VAL K 646 -18.10 -57.57 11.69
C VAL K 646 -18.37 -58.47 12.89
N ALA K 647 -17.30 -58.93 13.54
CA ALA K 647 -17.42 -59.79 14.69
C ALA K 647 -17.97 -59.03 15.89
N LYS K 648 -18.47 -59.77 16.86
CA LYS K 648 -19.05 -59.20 18.08
C LYS K 648 -18.00 -58.82 19.11
N ASP K 649 -16.72 -59.11 18.87
CA ASP K 649 -15.69 -58.78 19.84
C ASP K 649 -15.53 -57.28 19.99
N VAL K 650 -15.84 -56.50 18.95
CA VAL K 650 -15.70 -55.06 18.99
C VAL K 650 -16.90 -54.45 19.71
N ASP K 651 -16.78 -53.20 20.11
CA ASP K 651 -17.86 -52.48 20.79
C ASP K 651 -18.17 -51.21 20.01
N LEU K 652 -19.44 -51.03 19.67
CA LEU K 652 -19.84 -49.87 18.87
C LEU K 652 -19.82 -48.58 19.69
N GLU K 653 -20.33 -48.62 20.92
CA GLU K 653 -20.34 -47.43 21.76
C GLU K 653 -18.93 -46.98 22.16
N PHE K 654 -18.00 -47.92 22.29
CA PHE K 654 -16.65 -47.60 22.72
C PHE K 654 -15.96 -46.66 21.74
N LEU K 655 -16.08 -46.93 20.44
CA LEU K 655 -15.50 -46.04 19.44
C LEU K 655 -16.04 -44.62 19.54
N ALA K 656 -17.35 -44.47 19.65
CA ALA K 656 -17.92 -43.14 19.85
C ALA K 656 -17.48 -42.53 21.17
N LYS K 657 -17.12 -43.35 22.16
CA LYS K 657 -16.63 -42.81 23.41
C LYS K 657 -15.30 -42.10 23.25
N MET K 658 -14.34 -42.68 22.50
CA MET K 658 -13.14 -41.89 22.23
C MET K 658 -13.41 -40.76 21.25
N THR K 659 -14.16 -41.02 20.19
CA THR K 659 -14.34 -40.03 19.13
C THR K 659 -15.27 -38.92 19.61
N ASN K 660 -14.72 -37.73 19.79
CA ASN K 660 -15.50 -36.59 20.25
C ASN K 660 -15.46 -35.44 19.25
N GLY K 661 -14.26 -35.07 18.79
CA GLY K 661 -14.11 -33.93 17.92
C GLY K 661 -13.88 -34.29 16.46
N PHE K 662 -14.61 -35.28 15.96
CA PHE K 662 -14.49 -35.72 14.59
C PHE K 662 -15.83 -35.54 13.87
N SER K 663 -15.75 -35.27 12.57
CA SER K 663 -16.94 -35.06 11.76
C SER K 663 -17.29 -36.34 11.00
N GLY K 664 -18.40 -36.30 10.25
CA GLY K 664 -18.87 -37.49 9.57
C GLY K 664 -17.87 -38.06 8.59
N ALA K 665 -17.13 -37.19 7.89
CA ALA K 665 -16.09 -37.68 6.99
C ALA K 665 -15.02 -38.46 7.73
N ASP K 666 -14.58 -37.95 8.88
CA ASP K 666 -13.60 -38.68 9.68
C ASP K 666 -14.16 -40.00 10.19
N LEU K 667 -15.40 -40.00 10.70
CA LEU K 667 -15.99 -41.23 11.19
C LEU K 667 -16.11 -42.28 10.09
N THR K 668 -16.42 -41.85 8.87
CA THR K 668 -16.49 -42.79 7.76
C THR K 668 -15.12 -43.29 7.34
N GLU K 669 -14.14 -42.39 7.25
CA GLU K 669 -12.83 -42.79 6.76
C GLU K 669 -12.10 -43.69 7.75
N ILE K 670 -12.42 -43.57 9.04
CA ILE K 670 -11.88 -44.53 10.02
C ILE K 670 -12.33 -45.94 9.67
N CYS K 671 -13.63 -46.13 9.46
CA CYS K 671 -14.13 -47.45 9.09
C CYS K 671 -13.59 -47.90 7.74
N GLN K 672 -13.44 -46.95 6.80
CA GLN K 672 -12.84 -47.29 5.51
C GLN K 672 -11.43 -47.84 5.68
N ARG K 673 -10.61 -47.18 6.50
CA ARG K 673 -9.26 -47.65 6.74
C ARG K 673 -9.24 -49.00 7.43
N ALA K 674 -10.11 -49.19 8.43
CA ALA K 674 -10.16 -50.47 9.12
C ALA K 674 -10.52 -51.61 8.17
N CYS K 675 -11.55 -51.40 7.34
CA CYS K 675 -11.93 -52.41 6.36
C CYS K 675 -10.82 -52.64 5.34
N LYS K 676 -10.14 -51.57 4.92
CA LYS K 676 -9.08 -51.70 3.94
C LYS K 676 -7.91 -52.52 4.48
N LEU K 677 -7.55 -52.33 5.74
CA LEU K 677 -6.46 -53.14 6.29
C LEU K 677 -6.91 -54.58 6.55
N ALA K 678 -8.16 -54.77 6.98
CA ALA K 678 -8.64 -56.14 7.19
C ALA K 678 -8.70 -56.93 5.89
N ILE K 679 -9.17 -56.31 4.81
CA ILE K 679 -9.25 -56.98 3.52
C ILE K 679 -7.89 -57.34 2.96
N ARG K 680 -6.82 -56.64 3.39
CA ARG K 680 -5.50 -57.02 2.91
C ARG K 680 -4.97 -58.25 3.62
N GLU K 681 -5.09 -58.30 4.96
CA GLU K 681 -4.65 -59.48 5.68
C GLU K 681 -5.50 -60.70 5.34
N SER K 682 -6.78 -60.49 4.96
CA SER K 682 -7.59 -61.62 4.54
C SER K 682 -7.00 -62.29 3.31
N ILE K 683 -6.55 -61.52 2.33
CA ILE K 683 -5.91 -62.11 1.15
C ILE K 683 -4.51 -62.61 1.50
N GLU K 684 -3.78 -61.91 2.36
CA GLU K 684 -2.42 -62.31 2.69
C GLU K 684 -2.38 -63.65 3.41
N SER K 685 -3.41 -63.97 4.18
CA SER K 685 -3.47 -65.25 4.88
C SER K 685 -3.65 -66.43 3.92
N GLU K 686 -3.98 -66.18 2.64
CA GLU K 686 -4.21 -67.26 1.70
C GLU K 686 -2.91 -67.93 1.26
N ILE K 687 -1.77 -67.26 1.40
CA ILE K 687 -0.51 -67.82 0.97
C ILE K 687 -0.04 -68.90 1.94
N VAL K 708 -12.66 -67.03 9.72
CA VAL K 708 -11.41 -66.31 9.55
C VAL K 708 -11.61 -64.92 8.92
N PRO K 709 -12.37 -64.81 7.80
CA PRO K 709 -12.60 -63.48 7.22
C PRO K 709 -13.56 -62.64 8.05
N GLU K 710 -13.05 -62.04 9.12
CA GLU K 710 -13.87 -61.19 9.98
C GLU K 710 -13.01 -60.05 10.51
N ILE K 711 -13.67 -58.96 10.87
CA ILE K 711 -12.99 -57.78 11.40
C ILE K 711 -12.84 -57.93 12.91
N ARG K 712 -11.62 -57.80 13.41
CA ARG K 712 -11.34 -57.94 14.83
C ARG K 712 -11.17 -56.57 15.46
N ARG K 713 -10.91 -56.54 16.77
CA ARG K 713 -10.74 -55.28 17.49
C ARG K 713 -9.49 -54.54 17.05
N ASP K 714 -8.38 -55.24 16.84
CA ASP K 714 -7.15 -54.59 16.42
C ASP K 714 -7.31 -53.88 15.08
N HIS K 715 -8.19 -54.39 14.21
CA HIS K 715 -8.42 -53.75 12.93
C HIS K 715 -8.93 -52.32 13.10
N PHE K 716 -9.88 -52.11 14.02
CA PHE K 716 -10.30 -50.76 14.36
C PHE K 716 -9.22 -50.02 15.14
N GLU K 717 -8.41 -50.75 15.92
CA GLU K 717 -7.38 -50.10 16.71
C GLU K 717 -6.34 -49.41 15.84
N GLU K 718 -5.90 -50.05 14.74
CA GLU K 718 -4.94 -49.37 13.87
C GLU K 718 -5.56 -48.13 13.25
N ALA K 719 -6.80 -48.21 12.80
CA ALA K 719 -7.49 -47.06 12.24
C ALA K 719 -7.67 -45.94 13.25
N MET K 720 -7.72 -46.28 14.54
CA MET K 720 -7.87 -45.25 15.57
C MET K 720 -6.68 -44.29 15.57
N ARG K 721 -5.46 -44.83 15.47
CA ARG K 721 -4.27 -44.00 15.62
C ARG K 721 -4.03 -43.10 14.42
N PHE K 722 -4.40 -43.55 13.22
CA PHE K 722 -4.20 -42.76 12.01
C PHE K 722 -5.34 -41.78 11.76
N ALA K 723 -6.11 -41.44 12.80
CA ALA K 723 -7.22 -40.52 12.65
C ALA K 723 -6.71 -39.09 12.50
N ARG K 724 -7.40 -38.32 11.67
CA ARG K 724 -7.15 -36.90 11.49
C ARG K 724 -8.43 -36.11 11.75
N ARG K 725 -8.30 -34.79 11.74
CA ARG K 725 -9.43 -33.89 11.96
C ARG K 725 -9.77 -33.20 10.66
N SER K 726 -11.00 -33.42 10.17
CA SER K 726 -11.42 -32.79 8.92
C SER K 726 -11.48 -31.28 9.06
N VAL K 727 -11.99 -30.80 10.19
CA VAL K 727 -12.13 -29.37 10.43
C VAL K 727 -11.17 -28.95 11.52
N SER K 728 -10.77 -27.68 11.49
CA SER K 728 -9.91 -27.11 12.52
C SER K 728 -10.74 -26.65 13.70
N ASP K 729 -10.15 -25.88 14.60
CA ASP K 729 -10.85 -25.32 15.74
C ASP K 729 -11.34 -23.90 15.52
N ASN K 730 -10.56 -23.04 14.88
CA ASN K 730 -10.95 -21.64 14.73
C ASN K 730 -12.22 -21.48 13.92
N ASP K 731 -12.40 -22.30 12.88
CA ASP K 731 -13.62 -22.24 12.09
C ASP K 731 -14.85 -22.69 12.85
N ILE K 732 -14.67 -23.50 13.90
CA ILE K 732 -15.83 -23.93 14.69
C ILE K 732 -16.49 -22.74 15.35
N ARG K 733 -15.78 -22.06 16.26
CA ARG K 733 -16.34 -20.87 16.89
C ARG K 733 -16.81 -19.84 15.88
N LYS K 734 -16.18 -19.79 14.70
CA LYS K 734 -16.74 -19.00 13.60
C LYS K 734 -18.14 -19.49 13.25
N TYR K 735 -18.36 -20.79 13.18
CA TYR K 735 -19.69 -21.30 12.84
C TYR K 735 -20.72 -21.06 13.94
N GLU K 736 -20.38 -21.30 15.22
CA GLU K 736 -21.42 -21.03 16.23
C GLU K 736 -21.40 -19.59 16.73
N MET K 737 -20.65 -18.69 16.08
CA MET K 737 -20.93 -17.28 16.37
C MET K 737 -21.93 -16.68 15.40
N PHE K 738 -22.15 -17.32 14.25
CA PHE K 738 -23.23 -16.92 13.36
C PHE K 738 -24.58 -17.49 13.76
N ALA K 739 -24.60 -18.50 14.64
CA ALA K 739 -25.84 -19.18 14.99
C ALA K 739 -26.75 -18.34 15.87
N GLN K 740 -26.20 -17.69 16.89
CA GLN K 740 -27.02 -16.93 17.83
C GLN K 740 -27.30 -15.52 17.32
N THR K 741 -26.35 -14.95 16.57
CA THR K 741 -26.50 -13.61 16.00
C THR K 741 -26.45 -13.74 14.48
N LEU K 742 -27.62 -13.91 13.88
CA LEU K 742 -27.73 -14.01 12.42
C LEU K 742 -28.71 -13.04 11.82
N GLN K 743 -29.74 -12.64 12.56
CA GLN K 743 -30.72 -11.69 12.03
C GLN K 743 -30.11 -10.31 11.81
N GLN K 744 -28.96 -10.03 12.43
CA GLN K 744 -28.29 -8.75 12.23
C GLN K 744 -27.69 -8.63 10.84
N SER K 745 -27.35 -9.74 10.20
CA SER K 745 -26.75 -9.72 8.87
C SER K 745 -27.78 -9.50 7.77
N ARG K 746 -29.07 -9.58 8.07
CA ARG K 746 -30.11 -9.38 7.08
C ARG K 746 -30.26 -7.90 6.78
N GLY K 747 -30.11 -7.52 5.51
CA GLY K 747 -30.21 -6.15 5.08
C GLY K 747 -28.89 -5.40 5.03
N PHE K 748 -27.85 -5.91 5.67
CA PHE K 748 -26.54 -5.28 5.67
C PHE K 748 -25.43 -6.31 5.78
N ASN L 1 -89.25 16.51 -30.15
CA ASN L 1 -88.50 15.42 -30.77
C ASN L 1 -88.87 14.10 -30.12
N ARG L 2 -90.05 14.06 -29.47
CA ARG L 2 -90.56 12.88 -28.78
C ARG L 2 -89.52 12.36 -27.79
N PRO L 3 -89.31 13.04 -26.66
CA PRO L 3 -88.26 12.62 -25.73
C PRO L 3 -88.57 11.30 -25.05
N ASN L 4 -88.55 10.22 -25.83
CA ASN L 4 -88.77 8.87 -25.31
C ASN L 4 -87.74 7.88 -25.83
N ARG L 5 -86.91 8.28 -26.80
CA ARG L 5 -85.90 7.40 -27.36
C ARG L 5 -84.77 7.20 -26.36
N LEU L 6 -84.34 5.95 -26.21
CA LEU L 6 -83.25 5.60 -25.30
C LEU L 6 -82.17 4.84 -26.06
N ILE L 7 -80.93 5.05 -25.66
CA ILE L 7 -79.79 4.37 -26.28
C ILE L 7 -79.60 3.01 -25.63
N VAL L 8 -79.38 2.00 -26.47
CA VAL L 8 -79.23 0.63 -26.01
C VAL L 8 -77.85 0.45 -25.39
N ASP L 9 -77.79 -0.20 -24.24
CA ASP L 9 -76.54 -0.52 -23.58
C ASP L 9 -76.69 -1.83 -22.82
N GLU L 10 -75.57 -2.53 -22.65
CA GLU L 10 -75.59 -3.81 -21.95
C GLU L 10 -75.89 -3.62 -20.47
N ALA L 11 -76.52 -4.62 -19.88
CA ALA L 11 -76.89 -4.60 -18.47
C ALA L 11 -75.80 -5.28 -17.63
N ILE L 12 -75.74 -4.88 -16.36
CA ILE L 12 -74.75 -5.42 -15.43
C ILE L 12 -75.32 -6.51 -14.53
N ASN L 13 -76.64 -6.65 -14.46
CA ASN L 13 -77.26 -7.65 -13.61
C ASN L 13 -77.14 -9.03 -14.25
N GLU L 14 -76.72 -10.01 -13.46
CA GLU L 14 -76.55 -11.38 -13.95
C GLU L 14 -77.81 -12.20 -13.62
N ASP L 15 -78.87 -11.91 -14.36
CA ASP L 15 -80.15 -12.56 -14.11
C ASP L 15 -80.98 -12.70 -15.38
N ASN L 16 -82.27 -12.96 -15.22
CA ASN L 16 -83.21 -13.09 -16.33
C ASN L 16 -83.60 -11.72 -16.84
N SER L 17 -84.68 -11.63 -17.62
CA SER L 17 -85.06 -10.41 -18.32
C SER L 17 -85.50 -9.37 -17.30
N VAL L 18 -84.55 -8.54 -16.89
CA VAL L 18 -84.80 -7.38 -16.03
C VAL L 18 -84.03 -6.20 -16.61
N VAL L 19 -84.72 -5.09 -16.85
CA VAL L 19 -84.13 -3.89 -17.42
C VAL L 19 -84.08 -2.81 -16.35
N SER L 20 -82.90 -2.22 -16.16
CA SER L 20 -82.69 -1.18 -15.17
C SER L 20 -82.76 0.20 -15.81
N LEU L 21 -83.26 1.18 -15.06
CA LEU L 21 -83.35 2.55 -15.54
C LEU L 21 -82.86 3.53 -14.47
N SER L 22 -83.10 4.82 -14.68
CA SER L 22 -82.66 5.84 -13.74
C SER L 22 -83.87 6.43 -13.04
N GLN L 23 -83.64 7.44 -12.19
CA GLN L 23 -84.67 8.05 -11.35
C GLN L 23 -85.53 9.07 -12.10
N PRO L 24 -84.97 10.01 -12.87
CA PRO L 24 -85.84 10.94 -13.60
C PRO L 24 -86.78 10.26 -14.58
N LYS L 25 -86.31 9.20 -15.27
CA LYS L 25 -87.16 8.43 -16.15
C LYS L 25 -88.26 7.70 -15.41
N MET L 26 -88.05 7.43 -14.12
CA MET L 26 -89.05 6.79 -13.27
C MET L 26 -90.31 7.65 -13.17
N ASP L 27 -90.14 8.94 -12.85
CA ASP L 27 -91.27 9.84 -12.72
C ASP L 27 -91.69 10.48 -14.04
N GLU L 28 -90.84 10.43 -15.07
CA GLU L 28 -91.23 11.02 -16.35
C GLU L 28 -92.35 10.22 -17.01
N LEU L 29 -92.34 8.90 -16.88
CA LEU L 29 -93.31 8.03 -17.52
C LEU L 29 -94.35 7.48 -16.54
N GLN L 30 -94.50 8.13 -15.37
CA GLN L 30 -95.47 7.80 -14.33
C GLN L 30 -95.67 6.30 -14.14
N LEU L 31 -94.59 5.55 -14.03
CA LEU L 31 -94.65 4.10 -13.81
C LEU L 31 -94.12 3.77 -12.43
N PHE L 32 -94.71 2.74 -11.82
CA PHE L 32 -94.40 2.37 -10.45
C PHE L 32 -93.24 1.37 -10.41
N ARG L 33 -92.90 0.90 -9.21
CA ARG L 33 -91.78 -0.01 -9.04
C ARG L 33 -92.03 -1.34 -9.73
N GLY L 34 -93.09 -2.04 -9.33
CA GLY L 34 -93.45 -3.28 -10.00
C GLY L 34 -94.66 -3.09 -10.90
N ASP L 35 -94.42 -3.02 -12.21
CA ASP L 35 -95.48 -2.82 -13.19
C ASP L 35 -95.09 -3.50 -14.49
N THR L 36 -96.09 -3.74 -15.33
CA THR L 36 -95.88 -4.35 -16.64
C THR L 36 -95.56 -3.25 -17.65
N VAL L 37 -94.36 -3.29 -18.20
CA VAL L 37 -93.91 -2.28 -19.15
C VAL L 37 -93.97 -2.88 -20.55
N LEU L 38 -94.10 -2.00 -21.55
CA LEU L 38 -94.23 -2.40 -22.93
C LEU L 38 -93.03 -1.89 -23.73
N LEU L 39 -92.43 -2.78 -24.52
CA LEU L 39 -91.29 -2.44 -25.36
C LEU L 39 -91.64 -2.66 -26.81
N LYS L 40 -91.28 -1.70 -27.66
CA LYS L 40 -91.53 -1.76 -29.09
C LYS L 40 -90.21 -1.67 -29.85
N GLY L 41 -90.08 -2.52 -30.87
CA GLY L 41 -88.88 -2.53 -31.68
C GLY L 41 -89.18 -2.57 -33.16
N LYS L 42 -88.21 -3.01 -33.96
CA LYS L 42 -88.38 -3.10 -35.40
C LYS L 42 -88.83 -4.51 -35.79
N LYS L 43 -89.05 -4.71 -37.09
CA LYS L 43 -89.57 -5.94 -37.68
C LYS L 43 -90.95 -6.30 -37.16
N ARG L 44 -91.65 -5.39 -36.49
CA ARG L 44 -93.01 -5.58 -36.01
C ARG L 44 -93.10 -6.80 -35.09
N ARG L 45 -92.41 -6.67 -33.96
CA ARG L 45 -92.42 -7.70 -32.93
C ARG L 45 -92.62 -7.05 -31.57
N GLU L 46 -93.21 -7.82 -30.65
CA GLU L 46 -93.55 -7.33 -29.31
C GLU L 46 -92.80 -8.13 -28.27
N ALA L 47 -92.21 -7.45 -27.29
CA ALA L 47 -91.49 -8.08 -26.21
C ALA L 47 -91.84 -7.38 -24.91
N VAL L 48 -91.86 -8.14 -23.82
CA VAL L 48 -92.21 -7.62 -22.50
C VAL L 48 -91.03 -7.85 -21.57
N CYS L 49 -90.94 -7.02 -20.53
CA CYS L 49 -89.89 -7.13 -19.52
C CYS L 49 -90.34 -6.38 -18.27
N ILE L 50 -89.42 -6.21 -17.32
CA ILE L 50 -89.70 -5.57 -16.05
C ILE L 50 -88.69 -4.45 -15.84
N VAL L 51 -89.18 -3.27 -15.46
CA VAL L 51 -88.34 -2.11 -15.21
C VAL L 51 -87.83 -2.18 -13.78
N LEU L 52 -86.52 -2.03 -13.61
CA LEU L 52 -85.88 -2.01 -12.30
C LEU L 52 -85.35 -0.62 -12.00
N SER L 53 -85.42 -0.22 -10.74
CA SER L 53 -85.02 1.12 -10.33
C SER L 53 -83.56 1.12 -9.85
N ASP L 54 -82.83 2.15 -10.25
CA ASP L 54 -81.43 2.28 -9.88
C ASP L 54 -81.10 3.76 -9.69
N ASP L 55 -80.23 4.04 -8.73
CA ASP L 55 -79.77 5.40 -8.45
C ASP L 55 -78.28 5.58 -8.68
N THR L 56 -77.47 4.66 -8.15
CA THR L 56 -76.03 4.69 -8.39
C THR L 56 -75.78 4.18 -9.81
N CYS L 57 -75.83 5.09 -10.77
CA CYS L 57 -75.77 4.71 -12.18
C CYS L 57 -75.16 5.84 -13.01
N SER L 58 -75.33 5.75 -14.34
CA SER L 58 -74.86 6.81 -15.23
C SER L 58 -75.93 7.87 -15.40
N ASP L 59 -75.68 8.86 -16.24
CA ASP L 59 -76.58 10.00 -16.37
C ASP L 59 -77.87 9.65 -17.09
N GLU L 60 -77.79 9.13 -18.32
CA GLU L 60 -79.00 8.85 -19.09
C GLU L 60 -78.76 7.73 -20.09
N LYS L 61 -79.17 6.52 -19.74
CA LYS L 61 -79.07 5.36 -20.63
C LYS L 61 -79.88 4.23 -20.04
N ILE L 62 -80.22 3.26 -20.89
CA ILE L 62 -80.98 2.10 -20.47
C ILE L 62 -80.05 0.91 -20.40
N ARG L 63 -80.44 -0.11 -19.64
CA ARG L 63 -79.62 -1.29 -19.39
C ARG L 63 -80.34 -2.47 -20.03
N MET L 64 -79.90 -2.86 -21.22
CA MET L 64 -80.62 -3.77 -22.09
C MET L 64 -79.94 -5.13 -22.07
N ASN L 65 -80.62 -6.13 -21.51
CA ASN L 65 -80.01 -7.43 -21.31
C ASN L 65 -80.05 -8.26 -22.59
N ARG L 66 -79.13 -9.23 -22.66
CA ARG L 66 -78.98 -10.06 -23.85
C ARG L 66 -80.11 -11.08 -24.02
N VAL L 67 -80.84 -11.40 -22.96
CA VAL L 67 -81.87 -12.43 -23.05
C VAL L 67 -83.01 -11.98 -23.98
N VAL L 68 -83.40 -10.71 -23.88
CA VAL L 68 -84.44 -10.18 -24.76
C VAL L 68 -83.86 -9.31 -25.87
N ARG L 69 -82.55 -9.08 -25.89
CA ARG L 69 -81.92 -8.45 -27.05
C ARG L 69 -82.13 -9.29 -28.29
N ASN L 70 -81.95 -10.61 -28.17
CA ASN L 70 -82.26 -11.52 -29.27
C ASN L 70 -83.75 -11.63 -29.53
N ASN L 71 -84.59 -11.38 -28.52
CA ASN L 71 -86.03 -11.42 -28.72
C ASN L 71 -86.51 -10.27 -29.58
N LEU L 72 -86.01 -9.06 -29.31
CA LEU L 72 -86.42 -7.88 -30.05
C LEU L 72 -85.49 -7.57 -31.22
N ARG L 73 -84.46 -8.39 -31.46
CA ARG L 73 -83.52 -8.19 -32.56
C ARG L 73 -82.88 -6.80 -32.50
N VAL L 74 -82.53 -6.36 -31.30
CA VAL L 74 -81.89 -5.06 -31.09
C VAL L 74 -80.49 -5.31 -30.54
N ARG L 75 -79.50 -4.69 -31.17
CA ARG L 75 -78.11 -4.83 -30.78
C ARG L 75 -77.62 -3.56 -30.09
N LEU L 76 -76.35 -3.54 -29.72
CA LEU L 76 -75.76 -2.39 -29.06
C LEU L 76 -75.59 -1.25 -30.04
N GLY L 77 -75.98 -0.05 -29.61
CA GLY L 77 -75.88 1.14 -30.44
C GLY L 77 -77.13 1.51 -31.19
N ASP L 78 -78.21 0.75 -31.06
CA ASP L 78 -79.47 1.04 -31.71
C ASP L 78 -80.33 1.91 -30.81
N VAL L 79 -81.60 2.07 -31.16
CA VAL L 79 -82.54 2.86 -30.38
C VAL L 79 -83.65 1.95 -29.88
N ILE L 80 -84.16 2.26 -28.69
CA ILE L 80 -85.24 1.48 -28.07
C ILE L 80 -86.32 2.45 -27.61
N SER L 81 -87.58 2.10 -27.87
CA SER L 81 -88.73 2.89 -27.45
C SER L 81 -89.42 2.19 -26.29
N ILE L 82 -89.71 2.94 -25.24
CA ILE L 82 -90.34 2.41 -24.04
C ILE L 82 -91.59 3.22 -23.74
N GLN L 83 -92.61 2.55 -23.20
CA GLN L 83 -93.86 3.20 -22.84
C GLN L 83 -94.56 2.34 -21.80
N PRO L 84 -95.24 2.94 -20.84
CA PRO L 84 -95.95 2.16 -19.82
C PRO L 84 -97.17 1.46 -20.41
N CYS L 85 -97.57 0.38 -19.74
CA CYS L 85 -98.74 -0.40 -20.14
C CYS L 85 -99.42 -0.94 -18.89
N PRO L 86 -100.25 -0.13 -18.23
CA PRO L 86 -100.94 -0.58 -17.01
C PRO L 86 -102.14 -1.46 -17.32
N ASP L 87 -101.85 -2.66 -17.82
CA ASP L 87 -102.89 -3.64 -18.18
C ASP L 87 -102.79 -4.83 -17.24
N VAL L 88 -103.91 -5.19 -16.63
CA VAL L 88 -103.96 -6.30 -15.70
C VAL L 88 -104.02 -7.60 -16.50
N LYS L 89 -103.02 -8.47 -16.30
CA LYS L 89 -102.92 -9.74 -16.97
C LYS L 89 -102.80 -10.87 -15.96
N TYR L 90 -103.38 -12.01 -16.30
CA TYR L 90 -103.36 -13.19 -15.43
C TYR L 90 -103.08 -14.42 -16.28
N GLY L 91 -102.16 -15.26 -15.83
CA GLY L 91 -101.79 -16.45 -16.57
C GLY L 91 -102.54 -17.68 -16.09
N LYS L 92 -103.07 -18.43 -17.05
CA LYS L 92 -103.79 -19.67 -16.74
C LYS L 92 -103.21 -20.87 -17.48
N ARG L 93 -102.83 -20.68 -18.74
CA ARG L 93 -102.38 -21.78 -19.58
C ARG L 93 -101.19 -21.32 -20.42
N ILE L 94 -100.08 -22.06 -20.32
CA ILE L 94 -98.88 -21.80 -21.10
C ILE L 94 -98.37 -23.13 -21.64
N HIS L 95 -97.99 -23.14 -22.92
CA HIS L 95 -97.48 -24.34 -23.58
C HIS L 95 -96.10 -24.05 -24.15
N VAL L 96 -95.13 -24.90 -23.79
CA VAL L 96 -93.76 -24.76 -24.24
C VAL L 96 -93.25 -26.13 -24.69
N LEU L 97 -92.41 -26.13 -25.73
CA LEU L 97 -91.83 -27.35 -26.26
C LEU L 97 -90.39 -27.05 -26.69
N PRO L 98 -89.44 -27.91 -26.37
CA PRO L 98 -88.05 -27.69 -26.77
C PRO L 98 -87.85 -28.08 -28.24
N ILE L 99 -86.62 -27.89 -28.71
CA ILE L 99 -86.23 -28.20 -30.08
C ILE L 99 -85.23 -29.36 -30.05
N ASP L 100 -85.35 -30.26 -31.02
CA ASP L 100 -84.55 -31.48 -31.04
C ASP L 100 -83.14 -31.27 -31.55
N ASP L 101 -82.67 -30.02 -31.59
CA ASP L 101 -81.31 -29.73 -32.04
C ASP L 101 -80.31 -29.66 -30.89
N THR L 102 -80.77 -29.53 -29.64
CA THR L 102 -79.85 -29.43 -28.52
C THR L 102 -80.30 -30.23 -27.30
N VAL L 103 -81.21 -31.19 -27.47
CA VAL L 103 -81.69 -32.00 -26.35
C VAL L 103 -81.05 -33.39 -26.35
N GLU L 104 -79.93 -33.56 -27.06
CA GLU L 104 -79.26 -34.84 -27.10
C GLU L 104 -78.62 -35.16 -25.75
N GLY L 105 -78.66 -36.43 -25.37
CA GLY L 105 -78.06 -36.86 -24.12
C GLY L 105 -78.86 -36.52 -22.87
N ILE L 106 -80.08 -36.03 -23.02
CA ILE L 106 -80.93 -35.66 -21.89
C ILE L 106 -82.15 -36.56 -21.90
N THR L 107 -82.39 -37.27 -20.80
CA THR L 107 -83.52 -38.18 -20.67
C THR L 107 -84.22 -37.90 -19.34
N GLY L 108 -85.36 -38.57 -19.14
CA GLY L 108 -86.13 -38.39 -17.94
C GLY L 108 -86.96 -37.12 -17.95
N ASN L 109 -87.57 -36.84 -16.80
CA ASN L 109 -88.41 -35.66 -16.66
C ASN L 109 -87.53 -34.42 -16.53
N LEU L 110 -87.81 -33.41 -17.37
CA LEU L 110 -87.04 -32.17 -17.36
C LEU L 110 -87.91 -30.95 -17.05
N PHE L 111 -89.16 -31.16 -16.62
CA PHE L 111 -90.06 -30.05 -16.31
C PHE L 111 -90.17 -29.77 -14.82
N GLU L 112 -89.88 -30.75 -13.97
CA GLU L 112 -89.98 -30.57 -12.53
C GLU L 112 -88.72 -29.99 -11.91
N VAL L 113 -87.62 -29.92 -12.65
CA VAL L 113 -86.37 -29.40 -12.12
C VAL L 113 -85.86 -28.18 -12.87
N TYR L 114 -86.20 -28.01 -14.15
CA TYR L 114 -85.78 -26.85 -14.92
C TYR L 114 -86.83 -25.76 -15.00
N LEU L 115 -88.09 -26.07 -14.70
CA LEU L 115 -89.17 -25.10 -14.81
C LEU L 115 -89.75 -24.67 -13.47
N LYS L 116 -89.59 -25.47 -12.42
CA LYS L 116 -90.14 -25.13 -11.11
C LYS L 116 -89.31 -24.04 -10.42
N PRO L 117 -88.00 -24.21 -10.24
CA PRO L 117 -87.22 -23.13 -9.60
C PRO L 117 -87.13 -21.87 -10.45
N TYR L 118 -87.28 -21.99 -11.78
CA TYR L 118 -87.18 -20.84 -12.66
C TYR L 118 -88.42 -19.94 -12.60
N PHE L 119 -89.57 -20.49 -12.21
CA PHE L 119 -90.81 -19.73 -12.22
C PHE L 119 -91.10 -19.06 -10.89
N LEU L 120 -90.73 -19.69 -9.78
CA LEU L 120 -91.03 -19.13 -8.46
C LEU L 120 -90.22 -17.87 -8.21
N GLU L 121 -90.85 -16.91 -7.54
CA GLU L 121 -90.23 -15.63 -7.17
C GLU L 121 -89.75 -14.87 -8.40
N ALA L 122 -90.46 -15.08 -9.51
CA ALA L 122 -90.12 -14.40 -10.76
C ALA L 122 -91.25 -13.47 -11.20
N TYR L 123 -92.45 -14.01 -11.37
CA TYR L 123 -93.60 -13.25 -11.88
C TYR L 123 -93.25 -12.50 -13.16
N ARG L 124 -92.51 -13.17 -14.05
CA ARG L 124 -92.09 -12.55 -15.30
C ARG L 124 -93.07 -12.88 -16.40
N PRO L 125 -93.73 -11.90 -17.02
CA PRO L 125 -94.67 -12.21 -18.10
C PRO L 125 -93.95 -12.68 -19.35
N ILE L 126 -94.72 -13.33 -20.22
CA ILE L 126 -94.20 -13.87 -21.48
C ILE L 126 -95.07 -13.38 -22.63
N ARG L 127 -94.49 -13.38 -23.82
CA ARG L 127 -95.18 -12.96 -25.04
C ARG L 127 -95.15 -14.08 -26.06
N LYS L 128 -95.75 -13.83 -27.22
CA LYS L 128 -95.71 -14.79 -28.31
C LYS L 128 -94.42 -14.61 -29.10
N GLY L 129 -93.60 -15.65 -29.13
CA GLY L 129 -92.34 -15.60 -29.84
C GLY L 129 -91.13 -15.21 -29.01
N ASP L 130 -91.28 -15.16 -27.69
CA ASP L 130 -90.15 -14.79 -26.84
C ASP L 130 -89.10 -15.90 -26.83
N ILE L 131 -87.83 -15.50 -26.87
CA ILE L 131 -86.72 -16.44 -26.81
C ILE L 131 -85.93 -16.21 -25.53
N PHE L 132 -86.28 -16.97 -24.49
CA PHE L 132 -85.63 -16.84 -23.19
C PHE L 132 -84.75 -18.07 -22.93
N LEU L 133 -83.59 -17.84 -22.33
CA LEU L 133 -82.62 -18.88 -22.06
C LEU L 133 -82.61 -19.21 -20.57
N VAL L 134 -82.74 -20.49 -20.26
CA VAL L 134 -82.68 -20.96 -18.88
C VAL L 134 -81.36 -21.67 -18.65
N ARG L 135 -81.03 -21.90 -17.38
CA ARG L 135 -79.76 -22.50 -16.99
C ARG L 135 -80.02 -23.66 -16.03
N GLY L 136 -79.15 -24.67 -16.11
CA GLY L 136 -79.28 -25.84 -15.26
C GLY L 136 -78.77 -27.10 -15.93
N GLY L 137 -78.17 -27.98 -15.15
CA GLY L 137 -77.65 -29.23 -15.69
C GLY L 137 -76.44 -29.08 -16.59
N MET L 138 -75.49 -28.22 -16.21
CA MET L 138 -74.22 -28.08 -16.93
C MET L 138 -74.41 -27.62 -18.37
N ARG L 139 -75.50 -26.93 -18.65
CA ARG L 139 -75.80 -26.50 -20.01
C ARG L 139 -76.93 -25.47 -19.97
N ALA L 140 -77.15 -24.82 -21.12
CA ALA L 140 -78.22 -23.86 -21.28
C ALA L 140 -79.05 -24.22 -22.51
N VAL L 141 -80.36 -24.25 -22.32
CA VAL L 141 -81.29 -24.61 -23.39
C VAL L 141 -82.37 -23.54 -23.45
N GLU L 142 -82.69 -23.09 -24.66
CA GLU L 142 -83.72 -22.08 -24.86
C GLU L 142 -85.04 -22.73 -25.25
N PHE L 143 -86.13 -22.02 -24.95
CA PHE L 143 -87.48 -22.48 -25.22
C PHE L 143 -88.12 -21.62 -26.30
N LYS L 144 -89.17 -22.16 -26.92
CA LYS L 144 -89.94 -21.41 -27.90
C LYS L 144 -91.39 -21.89 -27.86
N VAL L 145 -92.33 -20.94 -27.97
CA VAL L 145 -93.75 -21.23 -27.95
C VAL L 145 -94.29 -21.22 -29.37
N VAL L 146 -95.20 -22.14 -29.67
CA VAL L 146 -95.80 -22.23 -30.98
C VAL L 146 -97.30 -21.95 -30.90
N GLU L 147 -97.95 -22.45 -29.84
CA GLU L 147 -99.38 -22.26 -29.67
C GLU L 147 -99.69 -22.23 -28.18
N THR L 148 -100.40 -21.19 -27.76
CA THR L 148 -100.77 -21.02 -26.35
C THR L 148 -102.00 -20.12 -26.29
N ASP L 149 -102.30 -19.61 -25.09
CA ASP L 149 -103.40 -18.67 -24.94
C ASP L 149 -103.10 -17.39 -25.72
N PRO L 150 -104.13 -16.69 -26.18
CA PRO L 150 -103.92 -15.47 -26.97
C PRO L 150 -103.11 -14.43 -26.20
N SER L 151 -102.01 -13.99 -26.81
CA SER L 151 -101.13 -13.02 -26.16
C SER L 151 -101.85 -11.67 -26.03
N PRO L 152 -101.62 -10.93 -24.94
CA PRO L 152 -100.77 -11.33 -23.80
C PRO L 152 -101.49 -12.18 -22.77
N TYR L 153 -101.87 -11.55 -21.64
CA TYR L 153 -102.61 -12.22 -20.57
C TYR L 153 -101.87 -13.45 -20.06
N CYS L 154 -100.57 -13.27 -19.83
CA CYS L 154 -99.69 -14.34 -19.37
C CYS L 154 -98.88 -13.85 -18.19
N ILE L 155 -99.14 -14.41 -17.00
CA ILE L 155 -98.41 -14.08 -15.78
C ILE L 155 -98.08 -15.38 -15.05
N VAL L 156 -96.85 -15.50 -14.58
CA VAL L 156 -96.42 -16.70 -13.86
C VAL L 156 -97.13 -16.76 -12.52
N ALA L 157 -97.94 -17.79 -12.33
CA ALA L 157 -98.68 -18.00 -11.09
C ALA L 157 -98.70 -19.49 -10.77
N PRO L 158 -98.76 -19.86 -9.49
CA PRO L 158 -98.78 -21.28 -9.13
C PRO L 158 -99.99 -22.05 -9.62
N ASP L 159 -101.09 -21.37 -9.96
CA ASP L 159 -102.31 -22.05 -10.38
C ASP L 159 -102.28 -22.48 -11.85
N THR L 160 -101.12 -22.45 -12.50
CA THR L 160 -101.00 -22.83 -13.90
C THR L 160 -100.49 -24.26 -13.99
N VAL L 161 -101.27 -25.12 -14.64
CA VAL L 161 -100.91 -26.52 -14.80
C VAL L 161 -100.10 -26.68 -16.09
N ILE L 162 -99.34 -27.77 -16.19
CA ILE L 162 -98.54 -28.07 -17.37
C ILE L 162 -98.70 -29.54 -17.72
N HIS L 163 -98.43 -29.87 -18.98
CA HIS L 163 -98.50 -31.26 -19.44
C HIS L 163 -97.65 -31.39 -20.69
N CYS L 164 -96.77 -32.38 -20.70
CA CYS L 164 -95.88 -32.61 -21.83
C CYS L 164 -96.51 -33.57 -22.82
N GLU L 165 -96.05 -33.49 -24.07
CA GLU L 165 -96.53 -34.34 -25.16
C GLU L 165 -95.48 -35.34 -25.62
N GLY L 166 -94.25 -34.89 -25.85
CA GLY L 166 -93.19 -35.78 -26.28
C GLY L 166 -92.93 -35.73 -27.77
N GLU L 167 -93.00 -34.53 -28.34
CA GLU L 167 -92.77 -34.34 -29.77
C GLU L 167 -92.22 -32.93 -29.98
N PRO L 168 -90.90 -32.80 -30.16
CA PRO L 168 -90.31 -31.48 -30.40
C PRO L 168 -90.63 -30.97 -31.80
N ILE L 169 -90.43 -29.67 -31.98
CA ILE L 169 -90.69 -29.00 -33.25
C ILE L 169 -89.36 -28.55 -33.84
N LYS L 170 -89.33 -28.46 -35.17
CA LYS L 170 -88.13 -28.03 -35.88
C LYS L 170 -87.92 -26.53 -35.74
N ARG L 171 -86.68 -26.13 -35.50
CA ARG L 171 -86.35 -24.72 -35.38
C ARG L 171 -86.30 -24.06 -36.76
N GLU L 172 -86.91 -22.89 -36.86
CA GLU L 172 -86.90 -22.13 -38.11
C GLU L 172 -85.70 -21.19 -38.15
N ASP L 173 -85.65 -20.36 -39.20
CA ASP L 173 -84.55 -19.42 -39.40
C ASP L 173 -84.89 -18.02 -38.90
N GLU L 174 -86.01 -17.86 -38.20
CA GLU L 174 -86.42 -16.55 -37.70
C GLU L 174 -85.58 -16.10 -36.51
N GLU L 175 -85.10 -17.03 -35.69
CA GLU L 175 -84.31 -16.71 -34.51
C GLU L 175 -82.96 -17.43 -34.58
N GLU L 176 -82.03 -16.97 -33.74
CA GLU L 176 -80.69 -17.52 -33.67
C GLU L 176 -80.43 -18.06 -32.25
N SER L 177 -79.51 -19.02 -32.18
CA SER L 177 -79.14 -19.61 -30.91
C SER L 177 -78.36 -18.63 -30.05
N LEU L 178 -78.52 -18.75 -28.74
CA LEU L 178 -77.83 -17.89 -27.78
C LEU L 178 -76.51 -18.49 -27.30
N ASN L 179 -76.11 -19.65 -27.84
CA ASN L 179 -74.88 -20.30 -27.42
C ASN L 179 -73.63 -19.57 -27.91
N GLU L 180 -73.77 -18.63 -28.83
CA GLU L 180 -72.61 -17.89 -29.32
C GLU L 180 -72.16 -16.87 -28.28
N VAL L 181 -70.97 -16.33 -28.49
CA VAL L 181 -70.42 -15.34 -27.58
C VAL L 181 -71.18 -14.03 -27.72
N GLY L 182 -71.46 -13.40 -26.59
CA GLY L 182 -72.10 -12.10 -26.59
C GLY L 182 -71.27 -11.07 -25.84
N TYR L 183 -71.81 -9.86 -25.66
CA TYR L 183 -71.09 -8.83 -24.95
C TYR L 183 -70.97 -9.09 -23.46
N ASP L 184 -71.79 -10.01 -22.93
CA ASP L 184 -71.81 -10.33 -21.51
C ASP L 184 -71.01 -11.59 -21.19
N ASP L 185 -70.27 -12.13 -22.16
CA ASP L 185 -69.49 -13.34 -21.96
C ASP L 185 -68.02 -13.05 -21.72
N ILE L 186 -67.65 -11.79 -21.51
CA ILE L 186 -66.26 -11.39 -21.29
C ILE L 186 -66.19 -10.68 -19.95
N GLY L 187 -65.24 -11.10 -19.10
CA GLY L 187 -65.06 -10.47 -17.82
C GLY L 187 -63.57 -10.38 -17.49
N GLY L 188 -63.26 -9.45 -16.59
CA GLY L 188 -61.90 -9.26 -16.16
C GLY L 188 -61.25 -8.01 -16.73
N CYS L 189 -61.51 -7.74 -18.00
CA CYS L 189 -61.00 -6.54 -18.66
C CYS L 189 -62.15 -5.55 -18.81
N ARG L 190 -62.23 -4.59 -17.88
CA ARG L 190 -63.31 -3.61 -17.88
C ARG L 190 -62.92 -2.29 -18.52
N LYS L 191 -61.77 -1.72 -18.14
CA LYS L 191 -61.31 -0.50 -18.78
C LYS L 191 -61.00 -0.72 -20.26
N GLN L 192 -60.38 -1.86 -20.60
CA GLN L 192 -60.01 -2.10 -21.99
C GLN L 192 -61.22 -2.28 -22.89
N LEU L 193 -62.34 -2.73 -22.33
CA LEU L 193 -63.52 -2.96 -23.17
C LEU L 193 -64.25 -1.68 -23.54
N ALA L 194 -64.36 -0.72 -22.62
CA ALA L 194 -65.20 0.44 -22.88
C ALA L 194 -64.63 1.32 -23.98
N GLN L 195 -63.29 1.43 -24.04
CA GLN L 195 -62.64 2.23 -25.06
C GLN L 195 -62.64 1.55 -26.42
N ILE L 196 -62.80 0.22 -26.46
CA ILE L 196 -63.18 -0.43 -27.71
C ILE L 196 -64.63 -0.12 -28.06
N LYS L 197 -65.50 -0.09 -27.04
CA LYS L 197 -66.88 0.31 -27.24
C LYS L 197 -66.97 1.75 -27.75
N GLU L 198 -65.89 2.52 -27.59
CA GLU L 198 -65.83 3.91 -28.04
C GLU L 198 -65.33 4.05 -29.47
N MET L 199 -64.67 3.03 -30.02
CA MET L 199 -64.09 3.13 -31.35
C MET L 199 -64.63 2.11 -32.33
N VAL L 200 -65.52 1.21 -31.91
CA VAL L 200 -66.03 0.23 -32.86
C VAL L 200 -67.47 0.50 -33.25
N GLU L 201 -68.37 0.59 -32.26
CA GLU L 201 -69.78 0.74 -32.58
C GLU L 201 -70.14 2.17 -32.99
N LEU L 202 -69.33 3.16 -32.62
CA LEU L 202 -69.63 4.52 -33.03
C LEU L 202 -69.47 4.69 -34.54
N PRO L 203 -68.37 4.26 -35.16
CA PRO L 203 -68.25 4.39 -36.62
C PRO L 203 -68.92 3.28 -37.42
N LEU L 204 -69.70 2.41 -36.78
CA LEU L 204 -70.42 1.37 -37.49
C LEU L 204 -71.91 1.56 -37.49
N ARG L 205 -72.51 1.93 -36.36
CA ARG L 205 -73.95 2.10 -36.28
C ARG L 205 -74.43 3.34 -37.02
N HIS L 206 -73.52 4.25 -37.39
CA HIS L 206 -73.86 5.48 -38.10
C HIS L 206 -72.96 5.60 -39.32
N PRO L 207 -73.24 4.84 -40.38
CA PRO L 207 -72.37 4.91 -41.56
C PRO L 207 -72.49 6.23 -42.31
N ALA L 208 -73.70 6.72 -42.53
CA ALA L 208 -73.88 7.97 -43.27
C ALA L 208 -73.49 9.19 -42.47
N LEU L 209 -73.45 9.08 -41.13
CA LEU L 209 -73.03 10.21 -40.32
C LEU L 209 -71.56 10.57 -40.58
N PHE L 210 -70.70 9.56 -40.73
CA PHE L 210 -69.30 9.80 -41.01
C PHE L 210 -69.06 10.28 -42.44
N LYS L 211 -69.97 10.00 -43.36
CA LYS L 211 -69.79 10.42 -44.74
C LYS L 211 -69.90 11.93 -44.90
N ALA L 212 -70.71 12.58 -44.07
CA ALA L 212 -70.87 14.04 -44.13
C ALA L 212 -69.81 14.77 -43.33
N ILE L 213 -69.42 14.25 -42.17
CA ILE L 213 -68.42 14.90 -41.33
C ILE L 213 -67.03 14.57 -41.84
N GLY L 214 -66.05 15.37 -41.43
CA GLY L 214 -64.67 15.18 -41.83
C GLY L 214 -63.83 14.32 -40.92
N VAL L 215 -64.43 13.67 -39.94
CA VAL L 215 -63.68 12.84 -38.99
C VAL L 215 -63.36 11.52 -39.66
N LYS L 216 -62.08 11.17 -39.69
CA LYS L 216 -61.66 9.92 -40.33
C LYS L 216 -61.94 8.74 -39.39
N PRO L 217 -62.74 7.76 -39.81
CA PRO L 217 -63.07 6.65 -38.93
C PRO L 217 -61.87 5.76 -38.70
N PRO L 218 -61.91 4.91 -37.68
CA PRO L 218 -60.83 3.94 -37.48
C PRO L 218 -60.72 2.95 -38.63
N ARG L 219 -59.48 2.53 -38.89
CA ARG L 219 -59.22 1.45 -39.84
C ARG L 219 -58.54 0.26 -39.19
N GLY L 220 -57.38 0.45 -38.55
CA GLY L 220 -56.63 -0.64 -37.97
C GLY L 220 -56.56 -0.54 -36.47
N ILE L 221 -56.82 -1.67 -35.80
CA ILE L 221 -56.75 -1.78 -34.35
C ILE L 221 -55.85 -2.96 -34.01
N LEU L 222 -54.81 -2.71 -33.23
CA LEU L 222 -53.87 -3.75 -32.84
C LEU L 222 -54.11 -4.16 -31.39
N LEU L 223 -54.15 -5.47 -31.16
CA LEU L 223 -54.39 -6.02 -29.83
C LEU L 223 -53.09 -6.50 -29.20
N TYR L 224 -53.10 -6.59 -27.88
CA TYR L 224 -51.95 -7.05 -27.11
C TYR L 224 -52.43 -8.00 -26.03
N GLY L 225 -51.49 -8.41 -25.18
CA GLY L 225 -51.79 -9.29 -24.08
C GLY L 225 -51.12 -10.64 -24.21
N PRO L 226 -50.84 -11.28 -23.08
CA PRO L 226 -50.26 -12.62 -23.11
C PRO L 226 -51.25 -13.62 -23.69
N PRO L 227 -50.77 -14.74 -24.22
CA PRO L 227 -51.69 -15.72 -24.82
C PRO L 227 -52.71 -16.22 -23.81
N GLY L 228 -53.94 -16.38 -24.29
CA GLY L 228 -55.06 -16.76 -23.44
C GLY L 228 -55.78 -15.62 -22.78
N THR L 229 -55.42 -14.37 -23.10
CA THR L 229 -56.08 -13.23 -22.47
C THR L 229 -57.51 -13.07 -22.98
N GLY L 230 -57.76 -13.45 -24.23
CA GLY L 230 -59.08 -13.31 -24.81
C GLY L 230 -59.09 -12.48 -26.07
N LYS L 231 -57.95 -12.45 -26.77
CA LYS L 231 -57.84 -11.67 -27.99
C LYS L 231 -58.81 -12.11 -29.07
N THR L 232 -59.27 -13.36 -29.05
CA THR L 232 -60.24 -13.86 -30.00
C THR L 232 -61.68 -13.73 -29.52
N LEU L 233 -61.91 -13.95 -28.22
CA LEU L 233 -63.27 -13.95 -27.70
C LEU L 233 -63.91 -12.58 -27.84
N ILE L 234 -63.19 -11.53 -27.44
CA ILE L 234 -63.74 -10.17 -27.51
C ILE L 234 -63.94 -9.75 -28.97
N ALA L 235 -63.01 -10.11 -29.85
CA ALA L 235 -63.17 -9.79 -31.26
C ALA L 235 -64.39 -10.46 -31.85
N ARG L 236 -64.60 -11.75 -31.55
CA ARG L 236 -65.78 -12.43 -32.03
C ARG L 236 -67.06 -11.82 -31.48
N ALA L 237 -67.06 -11.45 -30.20
CA ALA L 237 -68.24 -10.82 -29.61
C ALA L 237 -68.56 -9.48 -30.29
N VAL L 238 -67.57 -8.61 -30.44
CA VAL L 238 -67.80 -7.30 -31.04
C VAL L 238 -68.03 -7.37 -32.53
N ALA L 239 -67.69 -8.48 -33.17
CA ALA L 239 -68.00 -8.67 -34.58
C ALA L 239 -69.34 -9.34 -34.82
N ASN L 240 -69.83 -10.12 -33.86
CA ASN L 240 -71.10 -10.82 -34.04
C ASN L 240 -72.29 -10.09 -33.42
N GLU L 241 -72.05 -9.20 -32.46
CA GLU L 241 -73.14 -8.49 -31.81
C GLU L 241 -73.38 -7.09 -32.38
N THR L 242 -72.95 -6.85 -33.62
CA THR L 242 -73.18 -5.57 -34.28
C THR L 242 -74.00 -5.68 -35.56
N GLY L 243 -74.20 -6.88 -36.09
CA GLY L 243 -74.96 -7.08 -37.31
C GLY L 243 -74.16 -6.95 -38.59
N ALA L 244 -72.95 -6.40 -38.53
CA ALA L 244 -72.12 -6.29 -39.71
C ALA L 244 -71.44 -7.62 -40.01
N PHE L 245 -71.00 -7.77 -41.26
CA PHE L 245 -70.33 -8.99 -41.68
C PHE L 245 -68.98 -9.12 -41.00
N PHE L 246 -68.61 -10.35 -40.67
CA PHE L 246 -67.34 -10.66 -40.02
C PHE L 246 -66.69 -11.83 -40.75
N PHE L 247 -65.42 -11.67 -41.10
CA PHE L 247 -64.66 -12.69 -41.82
C PHE L 247 -63.42 -13.02 -41.01
N LEU L 248 -63.11 -14.32 -40.91
CA LEU L 248 -62.06 -14.79 -40.02
C LEU L 248 -60.93 -15.46 -40.81
N ILE L 249 -59.70 -15.01 -40.57
CA ILE L 249 -58.49 -15.63 -41.09
C ILE L 249 -57.42 -15.49 -40.01
N ASN L 250 -56.94 -16.62 -39.47
CA ASN L 250 -56.16 -16.42 -38.26
C ASN L 250 -54.72 -16.04 -38.55
N GLY L 251 -53.85 -17.02 -38.77
CA GLY L 251 -52.63 -16.83 -39.51
C GLY L 251 -52.13 -17.99 -40.36
N PRO L 252 -52.29 -19.23 -39.88
CA PRO L 252 -51.49 -20.33 -40.48
C PRO L 252 -52.06 -20.87 -41.77
N GLU L 253 -53.38 -20.79 -41.96
CA GLU L 253 -53.97 -21.25 -43.21
C GLU L 253 -53.40 -20.49 -44.41
N ILE L 254 -52.87 -19.30 -44.20
CA ILE L 254 -52.21 -18.57 -45.28
C ILE L 254 -50.90 -19.27 -45.68
N MET L 255 -50.08 -19.65 -44.71
CA MET L 255 -48.80 -20.26 -44.99
C MET L 255 -48.88 -21.77 -45.16
N SER L 256 -50.04 -22.37 -44.93
CA SER L 256 -50.19 -23.81 -45.07
C SER L 256 -50.37 -24.24 -46.53
N LYS L 257 -50.96 -23.39 -47.36
CA LYS L 257 -51.22 -23.75 -48.74
C LYS L 257 -49.96 -23.56 -49.60
N LEU L 258 -50.08 -23.94 -50.88
CA LEU L 258 -48.97 -23.83 -51.79
C LEU L 258 -48.68 -22.36 -52.11
N ALA L 259 -47.48 -22.12 -52.63
CA ALA L 259 -47.09 -20.76 -52.99
C ALA L 259 -47.83 -20.28 -54.23
N GLY L 260 -48.32 -19.05 -54.19
CA GLY L 260 -49.00 -18.47 -55.32
C GLY L 260 -50.46 -18.17 -55.06
N GLU L 261 -51.17 -19.10 -54.40
CA GLU L 261 -52.57 -18.89 -54.08
C GLU L 261 -52.79 -18.33 -52.69
N SER L 262 -51.76 -18.35 -51.82
CA SER L 262 -51.89 -17.76 -50.50
C SER L 262 -52.15 -16.26 -50.60
N GLU L 263 -51.42 -15.57 -51.47
CA GLU L 263 -51.66 -14.15 -51.69
C GLU L 263 -53.02 -13.90 -52.31
N SER L 264 -53.44 -14.76 -53.24
CA SER L 264 -54.75 -14.59 -53.86
C SER L 264 -55.88 -14.74 -52.85
N ASN L 265 -55.76 -15.68 -51.91
CA ASN L 265 -56.78 -15.83 -50.88
C ASN L 265 -56.90 -14.57 -50.04
N LEU L 266 -55.77 -14.01 -49.61
CA LEU L 266 -55.81 -12.77 -48.83
C LEU L 266 -56.37 -11.61 -49.65
N ARG L 267 -56.02 -11.54 -50.93
CA ARG L 267 -56.53 -10.47 -51.78
C ARG L 267 -58.03 -10.57 -51.95
N LYS L 268 -58.55 -11.78 -52.15
CA LYS L 268 -60.00 -11.94 -52.32
C LYS L 268 -60.74 -11.77 -51.00
N ALA L 269 -60.10 -12.07 -49.87
CA ALA L 269 -60.73 -11.86 -48.57
C ALA L 269 -60.98 -10.38 -48.28
N PHE L 270 -60.28 -9.49 -48.96
CA PHE L 270 -60.52 -8.05 -48.79
C PHE L 270 -61.58 -7.53 -49.73
N GLU L 271 -61.61 -8.01 -50.98
CA GLU L 271 -62.64 -7.55 -51.91
C GLU L 271 -64.00 -8.14 -51.59
N GLU L 272 -64.05 -9.31 -50.95
CA GLU L 272 -65.35 -9.86 -50.55
C GLU L 272 -65.99 -9.02 -49.46
N ALA L 273 -65.18 -8.32 -48.65
CA ALA L 273 -65.72 -7.48 -47.60
C ALA L 273 -66.19 -6.13 -48.11
N GLU L 274 -65.67 -5.66 -49.24
CA GLU L 274 -66.06 -4.35 -49.76
C GLU L 274 -67.51 -4.33 -50.23
N LYS L 275 -67.93 -5.36 -50.98
CA LYS L 275 -69.26 -5.34 -51.56
C LYS L 275 -70.35 -5.38 -50.50
N ASN L 276 -70.17 -6.19 -49.46
CA ASN L 276 -71.16 -6.33 -48.40
C ASN L 276 -70.89 -5.39 -47.22
N ALA L 277 -70.72 -4.11 -47.53
CA ALA L 277 -70.50 -3.12 -46.49
C ALA L 277 -71.79 -2.87 -45.71
N PRO L 278 -71.70 -2.63 -44.39
CA PRO L 278 -70.45 -2.59 -43.62
C PRO L 278 -69.94 -3.99 -43.28
N ALA L 279 -68.62 -4.12 -43.17
CA ALA L 279 -67.99 -5.38 -42.82
C ALA L 279 -66.85 -5.11 -41.87
N ILE L 280 -66.26 -6.19 -41.34
CA ILE L 280 -65.14 -6.11 -40.41
C ILE L 280 -64.19 -7.26 -40.71
N ILE L 281 -62.91 -7.03 -40.44
CA ILE L 281 -61.86 -8.01 -40.68
C ILE L 281 -61.07 -8.19 -39.39
N PHE L 282 -60.84 -9.44 -39.00
CA PHE L 282 -60.10 -9.75 -37.77
C PHE L 282 -59.04 -10.79 -38.08
N ILE L 283 -57.83 -10.56 -37.54
CA ILE L 283 -56.70 -11.47 -37.70
C ILE L 283 -56.31 -11.99 -36.34
N ASP L 284 -56.25 -13.31 -36.19
CA ASP L 284 -56.05 -13.90 -34.87
C ASP L 284 -54.62 -13.72 -34.39
N GLU L 285 -53.64 -14.31 -35.07
CA GLU L 285 -52.25 -14.10 -34.71
C GLU L 285 -51.57 -13.38 -35.87
N LEU L 286 -50.67 -12.45 -35.52
CA LEU L 286 -49.96 -11.66 -36.50
C LEU L 286 -48.45 -11.79 -36.38
N ASP L 287 -47.95 -12.26 -35.23
CA ASP L 287 -46.52 -12.38 -35.02
C ASP L 287 -45.88 -13.35 -36.00
N ALA L 288 -46.64 -14.36 -36.45
CA ALA L 288 -46.14 -15.35 -37.38
C ALA L 288 -46.51 -15.04 -38.83
N ILE L 289 -47.07 -13.86 -39.08
CA ILE L 289 -47.45 -13.43 -40.42
C ILE L 289 -46.41 -12.51 -41.03
N ALA L 290 -45.93 -11.52 -40.26
CA ALA L 290 -45.01 -10.51 -40.74
C ALA L 290 -43.80 -10.43 -39.82
N PRO L 291 -42.87 -11.39 -39.92
CA PRO L 291 -41.64 -11.33 -39.13
C PRO L 291 -40.51 -10.58 -39.83
N LYS L 292 -40.78 -9.35 -40.24
CA LYS L 292 -39.79 -8.54 -40.96
C LYS L 292 -38.81 -7.94 -39.96
N ARG L 293 -37.94 -8.79 -39.44
CA ARG L 293 -36.94 -8.47 -38.43
C ARG L 293 -35.71 -9.33 -38.71
N GLU L 294 -34.86 -9.52 -37.70
CA GLU L 294 -33.61 -10.26 -37.86
C GLU L 294 -33.79 -11.63 -38.49
N LYS L 295 -35.03 -12.10 -38.66
CA LYS L 295 -35.27 -13.39 -39.27
C LYS L 295 -35.07 -13.34 -40.78
N THR L 296 -35.95 -12.61 -41.48
CA THR L 296 -35.89 -12.41 -42.93
C THR L 296 -35.46 -13.66 -43.69
N HIS L 297 -36.13 -14.77 -43.39
CA HIS L 297 -35.93 -16.01 -44.12
C HIS L 297 -37.13 -16.30 -45.01
N GLY L 298 -36.88 -16.88 -46.18
CA GLY L 298 -37.93 -17.25 -47.09
C GLY L 298 -38.39 -16.13 -48.00
N GLU L 299 -38.54 -16.43 -49.29
CA GLU L 299 -38.95 -15.43 -50.26
C GLU L 299 -40.46 -15.18 -50.23
N VAL L 300 -41.24 -16.25 -50.10
CA VAL L 300 -42.69 -16.12 -50.25
C VAL L 300 -43.34 -15.48 -49.03
N GLU L 301 -42.66 -15.45 -47.88
CA GLU L 301 -43.32 -15.00 -46.66
C GLU L 301 -43.26 -13.48 -46.51
N ARG L 302 -42.22 -12.85 -47.03
CA ARG L 302 -42.27 -11.39 -47.13
C ARG L 302 -43.17 -10.94 -48.26
N ARG L 303 -43.49 -11.83 -49.21
CA ARG L 303 -44.46 -11.52 -50.24
C ARG L 303 -45.82 -11.21 -49.65
N ILE L 304 -46.28 -12.01 -48.69
CA ILE L 304 -47.60 -11.76 -48.10
C ILE L 304 -47.55 -10.53 -47.20
N VAL L 305 -46.39 -10.24 -46.61
CA VAL L 305 -46.25 -9.01 -45.84
C VAL L 305 -46.43 -7.81 -46.76
N SER L 306 -45.76 -7.81 -47.91
CA SER L 306 -45.94 -6.74 -48.88
C SER L 306 -47.37 -6.70 -49.40
N GLN L 307 -48.00 -7.87 -49.58
CA GLN L 307 -49.38 -7.90 -50.05
C GLN L 307 -50.33 -7.24 -49.05
N LEU L 308 -50.18 -7.56 -47.76
CA LEU L 308 -51.04 -6.97 -46.75
C LEU L 308 -50.76 -5.48 -46.61
N LEU L 309 -49.50 -5.08 -46.70
CA LEU L 309 -49.17 -3.66 -46.69
C LEU L 309 -49.81 -2.93 -47.87
N THR L 310 -49.81 -3.56 -49.05
CA THR L 310 -50.48 -2.97 -50.20
C THR L 310 -51.99 -2.87 -49.97
N LEU L 311 -52.59 -3.93 -49.44
CA LEU L 311 -54.04 -3.98 -49.25
C LEU L 311 -54.52 -3.04 -48.15
N MET L 312 -53.66 -2.65 -47.22
CA MET L 312 -54.01 -1.66 -46.21
C MET L 312 -53.63 -0.25 -46.58
N ASP L 313 -52.54 -0.07 -47.35
CA ASP L 313 -52.10 1.27 -47.73
C ASP L 313 -53.10 1.93 -48.65
N GLY L 314 -53.72 1.17 -49.54
CA GLY L 314 -54.69 1.69 -50.47
C GLY L 314 -56.09 1.87 -49.94
N LEU L 315 -56.32 1.56 -48.66
CA LEU L 315 -57.65 1.67 -48.09
C LEU L 315 -58.02 3.13 -47.85
N LYS L 316 -58.64 3.75 -48.85
CA LYS L 316 -59.23 5.07 -48.66
C LYS L 316 -60.57 4.92 -47.96
N GLN L 317 -61.34 6.00 -47.86
CA GLN L 317 -62.60 5.92 -47.14
C GLN L 317 -63.54 4.92 -47.80
N ARG L 318 -64.04 5.27 -48.99
CA ARG L 318 -64.97 4.42 -49.74
C ARG L 318 -66.09 3.88 -48.85
N ALA L 319 -65.92 2.66 -48.36
CA ALA L 319 -66.90 1.96 -47.52
C ALA L 319 -66.52 2.15 -46.04
N HIS L 320 -67.18 1.40 -45.15
CA HIS L 320 -66.87 1.42 -43.73
C HIS L 320 -66.34 0.04 -43.33
N VAL L 321 -65.02 -0.13 -43.42
CA VAL L 321 -64.37 -1.39 -43.10
C VAL L 321 -63.26 -1.13 -42.09
N ILE L 322 -63.10 -2.07 -41.16
CA ILE L 322 -62.07 -2.00 -40.13
C ILE L 322 -61.37 -3.34 -40.05
N VAL L 323 -60.04 -3.32 -40.08
CA VAL L 323 -59.22 -4.51 -39.89
C VAL L 323 -58.68 -4.50 -38.47
N MET L 324 -58.62 -5.67 -37.84
CA MET L 324 -58.09 -5.81 -36.50
C MET L 324 -57.15 -7.00 -36.45
N ALA L 325 -56.09 -6.88 -35.66
CA ALA L 325 -55.10 -7.94 -35.52
C ALA L 325 -54.72 -8.08 -34.05
N ALA L 326 -54.23 -9.26 -33.71
CA ALA L 326 -53.85 -9.57 -32.34
C ALA L 326 -52.48 -10.23 -32.34
N THR L 327 -51.77 -10.06 -31.23
CA THR L 327 -50.43 -10.61 -31.07
C THR L 327 -50.22 -10.92 -29.59
N ASN L 328 -49.01 -11.40 -29.27
CA ASN L 328 -48.70 -11.82 -27.91
C ASN L 328 -47.60 -11.00 -27.26
N ARG L 329 -46.71 -10.41 -28.03
CA ARG L 329 -45.60 -9.64 -27.49
C ARG L 329 -45.38 -8.40 -28.34
N PRO L 330 -44.84 -7.32 -27.77
CA PRO L 330 -44.65 -6.10 -28.57
C PRO L 330 -43.58 -6.21 -29.62
N ASN L 331 -42.50 -6.95 -29.36
CA ASN L 331 -41.39 -7.05 -30.32
C ASN L 331 -41.62 -8.20 -31.29
N SER L 332 -42.81 -8.19 -31.89
CA SER L 332 -43.14 -9.19 -32.89
C SER L 332 -43.91 -8.61 -34.08
N ILE L 333 -44.13 -7.31 -34.14
CA ILE L 333 -44.87 -6.68 -35.23
C ILE L 333 -43.88 -5.92 -36.11
N ASP L 334 -44.07 -6.02 -37.41
CA ASP L 334 -43.25 -5.28 -38.36
C ASP L 334 -43.38 -3.79 -38.06
N PRO L 335 -42.27 -3.07 -37.86
CA PRO L 335 -42.37 -1.63 -37.60
C PRO L 335 -43.03 -0.86 -38.74
N ALA L 336 -42.98 -1.39 -39.96
CA ALA L 336 -43.63 -0.72 -41.09
C ALA L 336 -45.15 -0.75 -40.96
N LEU L 337 -45.70 -1.63 -40.14
CA LEU L 337 -47.14 -1.69 -39.95
C LEU L 337 -47.63 -0.78 -38.83
N ARG L 338 -46.74 -0.35 -37.94
CA ARG L 338 -47.13 0.51 -36.83
C ARG L 338 -47.13 1.99 -37.19
N ARG L 339 -47.04 2.32 -38.48
CA ARG L 339 -47.03 3.71 -38.91
C ARG L 339 -48.43 4.31 -38.77
N PHE L 340 -48.51 5.62 -38.97
CA PHE L 340 -49.80 6.29 -38.91
C PHE L 340 -50.66 5.88 -40.10
N GLY L 341 -51.92 5.54 -39.81
CA GLY L 341 -52.84 5.12 -40.84
C GLY L 341 -53.03 3.62 -40.95
N ARG L 342 -52.10 2.82 -40.42
CA ARG L 342 -52.24 1.37 -40.43
C ARG L 342 -52.43 0.81 -39.03
N PHE L 343 -51.49 1.06 -38.10
CA PHE L 343 -51.63 0.67 -36.71
C PHE L 343 -51.05 1.80 -35.85
N ASP L 344 -51.90 2.76 -35.49
CA ASP L 344 -51.48 3.88 -34.66
C ASP L 344 -52.13 3.87 -33.29
N ARG L 345 -53.13 3.02 -33.10
CA ARG L 345 -53.89 2.94 -31.86
C ARG L 345 -53.76 1.52 -31.33
N GLU L 346 -53.26 1.39 -30.10
CA GLU L 346 -52.99 0.09 -29.52
C GLU L 346 -53.58 0.03 -28.11
N VAL L 347 -54.02 -1.16 -27.72
CA VAL L 347 -54.58 -1.38 -26.39
C VAL L 347 -53.82 -2.54 -25.75
N ASP L 348 -53.46 -2.35 -24.48
CA ASP L 348 -52.73 -3.35 -23.71
C ASP L 348 -53.69 -3.96 -22.70
N ILE L 349 -53.88 -5.27 -22.80
CA ILE L 349 -54.75 -6.02 -21.89
C ILE L 349 -53.85 -6.91 -21.03
N GLY L 350 -53.77 -6.60 -19.75
CA GLY L 350 -52.91 -7.31 -18.84
C GLY L 350 -53.64 -8.44 -18.11
N ILE L 351 -52.92 -9.04 -17.18
CA ILE L 351 -53.50 -10.12 -16.38
C ILE L 351 -54.49 -9.53 -15.38
N PRO L 352 -55.72 -10.03 -15.33
CA PRO L 352 -56.70 -9.47 -14.38
C PRO L 352 -56.27 -9.71 -12.94
N ASP L 353 -56.65 -8.77 -12.08
CA ASP L 353 -56.36 -8.89 -10.64
C ASP L 353 -57.43 -9.75 -9.98
N ALA L 354 -57.44 -9.77 -8.64
CA ALA L 354 -58.39 -10.62 -7.92
C ALA L 354 -59.83 -10.25 -8.26
N THR L 355 -60.18 -8.97 -8.11
CA THR L 355 -61.55 -8.56 -8.45
C THR L 355 -61.82 -8.68 -9.94
N GLY L 356 -60.79 -8.61 -10.78
CA GLY L 356 -60.97 -8.88 -12.19
C GLY L 356 -61.18 -10.36 -12.45
N ARG L 357 -60.49 -11.20 -11.68
CA ARG L 357 -60.63 -12.64 -11.85
C ARG L 357 -61.92 -13.18 -11.23
N LEU L 358 -62.59 -12.41 -10.38
CA LEU L 358 -63.82 -12.89 -9.76
C LEU L 358 -64.89 -13.21 -10.79
N GLU L 359 -65.10 -12.31 -11.76
CA GLU L 359 -66.20 -12.49 -12.71
C GLU L 359 -65.94 -13.62 -13.69
N ILE L 360 -64.68 -13.91 -13.99
CA ILE L 360 -64.35 -14.99 -14.93
C ILE L 360 -64.82 -16.34 -14.44
N LEU L 361 -64.82 -16.56 -13.12
CA LEU L 361 -65.30 -17.83 -12.59
C LEU L 361 -66.77 -18.03 -12.91
N GLN L 362 -67.61 -17.05 -12.57
CA GLN L 362 -69.03 -17.23 -12.79
C GLN L 362 -69.43 -17.14 -14.25
N ILE L 363 -68.75 -16.34 -15.08
CA ILE L 363 -69.16 -16.29 -16.48
C ILE L 363 -68.93 -17.62 -17.19
N HIS L 364 -68.22 -18.56 -16.58
CA HIS L 364 -68.10 -19.90 -17.10
C HIS L 364 -68.76 -20.97 -16.25
N THR L 365 -69.05 -20.70 -14.98
CA THR L 365 -69.72 -21.67 -14.12
C THR L 365 -71.18 -21.30 -13.85
N LYS L 366 -71.74 -20.39 -14.66
CA LYS L 366 -73.14 -20.02 -14.49
C LYS L 366 -74.07 -21.20 -14.72
N ASN L 367 -73.73 -22.09 -15.65
CA ASN L 367 -74.53 -23.30 -15.86
C ASN L 367 -74.25 -24.36 -14.80
N MET L 368 -73.23 -24.15 -13.97
CA MET L 368 -72.86 -25.07 -12.90
C MET L 368 -73.44 -24.52 -11.62
N LYS L 369 -74.58 -25.07 -11.19
CA LYS L 369 -75.17 -24.62 -9.94
C LYS L 369 -74.35 -25.13 -8.75
N LEU L 370 -74.07 -24.21 -7.84
CA LEU L 370 -73.17 -24.46 -6.72
C LEU L 370 -73.97 -24.61 -5.42
N ALA L 371 -73.38 -25.34 -4.49
CA ALA L 371 -74.02 -25.63 -3.21
C ALA L 371 -74.00 -24.40 -2.31
N ASP L 372 -74.44 -24.59 -1.06
CA ASP L 372 -74.52 -23.48 -0.11
C ASP L 372 -73.18 -23.14 0.51
N ASP L 373 -72.39 -24.17 0.85
CA ASP L 373 -71.11 -23.95 1.53
C ASP L 373 -70.01 -23.48 0.59
N VAL L 374 -70.27 -23.44 -0.71
CA VAL L 374 -69.26 -23.07 -1.69
C VAL L 374 -69.42 -21.60 -2.10
N ASP L 375 -68.27 -20.92 -2.20
CA ASP L 375 -68.22 -19.57 -2.70
C ASP L 375 -66.98 -19.42 -3.57
N LEU L 376 -67.03 -18.51 -4.53
CA LEU L 376 -65.92 -18.27 -5.44
C LEU L 376 -65.05 -17.11 -5.00
N GLU L 377 -65.32 -16.52 -3.84
CA GLU L 377 -64.56 -15.37 -3.36
C GLU L 377 -63.17 -15.75 -2.88
N GLN L 378 -63.08 -16.67 -1.92
CA GLN L 378 -61.78 -17.02 -1.35
C GLN L 378 -60.87 -17.73 -2.35
N VAL L 379 -61.44 -18.47 -3.30
CA VAL L 379 -60.63 -19.22 -4.25
C VAL L 379 -59.93 -18.33 -5.27
N ALA L 380 -60.44 -17.11 -5.50
CA ALA L 380 -59.84 -16.18 -6.43
C ALA L 380 -58.96 -15.14 -5.75
N ASN L 381 -58.53 -15.43 -4.52
CA ASN L 381 -57.70 -14.50 -3.77
C ASN L 381 -56.27 -14.97 -3.59
N GLU L 382 -56.02 -16.28 -3.62
CA GLU L 382 -54.66 -16.81 -3.46
C GLU L 382 -53.88 -16.83 -4.77
N THR L 383 -54.53 -16.57 -5.90
CA THR L 383 -53.86 -16.54 -7.19
C THR L 383 -53.69 -15.09 -7.65
N HIS L 384 -52.62 -14.87 -8.44
CA HIS L 384 -52.34 -13.52 -8.90
C HIS L 384 -51.87 -13.45 -10.34
N GLY L 385 -51.81 -14.57 -11.06
CA GLY L 385 -51.30 -14.56 -12.42
C GLY L 385 -52.11 -15.38 -13.40
N HIS L 386 -53.42 -15.47 -13.21
CA HIS L 386 -54.27 -16.31 -14.02
C HIS L 386 -55.07 -15.48 -15.00
N VAL L 387 -55.28 -16.01 -16.20
CA VAL L 387 -56.08 -15.36 -17.24
C VAL L 387 -57.31 -16.21 -17.49
N GLY L 388 -58.17 -15.76 -18.41
CA GLY L 388 -59.42 -16.47 -18.65
C GLY L 388 -59.24 -17.92 -19.07
N ALA L 389 -58.26 -18.19 -19.93
CA ALA L 389 -57.99 -19.55 -20.35
C ALA L 389 -57.54 -20.44 -19.20
N ASP L 390 -56.68 -19.93 -18.33
CA ASP L 390 -56.24 -20.71 -17.18
C ASP L 390 -57.41 -21.07 -16.28
N LEU L 391 -58.28 -20.10 -15.98
CA LEU L 391 -59.43 -20.38 -15.13
C LEU L 391 -60.41 -21.33 -15.80
N ALA L 392 -60.61 -21.20 -17.12
CA ALA L 392 -61.49 -22.12 -17.82
C ALA L 392 -60.96 -23.55 -17.75
N ALA L 393 -59.67 -23.74 -17.99
CA ALA L 393 -59.08 -25.07 -17.87
C ALA L 393 -59.17 -25.61 -16.44
N LEU L 394 -58.91 -24.74 -15.46
CA LEU L 394 -58.99 -25.16 -14.06
C LEU L 394 -60.39 -25.63 -13.70
N CYS L 395 -61.41 -24.86 -14.08
CA CYS L 395 -62.77 -25.26 -13.78
C CYS L 395 -63.18 -26.52 -14.54
N SER L 396 -62.74 -26.67 -15.79
CA SER L 396 -63.06 -27.88 -16.54
C SER L 396 -62.48 -29.12 -15.86
N GLU L 397 -61.20 -29.08 -15.46
CA GLU L 397 -60.62 -30.24 -14.81
C GLU L 397 -61.17 -30.45 -13.39
N ALA L 398 -61.54 -29.38 -12.69
CA ALA L 398 -62.20 -29.54 -11.40
C ALA L 398 -63.53 -30.26 -11.56
N ALA L 399 -64.30 -29.90 -12.60
CA ALA L 399 -65.55 -30.62 -12.88
C ALA L 399 -65.31 -32.07 -13.27
N LEU L 400 -64.24 -32.34 -14.02
CA LEU L 400 -63.91 -33.72 -14.34
C LEU L 400 -63.58 -34.53 -13.09
N GLN L 401 -62.89 -33.91 -12.13
CA GLN L 401 -62.61 -34.59 -10.87
C GLN L 401 -63.89 -34.93 -10.13
N ALA L 402 -64.85 -34.00 -10.10
CA ALA L 402 -66.14 -34.29 -9.48
C ALA L 402 -66.89 -35.40 -10.21
N ILE L 403 -66.80 -35.44 -11.54
CA ILE L 403 -67.45 -36.51 -12.31
C ILE L 403 -66.86 -37.86 -11.94
N ARG L 404 -65.53 -37.96 -11.92
CA ARG L 404 -64.90 -39.25 -11.62
C ARG L 404 -65.10 -39.66 -10.15
N LYS L 405 -65.25 -38.69 -9.24
CA LYS L 405 -65.46 -39.03 -7.84
C LYS L 405 -66.76 -39.81 -7.62
N LYS L 406 -67.72 -39.71 -8.54
CA LYS L 406 -68.91 -40.53 -8.46
C LYS L 406 -68.96 -41.65 -9.50
N MET L 407 -68.26 -41.52 -10.63
CA MET L 407 -68.19 -42.62 -11.59
C MET L 407 -67.32 -43.78 -11.11
N ASP L 408 -66.50 -43.58 -10.07
CA ASP L 408 -65.66 -44.67 -9.59
C ASP L 408 -66.46 -45.68 -8.78
N LEU L 409 -67.52 -45.25 -8.10
CA LEU L 409 -68.33 -46.18 -7.31
C LEU L 409 -69.72 -46.43 -7.89
N ILE L 410 -70.29 -45.48 -8.64
CA ILE L 410 -71.63 -45.68 -9.19
C ILE L 410 -71.63 -46.74 -10.28
N ASP L 411 -70.69 -46.64 -11.23
CA ASP L 411 -70.52 -47.62 -12.31
C ASP L 411 -71.81 -47.78 -13.11
N LEU L 412 -72.20 -46.67 -13.75
CA LEU L 412 -73.39 -46.62 -14.60
C LEU L 412 -72.93 -46.63 -16.05
N GLU L 413 -72.93 -47.82 -16.66
CA GLU L 413 -72.50 -47.99 -18.05
C GLU L 413 -73.73 -47.94 -18.93
N ASP L 414 -73.95 -46.79 -19.58
CA ASP L 414 -75.08 -46.61 -20.47
C ASP L 414 -74.73 -45.56 -21.51
N GLU L 415 -75.45 -45.59 -22.63
CA GLU L 415 -75.21 -44.65 -23.72
C GLU L 415 -75.67 -43.24 -23.32
N THR L 416 -76.96 -43.09 -23.04
CA THR L 416 -77.48 -41.80 -22.63
C THR L 416 -77.52 -41.70 -21.11
N ILE L 417 -77.37 -40.47 -20.62
CA ILE L 417 -77.35 -40.21 -19.18
C ILE L 417 -78.65 -39.52 -18.80
N ASP L 418 -79.12 -39.81 -17.59
CA ASP L 418 -80.36 -39.27 -17.08
C ASP L 418 -80.11 -37.98 -16.31
N ALA L 419 -81.14 -37.12 -16.27
CA ALA L 419 -81.04 -35.85 -15.56
C ALA L 419 -81.31 -35.97 -14.08
N GLU L 420 -81.74 -37.14 -13.60
CA GLU L 420 -82.01 -37.35 -12.18
C GLU L 420 -80.74 -37.32 -11.35
N VAL L 421 -79.58 -37.56 -11.95
CA VAL L 421 -78.30 -37.49 -11.25
C VAL L 421 -77.50 -36.26 -11.65
N MET L 422 -77.76 -35.66 -12.81
CA MET L 422 -77.07 -34.44 -13.21
C MET L 422 -77.34 -33.29 -12.23
N ASN L 423 -78.59 -33.12 -11.81
CA ASN L 423 -78.92 -32.03 -10.90
C ASN L 423 -78.34 -32.25 -9.51
N SER L 424 -78.28 -33.50 -9.06
CA SER L 424 -77.77 -33.79 -7.72
C SER L 424 -76.28 -33.51 -7.58
N LEU L 425 -75.54 -33.52 -8.69
CA LEU L 425 -74.10 -33.29 -8.63
C LEU L 425 -73.79 -31.83 -8.32
N ALA L 426 -72.81 -31.61 -7.46
CA ALA L 426 -72.36 -30.26 -7.13
C ALA L 426 -70.90 -30.33 -6.66
N VAL L 427 -70.09 -29.38 -7.12
CA VAL L 427 -68.69 -29.36 -6.73
C VAL L 427 -68.56 -28.89 -5.29
N THR L 428 -67.52 -29.38 -4.60
CA THR L 428 -67.35 -29.15 -3.19
C THR L 428 -66.08 -28.36 -2.91
N MET L 429 -65.76 -28.20 -1.62
CA MET L 429 -64.57 -27.47 -1.21
C MET L 429 -63.30 -28.15 -1.71
N ASP L 430 -63.16 -29.45 -1.43
CA ASP L 430 -61.93 -30.16 -1.75
C ASP L 430 -61.62 -30.16 -3.24
N ASP L 431 -62.63 -30.02 -4.10
CA ASP L 431 -62.36 -29.99 -5.53
C ASP L 431 -61.59 -28.75 -5.93
N PHE L 432 -62.03 -27.57 -5.51
CA PHE L 432 -61.29 -26.35 -5.83
C PHE L 432 -59.95 -26.32 -5.09
N ARG L 433 -59.86 -26.96 -3.93
CA ARG L 433 -58.57 -27.03 -3.25
C ARG L 433 -57.58 -27.88 -4.03
N TRP L 434 -58.01 -29.05 -4.49
CA TRP L 434 -57.14 -29.97 -5.21
C TRP L 434 -56.85 -29.48 -6.62
N ALA L 435 -57.73 -28.65 -7.18
CA ALA L 435 -57.50 -28.12 -8.52
C ALA L 435 -56.25 -27.25 -8.58
N LEU L 436 -56.06 -26.36 -7.61
CA LEU L 436 -54.93 -25.46 -7.62
C LEU L 436 -53.63 -26.11 -7.18
N SER L 437 -53.71 -27.19 -6.39
CA SER L 437 -52.53 -27.91 -5.95
C SER L 437 -51.91 -28.76 -7.05
N GLN L 438 -52.55 -28.82 -8.21
CA GLN L 438 -52.02 -29.57 -9.34
C GLN L 438 -51.11 -28.65 -10.15
N SER L 439 -50.74 -29.04 -11.37
CA SER L 439 -49.76 -28.28 -12.14
C SER L 439 -50.37 -27.25 -13.08
N ASN L 440 -51.70 -27.09 -13.09
CA ASN L 440 -52.29 -26.09 -13.98
C ASN L 440 -52.01 -24.62 -13.63
N PRO L 441 -51.68 -24.23 -12.39
CA PRO L 441 -51.29 -22.82 -12.19
C PRO L 441 -49.93 -22.49 -12.74
N SER L 442 -49.16 -23.48 -13.19
CA SER L 442 -47.82 -23.25 -13.70
C SER L 442 -47.91 -22.50 -15.03
N ALA L 443 -47.71 -21.19 -14.97
CA ALA L 443 -47.81 -20.36 -16.16
C ALA L 443 -46.74 -19.29 -16.14
N LEU L 444 -46.87 -18.28 -17.00
CA LEU L 444 -45.87 -17.23 -17.12
C LEU L 444 -46.29 -16.02 -16.29
N ARG L 445 -45.33 -15.44 -15.59
CA ARG L 445 -45.57 -14.30 -14.69
C ARG L 445 -44.87 -13.07 -15.23
N GLU L 446 -45.62 -11.97 -15.32
CA GLU L 446 -45.06 -10.68 -15.73
C GLU L 446 -45.72 -9.55 -14.94
N THR L 447 -45.54 -8.32 -15.40
CA THR L 447 -46.09 -7.14 -14.75
C THR L 447 -47.61 -7.25 -14.71
N VAL L 448 -48.16 -7.31 -13.49
CA VAL L 448 -49.59 -7.41 -13.29
C VAL L 448 -50.12 -6.04 -12.88
N VAL L 449 -51.33 -5.72 -13.33
CA VAL L 449 -51.94 -4.42 -13.06
C VAL L 449 -53.07 -4.64 -12.06
N GLU L 450 -52.85 -4.25 -10.82
CA GLU L 450 -53.82 -4.40 -9.74
C GLU L 450 -54.05 -3.07 -9.05
N VAL L 451 -55.14 -3.02 -8.29
CA VAL L 451 -55.51 -1.83 -7.52
C VAL L 451 -55.29 -2.13 -6.04
N PRO L 452 -54.59 -1.27 -5.31
CA PRO L 452 -54.35 -1.54 -3.88
C PRO L 452 -55.63 -1.40 -3.08
N GLN L 453 -55.58 -1.95 -1.85
CA GLN L 453 -56.73 -1.93 -0.95
C GLN L 453 -56.34 -1.43 0.43
N VAL L 454 -55.37 -0.54 0.51
CA VAL L 454 -54.90 0.01 1.78
C VAL L 454 -55.13 1.51 1.76
N THR L 455 -55.82 2.01 2.79
CA THR L 455 -56.17 3.42 2.87
C THR L 455 -55.68 4.03 4.17
N TRP L 456 -56.09 5.27 4.48
CA TRP L 456 -55.52 5.97 5.62
C TRP L 456 -55.87 5.29 6.94
N GLU L 457 -57.12 4.89 7.14
CA GLU L 457 -57.46 4.22 8.40
C GLU L 457 -56.80 2.86 8.51
N ASP L 458 -56.50 2.22 7.38
CA ASP L 458 -55.89 0.89 7.40
C ASP L 458 -54.49 0.92 7.99
N ILE L 459 -53.80 2.06 7.89
CA ILE L 459 -52.47 2.19 8.47
C ILE L 459 -52.53 3.23 9.58
N GLY L 460 -51.41 3.43 10.28
CA GLY L 460 -51.38 4.41 11.35
C GLY L 460 -50.00 5.02 11.46
N GLY L 461 -49.94 6.08 12.26
CA GLY L 461 -48.68 6.75 12.51
C GLY L 461 -48.17 7.46 11.27
N LEU L 462 -46.93 7.96 11.38
CA LEU L 462 -46.26 8.65 10.29
C LEU L 462 -47.09 9.81 9.77
N GLU L 463 -47.63 10.59 10.71
CA GLU L 463 -48.38 11.79 10.37
C GLU L 463 -47.51 12.84 9.69
N ASP L 464 -46.18 12.75 9.85
CA ASP L 464 -45.29 13.72 9.23
C ASP L 464 -45.05 13.46 7.75
N VAL L 465 -45.28 12.22 7.28
CA VAL L 465 -45.13 11.91 5.87
C VAL L 465 -46.45 11.61 5.20
N LYS L 466 -47.48 11.20 5.94
CA LYS L 466 -48.82 11.17 5.38
C LYS L 466 -49.28 12.57 5.01
N ARG L 467 -48.93 13.56 5.83
CA ARG L 467 -49.33 14.94 5.60
C ARG L 467 -48.69 15.45 4.32
N GLU L 468 -47.53 14.92 3.96
CA GLU L 468 -46.71 15.43 2.86
C GLU L 468 -46.91 14.67 1.55
N LEU L 469 -47.09 13.35 1.59
CA LEU L 469 -47.30 12.60 0.37
C LEU L 469 -48.56 13.07 -0.35
N GLN L 470 -49.62 13.34 0.40
CA GLN L 470 -50.84 13.87 -0.18
C GLN L 470 -50.60 15.20 -0.88
N GLU L 471 -49.80 16.09 -0.30
CA GLU L 471 -49.52 17.39 -0.88
C GLU L 471 -48.93 17.31 -2.27
N LEU L 472 -48.26 16.22 -2.63
CA LEU L 472 -47.63 16.10 -3.93
C LEU L 472 -48.22 15.00 -4.80
N VAL L 473 -49.18 14.21 -4.30
CA VAL L 473 -49.89 13.23 -5.11
C VAL L 473 -51.37 13.56 -5.21
N GLN L 474 -52.05 13.64 -4.06
CA GLN L 474 -53.52 13.64 -4.06
C GLN L 474 -54.10 14.88 -4.74
N TYR L 475 -53.62 16.07 -4.35
CA TYR L 475 -54.21 17.29 -4.89
C TYR L 475 -53.99 17.44 -6.39
N PRO L 476 -52.78 17.26 -6.94
CA PRO L 476 -52.67 17.34 -8.41
C PRO L 476 -53.08 16.04 -9.09
N VAL L 477 -54.12 15.41 -8.55
CA VAL L 477 -54.84 14.33 -9.23
C VAL L 477 -56.33 14.65 -9.14
N GLU L 478 -56.79 14.91 -7.92
CA GLU L 478 -58.21 15.15 -7.65
C GLU L 478 -58.63 16.60 -7.81
N HIS L 479 -57.69 17.50 -8.11
CA HIS L 479 -57.99 18.93 -8.26
C HIS L 479 -57.44 19.39 -9.61
N PRO L 480 -58.12 19.06 -10.71
CA PRO L 480 -57.63 19.50 -12.03
C PRO L 480 -57.61 21.01 -12.18
N ASP L 481 -58.47 21.75 -11.48
CA ASP L 481 -58.53 23.19 -11.63
C ASP L 481 -57.28 23.88 -11.11
N LYS L 482 -56.58 23.28 -10.15
CA LYS L 482 -55.39 23.89 -9.58
C LYS L 482 -54.17 23.55 -10.43
N PHE L 483 -53.01 24.05 -9.97
CA PHE L 483 -51.69 23.73 -10.54
C PHE L 483 -51.48 24.33 -11.92
N LEU L 484 -52.40 25.13 -12.41
CA LEU L 484 -52.11 25.91 -13.60
C LEU L 484 -52.50 27.37 -13.45
N LYS L 485 -53.45 27.68 -12.55
CA LYS L 485 -53.74 29.08 -12.24
C LYS L 485 -52.54 29.75 -11.58
N PHE L 486 -51.86 29.03 -10.68
CA PHE L 486 -50.67 29.53 -10.03
C PHE L 486 -49.40 29.26 -10.84
N GLY L 487 -49.54 28.72 -12.04
CA GLY L 487 -48.38 28.44 -12.86
C GLY L 487 -47.77 27.12 -12.49
N MET L 488 -46.45 27.13 -12.27
CA MET L 488 -45.67 25.98 -11.79
C MET L 488 -45.96 24.71 -12.57
N THR L 489 -45.66 23.55 -11.98
CA THR L 489 -45.87 22.26 -12.64
C THR L 489 -45.71 21.15 -11.63
N PRO L 490 -46.55 20.11 -11.69
CA PRO L 490 -46.42 19.00 -10.73
C PRO L 490 -45.17 18.17 -11.02
N SER L 491 -44.80 17.38 -10.03
CA SER L 491 -43.62 16.53 -10.12
C SER L 491 -43.99 15.21 -10.82
N LYS L 492 -42.99 14.38 -11.09
CA LYS L 492 -43.24 13.05 -11.65
C LYS L 492 -42.63 11.97 -10.76
N GLY L 493 -41.52 12.27 -10.10
CA GLY L 493 -40.73 11.26 -9.44
C GLY L 493 -40.54 11.50 -7.96
N VAL L 494 -40.60 10.42 -7.19
CA VAL L 494 -40.33 10.45 -5.77
C VAL L 494 -39.40 9.29 -5.43
N LEU L 495 -38.33 9.56 -4.70
CA LEU L 495 -37.36 8.55 -4.32
C LEU L 495 -37.51 8.27 -2.83
N PHE L 496 -37.74 7.00 -2.48
CA PHE L 496 -37.88 6.58 -1.10
C PHE L 496 -36.59 5.94 -0.62
N TYR L 497 -36.21 6.27 0.60
CA TYR L 497 -34.92 5.87 1.15
C TYR L 497 -35.03 5.75 2.66
N GLY L 498 -34.15 4.96 3.25
CA GLY L 498 -34.16 4.74 4.68
C GLY L 498 -33.78 3.32 5.04
N PRO L 499 -34.05 2.95 6.30
CA PRO L 499 -33.69 1.60 6.75
C PRO L 499 -34.47 0.55 5.98
N PRO L 500 -33.84 -0.58 5.69
CA PRO L 500 -34.57 -1.67 5.01
C PRO L 500 -35.66 -2.24 5.90
N GLY L 501 -36.73 -2.72 5.28
CA GLY L 501 -37.84 -3.29 6.01
C GLY L 501 -38.82 -2.30 6.58
N CYS L 502 -38.80 -1.04 6.12
CA CYS L 502 -39.71 -0.04 6.64
C CYS L 502 -41.06 -0.04 5.95
N GLY L 503 -41.28 -0.92 4.98
CA GLY L 503 -42.54 -1.02 4.30
C GLY L 503 -42.76 0.03 3.23
N LYS L 504 -41.71 0.33 2.47
CA LYS L 504 -41.81 1.35 1.43
C LYS L 504 -42.77 0.96 0.32
N THR L 505 -42.78 -0.31 -0.08
CA THR L 505 -43.71 -0.75 -1.11
C THR L 505 -45.16 -0.54 -0.68
N LEU L 506 -45.47 -0.92 0.56
CA LEU L 506 -46.82 -0.71 1.07
C LEU L 506 -47.15 0.77 1.24
N LEU L 507 -46.19 1.58 1.66
CA LEU L 507 -46.43 3.01 1.77
C LEU L 507 -46.73 3.61 0.40
N ALA L 508 -46.03 3.16 -0.63
CA ALA L 508 -46.32 3.61 -1.99
C ALA L 508 -47.67 3.14 -2.50
N LYS L 509 -48.08 1.91 -2.15
CA LYS L 509 -49.40 1.44 -2.54
C LYS L 509 -50.52 2.19 -1.84
N ALA L 510 -50.30 2.59 -0.59
CA ALA L 510 -51.34 3.24 0.20
C ALA L 510 -51.82 4.55 -0.42
N ILE L 511 -50.94 5.27 -1.12
CA ILE L 511 -51.34 6.52 -1.74
C ILE L 511 -51.92 6.33 -3.14
N ALA L 512 -51.55 5.25 -3.83
CA ALA L 512 -52.01 5.03 -5.20
C ALA L 512 -53.47 4.61 -5.29
N ASN L 513 -54.00 3.93 -4.27
CA ASN L 513 -55.39 3.47 -4.36
C ASN L 513 -56.40 4.57 -4.05
N GLU L 514 -56.02 5.59 -3.28
CA GLU L 514 -56.93 6.67 -2.93
C GLU L 514 -57.05 7.73 -4.02
N CYS L 515 -56.19 7.70 -5.03
CA CYS L 515 -56.29 8.63 -6.14
C CYS L 515 -56.95 8.01 -7.37
N GLN L 516 -57.59 6.85 -7.19
CA GLN L 516 -58.29 6.14 -8.26
C GLN L 516 -57.33 5.86 -9.44
N ALA L 517 -56.24 5.17 -9.10
CA ALA L 517 -55.23 4.80 -10.08
C ALA L 517 -54.83 3.36 -9.85
N ASN L 518 -54.37 2.72 -10.93
CA ASN L 518 -53.87 1.35 -10.84
C ASN L 518 -52.44 1.37 -10.31
N PHE L 519 -51.86 0.19 -10.16
CA PHE L 519 -50.53 0.07 -9.57
C PHE L 519 -49.80 -1.09 -10.22
N ILE L 520 -48.56 -0.87 -10.62
CA ILE L 520 -47.68 -1.92 -11.11
C ILE L 520 -46.45 -1.96 -10.23
N SER L 521 -46.11 -3.13 -9.72
CA SER L 521 -44.98 -3.28 -8.81
C SER L 521 -43.79 -3.83 -9.57
N ILE L 522 -42.69 -3.08 -9.54
CA ILE L 522 -41.45 -3.48 -10.19
C ILE L 522 -40.40 -3.63 -9.09
N LYS L 523 -40.18 -4.87 -8.65
CA LYS L 523 -39.16 -5.12 -7.65
C LYS L 523 -37.79 -5.22 -8.33
N GLY L 524 -36.74 -5.12 -7.53
CA GLY L 524 -35.38 -5.05 -8.02
C GLY L 524 -34.93 -6.19 -8.90
N PRO L 525 -34.82 -7.40 -8.33
CA PRO L 525 -34.17 -8.50 -9.07
C PRO L 525 -34.88 -8.89 -10.36
N GLU L 526 -36.17 -8.60 -10.52
CA GLU L 526 -36.85 -9.01 -11.75
C GLU L 526 -36.42 -8.13 -12.92
N LEU L 527 -36.11 -6.86 -12.67
CA LEU L 527 -35.54 -6.03 -13.73
C LEU L 527 -34.07 -6.35 -13.98
N LEU L 528 -33.45 -7.15 -13.13
CA LEU L 528 -32.07 -7.59 -13.35
C LEU L 528 -32.00 -8.92 -14.08
N THR L 529 -32.96 -9.82 -13.82
CA THR L 529 -32.97 -11.10 -14.52
C THR L 529 -33.44 -10.95 -15.96
N MET L 530 -34.14 -9.87 -16.28
CA MET L 530 -34.55 -9.56 -17.64
C MET L 530 -33.50 -8.76 -18.39
N TRP L 531 -32.35 -8.53 -17.78
CA TRP L 531 -31.27 -7.76 -18.41
C TRP L 531 -30.40 -8.61 -19.32
N PHE L 532 -30.12 -9.84 -18.93
CA PHE L 532 -29.21 -10.74 -19.67
C PHE L 532 -27.85 -10.03 -19.78
N GLY L 533 -27.16 -10.19 -20.90
CA GLY L 533 -25.89 -9.52 -21.10
C GLY L 533 -25.80 -8.87 -22.47
N GLU L 534 -25.64 -7.54 -22.49
CA GLU L 534 -25.45 -6.77 -23.71
C GLU L 534 -26.65 -6.81 -24.65
N SER L 535 -27.79 -7.30 -24.15
CA SER L 535 -29.00 -7.34 -24.97
C SER L 535 -30.21 -7.44 -24.06
N GLU L 536 -30.99 -6.36 -23.95
CA GLU L 536 -32.26 -6.41 -23.25
C GLU L 536 -33.43 -6.08 -24.19
N ALA L 537 -33.38 -4.92 -24.84
CA ALA L 537 -34.37 -4.50 -25.84
C ALA L 537 -35.81 -4.60 -25.33
N ASN L 538 -35.99 -4.49 -24.02
CA ASN L 538 -37.32 -4.62 -23.43
C ASN L 538 -37.54 -3.57 -22.34
N VAL L 539 -37.25 -2.31 -22.63
CA VAL L 539 -37.50 -1.22 -21.68
C VAL L 539 -38.63 -0.33 -22.17
N ARG L 540 -38.64 -0.02 -23.48
CA ARG L 540 -39.60 0.97 -23.99
C ARG L 540 -41.04 0.52 -23.79
N GLU L 541 -41.30 -0.79 -23.75
CA GLU L 541 -42.67 -1.28 -23.66
C GLU L 541 -43.17 -1.41 -22.23
N ILE L 542 -42.29 -1.29 -21.22
CA ILE L 542 -42.74 -1.42 -19.84
C ILE L 542 -43.28 -0.12 -19.28
N PHE L 543 -43.14 0.98 -20.01
CA PHE L 543 -43.66 2.27 -19.59
C PHE L 543 -45.00 2.61 -20.23
N ASP L 544 -45.31 2.05 -21.40
CA ASP L 544 -46.56 2.36 -22.07
C ASP L 544 -47.75 1.76 -21.36
N LYS L 545 -47.57 0.62 -20.68
CA LYS L 545 -48.67 0.02 -19.94
C LYS L 545 -49.17 0.93 -18.83
N ALA L 546 -48.27 1.68 -18.20
CA ALA L 546 -48.66 2.67 -17.21
C ALA L 546 -49.27 3.92 -17.86
N ARG L 547 -49.10 4.10 -19.16
CA ARG L 547 -49.66 5.24 -19.88
C ARG L 547 -51.07 4.97 -20.39
N GLN L 548 -51.30 3.79 -20.96
CA GLN L 548 -52.66 3.45 -21.40
C GLN L 548 -53.60 3.27 -20.21
N ALA L 549 -53.08 2.82 -19.08
CA ALA L 549 -53.90 2.61 -17.88
C ALA L 549 -53.90 3.85 -16.99
N ALA L 550 -54.23 4.99 -17.57
CA ALA L 550 -54.30 6.22 -16.80
C ALA L 550 -55.61 6.29 -16.02
N PRO L 551 -55.58 6.77 -14.77
CA PRO L 551 -54.36 7.14 -14.04
C PRO L 551 -53.60 5.92 -13.52
N CYS L 552 -52.29 6.04 -13.37
CA CYS L 552 -51.48 4.94 -12.87
C CYS L 552 -50.31 5.50 -12.08
N VAL L 553 -49.91 4.76 -11.06
CA VAL L 553 -48.77 5.12 -10.21
C VAL L 553 -47.74 4.00 -10.35
N LEU L 554 -46.58 4.35 -10.90
CA LEU L 554 -45.52 3.38 -11.10
C LEU L 554 -44.57 3.37 -9.91
N PHE L 555 -44.07 2.19 -9.57
CA PHE L 555 -43.21 2.02 -8.41
C PHE L 555 -42.00 1.19 -8.79
N PHE L 556 -40.81 1.66 -8.40
CA PHE L 556 -39.56 0.92 -8.56
C PHE L 556 -39.11 0.50 -7.17
N ASP L 557 -39.33 -0.77 -6.85
CA ASP L 557 -38.95 -1.30 -5.55
C ASP L 557 -37.49 -1.71 -5.57
N GLU L 558 -36.72 -1.13 -4.67
CA GLU L 558 -35.32 -1.52 -4.53
C GLU L 558 -34.61 -1.31 -5.86
N LEU L 559 -34.62 -0.05 -6.30
CA LEU L 559 -33.80 0.38 -7.44
C LEU L 559 -32.31 0.16 -7.21
N ASP L 560 -31.88 -0.09 -5.96
CA ASP L 560 -30.46 -0.23 -5.64
C ASP L 560 -29.84 -1.49 -6.22
N SER L 561 -30.67 -2.43 -6.69
CA SER L 561 -30.23 -3.64 -7.37
C SER L 561 -29.38 -3.36 -8.61
N ILE L 562 -29.71 -2.34 -9.41
CA ILE L 562 -28.88 -2.05 -10.58
C ILE L 562 -27.49 -1.62 -10.15
N ALA L 563 -27.38 -0.78 -9.13
CA ALA L 563 -26.06 -0.41 -8.61
C ALA L 563 -25.33 -1.61 -8.02
N LYS L 564 -26.06 -2.58 -7.45
CA LYS L 564 -25.43 -3.80 -6.97
C LYS L 564 -24.59 -4.46 -8.05
N ALA L 565 -25.14 -4.63 -9.26
CA ALA L 565 -24.44 -5.34 -10.31
C ALA L 565 -23.25 -4.55 -10.86
N ARG L 566 -23.39 -3.23 -11.03
CA ARG L 566 -22.29 -2.43 -11.55
C ARG L 566 -21.14 -2.32 -10.54
N GLY L 567 -21.44 -1.92 -9.32
CA GLY L 567 -20.44 -1.86 -8.29
C GLY L 567 -21.04 -1.60 -6.93
N GLY L 568 -20.70 -2.43 -5.95
CA GLY L 568 -21.23 -2.31 -4.62
C GLY L 568 -20.14 -2.28 -3.56
N ASN L 569 -20.55 -1.93 -2.35
CA ASN L 569 -19.65 -1.85 -1.21
C ASN L 569 -18.50 -0.90 -1.51
N ILE L 570 -17.40 -1.43 -2.03
CA ILE L 570 -16.26 -0.59 -2.41
C ILE L 570 -16.57 0.18 -3.68
N GLY L 571 -17.05 -0.50 -4.72
CA GLY L 571 -17.37 0.12 -5.98
C GLY L 571 -16.20 0.06 -6.96
N ASP L 572 -16.49 0.47 -8.19
CA ASP L 572 -15.50 0.48 -9.26
C ASP L 572 -14.69 1.78 -9.19
N GLY L 573 -13.81 1.99 -10.18
CA GLY L 573 -13.01 3.19 -10.20
C GLY L 573 -13.78 4.44 -10.58
N GLY L 574 -14.92 4.30 -11.26
CA GLY L 574 -15.73 5.43 -11.66
C GLY L 574 -17.12 5.38 -11.08
N GLY L 575 -18.05 6.08 -11.74
CA GLY L 575 -19.42 6.10 -11.30
C GLY L 575 -20.14 4.79 -11.55
N ALA L 576 -21.24 4.60 -10.83
CA ALA L 576 -22.03 3.37 -10.94
C ALA L 576 -23.18 3.60 -11.92
N ALA L 577 -22.81 3.99 -13.13
CA ALA L 577 -23.77 4.25 -14.20
C ALA L 577 -23.93 3.01 -15.07
N ASP L 578 -25.02 2.96 -15.82
CA ASP L 578 -25.30 1.80 -16.64
C ASP L 578 -26.13 2.20 -17.85
N ARG L 579 -26.02 1.37 -18.90
CA ARG L 579 -26.80 1.55 -20.12
C ARG L 579 -28.27 1.22 -19.90
N VAL L 580 -28.62 0.63 -18.76
CA VAL L 580 -30.03 0.44 -18.42
C VAL L 580 -30.54 1.60 -17.56
N ILE L 581 -29.65 2.36 -16.94
CA ILE L 581 -30.06 3.52 -16.16
C ILE L 581 -30.20 4.75 -17.05
N ASN L 582 -29.24 4.96 -17.95
CA ASN L 582 -29.32 6.14 -18.82
C ASN L 582 -30.54 6.07 -19.73
N GLN L 583 -30.86 4.88 -20.25
CA GLN L 583 -31.99 4.73 -21.15
C GLN L 583 -33.33 4.96 -20.48
N ILE L 584 -33.46 4.67 -19.19
CA ILE L 584 -34.72 4.94 -18.49
C ILE L 584 -34.79 6.39 -18.04
N LEU L 585 -33.66 6.98 -17.62
CA LEU L 585 -33.70 8.38 -17.21
C LEU L 585 -33.90 9.29 -18.42
N THR L 586 -33.48 8.86 -19.61
CA THR L 586 -33.80 9.62 -20.81
C THR L 586 -35.24 9.40 -21.23
N GLU L 587 -35.76 8.19 -21.05
CA GLU L 587 -37.14 7.91 -21.44
C GLU L 587 -38.13 8.68 -20.58
N MET L 588 -37.84 8.85 -19.29
CA MET L 588 -38.80 9.53 -18.41
C MET L 588 -38.84 11.03 -18.64
N ASP L 589 -37.93 11.58 -19.46
CA ASP L 589 -37.92 13.01 -19.76
C ASP L 589 -38.71 13.35 -21.02
N GLY L 590 -39.08 12.38 -21.84
CA GLY L 590 -39.81 12.68 -23.07
C GLY L 590 -41.27 12.97 -22.82
N MET L 591 -41.80 12.51 -21.70
CA MET L 591 -43.20 12.67 -21.39
C MET L 591 -43.53 14.12 -21.05
N SER L 592 -44.74 14.53 -21.41
CA SER L 592 -45.23 15.87 -21.12
C SER L 592 -45.63 15.96 -19.65
N THR L 593 -45.58 17.17 -19.10
CA THR L 593 -45.88 17.36 -17.70
C THR L 593 -47.35 17.14 -17.37
N LYS L 594 -48.23 17.16 -18.37
CA LYS L 594 -49.66 17.09 -18.12
C LYS L 594 -50.18 15.65 -18.03
N LYS L 595 -49.36 14.67 -18.37
CA LYS L 595 -49.73 13.28 -18.13
C LYS L 595 -49.82 13.02 -16.63
N ASN L 596 -50.67 12.06 -16.27
CA ASN L 596 -50.92 11.73 -14.88
C ASN L 596 -50.09 10.54 -14.40
N VAL L 597 -49.13 10.10 -15.21
CA VAL L 597 -48.25 9.00 -14.82
C VAL L 597 -47.30 9.48 -13.73
N PHE L 598 -47.17 8.68 -12.67
CA PHE L 598 -46.31 9.02 -11.54
C PHE L 598 -45.36 7.86 -11.29
N ILE L 599 -44.06 8.14 -11.33
CA ILE L 599 -43.03 7.13 -11.08
C ILE L 599 -42.47 7.35 -9.69
N ILE L 600 -42.31 6.27 -8.93
CA ILE L 600 -41.81 6.32 -7.57
C ILE L 600 -40.65 5.34 -7.43
N GLY L 601 -39.52 5.83 -6.94
CA GLY L 601 -38.36 5.01 -6.72
C GLY L 601 -38.16 4.69 -5.24
N ALA L 602 -37.49 3.57 -4.99
CA ALA L 602 -37.22 3.15 -3.63
C ALA L 602 -35.82 2.56 -3.56
N THR L 603 -35.10 2.89 -2.51
CA THR L 603 -33.74 2.40 -2.30
C THR L 603 -33.49 2.28 -0.81
N ASN L 604 -32.33 1.71 -0.47
CA ASN L 604 -31.96 1.51 0.92
C ASN L 604 -30.58 2.07 1.24
N ARG L 605 -29.78 2.40 0.23
CA ARG L 605 -28.43 2.93 0.44
C ARG L 605 -28.23 4.14 -0.45
N PRO L 606 -28.85 5.27 -0.11
CA PRO L 606 -28.87 6.45 -1.01
C PRO L 606 -27.59 7.27 -0.96
N ASP L 607 -26.47 6.62 -1.25
CA ASP L 607 -25.19 7.31 -1.32
C ASP L 607 -24.39 6.86 -2.54
N ILE L 608 -24.84 5.78 -3.18
CA ILE L 608 -24.14 5.21 -4.32
C ILE L 608 -24.91 5.37 -5.63
N ILE L 609 -26.15 5.84 -5.58
CA ILE L 609 -26.92 6.06 -6.80
C ILE L 609 -26.42 7.33 -7.48
N ASP L 610 -26.40 7.30 -8.81
CA ASP L 610 -25.93 8.45 -9.57
C ASP L 610 -26.84 9.66 -9.34
N PRO L 611 -26.29 10.87 -9.27
CA PRO L 611 -27.15 12.05 -9.19
C PRO L 611 -27.80 12.37 -10.52
N ALA L 612 -27.47 11.59 -11.54
CA ALA L 612 -28.04 11.81 -12.88
C ALA L 612 -29.56 11.68 -12.86
N ILE L 613 -30.09 10.66 -12.17
CA ILE L 613 -31.53 10.57 -12.01
C ILE L 613 -32.03 11.50 -10.91
N LEU L 614 -31.16 11.93 -10.01
CA LEU L 614 -31.50 12.90 -8.98
C LEU L 614 -31.45 14.33 -9.48
N ARG L 615 -31.38 14.53 -10.80
CA ARG L 615 -31.32 15.86 -11.35
C ARG L 615 -32.61 16.62 -11.07
N PRO L 616 -32.57 17.94 -10.95
CA PRO L 616 -33.78 18.71 -10.67
C PRO L 616 -34.74 18.74 -11.85
N GLY L 617 -35.61 17.74 -11.93
CA GLY L 617 -36.53 17.60 -13.04
C GLY L 617 -36.87 16.16 -13.34
N ARG L 618 -36.15 15.23 -12.71
CA ARG L 618 -36.53 13.82 -12.74
C ARG L 618 -36.89 13.33 -11.34
N LEU L 619 -36.00 13.46 -10.37
CA LEU L 619 -36.28 13.09 -8.98
C LEU L 619 -36.01 14.33 -8.12
N ASP L 620 -37.03 15.17 -7.99
CA ASP L 620 -36.87 16.44 -7.28
C ASP L 620 -37.09 16.27 -5.78
N GLN L 621 -38.26 15.78 -5.40
CA GLN L 621 -38.58 15.63 -3.99
C GLN L 621 -37.95 14.37 -3.43
N LEU L 622 -37.30 14.52 -2.27
CA LEU L 622 -36.70 13.40 -1.54
C LEU L 622 -37.46 13.22 -0.24
N ILE L 623 -37.96 12.01 0.00
CA ILE L 623 -38.79 11.71 1.15
C ILE L 623 -38.15 10.59 1.95
N TYR L 624 -38.05 10.80 3.26
CA TYR L 624 -37.39 9.85 4.15
C TYR L 624 -38.44 9.04 4.90
N ILE L 625 -38.21 7.74 5.01
CA ILE L 625 -39.10 6.87 5.76
C ILE L 625 -38.44 6.52 7.09
N PRO L 626 -38.89 7.09 8.19
CA PRO L 626 -38.26 6.78 9.49
C PRO L 626 -38.77 5.47 10.07
N LEU L 627 -38.30 5.13 11.26
CA LEU L 627 -38.76 3.93 11.93
C LEU L 627 -40.22 4.08 12.33
N PRO L 628 -40.98 2.99 12.30
CA PRO L 628 -42.40 3.07 12.69
C PRO L 628 -42.55 3.52 14.14
N ASP L 629 -43.56 4.36 14.38
CA ASP L 629 -43.83 4.90 15.71
C ASP L 629 -44.87 4.00 16.40
N GLU L 630 -45.39 4.47 17.54
CA GLU L 630 -46.36 3.69 18.31
C GLU L 630 -47.63 3.42 17.53
N LYS L 631 -48.17 4.44 16.85
CA LYS L 631 -49.44 4.28 16.16
C LYS L 631 -49.35 3.28 15.02
N SER L 632 -48.19 3.20 14.36
CA SER L 632 -48.00 2.23 13.30
C SER L 632 -47.64 0.86 13.85
N ARG L 633 -46.90 0.81 14.96
CA ARG L 633 -46.55 -0.47 15.56
C ARG L 633 -47.80 -1.22 16.05
N VAL L 634 -48.76 -0.51 16.65
CA VAL L 634 -49.98 -1.18 17.05
C VAL L 634 -50.79 -1.62 15.84
N ALA L 635 -50.76 -0.84 14.75
CA ALA L 635 -51.53 -1.16 13.55
C ALA L 635 -51.00 -2.39 12.83
N ILE L 636 -49.68 -2.53 12.71
CA ILE L 636 -49.11 -3.68 12.02
C ILE L 636 -49.52 -4.99 12.70
N LEU L 637 -49.55 -4.99 14.03
CA LEU L 637 -49.98 -6.17 14.76
C LEU L 637 -51.46 -6.47 14.57
N LYS L 638 -52.32 -5.47 14.52
CA LYS L 638 -53.73 -5.68 14.24
C LYS L 638 -53.99 -6.05 12.80
N ALA L 639 -52.98 -5.93 11.93
CA ALA L 639 -53.13 -6.23 10.52
C ALA L 639 -52.57 -7.58 10.11
N ASN L 640 -51.45 -8.01 10.71
CA ASN L 640 -50.81 -9.23 10.25
C ASN L 640 -51.45 -10.49 10.84
N LEU L 641 -52.41 -10.34 11.76
CA LEU L 641 -53.13 -11.47 12.34
C LEU L 641 -54.63 -11.35 12.14
N ARG L 642 -55.05 -10.63 11.11
CA ARG L 642 -56.47 -10.35 10.90
C ARG L 642 -57.29 -11.62 10.65
N LYS L 643 -56.66 -12.71 10.24
CA LYS L 643 -57.36 -13.95 9.94
C LYS L 643 -57.05 -15.05 10.96
N SER L 644 -56.69 -14.68 12.18
CA SER L 644 -56.38 -15.64 13.22
C SER L 644 -57.31 -15.45 14.42
N PRO L 645 -57.76 -16.54 15.05
CA PRO L 645 -58.64 -16.42 16.22
C PRO L 645 -57.86 -16.08 17.49
N VAL L 646 -57.37 -14.85 17.56
CA VAL L 646 -56.60 -14.40 18.71
C VAL L 646 -57.55 -14.06 19.84
N ALA L 647 -57.28 -14.61 21.03
CA ALA L 647 -58.13 -14.36 22.19
C ALA L 647 -57.98 -12.92 22.67
N LYS L 648 -58.94 -12.48 23.47
CA LYS L 648 -58.96 -11.13 24.00
C LYS L 648 -58.09 -10.96 25.23
N ASP L 649 -57.49 -12.04 25.74
CA ASP L 649 -56.65 -11.93 26.93
C ASP L 649 -55.40 -11.10 26.66
N VAL L 650 -54.93 -11.08 25.42
CA VAL L 650 -53.73 -10.32 25.06
C VAL L 650 -54.09 -8.85 24.89
N ASP L 651 -53.08 -7.99 24.88
CA ASP L 651 -53.26 -6.56 24.71
C ASP L 651 -52.42 -6.10 23.52
N LEU L 652 -53.07 -5.41 22.58
CA LEU L 652 -52.36 -4.98 21.37
C LEU L 652 -51.42 -3.82 21.65
N GLU L 653 -51.87 -2.83 22.43
CA GLU L 653 -51.04 -1.68 22.75
C GLU L 653 -49.83 -2.05 23.60
N PHE L 654 -49.98 -3.07 24.45
CA PHE L 654 -48.90 -3.46 25.35
C PHE L 654 -47.66 -3.91 24.58
N LEU L 655 -47.85 -4.73 23.54
CA LEU L 655 -46.71 -5.15 22.72
C LEU L 655 -45.97 -3.97 22.11
N ALA L 656 -46.69 -3.02 21.52
CA ALA L 656 -46.05 -1.83 21.00
C ALA L 656 -45.41 -1.00 22.10
N LYS L 657 -45.88 -1.13 23.34
CA LYS L 657 -45.26 -0.40 24.44
C LYS L 657 -43.85 -0.91 24.72
N MET L 658 -43.63 -2.23 24.75
CA MET L 658 -42.24 -2.67 24.86
C MET L 658 -41.47 -2.42 23.57
N THR L 659 -42.06 -2.72 22.41
CA THR L 659 -41.34 -2.66 21.16
C THR L 659 -41.11 -1.21 20.77
N ASN L 660 -39.85 -0.77 20.80
CA ASN L 660 -39.50 0.60 20.45
C ASN L 660 -38.52 0.65 19.29
N GLY L 661 -37.45 -0.14 19.37
CA GLY L 661 -36.40 -0.08 18.38
C GLY L 661 -36.40 -1.24 17.40
N PHE L 662 -37.60 -1.63 16.96
CA PHE L 662 -37.76 -2.74 16.01
C PHE L 662 -38.40 -2.23 14.74
N SER L 663 -38.05 -2.86 13.61
CA SER L 663 -38.57 -2.48 12.31
C SER L 663 -39.72 -3.41 11.92
N GLY L 664 -40.33 -3.14 10.77
CA GLY L 664 -41.50 -3.91 10.35
C GLY L 664 -41.22 -5.40 10.20
N ALA L 665 -40.03 -5.76 9.72
CA ALA L 665 -39.67 -7.17 9.62
C ALA L 665 -39.65 -7.82 10.99
N ASP L 666 -39.07 -7.16 11.99
CA ASP L 666 -39.07 -7.70 13.34
C ASP L 666 -40.48 -7.82 13.90
N LEU L 667 -41.30 -6.78 13.72
CA LEU L 667 -42.67 -6.82 14.23
C LEU L 667 -43.46 -7.97 13.59
N THR L 668 -43.23 -8.23 12.31
CA THR L 668 -43.91 -9.34 11.64
C THR L 668 -43.39 -10.69 12.12
N GLU L 669 -42.07 -10.82 12.25
CA GLU L 669 -41.50 -12.12 12.59
C GLU L 669 -41.81 -12.50 14.04
N ILE L 670 -42.03 -11.52 14.92
CA ILE L 670 -42.50 -11.82 16.26
C ILE L 670 -43.84 -12.55 16.21
N CYS L 671 -44.80 -11.99 15.46
CA CYS L 671 -46.10 -12.63 15.33
C CYS L 671 -45.99 -13.97 14.61
N GLN L 672 -45.09 -14.06 13.63
CA GLN L 672 -44.88 -15.34 12.96
C GLN L 672 -44.41 -16.40 13.95
N ARG L 673 -43.45 -16.07 14.80
CA ARG L 673 -42.97 -17.02 15.80
C ARG L 673 -44.05 -17.38 16.80
N ALA L 674 -44.83 -16.40 17.26
CA ALA L 674 -45.90 -16.70 18.21
C ALA L 674 -46.93 -17.65 17.60
N CYS L 675 -47.36 -17.38 16.37
CA CYS L 675 -48.29 -18.27 15.70
C CYS L 675 -47.68 -19.65 15.45
N LYS L 676 -46.40 -19.70 15.11
CA LYS L 676 -45.74 -20.98 14.85
C LYS L 676 -45.67 -21.83 16.10
N LEU L 677 -45.39 -21.23 17.26
CA LEU L 677 -45.38 -22.03 18.48
C LEU L 677 -46.79 -22.41 18.92
N ALA L 678 -47.77 -21.53 18.75
CA ALA L 678 -49.14 -21.88 19.11
C ALA L 678 -49.67 -23.03 18.27
N ILE L 679 -49.41 -23.00 16.95
CA ILE L 679 -49.88 -24.06 16.07
C ILE L 679 -49.25 -25.41 16.38
N ARG L 680 -48.08 -25.42 17.02
CA ARG L 680 -47.48 -26.70 17.38
C ARG L 680 -48.14 -27.31 18.61
N GLU L 681 -48.36 -26.51 19.65
CA GLU L 681 -49.05 -27.02 20.83
C GLU L 681 -50.50 -27.38 20.51
N SER L 682 -51.12 -26.71 19.53
CA SER L 682 -52.47 -27.08 19.13
C SER L 682 -52.52 -28.52 18.63
N ILE L 683 -51.56 -28.91 17.79
CA ILE L 683 -51.50 -30.29 17.33
C ILE L 683 -51.03 -31.23 18.43
N GLU L 684 -50.10 -30.78 19.28
CA GLU L 684 -49.57 -31.65 20.32
C GLU L 684 -50.64 -32.01 21.34
N SER L 685 -51.59 -31.12 21.58
CA SER L 685 -52.67 -31.42 22.53
C SER L 685 -53.61 -32.51 22.02
N GLU L 686 -53.52 -32.89 20.74
CA GLU L 686 -54.44 -33.90 20.20
C GLU L 686 -54.09 -35.30 20.67
N ILE L 687 -52.87 -35.54 21.12
CA ILE L 687 -52.45 -36.86 21.55
C ILE L 687 -53.05 -37.21 22.90
N VAL L 708 -60.26 -24.11 22.64
CA VAL L 708 -58.89 -24.55 22.88
C VAL L 708 -57.90 -24.01 21.84
N PRO L 709 -58.22 -24.12 20.52
CA PRO L 709 -57.28 -23.58 19.52
C PRO L 709 -57.32 -22.05 19.48
N GLU L 710 -56.63 -21.41 20.41
CA GLU L 710 -56.56 -19.96 20.46
C GLU L 710 -55.19 -19.54 20.96
N ILE L 711 -54.80 -18.33 20.60
CA ILE L 711 -53.50 -17.78 20.99
C ILE L 711 -53.64 -17.10 22.35
N ARG L 712 -52.80 -17.49 23.30
CA ARG L 712 -52.84 -16.94 24.64
C ARG L 712 -51.73 -15.90 24.82
N ARG L 713 -51.66 -15.31 26.01
CA ARG L 713 -50.64 -14.30 26.29
C ARG L 713 -49.22 -14.89 26.29
N ASP L 714 -49.05 -16.08 26.88
CA ASP L 714 -47.73 -16.70 26.92
C ASP L 714 -47.19 -16.95 25.52
N HIS L 715 -48.07 -17.20 24.54
CA HIS L 715 -47.62 -17.42 23.18
C HIS L 715 -46.86 -16.22 22.63
N PHE L 716 -47.37 -15.01 22.87
CA PHE L 716 -46.62 -13.81 22.52
C PHE L 716 -45.44 -13.62 23.45
N GLU L 717 -45.55 -14.06 24.70
CA GLU L 717 -44.45 -13.88 25.64
C GLU L 717 -43.19 -14.62 25.21
N GLU L 718 -43.32 -15.86 24.73
CA GLU L 718 -42.12 -16.56 24.26
C GLU L 718 -41.50 -15.84 23.06
N ALA L 719 -42.33 -15.39 22.12
CA ALA L 719 -41.83 -14.64 20.98
C ALA L 719 -41.16 -13.34 21.38
N MET L 720 -41.56 -12.76 22.51
CA MET L 720 -40.95 -11.52 22.97
C MET L 720 -39.46 -11.70 23.25
N ARG L 721 -39.09 -12.80 23.90
CA ARG L 721 -37.71 -12.96 24.35
C ARG L 721 -36.77 -13.30 23.20
N PHE L 722 -37.25 -14.00 22.18
CA PHE L 722 -36.43 -14.36 21.03
C PHE L 722 -36.37 -13.26 19.98
N ALA L 723 -36.69 -12.03 20.35
CA ALA L 723 -36.67 -10.91 19.41
C ALA L 723 -35.23 -10.52 19.08
N ARG L 724 -35.02 -10.13 17.83
CA ARG L 724 -33.75 -9.60 17.37
C ARG L 724 -33.98 -8.23 16.72
N ARG L 725 -32.88 -7.57 16.35
CA ARG L 725 -32.92 -6.26 15.72
C ARG L 725 -32.51 -6.41 14.27
N SER L 726 -33.41 -6.07 13.36
CA SER L 726 -33.09 -6.18 11.93
C SER L 726 -31.99 -5.20 11.54
N VAL L 727 -32.02 -3.99 12.07
CA VAL L 727 -31.04 -2.97 11.76
C VAL L 727 -30.19 -2.70 13.00
N SER L 728 -28.97 -2.24 12.76
CA SER L 728 -28.06 -1.87 13.84
C SER L 728 -28.33 -0.43 14.26
N ASP L 729 -27.43 0.14 15.05
CA ASP L 729 -27.54 1.53 15.47
C ASP L 729 -26.74 2.50 14.61
N ASN L 730 -25.54 2.13 14.19
CA ASN L 730 -24.70 3.07 13.45
C ASN L 730 -25.32 3.47 12.13
N ASP L 731 -25.98 2.54 11.44
CA ASP L 731 -26.63 2.85 10.18
C ASP L 731 -27.83 3.79 10.36
N ILE L 732 -28.43 3.82 11.56
CA ILE L 732 -29.55 4.73 11.80
C ILE L 732 -29.09 6.18 11.64
N ARG L 733 -28.20 6.64 12.52
CA ARG L 733 -27.70 8.00 12.41
C ARG L 733 -27.12 8.28 11.02
N LYS L 734 -26.59 7.26 10.34
CA LYS L 734 -26.26 7.43 8.93
C LYS L 734 -27.49 7.81 8.11
N TYR L 735 -28.63 7.16 8.36
CA TYR L 735 -29.83 7.50 7.60
C TYR L 735 -30.39 8.87 7.94
N GLU L 736 -30.45 9.26 9.22
CA GLU L 736 -30.99 10.60 9.46
C GLU L 736 -29.92 11.69 9.44
N MET L 737 -28.70 11.37 8.99
CA MET L 737 -27.81 12.48 8.66
C MET L 737 -27.91 12.88 7.19
N PHE L 738 -28.45 12.00 6.34
CA PHE L 738 -28.76 12.37 4.97
C PHE L 738 -30.09 13.10 4.83
N ALA L 739 -30.94 13.04 5.85
CA ALA L 739 -32.27 13.61 5.75
C ALA L 739 -32.28 15.13 5.79
N GLN L 740 -31.50 15.75 6.69
CA GLN L 740 -31.53 17.20 6.82
C GLN L 740 -30.58 17.86 5.82
N THR L 741 -29.48 17.19 5.50
CA THR L 741 -28.49 17.70 4.54
C THR L 741 -28.45 16.74 3.35
N LEU L 742 -29.27 17.01 2.35
CA LEU L 742 -29.30 16.20 1.15
C LEU L 742 -29.13 16.99 -0.14
N GLN L 743 -29.54 18.26 -0.15
CA GLN L 743 -29.38 19.08 -1.35
C GLN L 743 -27.92 19.36 -1.66
N GLN L 744 -27.03 19.17 -0.69
CA GLN L 744 -25.60 19.37 -0.93
C GLN L 744 -25.01 18.29 -1.81
N SER L 745 -25.60 17.09 -1.83
CA SER L 745 -25.10 16.00 -2.65
C SER L 745 -25.49 16.12 -4.12
N ARG L 746 -26.40 17.03 -4.45
CA ARG L 746 -26.83 17.20 -5.83
C ARG L 746 -25.76 17.96 -6.61
N GLY L 747 -25.28 17.36 -7.69
CA GLY L 747 -24.25 17.95 -8.53
C GLY L 747 -22.84 17.53 -8.18
N PHE L 748 -22.63 16.97 -6.98
CA PHE L 748 -21.30 16.54 -6.55
C PHE L 748 -21.39 15.35 -5.60
PG AGS M . 46.98 -6.97 42.84
S1G AGS M . 45.69 -5.52 42.62
O2G AGS M . 46.38 -8.06 43.77
O3G AGS M . 48.28 -6.42 43.48
PB AGS M . 48.74 -8.20 41.19
O1B AGS M . 49.78 -7.30 41.71
O2B AGS M . 48.83 -8.42 39.67
O3B AGS M . 47.30 -7.60 41.45
PA AGS M . 49.28 -9.75 43.38
O1A AGS M . 48.09 -9.66 44.26
O2A AGS M . 50.32 -8.65 43.62
O3A AGS M . 48.87 -9.64 41.85
O5' AGS M . 49.91 -11.19 43.54
C5' AGS M . 49.64 -11.98 44.71
C4' AGS M . 50.38 -13.28 44.59
O4' AGS M . 49.94 -14.00 43.42
C3' AGS M . 51.89 -13.15 44.41
O3' AGS M . 52.54 -13.02 45.67
C2' AGS M . 52.25 -14.45 43.72
O2' AGS M . 52.46 -15.51 44.65
C1' AGS M . 51.01 -14.73 42.85
N9 AGS M . 51.15 -14.33 41.46
C8 AGS M . 50.50 -13.32 40.81
N7 AGS M . 50.83 -13.19 39.55
C5 AGS M . 51.77 -14.19 39.35
C6 AGS M . 52.51 -14.58 38.22
N6 AGS M . 52.42 -13.98 37.04
N1 AGS M . 53.38 -15.61 38.36
C2 AGS M . 53.48 -16.21 39.56
N3 AGS M . 52.83 -15.92 40.69
C4 AGS M . 51.99 -14.90 40.52
MG MG N . 50.00 -6.74 44.58
C22 JDP O . 37.89 -25.57 9.48
C21 JDP O . 37.47 -25.71 8.18
O01 JDP O . 31.47 -26.53 14.60
C02 JDP O . 31.75 -26.29 13.47
C03 JDP O . 33.18 -26.46 12.98
C04 JDP O . 33.43 -25.92 11.73
C05 JDP O . 34.69 -25.98 11.16
C06 JDP O . 35.70 -26.62 11.85
C07 JDP O . 35.45 -27.18 13.10
C08 JDP O . 34.21 -27.12 13.67
C09 JDP O . 34.27 -27.74 14.89
C10 JDP O . 35.56 -28.19 15.07
C11 JDP O . 35.45 -28.85 16.43
N12 JDP O . 36.26 -27.85 13.96
C13 JDP O . 37.66 -28.10 13.70
N14 JDP O . 38.05 -28.57 12.49
C15 JDP O . 39.32 -28.77 12.24
N16 JDP O . 39.67 -29.31 10.94
C17 JDP O . 40.25 -28.54 9.87
C18 JDP O . 39.26 -27.53 9.27
C19 JDP O . 38.83 -27.68 7.97
C20 JDP O . 37.94 -26.78 7.41
C23 JDP O . 38.78 -26.48 10.04
C24 JDP O . 40.25 -28.47 13.21
C25 JDP O . 41.78 -28.68 13.01
O26 JDP O . 42.50 -28.97 14.19
C27 JDP O . 42.33 -27.96 15.19
C28 JDP O . 40.89 -27.65 15.46
C29 JDP O . 39.86 -27.98 14.40
N30 JDP O . 38.57 -27.78 14.65
N31 JDP O . 30.75 -25.78 12.56
PG AGS P . 54.75 19.14 27.25
S1G AGS P . 52.95 19.02 28.00
O2G AGS P . 55.48 17.78 27.43
O3G AGS P . 55.54 20.26 27.97
PB AGS P . 55.80 20.33 25.05
O1B AGS P . 56.17 21.49 25.91
O2B AGS P . 55.25 20.75 23.68
O3B AGS P . 54.65 19.48 25.73
PA AGS P . 58.13 19.22 25.91
O1A AGS P . 57.76 18.08 26.77
O2A AGS P . 58.23 20.55 26.65
O3A AGS P . 57.06 19.43 24.76
O5' AGS P . 59.48 18.86 25.17
C5' AGS P . 60.36 17.84 25.69
C4' AGS P . 61.57 17.74 24.79
O4' AGS P . 61.15 17.37 23.47
C3' AGS P . 62.35 19.04 24.61
O3' AGS P . 63.29 19.22 25.65
C2' AGS P . 63.03 18.81 23.26
O2' AGS P . 64.25 18.09 23.40
C1' AGS P . 62.00 17.96 22.50
N9 AGS P . 61.17 18.73 21.57
C8 AGS P . 59.83 18.98 21.68
N7 AGS P . 59.34 19.71 20.70
C5 AGS P . 60.44 19.95 19.90
C6 AGS P . 60.60 20.65 18.68
N6 AGS P . 59.60 21.28 18.06
N1 AGS P . 61.83 20.70 18.14
C2 AGS P . 62.84 20.08 18.76
N3 AGS P . 62.81 19.39 19.90
C4 AGS P . 61.58 19.35 20.41
MG MG Q . 57.35 21.07 28.56
C22 JDP R . 43.96 12.27 -9.71
C21 JDP R . 43.16 12.27 -10.83
O01 JDP R . 42.98 5.17 -5.61
C02 JDP R . 42.47 5.88 -6.41
C03 JDP R . 43.23 7.04 -7.01
C04 JDP R . 42.45 7.93 -7.74
C05 JDP R . 43.00 9.04 -8.34
C06 JDP R . 44.36 9.25 -8.22
C07 JDP R . 45.16 8.35 -7.50
C08 JDP R . 44.61 7.25 -6.91
C09 JDP R . 45.61 6.58 -6.27
C10 JDP R . 46.79 7.27 -6.49
C11 JDP R . 47.78 6.38 -5.73
N12 JDP R . 46.50 8.35 -7.25
C13 JDP R . 47.39 9.38 -7.71
N14 JDP R . 47.34 9.78 -8.98
C15 JDP R . 48.14 10.74 -9.40
N16 JDP R . 48.05 11.13 -10.80
C17 JDP R . 47.43 12.34 -11.28
C18 JDP R . 45.91 12.32 -11.11
C19 JDP R . 45.09 12.32 -12.23
C20 JDP R . 43.72 12.30 -12.09
C23 JDP R . 45.34 12.29 -9.85
C24 JDP R . 49.01 11.33 -8.51
C25 JDP R . 50.01 12.46 -8.90
O26 JDP R . 51.21 12.48 -8.17
C27 JDP R . 50.97 12.59 -6.76
C28 JDP R . 50.02 11.56 -6.25
C29 JDP R . 49.05 10.92 -7.23
N30 JDP R . 48.24 9.95 -6.82
N31 JDP R . 41.09 5.67 -6.79
PG AGS S . 36.00 44.10 28.92
S1G AGS S . 35.31 42.42 29.61
O2G AGS S . 37.38 43.86 28.24
O3G AGS S . 36.18 45.11 30.09
PB AGS S . 34.89 46.27 27.73
O1B AGS S . 34.84 46.92 29.05
O2B AGS S . 33.62 46.51 26.89
O3B AGS S . 35.01 44.70 27.88
PA AGS S . 37.46 47.17 27.62
O1A AGS S . 38.33 45.99 27.69
O2A AGS S . 37.08 47.77 28.97
O3A AGS S . 36.10 46.83 26.88
O5' AGS S . 38.17 48.25 26.70
C5' AGS S . 39.60 48.20 26.47
C4' AGS S . 39.98 49.36 25.59
O4' AGS S . 39.30 49.25 24.33
C3' AGS S . 39.60 50.74 26.12
O3' AGS S . 40.59 51.23 27.01
C2' AGS S . 39.52 51.56 24.83
O2' AGS S . 40.79 52.06 24.45
C1' AGS S . 39.01 50.54 23.81
N9 AGS S . 37.58 50.62 23.55
C8 AGS S . 36.63 49.69 23.88
N7 AGS S . 35.40 50.01 23.53
C5 AGS S . 35.57 51.26 22.93
C6 AGS S . 34.65 52.15 22.34
N6 AGS S . 33.34 51.92 22.25
N1 AGS S . 35.14 53.30 21.82
C2 AGS S . 36.46 53.53 21.90
N3 AGS S . 37.41 52.77 22.43
C4 AGS S . 36.90 51.63 22.93
MG MG T . 37.12 46.76 30.89
C22 JDP U . 15.63 43.61 -4.39
C21 JDP U . 14.59 43.33 -5.25
O01 JDP U . 21.30 37.63 -4.96
C02 JDP U . 20.16 37.88 -5.18
C03 JDP U . 19.64 39.30 -5.08
C04 JDP U . 18.27 39.42 -5.10
C05 JDP U . 17.65 40.65 -5.03
C06 JDP U . 18.43 41.78 -4.91
C07 JDP U . 19.83 41.67 -4.88
C08 JDP U . 20.44 40.44 -4.97
C09 JDP U . 21.79 40.64 -4.90
C10 JDP U . 22.01 41.99 -4.79
C11 JDP U . 23.53 42.04 -4.74
N12 JDP U . 20.81 42.61 -4.78
C13 JDP U . 20.53 44.01 -4.64
N14 JDP U . 19.64 44.60 -5.46
C15 JDP U . 19.36 45.88 -5.31
N16 JDP U . 18.40 46.46 -6.24
C17 JDP U . 17.04 46.81 -5.90
C18 JDP U . 16.18 45.58 -5.67
C19 JDP U . 15.12 45.29 -6.52
C20 JDP U . 14.33 44.18 -6.31
C23 JDP U . 16.43 44.72 -4.60
C24 JDP U . 19.98 46.60 -4.32
C25 JDP U . 19.73 48.12 -4.09
O26 JDP U . 20.83 48.83 -3.57
C27 JDP U . 21.28 48.27 -2.33
C28 JDP U . 21.55 46.81 -2.42
C29 JDP U . 20.86 46.01 -3.51
N30 JDP U . 21.13 44.70 -3.66
N31 JDP U . 19.23 36.82 -5.50
PG AGS V . 9.96 43.04 46.00
S1G AGS V . 10.88 41.35 45.66
O2G AGS V . 10.65 44.18 45.20
O3G AGS V . 10.03 43.37 47.52
PB AGS V . 7.37 43.76 46.35
O1B AGS V . 7.59 43.66 47.80
O2B AGS V . 6.03 43.18 45.90
O3B AGS V . 8.47 42.93 45.56
PA AGS V . 8.39 46.28 46.56
O1A AGS V . 9.70 46.27 45.88
O2A AGS V . 8.45 45.88 48.04
O3A AGS V . 7.38 45.27 45.87
O5' AGS V . 7.75 47.71 46.37
C5' AGS V . 8.57 48.85 46.05
C4' AGS V . 7.70 50.07 45.95
O4' AGS V . 6.72 49.88 44.91
C3' AGS V . 6.87 50.38 47.20
O3' AGS V . 7.63 51.14 48.13
C2' AGS V . 5.70 51.17 46.63
O2' AGS V . 6.02 52.55 46.50
C1' AGS V . 5.51 50.53 45.24
N9 AGS V . 4.42 49.55 45.19
C8 AGS V . 4.55 48.20 45.01
N7 AGS V . 3.40 47.56 45.01
C5 AGS V . 2.46 48.55 45.20
C6 AGS V . 1.06 48.54 45.31
N6 AGS V . 0.32 47.42 45.21
N1 AGS V . 0.43 49.72 45.50
C2 AGS V . 1.16 50.83 45.59
N3 AGS V . 2.48 50.97 45.52
C4 AGS V . 3.08 49.79 45.32
MG MG W . 10.01 44.77 49.04
C22 JDP X . -18.91 37.64 20.08
C21 JDP X . -19.82 36.94 19.30
O01 JDP X . -11.97 38.87 15.76
C02 JDP X . -12.95 38.20 15.81
C03 JDP X . -14.09 38.55 16.75
C04 JDP X . -15.05 37.57 16.90
C05 JDP X . -16.14 37.75 17.72
C06 JDP X . -16.27 38.94 18.39
C07 JDP X . -15.31 39.96 18.23
C08 JDP X . -14.24 39.78 17.42
C09 JDP X . -13.48 40.91 17.48
C10 JDP X . -14.10 41.80 18.33
C11 JDP X . -13.15 42.98 18.27
N12 JDP X . -15.23 41.20 18.78
C13 JDP X . -16.20 41.72 19.71
N14 JDP X . -17.50 41.61 19.45
C15 JDP X . -18.39 42.06 20.32
N16 JDP X . -19.79 41.93 19.96
C17 JDP X . -20.70 40.96 20.55
C18 JDP X . -20.38 39.53 20.11
C19 JDP X . -21.29 38.83 19.33
C20 JDP X . -21.01 37.54 18.93
C23 JDP X . -19.19 38.93 20.48
C24 JDP X . -17.96 42.63 21.49
C25 JDP X . -18.92 43.20 22.57
O26 JDP X . -18.40 44.28 23.31
C27 JDP X . -17.18 43.94 23.98
C28 JDP X . -16.17 43.36 23.05
C29 JDP X . -16.64 42.73 21.75
N30 JDP X . -15.76 42.27 20.86
N31 JDP X . -13.04 36.99 15.02
PG AGS Y . 2.08 17.24 61.93
S1G AGS Y . 3.52 17.11 60.63
O2G AGS Y . 1.44 18.65 61.87
O3G AGS Y . 2.67 17.00 63.36
PB AGS Y . 0.18 15.52 62.83
O1B AGS Y . 1.08 15.19 63.96
O2B AGS Y . -0.53 14.31 62.24
O3B AGS Y . 1.01 16.16 61.63
PA AGS Y . -0.59 17.64 64.37
O1A AGS Y . -0.09 18.85 63.70
O2A AGS Y . 0.39 17.01 65.35
O3A AGS Y . -0.95 16.52 63.31
O5' AGS Y . -1.96 18.00 65.07
C5' AGS Y . -2.30 19.36 65.40
C4' AGS Y . -3.64 19.38 66.08
O4' AGS Y . -4.64 18.85 65.19
C3' AGS Y . -3.74 18.52 67.33
O3' AGS Y . -3.28 19.24 68.48
C2' AGS Y . -5.24 18.24 67.42
O2' AGS Y . -5.94 19.28 68.07
C1' AGS Y . -5.64 18.17 65.93
N9 AGS Y . -5.74 16.80 65.41
C8 AGS Y . -4.93 16.21 64.48
N7 AGS Y . -5.27 14.97 64.21
C5 AGS Y . -6.37 14.74 65.01
C6 AGS Y . -7.20 13.61 65.18
N6 AGS Y . -7.03 12.46 64.53
N1 AGS Y . -8.22 13.71 66.06
C2 AGS Y . -8.39 14.86 66.72
N3 AGS Y . -7.68 15.99 66.64
C4 AGS Y . -6.68 15.86 65.77
MG MG Z . 2.54 17.28 65.41
C22 JDP AA . -25.01 -0.25 39.25
C21 JDP AA . -25.54 -1.10 38.29
O01 JDP AA . -23.48 7.13 35.87
C02 JDP AA . -23.66 6.00 35.61
C03 JDP AA . -24.14 5.02 36.66
C04 JDP AA . -24.08 3.69 36.30
C05 JDP AA . -24.48 2.69 37.16
C06 JDP AA . -24.96 3.04 38.40
C07 JDP AA . -25.05 4.39 38.78
C08 JDP AA . -24.65 5.37 37.93
C09 JDP AA . -24.84 6.56 38.56
C10 JDP AA . -25.36 6.32 39.80
C11 JDP AA . -25.51 7.72 40.35
N12 JDP AA . -25.49 4.97 39.92
C13 JDP AA . -25.97 4.22 41.05
N14 JDP AA . -26.85 3.23 40.88
C15 JDP AA . -27.27 2.53 41.92
N16 JDP AA . -28.24 1.48 41.66
C17 JDP AA . -27.94 0.06 41.66
C18 JDP AA . -27.08 -0.34 40.46
C19 JDP AA . -27.60 -1.19 39.50
C20 JDP AA . -26.82 -1.57 38.41
C23 JDP AA . -25.78 0.14 40.33
C24 JDP AA . -26.77 2.81 43.17
C25 JDP AA . -27.21 2.05 44.45
O26 JDP AA . -27.18 2.81 45.64
C27 JDP AA . -25.89 3.37 45.88
C28 JDP AA . -25.34 4.12 44.71
C29 JDP AA . -25.88 3.81 43.33
N30 JDP AA . -25.47 4.50 42.27
N31 JDP AA . -23.37 5.50 34.27
PG AGS BA . 20.77 -7.91 60.08
S1G AGS BA . 21.11 -6.47 58.82
O2G AGS BA . 19.47 -7.62 60.89
O3G AGS BA . 21.97 -8.05 61.06
PB AGS BA . 21.03 -10.62 59.98
O1B AGS BA . 22.35 -10.46 60.63
O2B AGS BA . 21.04 -11.66 58.86
O3B AGS BA . 20.58 -9.26 59.30
PA AGS BA . 20.01 -10.53 62.50
O1A AGS BA . 19.26 -9.26 62.62
O2A AGS BA . 21.49 -10.42 62.87
O3A AGS BA . 19.95 -11.10 61.03
O5' AGS BA . 19.27 -11.61 63.39
C5' AGS BA . 18.39 -11.21 64.46
C4' AGS BA . 17.86 -12.45 65.14
O4' AGS BA . 17.12 -13.24 64.19
C3' AGS BA . 18.92 -13.39 65.68
O3' AGS BA . 19.34 -12.99 66.98
C2' AGS BA . 18.19 -14.74 65.70
O2' AGS BA . 17.44 -14.90 66.89
C1' AGS BA . 17.27 -14.62 64.48
N9 AGS BA . 17.77 -15.29 63.29
C8 AGS BA . 18.20 -14.71 62.13
N7 AGS BA . 18.60 -15.56 61.21
C5 AGS BA . 18.44 -16.79 61.83
C6 AGS BA . 18.69 -18.11 61.39
N6 AGS BA . 19.18 -18.41 60.19
N1 AGS BA . 18.41 -19.12 62.25
C2 AGS BA . 17.92 -18.82 63.45
N3 AGS BA . 17.65 -17.62 63.98
C4 AGS BA . 17.93 -16.65 63.10
MG MG CA . 22.71 -8.63 62.90
C22 JDP DA . 3.36 -31.68 34.16
C21 JDP DA . 3.09 -32.26 32.92
O01 JDP DA . -1.78 -25.36 35.49
C02 JDP DA . -1.34 -26.05 34.64
C03 JDP DA . -0.54 -27.29 34.99
C04 JDP DA . 0.14 -27.86 33.92
C05 JDP DA . 0.91 -28.99 34.08
C06 JDP DA . 1.00 -29.57 35.33
C07 JDP DA . 0.31 -28.99 36.42
C08 JDP DA . -0.46 -27.88 36.26
C09 JDP DA . -0.99 -27.56 37.47
C10 JDP DA . -0.56 -28.50 38.38
C11 JDP DA . -1.24 -28.00 39.65
N12 JDP DA . 0.23 -29.37 37.73
C13 JDP DA . 0.94 -30.50 38.26
N14 JDP DA . 0.90 -31.69 37.62
C15 JDP DA . 1.57 -32.72 38.10
N16 JDP DA . 1.46 -33.97 37.37
C17 JDP DA . 2.51 -34.52 36.54
C18 JDP DA . 2.71 -33.71 35.26
C19 JDP DA . 2.43 -34.27 34.03
C20 JDP DA . 2.61 -33.56 32.87
C23 JDP DA . 3.17 -32.41 35.32
C24 JDP DA . 2.31 -32.56 39.24
C25 JDP DA . 3.12 -33.74 39.89
O26 JDP DA . 3.25 -33.65 41.29
C27 JDP DA . 3.85 -32.42 41.71
C28 JDP DA . 3.17 -31.22 41.14
C29 JDP DA . 2.34 -31.38 39.88
N30 JDP DA . 1.67 -30.35 39.38
N31 JDP DA . -1.50 -25.69 33.25
PG AGS EA . -45.60 7.83 -44.01
S1G AGS EA . -44.30 6.38 -43.81
O2G AGS EA . -46.86 7.50 -43.16
O3G AGS EA . -45.99 7.96 -45.51
PB AGS EA . -45.41 10.52 -44.20
O1B AGS EA . -45.45 10.37 -45.68
O2B AGS EA . -44.39 11.57 -43.74
O3B AGS EA . -44.97 9.16 -43.52
PA AGS EA . -48.13 10.42 -44.32
O1A AGS EA . -48.53 9.14 -43.69
O2A AGS EA . -47.84 10.32 -45.82
O3A AGS EA . -46.81 10.99 -43.65
O5' AGS EA . -49.25 11.49 -44.01
C5' AGS EA . -50.59 11.08 -43.66
C4' AGS EA . -51.43 12.31 -43.45
O4' AGS EA . -50.88 13.10 -42.38
C3' AGS EA . -51.50 13.26 -44.64
O3' AGS EA . -52.51 12.86 -45.56
C2' AGS EA . -51.82 14.60 -43.98
O2' AGS EA . -53.22 14.75 -43.77
C1' AGS EA . -51.09 14.48 -42.63
N9 AGS EA . -49.81 15.16 -42.59
C8 AGS EA . -48.57 14.59 -42.50
N7 AGS EA . -47.58 15.44 -42.48
C5 AGS EA . -48.22 16.67 -42.58
C6 AGS EA . -47.72 17.99 -42.62
N6 AGS EA . -46.42 18.30 -42.56
N1 AGS EA . -48.62 19.00 -42.72
C2 AGS EA . -49.92 18.69 -42.78
N3 AGS EA . -50.50 17.48 -42.75
C4 AGS EA . -49.59 16.52 -42.65
MG MG FA . -47.36 8.53 -46.95
C22 JDP GA . -29.79 31.55 -17.30
C21 JDP GA . -28.80 32.13 -16.53
O01 JDP GA . -33.14 25.21 -13.21
C02 JDP GA . -32.18 25.90 -13.25
C03 JDP GA . -32.16 27.15 -14.13
C04 JDP GA . -30.91 27.73 -14.29
C05 JDP GA . -30.75 28.86 -15.05
C06 JDP GA . -31.86 29.43 -15.66
C07 JDP GA . -33.12 28.85 -15.49
C08 JDP GA . -33.28 27.74 -14.73
C09 JDP GA . -34.61 27.41 -14.75
C10 JDP GA . -35.27 28.34 -15.52
C11 JDP GA . -36.70 27.84 -15.43
N12 JDP GA . -34.34 29.22 -15.96
C13 JDP GA . -34.54 30.36 -16.82
N14 JDP GA . -33.98 31.54 -16.52
C15 JDP GA . -34.14 32.57 -17.32
N16 JDP GA . -33.52 33.83 -16.92
C17 JDP GA . -32.33 34.39 -17.52
C18 JDP GA . -31.08 33.58 -17.17
C19 JDP GA . -30.08 34.15 -16.40
C20 JDP GA . -28.94 33.43 -16.08
C23 JDP GA . -30.94 32.27 -17.62
C24 JDP GA . -34.86 32.42 -18.47
C25 JDP GA . -35.11 33.59 -19.48
O26 JDP GA . -36.33 33.51 -20.19
C27 JDP GA . -36.45 32.28 -20.91
C28 JDP GA . -36.22 31.08 -20.06
C29 JDP GA . -35.41 31.24 -18.78
N30 JDP GA . -35.24 30.20 -17.97
N31 JDP GA . -30.99 25.54 -12.53
PG AGS HA . -19.31 7.10 -60.63
S1G AGS HA . -19.62 5.63 -59.39
O2G AGS HA . -20.41 8.18 -60.46
O3G AGS HA . -19.33 6.56 -62.09
PB AGS HA . -17.07 8.37 -61.53
O1B AGS HA . -17.11 7.47 -62.71
O2B AGS HA . -15.66 8.59 -60.98
O3B AGS HA . -17.91 7.74 -60.34
PA AGS HA . -18.86 9.90 -62.92
O1A AGS HA . -20.15 9.80 -62.21
O2A AGS HA . -18.64 8.81 -63.97
O3A AGS HA . -17.64 9.79 -61.91
O5' AGS HA . -18.75 11.35 -63.54
C5' AGS HA . -19.94 12.14 -63.77
C4' AGS HA . -19.53 13.45 -64.40
O4' AGS HA . -18.66 14.16 -63.49
C3' AGS HA . -18.73 13.33 -65.69
O3' AGS HA . -19.61 13.21 -66.81
C2' AGS HA . -17.97 14.65 -65.73
O2' AGS HA . -18.73 15.70 -66.29
C1' AGS HA . -17.71 14.91 -64.23
N9 AGS HA . -16.37 14.53 -63.79
C8 AGS HA . -16.05 13.51 -62.92
N7 AGS HA . -14.77 13.38 -62.70
C5 AGS HA . -14.20 14.39 -63.47
C6 AGS HA . -12.86 14.81 -63.67
N6 AGS HA . -11.82 14.22 -63.09
N1 AGS HA . -12.65 15.85 -64.49
C2 AGS HA . -13.69 16.43 -65.08
N3 AGS HA . -14.99 16.14 -64.97
C4 AGS HA . -15.18 15.11 -64.15
MG MG IA . -19.62 6.90 -64.11
C22 JDP JA . 7.03 25.67 -38.37
C21 JDP JA . 8.04 25.82 -37.44
O01 JDP JA . -0.29 26.54 -34.65
C02 JDP JA . 0.85 26.32 -34.44
C03 JDP JA . 1.89 26.49 -35.54
C04 JDP JA . 3.14 25.96 -35.25
C05 JDP JA . 4.18 26.05 -36.15
C06 JDP JA . 3.96 26.68 -37.35
C07 JDP JA . 2.71 27.23 -37.64
C08 JDP JA . 1.68 27.16 -36.75
C09 JDP JA . 0.60 27.77 -37.31
C10 JDP JA . 0.96 28.24 -38.55
C11 JDP JA . -0.33 28.89 -39.02
N12 JDP JA . 2.26 27.91 -38.73
C13 JDP JA . 3.08 28.17 -39.90
N14 JDP JA . 4.33 28.65 -39.74
C15 JDP JA . 5.09 28.85 -40.81
N16 JDP JA . 6.42 29.40 -40.56
C17 JDP JA . 7.64 28.64 -40.66
C18 JDP JA . 7.77 27.63 -39.52
C19 JDP JA . 8.78 27.79 -38.58
C20 JDP JA . 8.92 26.88 -37.54
C23 JDP JA . 6.90 26.57 -39.40
C24 JDP JA . 4.60 28.56 -42.06
C25 JDP JA . 5.42 28.77 -43.36
O26 JDP JA . 4.65 29.07 -44.50
C27 JDP JA . 3.68 28.05 -44.76
C28 JDP JA . 2.83 27.74 -43.58
C29 JDP JA . 3.36 28.07 -42.19
N30 JDP JA . 2.61 27.85 -41.11
N31 JDP JA . 1.27 25.80 -33.15
PG AGS KA . -2.01 -18.79 -61.14
S1G AGS KA . -3.45 -18.70 -59.83
O2G AGS KA . -1.89 -17.43 -61.88
O3G AGS KA . -2.34 -19.90 -62.18
PB AGS KA . 0.43 -19.97 -61.20
O1B AGS KA . -0.20 -21.12 -61.91
O2B AGS KA . 1.45 -20.39 -60.14
O3B AGS KA . -0.67 -19.12 -60.44
PA AGS KA . 0.61 -18.83 -63.68
O1A AGS KA . -0.34 -17.69 -63.69
O2A AGS KA . -0.02 -20.17 -64.09
O3A AGS KA . 1.21 -19.05 -62.23
O5' AGS KA . 1.84 -18.45 -64.59
C5' AGS KA . 1.72 -17.43 -65.60
C4' AGS KA . 3.04 -17.32 -66.33
O4' AGS KA . 4.07 -16.95 -65.39
C3' AGS KA . 3.54 -18.60 -66.96
O3' AGS KA . 2.97 -18.78 -68.26
C2' AGS KA . 5.05 -18.37 -67.03
O2' AGS KA . 5.42 -17.65 -68.20
C1' AGS KA . 5.30 -17.53 -65.76
N9 AGS KA . 5.81 -18.31 -64.63
C8 AGS KA . 5.16 -18.57 -63.46
N7 AGS KA . 5.86 -19.30 -62.62
C5 AGS KA . 7.05 -19.52 -63.28
C6 AGS KA . 8.21 -20.23 -62.94
N6 AGS KA . 8.38 -20.86 -61.77
N1 AGS KA . 9.23 -20.26 -63.83
C2 AGS KA . 9.06 -19.63 -65.00
N3 AGS KA . 8.02 -18.94 -65.44
C4 AGS KA . 7.04 -18.92 -64.54
MG MG LA . -2.11 -20.69 -64.08
C22 JDP MA . 27.36 -12.05 -36.08
C21 JDP MA . 28.05 -12.04 -34.88
O01 JDP MA . 23.14 -4.99 -36.87
C02 JDP MA . 23.66 -5.69 -36.07
C03 JDP MA . 24.55 -6.84 -36.52
C04 JDP MA . 24.88 -7.73 -35.52
C05 JDP MA . 25.68 -8.83 -35.77
C06 JDP MA . 26.14 -9.04 -37.06
C07 JDP MA . 25.80 -8.13 -38.07
C08 JDP MA . 25.03 -7.05 -37.82
C09 JDP MA . 24.86 -6.38 -38.99
C10 JDP MA . 25.55 -7.05 -39.97
C11 JDP MA . 25.27 -6.17 -41.19
N12 JDP MA . 26.13 -8.12 -39.39
C13 JDP MA . 26.93 -9.14 -40.02
N14 JDP MA . 28.08 -9.54 -39.45
C15 JDP MA . 28.80 -10.50 -40.00
N16 JDP MA . 30.04 -10.86 -39.34
C17 JDP MA . 30.24 -12.08 -38.58
C18 JDP MA . 29.45 -12.06 -37.27
C19 JDP MA . 30.13 -12.05 -36.06
C20 JDP MA . 29.43 -12.05 -34.87
C23 JDP MA . 28.07 -12.05 -37.27
C24 JDP MA . 28.36 -11.07 -41.17
C25 JDP MA . 29.15 -12.19 -41.91
O26 JDP MA . 28.98 -12.22 -43.31
C27 JDP MA . 27.60 -12.34 -43.68
C28 JDP MA . 26.73 -11.33 -43.02
C29 JDP MA . 27.21 -10.68 -41.73
N30 JDP MA . 26.49 -9.72 -41.15
N31 JDP MA . 23.44 -5.49 -34.66
PG AGS NA . -10.97 -44.16 -45.00
S1G AGS NA . -11.89 -42.48 -44.66
O2G AGS NA . -9.78 -43.91 -45.98
O3G AGS NA . -11.95 -45.17 -45.66
PB AGS NA . -10.35 -46.32 -43.49
O1B AGS NA . -11.57 -46.98 -44.01
O2B AGS NA . -10.11 -46.56 -42.00
O3B AGS NA . -10.43 -44.75 -43.67
PA AGS NA . -9.16 -47.22 -45.78
O1A AGS NA . -8.87 -46.03 -46.60
O2A AGS NA . -10.55 -47.82 -45.99
O3A AGS NA . -9.07 -46.88 -44.24
O5' AGS NA . -8.02 -48.29 -46.04
C5' AGS NA . -7.23 -48.24 -47.24
C4' AGS NA . -6.25 -49.39 -47.22
O4' AGS NA . -5.39 -49.28 -46.08
C3' AGS NA . -6.89 -50.77 -47.09
O3' AGS NA . -7.28 -51.27 -48.38
C2' AGS NA . -5.76 -51.59 -46.49
O2' AGS NA . -4.87 -52.09 -47.48
C1' AGS NA . -5.04 -50.57 -45.60
N9 AGS NA . -5.41 -50.64 -44.19
C8 AGS NA . -6.12 -49.72 -43.46
N7 AGS NA . -6.30 -50.05 -42.21
C5 AGS NA . -5.68 -51.29 -42.10
C6 AGS NA . -5.52 -52.18 -41.02
N6 AGS NA . -5.99 -51.95 -39.80
N1 AGS NA . -4.84 -53.33 -41.25
C2 AGS NA . -4.36 -53.56 -42.48
N3 AGS NA . -4.45 -52.79 -43.58
C4 AGS NA . -5.12 -51.67 -43.32
MG MG OA . -12.28 -46.83 -46.85
C22 JDP PA . 10.78 -43.74 -12.47
C21 JDP PA . 11.11 -43.46 -11.15
O01 JDP PA . 13.61 -37.72 -17.37
C02 JDP PA . 13.35 -37.97 -16.25
C03 JDP PA . 13.05 -39.41 -15.82
C04 JDP PA . 12.49 -39.53 -14.55
C05 JDP PA . 12.17 -40.76 -14.04
C06 JDP PA . 12.40 -41.89 -14.80
C07 JDP PA . 12.96 -41.77 -16.08
C08 JDP PA . 13.29 -40.55 -16.59
C09 JDP PA . 13.80 -40.75 -17.84
C10 JDP PA . 13.80 -42.10 -18.09
C11 JDP PA . 14.40 -42.14 -19.49
N12 JDP PA . 13.29 -42.71 -17.00
C13 JDP PA . 13.06 -44.12 -16.81
N14 JDP PA . 13.42 -44.72 -15.65
C15 JDP PA . 13.19 -45.99 -15.46
N16 JDP PA . 13.64 -46.56 -14.21
C17 JDP PA . 12.76 -46.92 -13.11
C18 JDP PA . 12.17 -45.69 -12.42
C19 JDP PA . 12.51 -45.41 -11.11
C20 JDP PA . 11.98 -44.30 -10.48
C23 JDP PA . 11.31 -44.85 -13.11
C24 JDP PA . 12.55 -46.71 -16.44
C25 JDP PA . 12.25 -48.23 -16.32
O26 JDP PA . 12.25 -48.94 -17.53
C27 JDP PA . 11.31 -48.39 -18.46
C28 JDP PA . 11.48 -46.92 -18.67
C29 JDP PA . 12.19 -46.12 -17.59
N30 JDP PA . 12.42 -44.82 -17.77
N31 JDP PA . 13.24 -36.92 -15.26
PG AGS QA . -37.59 -43.37 -28.46
S1G AGS QA . -36.90 -41.68 -29.14
O2G AGS QA . -36.57 -44.51 -28.75
O3G AGS QA . -38.94 -43.70 -29.15
PB AGS QA . -38.99 -44.08 -26.24
O1B AGS QA . -40.22 -43.99 -27.05
O2B AGS QA . -39.14 -43.50 -24.83
O3B AGS QA . -37.82 -43.26 -26.92
PA AGS QA . -38.76 -46.60 -27.25
O1A AGS QA . -37.60 -46.59 -28.16
O2A AGS QA . -40.09 -46.21 -27.92
O3A AGS QA . -38.56 -45.60 -26.05
O5' AGS QA . -38.86 -48.04 -26.58
C5' AGS QA . -38.22 -49.17 -27.19
C4' AGS QA . -38.50 -50.39 -26.36
O4' AGS QA . -37.95 -50.20 -25.04
C3' AGS QA . -39.97 -50.69 -26.12
O3' AGS QA . -40.50 -51.46 -27.20
C2' AGS QA . -39.94 -51.50 -24.82
O2' AGS QA . -39.69 -52.87 -25.05
C1' AGS QA . -38.77 -50.85 -24.07
N9 AGS QA . -39.16 -49.86 -23.07
C8 AGS QA . -38.94 -48.51 -23.11
N7 AGS QA . -39.42 -47.87 -22.07
C5 AGS QA . -39.99 -48.86 -21.30
C6 AGS QA . -40.66 -48.85 -20.06
N6 AGS QA . -40.88 -47.73 -19.36
N1 AGS QA . -41.11 -50.02 -19.56
C2 AGS QA . -40.89 -51.13 -20.26
N3 AGS QA . -40.27 -51.28 -21.43
C4 AGS QA . -39.84 -50.11 -21.90
MG MG RA . -40.34 -45.10 -29.76
C22 JDP SA . -26.05 -37.75 8.68
C21 JDP SA . -25.72 -37.06 9.83
O01 JDP SA . -19.22 -38.98 4.18
C02 JDP SA . -19.68 -38.32 5.05
C03 JDP SA . -21.01 -38.67 5.70
C04 JDP SA . -21.54 -37.68 6.50
C05 JDP SA . -22.74 -37.87 7.15
C06 JDP SA . -23.41 -39.06 6.99
C07 JDP SA . -22.87 -40.06 6.18
C08 JDP SA . -21.68 -39.89 5.55
C09 JDP SA . -21.42 -41.03 4.82
C10 JDP SA . -22.45 -41.91 5.04
C11 JDP SA . -21.99 -43.09 4.19
N12 JDP SA . -23.33 -41.32 5.88
C13 JDP SA . -24.59 -41.83 6.36
N14 JDP SA . -24.89 -41.72 7.66
C15 JDP SA . -26.05 -42.18 8.10
N16 JDP SA . -26.31 -42.05 9.53
C17 JDP SA . -27.22 -41.08 10.11
C18 JDP SA . -26.68 -39.65 10.00
C19 JDP SA . -26.35 -38.95 11.15
C20 JDP SA . -25.88 -37.66 11.07
C23 JDP SA . -26.52 -39.05 8.77
C24 JDP SA . -26.93 -42.75 7.22
C25 JDP SA . -28.31 -43.32 7.65
O26 JDP SA . -28.77 -44.40 6.87
C27 JDP SA . -28.87 -44.05 5.48
C28 JDP SA . -27.60 -43.48 4.94
C29 JDP SA . -26.62 -42.84 5.91
N30 JDP SA . -25.45 -42.38 5.48
N31 JDP SA . -19.00 -37.11 5.47
PG AGS TA . -54.87 -17.39 -27.99
S1G AGS TA . -53.08 -17.25 -28.75
O2G AGS TA . -55.07 -18.81 -27.39
O3G AGS TA . -55.93 -17.15 -29.11
PB AGS TA . -56.48 -15.69 -26.62
O1B AGS TA . -57.13 -15.35 -27.91
O2B AGS TA . -56.24 -14.48 -25.72
O3B AGS TA . -55.05 -16.32 -26.87
PA AGS TA . -58.20 -17.80 -26.57
O1A AGS TA . -57.37 -19.02 -26.75
O2A AGS TA . -58.68 -17.17 -27.87
O3A AGS TA . -57.39 -16.69 -25.79
O5' AGS TA . -59.40 -18.18 -25.62
C5' AGS TA . -59.83 -19.55 -25.45
C4' AGS TA . -61.01 -19.58 -24.51
O4' AGS TA . -60.62 -19.05 -23.23
C3' AGS TA . -62.20 -18.72 -24.94
O3' AGS TA . -63.04 -19.44 -25.85
C2' AGS TA . -62.89 -18.45 -23.61
O2' AGS TA . -63.77 -19.50 -23.25
C1' AGS TA . -61.71 -18.38 -22.63
N9 AGS TA . -61.29 -17.02 -22.31
C8 AGS TA . -60.12 -16.42 -22.66
N7 AGS TA . -60.00 -15.18 -22.23
C5 AGS TA . -61.19 -14.96 -21.56
C6 AGS TA . -61.70 -13.84 -20.87
N6 AGS TA . -61.03 -12.68 -20.75
N1 AGS TA . -62.92 -13.94 -20.31
C2 AGS TA . -63.59 -15.09 -20.43
N3 AGS TA . -63.21 -16.22 -21.05
C4 AGS TA . -62.00 -16.08 -21.59
MG MG UA . -57.84 -17.43 -29.84
C22 JDP VA . -46.10 -0.19 6.23
C21 JDP VA . -45.46 0.66 7.12
O01 JDP VA . -42.36 -7.55 6.24
C02 JDP VA . -42.20 -6.42 6.51
C03 JDP VA . -43.37 -5.44 6.52
C04 JDP VA . -43.01 -4.11 6.61
C05 JDP VA . -43.97 -3.12 6.61
C06 JDP VA . -45.30 -3.47 6.52
C07 JDP VA . -45.67 -4.82 6.44
C08 JDP VA . -44.72 -5.80 6.44
C09 JDP VA . -45.37 -7.00 6.33
C10 JDP VA . -46.72 -6.75 6.29
C11 JDP VA . -47.27 -8.17 6.18
N12 JDP VA . -46.89 -5.41 6.35
C13 JDP VA . -48.13 -4.67 6.31
N14 JDP VA . -48.34 -3.68 7.19
C15 JDP VA . -49.46 -2.98 7.14
N16 JDP VA . -49.64 -1.94 8.14
C17 JDP VA . -49.52 -0.52 7.86
C18 JDP VA . -48.07 -0.11 7.59
C19 JDP VA . -47.42 0.74 8.48
C20 JDP VA . -46.12 1.12 8.24
C23 JDP VA . -47.41 -0.58 6.47
C24 JDP VA . -50.38 -3.27 6.16
C25 JDP VA . -51.74 -2.50 6.02
O26 JDP VA . -52.80 -3.28 5.49
C27 JDP VA . -52.47 -3.82 4.21
C28 JDP VA . -51.17 -4.57 4.20
C29 JDP VA . -50.15 -4.26 5.28
N30 JDP VA . -49.02 -4.95 5.35
N31 JDP VA . -40.88 -5.91 6.82
#